data_6WNK
#
_entry.id   6WNK
#
_cell.length_a   155.635
_cell.length_b   115.949
_cell.length_c   208.113
_cell.angle_alpha   90.000
_cell.angle_beta   91.580
_cell.angle_gamma   90.000
#
_symmetry.space_group_name_H-M   'P 1 21 1'
#
loop_
_entity.id
_entity.type
_entity.pdbx_description
1 polymer 'Proteasome subunit alpha'
2 polymer 'Proteasome subunit beta'
3 non-polymer (12S,15S)-N-[(2-fluorophenyl)methyl]-10,13-dioxo-12-{2-oxo-2-[(2R)-2-phenylpyrrolidin-1-yl]ethyl}-2-oxa-11,14-diazatricyclo[15.2.2.1~3,7~]docosa-1(19),3(22),4,6,17,20-hexaene-15-carboxamide
4 non-polymer 'CITRIC ACID'
5 non-polymer DIMETHYLFORMAMIDE
6 water water
#
loop_
_entity_poly.entity_id
_entity_poly.type
_entity_poly.pdbx_seq_one_letter_code
_entity_poly.pdbx_strand_id
1 'polypeptide(L)'
;MEQAMRERSELARKGIARAKSVVALAYAGGVLFVAENPSRSLQKISELYDRVGFAAAGKFNEFDNLRRGGIQFADTRGYA
YDRRDVTGRQLANVYAQTLGTIFTEQAKPYEVELCVAEVAHYGETKRPELYRITYDGSIADEPHFVVMGGTTEPIANALK
ESYAENASLTDALRIAVAALRAGSADTSGGDQPTLGVASLEVAVLDANRPRRAFRRITGSALQALLVDQESPQSDGESSG
;
A,B,C,D,E,F,G,O,P,Q,R,S,T,U
2 'polypeptide(L)'
;TTIVALKYPGGVVMAGDRRSTQGNMISGRDVRKVYITDDYTATGIAGTAAVAVEFARLYAVELEHYEKLEGVPLTFAGKI
NRLAIMVRGNLAAAMQGLLALPLLAGYDIHASDPQSAGRIVSFDAAGGWNIEEEGYQAVGSGSLFAKSSMKKLYSQVTDG
DSGLRVAVEALYDAADDDSATGGPDLVRGIFPTAVIIDADGAVDVPESRIAELARAIIESRSGADTFGSDGGEKHHHHHH
;
H,I,J,K,L,M,N,V,W,X,Y,Z,a,b
#
# COMPACT_ATOMS: atom_id res chain seq x y z
N GLN A 3 -37.49 37.06 52.26
CA GLN A 3 -37.55 36.06 53.31
C GLN A 3 -36.26 35.25 53.34
N ALA A 4 -36.10 34.36 52.35
CA ALA A 4 -34.86 33.59 52.24
C ALA A 4 -33.71 34.48 51.80
N MET A 5 -33.94 35.36 50.82
CA MET A 5 -32.89 36.27 50.40
C MET A 5 -32.54 37.28 51.48
N ARG A 6 -33.52 37.66 52.32
CA ARG A 6 -33.23 38.52 53.46
C ARG A 6 -32.31 37.84 54.46
N GLU A 7 -32.55 36.54 54.72
CA GLU A 7 -31.67 35.79 55.61
C GLU A 7 -30.26 35.71 55.04
N ARG A 8 -30.14 35.40 53.75
CA ARG A 8 -28.83 35.33 53.12
C ARG A 8 -28.14 36.68 53.14
N SER A 9 -28.89 37.76 52.90
CA SER A 9 -28.31 39.09 52.96
C SER A 9 -27.81 39.42 54.37
N GLU A 10 -28.61 39.08 55.39
CA GLU A 10 -28.20 39.34 56.77
C GLU A 10 -26.98 38.52 57.16
N LEU A 11 -26.94 37.25 56.76
CA LEU A 11 -25.79 36.41 57.05
C LEU A 11 -24.52 37.01 56.47
N ALA A 12 -24.59 37.52 55.25
CA ALA A 12 -23.40 38.08 54.61
C ALA A 12 -23.02 39.42 55.24
N ARG A 13 -24.01 40.29 55.46
CA ARG A 13 -23.73 41.59 56.06
C ARG A 13 -23.09 41.42 57.44
N LYS A 14 -23.60 40.48 58.23
CA LYS A 14 -23.06 40.26 59.57
C LYS A 14 -21.63 39.75 59.52
N GLY A 15 -21.37 38.78 58.64
CA GLY A 15 -20.02 38.24 58.54
C GLY A 15 -19.00 39.25 58.08
N ILE A 16 -19.42 40.22 57.28
CA ILE A 16 -18.50 41.28 56.85
C ILE A 16 -18.33 42.31 57.95
N ALA A 17 -19.41 42.62 58.67
CA ALA A 17 -19.32 43.59 59.76
C ALA A 17 -18.38 43.14 60.86
N ARG A 18 -18.23 41.82 61.04
CA ARG A 18 -17.33 41.29 62.06
C ARG A 18 -15.89 41.18 61.58
N ALA A 19 -15.62 41.42 60.30
CA ALA A 19 -14.30 41.22 59.74
C ALA A 19 -13.47 42.50 59.82
N LYS A 20 -12.15 42.33 59.74
CA LYS A 20 -11.25 43.47 59.78
C LYS A 20 -11.39 44.31 58.51
N SER A 21 -10.92 45.55 58.61
CA SER A 21 -11.16 46.55 57.57
C SER A 21 -9.97 46.72 56.64
N VAL A 22 -10.25 47.26 55.47
CA VAL A 22 -9.24 47.49 54.44
C VAL A 22 -9.61 48.76 53.68
N VAL A 23 -8.59 49.53 53.28
CA VAL A 23 -8.77 50.79 52.58
C VAL A 23 -7.96 50.75 51.28
N ALA A 24 -8.52 51.33 50.23
CA ALA A 24 -7.81 51.60 48.99
C ALA A 24 -8.06 53.05 48.60
N LEU A 25 -7.01 53.77 48.24
CA LEU A 25 -7.19 55.17 47.87
C LEU A 25 -6.17 55.57 46.81
N ALA A 26 -6.58 56.48 45.94
CA ALA A 26 -5.71 57.01 44.89
C ALA A 26 -4.76 58.04 45.47
N TYR A 27 -3.53 58.05 44.97
CA TYR A 27 -2.52 59.02 45.37
C TYR A 27 -1.69 59.38 44.15
N ALA A 28 -0.68 60.23 44.36
CA ALA A 28 0.07 60.78 43.24
C ALA A 28 0.78 59.69 42.44
N GLY A 29 1.18 58.60 43.08
CA GLY A 29 1.86 57.51 42.43
C GLY A 29 0.99 56.35 42.00
N GLY A 30 -0.33 56.42 42.20
CA GLY A 30 -1.20 55.33 41.79
C GLY A 30 -2.29 55.04 42.80
N VAL A 31 -2.35 53.79 43.26
CA VAL A 31 -3.35 53.35 44.24
C VAL A 31 -2.62 52.69 45.39
N LEU A 32 -3.09 52.95 46.61
CA LEU A 32 -2.52 52.39 47.83
C LEU A 32 -3.53 51.48 48.50
N PHE A 33 -3.10 50.27 48.84
CA PHE A 33 -3.91 49.31 49.59
C PHE A 33 -3.34 49.17 50.99
N VAL A 34 -4.19 49.35 52.01
CA VAL A 34 -3.80 49.13 53.40
C VAL A 34 -4.89 48.33 54.08
N ALA A 35 -4.52 47.21 54.70
CA ALA A 35 -5.48 46.34 55.35
C ALA A 35 -4.96 45.97 56.74
N GLU A 36 -5.87 45.96 57.71
CA GLU A 36 -5.57 45.40 59.02
C GLU A 36 -5.36 43.89 58.87
N ASN A 37 -4.13 43.45 59.02
CA ASN A 37 -3.77 42.05 58.79
C ASN A 37 -2.56 41.72 59.64
N PRO A 38 -2.75 41.01 60.76
CA PRO A 38 -1.61 40.62 61.60
C PRO A 38 -0.80 39.47 61.04
N SER A 39 -1.33 38.76 60.04
CA SER A 39 -0.65 37.58 59.53
C SER A 39 0.63 37.97 58.80
N ARG A 40 1.66 37.14 58.94
CA ARG A 40 2.92 37.32 58.24
C ARG A 40 2.92 36.68 56.86
N SER A 41 1.93 35.86 56.54
CA SER A 41 1.93 35.12 55.27
C SER A 41 0.57 34.97 54.61
N LEU A 42 -0.54 35.18 55.31
CA LEU A 42 -1.86 35.14 54.69
C LEU A 42 -2.24 36.54 54.23
N GLN A 43 -2.59 36.66 52.95
CA GLN A 43 -2.75 37.96 52.31
C GLN A 43 -4.18 38.18 51.84
N LYS A 44 -4.64 39.42 51.94
CA LYS A 44 -5.94 39.84 51.45
C LYS A 44 -5.84 40.95 50.41
N ILE A 45 -4.62 41.37 50.06
CA ILE A 45 -4.35 42.29 48.96
C ILE A 45 -3.52 41.54 47.95
N SER A 46 -3.82 41.72 46.66
CA SER A 46 -3.18 40.88 45.67
C SER A 46 -3.10 41.58 44.31
N GLU A 47 -2.10 41.18 43.53
CA GLU A 47 -2.06 41.52 42.12
C GLU A 47 -3.05 40.65 41.35
N LEU A 48 -3.79 41.27 40.43
CA LEU A 48 -4.62 40.54 39.48
C LEU A 48 -4.00 40.51 38.09
N TYR A 49 -3.52 41.64 37.60
CA TYR A 49 -2.91 41.75 36.29
C TYR A 49 -1.94 42.93 36.31
N ASP A 50 -1.39 43.27 35.14
CA ASP A 50 -0.29 44.24 35.06
C ASP A 50 -0.57 45.50 35.87
N ARG A 51 -1.68 46.16 35.56
CA ARG A 51 -2.04 47.43 36.18
C ARG A 51 -3.26 47.31 37.09
N VAL A 52 -3.64 46.08 37.47
CA VAL A 52 -4.89 45.82 38.16
C VAL A 52 -4.60 45.09 39.47
N GLY A 53 -5.22 45.57 40.55
CA GLY A 53 -4.99 45.01 41.86
C GLY A 53 -6.29 44.64 42.54
N PHE A 54 -6.15 43.84 43.60
CA PHE A 54 -7.25 43.19 44.29
C PHE A 54 -7.15 43.44 45.79
N ALA A 55 -8.30 43.71 46.42
CA ALA A 55 -8.37 43.85 47.86
C ALA A 55 -9.71 43.32 48.34
N ALA A 56 -9.71 42.64 49.48
CA ALA A 56 -10.91 41.99 49.97
C ALA A 56 -10.97 42.02 51.49
N ALA A 57 -12.19 42.12 52.00
CA ALA A 57 -12.49 41.93 53.41
C ALA A 57 -13.53 40.83 53.56
N GLY A 58 -13.44 40.08 54.65
CA GLY A 58 -14.41 39.04 54.93
C GLY A 58 -13.80 37.69 55.28
N LYS A 59 -14.49 36.62 54.92
CA LYS A 59 -14.02 35.27 55.20
C LYS A 59 -12.92 34.89 54.20
N PHE A 60 -11.78 34.42 54.73
CA PHE A 60 -10.57 34.31 53.90
C PHE A 60 -10.75 33.32 52.76
N ASN A 61 -11.15 32.08 53.08
CA ASN A 61 -11.26 31.06 52.04
C ASN A 61 -12.19 31.51 50.92
N GLU A 62 -13.18 32.34 51.24
CA GLU A 62 -14.15 32.77 50.23
C GLU A 62 -13.55 33.80 49.29
N PHE A 63 -12.93 34.87 49.81
CA PHE A 63 -12.38 35.85 48.89
C PHE A 63 -11.06 35.38 48.28
N ASP A 64 -10.41 34.38 48.87
CA ASP A 64 -9.26 33.78 48.20
C ASP A 64 -9.71 32.96 47.00
N ASN A 65 -10.83 32.25 47.11
CA ASN A 65 -11.42 31.61 45.94
C ASN A 65 -11.71 32.63 44.85
N LEU A 66 -12.29 33.77 45.22
CA LEU A 66 -12.59 34.81 44.24
C LEU A 66 -11.32 35.45 43.70
N ARG A 67 -10.30 35.61 44.54
CA ARG A 67 -9.02 36.14 44.08
C ARG A 67 -8.40 35.24 43.03
N ARG A 68 -8.37 33.92 43.30
CA ARG A 68 -7.83 32.97 42.34
C ARG A 68 -8.68 32.93 41.06
N GLY A 69 -10.00 33.03 41.21
CA GLY A 69 -10.85 33.07 40.04
C GLY A 69 -10.59 34.27 39.15
N GLY A 70 -10.41 35.44 39.77
CA GLY A 70 -10.09 36.64 38.99
C GLY A 70 -8.75 36.55 38.32
N ILE A 71 -7.77 35.92 38.98
CA ILE A 71 -6.46 35.71 38.37
C ILE A 71 -6.60 34.77 37.17
N GLN A 72 -7.41 33.72 37.31
CA GLN A 72 -7.68 32.83 36.19
C GLN A 72 -8.33 33.58 35.04
N PHE A 73 -9.37 34.38 35.33
CA PHE A 73 -10.07 35.10 34.28
C PHE A 73 -9.16 36.09 33.56
N ALA A 74 -8.34 36.84 34.32
CA ALA A 74 -7.50 37.86 33.71
C ALA A 74 -6.43 37.24 32.82
N ASP A 75 -5.76 36.19 33.31
CA ASP A 75 -4.71 35.54 32.53
C ASP A 75 -5.27 34.89 31.28
N THR A 76 -6.42 34.22 31.40
CA THR A 76 -7.07 33.64 30.23
C THR A 76 -7.41 34.71 29.20
N ARG A 77 -7.95 35.84 29.66
CA ARG A 77 -8.37 36.87 28.72
C ARG A 77 -7.18 37.56 28.07
N GLY A 78 -6.12 37.82 28.85
CA GLY A 78 -4.93 38.40 28.28
C GLY A 78 -4.24 37.49 27.29
N TYR A 79 -4.39 36.18 27.46
CA TYR A 79 -3.79 35.23 26.53
C TYR A 79 -4.68 35.03 25.30
N ALA A 80 -5.99 34.92 25.50
CA ALA A 80 -6.91 34.73 24.37
C ALA A 80 -7.01 35.97 23.50
N TYR A 81 -6.71 37.15 24.04
CA TYR A 81 -6.67 38.37 23.25
C TYR A 81 -5.27 38.99 23.34
N ASP A 82 -5.14 40.09 24.08
CA ASP A 82 -3.84 40.67 24.39
C ASP A 82 -3.87 41.22 25.81
N ARG A 83 -2.69 41.39 26.40
CA ARG A 83 -2.61 41.87 27.78
C ARG A 83 -3.38 43.18 27.96
N ARG A 84 -3.25 44.10 27.01
CA ARG A 84 -3.88 45.41 27.12
C ARG A 84 -5.40 45.36 27.04
N ASP A 85 -6.00 44.22 26.71
CA ASP A 85 -7.45 44.12 26.68
C ASP A 85 -8.04 43.80 28.06
N VAL A 86 -7.21 43.39 29.01
CA VAL A 86 -7.67 43.15 30.38
C VAL A 86 -7.71 44.48 31.12
N THR A 87 -8.90 44.84 31.62
CA THR A 87 -9.11 46.12 32.30
C THR A 87 -9.71 45.89 33.68
N GLY A 88 -9.56 46.89 34.54
CA GLY A 88 -10.12 46.79 35.88
C GLY A 88 -11.63 46.74 35.86
N ARG A 89 -12.26 47.55 35.01
CA ARG A 89 -13.71 47.51 34.88
C ARG A 89 -14.18 46.11 34.52
N GLN A 90 -13.45 45.46 33.62
CA GLN A 90 -13.80 44.11 33.19
C GLN A 90 -13.82 43.14 34.37
N LEU A 91 -12.76 43.16 35.19
CA LEU A 91 -12.68 42.24 36.31
C LEU A 91 -13.73 42.55 37.37
N ALA A 92 -14.01 43.84 37.60
CA ALA A 92 -15.08 44.20 38.54
C ALA A 92 -16.42 43.71 38.04
N ASN A 93 -16.68 43.82 36.73
CA ASN A 93 -17.92 43.32 36.17
C ASN A 93 -18.03 41.80 36.34
N VAL A 94 -16.91 41.08 36.19
CA VAL A 94 -16.94 39.64 36.38
C VAL A 94 -17.23 39.30 37.83
N TYR A 95 -16.61 40.03 38.77
CA TYR A 95 -16.86 39.78 40.18
C TYR A 95 -18.31 40.06 40.55
N ALA A 96 -18.91 41.08 39.93
CA ALA A 96 -20.32 41.36 40.17
C ALA A 96 -21.20 40.22 39.65
N GLN A 97 -20.88 39.69 38.47
CA GLN A 97 -21.63 38.56 37.95
C GLN A 97 -21.44 37.32 38.82
N THR A 98 -20.21 37.08 39.26
CA THR A 98 -19.91 35.87 40.03
C THR A 98 -20.53 35.93 41.42
N LEU A 99 -20.43 37.08 42.10
CA LEU A 99 -21.00 37.20 43.43
C LEU A 99 -22.53 37.17 43.41
N GLY A 100 -23.13 37.76 42.38
CA GLY A 100 -24.57 37.65 42.23
C GLY A 100 -25.04 36.21 42.14
N THR A 101 -24.33 35.39 41.36
CA THR A 101 -24.65 33.97 41.27
C THR A 101 -24.38 33.26 42.59
N ILE A 102 -23.25 33.57 43.22
CA ILE A 102 -22.92 32.97 44.52
C ILE A 102 -23.97 33.33 45.56
N PHE A 103 -24.41 34.58 45.56
CA PHE A 103 -25.35 35.04 46.59
C PHE A 103 -26.71 34.38 46.45
N THR A 104 -27.12 34.05 45.23
CA THR A 104 -28.44 33.50 44.99
C THR A 104 -28.47 31.98 44.93
N GLU A 105 -27.32 31.32 44.73
CA GLU A 105 -27.35 29.91 44.39
C GLU A 105 -26.46 29.03 45.27
N GLN A 106 -25.39 29.58 45.83
CA GLN A 106 -24.54 28.77 46.69
C GLN A 106 -25.30 28.35 47.94
N ALA A 107 -24.83 27.26 48.56
CA ALA A 107 -25.45 26.77 49.78
C ALA A 107 -25.50 27.85 50.84
N LYS A 108 -24.52 28.76 50.83
CA LYS A 108 -24.39 29.85 51.76
C LYS A 108 -23.75 31.00 50.98
N PRO A 109 -24.27 32.22 51.12
CA PRO A 109 -23.65 33.35 50.41
C PRO A 109 -22.24 33.62 50.92
N TYR A 110 -21.44 34.24 50.07
CA TYR A 110 -20.06 34.58 50.42
C TYR A 110 -20.02 35.82 51.31
N GLU A 111 -19.27 35.74 52.40
CA GLU A 111 -19.11 36.86 53.32
C GLU A 111 -17.84 37.64 52.94
N VAL A 112 -17.94 38.35 51.82
CA VAL A 112 -16.79 39.05 51.25
C VAL A 112 -17.22 40.41 50.71
N GLU A 113 -16.25 41.30 50.61
CA GLU A 113 -16.41 42.57 49.93
C GLU A 113 -15.11 42.85 49.18
N LEU A 114 -15.21 43.23 47.92
CA LEU A 114 -14.08 43.23 47.02
C LEU A 114 -13.80 44.63 46.48
N CYS A 115 -12.51 44.97 46.38
CA CYS A 115 -12.06 46.15 45.67
C CYS A 115 -11.17 45.73 44.50
N VAL A 116 -11.48 46.27 43.31
CA VAL A 116 -10.65 46.11 42.13
C VAL A 116 -10.19 47.49 41.70
N ALA A 117 -8.87 47.67 41.57
CA ALA A 117 -8.27 48.96 41.28
C ALA A 117 -7.41 48.88 40.03
N GLU A 118 -7.40 49.95 39.25
CA GLU A 118 -6.58 50.01 38.03
C GLU A 118 -5.88 51.35 37.96
N VAL A 119 -4.58 51.31 37.69
CA VAL A 119 -3.81 52.52 37.42
C VAL A 119 -3.41 52.52 35.95
N ALA A 120 -2.96 53.68 35.48
CA ALA A 120 -2.62 53.85 34.08
C ALA A 120 -1.39 53.03 33.71
N HIS A 121 -1.31 52.67 32.43
CA HIS A 121 -0.09 52.08 31.91
C HIS A 121 1.05 53.09 31.94
N TYR A 122 2.28 52.59 31.85
CA TYR A 122 3.45 53.43 32.02
C TYR A 122 3.47 54.56 30.99
N GLY A 123 3.87 55.74 31.44
CA GLY A 123 3.93 56.89 30.54
C GLY A 123 2.58 57.42 30.08
N GLU A 124 1.49 56.85 30.58
CA GLU A 124 0.14 57.27 30.23
C GLU A 124 -0.45 58.10 31.36
N THR A 125 -1.25 59.10 31.00
CA THR A 125 -1.94 59.94 31.97
C THR A 125 -3.40 59.49 32.01
N LYS A 126 -3.80 58.92 33.15
CA LYS A 126 -5.14 58.40 33.32
C LYS A 126 -5.40 58.29 34.82
N ARG A 127 -6.47 58.91 35.29
CA ARG A 127 -6.79 58.86 36.71
C ARG A 127 -7.14 57.43 37.11
N PRO A 128 -6.66 56.97 38.26
CA PRO A 128 -6.96 55.60 38.70
C PRO A 128 -8.46 55.35 38.78
N GLU A 129 -8.82 54.07 38.74
CA GLU A 129 -10.19 53.63 38.87
C GLU A 129 -10.30 52.66 40.05
N LEU A 130 -11.34 52.84 40.85
CA LEU A 130 -11.60 52.00 42.01
C LEU A 130 -13.01 51.45 41.91
N TYR A 131 -13.15 50.14 42.06
CA TYR A 131 -14.45 49.47 42.01
C TYR A 131 -14.67 48.70 43.29
N ARG A 132 -15.89 48.77 43.80
CA ARG A 132 -16.32 48.03 44.98
C ARG A 132 -17.43 47.08 44.58
N ILE A 133 -17.25 45.80 44.91
CA ILE A 133 -18.27 44.78 44.65
C ILE A 133 -18.66 44.16 45.98
N THR A 134 -19.95 44.20 46.30
CA THR A 134 -20.45 43.69 47.57
C THR A 134 -20.87 42.22 47.42
N TYR A 135 -21.32 41.64 48.54
CA TYR A 135 -21.61 40.21 48.62
C TYR A 135 -22.73 39.78 47.69
N ASP A 136 -23.64 40.68 47.31
CA ASP A 136 -24.76 40.35 46.46
C ASP A 136 -24.49 40.70 45.00
N GLY A 137 -23.28 41.11 44.66
CA GLY A 137 -22.95 41.49 43.30
C GLY A 137 -23.17 42.95 42.96
N SER A 138 -23.70 43.74 43.90
CA SER A 138 -23.81 45.17 43.66
C SER A 138 -22.42 45.76 43.47
N ILE A 139 -22.30 46.71 42.56
CA ILE A 139 -21.01 47.21 42.12
C ILE A 139 -21.06 48.73 42.08
N ALA A 140 -20.06 49.36 42.69
CA ALA A 140 -19.97 50.82 42.75
C ALA A 140 -18.68 51.30 42.12
N ASP A 141 -18.77 52.39 41.38
CA ASP A 141 -17.62 53.08 40.82
C ASP A 141 -17.19 54.16 41.80
N GLU A 142 -15.91 54.15 42.20
CA GLU A 142 -15.43 55.10 43.19
C GLU A 142 -14.23 55.88 42.67
N PRO A 143 -14.13 57.17 42.98
CA PRO A 143 -13.09 58.00 42.38
C PRO A 143 -11.90 58.28 43.29
N HIS A 144 -12.11 58.23 44.61
CA HIS A 144 -11.09 58.60 45.57
C HIS A 144 -10.65 57.44 46.45
N PHE A 145 -11.59 56.75 47.09
CA PHE A 145 -11.20 55.73 48.06
C PHE A 145 -12.33 54.72 48.21
N VAL A 146 -11.96 53.53 48.68
CA VAL A 146 -12.89 52.44 48.93
C VAL A 146 -12.61 51.88 50.31
N VAL A 147 -13.66 51.69 51.10
CA VAL A 147 -13.56 51.17 52.46
C VAL A 147 -14.41 49.91 52.56
N MET A 148 -13.84 48.84 53.09
CA MET A 148 -14.49 47.54 53.14
C MET A 148 -14.19 46.83 54.45
N GLY A 149 -15.21 46.19 55.01
CA GLY A 149 -15.02 45.39 56.21
C GLY A 149 -15.20 46.20 57.48
N GLY A 150 -15.72 45.52 58.51
CA GLY A 150 -15.91 46.12 59.82
C GLY A 150 -16.92 47.26 59.81
N THR A 151 -16.64 48.27 60.62
CA THR A 151 -17.48 49.46 60.74
C THR A 151 -16.93 50.50 59.77
N THR A 152 -17.54 50.58 58.59
CA THR A 152 -16.97 51.37 57.49
C THR A 152 -17.23 52.86 57.63
N GLU A 153 -18.34 53.25 58.27
CA GLU A 153 -18.72 54.66 58.31
C GLU A 153 -17.66 55.55 58.96
N PRO A 154 -17.06 55.20 60.11
CA PRO A 154 -16.00 56.08 60.65
C PRO A 154 -14.82 56.23 59.72
N ILE A 155 -14.38 55.15 59.07
CA ILE A 155 -13.24 55.20 58.18
C ILE A 155 -13.56 56.05 56.95
N ALA A 156 -14.77 55.88 56.39
CA ALA A 156 -15.17 56.65 55.22
C ALA A 156 -15.26 58.13 55.56
N ASN A 157 -15.80 58.46 56.74
CA ASN A 157 -15.87 59.86 57.15
C ASN A 157 -14.47 60.43 57.39
N ALA A 158 -13.60 59.67 58.05
CA ALA A 158 -12.23 60.12 58.24
C ALA A 158 -11.56 60.42 56.92
N LEU A 159 -11.75 59.56 55.91
CA LEU A 159 -11.14 59.79 54.62
C LEU A 159 -11.81 60.95 53.88
N LYS A 160 -13.14 61.04 53.96
CA LYS A 160 -13.84 62.10 53.23
C LYS A 160 -13.36 63.49 53.67
N GLU A 161 -12.97 63.63 54.94
CA GLU A 161 -12.45 64.90 55.41
C GLU A 161 -10.94 65.02 55.20
N SER A 162 -10.21 63.91 55.22
CA SER A 162 -8.76 63.94 55.21
C SER A 162 -8.15 63.63 53.85
N TYR A 163 -8.93 63.20 52.86
CA TYR A 163 -8.35 62.83 51.58
C TYR A 163 -8.03 64.05 50.73
N ALA A 164 -6.79 64.11 50.26
CA ALA A 164 -6.36 65.11 49.29
C ALA A 164 -5.91 64.41 48.03
N GLU A 165 -6.30 64.95 46.88
CA GLU A 165 -5.82 64.41 45.61
C GLU A 165 -4.32 64.60 45.48
N ASN A 166 -3.69 63.69 44.74
CA ASN A 166 -2.27 63.79 44.40
C ASN A 166 -1.38 63.84 45.64
N ALA A 167 -1.84 63.27 46.74
CA ALA A 167 -1.00 63.19 47.92
C ALA A 167 0.19 62.27 47.67
N SER A 168 1.26 62.49 48.43
CA SER A 168 2.42 61.63 48.32
C SER A 168 2.12 60.27 48.93
N LEU A 169 3.06 59.34 48.73
CA LEU A 169 2.90 58.01 49.30
C LEU A 169 2.91 58.06 50.83
N THR A 170 3.75 58.91 51.41
CA THR A 170 3.77 59.05 52.87
C THR A 170 2.47 59.68 53.38
N ASP A 171 2.03 60.77 52.75
CA ASP A 171 0.78 61.40 53.14
C ASP A 171 -0.38 60.43 53.03
N ALA A 172 -0.46 59.71 51.91
CA ALA A 172 -1.58 58.79 51.68
C ALA A 172 -1.58 57.67 52.72
N LEU A 173 -0.40 57.10 53.02
CA LEU A 173 -0.33 56.01 53.97
C LEU A 173 -0.74 56.47 55.37
N ARG A 174 -0.29 57.67 55.77
CA ARG A 174 -0.68 58.19 57.07
C ARG A 174 -2.18 58.47 57.13
N ILE A 175 -2.73 59.09 56.07
CA ILE A 175 -4.17 59.31 56.00
C ILE A 175 -4.91 57.98 56.10
N ALA A 176 -4.40 56.94 55.43
CA ALA A 176 -5.10 55.66 55.39
C ALA A 176 -5.05 54.96 56.75
N VAL A 177 -3.87 54.90 57.37
CA VAL A 177 -3.76 54.27 58.68
C VAL A 177 -4.61 55.02 59.69
N ALA A 178 -4.58 56.36 59.65
CA ALA A 178 -5.39 57.15 60.57
C ALA A 178 -6.86 56.82 60.42
N ALA A 179 -7.34 56.70 59.18
CA ALA A 179 -8.75 56.38 58.96
C ALA A 179 -9.08 54.98 59.44
N LEU A 180 -8.14 54.04 59.27
CA LEU A 180 -8.37 52.68 59.75
C LEU A 180 -8.52 52.64 61.27
N ARG A 181 -7.71 53.44 61.98
CA ARG A 181 -7.79 53.46 63.44
C ARG A 181 -9.12 53.99 63.95
N ALA A 182 -9.85 54.75 63.13
CA ALA A 182 -11.16 55.23 63.52
C ALA A 182 -12.21 54.13 63.57
N GLY A 183 -11.89 52.93 63.10
CA GLY A 183 -12.84 51.82 63.11
C GLY A 183 -12.37 50.60 63.89
N PRO A 193 -5.01 52.12 69.72
CA PRO A 193 -5.05 50.94 68.85
C PRO A 193 -4.07 51.03 67.68
N THR A 194 -2.82 51.40 67.96
CA THR A 194 -1.85 51.70 66.92
C THR A 194 -1.63 50.52 65.99
N LEU A 195 -1.62 50.80 64.69
CA LEU A 195 -1.43 49.78 63.66
C LEU A 195 -0.01 49.89 63.13
N GLY A 196 0.83 48.89 63.45
CA GLY A 196 2.20 48.86 63.03
C GLY A 196 2.45 47.86 61.91
N VAL A 197 3.73 47.79 61.52
CA VAL A 197 4.15 46.87 60.45
C VAL A 197 3.74 45.45 60.75
N ALA A 198 3.73 45.06 62.04
CA ALA A 198 3.36 43.71 62.43
C ALA A 198 1.86 43.43 62.31
N SER A 199 1.02 44.47 62.18
CA SER A 199 -0.41 44.28 62.06
C SER A 199 -0.98 44.93 60.80
N LEU A 200 -0.17 45.09 59.76
CA LEU A 200 -0.60 45.75 58.54
C LEU A 200 -0.18 44.94 57.32
N GLU A 201 -1.01 44.97 56.29
CA GLU A 201 -0.65 44.54 54.95
C GLU A 201 -0.79 45.72 54.02
N VAL A 202 0.31 46.12 53.37
CA VAL A 202 0.34 47.31 52.54
C VAL A 202 0.96 46.97 51.19
N ALA A 203 0.35 47.49 50.13
CA ALA A 203 0.87 47.37 48.78
C ALA A 203 0.32 48.51 47.95
N VAL A 204 1.00 48.81 46.85
CA VAL A 204 0.56 49.85 45.92
C VAL A 204 0.46 49.28 44.53
N LEU A 205 -0.41 49.90 43.72
CA LEU A 205 -0.34 49.82 42.27
C LEU A 205 0.44 51.05 41.81
N ASP A 206 1.73 50.87 41.55
CA ASP A 206 2.63 51.97 41.25
C ASP A 206 2.59 52.25 39.74
N ALA A 207 1.98 53.37 39.36
CA ALA A 207 1.84 53.72 37.96
C ALA A 207 3.18 54.01 37.28
N ASN A 208 4.28 54.04 38.03
CA ASN A 208 5.60 54.31 37.46
C ASN A 208 6.38 53.03 37.16
N ARG A 209 5.84 51.86 37.50
CA ARG A 209 6.46 50.61 37.08
C ARG A 209 6.27 50.42 35.58
N PRO A 210 7.26 49.83 34.90
CA PRO A 210 7.10 49.64 33.44
C PRO A 210 5.97 48.69 33.05
N ARG A 211 5.83 47.53 33.71
CA ARG A 211 4.73 46.63 33.36
C ARG A 211 3.88 46.23 34.55
N ARG A 212 4.46 45.50 35.51
CA ARG A 212 3.70 45.06 36.68
C ARG A 212 3.72 46.16 37.73
N ALA A 213 2.57 46.81 37.91
CA ALA A 213 2.49 47.94 38.84
C ALA A 213 2.41 47.51 40.30
N PHE A 214 2.01 46.27 40.57
CA PHE A 214 1.76 45.83 41.94
C PHE A 214 3.08 45.58 42.66
N ARG A 215 3.21 46.15 43.86
CA ARG A 215 4.36 45.87 44.70
C ARG A 215 3.98 46.09 46.15
N ARG A 216 4.46 45.20 47.01
CA ARG A 216 4.20 45.26 48.44
C ARG A 216 5.23 46.13 49.14
N ILE A 217 4.78 46.81 50.20
CA ILE A 217 5.64 47.59 51.07
C ILE A 217 5.67 46.89 52.41
N THR A 218 6.83 46.35 52.79
CA THR A 218 6.93 45.45 53.92
C THR A 218 8.13 45.79 54.79
N GLY A 219 7.96 45.60 56.09
CA GLY A 219 9.11 45.53 56.98
C GLY A 219 9.80 46.87 57.12
N SER A 220 11.09 46.88 56.81
CA SER A 220 11.92 48.06 57.02
C SER A 220 11.44 49.24 56.19
N ALA A 221 11.11 49.00 54.93
CA ALA A 221 10.61 50.07 54.08
C ALA A 221 9.25 50.57 54.56
N LEU A 222 8.42 49.68 55.10
CA LEU A 222 7.09 50.08 55.54
C LEU A 222 7.17 50.99 56.76
N GLN A 223 8.02 50.67 57.74
CA GLN A 223 8.13 51.53 58.90
C GLN A 223 8.93 52.79 58.60
N ALA A 224 9.85 52.72 57.63
CA ALA A 224 10.50 53.95 57.17
C ALA A 224 9.46 54.94 56.66
N LEU A 225 8.40 54.43 56.03
CA LEU A 225 7.32 55.29 55.57
C LEU A 225 6.38 55.70 56.70
N LEU A 226 6.24 54.85 57.71
CA LEU A 226 5.25 55.07 58.77
C LEU A 226 5.67 56.13 59.79
N VAL A 227 6.92 56.58 59.77
CA VAL A 227 7.36 57.61 60.71
C VAL A 227 7.38 58.98 60.03
N GLU B 2 -47.95 30.49 44.15
CA GLU B 2 -49.02 31.42 44.49
C GLU B 2 -48.55 32.43 45.54
N GLN B 3 -48.39 31.97 46.78
CA GLN B 3 -47.77 32.83 47.79
C GLN B 3 -46.32 33.10 47.41
N ALA B 4 -45.62 32.08 46.90
CA ALA B 4 -44.28 32.30 46.37
C ALA B 4 -44.30 33.33 45.25
N MET B 5 -45.25 33.22 44.33
CA MET B 5 -45.30 34.13 43.19
C MET B 5 -45.54 35.57 43.63
N ARG B 6 -46.36 35.77 44.67
CA ARG B 6 -46.56 37.12 45.18
C ARG B 6 -45.29 37.66 45.82
N GLU B 7 -44.58 36.81 46.57
CA GLU B 7 -43.31 37.23 47.16
C GLU B 7 -42.27 37.52 46.08
N ARG B 8 -42.20 36.67 45.06
CA ARG B 8 -41.24 36.90 43.98
C ARG B 8 -41.53 38.20 43.26
N SER B 9 -42.81 38.43 42.89
CA SER B 9 -43.18 39.67 42.21
C SER B 9 -42.86 40.88 43.08
N GLU B 10 -43.10 40.78 44.38
CA GLU B 10 -42.81 41.89 45.28
C GLU B 10 -41.31 42.14 45.39
N LEU B 11 -40.51 41.08 45.45
CA LEU B 11 -39.06 41.25 45.51
C LEU B 11 -38.53 41.94 44.27
N ALA B 12 -39.02 41.53 43.09
CA ALA B 12 -38.54 42.13 41.85
C ALA B 12 -39.04 43.56 41.71
N ARG B 13 -40.33 43.79 41.92
CA ARG B 13 -40.87 45.14 41.82
C ARG B 13 -40.22 46.07 42.84
N LYS B 14 -39.89 45.55 44.02
CA LYS B 14 -39.22 46.36 45.03
C LYS B 14 -37.84 46.78 44.54
N GLY B 15 -37.01 45.82 44.13
CA GLY B 15 -35.66 46.12 43.69
C GLY B 15 -35.63 47.08 42.51
N ILE B 16 -36.61 47.00 41.62
CA ILE B 16 -36.69 47.95 40.51
C ILE B 16 -37.06 49.34 41.02
N ALA B 17 -37.96 49.39 42.01
CA ALA B 17 -38.36 50.68 42.56
C ALA B 17 -37.22 51.36 43.31
N ARG B 18 -36.26 50.58 43.82
CA ARG B 18 -35.13 51.14 44.54
C ARG B 18 -34.04 51.70 43.62
N ALA B 19 -34.09 51.38 42.33
CA ALA B 19 -33.03 51.75 41.41
C ALA B 19 -33.38 53.03 40.66
N LYS B 20 -32.33 53.69 40.15
CA LYS B 20 -32.51 54.94 39.42
C LYS B 20 -33.24 54.71 38.10
N SER B 21 -33.76 55.81 37.55
CA SER B 21 -34.68 55.75 36.42
C SER B 21 -33.98 56.02 35.09
N VAL B 22 -34.68 55.67 34.02
CA VAL B 22 -34.16 55.79 32.66
C VAL B 22 -35.35 55.89 31.72
N VAL B 23 -35.23 56.77 30.72
CA VAL B 23 -36.29 56.96 29.73
C VAL B 23 -35.73 56.70 28.34
N ALA B 24 -36.61 56.22 27.46
CA ALA B 24 -36.30 56.03 26.05
C ALA B 24 -37.46 56.59 25.24
N LEU B 25 -37.18 57.56 24.37
CA LEU B 25 -38.24 58.25 23.64
C LEU B 25 -37.88 58.35 22.16
N ALA B 26 -38.91 58.23 21.33
CA ALA B 26 -38.77 58.42 19.89
C ALA B 26 -38.71 59.90 19.55
N TYR B 27 -37.80 60.28 18.67
CA TYR B 27 -37.66 61.64 18.21
C TYR B 27 -37.34 61.63 16.72
N ALA B 28 -37.19 62.82 16.14
CA ALA B 28 -37.06 62.95 14.69
C ALA B 28 -35.88 62.15 14.15
N GLY B 29 -34.77 62.12 14.88
CA GLY B 29 -33.57 61.43 14.47
C GLY B 29 -33.46 59.99 14.91
N GLY B 30 -34.48 59.43 15.55
CA GLY B 30 -34.43 58.04 15.96
C GLY B 30 -34.98 57.79 17.35
N VAL B 31 -34.12 57.30 18.24
CA VAL B 31 -34.49 56.96 19.61
C VAL B 31 -33.44 57.54 20.54
N LEU B 32 -33.89 58.20 21.61
CA LEU B 32 -32.99 58.78 22.60
C LEU B 32 -33.07 57.99 23.90
N PHE B 33 -31.92 57.70 24.48
CA PHE B 33 -31.82 57.05 25.78
C PHE B 33 -31.18 58.02 26.76
N VAL B 34 -31.85 58.27 27.89
CA VAL B 34 -31.29 59.09 28.95
C VAL B 34 -31.50 58.37 30.27
N ALA B 35 -30.42 58.03 30.95
CA ALA B 35 -30.47 57.31 32.21
C ALA B 35 -29.73 58.12 33.27
N GLU B 36 -30.30 58.16 34.47
CA GLU B 36 -29.58 58.72 35.62
C GLU B 36 -28.49 57.73 36.02
N ASN B 37 -27.24 58.09 35.70
CA ASN B 37 -26.11 57.22 35.98
C ASN B 37 -24.92 58.06 36.44
N PRO B 38 -24.59 58.06 37.72
CA PRO B 38 -23.41 58.80 38.17
C PRO B 38 -22.10 58.14 37.78
N SER B 39 -22.12 56.84 37.50
CA SER B 39 -20.89 56.13 37.19
C SER B 39 -20.35 56.54 35.82
N ARG B 40 -19.03 56.55 35.71
CA ARG B 40 -18.38 56.93 34.47
C ARG B 40 -18.04 55.73 33.61
N SER B 41 -17.97 54.53 34.18
CA SER B 41 -17.57 53.33 33.47
C SER B 41 -18.69 52.31 33.31
N LEU B 42 -19.51 52.13 34.33
CA LEU B 42 -20.60 51.18 34.27
C LEU B 42 -21.79 51.77 33.53
N GLN B 43 -22.40 51.00 32.64
CA GLN B 43 -23.37 51.52 31.70
C GLN B 43 -24.70 50.76 31.79
N LYS B 44 -25.79 51.51 31.65
CA LYS B 44 -27.14 50.96 31.61
C LYS B 44 -27.74 50.98 30.21
N ILE B 45 -27.13 51.68 29.27
CA ILE B 45 -27.59 51.78 27.90
C ILE B 45 -26.54 51.14 27.01
N SER B 46 -26.98 50.42 25.99
CA SER B 46 -26.03 49.61 25.22
C SER B 46 -26.54 49.40 23.81
N GLU B 47 -25.59 49.24 22.89
CA GLU B 47 -25.90 48.73 21.56
C GLU B 47 -26.20 47.25 21.63
N LEU B 48 -27.22 46.82 20.90
CA LEU B 48 -27.46 45.39 20.71
C LEU B 48 -27.10 44.93 19.30
N TYR B 49 -27.61 45.62 18.28
CA TYR B 49 -27.30 45.29 16.90
C TYR B 49 -27.31 46.58 16.09
N ASP B 50 -27.29 46.45 14.76
CA ASP B 50 -27.14 47.58 13.86
C ASP B 50 -28.10 48.71 14.22
N ARG B 51 -29.40 48.44 14.19
CA ARG B 51 -30.42 49.44 14.48
C ARG B 51 -31.18 49.15 15.77
N VAL B 52 -30.60 48.36 16.68
CA VAL B 52 -31.32 47.90 17.86
C VAL B 52 -30.53 48.30 19.11
N GLY B 53 -31.19 48.99 20.03
CA GLY B 53 -30.58 49.44 21.27
C GLY B 53 -31.19 48.83 22.52
N PHE B 54 -30.49 48.97 23.63
CA PHE B 54 -30.83 48.31 24.89
C PHE B 54 -30.76 49.34 26.02
N ALA B 55 -31.77 49.34 26.87
CA ALA B 55 -31.76 50.14 28.09
C ALA B 55 -32.41 49.33 29.21
N ALA B 56 -31.89 49.50 30.42
CA ALA B 56 -32.35 48.70 31.53
C ALA B 56 -32.29 49.49 32.82
N ALA B 57 -33.15 49.09 33.76
CA ALA B 57 -33.13 49.58 35.11
C ALA B 57 -33.22 48.40 36.07
N GLY B 58 -32.60 48.56 37.24
CA GLY B 58 -32.58 47.50 38.22
C GLY B 58 -31.16 47.17 38.66
N LYS B 59 -30.95 45.88 38.96
CA LYS B 59 -29.68 45.42 39.49
C LYS B 59 -28.68 45.18 38.35
N PHE B 60 -27.50 45.79 38.46
CA PHE B 60 -26.58 45.89 37.32
C PHE B 60 -26.16 44.51 36.82
N ASN B 61 -25.65 43.66 37.72
CA ASN B 61 -25.16 42.35 37.30
C ASN B 61 -26.24 41.56 36.57
N GLU B 62 -27.51 41.82 36.89
CA GLU B 62 -28.59 41.04 36.29
C GLU B 62 -28.96 41.56 34.91
N PHE B 63 -29.15 42.87 34.76
CA PHE B 63 -29.44 43.33 33.41
C PHE B 63 -28.20 43.38 32.53
N ASP B 64 -27.01 43.28 33.11
CA ASP B 64 -25.81 43.11 32.28
C ASP B 64 -25.70 41.70 31.74
N ASN B 65 -26.10 40.70 32.53
CA ASN B 65 -26.21 39.35 32.01
C ASN B 65 -27.19 39.31 30.84
N LEU B 66 -28.32 39.98 30.96
CA LEU B 66 -29.31 39.98 29.89
C LEU B 66 -28.81 40.76 28.68
N ARG B 67 -28.09 41.87 28.92
CA ARG B 67 -27.48 42.61 27.83
C ARG B 67 -26.54 41.72 27.03
N ARG B 68 -25.71 40.94 27.73
CA ARG B 68 -24.77 40.05 27.05
C ARG B 68 -25.48 38.92 26.31
N GLY B 69 -26.51 38.35 26.94
CA GLY B 69 -27.29 37.33 26.25
C GLY B 69 -27.99 37.87 25.01
N GLY B 70 -28.44 39.12 25.07
CA GLY B 70 -29.05 39.73 23.91
C GLY B 70 -28.07 39.92 22.77
N ILE B 71 -26.87 40.43 23.08
CA ILE B 71 -25.84 40.62 22.06
C ILE B 71 -25.43 39.27 21.47
N GLN B 72 -25.34 38.24 22.30
CA GLN B 72 -25.03 36.90 21.80
C GLN B 72 -26.13 36.39 20.87
N PHE B 73 -27.40 36.56 21.26
CA PHE B 73 -28.50 36.14 20.41
C PHE B 73 -28.48 36.88 19.09
N ALA B 74 -28.29 38.21 19.14
CA ALA B 74 -28.35 39.02 17.93
C ALA B 74 -27.22 38.68 16.97
N ASP B 75 -26.00 38.56 17.48
CA ASP B 75 -24.87 38.25 16.63
C ASP B 75 -24.98 36.85 16.04
N THR B 76 -25.47 35.88 16.83
CA THR B 76 -25.62 34.52 16.31
C THR B 76 -26.65 34.48 15.19
N ARG B 77 -27.79 35.13 15.40
CA ARG B 77 -28.85 35.12 14.39
C ARG B 77 -28.42 35.83 13.12
N GLY B 78 -27.75 36.98 13.25
CA GLY B 78 -27.26 37.68 12.08
C GLY B 78 -26.22 36.88 11.32
N TYR B 79 -25.40 36.11 12.02
CA TYR B 79 -24.39 35.30 11.36
C TYR B 79 -24.98 34.04 10.73
N ALA B 80 -25.91 33.38 11.43
CA ALA B 80 -26.54 32.20 10.88
C ALA B 80 -27.41 32.52 9.67
N TYR B 81 -27.93 33.75 9.60
CA TYR B 81 -28.79 34.14 8.50
C TYR B 81 -28.16 35.35 7.84
N ASP B 82 -28.66 36.56 8.08
CA ASP B 82 -28.05 37.78 7.58
C ASP B 82 -28.34 38.88 8.58
N ARG B 83 -27.52 39.94 8.55
CA ARG B 83 -27.67 41.02 9.51
C ARG B 83 -29.09 41.57 9.49
N ARG B 84 -29.67 41.73 8.31
CA ARG B 84 -30.98 42.35 8.17
C ARG B 84 -32.12 41.52 8.73
N ASP B 85 -31.88 40.24 9.05
CA ASP B 85 -32.92 39.41 9.63
C ASP B 85 -33.10 39.64 11.12
N VAL B 86 -32.18 40.35 11.77
CA VAL B 86 -32.30 40.63 13.20
C VAL B 86 -33.20 41.83 13.40
N THR B 87 -34.22 41.68 14.24
CA THR B 87 -35.18 42.76 14.50
C THR B 87 -35.28 42.99 15.99
N GLY B 88 -35.74 44.20 16.34
CA GLY B 88 -36.01 44.50 17.73
C GLY B 88 -37.12 43.66 18.32
N ARG B 89 -38.12 43.31 17.51
CA ARG B 89 -39.23 42.49 18.01
C ARG B 89 -38.74 41.14 18.50
N GLN B 90 -37.91 40.46 17.72
CA GLN B 90 -37.48 39.12 18.11
C GLN B 90 -36.50 39.17 19.28
N LEU B 91 -35.78 40.28 19.45
CA LEU B 91 -34.96 40.44 20.66
C LEU B 91 -35.84 40.68 21.88
N ALA B 92 -36.92 41.45 21.71
CA ALA B 92 -37.89 41.60 22.79
C ALA B 92 -38.57 40.27 23.10
N ASN B 93 -38.82 39.46 22.06
CA ASN B 93 -39.45 38.17 22.26
C ASN B 93 -38.56 37.24 23.07
N VAL B 94 -37.26 37.21 22.75
CA VAL B 94 -36.38 36.29 23.48
C VAL B 94 -36.12 36.81 24.89
N TYR B 95 -36.19 38.13 25.10
CA TYR B 95 -36.07 38.67 26.45
C TYR B 95 -37.29 38.31 27.29
N ALA B 96 -38.49 38.38 26.70
CA ALA B 96 -39.70 37.98 27.41
C ALA B 96 -39.62 36.51 27.78
N GLN B 97 -39.25 35.66 26.83
CA GLN B 97 -39.10 34.23 27.11
C GLN B 97 -38.08 34.00 28.22
N THR B 98 -36.94 34.70 28.17
CA THR B 98 -35.89 34.49 29.16
C THR B 98 -36.33 34.97 30.54
N LEU B 99 -36.93 36.14 30.62
CA LEU B 99 -37.32 36.70 31.92
C LEU B 99 -38.45 35.88 32.55
N GLY B 100 -39.40 35.42 31.76
CA GLY B 100 -40.44 34.54 32.28
C GLY B 100 -39.87 33.25 32.83
N THR B 101 -38.89 32.66 32.12
CA THR B 101 -38.23 31.46 32.62
C THR B 101 -37.48 31.75 33.92
N ILE B 102 -36.76 32.87 33.98
CA ILE B 102 -36.06 33.25 35.20
C ILE B 102 -37.05 33.46 36.35
N PHE B 103 -38.15 34.17 36.06
CA PHE B 103 -39.08 34.55 37.12
C PHE B 103 -39.75 33.35 37.76
N THR B 104 -39.95 32.26 37.01
CA THR B 104 -40.66 31.10 37.53
C THR B 104 -39.74 29.99 38.03
N GLU B 105 -38.51 29.90 37.51
CA GLU B 105 -37.65 28.75 37.77
C GLU B 105 -36.45 29.03 38.66
N GLN B 106 -35.88 30.23 38.60
CA GLN B 106 -34.62 30.46 39.29
C GLN B 106 -34.82 30.73 40.76
N ALA B 107 -33.71 30.63 41.52
CA ALA B 107 -33.77 30.80 42.97
C ALA B 107 -34.28 32.18 43.35
N LYS B 108 -33.80 33.22 42.66
CA LYS B 108 -34.29 34.58 42.86
C LYS B 108 -34.70 35.16 41.51
N PRO B 109 -35.86 35.82 41.45
CA PRO B 109 -36.23 36.50 40.20
C PRO B 109 -35.30 37.67 39.93
N TYR B 110 -35.19 38.01 38.65
CA TYR B 110 -34.35 39.14 38.24
C TYR B 110 -35.04 40.45 38.58
N GLU B 111 -34.30 41.36 39.23
CA GLU B 111 -34.81 42.68 39.56
C GLU B 111 -34.42 43.67 38.45
N VAL B 112 -35.00 43.44 37.28
CA VAL B 112 -34.65 44.22 36.10
C VAL B 112 -35.91 44.58 35.31
N GLU B 113 -35.77 45.63 34.51
CA GLU B 113 -36.79 46.03 33.54
C GLU B 113 -36.07 46.53 32.30
N LEU B 114 -36.42 45.97 31.15
CA LEU B 114 -35.66 46.17 29.92
C LEU B 114 -36.46 46.96 28.90
N CYS B 115 -35.73 47.72 28.07
CA CYS B 115 -36.29 48.35 26.88
C CYS B 115 -35.45 47.95 25.67
N VAL B 116 -36.11 47.47 24.62
CA VAL B 116 -35.47 47.19 23.34
C VAL B 116 -36.04 48.15 22.31
N ALA B 117 -35.18 48.96 21.71
CA ALA B 117 -35.58 49.97 20.74
C ALA B 117 -34.97 49.66 19.39
N GLU B 118 -35.72 49.95 18.33
CA GLU B 118 -35.24 49.77 16.97
C GLU B 118 -35.66 50.95 16.12
N VAL B 119 -34.72 51.44 15.33
CA VAL B 119 -35.00 52.49 14.35
C VAL B 119 -34.89 51.89 12.96
N ALA B 120 -35.38 52.63 11.97
CA ALA B 120 -35.37 52.15 10.60
C ALA B 120 -33.94 51.95 10.11
N HIS B 121 -33.78 51.01 9.19
CA HIS B 121 -32.50 50.87 8.53
C HIS B 121 -32.20 52.10 7.70
N TYR B 122 -30.91 52.29 7.40
CA TYR B 122 -30.49 53.47 6.65
C TYR B 122 -31.23 53.56 5.33
N GLY B 123 -31.77 54.74 5.05
CA GLY B 123 -32.52 54.97 3.84
C GLY B 123 -33.96 54.50 3.86
N GLU B 124 -34.39 53.82 4.91
CA GLU B 124 -35.76 53.32 5.03
C GLU B 124 -36.61 54.27 5.85
N THR B 125 -37.92 54.17 5.65
CA THR B 125 -38.91 54.90 6.44
C THR B 125 -39.68 53.88 7.28
N LYS B 126 -39.58 54.02 8.59
CA LYS B 126 -40.25 53.12 9.52
C LYS B 126 -40.27 53.80 10.88
N ARG B 127 -41.44 53.80 11.51
CA ARG B 127 -41.56 54.41 12.83
C ARG B 127 -40.74 53.61 13.84
N PRO B 128 -40.01 54.29 14.73
CA PRO B 128 -39.25 53.57 15.76
C PRO B 128 -40.14 52.68 16.60
N GLU B 129 -39.60 51.52 16.98
CA GLU B 129 -40.30 50.58 17.84
C GLU B 129 -39.66 50.59 19.23
N LEU B 130 -40.49 50.54 20.25
CA LEU B 130 -40.05 50.51 21.64
C LEU B 130 -40.78 49.39 22.35
N TYR B 131 -40.02 48.44 22.89
CA TYR B 131 -40.58 47.33 23.65
C TYR B 131 -40.06 47.36 25.07
N ARG B 132 -40.97 47.28 26.03
CA ARG B 132 -40.61 47.17 27.44
C ARG B 132 -40.89 45.74 27.90
N ILE B 133 -39.90 45.13 28.53
CA ILE B 133 -40.02 43.77 29.06
C ILE B 133 -39.79 43.84 30.56
N THR B 134 -40.74 43.34 31.33
CA THR B 134 -40.71 43.46 32.79
C THR B 134 -40.19 42.15 33.40
N TYR B 135 -40.06 42.17 34.73
CA TYR B 135 -39.34 41.11 35.45
C TYR B 135 -39.98 39.73 35.27
N ASP B 136 -41.25 39.66 34.89
CA ASP B 136 -41.92 38.38 34.69
C ASP B 136 -42.07 38.03 33.21
N GLY B 137 -41.34 38.70 32.34
CA GLY B 137 -41.43 38.42 30.92
C GLY B 137 -42.64 39.03 30.22
N SER B 138 -43.40 39.88 30.92
CA SER B 138 -44.47 40.59 30.24
C SER B 138 -43.88 41.64 29.31
N ILE B 139 -44.45 41.74 28.12
CA ILE B 139 -43.89 42.54 27.03
C ILE B 139 -44.95 43.51 26.54
N ALA B 140 -44.59 44.79 26.46
CA ALA B 140 -45.50 45.84 26.03
C ALA B 140 -44.89 46.63 24.88
N ASP B 141 -45.72 46.98 23.91
CA ASP B 141 -45.31 47.75 22.74
C ASP B 141 -45.70 49.21 22.96
N GLU B 142 -44.70 50.08 23.17
CA GLU B 142 -44.94 51.50 23.42
C GLU B 142 -44.62 52.32 22.18
N PRO B 143 -45.50 53.25 21.79
CA PRO B 143 -45.31 53.96 20.51
C PRO B 143 -44.47 55.22 20.64
N HIS B 144 -44.35 55.78 21.84
CA HIS B 144 -43.74 57.09 21.97
C HIS B 144 -42.57 57.13 22.94
N PHE B 145 -42.73 56.57 24.13
CA PHE B 145 -41.63 56.56 25.10
C PHE B 145 -41.82 55.42 26.09
N VAL B 146 -40.74 55.14 26.83
CA VAL B 146 -40.71 54.10 27.84
C VAL B 146 -39.99 54.63 29.06
N VAL B 147 -40.50 54.34 30.25
CA VAL B 147 -39.87 54.75 31.51
C VAL B 147 -39.69 53.51 32.37
N MET B 148 -38.50 53.38 32.96
CA MET B 148 -38.16 52.23 33.78
C MET B 148 -37.35 52.69 34.99
N GLY B 149 -37.52 51.98 36.10
CA GLY B 149 -36.74 52.23 37.31
C GLY B 149 -37.25 53.36 38.16
N GLY B 150 -37.15 53.21 39.48
CA GLY B 150 -37.56 54.27 40.39
C GLY B 150 -39.05 54.53 40.36
N THR B 151 -39.41 55.79 40.60
CA THR B 151 -40.81 56.23 40.60
C THR B 151 -41.20 56.55 39.17
N THR B 152 -41.96 55.66 38.55
CA THR B 152 -42.28 55.79 37.12
C THR B 152 -43.33 56.87 36.87
N GLU B 153 -44.36 56.93 37.71
CA GLU B 153 -45.53 57.77 37.42
C GLU B 153 -45.19 59.25 37.25
N PRO B 154 -44.39 59.90 38.12
CA PRO B 154 -44.08 61.32 37.89
C PRO B 154 -43.36 61.56 36.57
N ILE B 155 -42.36 60.74 36.24
CA ILE B 155 -41.62 60.90 35.00
C ILE B 155 -42.53 60.63 33.80
N ALA B 156 -43.35 59.58 33.88
CA ALA B 156 -44.22 59.24 32.75
C ALA B 156 -45.27 60.31 32.52
N ASN B 157 -45.79 60.90 33.59
CA ASN B 157 -46.77 61.99 33.43
C ASN B 157 -46.11 63.24 32.86
N ALA B 158 -44.90 63.56 33.32
CA ALA B 158 -44.18 64.70 32.77
C ALA B 158 -43.90 64.53 31.28
N LEU B 159 -43.66 63.29 30.84
CA LEU B 159 -43.51 63.03 29.41
C LEU B 159 -44.85 63.08 28.70
N LYS B 160 -45.87 62.44 29.28
CA LYS B 160 -47.20 62.45 28.67
C LYS B 160 -47.71 63.87 28.48
N GLU B 161 -47.23 64.82 29.29
CA GLU B 161 -47.57 66.22 29.17
C GLU B 161 -46.64 66.96 28.21
N SER B 162 -45.36 66.63 28.21
CA SER B 162 -44.37 67.38 27.44
C SER B 162 -43.97 66.73 26.13
N TYR B 163 -44.15 65.40 25.98
CA TYR B 163 -43.70 64.74 24.77
C TYR B 163 -44.45 65.26 23.55
N ALA B 164 -43.69 65.56 22.49
CA ALA B 164 -44.23 65.92 21.20
C ALA B 164 -43.52 65.11 20.14
N GLU B 165 -44.29 64.44 19.28
CA GLU B 165 -43.70 63.62 18.23
C GLU B 165 -42.76 64.44 17.37
N ASN B 166 -41.73 63.75 16.85
CA ASN B 166 -40.81 64.33 15.87
C ASN B 166 -40.11 65.58 16.39
N ALA B 167 -39.84 65.63 17.68
CA ALA B 167 -39.05 66.72 18.23
C ALA B 167 -37.59 66.59 17.80
N SER B 168 -36.85 67.68 17.91
CA SER B 168 -35.43 67.64 17.61
C SER B 168 -34.69 66.91 18.73
N LEU B 169 -33.37 66.77 18.54
CA LEU B 169 -32.57 66.07 19.54
C LEU B 169 -32.43 66.89 20.82
N THR B 170 -32.13 68.18 20.68
CA THR B 170 -31.97 69.03 21.86
C THR B 170 -33.29 69.15 22.61
N ASP B 171 -34.40 69.30 21.89
CA ASP B 171 -35.70 69.39 22.56
C ASP B 171 -36.04 68.09 23.28
N ALA B 172 -35.86 66.96 22.61
CA ALA B 172 -36.16 65.67 23.23
C ALA B 172 -35.27 65.42 24.44
N LEU B 173 -34.01 65.87 24.38
CA LEU B 173 -33.11 65.69 25.51
C LEU B 173 -33.55 66.51 26.71
N ARG B 174 -33.89 67.78 26.49
CA ARG B 174 -34.39 68.63 27.57
C ARG B 174 -35.65 68.05 28.20
N ILE B 175 -36.58 67.58 27.36
CA ILE B 175 -37.81 66.98 27.87
C ILE B 175 -37.49 65.73 28.68
N ALA B 176 -36.50 64.95 28.25
CA ALA B 176 -36.14 63.74 28.97
C ALA B 176 -35.56 64.05 30.33
N VAL B 177 -34.61 64.99 30.39
CA VAL B 177 -33.98 65.34 31.65
C VAL B 177 -34.99 65.98 32.60
N ALA B 178 -35.83 66.88 32.07
CA ALA B 178 -36.85 67.52 32.90
C ALA B 178 -37.80 66.48 33.48
N ALA B 179 -38.34 65.60 32.62
CA ALA B 179 -39.24 64.56 33.11
C ALA B 179 -38.53 63.64 34.10
N LEU B 180 -37.22 63.46 33.97
CA LEU B 180 -36.50 62.54 34.83
C LEU B 180 -36.48 63.03 36.28
N ARG B 181 -36.19 64.32 36.50
CA ARG B 181 -36.07 64.80 37.86
C ARG B 181 -37.41 64.78 38.61
N ALA B 182 -38.53 64.77 37.89
CA ALA B 182 -39.84 64.67 38.52
C ALA B 182 -40.08 63.25 39.03
N LEU B 195 -29.12 67.77 37.19
CA LEU B 195 -28.81 66.65 36.31
C LEU B 195 -27.99 67.11 35.11
N GLY B 196 -26.67 67.03 35.25
CA GLY B 196 -25.75 67.41 34.21
C GLY B 196 -24.99 66.23 33.64
N VAL B 197 -23.84 66.54 33.02
CA VAL B 197 -23.04 65.51 32.36
C VAL B 197 -22.54 64.48 33.37
N ALA B 198 -22.17 64.93 34.57
CA ALA B 198 -21.59 64.05 35.57
C ALA B 198 -22.59 63.03 36.14
N SER B 199 -23.89 63.24 35.93
CA SER B 199 -24.91 62.37 36.50
C SER B 199 -25.85 61.79 35.45
N LEU B 200 -25.39 61.68 34.20
CA LEU B 200 -26.24 61.21 33.12
C LEU B 200 -25.46 60.25 32.22
N GLU B 201 -26.19 59.30 31.65
CA GLU B 201 -25.73 58.49 30.53
C GLU B 201 -26.71 58.71 29.39
N VAL B 202 -26.20 59.15 28.24
CA VAL B 202 -27.02 59.55 27.11
C VAL B 202 -26.50 58.86 25.85
N ALA B 203 -27.42 58.34 25.05
CA ALA B 203 -27.07 57.69 23.79
C ALA B 203 -28.28 57.73 22.87
N VAL B 204 -28.02 57.62 21.57
CA VAL B 204 -29.08 57.67 20.57
C VAL B 204 -28.94 56.49 19.62
N LEU B 205 -30.10 56.03 19.12
CA LEU B 205 -30.16 55.21 17.93
C LEU B 205 -30.40 56.16 16.76
N ASP B 206 -29.31 56.55 16.09
CA ASP B 206 -29.32 57.62 15.10
C ASP B 206 -29.69 57.03 13.75
N ALA B 207 -30.92 57.29 13.31
CA ALA B 207 -31.46 56.67 12.09
C ALA B 207 -30.74 57.19 10.85
N ASN B 208 -29.83 58.14 11.04
CA ASN B 208 -29.07 58.71 9.93
C ASN B 208 -27.70 58.06 9.75
N ARG B 209 -27.27 57.19 10.66
CA ARG B 209 -25.98 56.55 10.45
C ARG B 209 -26.12 55.37 9.51
N PRO B 210 -25.09 55.07 8.71
CA PRO B 210 -25.25 54.06 7.64
C PRO B 210 -25.52 52.65 8.14
N ARG B 211 -24.79 52.16 9.14
CA ARG B 211 -25.05 50.80 9.60
C ARG B 211 -25.36 50.75 11.09
N ARG B 212 -24.36 51.06 11.91
CA ARG B 212 -24.52 51.02 13.36
C ARG B 212 -25.09 52.36 13.83
N ALA B 213 -26.38 52.36 14.18
CA ALA B 213 -27.07 53.58 14.56
C ALA B 213 -26.78 54.01 15.99
N PHE B 214 -26.21 53.13 16.82
CA PHE B 214 -25.99 53.46 18.22
C PHE B 214 -24.84 54.45 18.37
N ARG B 215 -25.07 55.51 19.13
CA ARG B 215 -24.13 56.61 19.26
C ARG B 215 -24.23 57.16 20.67
N ARG B 216 -23.11 57.20 21.40
CA ARG B 216 -23.08 57.79 22.73
C ARG B 216 -22.80 59.30 22.63
N ILE B 217 -23.44 60.06 23.50
CA ILE B 217 -23.27 61.51 23.57
C ILE B 217 -22.70 61.81 24.95
N THR B 218 -21.40 62.09 25.02
CA THR B 218 -20.71 62.27 26.30
C THR B 218 -19.89 63.55 26.30
N GLY B 219 -19.55 63.99 27.52
CA GLY B 219 -18.54 65.02 27.69
C GLY B 219 -18.97 66.36 27.13
N SER B 220 -18.06 66.99 26.40
CA SER B 220 -18.30 68.33 25.87
C SER B 220 -19.51 68.35 24.94
N ALA B 221 -19.70 67.30 24.15
CA ALA B 221 -20.82 67.27 23.23
C ALA B 221 -22.16 67.21 23.96
N LEU B 222 -22.24 66.42 25.04
CA LEU B 222 -23.47 66.37 25.82
C LEU B 222 -23.70 67.69 26.53
N GLN B 223 -22.65 68.29 27.09
CA GLN B 223 -22.79 69.57 27.76
C GLN B 223 -23.31 70.64 26.80
N ALA B 224 -22.72 70.70 25.60
CA ALA B 224 -23.18 71.68 24.61
C ALA B 224 -24.64 71.44 24.23
N LEU B 225 -25.08 70.18 24.20
CA LEU B 225 -26.46 69.88 23.89
C LEU B 225 -27.41 70.18 25.04
N LEU B 226 -26.89 70.28 26.27
CA LEU B 226 -27.71 70.53 27.45
C LEU B 226 -27.96 72.02 27.67
N VAL B 227 -26.92 72.83 27.66
CA VAL B 227 -27.00 74.26 27.93
C VAL B 227 -26.87 75.00 26.60
N ASP B 228 -27.94 75.63 26.17
CA ASP B 228 -27.96 76.33 24.89
C ASP B 228 -29.04 77.41 24.85
N GLU C 2 -53.10 17.28 46.93
CA GLU C 2 -54.33 17.62 46.23
C GLU C 2 -54.61 19.12 46.31
N GLN C 3 -54.14 19.75 47.39
CA GLN C 3 -54.26 21.19 47.52
C GLN C 3 -53.33 21.91 46.54
N ALA C 4 -52.17 21.32 46.26
CA ALA C 4 -51.26 21.90 45.29
C ALA C 4 -51.89 21.94 43.91
N MET C 5 -52.55 20.85 43.50
CA MET C 5 -53.14 20.79 42.17
C MET C 5 -54.35 21.71 42.05
N ARG C 6 -55.14 21.82 43.13
CA ARG C 6 -56.28 22.73 43.11
C ARG C 6 -55.82 24.17 43.06
N GLU C 7 -54.70 24.49 43.73
CA GLU C 7 -54.18 25.85 43.72
C GLU C 7 -53.51 26.17 42.39
N ARG C 8 -52.83 25.18 41.79
CA ARG C 8 -52.32 25.34 40.44
C ARG C 8 -53.45 25.66 39.46
N SER C 9 -54.56 24.92 39.58
CA SER C 9 -55.72 25.20 38.76
C SER C 9 -56.27 26.60 39.02
N GLU C 10 -56.18 27.06 40.28
CA GLU C 10 -56.65 28.40 40.61
C GLU C 10 -55.78 29.46 39.96
N LEU C 11 -54.45 29.33 40.09
CA LEU C 11 -53.54 30.31 39.51
C LEU C 11 -53.75 30.43 38.01
N ALA C 12 -53.86 29.28 37.32
CA ALA C 12 -54.08 29.31 35.88
C ALA C 12 -55.46 29.83 35.53
N ARG C 13 -56.49 29.45 36.30
CA ARG C 13 -57.84 29.92 36.03
C ARG C 13 -57.90 31.44 36.11
N LYS C 14 -57.35 32.02 37.18
CA LYS C 14 -57.40 33.47 37.34
C LYS C 14 -56.58 34.18 36.28
N GLY C 15 -55.39 33.66 35.98
CA GLY C 15 -54.57 34.27 34.94
C GLY C 15 -55.25 34.28 33.58
N ILE C 16 -55.95 33.19 33.24
CA ILE C 16 -56.65 33.14 31.97
C ILE C 16 -57.86 34.07 31.99
N ALA C 17 -58.52 34.18 33.14
CA ALA C 17 -59.67 35.08 33.24
C ALA C 17 -59.28 36.54 33.16
N ARG C 18 -58.04 36.88 33.51
CA ARG C 18 -57.59 38.28 33.48
C ARG C 18 -57.19 38.74 32.08
N ALA C 19 -56.93 37.82 31.16
CA ALA C 19 -56.45 38.18 29.83
C ALA C 19 -57.61 38.47 28.89
N LYS C 20 -57.27 39.03 27.72
CA LYS C 20 -58.27 39.38 26.72
C LYS C 20 -58.74 38.12 26.00
N SER C 21 -59.89 38.26 25.32
CA SER C 21 -60.64 37.13 24.80
C SER C 21 -60.37 36.89 23.31
N VAL C 22 -60.50 35.63 22.90
CA VAL C 22 -60.32 35.21 21.52
C VAL C 22 -61.48 34.30 21.14
N VAL C 23 -61.94 34.40 19.90
CA VAL C 23 -62.98 33.52 19.38
C VAL C 23 -62.59 33.01 18.00
N ALA C 24 -63.01 31.79 17.71
CA ALA C 24 -62.86 31.17 16.39
C ALA C 24 -64.19 30.53 16.02
N LEU C 25 -64.57 30.65 14.75
CA LEU C 25 -65.87 30.14 14.32
C LEU C 25 -65.79 29.62 12.90
N ALA C 26 -66.48 28.50 12.65
CA ALA C 26 -66.51 27.89 11.33
C ALA C 26 -67.54 28.58 10.45
N TYR C 27 -67.18 28.80 9.19
CA TYR C 27 -68.07 29.46 8.25
C TYR C 27 -67.83 28.88 6.86
N ALA C 28 -68.50 29.45 5.86
CA ALA C 28 -68.53 28.85 4.53
C ALA C 28 -67.16 28.87 3.85
N GLY C 29 -66.31 29.83 4.21
CA GLY C 29 -64.99 29.94 3.65
C GLY C 29 -63.88 29.31 4.46
N GLY C 30 -64.18 28.67 5.58
CA GLY C 30 -63.17 28.06 6.42
C GLY C 30 -63.37 28.31 7.90
N VAL C 31 -62.34 28.83 8.56
CA VAL C 31 -62.38 29.16 9.98
C VAL C 31 -61.89 30.58 10.16
N LEU C 32 -62.61 31.37 10.96
CA LEU C 32 -62.28 32.75 11.20
C LEU C 32 -61.78 32.92 12.64
N PHE C 33 -60.68 33.65 12.80
CA PHE C 33 -60.14 33.98 14.11
C PHE C 33 -60.29 35.48 14.33
N VAL C 34 -60.92 35.85 15.45
CA VAL C 34 -61.03 37.26 15.84
C VAL C 34 -60.68 37.36 17.32
N ALA C 35 -59.79 38.29 17.66
CA ALA C 35 -59.33 38.42 19.04
C ALA C 35 -59.05 39.88 19.38
N GLU C 36 -59.17 40.20 20.66
CA GLU C 36 -58.75 41.50 21.16
C GLU C 36 -57.23 41.58 21.14
N ASN C 37 -56.70 42.57 20.44
CA ASN C 37 -55.25 42.78 20.41
C ASN C 37 -54.94 44.24 20.10
N PRO C 38 -54.46 45.00 21.08
CA PRO C 38 -54.10 46.39 20.81
C PRO C 38 -52.71 46.57 20.19
N SER C 39 -51.84 45.56 20.27
CA SER C 39 -50.49 45.69 19.78
C SER C 39 -50.45 45.66 18.26
N ARG C 40 -49.46 46.36 17.69
CA ARG C 40 -49.27 46.41 16.24
C ARG C 40 -48.34 45.32 15.74
N SER C 41 -47.74 44.53 16.65
CA SER C 41 -46.80 43.50 16.23
C SER C 41 -46.84 42.22 17.07
N LEU C 42 -47.48 42.22 18.23
CA LEU C 42 -47.56 41.03 19.06
C LEU C 42 -48.80 40.24 18.68
N GLN C 43 -48.60 39.01 18.20
CA GLN C 43 -49.65 38.19 17.64
C GLN C 43 -50.07 37.11 18.63
N LYS C 44 -51.37 36.79 18.63
CA LYS C 44 -51.90 35.64 19.35
C LYS C 44 -52.64 34.65 18.46
N ILE C 45 -52.82 34.96 17.18
CA ILE C 45 -53.34 34.01 16.18
C ILE C 45 -52.25 33.80 15.15
N SER C 46 -51.93 32.54 14.88
CA SER C 46 -50.77 32.22 14.05
C SER C 46 -51.04 30.99 13.20
N GLU C 47 -50.33 30.91 12.08
CA GLU C 47 -50.32 29.71 11.26
C GLU C 47 -49.48 28.62 11.91
N LEU C 48 -49.97 27.38 11.84
CA LEU C 48 -49.19 26.22 12.26
C LEU C 48 -48.73 25.37 11.08
N TYR C 49 -49.63 25.07 10.15
CA TYR C 49 -49.29 24.28 8.98
C TYR C 49 -50.24 24.66 7.85
N ASP C 50 -50.18 23.92 6.75
CA ASP C 50 -50.88 24.31 5.53
C ASP C 50 -52.34 24.65 5.81
N ARG C 51 -53.06 23.74 6.45
CA ARG C 51 -54.49 23.93 6.71
C ARG C 51 -54.79 24.02 8.21
N VAL C 52 -53.77 24.23 9.03
CA VAL C 52 -53.92 24.22 10.49
C VAL C 52 -53.55 25.60 11.03
N GLY C 53 -54.46 26.17 11.82
CA GLY C 53 -54.24 27.47 12.43
C GLY C 53 -54.21 27.41 13.95
N PHE C 54 -53.67 28.46 14.57
CA PHE C 54 -53.43 28.50 16.01
C PHE C 54 -53.96 29.81 16.57
N ALA C 55 -54.62 29.73 17.73
CA ALA C 55 -55.05 30.91 18.44
C ALA C 55 -54.94 30.63 19.93
N ALA C 56 -54.63 31.68 20.69
CA ALA C 56 -54.37 31.50 22.11
C ALA C 56 -54.79 32.74 22.88
N ALA C 57 -55.08 32.54 24.16
CA ALA C 57 -55.36 33.61 25.10
C ALA C 57 -54.56 33.37 26.37
N GLY C 58 -54.05 34.44 26.96
CA GLY C 58 -53.31 34.30 28.19
C GLY C 58 -51.96 34.99 28.19
N LYS C 59 -50.99 34.41 28.90
CA LYS C 59 -49.67 35.02 29.02
C LYS C 59 -48.91 34.85 27.69
N PHE C 60 -48.46 35.98 27.14
CA PHE C 60 -47.91 35.96 25.78
C PHE C 60 -46.75 35.00 25.65
N ASN C 61 -45.72 35.16 26.48
CA ASN C 61 -44.51 34.38 26.32
C ASN C 61 -44.78 32.88 26.46
N GLU C 62 -45.85 32.52 27.18
CA GLU C 62 -46.12 31.10 27.38
C GLU C 62 -46.82 30.49 26.17
N PHE C 63 -47.86 31.15 25.65
CA PHE C 63 -48.49 30.59 24.45
C PHE C 63 -47.66 30.85 23.21
N ASP C 64 -46.70 31.78 23.26
CA ASP C 64 -45.75 31.89 22.16
C ASP C 64 -44.77 30.73 22.17
N ASN C 65 -44.33 30.30 23.35
CA ASN C 65 -43.51 29.09 23.44
C ASN C 65 -44.27 27.89 22.85
N LEU C 66 -45.56 27.77 23.18
CA LEU C 66 -46.35 26.66 22.66
C LEU C 66 -46.59 26.79 21.17
N ARG C 67 -46.83 28.02 20.70
CA ARG C 67 -47.00 28.24 19.26
C ARG C 67 -45.75 27.81 18.50
N ARG C 68 -44.57 28.17 19.01
CA ARG C 68 -43.34 27.76 18.35
C ARG C 68 -43.14 26.25 18.42
N GLY C 69 -43.45 25.65 19.56
CA GLY C 69 -43.33 24.20 19.70
C GLY C 69 -44.26 23.44 18.78
N GLY C 70 -45.45 24.01 18.51
CA GLY C 70 -46.36 23.37 17.57
C GLY C 70 -45.85 23.46 16.15
N ILE C 71 -45.27 24.61 15.78
CA ILE C 71 -44.66 24.75 14.46
C ILE C 71 -43.54 23.74 14.29
N GLN C 72 -42.70 23.58 15.31
CA GLN C 72 -41.59 22.63 15.21
C GLN C 72 -42.10 21.20 15.08
N PHE C 73 -43.11 20.82 15.88
CA PHE C 73 -43.65 19.47 15.77
C PHE C 73 -44.24 19.22 14.39
N ALA C 74 -44.99 20.18 13.85
CA ALA C 74 -45.66 19.98 12.58
C ALA C 74 -44.67 19.91 11.43
N ASP C 75 -43.71 20.84 11.38
CA ASP C 75 -42.71 20.83 10.32
C ASP C 75 -41.89 19.55 10.37
N THR C 76 -41.48 19.14 11.57
CA THR C 76 -40.72 17.89 11.71
C THR C 76 -41.56 16.70 11.26
N ARG C 77 -42.82 16.62 11.72
CA ARG C 77 -43.67 15.49 11.34
C ARG C 77 -43.91 15.45 9.83
N GLY C 78 -44.15 16.62 9.24
CA GLY C 78 -44.40 16.65 7.80
C GLY C 78 -43.17 16.38 6.96
N TYR C 79 -41.98 16.65 7.50
CA TYR C 79 -40.76 16.33 6.78
C TYR C 79 -40.41 14.86 6.92
N ALA C 80 -40.59 14.29 8.12
CA ALA C 80 -40.30 12.87 8.32
C ALA C 80 -41.24 11.99 7.49
N TYR C 81 -42.45 12.46 7.21
CA TYR C 81 -43.45 11.68 6.50
C TYR C 81 -43.85 12.43 5.26
N ASP C 82 -45.00 13.10 5.26
CA ASP C 82 -45.39 13.99 4.18
C ASP C 82 -46.28 15.08 4.77
N ARG C 83 -46.48 16.14 3.98
CA ARG C 83 -47.25 17.28 4.47
C ARG C 83 -48.67 16.88 4.85
N ARG C 84 -49.32 16.06 4.03
CA ARG C 84 -50.72 15.71 4.28
C ARG C 84 -50.91 14.85 5.52
N ASP C 85 -49.85 14.19 6.00
CA ASP C 85 -49.93 13.43 7.24
C ASP C 85 -50.01 14.32 8.47
N VAL C 86 -49.97 15.64 8.32
CA VAL C 86 -50.06 16.58 9.43
C VAL C 86 -51.52 17.00 9.57
N THR C 87 -52.11 16.76 10.75
CA THR C 87 -53.52 17.03 10.98
C THR C 87 -53.70 17.90 12.21
N GLY C 88 -54.82 18.62 12.24
CA GLY C 88 -55.12 19.44 13.41
C GLY C 88 -55.34 18.61 14.65
N ARG C 89 -55.96 17.44 14.50
CA ARG C 89 -56.12 16.54 15.64
C ARG C 89 -54.78 16.11 16.20
N GLN C 90 -53.80 15.88 15.31
CA GLN C 90 -52.45 15.55 15.75
C GLN C 90 -51.87 16.66 16.63
N LEU C 91 -52.03 17.91 16.19
CA LEU C 91 -51.49 19.03 16.95
C LEU C 91 -52.28 19.28 18.23
N ALA C 92 -53.60 19.11 18.17
CA ALA C 92 -54.40 19.23 19.39
C ALA C 92 -53.97 18.21 20.43
N ASN C 93 -53.67 16.98 19.98
CA ASN C 93 -53.29 15.93 20.92
C ASN C 93 -51.92 16.19 21.52
N VAL C 94 -50.95 16.63 20.71
CA VAL C 94 -49.62 16.89 21.26
C VAL C 94 -49.66 18.10 22.19
N TYR C 95 -50.50 19.10 21.88
CA TYR C 95 -50.65 20.23 22.79
C TYR C 95 -51.24 19.79 24.12
N ALA C 96 -52.25 18.92 24.09
CA ALA C 96 -52.85 18.43 25.33
C ALA C 96 -51.82 17.68 26.17
N GLN C 97 -51.01 16.83 25.54
CA GLN C 97 -49.96 16.12 26.25
C GLN C 97 -48.95 17.09 26.85
N THR C 98 -48.56 18.11 26.08
CA THR C 98 -47.56 19.07 26.57
C THR C 98 -48.10 19.87 27.74
N LEU C 99 -49.31 20.42 27.60
CA LEU C 99 -49.88 21.24 28.67
C LEU C 99 -50.17 20.42 29.92
N GLY C 100 -50.54 19.14 29.75
CA GLY C 100 -50.66 18.27 30.90
C GLY C 100 -49.35 18.11 31.63
N THR C 101 -48.26 17.93 30.88
CA THR C 101 -46.93 17.83 31.50
C THR C 101 -46.57 19.12 32.20
N ILE C 102 -46.83 20.27 31.56
CA ILE C 102 -46.50 21.55 32.17
C ILE C 102 -47.29 21.77 33.45
N PHE C 103 -48.60 21.49 33.40
CA PHE C 103 -49.46 21.76 34.53
C PHE C 103 -49.07 20.95 35.77
N THR C 104 -48.55 19.73 35.56
CA THR C 104 -48.25 18.83 36.67
C THR C 104 -46.77 18.82 37.06
N GLU C 105 -45.91 19.45 36.29
CA GLU C 105 -44.50 19.21 36.54
C GLU C 105 -43.68 20.49 36.66
N GLN C 106 -43.98 21.51 35.88
CA GLN C 106 -43.15 22.70 35.86
C GLN C 106 -43.50 23.63 37.01
N ALA C 107 -42.60 24.59 37.26
CA ALA C 107 -42.68 25.39 38.49
C ALA C 107 -43.97 26.21 38.55
N LYS C 108 -44.40 26.77 37.44
CA LYS C 108 -45.66 27.50 37.37
C LYS C 108 -46.45 26.98 36.17
N PRO C 109 -47.73 26.66 36.35
CA PRO C 109 -48.54 26.23 35.21
C PRO C 109 -48.72 27.36 34.22
N TYR C 110 -48.83 26.99 32.94
CA TYR C 110 -49.03 27.99 31.90
C TYR C 110 -50.43 28.58 32.00
N GLU C 111 -50.51 29.91 32.01
CA GLU C 111 -51.79 30.61 32.04
C GLU C 111 -52.26 30.84 30.60
N VAL C 112 -52.60 29.73 29.93
CA VAL C 112 -52.91 29.75 28.51
C VAL C 112 -54.15 28.92 28.22
N GLU C 113 -54.80 29.25 27.11
CA GLU C 113 -55.88 28.47 26.52
C GLU C 113 -55.71 28.50 25.02
N LEU C 114 -55.66 27.32 24.40
CA LEU C 114 -55.30 27.20 22.99
C LEU C 114 -56.47 26.70 22.16
N CYS C 115 -56.53 27.16 20.91
CA CYS C 115 -57.45 26.61 19.92
C CYS C 115 -56.67 26.21 18.68
N VAL C 116 -56.78 24.95 18.29
CA VAL C 116 -56.22 24.44 17.05
C VAL C 116 -57.38 24.20 16.09
N ALA C 117 -57.32 24.82 14.92
CA ALA C 117 -58.35 24.69 13.90
C ALA C 117 -57.75 24.10 12.63
N GLU C 118 -58.56 23.33 11.91
CA GLU C 118 -58.15 22.78 10.63
C GLU C 118 -59.28 22.93 9.63
N VAL C 119 -58.92 23.27 8.39
CA VAL C 119 -59.89 23.38 7.31
C VAL C 119 -59.58 22.30 6.27
N ALA C 120 -60.46 22.19 5.29
CA ALA C 120 -60.29 21.20 4.25
C ALA C 120 -59.11 21.55 3.35
N HIS C 121 -58.53 20.53 2.73
CA HIS C 121 -57.58 20.79 1.67
C HIS C 121 -58.33 21.34 0.45
N TYR C 122 -57.59 22.03 -0.41
CA TYR C 122 -58.19 22.71 -1.56
C TYR C 122 -58.98 21.73 -2.41
N GLY C 123 -60.27 22.03 -2.62
CA GLY C 123 -61.13 21.19 -3.42
C GLY C 123 -61.70 19.99 -2.71
N GLU C 124 -61.63 19.93 -1.38
CA GLU C 124 -62.15 18.81 -0.62
C GLU C 124 -63.40 19.22 0.16
N THR C 125 -64.31 18.27 0.32
CA THR C 125 -65.50 18.45 1.12
C THR C 125 -65.21 17.91 2.52
N LYS C 126 -65.03 18.81 3.47
CA LYS C 126 -64.56 18.44 4.81
C LYS C 126 -65.00 19.53 5.78
N ARG C 127 -65.71 19.15 6.82
CA ARG C 127 -66.20 20.13 7.79
C ARG C 127 -65.05 20.63 8.64
N PRO C 128 -64.92 21.94 8.85
CA PRO C 128 -63.81 22.44 9.67
C PRO C 128 -63.88 21.89 11.08
N GLU C 129 -62.71 21.61 11.65
CA GLU C 129 -62.59 21.09 13.00
C GLU C 129 -61.99 22.17 13.90
N LEU C 130 -62.50 22.26 15.12
CA LEU C 130 -62.01 23.18 16.12
C LEU C 130 -61.70 22.38 17.38
N TYR C 131 -60.50 22.58 17.92
CA TYR C 131 -60.08 21.90 19.14
C TYR C 131 -59.71 22.95 20.18
N ARG C 132 -60.15 22.74 21.41
CA ARG C 132 -59.83 23.62 22.53
C ARG C 132 -59.02 22.85 23.54
N ILE C 133 -57.85 23.38 23.89
CA ILE C 133 -56.95 22.78 24.87
C ILE C 133 -56.80 23.78 26.01
N THR C 134 -56.96 23.31 27.24
CA THR C 134 -56.92 24.18 28.40
C THR C 134 -55.68 23.88 29.24
N TYR C 135 -55.50 24.68 30.29
CA TYR C 135 -54.22 24.76 31.00
C TYR C 135 -53.78 23.44 31.62
N ASP C 136 -54.71 22.53 31.92
CA ASP C 136 -54.34 21.27 32.55
C ASP C 136 -54.26 20.12 31.56
N GLY C 137 -54.41 20.39 30.27
CA GLY C 137 -54.30 19.36 29.26
C GLY C 137 -55.62 18.79 28.78
N SER C 138 -56.75 19.27 29.28
CA SER C 138 -58.04 18.78 28.81
C SER C 138 -58.30 19.30 27.40
N ILE C 139 -58.87 18.44 26.56
CA ILE C 139 -59.09 18.75 25.16
C ILE C 139 -60.56 18.52 24.83
N ALA C 140 -61.16 19.47 24.11
CA ALA C 140 -62.56 19.40 23.73
C ALA C 140 -62.70 19.65 22.23
N ASP C 141 -63.46 18.78 21.57
CA ASP C 141 -63.69 18.90 20.12
C ASP C 141 -64.96 19.73 19.92
N GLU C 142 -64.80 20.93 19.35
CA GLU C 142 -65.93 21.82 19.11
C GLU C 142 -66.26 21.90 17.62
N PRO C 143 -67.54 21.94 17.26
CA PRO C 143 -67.89 21.89 15.84
C PRO C 143 -68.23 23.25 15.24
N HIS C 144 -68.54 24.23 16.08
CA HIS C 144 -69.07 25.50 15.63
C HIS C 144 -68.18 26.69 15.99
N PHE C 145 -67.83 26.85 17.26
CA PHE C 145 -67.01 27.97 17.66
C PHE C 145 -66.24 27.61 18.92
N VAL C 146 -65.23 28.43 19.22
CA VAL C 146 -64.40 28.26 20.41
C VAL C 146 -64.17 29.65 21.01
N VAL C 147 -64.35 29.77 22.32
CA VAL C 147 -64.12 31.01 23.04
C VAL C 147 -63.05 30.77 24.10
N MET C 148 -62.13 31.73 24.22
CA MET C 148 -61.00 31.60 25.12
C MET C 148 -60.68 32.94 25.76
N GLY C 149 -60.27 32.90 27.03
CA GLY C 149 -59.78 34.08 27.71
C GLY C 149 -60.84 35.05 28.20
N GLY C 150 -60.56 35.75 29.29
CA GLY C 150 -61.49 36.74 29.79
C GLY C 150 -62.69 36.10 30.47
N THR C 151 -63.87 36.66 30.21
CA THR C 151 -65.13 36.15 30.72
C THR C 151 -65.87 35.53 29.54
N THR C 152 -65.82 34.20 29.44
CA THR C 152 -66.31 33.51 28.27
C THR C 152 -67.81 33.19 28.33
N GLU C 153 -68.41 33.19 29.52
CA GLU C 153 -69.85 32.96 29.64
C GLU C 153 -70.68 33.85 28.74
N PRO C 154 -70.53 35.19 28.76
CA PRO C 154 -71.41 36.01 27.90
C PRO C 154 -71.10 35.88 26.43
N ILE C 155 -69.83 35.78 26.04
CA ILE C 155 -69.48 35.70 24.63
C ILE C 155 -70.00 34.40 24.04
N ALA C 156 -69.79 33.28 24.74
CA ALA C 156 -70.27 31.99 24.24
C ALA C 156 -71.80 31.95 24.20
N ASN C 157 -72.46 32.59 25.18
CA ASN C 157 -73.91 32.65 25.15
C ASN C 157 -74.41 33.46 23.96
N ALA C 158 -73.78 34.61 23.70
CA ALA C 158 -74.17 35.41 22.55
C ALA C 158 -74.05 34.61 21.26
N LEU C 159 -72.92 33.92 21.08
CA LEU C 159 -72.72 33.11 19.87
C LEU C 159 -73.69 31.95 19.78
N LYS C 160 -74.10 31.40 20.93
CA LYS C 160 -74.97 30.22 20.92
C LYS C 160 -76.28 30.49 20.19
N GLU C 161 -76.77 31.72 20.25
CA GLU C 161 -77.98 32.11 19.53
C GLU C 161 -77.69 33.16 18.46
N SER C 162 -76.42 33.43 18.16
CA SER C 162 -76.05 34.32 17.06
C SER C 162 -75.35 33.60 15.91
N TYR C 163 -74.89 32.37 16.13
CA TYR C 163 -74.12 31.64 15.14
C TYR C 163 -75.04 30.75 14.31
N ALA C 164 -74.99 30.93 12.98
CA ALA C 164 -75.64 30.02 12.04
C ALA C 164 -74.55 29.43 11.16
N GLU C 165 -74.60 28.12 10.95
CA GLU C 165 -73.54 27.44 10.20
C GLU C 165 -73.49 27.94 8.76
N ASN C 166 -72.27 27.99 8.23
CA ASN C 166 -72.01 28.39 6.83
C ASN C 166 -72.45 29.83 6.56
N ALA C 167 -72.23 30.70 7.54
CA ALA C 167 -72.49 32.12 7.33
C ALA C 167 -71.44 32.71 6.38
N SER C 168 -71.70 33.94 5.94
CA SER C 168 -70.74 34.63 5.09
C SER C 168 -69.51 35.04 5.92
N LEU C 169 -68.49 35.55 5.21
CA LEU C 169 -67.32 36.07 5.90
C LEU C 169 -67.66 37.34 6.68
N THR C 170 -68.33 38.29 6.01
CA THR C 170 -68.72 39.52 6.68
C THR C 170 -69.72 39.25 7.80
N ASP C 171 -70.67 38.35 7.56
CA ASP C 171 -71.64 38.00 8.59
C ASP C 171 -70.95 37.39 9.80
N ALA C 172 -70.07 36.40 9.57
CA ALA C 172 -69.38 35.75 10.67
C ALA C 172 -68.48 36.72 11.42
N LEU C 173 -67.88 37.68 10.69
CA LEU C 173 -67.03 38.67 11.33
C LEU C 173 -67.85 39.56 12.28
N ARG C 174 -68.97 40.09 11.79
CA ARG C 174 -69.80 40.95 12.63
C ARG C 174 -70.39 40.18 13.80
N ILE C 175 -70.75 38.91 13.57
CA ILE C 175 -71.27 38.08 14.66
C ILE C 175 -70.19 37.89 15.73
N ALA C 176 -68.95 37.65 15.31
CA ALA C 176 -67.88 37.43 16.26
C ALA C 176 -67.55 38.69 17.05
N VAL C 177 -67.47 39.84 16.38
CA VAL C 177 -67.11 41.06 17.09
C VAL C 177 -68.22 41.48 18.04
N ALA C 178 -69.48 41.25 17.68
CA ALA C 178 -70.58 41.56 18.59
C ALA C 178 -70.51 40.69 19.84
N ALA C 179 -70.26 39.38 19.66
CA ALA C 179 -70.11 38.50 20.81
C ALA C 179 -68.93 38.93 21.67
N LEU C 180 -67.86 39.42 21.05
CA LEU C 180 -66.75 39.98 21.82
C LEU C 180 -67.19 41.17 22.65
N ARG C 181 -68.00 42.07 22.06
CA ARG C 181 -68.49 43.23 22.80
C ARG C 181 -69.29 42.81 24.03
N ALA C 182 -69.96 41.66 23.97
CA ALA C 182 -70.74 41.17 25.09
C ALA C 182 -69.89 40.82 26.31
N GLY C 183 -68.56 40.88 26.18
CA GLY C 183 -67.68 40.58 27.30
C GLY C 183 -67.21 41.81 28.04
N LEU C 195 -63.53 46.17 19.18
CA LEU C 195 -63.89 47.50 18.70
C LEU C 195 -63.77 47.59 17.18
N GLY C 196 -62.55 47.86 16.70
CA GLY C 196 -62.32 47.96 15.27
C GLY C 196 -60.90 47.64 14.86
N VAL C 197 -60.44 48.24 13.76
CA VAL C 197 -59.09 47.97 13.26
C VAL C 197 -58.04 48.35 14.30
N ALA C 198 -58.33 49.34 15.13
CA ALA C 198 -57.34 49.84 16.08
C ALA C 198 -57.04 48.86 17.21
N SER C 199 -57.87 47.81 17.39
CA SER C 199 -57.73 46.98 18.58
C SER C 199 -58.13 45.53 18.33
N LEU C 200 -57.94 45.01 17.12
CA LEU C 200 -58.35 43.64 16.83
C LEU C 200 -57.30 42.95 15.97
N GLU C 201 -57.15 41.65 16.21
CA GLU C 201 -56.36 40.76 15.37
C GLU C 201 -57.32 39.77 14.72
N VAL C 202 -57.36 39.77 13.39
CA VAL C 202 -58.29 38.93 12.65
C VAL C 202 -57.52 38.20 11.55
N ALA C 203 -57.73 36.89 11.46
CA ALA C 203 -57.14 36.05 10.43
C ALA C 203 -58.13 34.97 10.04
N VAL C 204 -57.83 34.27 8.96
CA VAL C 204 -58.75 33.26 8.43
C VAL C 204 -57.94 32.08 7.89
N LEU C 205 -58.41 30.87 8.21
CA LEU C 205 -57.97 29.66 7.52
C LEU C 205 -58.87 29.50 6.30
N ASP C 206 -58.40 29.96 5.15
CA ASP C 206 -59.20 30.05 3.94
C ASP C 206 -59.08 28.73 3.18
N ALA C 207 -60.16 27.96 3.15
CA ALA C 207 -60.16 26.68 2.45
C ALA C 207 -59.98 26.84 0.94
N ASN C 208 -60.28 28.02 0.39
CA ASN C 208 -60.13 28.25 -1.04
C ASN C 208 -58.68 28.50 -1.45
N ARG C 209 -57.75 28.46 -0.51
CA ARG C 209 -56.34 28.62 -0.80
C ARG C 209 -55.73 27.29 -1.25
N PRO C 210 -54.79 27.31 -2.19
CA PRO C 210 -54.25 26.04 -2.72
C PRO C 210 -53.46 25.24 -1.68
N ARG C 211 -52.59 25.90 -0.91
CA ARG C 211 -51.79 25.16 0.06
C ARG C 211 -51.85 25.79 1.45
N ARG C 212 -51.31 27.00 1.59
CA ARG C 212 -51.27 27.68 2.88
C ARG C 212 -52.57 28.46 3.04
N ALA C 213 -53.44 27.98 3.93
CA ALA C 213 -54.76 28.58 4.10
C ALA C 213 -54.75 29.80 5.01
N PHE C 214 -53.75 29.93 5.87
CA PHE C 214 -53.72 31.03 6.82
C PHE C 214 -53.44 32.34 6.11
N ARG C 215 -54.27 33.35 6.37
CA ARG C 215 -54.00 34.71 5.92
C ARG C 215 -54.68 35.68 6.87
N ARG C 216 -53.93 36.69 7.31
CA ARG C 216 -54.46 37.69 8.21
C ARG C 216 -55.09 38.83 7.42
N ILE C 217 -56.11 39.44 8.03
CA ILE C 217 -56.82 40.56 7.43
C ILE C 217 -56.38 41.82 8.15
N THR C 218 -55.72 42.71 7.42
CA THR C 218 -55.07 43.88 7.99
C THR C 218 -55.96 45.12 7.85
N GLY C 219 -55.41 46.27 8.22
CA GLY C 219 -56.12 47.53 8.36
C GLY C 219 -57.24 47.85 7.38
N SER C 220 -56.90 48.11 6.12
CA SER C 220 -57.88 48.58 5.14
C SER C 220 -58.92 47.50 4.85
N ALA C 221 -58.47 46.31 4.44
CA ALA C 221 -59.40 45.24 4.12
C ALA C 221 -60.27 44.86 5.31
N LEU C 222 -59.72 44.95 6.53
CA LEU C 222 -60.53 44.72 7.72
C LEU C 222 -61.59 45.81 7.86
N GLN C 223 -61.22 47.07 7.62
CA GLN C 223 -62.19 48.16 7.67
C GLN C 223 -63.33 47.94 6.68
N ALA C 224 -62.99 47.53 5.45
CA ALA C 224 -64.02 47.34 4.43
C ALA C 224 -64.96 46.20 4.82
N LEU C 225 -64.42 45.11 5.36
CA LEU C 225 -65.26 44.01 5.84
C LEU C 225 -65.93 44.31 7.17
N LEU C 226 -65.51 45.37 7.86
CA LEU C 226 -66.10 45.71 9.16
C LEU C 226 -67.38 46.53 9.01
N VAL C 227 -67.33 47.59 8.20
CA VAL C 227 -68.42 48.57 8.17
C VAL C 227 -69.71 47.93 7.69
N ASP C 228 -69.69 47.34 6.50
CA ASP C 228 -70.90 46.77 5.92
C ASP C 228 -70.68 45.36 5.41
N MET D 1 -46.37 7.44 56.15
CA MET D 1 -46.50 7.97 54.80
C MET D 1 -47.79 7.48 54.14
N GLU D 2 -48.65 6.84 54.93
CA GLU D 2 -49.95 6.42 54.42
C GLU D 2 -50.84 7.60 54.06
N GLN D 3 -50.58 8.78 54.64
CA GLN D 3 -51.39 9.96 54.35
C GLN D 3 -51.20 10.43 52.92
N ALA D 4 -49.94 10.48 52.46
CA ALA D 4 -49.67 10.94 51.09
C ALA D 4 -50.22 9.95 50.07
N MET D 5 -50.04 8.65 50.31
CA MET D 5 -50.56 7.65 49.38
C MET D 5 -52.07 7.63 49.36
N ARG D 6 -52.70 7.90 50.51
CA ARG D 6 -54.15 8.02 50.55
C ARG D 6 -54.62 9.24 49.79
N GLU D 7 -53.86 10.35 49.87
CA GLU D 7 -54.24 11.56 49.16
C GLU D 7 -54.11 11.39 47.65
N ARG D 8 -53.05 10.72 47.20
CA ARG D 8 -52.90 10.42 45.77
C ARG D 8 -54.03 9.52 45.28
N SER D 9 -54.37 8.50 46.07
CA SER D 9 -55.48 7.63 45.72
C SER D 9 -56.79 8.41 45.62
N GLU D 10 -56.99 9.38 46.52
CA GLU D 10 -58.22 10.16 46.50
C GLU D 10 -58.31 11.03 45.25
N LEU D 11 -57.21 11.70 44.88
CA LEU D 11 -57.23 12.51 43.67
C LEU D 11 -57.48 11.66 42.44
N ALA D 12 -56.88 10.46 42.39
CA ALA D 12 -57.11 9.56 41.26
C ALA D 12 -58.54 9.06 41.25
N ARG D 13 -59.06 8.64 42.40
CA ARG D 13 -60.41 8.09 42.46
C ARG D 13 -61.45 9.15 42.07
N LYS D 14 -61.27 10.38 42.53
CA LYS D 14 -62.25 11.43 42.24
C LYS D 14 -62.17 11.87 40.79
N GLY D 15 -60.95 11.98 40.25
CA GLY D 15 -60.82 12.31 38.83
C GLY D 15 -61.47 11.27 37.93
N ILE D 16 -61.33 9.99 38.29
CA ILE D 16 -61.95 8.93 37.49
C ILE D 16 -63.47 8.94 37.67
N ALA D 17 -63.94 9.19 38.88
CA ALA D 17 -65.37 9.19 39.14
C ALA D 17 -66.09 10.30 38.36
N ARG D 18 -65.38 11.36 37.99
CA ARG D 18 -65.97 12.45 37.22
C ARG D 18 -66.09 12.14 35.73
N ALA D 19 -65.35 11.17 35.23
CA ALA D 19 -65.25 10.93 33.80
C ALA D 19 -66.35 9.99 33.30
N LYS D 20 -66.58 10.04 31.98
CA LYS D 20 -67.57 9.18 31.34
C LYS D 20 -67.21 7.71 31.53
N SER D 21 -68.19 6.85 31.30
CA SER D 21 -68.05 5.42 31.57
C SER D 21 -67.92 4.63 30.27
N VAL D 22 -67.26 3.48 30.38
CA VAL D 22 -67.02 2.59 29.26
C VAL D 22 -67.17 1.15 29.73
N VAL D 23 -67.75 0.31 28.88
CA VAL D 23 -67.93 -1.11 29.20
C VAL D 23 -67.25 -1.94 28.11
N ALA D 24 -66.78 -3.11 28.52
CA ALA D 24 -66.15 -4.08 27.62
C ALA D 24 -66.56 -5.47 28.06
N LEU D 25 -67.23 -6.21 27.18
CA LEU D 25 -67.76 -7.51 27.54
C LEU D 25 -67.55 -8.51 26.42
N ALA D 26 -67.25 -9.75 26.81
CA ALA D 26 -67.12 -10.82 25.85
C ALA D 26 -68.49 -11.23 25.30
N TYR D 27 -68.50 -11.74 24.08
CA TYR D 27 -69.71 -12.26 23.46
C TYR D 27 -69.31 -13.33 22.45
N ALA D 28 -70.30 -13.90 21.77
CA ALA D 28 -70.06 -15.05 20.91
C ALA D 28 -69.06 -14.74 19.81
N GLY D 29 -68.99 -13.48 19.38
CA GLY D 29 -68.11 -13.08 18.29
C GLY D 29 -66.79 -12.46 18.69
N GLY D 30 -66.50 -12.36 19.98
CA GLY D 30 -65.26 -11.76 20.43
C GLY D 30 -65.43 -10.87 21.66
N VAL D 31 -64.95 -9.64 21.59
CA VAL D 31 -65.10 -8.66 22.67
C VAL D 31 -65.71 -7.39 22.08
N LEU D 32 -66.57 -6.74 22.85
CA LEU D 32 -67.25 -5.52 22.42
C LEU D 32 -66.91 -4.39 23.37
N PHE D 33 -66.45 -3.26 22.82
CA PHE D 33 -66.19 -2.05 23.58
C PHE D 33 -67.28 -1.04 23.27
N VAL D 34 -67.92 -0.51 24.31
CA VAL D 34 -68.91 0.56 24.17
C VAL D 34 -68.56 1.64 25.18
N ALA D 35 -68.30 2.84 24.69
CA ALA D 35 -67.88 3.96 25.54
C ALA D 35 -68.77 5.16 25.28
N GLU D 36 -69.27 5.75 26.36
CA GLU D 36 -69.97 7.02 26.24
C GLU D 36 -68.98 8.09 25.80
N ASN D 37 -69.20 8.64 24.60
CA ASN D 37 -68.22 9.53 24.01
C ASN D 37 -68.88 10.45 22.99
N PRO D 38 -68.98 11.75 23.26
CA PRO D 38 -69.64 12.66 22.31
C PRO D 38 -68.71 13.16 21.21
N SER D 39 -67.41 13.11 21.45
CA SER D 39 -66.45 13.59 20.46
C SER D 39 -66.45 12.69 19.23
N ARG D 40 -66.11 13.28 18.09
CA ARG D 40 -66.04 12.53 16.84
C ARG D 40 -64.61 12.15 16.45
N SER D 41 -63.61 12.79 17.04
CA SER D 41 -62.22 12.58 16.67
C SER D 41 -61.39 11.94 17.77
N LEU D 42 -61.68 12.24 19.03
CA LEU D 42 -60.90 11.75 20.16
C LEU D 42 -61.43 10.39 20.60
N GLN D 43 -60.52 9.48 20.94
CA GLN D 43 -60.86 8.08 21.09
C GLN D 43 -60.40 7.53 22.44
N LYS D 44 -61.27 6.74 23.07
CA LYS D 44 -60.94 6.00 24.28
C LYS D 44 -60.79 4.51 24.04
N ILE D 45 -61.24 4.01 22.88
CA ILE D 45 -61.10 2.62 22.50
C ILE D 45 -60.11 2.53 21.36
N SER D 46 -59.16 1.62 21.46
CA SER D 46 -58.07 1.59 20.50
C SER D 46 -57.53 0.18 20.30
N GLU D 47 -56.99 -0.06 19.13
CA GLU D 47 -56.24 -1.27 18.86
C GLU D 47 -54.86 -1.17 19.48
N LEU D 48 -54.37 -2.29 20.02
CA LEU D 48 -53.00 -2.42 20.50
C LEU D 48 -52.18 -3.36 19.64
N TYR D 49 -52.71 -4.53 19.31
CA TYR D 49 -52.02 -5.50 18.48
C TYR D 49 -53.07 -6.32 17.73
N ASP D 50 -52.61 -7.39 17.07
CA ASP D 50 -53.49 -8.17 16.20
C ASP D 50 -54.76 -8.58 16.92
N ARG D 51 -54.61 -9.25 18.07
CA ARG D 51 -55.75 -9.78 18.82
C ARG D 51 -55.91 -9.13 20.18
N VAL D 52 -55.37 -7.92 20.37
CA VAL D 52 -55.35 -7.26 21.67
C VAL D 52 -55.90 -5.85 21.51
N GLY D 53 -56.94 -5.52 22.28
CA GLY D 53 -57.57 -4.22 22.25
C GLY D 53 -57.39 -3.48 23.57
N PHE D 54 -57.77 -2.20 23.54
CA PHE D 54 -57.50 -1.26 24.63
C PHE D 54 -58.70 -0.35 24.80
N ALA D 55 -59.09 -0.14 26.06
CA ALA D 55 -60.16 0.79 26.42
C ALA D 55 -59.76 1.50 27.71
N ALA D 56 -60.17 2.76 27.82
CA ALA D 56 -59.72 3.58 28.93
C ALA D 56 -60.79 4.58 29.33
N ALA D 57 -60.77 4.96 30.60
CA ALA D 57 -61.60 6.03 31.12
C ALA D 57 -60.75 6.95 31.98
N GLY D 58 -61.13 8.22 32.04
CA GLY D 58 -60.40 9.21 32.81
C GLY D 58 -59.93 10.36 31.95
N LYS D 59 -58.79 10.95 32.35
CA LYS D 59 -58.24 12.11 31.65
C LYS D 59 -57.58 11.67 30.35
N PHE D 60 -57.90 12.37 29.26
CA PHE D 60 -57.59 11.87 27.92
C PHE D 60 -56.09 11.79 27.67
N ASN D 61 -55.35 12.87 27.94
CA ASN D 61 -53.94 12.90 27.59
C ASN D 61 -53.15 11.84 28.36
N GLU D 62 -53.64 11.43 29.53
CA GLU D 62 -52.91 10.46 30.34
C GLU D 62 -53.13 9.03 29.83
N PHE D 63 -54.38 8.65 29.53
CA PHE D 63 -54.56 7.32 28.99
C PHE D 63 -54.19 7.24 27.51
N ASP D 64 -54.11 8.38 26.82
CA ASP D 64 -53.56 8.35 25.47
C ASP D 64 -52.06 8.12 25.51
N ASN D 65 -51.35 8.74 26.46
CA ASN D 65 -49.95 8.41 26.70
C ASN D 65 -49.76 6.92 26.92
N LEU D 66 -50.55 6.33 27.83
CA LEU D 66 -50.43 4.91 28.11
C LEU D 66 -50.79 4.08 26.89
N ARG D 67 -51.79 4.53 26.12
CA ARG D 67 -52.16 3.84 24.89
C ARG D 67 -50.97 3.78 23.93
N ARG D 68 -50.31 4.92 23.71
CA ARG D 68 -49.15 4.95 22.83
C ARG D 68 -48.00 4.13 23.42
N GLY D 69 -47.78 4.23 24.73
CA GLY D 69 -46.77 3.40 25.37
C GLY D 69 -47.03 1.91 25.21
N GLY D 70 -48.30 1.52 25.17
CA GLY D 70 -48.62 0.11 24.97
C GLY D 70 -48.41 -0.33 23.54
N ILE D 71 -48.79 0.51 22.58
CA ILE D 71 -48.54 0.20 21.18
C ILE D 71 -47.05 0.06 20.92
N GLN D 72 -46.25 0.97 21.50
CA GLN D 72 -44.80 0.86 21.37
C GLN D 72 -44.29 -0.46 21.92
N PHE D 73 -44.75 -0.83 23.12
CA PHE D 73 -44.29 -2.08 23.72
C PHE D 73 -44.69 -3.28 22.88
N ALA D 74 -45.89 -3.26 22.30
CA ALA D 74 -46.38 -4.40 21.54
C ALA D 74 -45.60 -4.58 20.24
N ASP D 75 -45.51 -3.52 19.45
CA ASP D 75 -44.80 -3.60 18.17
C ASP D 75 -43.35 -3.98 18.39
N THR D 76 -42.72 -3.47 19.46
CA THR D 76 -41.33 -3.79 19.74
C THR D 76 -41.18 -5.26 20.14
N ARG D 77 -42.07 -5.77 20.98
CA ARG D 77 -42.03 -7.18 21.33
C ARG D 77 -42.28 -8.07 20.13
N GLY D 78 -43.27 -7.70 19.31
CA GLY D 78 -43.58 -8.50 18.13
C GLY D 78 -42.48 -8.50 17.09
N TYR D 79 -41.68 -7.43 17.05
CA TYR D 79 -40.56 -7.39 16.11
C TYR D 79 -39.33 -8.09 16.69
N ALA D 80 -39.06 -7.88 17.99
CA ALA D 80 -37.90 -8.52 18.59
C ALA D 80 -38.03 -10.04 18.62
N TYR D 81 -39.25 -10.56 18.72
CA TYR D 81 -39.47 -11.99 18.72
C TYR D 81 -40.41 -12.29 17.56
N ASP D 82 -41.68 -12.59 17.82
CA ASP D 82 -42.64 -12.79 16.75
C ASP D 82 -43.98 -12.26 17.19
N ARG D 83 -44.84 -11.96 16.21
CA ARG D 83 -46.13 -11.34 16.51
C ARG D 83 -46.93 -12.16 17.52
N ARG D 84 -46.88 -13.48 17.43
CA ARG D 84 -47.69 -14.33 18.29
C ARG D 84 -47.12 -14.47 19.69
N ASP D 85 -45.99 -13.82 19.99
CA ASP D 85 -45.49 -13.76 21.35
C ASP D 85 -46.06 -12.58 22.13
N VAL D 86 -46.79 -11.69 21.46
CA VAL D 86 -47.47 -10.58 22.13
C VAL D 86 -48.82 -11.08 22.63
N THR D 87 -49.01 -11.05 23.95
CA THR D 87 -50.26 -11.46 24.58
C THR D 87 -50.91 -10.27 25.27
N GLY D 88 -52.21 -10.43 25.55
CA GLY D 88 -52.89 -9.47 26.41
C GLY D 88 -52.39 -9.53 27.84
N ARG D 89 -52.01 -10.72 28.30
CA ARG D 89 -51.42 -10.84 29.63
C ARG D 89 -50.14 -10.01 29.75
N GLN D 90 -49.32 -10.00 28.69
CA GLN D 90 -48.10 -9.20 28.70
C GLN D 90 -48.41 -7.71 28.81
N LEU D 91 -49.36 -7.25 27.99
CA LEU D 91 -49.67 -5.81 27.97
C LEU D 91 -50.32 -5.37 29.27
N ALA D 92 -51.20 -6.19 29.85
CA ALA D 92 -51.78 -5.86 31.14
C ALA D 92 -50.71 -5.85 32.23
N ASN D 93 -49.77 -6.78 32.15
CA ASN D 93 -48.70 -6.83 33.15
C ASN D 93 -47.84 -5.58 33.11
N VAL D 94 -47.50 -5.10 31.91
CA VAL D 94 -46.65 -3.91 31.84
C VAL D 94 -47.43 -2.66 32.19
N TYR D 95 -48.72 -2.61 31.87
CA TYR D 95 -49.55 -1.49 32.29
C TYR D 95 -49.63 -1.42 33.81
N ALA D 96 -49.69 -2.59 34.47
CA ALA D 96 -49.69 -2.62 35.93
C ALA D 96 -48.38 -2.09 36.49
N GLN D 97 -47.25 -2.55 35.93
CA GLN D 97 -45.95 -2.06 36.34
C GLN D 97 -45.81 -0.56 36.06
N THR D 98 -46.28 -0.12 34.89
CA THR D 98 -46.16 1.29 34.52
C THR D 98 -47.02 2.17 35.41
N LEU D 99 -48.28 1.77 35.64
CA LEU D 99 -49.17 2.58 36.46
C LEU D 99 -48.75 2.60 37.92
N GLY D 100 -48.18 1.50 38.42
CA GLY D 100 -47.67 1.51 39.77
C GLY D 100 -46.49 2.44 39.95
N THR D 101 -45.61 2.50 38.96
CA THR D 101 -44.51 3.45 38.99
C THR D 101 -45.01 4.88 38.91
N ILE D 102 -45.96 5.14 38.00
CA ILE D 102 -46.54 6.48 37.86
C ILE D 102 -47.20 6.89 39.17
N PHE D 103 -47.96 5.99 39.80
CA PHE D 103 -48.73 6.34 40.99
C PHE D 103 -47.84 6.74 42.15
N THR D 104 -46.71 6.05 42.32
CA THR D 104 -45.86 6.28 43.48
C THR D 104 -44.75 7.30 43.24
N GLU D 105 -44.44 7.63 41.99
CA GLU D 105 -43.27 8.44 41.68
C GLU D 105 -43.61 9.77 41.00
N GLN D 106 -44.56 9.79 40.08
CA GLN D 106 -44.84 11.01 39.34
C GLN D 106 -45.38 12.11 40.25
N ALA D 107 -45.32 13.35 39.76
CA ALA D 107 -45.79 14.47 40.54
C ALA D 107 -47.29 14.36 40.82
N LYS D 108 -48.07 13.99 39.81
CA LYS D 108 -49.50 13.78 39.97
C LYS D 108 -49.83 12.38 39.46
N PRO D 109 -50.58 11.58 40.22
CA PRO D 109 -50.93 10.24 39.75
C PRO D 109 -51.85 10.31 38.54
N TYR D 110 -51.79 9.27 37.72
CA TYR D 110 -52.60 9.21 36.52
C TYR D 110 -54.05 8.89 36.86
N GLU D 111 -54.96 9.74 36.41
CA GLU D 111 -56.39 9.57 36.68
C GLU D 111 -57.02 8.76 35.55
N VAL D 112 -56.69 7.47 35.51
CA VAL D 112 -57.05 6.60 34.41
C VAL D 112 -57.48 5.24 34.93
N GLU D 113 -58.28 4.55 34.11
CA GLU D 113 -58.64 3.16 34.33
C GLU D 113 -58.54 2.44 33.00
N LEU D 114 -57.75 1.37 32.95
CA LEU D 114 -57.39 0.70 31.70
C LEU D 114 -58.00 -0.69 31.61
N CYS D 115 -58.45 -1.05 30.42
CA CYS D 115 -58.92 -2.40 30.12
C CYS D 115 -58.16 -2.93 28.91
N VAL D 116 -57.49 -4.07 29.09
CA VAL D 116 -56.80 -4.78 28.02
C VAL D 116 -57.58 -6.05 27.71
N ALA D 117 -58.08 -6.14 26.48
CA ALA D 117 -58.88 -7.29 26.05
C ALA D 117 -58.14 -8.06 24.96
N GLU D 118 -58.24 -9.39 25.01
CA GLU D 118 -57.62 -10.26 24.01
C GLU D 118 -58.61 -11.33 23.59
N VAL D 119 -58.69 -11.57 22.29
CA VAL D 119 -59.48 -12.66 21.73
C VAL D 119 -58.53 -13.71 21.16
N ALA D 120 -59.10 -14.84 20.76
CA ALA D 120 -58.31 -15.93 20.23
C ALA D 120 -57.81 -15.58 18.83
N HIS D 121 -56.72 -16.25 18.43
CA HIS D 121 -56.27 -16.15 17.06
C HIS D 121 -57.28 -16.82 16.13
N TYR D 122 -57.25 -16.41 14.85
CA TYR D 122 -58.24 -16.89 13.89
C TYR D 122 -58.27 -18.42 13.83
N GLY D 123 -59.47 -18.97 13.86
CA GLY D 123 -59.64 -20.41 13.80
C GLY D 123 -59.09 -21.16 14.99
N GLU D 124 -59.19 -20.58 16.19
CA GLU D 124 -58.73 -21.24 17.40
C GLU D 124 -59.77 -21.06 18.49
N THR D 125 -59.79 -22.02 19.41
CA THR D 125 -60.75 -22.03 20.52
C THR D 125 -60.05 -21.51 21.76
N LYS D 126 -60.50 -20.35 22.25
CA LYS D 126 -59.92 -19.72 23.42
C LYS D 126 -60.89 -18.66 23.92
N ARG D 127 -61.19 -18.72 25.21
CA ARG D 127 -62.10 -17.73 25.79
C ARG D 127 -61.43 -16.36 25.80
N PRO D 128 -62.19 -15.30 25.51
CA PRO D 128 -61.61 -13.94 25.61
C PRO D 128 -61.13 -13.66 27.01
N GLU D 129 -60.05 -12.89 27.11
CA GLU D 129 -59.50 -12.44 28.37
C GLU D 129 -59.78 -10.96 28.53
N LEU D 130 -60.24 -10.56 29.71
CA LEU D 130 -60.43 -9.17 30.05
C LEU D 130 -59.59 -8.85 31.29
N TYR D 131 -58.76 -7.82 31.19
CA TYR D 131 -57.97 -7.33 32.30
C TYR D 131 -58.36 -5.89 32.60
N ARG D 132 -58.42 -5.55 33.87
CA ARG D 132 -58.63 -4.18 34.30
C ARG D 132 -57.43 -3.76 35.14
N ILE D 133 -56.89 -2.58 34.86
CA ILE D 133 -55.74 -2.04 35.56
C ILE D 133 -56.13 -0.68 36.11
N THR D 134 -56.05 -0.53 37.42
CA THR D 134 -56.49 0.68 38.10
C THR D 134 -55.31 1.65 38.27
N TYR D 135 -55.65 2.88 38.69
CA TYR D 135 -54.69 3.98 38.71
C TYR D 135 -53.43 3.68 39.49
N ASP D 136 -53.48 2.71 40.42
CA ASP D 136 -52.35 2.43 41.30
C ASP D 136 -51.53 1.23 40.87
N GLY D 137 -51.86 0.61 39.73
CA GLY D 137 -51.15 -0.56 39.27
C GLY D 137 -51.76 -1.88 39.65
N SER D 138 -52.84 -1.88 40.42
CA SER D 138 -53.54 -3.11 40.74
C SER D 138 -54.20 -3.66 39.48
N ILE D 139 -54.07 -4.96 39.26
CA ILE D 139 -54.53 -5.60 38.05
C ILE D 139 -55.49 -6.73 38.43
N ALA D 140 -56.65 -6.77 37.77
CA ALA D 140 -57.66 -7.77 38.03
C ALA D 140 -58.01 -8.51 36.74
N ASP D 141 -58.23 -9.81 36.85
CA ASP D 141 -58.64 -10.64 35.73
C ASP D 141 -60.14 -10.82 35.76
N GLU D 142 -60.79 -10.60 34.63
CA GLU D 142 -62.24 -10.71 34.54
C GLU D 142 -62.62 -11.57 33.34
N PRO D 143 -63.61 -12.45 33.49
CA PRO D 143 -63.98 -13.33 32.37
C PRO D 143 -65.19 -12.86 31.56
N HIS D 144 -66.01 -11.96 32.12
CA HIS D 144 -67.30 -11.66 31.51
C HIS D 144 -67.44 -10.21 31.07
N PHE D 145 -67.17 -9.25 31.94
CA PHE D 145 -67.43 -7.85 31.59
C PHE D 145 -66.60 -6.94 32.48
N VAL D 146 -66.16 -5.81 31.91
CA VAL D 146 -65.37 -4.81 32.62
C VAL D 146 -66.07 -3.46 32.48
N VAL D 147 -66.23 -2.77 33.61
CA VAL D 147 -66.81 -1.43 33.64
C VAL D 147 -65.78 -0.47 34.23
N MET D 148 -65.67 0.72 33.64
CA MET D 148 -64.67 1.70 34.04
C MET D 148 -65.24 3.11 33.91
N GLY D 149 -64.88 3.96 34.86
CA GLY D 149 -65.24 5.37 34.77
C GLY D 149 -66.60 5.71 35.36
N GLY D 150 -66.67 6.88 36.00
CA GLY D 150 -67.90 7.37 36.59
C GLY D 150 -68.40 6.47 37.72
N THR D 151 -69.71 6.56 37.94
CA THR D 151 -70.37 5.71 38.94
C THR D 151 -70.55 4.32 38.34
N THR D 152 -69.80 3.35 38.87
CA THR D 152 -69.68 2.03 38.25
C THR D 152 -70.63 0.98 38.83
N GLU D 153 -71.13 1.18 40.04
CA GLU D 153 -71.99 0.17 40.65
C GLU D 153 -73.29 -0.05 39.88
N PRO D 154 -74.03 0.98 39.45
CA PRO D 154 -75.24 0.71 38.65
C PRO D 154 -74.96 -0.02 37.35
N ILE D 155 -73.91 0.36 36.62
CA ILE D 155 -73.59 -0.31 35.37
C ILE D 155 -73.19 -1.76 35.63
N ALA D 156 -72.35 -1.97 36.65
CA ALA D 156 -71.81 -3.31 36.90
C ALA D 156 -72.91 -4.28 37.34
N ASN D 157 -73.81 -3.84 38.22
CA ASN D 157 -74.88 -4.73 38.65
C ASN D 157 -75.96 -4.89 37.60
N ALA D 158 -76.18 -3.87 36.75
CA ALA D 158 -77.09 -4.04 35.63
C ALA D 158 -76.58 -5.10 34.67
N LEU D 159 -75.27 -5.13 34.44
CA LEU D 159 -74.68 -6.19 33.61
C LEU D 159 -74.73 -7.53 34.32
N LYS D 160 -74.33 -7.56 35.59
CA LYS D 160 -74.33 -8.81 36.35
C LYS D 160 -75.73 -9.41 36.45
N GLU D 161 -76.77 -8.60 36.34
CA GLU D 161 -78.15 -9.07 36.34
C GLU D 161 -78.74 -9.22 34.95
N SER D 162 -77.98 -8.87 33.91
CA SER D 162 -78.50 -8.96 32.55
C SER D 162 -77.52 -9.52 31.52
N TYR D 163 -76.34 -9.95 31.94
CA TYR D 163 -75.37 -10.48 30.99
C TYR D 163 -75.67 -11.94 30.67
N ALA D 164 -75.73 -12.26 29.39
CA ALA D 164 -75.89 -13.62 28.91
C ALA D 164 -74.65 -14.00 28.09
N GLU D 165 -74.05 -15.15 28.41
CA GLU D 165 -72.82 -15.55 27.74
C GLU D 165 -73.09 -15.92 26.29
N ASN D 166 -72.11 -15.61 25.42
CA ASN D 166 -72.18 -15.89 23.99
C ASN D 166 -73.38 -15.22 23.33
N ALA D 167 -73.74 -14.02 23.80
CA ALA D 167 -74.86 -13.29 23.23
C ALA D 167 -74.53 -12.85 21.80
N SER D 168 -75.57 -12.46 21.07
CA SER D 168 -75.40 -11.92 19.74
C SER D 168 -74.68 -10.57 19.80
N LEU D 169 -74.24 -10.10 18.64
CA LEU D 169 -73.66 -8.77 18.55
C LEU D 169 -74.67 -7.71 18.96
N THR D 170 -75.89 -7.80 18.42
CA THR D 170 -76.93 -6.83 18.75
C THR D 170 -77.37 -6.97 20.20
N ASP D 171 -77.52 -8.22 20.68
CA ASP D 171 -77.92 -8.43 22.06
C ASP D 171 -76.89 -7.85 23.02
N ALA D 172 -75.61 -8.18 22.82
CA ALA D 172 -74.57 -7.69 23.71
C ALA D 172 -74.44 -6.18 23.63
N LEU D 173 -74.66 -5.60 22.45
CA LEU D 173 -74.59 -4.14 22.33
C LEU D 173 -75.70 -3.48 23.13
N ARG D 174 -76.93 -4.00 23.04
CA ARG D 174 -78.03 -3.42 23.78
C ARG D 174 -77.85 -3.62 25.28
N ILE D 175 -77.30 -4.77 25.70
CA ILE D 175 -76.97 -4.96 27.10
C ILE D 175 -76.00 -3.90 27.57
N ALA D 176 -74.98 -3.61 26.76
CA ALA D 176 -74.00 -2.59 27.12
C ALA D 176 -74.62 -1.20 27.17
N VAL D 177 -75.43 -0.86 26.17
CA VAL D 177 -76.05 0.46 26.13
C VAL D 177 -77.01 0.64 27.31
N ALA D 178 -77.76 -0.41 27.64
CA ALA D 178 -78.71 -0.31 28.75
C ALA D 178 -77.98 -0.12 30.08
N ALA D 179 -76.88 -0.85 30.30
CA ALA D 179 -76.15 -0.73 31.55
C ALA D 179 -75.49 0.64 31.68
N LEU D 180 -75.00 1.20 30.56
CA LEU D 180 -74.42 2.53 30.60
C LEU D 180 -75.48 3.57 30.94
N ARG D 181 -76.65 3.49 30.31
CA ARG D 181 -77.72 4.45 30.61
C ARG D 181 -78.20 4.29 32.05
N ALA D 182 -78.24 3.07 32.55
CA ALA D 182 -78.64 2.85 33.94
C ALA D 182 -77.61 3.39 34.93
N GLY D 183 -76.39 3.68 34.47
CA GLY D 183 -75.34 4.16 35.34
C GLY D 183 -75.18 5.66 35.38
N SER D 184 -75.83 6.36 34.45
CA SER D 184 -75.77 7.82 34.43
C SER D 184 -76.52 8.40 35.64
N LEU D 195 -79.36 8.11 23.83
CA LEU D 195 -77.99 7.61 23.78
C LEU D 195 -77.74 6.81 22.49
N GLY D 196 -77.64 7.53 21.36
CA GLY D 196 -77.44 6.93 20.06
C GLY D 196 -76.03 7.13 19.53
N VAL D 197 -75.91 7.01 18.21
CA VAL D 197 -74.60 7.08 17.56
C VAL D 197 -73.89 8.39 17.90
N ALA D 198 -74.65 9.48 18.02
CA ALA D 198 -74.04 10.78 18.24
C ALA D 198 -73.32 10.88 19.58
N SER D 199 -73.57 9.96 20.50
CA SER D 199 -72.99 10.02 21.84
C SER D 199 -72.21 8.75 22.19
N LEU D 200 -71.85 7.93 21.20
CA LEU D 200 -71.22 6.65 21.45
C LEU D 200 -69.94 6.48 20.63
N GLU D 201 -69.03 5.69 21.19
CA GLU D 201 -67.88 5.15 20.47
C GLU D 201 -67.91 3.65 20.66
N VAL D 202 -68.02 2.91 19.55
CA VAL D 202 -68.23 1.47 19.58
C VAL D 202 -67.18 0.79 18.72
N ALA D 203 -66.55 -0.25 19.27
CA ALA D 203 -65.58 -1.05 18.55
C ALA D 203 -65.64 -2.49 19.05
N VAL D 204 -65.04 -3.40 18.30
CA VAL D 204 -65.05 -4.81 18.62
C VAL D 204 -63.69 -5.43 18.33
N LEU D 205 -63.33 -6.42 19.13
CA LEU D 205 -62.26 -7.36 18.78
C LEU D 205 -62.94 -8.57 18.15
N ASP D 206 -62.99 -8.59 16.82
CA ASP D 206 -63.68 -9.64 16.07
C ASP D 206 -62.76 -10.86 15.95
N ALA D 207 -63.11 -11.93 16.66
CA ALA D 207 -62.28 -13.13 16.66
C ALA D 207 -62.22 -13.82 15.29
N ASN D 208 -63.18 -13.56 14.41
CA ASN D 208 -63.20 -14.22 13.12
C ASN D 208 -62.44 -13.45 12.04
N ARG D 209 -61.84 -12.31 12.39
CA ARG D 209 -60.98 -11.62 11.44
C ARG D 209 -59.67 -12.38 11.26
N PRO D 210 -59.11 -12.40 10.05
CA PRO D 210 -57.88 -13.17 9.80
C PRO D 210 -56.71 -12.79 10.69
N ARG D 211 -56.28 -11.52 10.65
CA ARG D 211 -55.16 -11.08 11.47
C ARG D 211 -55.56 -9.97 12.45
N ARG D 212 -56.00 -8.81 11.97
CA ARG D 212 -56.29 -7.68 12.84
C ARG D 212 -57.76 -7.76 13.28
N ALA D 213 -57.98 -8.07 14.55
CA ALA D 213 -59.33 -8.27 15.06
C ALA D 213 -60.06 -6.96 15.32
N PHE D 214 -59.34 -5.89 15.65
CA PHE D 214 -59.98 -4.63 16.01
C PHE D 214 -60.70 -4.03 14.80
N ARG D 215 -61.93 -3.56 15.04
CA ARG D 215 -62.71 -2.90 14.01
C ARG D 215 -63.73 -1.98 14.67
N ARG D 216 -63.94 -0.80 14.09
CA ARG D 216 -64.84 0.19 14.63
C ARG D 216 -66.21 0.10 13.95
N ILE D 217 -67.26 0.31 14.73
CA ILE D 217 -68.63 0.28 14.25
C ILE D 217 -69.13 1.73 14.26
N THR D 218 -69.41 2.28 13.08
CA THR D 218 -69.56 3.72 12.90
C THR D 218 -70.79 4.05 12.06
N GLY D 219 -71.54 5.03 12.54
CA GLY D 219 -72.52 5.69 11.68
C GLY D 219 -73.69 4.78 11.34
N SER D 220 -73.86 4.53 10.03
CA SER D 220 -75.01 3.78 9.55
C SER D 220 -75.02 2.35 10.09
N ALA D 221 -73.85 1.70 10.12
CA ALA D 221 -73.78 0.34 10.64
C ALA D 221 -74.18 0.29 12.11
N LEU D 222 -73.69 1.25 12.90
CA LEU D 222 -74.03 1.27 14.33
C LEU D 222 -75.50 1.57 14.54
N GLN D 223 -76.05 2.54 13.81
CA GLN D 223 -77.45 2.91 14.00
C GLN D 223 -78.38 1.82 13.49
N ALA D 224 -77.94 1.03 12.49
CA ALA D 224 -78.70 -0.15 12.11
C ALA D 224 -78.63 -1.23 13.19
N LEU D 225 -77.54 -1.26 13.95
CA LEU D 225 -77.41 -2.21 15.05
C LEU D 225 -78.17 -1.76 16.30
N LEU D 226 -78.54 -0.49 16.37
CA LEU D 226 -79.30 0.03 17.51
C LEU D 226 -80.81 -0.09 17.30
N VAL D 227 -81.27 -0.22 16.06
CA VAL D 227 -82.68 -0.27 15.67
C VAL D 227 -83.61 0.50 16.62
N MET E 1 -37.36 10.95 61.94
CA MET E 1 -37.01 9.86 61.04
C MET E 1 -37.28 8.51 61.70
N GLU E 2 -37.64 8.55 62.99
CA GLU E 2 -38.16 7.35 63.64
C GLU E 2 -39.56 7.04 63.13
N GLN E 3 -40.42 8.07 63.08
CA GLN E 3 -41.78 7.87 62.58
C GLN E 3 -41.79 7.63 61.09
N ALA E 4 -40.78 8.11 60.36
CA ALA E 4 -40.69 7.83 58.93
C ALA E 4 -40.59 6.33 58.69
N MET E 5 -39.64 5.66 59.37
CA MET E 5 -39.49 4.22 59.22
C MET E 5 -40.63 3.47 59.88
N ARG E 6 -41.17 4.01 60.98
CA ARG E 6 -42.31 3.37 61.63
C ARG E 6 -43.52 3.34 60.72
N GLU E 7 -43.77 4.43 59.99
CA GLU E 7 -44.91 4.50 59.08
C GLU E 7 -44.68 3.69 57.81
N ARG E 8 -43.45 3.68 57.30
CA ARG E 8 -43.10 2.79 56.20
C ARG E 8 -43.34 1.35 56.58
N SER E 9 -42.87 0.94 57.76
CA SER E 9 -43.03 -0.43 58.22
C SER E 9 -44.50 -0.78 58.41
N GLU E 10 -45.29 0.18 58.89
CA GLU E 10 -46.72 -0.09 59.09
C GLU E 10 -47.44 -0.20 57.77
N LEU E 11 -47.12 0.66 56.80
CA LEU E 11 -47.77 0.60 55.49
C LEU E 11 -47.46 -0.71 54.79
N ALA E 12 -46.23 -1.20 54.92
CA ALA E 12 -45.87 -2.48 54.31
C ALA E 12 -46.56 -3.64 55.02
N ARG E 13 -46.49 -3.66 56.36
CA ARG E 13 -47.14 -4.72 57.11
C ARG E 13 -48.65 -4.71 56.87
N LYS E 14 -49.24 -3.52 56.73
CA LYS E 14 -50.66 -3.44 56.40
C LYS E 14 -50.95 -4.08 55.05
N GLY E 15 -50.27 -3.60 54.00
CA GLY E 15 -50.54 -4.10 52.66
C GLY E 15 -50.37 -5.61 52.54
N ILE E 16 -49.39 -6.16 53.24
CA ILE E 16 -49.20 -7.61 53.22
C ILE E 16 -50.35 -8.31 53.95
N ALA E 17 -50.83 -7.72 55.05
CA ALA E 17 -51.94 -8.30 55.78
C ALA E 17 -53.24 -8.27 54.97
N ARG E 18 -53.37 -7.30 54.06
CA ARG E 18 -54.58 -7.21 53.26
C ARG E 18 -54.58 -8.15 52.07
N ALA E 19 -53.47 -8.80 51.77
CA ALA E 19 -53.33 -9.65 50.61
C ALA E 19 -53.54 -11.12 50.98
N LYS E 20 -53.80 -11.93 49.96
CA LYS E 20 -54.05 -13.35 50.18
C LYS E 20 -52.79 -14.06 50.64
N SER E 21 -52.98 -15.26 51.20
CA SER E 21 -51.91 -15.95 51.91
C SER E 21 -51.32 -17.08 51.08
N VAL E 22 -50.03 -17.34 51.34
CA VAL E 22 -49.26 -18.36 50.65
C VAL E 22 -48.56 -19.21 51.70
N VAL E 23 -48.38 -20.49 51.39
CA VAL E 23 -47.60 -21.39 52.23
C VAL E 23 -46.67 -22.21 51.35
N ALA E 24 -45.46 -22.44 51.86
CA ALA E 24 -44.51 -23.38 51.28
C ALA E 24 -44.05 -24.31 52.38
N LEU E 25 -43.87 -25.60 52.04
CA LEU E 25 -43.46 -26.56 53.04
C LEU E 25 -42.67 -27.69 52.39
N ALA E 26 -41.64 -28.14 53.10
CA ALA E 26 -40.86 -29.28 52.65
C ALA E 26 -41.64 -30.57 52.85
N TYR E 27 -41.37 -31.55 51.98
CA TYR E 27 -42.03 -32.85 52.06
C TYR E 27 -41.13 -33.87 51.37
N ALA E 28 -41.65 -35.10 51.26
CA ALA E 28 -40.85 -36.22 50.78
C ALA E 28 -40.29 -35.98 49.38
N GLY E 29 -41.03 -35.28 48.53
CA GLY E 29 -40.59 -35.06 47.17
C GLY E 29 -40.18 -33.63 46.88
N GLY E 30 -39.59 -32.95 47.86
CA GLY E 30 -39.10 -31.59 47.66
C GLY E 30 -39.83 -30.52 48.43
N VAL E 31 -40.35 -29.52 47.72
CA VAL E 31 -41.03 -28.37 48.31
C VAL E 31 -42.37 -28.20 47.60
N LEU E 32 -43.39 -27.84 48.37
CA LEU E 32 -44.73 -27.60 47.85
C LEU E 32 -45.12 -26.15 48.07
N PHE E 33 -45.55 -25.47 47.00
CA PHE E 33 -46.09 -24.12 47.09
C PHE E 33 -47.60 -24.18 46.85
N VAL E 34 -48.35 -23.44 47.66
CA VAL E 34 -49.80 -23.32 47.46
C VAL E 34 -50.23 -21.92 47.90
N ALA E 35 -51.09 -21.31 47.10
CA ALA E 35 -51.49 -19.93 47.32
C ALA E 35 -52.87 -19.69 46.74
N GLU E 36 -53.62 -18.81 47.39
CA GLU E 36 -54.93 -18.41 46.90
C GLU E 36 -54.78 -17.44 45.74
N ASN E 37 -55.43 -17.75 44.62
CA ASN E 37 -55.35 -16.93 43.43
C ASN E 37 -56.51 -17.29 42.50
N PRO E 38 -57.52 -16.43 42.39
CA PRO E 38 -58.67 -16.72 41.52
C PRO E 38 -58.44 -16.45 40.05
N SER E 39 -57.22 -16.10 39.64
CA SER E 39 -56.95 -15.68 38.28
C SER E 39 -56.29 -16.79 37.48
N ARG E 40 -56.59 -16.82 36.18
CA ARG E 40 -56.04 -17.82 35.28
C ARG E 40 -54.59 -17.47 34.90
N SER E 41 -54.38 -16.29 34.33
CA SER E 41 -53.08 -15.91 33.80
C SER E 41 -52.16 -15.30 34.86
N LEU E 42 -52.70 -14.46 35.74
CA LEU E 42 -51.88 -13.78 36.74
C LEU E 42 -51.45 -14.77 37.82
N GLN E 43 -50.14 -14.85 38.06
CA GLN E 43 -49.56 -15.91 38.88
C GLN E 43 -48.71 -15.33 39.99
N LYS E 44 -48.59 -16.08 41.08
CA LYS E 44 -47.82 -15.69 42.26
C LYS E 44 -46.71 -16.66 42.61
N ILE E 45 -46.68 -17.83 42.01
CA ILE E 45 -45.61 -18.81 42.20
C ILE E 45 -44.85 -18.92 40.88
N SER E 46 -43.54 -19.13 40.98
CA SER E 46 -42.73 -19.08 39.77
C SER E 46 -41.46 -19.88 39.94
N GLU E 47 -41.00 -20.45 38.83
CA GLU E 47 -39.65 -20.97 38.74
C GLU E 47 -38.65 -19.82 38.78
N LEU E 48 -37.54 -20.02 39.50
CA LEU E 48 -36.41 -19.11 39.44
C LEU E 48 -35.25 -19.70 38.66
N TYR E 49 -34.82 -20.90 39.01
CA TYR E 49 -33.70 -21.54 38.33
C TYR E 49 -33.91 -23.04 38.43
N ASP E 50 -32.84 -23.82 38.17
CA ASP E 50 -32.94 -25.27 38.06
C ASP E 50 -33.68 -25.87 39.25
N ARG E 51 -33.16 -25.69 40.45
CA ARG E 51 -33.70 -26.28 41.66
C ARG E 51 -34.24 -25.22 42.62
N VAL E 52 -34.61 -24.05 42.10
CA VAL E 52 -34.97 -22.91 42.93
C VAL E 52 -36.33 -22.38 42.50
N GLY E 53 -37.23 -22.20 43.47
CA GLY E 53 -38.57 -21.71 43.21
C GLY E 53 -38.84 -20.43 44.01
N PHE E 54 -39.95 -19.78 43.65
CA PHE E 54 -40.28 -18.44 44.11
C PHE E 54 -41.76 -18.36 44.45
N ALA E 55 -42.07 -17.74 45.59
CA ALA E 55 -43.44 -17.55 46.02
C ALA E 55 -43.54 -16.21 46.75
N ALA E 56 -44.61 -15.45 46.46
CA ALA E 56 -44.74 -14.11 46.99
C ALA E 56 -46.19 -13.80 47.33
N ALA E 57 -46.35 -12.94 48.34
CA ALA E 57 -47.65 -12.42 48.75
C ALA E 57 -47.56 -10.90 48.84
N GLY E 58 -48.62 -10.23 48.40
CA GLY E 58 -48.65 -8.79 48.45
C GLY E 58 -49.19 -8.15 47.19
N LYS E 59 -48.65 -6.98 46.83
CA LYS E 59 -49.09 -6.27 45.64
C LYS E 59 -48.41 -6.88 44.41
N PHE E 60 -49.22 -7.15 43.37
CA PHE E 60 -48.75 -7.98 42.27
C PHE E 60 -47.56 -7.35 41.54
N ASN E 61 -47.75 -6.12 41.05
CA ASN E 61 -46.70 -5.51 40.22
C ASN E 61 -45.36 -5.46 40.94
N GLU E 62 -45.39 -5.36 42.27
CA GLU E 62 -44.14 -5.22 43.01
C GLU E 62 -43.41 -6.55 43.15
N PHE E 63 -44.10 -7.61 43.58
CA PHE E 63 -43.41 -8.89 43.65
C PHE E 63 -43.18 -9.48 42.25
N ASP E 64 -43.95 -9.05 41.26
CA ASP E 64 -43.63 -9.44 39.88
C ASP E 64 -42.31 -8.81 39.42
N ASN E 65 -42.10 -7.54 39.77
CA ASN E 65 -40.82 -6.91 39.46
C ASN E 65 -39.67 -7.64 40.14
N LEU E 66 -39.86 -8.02 41.41
CA LEU E 66 -38.83 -8.76 42.13
C LEU E 66 -38.66 -10.18 41.57
N ARG E 67 -39.74 -10.78 41.08
CA ARG E 67 -39.64 -12.10 40.46
C ARG E 67 -38.78 -12.02 39.19
N ARG E 68 -39.05 -11.03 38.36
CA ARG E 68 -38.24 -10.84 37.15
C ARG E 68 -36.79 -10.51 37.50
N GLY E 69 -36.58 -9.73 38.57
CA GLY E 69 -35.23 -9.41 38.97
C GLY E 69 -34.45 -10.61 39.46
N GLY E 70 -35.13 -11.52 40.18
CA GLY E 70 -34.46 -12.74 40.60
C GLY E 70 -34.13 -13.65 39.44
N ILE E 71 -35.02 -13.70 38.44
CA ILE E 71 -34.74 -14.49 37.24
C ILE E 71 -33.56 -13.91 36.49
N GLN E 72 -33.50 -12.58 36.36
CA GLN E 72 -32.37 -11.94 35.73
C GLN E 72 -31.07 -12.27 36.46
N PHE E 73 -31.08 -12.17 37.79
CA PHE E 73 -29.88 -12.48 38.56
C PHE E 73 -29.46 -13.93 38.39
N ALA E 74 -30.43 -14.85 38.44
CA ALA E 74 -30.10 -16.27 38.38
C ALA E 74 -29.52 -16.64 37.01
N ASP E 75 -30.16 -16.18 35.93
CA ASP E 75 -29.68 -16.51 34.60
C ASP E 75 -28.31 -15.90 34.33
N THR E 76 -28.09 -14.66 34.78
CA THR E 76 -26.79 -14.04 34.64
C THR E 76 -25.73 -14.81 35.43
N ARG E 77 -26.05 -15.13 36.68
CA ARG E 77 -25.10 -15.85 37.53
C ARG E 77 -24.78 -17.23 36.98
N GLY E 78 -25.78 -17.89 36.40
CA GLY E 78 -25.55 -19.20 35.80
C GLY E 78 -24.73 -19.13 34.52
N TYR E 79 -24.93 -18.08 33.71
CA TYR E 79 -24.18 -17.97 32.46
C TYR E 79 -22.74 -17.55 32.71
N ALA E 80 -22.52 -16.58 33.60
CA ALA E 80 -21.17 -16.11 33.85
C ALA E 80 -20.30 -17.19 34.50
N TYR E 81 -20.92 -18.11 35.24
CA TYR E 81 -20.18 -19.19 35.87
C TYR E 81 -20.71 -20.53 35.37
N ASP E 82 -21.43 -21.27 36.21
CA ASP E 82 -22.09 -22.50 35.79
C ASP E 82 -23.47 -22.57 36.43
N ARG E 83 -24.32 -23.43 35.87
CA ARG E 83 -25.68 -23.57 36.39
C ARG E 83 -25.66 -23.99 37.85
N ARG E 84 -24.78 -24.93 38.21
CA ARG E 84 -24.77 -25.46 39.58
C ARG E 84 -24.19 -24.50 40.60
N ASP E 85 -23.74 -23.32 40.18
CA ASP E 85 -23.29 -22.29 41.12
C ASP E 85 -24.43 -21.42 41.62
N VAL E 86 -25.61 -21.55 41.04
CA VAL E 86 -26.78 -20.80 41.46
C VAL E 86 -27.46 -21.55 42.60
N THR E 87 -27.54 -20.92 43.77
CA THR E 87 -28.10 -21.55 44.96
C THR E 87 -29.21 -20.68 45.53
N GLY E 88 -30.13 -21.33 46.25
CA GLY E 88 -31.21 -20.59 46.89
C GLY E 88 -30.73 -19.60 47.93
N ARG E 89 -29.62 -19.92 48.61
CA ARG E 89 -29.05 -18.98 49.57
C ARG E 89 -28.67 -17.67 48.87
N GLN E 90 -28.00 -17.76 47.73
CA GLN E 90 -27.62 -16.56 46.98
C GLN E 90 -28.84 -15.73 46.63
N LEU E 91 -29.89 -16.38 46.12
CA LEU E 91 -31.06 -15.62 45.67
C LEU E 91 -31.80 -14.98 46.83
N ALA E 92 -31.93 -15.70 47.95
CA ALA E 92 -32.54 -15.09 49.12
C ALA E 92 -31.69 -13.93 49.66
N ASN E 93 -30.37 -14.09 49.63
CA ASN E 93 -29.48 -13.01 50.04
C ASN E 93 -29.67 -11.78 49.16
N VAL E 94 -29.77 -11.97 47.84
CA VAL E 94 -29.96 -10.86 46.93
C VAL E 94 -31.32 -10.20 47.14
N TYR E 95 -32.33 -11.00 47.45
CA TYR E 95 -33.66 -10.45 47.75
C TYR E 95 -33.66 -9.66 49.05
N ALA E 96 -32.87 -10.09 50.04
CA ALA E 96 -32.74 -9.32 51.27
C ALA E 96 -32.09 -7.97 51.00
N GLN E 97 -31.01 -7.97 50.20
CA GLN E 97 -30.34 -6.74 49.83
C GLN E 97 -31.25 -5.82 49.04
N THR E 98 -32.02 -6.38 48.09
CA THR E 98 -32.87 -5.57 47.23
C THR E 98 -34.05 -5.00 48.01
N LEU E 99 -34.72 -5.84 48.82
CA LEU E 99 -35.87 -5.36 49.58
C LEU E 99 -35.45 -4.33 50.62
N GLY E 100 -34.28 -4.52 51.23
CA GLY E 100 -33.78 -3.51 52.16
C GLY E 100 -33.55 -2.17 51.50
N THR E 101 -32.94 -2.17 50.32
CA THR E 101 -32.74 -0.93 49.56
C THR E 101 -34.08 -0.30 49.21
N ILE E 102 -35.04 -1.10 48.77
CA ILE E 102 -36.36 -0.57 48.42
C ILE E 102 -37.02 0.05 49.65
N PHE E 103 -36.94 -0.64 50.80
CA PHE E 103 -37.64 -0.19 52.00
C PHE E 103 -37.10 1.14 52.50
N THR E 104 -35.79 1.39 52.35
CA THR E 104 -35.17 2.59 52.88
C THR E 104 -35.09 3.73 51.88
N GLU E 105 -35.18 3.46 50.58
CA GLU E 105 -34.92 4.47 49.56
C GLU E 105 -36.10 4.78 48.65
N GLN E 106 -36.92 3.78 48.31
CA GLN E 106 -38.01 4.01 47.36
C GLN E 106 -39.07 4.93 47.95
N ALA E 107 -39.77 5.65 47.06
CA ALA E 107 -40.81 6.57 47.52
C ALA E 107 -41.89 5.85 48.31
N LYS E 108 -42.24 4.64 47.89
CA LYS E 108 -43.14 3.78 48.64
C LYS E 108 -42.45 2.45 48.84
N PRO E 109 -42.39 1.93 50.07
CA PRO E 109 -41.83 0.59 50.27
C PRO E 109 -42.68 -0.45 49.57
N TYR E 110 -42.06 -1.58 49.27
CA TYR E 110 -42.77 -2.66 48.61
C TYR E 110 -43.61 -3.43 49.62
N GLU E 111 -44.90 -3.57 49.32
CA GLU E 111 -45.83 -4.35 50.15
C GLU E 111 -45.77 -5.82 49.72
N VAL E 112 -44.66 -6.47 50.05
CA VAL E 112 -44.39 -7.81 49.56
C VAL E 112 -43.74 -8.65 50.65
N GLU E 113 -43.96 -9.96 50.55
CA GLU E 113 -43.27 -10.94 51.37
C GLU E 113 -42.91 -12.11 50.45
N LEU E 114 -41.67 -12.57 50.52
CA LEU E 114 -41.14 -13.48 49.51
C LEU E 114 -40.60 -14.75 50.15
N CYS E 115 -40.72 -15.85 49.42
CA CYS E 115 -40.16 -17.14 49.81
C CYS E 115 -39.33 -17.69 48.66
N VAL E 116 -38.09 -18.07 48.96
CA VAL E 116 -37.20 -18.74 48.01
C VAL E 116 -36.92 -20.14 48.56
N ALA E 117 -37.22 -21.16 47.76
CA ALA E 117 -37.02 -22.54 48.15
C ALA E 117 -36.08 -23.23 47.17
N GLU E 118 -35.22 -24.09 47.70
CA GLU E 118 -34.28 -24.88 46.91
C GLU E 118 -34.37 -26.33 47.32
N VAL E 119 -34.47 -27.23 46.33
CA VAL E 119 -34.41 -28.66 46.57
C VAL E 119 -33.09 -29.19 46.03
N ALA E 120 -32.76 -30.41 46.44
CA ALA E 120 -31.48 -30.99 46.06
C ALA E 120 -31.44 -31.29 44.57
N HIS E 121 -30.23 -31.54 44.06
CA HIS E 121 -30.05 -31.95 42.69
C HIS E 121 -30.45 -33.42 42.51
N TYR E 122 -30.81 -33.77 41.28
CA TYR E 122 -31.23 -35.14 41.00
C TYR E 122 -30.11 -36.12 41.34
N GLY E 123 -30.46 -37.16 42.09
CA GLY E 123 -29.50 -38.13 42.55
C GLY E 123 -28.75 -37.75 43.81
N GLU E 124 -29.08 -36.61 44.41
CA GLU E 124 -28.44 -36.13 45.63
C GLU E 124 -29.46 -36.11 46.76
N THR E 125 -28.97 -36.29 47.99
CA THR E 125 -29.81 -36.29 49.18
C THR E 125 -29.48 -35.06 50.02
N LYS E 126 -30.37 -34.07 49.99
CA LYS E 126 -30.23 -32.86 50.78
C LYS E 126 -31.62 -32.35 51.10
N ARG E 127 -31.84 -32.00 52.36
CA ARG E 127 -33.17 -31.56 52.76
C ARG E 127 -33.52 -30.24 52.08
N PRO E 128 -34.76 -30.08 51.63
CA PRO E 128 -35.17 -28.81 51.03
C PRO E 128 -34.95 -27.63 51.98
N GLU E 129 -34.58 -26.49 51.40
CA GLU E 129 -34.36 -25.26 52.15
C GLU E 129 -35.43 -24.25 51.79
N LEU E 130 -35.87 -23.48 52.78
CA LEU E 130 -36.86 -22.44 52.57
C LEU E 130 -36.39 -21.17 53.27
N TYR E 131 -36.38 -20.07 52.52
CA TYR E 131 -36.03 -18.76 53.05
C TYR E 131 -37.22 -17.83 52.87
N ARG E 132 -37.46 -17.00 53.88
CA ARG E 132 -38.48 -15.96 53.79
C ARG E 132 -37.81 -14.60 53.92
N ILE E 133 -38.13 -13.71 52.98
CA ILE E 133 -37.61 -12.34 52.99
C ILE E 133 -38.80 -11.41 53.09
N THR E 134 -38.80 -10.54 54.09
CA THR E 134 -39.91 -9.64 54.33
C THR E 134 -39.59 -8.25 53.79
N TYR E 135 -40.57 -7.35 53.91
CA TYR E 135 -40.58 -6.08 53.19
C TYR E 135 -39.36 -5.20 53.49
N ASP E 136 -38.66 -5.46 54.59
CA ASP E 136 -37.55 -4.60 54.99
C ASP E 136 -36.18 -5.23 54.75
N GLY E 137 -36.13 -6.42 54.17
CA GLY E 137 -34.87 -7.09 53.93
C GLY E 137 -34.49 -8.12 54.97
N SER E 138 -35.24 -8.23 56.06
CA SER E 138 -34.98 -9.28 57.04
C SER E 138 -35.21 -10.64 56.41
N ILE E 139 -34.26 -11.55 56.63
CA ILE E 139 -34.25 -12.85 55.98
C ILE E 139 -34.28 -13.92 57.06
N ALA E 140 -35.29 -14.78 57.02
CA ALA E 140 -35.46 -15.86 58.00
C ALA E 140 -35.32 -17.19 57.29
N ASP E 141 -34.47 -18.05 57.83
CA ASP E 141 -34.16 -19.36 57.25
C ASP E 141 -34.94 -20.42 58.01
N GLU E 142 -36.09 -20.84 57.46
CA GLU E 142 -36.96 -21.76 58.18
C GLU E 142 -36.83 -23.18 57.66
N PRO E 143 -36.93 -24.18 58.55
CA PRO E 143 -36.60 -25.56 58.16
C PRO E 143 -37.77 -26.41 57.70
N HIS E 144 -38.99 -26.06 58.08
CA HIS E 144 -40.14 -26.91 57.82
C HIS E 144 -41.17 -26.28 56.91
N PHE E 145 -41.58 -25.04 57.18
CA PHE E 145 -42.58 -24.40 56.34
C PHE E 145 -42.44 -22.89 56.47
N VAL E 146 -43.09 -22.18 55.55
CA VAL E 146 -43.09 -20.72 55.54
C VAL E 146 -44.50 -20.25 55.20
N VAL E 147 -44.98 -19.24 55.93
CA VAL E 147 -46.30 -18.67 55.72
C VAL E 147 -46.14 -17.19 55.43
N MET E 148 -46.91 -16.69 54.46
CA MET E 148 -46.83 -15.30 54.03
C MET E 148 -48.22 -14.80 53.69
N GLY E 149 -48.43 -13.50 53.90
CA GLY E 149 -49.65 -12.85 53.48
C GLY E 149 -50.84 -13.17 54.38
N GLY E 150 -51.80 -12.25 54.35
CA GLY E 150 -53.02 -12.42 55.11
C GLY E 150 -52.77 -12.44 56.60
N THR E 151 -53.46 -13.34 57.29
CA THR E 151 -53.31 -13.55 58.73
C THR E 151 -52.48 -14.81 58.93
N THR E 152 -51.22 -14.61 59.35
CA THR E 152 -50.28 -15.73 59.45
C THR E 152 -50.47 -16.55 60.72
N GLU E 153 -51.16 -16.00 61.73
CA GLU E 153 -51.26 -16.69 63.03
C GLU E 153 -51.94 -18.04 62.92
N PRO E 154 -53.18 -18.15 62.43
CA PRO E 154 -53.83 -19.48 62.43
C PRO E 154 -53.26 -20.43 61.39
N ILE E 155 -52.77 -19.93 60.26
CA ILE E 155 -52.10 -20.80 59.29
C ILE E 155 -50.85 -21.42 59.92
N ALA E 156 -50.02 -20.59 60.54
CA ALA E 156 -48.79 -21.08 61.16
C ALA E 156 -49.09 -22.07 62.28
N ASN E 157 -50.12 -21.78 63.08
CA ASN E 157 -50.46 -22.69 64.18
C ASN E 157 -51.00 -24.02 63.67
N ALA E 158 -51.88 -23.97 62.66
CA ALA E 158 -52.39 -25.21 62.09
C ALA E 158 -51.27 -26.05 61.48
N LEU E 159 -50.30 -25.40 60.84
CA LEU E 159 -49.16 -26.13 60.30
C LEU E 159 -48.27 -26.68 61.41
N LYS E 160 -48.11 -25.92 62.49
CA LYS E 160 -47.35 -26.42 63.65
C LYS E 160 -47.91 -27.75 64.13
N GLU E 161 -49.23 -27.82 64.29
CA GLU E 161 -49.85 -29.05 64.77
C GLU E 161 -49.74 -30.16 63.75
N SER E 162 -50.09 -29.87 62.49
CA SER E 162 -50.36 -30.90 61.50
C SER E 162 -49.21 -31.15 60.54
N TYR E 163 -47.98 -30.77 60.89
CA TYR E 163 -46.84 -30.98 60.01
C TYR E 163 -46.02 -32.18 60.48
N ALA E 164 -45.91 -33.17 59.61
CA ALA E 164 -44.89 -34.21 59.71
C ALA E 164 -44.16 -34.25 58.39
N GLU E 165 -42.84 -34.22 58.44
CA GLU E 165 -42.05 -34.19 57.22
C GLU E 165 -42.19 -35.49 56.45
N ASN E 166 -41.82 -35.44 55.16
CA ASN E 166 -41.85 -36.60 54.27
C ASN E 166 -43.27 -37.06 53.99
N ALA E 167 -44.19 -36.11 53.85
CA ALA E 167 -45.56 -36.42 53.48
C ALA E 167 -45.63 -36.75 51.98
N SER E 168 -46.75 -37.34 51.59
CA SER E 168 -47.01 -37.51 50.17
C SER E 168 -47.34 -36.15 49.55
N LEU E 169 -47.46 -36.11 48.22
CA LEU E 169 -47.77 -34.85 47.57
C LEU E 169 -49.20 -34.40 47.88
N THR E 170 -50.11 -35.34 48.14
CA THR E 170 -51.46 -34.98 48.56
C THR E 170 -51.60 -34.87 50.06
N ASP E 171 -50.82 -35.67 50.82
CA ASP E 171 -50.78 -35.50 52.27
C ASP E 171 -50.29 -34.10 52.63
N ALA E 172 -49.19 -33.67 52.02
CA ALA E 172 -48.69 -32.32 52.25
C ALA E 172 -49.64 -31.27 51.68
N LEU E 173 -50.26 -31.56 50.54
CA LEU E 173 -51.21 -30.63 49.95
C LEU E 173 -52.42 -30.44 50.87
N ARG E 174 -52.97 -31.54 51.38
CA ARG E 174 -54.10 -31.46 52.28
C ARG E 174 -53.75 -30.71 53.56
N ILE E 175 -52.58 -31.00 54.14
CA ILE E 175 -52.13 -30.28 55.33
C ILE E 175 -52.04 -28.78 55.06
N ALA E 176 -51.53 -28.42 53.87
CA ALA E 176 -51.35 -27.00 53.56
C ALA E 176 -52.70 -26.31 53.34
N VAL E 177 -53.60 -26.93 52.58
CA VAL E 177 -54.92 -26.34 52.38
C VAL E 177 -55.68 -26.28 53.70
N ALA E 178 -55.45 -27.23 54.60
CA ALA E 178 -56.06 -27.16 55.92
C ALA E 178 -55.59 -25.93 56.67
N ALA E 179 -54.30 -25.62 56.61
CA ALA E 179 -53.79 -24.42 57.27
C ALA E 179 -54.33 -23.17 56.59
N LEU E 180 -54.48 -23.19 55.26
CA LEU E 180 -54.99 -22.04 54.54
C LEU E 180 -56.44 -21.74 54.92
N ARG E 181 -57.27 -22.79 55.02
CA ARG E 181 -58.65 -22.58 55.44
C ARG E 181 -58.73 -22.13 56.90
N ALA E 182 -57.82 -22.61 57.75
CA ALA E 182 -57.79 -22.17 59.14
C ALA E 182 -57.38 -20.71 59.26
N GLY E 183 -56.75 -20.14 58.23
CA GLY E 183 -56.28 -18.77 58.31
C GLY E 183 -56.87 -17.83 57.29
N SER E 184 -58.03 -18.17 56.74
CA SER E 184 -58.71 -17.30 55.79
C SER E 184 -59.28 -16.08 56.51
N GLY E 196 -60.97 -24.82 46.34
CA GLY E 196 -61.40 -24.55 44.98
C GLY E 196 -60.26 -24.53 43.98
N VAL E 197 -60.39 -25.32 42.91
CA VAL E 197 -59.33 -25.39 41.92
C VAL E 197 -59.25 -24.11 41.10
N ALA E 198 -60.38 -23.41 40.95
CA ALA E 198 -60.38 -22.12 40.26
C ALA E 198 -59.87 -20.99 41.15
N SER E 199 -59.75 -21.22 42.46
CA SER E 199 -59.28 -20.21 43.40
C SER E 199 -57.90 -20.56 43.97
N LEU E 200 -57.17 -21.44 43.31
CA LEU E 200 -55.89 -21.90 43.82
C LEU E 200 -54.80 -21.83 42.74
N GLU E 201 -53.57 -21.67 43.21
CA GLU E 201 -52.37 -21.75 42.39
C GLU E 201 -51.37 -22.62 43.14
N VAL E 202 -51.02 -23.77 42.56
CA VAL E 202 -50.19 -24.76 43.23
C VAL E 202 -49.05 -25.15 42.31
N ALA E 203 -47.86 -25.29 42.89
CA ALA E 203 -46.70 -25.77 42.16
C ALA E 203 -45.79 -26.51 43.13
N VAL E 204 -44.80 -27.20 42.58
CA VAL E 204 -43.93 -28.06 43.37
C VAL E 204 -42.50 -27.94 42.84
N LEU E 205 -41.54 -28.05 43.74
CA LEU E 205 -40.13 -28.22 43.37
C LEU E 205 -39.82 -29.71 43.52
N ASP E 206 -39.92 -30.43 42.41
CA ASP E 206 -39.84 -31.89 42.39
C ASP E 206 -38.37 -32.30 42.32
N ALA E 207 -37.85 -32.85 43.43
CA ALA E 207 -36.45 -33.25 43.50
C ALA E 207 -36.12 -34.47 42.63
N ASN E 208 -37.09 -35.07 41.95
CA ASN E 208 -36.82 -36.23 41.11
C ASN E 208 -36.77 -35.90 39.63
N ARG E 209 -37.16 -34.70 39.22
CA ARG E 209 -36.96 -34.27 37.85
C ARG E 209 -35.46 -34.13 37.57
N PRO E 210 -35.03 -34.36 36.33
CA PRO E 210 -33.59 -34.39 36.05
C PRO E 210 -32.90 -33.04 36.24
N ARG E 211 -33.52 -31.95 35.78
CA ARG E 211 -32.88 -30.65 35.89
C ARG E 211 -33.83 -29.59 36.45
N ARG E 212 -34.91 -29.31 35.72
CA ARG E 212 -35.85 -28.25 36.10
C ARG E 212 -36.91 -28.84 37.03
N ALA E 213 -36.77 -28.56 38.33
CA ALA E 213 -37.62 -29.17 39.35
C ALA E 213 -39.00 -28.52 39.46
N PHE E 214 -39.13 -27.26 39.03
CA PHE E 214 -40.41 -26.56 39.17
C PHE E 214 -41.46 -27.18 38.26
N ARG E 215 -42.65 -27.44 38.82
CA ARG E 215 -43.74 -28.02 38.05
C ARG E 215 -45.06 -27.43 38.54
N ARG E 216 -45.92 -27.07 37.58
CA ARG E 216 -47.18 -26.38 37.87
C ARG E 216 -48.31 -27.40 37.80
N ILE E 217 -48.80 -27.81 38.97
CA ILE E 217 -49.92 -28.75 39.05
C ILE E 217 -51.22 -27.96 38.88
N THR E 218 -51.88 -28.17 37.75
CA THR E 218 -53.01 -27.33 37.37
C THR E 218 -54.15 -28.18 36.82
N GLY E 219 -55.33 -27.56 36.78
CA GLY E 219 -56.47 -28.13 36.06
C GLY E 219 -56.88 -29.48 36.59
N SER E 220 -57.02 -30.43 35.66
CA SER E 220 -57.52 -31.76 36.03
C SER E 220 -56.56 -32.49 36.94
N ALA E 221 -55.26 -32.35 36.71
CA ALA E 221 -54.27 -32.99 37.57
C ALA E 221 -54.32 -32.43 38.99
N LEU E 222 -54.70 -31.16 39.14
CA LEU E 222 -54.92 -30.61 40.48
C LEU E 222 -56.24 -31.11 41.05
N GLN E 223 -57.28 -31.20 40.21
CA GLN E 223 -58.59 -31.65 40.66
C GLN E 223 -58.52 -33.05 41.26
N ALA E 224 -57.70 -33.92 40.67
CA ALA E 224 -57.56 -35.28 41.15
C ALA E 224 -56.89 -35.37 42.53
N LEU E 225 -56.50 -34.25 43.12
CA LEU E 225 -55.82 -34.26 44.41
C LEU E 225 -56.47 -33.28 45.40
N MET F 1 -31.14 19.73 61.69
CA MET F 1 -30.10 18.72 61.59
C MET F 1 -29.74 18.18 62.97
N GLU F 2 -29.88 19.02 64.00
CA GLU F 2 -29.65 18.58 65.36
C GLU F 2 -30.54 17.38 65.70
N GLN F 3 -31.85 17.54 65.49
CA GLN F 3 -32.77 16.42 65.66
C GLN F 3 -32.50 15.30 64.66
N ALA F 4 -32.01 15.65 63.46
CA ALA F 4 -31.77 14.64 62.44
C ALA F 4 -30.74 13.62 62.92
N MET F 5 -29.52 14.08 63.25
CA MET F 5 -28.48 13.17 63.70
C MET F 5 -28.83 12.52 65.04
N ARG F 6 -29.65 13.19 65.84
CA ARG F 6 -30.16 12.57 67.07
C ARG F 6 -30.94 11.30 66.76
N GLU F 7 -31.99 11.45 65.95
CA GLU F 7 -32.86 10.31 65.56
C GLU F 7 -32.02 9.21 64.90
N ARG F 8 -31.15 9.59 63.97
CA ARG F 8 -30.29 8.62 63.28
C ARG F 8 -29.50 7.79 64.27
N SER F 9 -28.84 8.45 65.23
CA SER F 9 -28.03 7.74 66.21
C SER F 9 -28.88 6.80 67.06
N GLU F 10 -30.05 7.27 67.51
CA GLU F 10 -30.87 6.45 68.40
C GLU F 10 -31.51 5.28 67.64
N LEU F 11 -31.92 5.51 66.39
CA LEU F 11 -32.45 4.42 65.58
C LEU F 11 -31.40 3.32 65.41
N ALA F 12 -30.14 3.72 65.18
CA ALA F 12 -29.08 2.74 65.02
C ALA F 12 -28.83 1.99 66.32
N ARG F 13 -28.71 2.72 67.43
CA ARG F 13 -28.44 2.08 68.72
C ARG F 13 -29.56 1.11 69.10
N LYS F 14 -30.82 1.49 68.86
CA LYS F 14 -31.93 0.62 69.18
C LYS F 14 -31.92 -0.62 68.30
N GLY F 15 -31.62 -0.46 67.00
CA GLY F 15 -31.55 -1.61 66.12
C GLY F 15 -30.44 -2.57 66.49
N ILE F 16 -29.31 -2.04 66.96
CA ILE F 16 -28.20 -2.90 67.37
C ILE F 16 -28.51 -3.57 68.71
N ALA F 17 -29.30 -2.90 69.56
CA ALA F 17 -29.64 -3.50 70.85
C ALA F 17 -30.55 -4.71 70.69
N ARG F 18 -31.48 -4.66 69.74
CA ARG F 18 -32.45 -5.73 69.53
C ARG F 18 -31.87 -6.93 68.77
N ALA F 19 -30.56 -6.99 68.57
CA ALA F 19 -29.93 -8.07 67.84
C ALA F 19 -29.08 -8.93 68.78
N LYS F 20 -28.84 -10.16 68.34
CA LYS F 20 -28.04 -11.09 69.13
C LYS F 20 -26.58 -10.66 69.15
N SER F 21 -25.85 -11.15 70.15
CA SER F 21 -24.53 -10.65 70.48
C SER F 21 -23.42 -11.48 69.86
N VAL F 22 -22.26 -10.83 69.66
CA VAL F 22 -21.07 -11.45 69.11
C VAL F 22 -19.88 -11.04 69.98
N VAL F 23 -18.96 -11.97 70.21
CA VAL F 23 -17.72 -11.68 70.91
C VAL F 23 -16.55 -12.21 70.10
N ALA F 24 -15.41 -11.53 70.24
CA ALA F 24 -14.15 -11.98 69.67
C ALA F 24 -13.05 -11.68 70.68
N LEU F 25 -12.09 -12.60 70.79
CA LEU F 25 -10.99 -12.39 71.72
C LEU F 25 -9.75 -13.10 71.23
N ALA F 26 -8.59 -12.54 71.58
CA ALA F 26 -7.32 -13.13 71.22
C ALA F 26 -6.93 -14.22 72.22
N TYR F 27 -6.63 -15.40 71.70
CA TYR F 27 -6.16 -16.50 72.53
C TYR F 27 -4.81 -16.98 72.00
N ALA F 28 -4.27 -18.02 72.64
CA ALA F 28 -2.89 -18.43 72.37
C ALA F 28 -2.70 -18.86 70.92
N GLY F 29 -3.72 -19.45 70.30
CA GLY F 29 -3.62 -19.90 68.93
C GLY F 29 -4.09 -18.92 67.88
N GLY F 30 -4.50 -17.72 68.26
CA GLY F 30 -4.97 -16.74 67.31
C GLY F 30 -6.08 -15.86 67.84
N VAL F 31 -7.23 -15.87 67.16
CA VAL F 31 -8.40 -15.12 67.58
C VAL F 31 -9.63 -16.01 67.41
N LEU F 32 -10.52 -15.97 68.40
CA LEU F 32 -11.73 -16.77 68.40
C LEU F 32 -12.95 -15.87 68.23
N PHE F 33 -13.87 -16.27 67.36
CA PHE F 33 -15.13 -15.59 67.17
C PHE F 33 -16.26 -16.52 67.63
N VAL F 34 -17.11 -16.03 68.52
CA VAL F 34 -18.30 -16.76 68.96
C VAL F 34 -19.49 -15.82 68.92
N ALA F 35 -20.56 -16.27 68.29
CA ALA F 35 -21.76 -15.44 68.11
C ALA F 35 -23.00 -16.29 68.31
N GLU F 36 -24.03 -15.69 68.89
CA GLU F 36 -25.33 -16.35 69.01
C GLU F 36 -26.02 -16.29 67.66
N ASN F 37 -26.14 -17.44 67.00
CA ASN F 37 -26.71 -17.52 65.65
C ASN F 37 -27.36 -18.88 65.49
N PRO F 38 -28.70 -18.95 65.54
CA PRO F 38 -29.38 -20.23 65.33
C PRO F 38 -29.42 -20.65 63.87
N SER F 39 -29.19 -19.73 62.93
CA SER F 39 -29.32 -20.06 61.52
C SER F 39 -28.26 -21.07 61.09
N ARG F 40 -28.62 -21.89 60.11
CA ARG F 40 -27.71 -22.90 59.57
C ARG F 40 -26.96 -22.43 58.34
N SER F 41 -27.36 -21.31 57.72
CA SER F 41 -26.66 -20.85 56.53
C SER F 41 -26.69 -19.33 56.35
N LEU F 42 -26.92 -18.56 57.41
CA LEU F 42 -26.82 -17.10 57.36
C LEU F 42 -25.78 -16.68 58.38
N GLN F 43 -24.56 -16.44 57.90
CA GLN F 43 -23.41 -16.24 58.78
C GLN F 43 -23.28 -14.80 59.24
N LYS F 44 -22.69 -14.64 60.43
CA LYS F 44 -22.30 -13.35 60.97
C LYS F 44 -20.79 -13.20 61.09
N ILE F 45 -20.04 -14.29 60.95
CA ILE F 45 -18.59 -14.29 61.01
C ILE F 45 -18.07 -14.79 59.68
N SER F 46 -17.00 -14.16 59.19
CA SER F 46 -16.49 -14.53 57.87
C SER F 46 -15.03 -14.12 57.74
N GLU F 47 -14.35 -14.81 56.84
CA GLU F 47 -13.01 -14.42 56.42
C GLU F 47 -13.09 -13.19 55.53
N LEU F 48 -12.07 -12.33 55.62
CA LEU F 48 -11.87 -11.22 54.70
C LEU F 48 -10.64 -11.42 53.83
N TYR F 49 -9.53 -11.82 54.44
CA TYR F 49 -8.27 -12.01 53.72
C TYR F 49 -7.43 -13.01 54.50
N ASP F 50 -6.22 -13.26 54.01
CA ASP F 50 -5.36 -14.34 54.51
C ASP F 50 -5.35 -14.45 56.04
N ARG F 51 -5.00 -13.36 56.72
CA ARG F 51 -4.91 -13.36 58.18
C ARG F 51 -5.89 -12.38 58.81
N VAL F 52 -7.00 -12.07 58.14
CA VAL F 52 -7.92 -11.04 58.58
C VAL F 52 -9.33 -11.60 58.61
N GLY F 53 -10.02 -11.46 59.75
CA GLY F 53 -11.35 -11.99 59.93
C GLY F 53 -12.36 -10.86 60.20
N PHE F 54 -13.63 -11.23 60.10
CA PHE F 54 -14.75 -10.29 60.12
C PHE F 54 -15.88 -10.85 60.96
N ALA F 55 -16.40 -10.04 61.88
CA ALA F 55 -17.55 -10.39 62.70
C ALA F 55 -18.45 -9.18 62.84
N ALA F 56 -19.76 -9.40 62.82
CA ALA F 56 -20.69 -8.29 62.84
C ALA F 56 -21.93 -8.65 63.66
N ALA F 57 -22.59 -7.63 64.18
CA ALA F 57 -23.87 -7.77 64.83
C ALA F 57 -24.83 -6.74 64.27
N GLY F 58 -26.11 -7.11 64.21
CA GLY F 58 -27.14 -6.21 63.72
C GLY F 58 -27.92 -6.81 62.56
N LYS F 59 -28.40 -5.93 61.69
CA LYS F 59 -29.23 -6.34 60.55
C LYS F 59 -28.38 -7.07 59.52
N PHE F 60 -28.86 -8.24 59.07
CA PHE F 60 -28.01 -9.13 58.27
C PHE F 60 -27.61 -8.48 56.95
N ASN F 61 -28.59 -8.06 56.15
CA ASN F 61 -28.30 -7.57 54.81
C ASN F 61 -27.33 -6.39 54.83
N GLU F 62 -27.35 -5.60 55.92
CA GLU F 62 -26.48 -4.43 55.98
C GLU F 62 -25.04 -4.81 56.30
N PHE F 63 -24.83 -5.70 57.27
CA PHE F 63 -23.45 -6.09 57.54
C PHE F 63 -22.93 -7.11 56.54
N ASP F 64 -23.82 -7.78 55.81
CA ASP F 64 -23.37 -8.61 54.71
C ASP F 64 -22.91 -7.75 53.54
N ASN F 65 -23.61 -6.65 53.26
CA ASN F 65 -23.11 -5.66 52.31
C ASN F 65 -21.71 -5.21 52.71
N LEU F 66 -21.52 -4.87 53.98
CA LEU F 66 -20.22 -4.42 54.45
C LEU F 66 -19.17 -5.53 54.36
N ARG F 67 -19.58 -6.78 54.59
CA ARG F 67 -18.65 -7.88 54.45
C ARG F 67 -18.20 -8.03 53.00
N ARG F 68 -19.14 -7.95 52.06
CA ARG F 68 -18.80 -8.05 50.64
C ARG F 68 -17.92 -6.88 50.21
N GLY F 69 -18.24 -5.67 50.66
CA GLY F 69 -17.40 -4.53 50.36
C GLY F 69 -16.00 -4.68 50.91
N GLY F 70 -15.87 -5.28 52.09
CA GLY F 70 -14.55 -5.49 52.67
C GLY F 70 -13.72 -6.50 51.89
N ILE F 71 -14.37 -7.57 51.42
CA ILE F 71 -13.67 -8.55 50.59
C ILE F 71 -13.25 -7.93 49.27
N GLN F 72 -14.13 -7.14 48.66
CA GLN F 72 -13.78 -6.42 47.44
C GLN F 72 -12.57 -5.52 47.67
N PHE F 73 -12.58 -4.73 48.75
CA PHE F 73 -11.43 -3.89 49.06
C PHE F 73 -10.17 -4.72 49.25
N ALA F 74 -10.27 -5.80 50.04
CA ALA F 74 -9.09 -6.59 50.37
C ALA F 74 -8.48 -7.24 49.13
N ASP F 75 -9.32 -7.82 48.27
CA ASP F 75 -8.81 -8.52 47.09
C ASP F 75 -8.22 -7.53 46.09
N THR F 76 -8.90 -6.39 45.90
CA THR F 76 -8.37 -5.37 44.99
C THR F 76 -7.01 -4.87 45.47
N ARG F 77 -6.91 -4.52 46.76
CA ARG F 77 -5.67 -3.95 47.27
C ARG F 77 -4.54 -4.97 47.28
N GLY F 78 -4.86 -6.24 47.53
CA GLY F 78 -3.82 -7.26 47.46
C GLY F 78 -3.40 -7.57 46.05
N TYR F 79 -4.29 -7.37 45.08
CA TYR F 79 -3.94 -7.61 43.68
C TYR F 79 -3.16 -6.44 43.09
N ALA F 80 -3.59 -5.21 43.35
CA ALA F 80 -2.89 -4.04 42.83
C ALA F 80 -1.49 -3.90 43.41
N TYR F 81 -1.25 -4.46 44.59
CA TYR F 81 0.06 -4.40 45.21
C TYR F 81 0.51 -5.83 45.48
N ASP F 82 0.35 -6.34 46.69
CA ASP F 82 0.67 -7.73 47.01
C ASP F 82 -0.12 -8.11 48.25
N ARG F 83 -0.31 -9.42 48.44
CA ARG F 83 -1.16 -9.92 49.51
C ARG F 83 -0.71 -9.38 50.87
N ARG F 84 0.60 -9.43 51.15
CA ARG F 84 1.13 -8.97 52.43
C ARG F 84 0.89 -7.49 52.70
N ASP F 85 0.45 -6.72 51.70
CA ASP F 85 0.14 -5.32 51.92
C ASP F 85 -1.25 -5.10 52.51
N VAL F 86 -2.09 -6.14 52.53
CA VAL F 86 -3.42 -6.03 53.10
C VAL F 86 -3.32 -6.29 54.61
N THR F 87 -3.71 -5.29 55.41
CA THR F 87 -3.63 -5.38 56.86
C THR F 87 -5.01 -5.21 57.49
N GLY F 88 -5.12 -5.68 58.73
CA GLY F 88 -6.36 -5.50 59.47
C GLY F 88 -6.65 -4.04 59.76
N ARG F 89 -5.63 -3.26 60.13
CA ARG F 89 -5.81 -1.83 60.32
C ARG F 89 -6.38 -1.17 59.07
N GLN F 90 -5.83 -1.52 57.90
CA GLN F 90 -6.31 -0.95 56.65
C GLN F 90 -7.80 -1.19 56.47
N LEU F 91 -8.26 -2.42 56.68
CA LEU F 91 -9.67 -2.74 56.48
C LEU F 91 -10.56 -2.06 57.52
N ALA F 92 -10.11 -1.99 58.78
CA ALA F 92 -10.87 -1.27 59.80
C ALA F 92 -10.96 0.21 59.47
N ASN F 93 -9.86 0.78 58.98
CA ASN F 93 -9.87 2.19 58.55
C ASN F 93 -10.92 2.41 57.47
N VAL F 94 -10.97 1.50 56.48
CA VAL F 94 -11.93 1.65 55.38
C VAL F 94 -13.35 1.46 55.89
N TYR F 95 -13.55 0.56 56.84
CA TYR F 95 -14.88 0.38 57.41
C TYR F 95 -15.33 1.63 58.16
N ALA F 96 -14.43 2.26 58.91
CA ALA F 96 -14.76 3.51 59.58
C ALA F 96 -15.17 4.57 58.58
N GLN F 97 -14.41 4.70 57.49
CA GLN F 97 -14.74 5.67 56.44
C GLN F 97 -16.11 5.35 55.83
N THR F 98 -16.36 4.07 55.55
CA THR F 98 -17.61 3.69 54.90
C THR F 98 -18.80 3.91 55.83
N LEU F 99 -18.70 3.48 57.09
CA LEU F 99 -19.81 3.65 58.01
C LEU F 99 -20.06 5.13 58.31
N GLY F 100 -19.01 5.93 58.39
CA GLY F 100 -19.19 7.37 58.53
C GLY F 100 -20.00 7.96 57.39
N THR F 101 -19.66 7.57 56.16
CA THR F 101 -20.42 8.05 55.00
C THR F 101 -21.85 7.55 55.03
N ILE F 102 -22.06 6.30 55.45
CA ILE F 102 -23.41 5.76 55.51
C ILE F 102 -24.22 6.45 56.58
N PHE F 103 -23.64 6.68 57.76
CA PHE F 103 -24.39 7.30 58.84
C PHE F 103 -24.84 8.71 58.50
N THR F 104 -24.03 9.45 57.73
CA THR F 104 -24.34 10.85 57.45
C THR F 104 -25.13 11.06 56.17
N GLU F 105 -25.02 10.16 55.19
CA GLU F 105 -25.57 10.41 53.87
C GLU F 105 -26.61 9.39 53.40
N GLN F 106 -26.66 8.20 53.99
CA GLN F 106 -27.65 7.21 53.58
C GLN F 106 -29.03 7.58 54.12
N ALA F 107 -30.07 7.15 53.40
CA ALA F 107 -31.44 7.48 53.79
C ALA F 107 -31.77 6.97 55.19
N LYS F 108 -31.11 5.90 55.62
CA LYS F 108 -31.30 5.33 56.94
C LYS F 108 -29.94 4.77 57.35
N PRO F 109 -29.46 5.08 58.56
CA PRO F 109 -28.15 4.57 58.97
C PRO F 109 -28.16 3.06 59.12
N TYR F 110 -26.98 2.46 58.96
CA TYR F 110 -26.85 1.02 59.10
C TYR F 110 -26.89 0.63 60.57
N GLU F 111 -27.79 -0.29 60.91
CA GLU F 111 -27.90 -0.82 62.27
C GLU F 111 -26.92 -1.99 62.41
N VAL F 112 -25.63 -1.65 62.43
CA VAL F 112 -24.57 -2.66 62.47
C VAL F 112 -23.46 -2.21 63.42
N GLU F 113 -22.72 -3.20 63.90
CA GLU F 113 -21.51 -2.99 64.68
C GLU F 113 -20.54 -4.07 64.26
N LEU F 114 -19.34 -3.68 63.82
CA LEU F 114 -18.41 -4.59 63.16
C LEU F 114 -17.14 -4.76 63.98
N CYS F 115 -16.56 -5.95 63.88
CA CYS F 115 -15.22 -6.23 64.39
C CYS F 115 -14.34 -6.74 63.26
N VAL F 116 -13.13 -6.20 63.17
CA VAL F 116 -12.10 -6.69 62.25
C VAL F 116 -10.92 -7.14 63.10
N ALA F 117 -10.51 -8.40 62.93
CA ALA F 117 -9.39 -8.96 63.68
C ALA F 117 -8.33 -9.47 62.71
N GLU F 118 -7.08 -9.38 63.15
CA GLU F 118 -5.95 -9.84 62.36
C GLU F 118 -4.98 -10.58 63.27
N VAL F 119 -4.59 -11.78 62.86
CA VAL F 119 -3.58 -12.56 63.56
C VAL F 119 -2.29 -12.53 62.76
N ALA F 120 -1.19 -12.93 63.40
CA ALA F 120 0.12 -12.84 62.78
C ALA F 120 0.21 -13.75 61.56
N HIS F 121 1.20 -13.46 60.71
CA HIS F 121 1.50 -14.35 59.61
C HIS F 121 2.14 -15.63 60.14
N TYR F 122 1.97 -16.71 59.38
CA TYR F 122 2.52 -18.00 59.79
C TYR F 122 4.03 -17.90 59.97
N GLY F 123 4.51 -18.35 61.13
CA GLY F 123 5.90 -18.24 61.47
C GLY F 123 6.28 -16.99 62.23
N GLU F 124 5.46 -15.94 62.15
CA GLU F 124 5.71 -14.73 62.92
C GLU F 124 5.17 -14.87 64.33
N THR F 125 5.70 -14.04 65.23
CA THR F 125 5.19 -13.92 66.59
C THR F 125 4.77 -12.46 66.77
N LYS F 126 3.49 -12.21 66.52
CA LYS F 126 2.89 -10.89 66.62
C LYS F 126 1.51 -11.04 67.26
N ARG F 127 1.27 -10.29 68.33
CA ARG F 127 0.01 -10.45 69.04
C ARG F 127 -1.15 -9.97 68.16
N PRO F 128 -2.30 -10.64 68.24
CA PRO F 128 -3.43 -10.25 67.39
C PRO F 128 -3.90 -8.84 67.68
N GLU F 129 -4.47 -8.21 66.66
CA GLU F 129 -5.13 -6.93 66.78
C GLU F 129 -6.62 -7.10 66.59
N LEU F 130 -7.40 -6.40 67.40
CA LEU F 130 -8.84 -6.36 67.27
C LEU F 130 -9.27 -4.93 67.02
N TYR F 131 -10.29 -4.76 66.20
CA TYR F 131 -10.83 -3.45 65.89
C TYR F 131 -12.35 -3.51 65.98
N ARG F 132 -12.94 -2.44 66.50
CA ARG F 132 -14.39 -2.31 66.57
C ARG F 132 -14.79 -1.02 65.86
N ILE F 133 -15.77 -1.13 64.97
CA ILE F 133 -16.27 0.02 64.23
C ILE F 133 -17.78 0.08 64.45
N THR F 134 -18.26 1.24 64.89
CA THR F 134 -19.66 1.42 65.21
C THR F 134 -20.41 2.04 64.04
N TYR F 135 -21.72 2.22 64.23
CA TYR F 135 -22.59 2.63 63.13
C TYR F 135 -22.25 4.01 62.58
N ASP F 136 -21.62 4.87 63.37
CA ASP F 136 -21.30 6.22 62.93
C ASP F 136 -19.89 6.34 62.37
N GLY F 137 -19.11 5.26 62.36
CA GLY F 137 -17.76 5.29 61.85
C GLY F 137 -16.69 5.45 62.90
N SER F 138 -17.06 5.51 64.17
CA SER F 138 -16.06 5.56 65.24
C SER F 138 -15.36 4.22 65.33
N ILE F 139 -14.06 4.26 65.62
CA ILE F 139 -13.20 3.09 65.54
C ILE F 139 -12.34 3.04 66.79
N ALA F 140 -12.19 1.84 67.36
CA ALA F 140 -11.36 1.63 68.53
C ALA F 140 -10.64 0.29 68.39
N ASP F 141 -9.34 0.30 68.63
CA ASP F 141 -8.54 -0.92 68.64
C ASP F 141 -8.51 -1.50 70.05
N GLU F 142 -8.61 -2.83 70.14
CA GLU F 142 -8.67 -3.52 71.42
C GLU F 142 -7.62 -4.62 71.48
N PRO F 143 -6.99 -4.81 72.64
CA PRO F 143 -5.90 -5.79 72.73
C PRO F 143 -6.33 -7.14 73.29
N HIS F 144 -7.56 -7.24 73.77
CA HIS F 144 -7.97 -8.47 74.46
C HIS F 144 -9.29 -9.03 73.94
N PHE F 145 -10.34 -8.22 73.89
CA PHE F 145 -11.61 -8.74 73.43
C PHE F 145 -12.49 -7.60 72.91
N VAL F 146 -13.53 -7.98 72.17
CA VAL F 146 -14.49 -7.05 71.59
C VAL F 146 -15.86 -7.70 71.64
N VAL F 147 -16.87 -6.94 72.08
CA VAL F 147 -18.25 -7.41 72.18
C VAL F 147 -19.14 -6.48 71.38
N MET F 148 -20.14 -7.04 70.69
CA MET F 148 -21.04 -6.28 69.85
C MET F 148 -22.45 -6.82 69.95
N GLY F 149 -23.42 -5.93 69.80
CA GLY F 149 -24.82 -6.31 69.73
C GLY F 149 -25.46 -6.59 71.07
N GLY F 150 -26.75 -6.26 71.18
CA GLY F 150 -27.49 -6.57 72.39
C GLY F 150 -27.03 -5.75 73.59
N THR F 151 -26.86 -6.44 74.72
CA THR F 151 -26.46 -5.82 75.98
C THR F 151 -24.96 -6.05 76.15
N THR F 152 -24.18 -4.97 76.05
CA THR F 152 -22.73 -5.10 76.05
C THR F 152 -22.13 -5.08 77.45
N GLU F 153 -22.77 -4.41 78.42
CA GLU F 153 -22.18 -4.28 79.75
C GLU F 153 -21.99 -5.62 80.46
N PRO F 154 -22.99 -6.51 80.55
CA PRO F 154 -22.75 -7.77 81.28
C PRO F 154 -21.75 -8.68 80.61
N ILE F 155 -21.80 -8.77 79.28
CA ILE F 155 -20.85 -9.60 78.56
C ILE F 155 -19.43 -9.04 78.68
N ALA F 156 -19.30 -7.72 78.57
CA ALA F 156 -17.99 -7.09 78.68
C ALA F 156 -17.38 -7.33 80.06
N ASN F 157 -18.14 -7.04 81.11
CA ASN F 157 -17.62 -7.18 82.47
C ASN F 157 -17.34 -8.65 82.81
N ALA F 158 -18.21 -9.56 82.35
CA ALA F 158 -17.96 -10.98 82.55
C ALA F 158 -16.60 -11.36 81.98
N LEU F 159 -16.29 -10.88 80.77
CA LEU F 159 -14.99 -11.14 80.17
C LEU F 159 -13.89 -10.32 80.86
N LYS F 160 -14.21 -9.09 81.27
CA LYS F 160 -13.21 -8.24 81.93
C LYS F 160 -12.59 -8.94 83.13
N GLU F 161 -13.40 -9.72 83.87
CA GLU F 161 -12.90 -10.46 85.02
C GLU F 161 -12.51 -11.89 84.67
N SER F 162 -13.02 -12.45 83.59
CA SER F 162 -12.78 -13.84 83.23
C SER F 162 -11.82 -14.02 82.07
N TYR F 163 -11.31 -12.93 81.48
CA TYR F 163 -10.39 -13.06 80.36
C TYR F 163 -9.05 -13.61 80.84
N ALA F 164 -8.50 -14.55 80.08
CA ALA F 164 -7.20 -15.15 80.37
C ALA F 164 -6.32 -15.00 79.14
N GLU F 165 -5.23 -14.24 79.28
CA GLU F 165 -4.31 -14.05 78.17
C GLU F 165 -3.58 -15.35 77.85
N ASN F 166 -3.40 -15.63 76.57
CA ASN F 166 -2.77 -16.86 76.08
C ASN F 166 -3.54 -18.10 76.53
N ALA F 167 -4.85 -17.97 76.71
CA ALA F 167 -5.67 -19.12 77.07
C ALA F 167 -5.82 -20.06 75.88
N SER F 168 -6.04 -21.33 76.17
CA SER F 168 -6.19 -22.33 75.13
C SER F 168 -7.49 -22.11 74.38
N LEU F 169 -7.69 -22.94 73.35
CA LEU F 169 -8.90 -22.83 72.52
C LEU F 169 -10.14 -23.17 73.34
N THR F 170 -10.14 -24.33 74.01
CA THR F 170 -11.30 -24.73 74.81
C THR F 170 -11.54 -23.76 75.95
N ASP F 171 -10.47 -23.31 76.60
CA ASP F 171 -10.61 -22.36 77.71
C ASP F 171 -11.31 -21.09 77.27
N ALA F 172 -10.74 -20.41 76.26
CA ALA F 172 -11.30 -19.15 75.80
C ALA F 172 -12.69 -19.33 75.19
N LEU F 173 -12.95 -20.48 74.57
CA LEU F 173 -14.28 -20.74 74.02
C LEU F 173 -15.32 -20.76 75.13
N ARG F 174 -15.11 -21.58 76.16
CA ARG F 174 -16.06 -21.67 77.25
C ARG F 174 -16.18 -20.35 77.99
N ILE F 175 -15.07 -19.63 78.14
CA ILE F 175 -15.11 -18.31 78.77
C ILE F 175 -16.06 -17.39 78.00
N ALA F 176 -15.92 -17.37 76.67
CA ALA F 176 -16.77 -16.50 75.86
C ALA F 176 -18.22 -16.96 75.87
N VAL F 177 -18.46 -18.27 75.83
CA VAL F 177 -19.82 -18.79 75.89
C VAL F 177 -20.49 -18.38 77.20
N ALA F 178 -19.76 -18.46 78.30
CA ALA F 178 -20.30 -18.05 79.59
C ALA F 178 -20.64 -16.57 79.59
N ALA F 179 -19.72 -15.73 79.08
CA ALA F 179 -19.98 -14.30 79.03
C ALA F 179 -21.15 -13.98 78.12
N LEU F 180 -21.40 -14.82 77.11
CA LEU F 180 -22.54 -14.59 76.21
C LEU F 180 -23.87 -14.84 76.94
N ARG F 181 -23.96 -15.93 77.69
CA ARG F 181 -25.16 -16.17 78.48
C ARG F 181 -25.23 -15.24 79.69
N ALA F 182 -24.07 -14.78 80.18
CA ALA F 182 -24.05 -13.87 81.33
C ALA F 182 -24.78 -12.57 81.03
N GLY F 183 -24.79 -12.15 79.77
CA GLY F 183 -25.51 -10.95 79.38
C GLY F 183 -26.89 -11.25 78.83
N SER F 184 -26.93 -11.95 77.71
CA SER F 184 -28.19 -12.29 77.05
C SER F 184 -28.98 -13.31 77.85
N LEU F 195 -27.54 -23.28 74.67
CA LEU F 195 -26.54 -22.56 73.89
C LEU F 195 -25.42 -23.49 73.45
N GLY F 196 -25.63 -24.19 72.34
CA GLY F 196 -24.65 -25.14 71.84
C GLY F 196 -24.66 -25.25 70.33
N VAL F 197 -24.31 -26.43 69.82
CA VAL F 197 -24.29 -26.65 68.38
C VAL F 197 -25.68 -26.41 67.80
N ALA F 198 -25.71 -25.78 66.62
CA ALA F 198 -26.90 -25.30 65.92
C ALA F 198 -27.53 -24.11 66.63
N SER F 199 -27.01 -23.69 67.79
CA SER F 199 -27.41 -22.47 68.46
C SER F 199 -26.28 -21.44 68.49
N LEU F 200 -25.15 -21.76 67.84
CA LEU F 200 -23.97 -20.89 67.86
C LEU F 200 -23.30 -20.87 66.50
N GLU F 201 -22.60 -19.78 66.22
CA GLU F 201 -21.70 -19.67 65.09
C GLU F 201 -20.31 -19.36 65.63
N VAL F 202 -19.36 -20.26 65.41
CA VAL F 202 -18.02 -20.14 65.97
C VAL F 202 -17.00 -20.35 64.84
N ALA F 203 -16.02 -19.46 64.78
CA ALA F 203 -14.91 -19.55 63.85
C ALA F 203 -13.65 -19.07 64.56
N VAL F 204 -12.50 -19.26 63.90
CA VAL F 204 -11.23 -18.90 64.52
C VAL F 204 -10.25 -18.49 63.42
N LEU F 205 -9.55 -17.37 63.64
CA LEU F 205 -8.37 -17.03 62.86
C LEU F 205 -7.20 -17.82 63.43
N ASP F 206 -6.88 -18.95 62.81
CA ASP F 206 -5.86 -19.86 63.31
C ASP F 206 -4.50 -19.40 62.80
N ALA F 207 -3.70 -18.80 63.69
CA ALA F 207 -2.42 -18.23 63.31
C ALA F 207 -1.37 -19.28 62.96
N ASN F 208 -1.69 -20.57 62.98
CA ASN F 208 -0.72 -21.58 62.57
C ASN F 208 -1.06 -22.21 61.22
N ARG F 209 -2.16 -21.84 60.61
CA ARG F 209 -2.45 -22.25 59.24
C ARG F 209 -1.51 -21.53 58.28
N PRO F 210 -1.04 -22.21 57.22
CA PRO F 210 -0.01 -21.60 56.35
C PRO F 210 -0.38 -20.25 55.74
N ARG F 211 -1.61 -20.11 55.23
CA ARG F 211 -1.99 -18.82 54.64
C ARG F 211 -3.37 -18.38 55.11
N ARG F 212 -4.42 -19.12 54.74
CA ARG F 212 -5.78 -18.72 55.05
C ARG F 212 -6.12 -19.19 56.46
N ALA F 213 -6.00 -18.28 57.43
CA ALA F 213 -6.09 -18.67 58.83
C ALA F 213 -7.53 -18.92 59.26
N PHE F 214 -8.49 -18.33 58.57
CA PHE F 214 -9.89 -18.46 58.95
C PHE F 214 -10.36 -19.90 58.78
N ARG F 215 -10.93 -20.47 59.84
CA ARG F 215 -11.46 -21.82 59.80
C ARG F 215 -12.66 -21.92 60.71
N ARG F 216 -13.75 -22.48 60.18
CA ARG F 216 -14.98 -22.64 60.97
C ARG F 216 -14.90 -23.90 61.81
N ILE F 217 -15.45 -23.82 63.02
CA ILE F 217 -15.60 -24.96 63.92
C ILE F 217 -17.09 -25.25 64.01
N THR F 218 -17.50 -26.40 63.46
CA THR F 218 -18.91 -26.67 63.21
C THR F 218 -19.28 -28.07 63.67
N GLY F 219 -20.56 -28.21 64.06
CA GLY F 219 -21.19 -29.49 64.32
C GLY F 219 -20.46 -30.42 65.25
N SER F 220 -19.93 -31.51 64.69
CA SER F 220 -19.30 -32.56 65.50
C SER F 220 -18.14 -32.01 66.32
N ALA F 221 -17.22 -31.28 65.68
CA ALA F 221 -16.05 -30.78 66.39
C ALA F 221 -16.43 -29.74 67.44
N LEU F 222 -17.38 -28.86 67.12
CA LEU F 222 -17.78 -27.84 68.08
C LEU F 222 -18.42 -28.48 69.31
N GLN F 223 -19.33 -29.43 69.10
CA GLN F 223 -19.95 -30.14 70.23
C GLN F 223 -18.89 -30.83 71.08
N ALA F 224 -17.91 -31.44 70.43
CA ALA F 224 -16.84 -32.13 71.17
C ALA F 224 -16.03 -31.15 72.02
N LEU F 225 -15.80 -29.95 71.50
CA LEU F 225 -14.89 -29.01 72.15
C LEU F 225 -15.56 -28.13 73.19
N LEU F 226 -16.89 -28.13 73.28
CA LEU F 226 -17.56 -27.33 74.29
C LEU F 226 -17.86 -28.17 75.55
N MET G 1 -31.51 28.80 56.64
CA MET G 1 -30.23 29.40 56.29
C MET G 1 -29.43 29.75 57.54
N GLU G 2 -29.82 30.86 58.20
CA GLU G 2 -29.10 31.29 59.40
C GLU G 2 -29.14 30.22 60.46
N GLN G 3 -30.32 29.65 60.73
CA GLN G 3 -30.43 28.60 61.74
C GLN G 3 -29.70 27.33 61.30
N ALA G 4 -29.68 27.04 60.00
CA ALA G 4 -28.97 25.85 59.53
C ALA G 4 -27.47 25.98 59.73
N MET G 5 -26.91 27.16 59.47
CA MET G 5 -25.48 27.37 59.67
C MET G 5 -25.14 27.39 61.16
N ARG G 6 -26.03 27.95 61.99
CA ARG G 6 -25.85 27.87 63.43
C ARG G 6 -25.79 26.42 63.90
N GLU G 7 -26.71 25.59 63.40
CA GLU G 7 -26.75 24.19 63.82
C GLU G 7 -25.50 23.43 63.39
N ARG G 8 -25.07 23.64 62.14
CA ARG G 8 -23.84 22.99 61.69
C ARG G 8 -22.64 23.41 62.52
N SER G 9 -22.53 24.72 62.81
CA SER G 9 -21.45 25.20 63.66
C SER G 9 -21.55 24.62 65.07
N GLU G 10 -22.77 24.49 65.60
CA GLU G 10 -22.96 23.88 66.90
C GLU G 10 -22.52 22.42 66.89
N LEU G 11 -22.97 21.66 65.88
CA LEU G 11 -22.60 20.25 65.78
C LEU G 11 -21.09 20.07 65.76
N ALA G 12 -20.39 20.91 64.99
CA ALA G 12 -18.95 20.78 64.88
C ALA G 12 -18.27 21.16 66.19
N ARG G 13 -18.68 22.27 66.79
CA ARG G 13 -18.10 22.67 68.06
C ARG G 13 -18.34 21.60 69.12
N LYS G 14 -19.55 21.03 69.15
CA LYS G 14 -19.85 19.94 70.08
C LYS G 14 -18.89 18.78 69.88
N GLY G 15 -18.74 18.32 68.64
CA GLY G 15 -17.89 17.16 68.37
C GLY G 15 -16.43 17.40 68.69
N ILE G 16 -15.94 18.63 68.47
CA ILE G 16 -14.54 18.93 68.74
C ILE G 16 -14.28 19.02 70.24
N ALA G 17 -15.21 19.64 70.99
CA ALA G 17 -15.05 19.77 72.43
C ALA G 17 -15.05 18.42 73.13
N ARG G 18 -15.76 17.43 72.57
CA ARG G 18 -15.83 16.11 73.18
C ARG G 18 -14.55 15.30 72.99
N ALA G 19 -13.62 15.75 72.15
CA ALA G 19 -12.48 14.96 71.75
C ALA G 19 -11.23 15.33 72.55
N LYS G 20 -10.20 14.49 72.41
CA LYS G 20 -8.93 14.71 73.07
C LYS G 20 -8.21 15.92 72.48
N SER G 21 -7.17 16.37 73.18
CA SER G 21 -6.46 17.59 72.84
C SER G 21 -5.12 17.30 72.19
N VAL G 22 -4.65 18.26 71.38
CA VAL G 22 -3.39 18.16 70.67
C VAL G 22 -2.68 19.51 70.74
N VAL G 23 -1.37 19.47 70.90
CA VAL G 23 -0.55 20.68 70.94
C VAL G 23 0.61 20.53 69.98
N ALA G 24 0.87 21.59 69.21
CA ALA G 24 2.08 21.71 68.41
C ALA G 24 2.76 23.03 68.77
N LEU G 25 4.09 23.02 68.82
CA LEU G 25 4.82 24.22 69.17
C LEU G 25 6.20 24.21 68.52
N ALA G 26 6.72 25.41 68.26
CA ALA G 26 8.05 25.56 67.70
C ALA G 26 9.10 25.44 68.79
N TYR G 27 10.21 24.79 68.47
CA TYR G 27 11.32 24.66 69.41
C TYR G 27 12.62 24.68 68.63
N ALA G 28 13.73 24.48 69.34
CA ALA G 28 15.05 24.70 68.77
C ALA G 28 15.34 23.77 67.60
N GLY G 29 14.70 22.61 67.54
CA GLY G 29 14.93 21.65 66.49
C GLY G 29 13.83 21.54 65.46
N GLY G 30 12.87 22.46 65.45
CA GLY G 30 11.77 22.39 64.51
C GLY G 30 10.42 22.56 65.18
N VAL G 31 9.53 21.60 64.99
CA VAL G 31 8.18 21.65 65.54
C VAL G 31 7.91 20.34 66.27
N LEU G 32 7.28 20.45 67.44
CA LEU G 32 6.93 19.29 68.25
C LEU G 32 5.41 19.13 68.26
N PHE G 33 4.96 17.92 67.95
CA PHE G 33 3.55 17.56 68.06
C PHE G 33 3.39 16.62 69.25
N VAL G 34 2.46 16.95 70.15
CA VAL G 34 2.12 16.07 71.26
C VAL G 34 0.59 15.98 71.33
N ALA G 35 0.08 14.76 71.26
CA ALA G 35 -1.35 14.52 71.28
C ALA G 35 -1.69 13.45 72.31
N GLU G 36 -2.85 13.59 72.94
CA GLU G 36 -3.36 12.58 73.85
C GLU G 36 -3.99 11.47 73.03
N ASN G 37 -3.32 10.31 72.98
CA ASN G 37 -3.78 9.21 72.16
C ASN G 37 -3.49 7.88 72.84
N PRO G 38 -4.52 7.18 73.33
CA PRO G 38 -4.29 5.87 73.95
C PRO G 38 -4.02 4.79 72.92
N SER G 39 -4.55 4.97 71.71
CA SER G 39 -4.49 3.93 70.69
C SER G 39 -3.05 3.60 70.33
N ARG G 40 -2.85 2.35 69.92
CA ARG G 40 -1.53 1.88 69.50
C ARG G 40 -1.34 1.96 67.99
N SER G 41 -2.41 2.08 67.21
CA SER G 41 -2.31 2.08 65.75
C SER G 41 -3.03 3.24 65.07
N LEU G 42 -4.03 3.85 65.70
CA LEU G 42 -4.77 4.96 65.10
C LEU G 42 -4.05 6.26 65.43
N GLN G 43 -3.61 6.97 64.39
CA GLN G 43 -2.71 8.11 64.54
C GLN G 43 -3.45 9.42 64.29
N LYS G 44 -3.05 10.45 65.03
CA LYS G 44 -3.59 11.80 64.90
C LYS G 44 -2.55 12.79 64.40
N ILE G 45 -1.28 12.44 64.41
CA ILE G 45 -0.19 13.26 63.90
C ILE G 45 0.40 12.53 62.70
N SER G 46 0.66 13.26 61.63
CA SER G 46 1.03 12.61 60.38
C SER G 46 1.94 13.49 59.54
N GLU G 47 2.78 12.83 58.74
CA GLU G 47 3.59 13.51 57.74
C GLU G 47 2.72 13.88 56.53
N LEU G 48 2.96 15.07 55.99
CA LEU G 48 2.33 15.50 54.74
C LEU G 48 3.33 15.53 53.60
N TYR G 49 4.41 16.29 53.73
CA TYR G 49 5.43 16.39 52.70
C TYR G 49 6.79 16.48 53.40
N ASP G 50 7.84 16.70 52.62
CA ASP G 50 9.22 16.67 53.12
C ASP G 50 9.39 17.42 54.43
N ARG G 51 8.94 18.68 54.47
CA ARG G 51 9.11 19.52 55.64
C ARG G 51 7.78 19.95 56.26
N VAL G 52 6.68 19.29 55.92
CA VAL G 52 5.35 19.73 56.31
C VAL G 52 4.67 18.61 57.09
N GLY G 53 4.25 18.92 58.31
CA GLY G 53 3.55 17.97 59.16
C GLY G 53 2.09 18.35 59.37
N PHE G 54 1.37 17.41 59.97
CA PHE G 54 -0.08 17.48 60.08
C PHE G 54 -0.51 16.93 61.44
N ALA G 55 -1.36 17.68 62.13
CA ALA G 55 -1.98 17.22 63.37
C ALA G 55 -3.44 17.62 63.36
N ALA G 56 -4.28 16.76 63.93
CA ALA G 56 -5.72 16.97 63.92
C ALA G 56 -6.32 16.48 65.23
N ALA G 57 -7.54 16.96 65.48
CA ALA G 57 -8.37 16.52 66.58
C ALA G 57 -9.80 16.49 66.11
N GLY G 58 -10.55 15.52 66.62
CA GLY G 58 -11.95 15.35 66.34
C GLY G 58 -12.25 13.95 65.91
N LYS G 59 -13.29 13.80 65.09
CA LYS G 59 -13.72 12.49 64.62
C LYS G 59 -12.65 11.90 63.69
N PHE G 60 -12.24 10.66 63.98
CA PHE G 60 -11.05 10.10 63.35
C PHE G 60 -11.22 9.96 61.84
N ASN G 61 -12.33 9.37 61.40
CA ASN G 61 -12.50 9.11 59.98
C ASN G 61 -12.50 10.39 59.17
N GLU G 62 -12.95 11.49 59.78
CA GLU G 62 -13.07 12.73 59.03
C GLU G 62 -11.72 13.42 58.88
N PHE G 63 -10.94 13.53 59.95
CA PHE G 63 -9.62 14.13 59.79
C PHE G 63 -8.64 13.20 59.11
N ASP G 64 -8.95 11.90 59.04
CA ASP G 64 -8.12 11.00 58.26
C ASP G 64 -8.40 11.17 56.77
N ASN G 65 -9.68 11.35 56.40
CA ASN G 65 -10.00 11.71 55.01
C ASN G 65 -9.24 12.98 54.60
N LEU G 66 -9.27 14.00 55.47
CA LEU G 66 -8.55 15.23 55.18
C LEU G 66 -7.04 15.02 55.15
N ARG G 67 -6.53 14.12 56.00
CA ARG G 67 -5.10 13.80 55.97
C ARG G 67 -4.71 13.19 54.64
N ARG G 68 -5.51 12.26 54.14
CA ARG G 68 -5.21 11.62 52.86
C ARG G 68 -5.38 12.61 51.71
N GLY G 69 -6.41 13.46 51.75
CA GLY G 69 -6.59 14.45 50.71
C GLY G 69 -5.45 15.45 50.65
N GLY G 70 -4.88 15.79 51.81
CA GLY G 70 -3.72 16.67 51.82
C GLY G 70 -2.48 16.01 51.24
N ILE G 71 -2.28 14.73 51.57
CA ILE G 71 -1.15 13.99 51.02
C ILE G 71 -1.29 13.88 49.51
N GLN G 72 -2.51 13.68 49.01
CA GLN G 72 -2.73 13.63 47.58
C GLN G 72 -2.42 14.98 46.93
N PHE G 73 -2.88 16.06 47.55
CA PHE G 73 -2.61 17.40 47.02
C PHE G 73 -1.11 17.68 46.96
N ALA G 74 -0.41 17.37 48.06
CA ALA G 74 1.02 17.69 48.13
C ALA G 74 1.82 16.88 47.11
N ASP G 75 1.53 15.59 47.00
CA ASP G 75 2.30 14.74 46.09
C ASP G 75 2.04 15.11 44.64
N THR G 76 0.80 15.51 44.32
CA THR G 76 0.48 15.93 42.96
C THR G 76 1.15 17.26 42.64
N ARG G 77 1.15 18.19 43.59
CA ARG G 77 1.76 19.50 43.33
C ARG G 77 3.27 19.39 43.24
N GLY G 78 3.88 18.55 44.07
CA GLY G 78 5.31 18.33 43.96
C GLY G 78 5.71 17.64 42.68
N TYR G 79 4.83 16.78 42.14
CA TYR G 79 5.16 16.09 40.90
C TYR G 79 4.95 16.99 39.69
N ALA G 80 3.81 17.70 39.64
CA ALA G 80 3.53 18.58 38.52
C ALA G 80 4.49 19.76 38.43
N TYR G 81 5.10 20.15 39.55
CA TYR G 81 6.08 21.23 39.57
C TYR G 81 7.42 20.73 40.09
N ASP G 82 7.77 21.07 41.33
CA ASP G 82 8.92 20.48 42.00
C ASP G 82 8.60 20.39 43.48
N ARG G 83 9.35 19.53 44.19
CA ARG G 83 9.08 19.28 45.60
C ARG G 83 9.16 20.57 46.42
N ARG G 84 10.22 21.36 46.20
CA ARG G 84 10.43 22.58 46.96
C ARG G 84 9.39 23.66 46.68
N ASP G 85 8.47 23.42 45.73
CA ASP G 85 7.34 24.31 45.53
C ASP G 85 6.18 24.02 46.49
N VAL G 86 6.21 22.88 47.18
CA VAL G 86 5.17 22.54 48.15
C VAL G 86 5.52 23.18 49.48
N THR G 87 4.58 23.94 50.04
CA THR G 87 4.79 24.67 51.28
C THR G 87 3.64 24.40 52.24
N GLY G 88 3.92 24.62 53.53
CA GLY G 88 2.88 24.48 54.53
C GLY G 88 1.77 25.49 54.38
N ARG G 89 2.10 26.69 53.87
CA ARG G 89 1.08 27.71 53.64
C ARG G 89 0.13 27.28 52.53
N GLN G 90 0.65 26.63 51.48
CA GLN G 90 -0.22 26.12 50.42
C GLN G 90 -1.21 25.12 50.96
N LEU G 91 -0.72 24.13 51.71
CA LEU G 91 -1.60 23.08 52.21
C LEU G 91 -2.63 23.62 53.20
N ALA G 92 -2.22 24.56 54.06
CA ALA G 92 -3.18 25.20 54.94
C ALA G 92 -4.25 25.93 54.13
N ASN G 93 -3.83 26.59 53.05
CA ASN G 93 -4.78 27.29 52.18
C ASN G 93 -5.81 26.32 51.61
N VAL G 94 -5.36 25.17 51.12
CA VAL G 94 -6.31 24.26 50.48
C VAL G 94 -7.18 23.56 51.53
N TYR G 95 -6.66 23.37 52.75
CA TYR G 95 -7.50 22.85 53.83
C TYR G 95 -8.59 23.85 54.22
N ALA G 96 -8.24 25.14 54.22
CA ALA G 96 -9.26 26.16 54.50
C ALA G 96 -10.35 26.14 53.45
N GLN G 97 -9.96 26.07 52.17
CA GLN G 97 -10.95 25.99 51.10
C GLN G 97 -11.78 24.72 51.20
N THR G 98 -11.12 23.60 51.51
CA THR G 98 -11.83 22.32 51.57
C THR G 98 -12.82 22.29 52.73
N LEU G 99 -12.39 22.71 53.92
CA LEU G 99 -13.28 22.69 55.06
C LEU G 99 -14.43 23.68 54.89
N GLY G 100 -14.17 24.82 54.22
CA GLY G 100 -15.27 25.72 53.88
C GLY G 100 -16.31 25.06 53.01
N THR G 101 -15.87 24.30 52.00
CA THR G 101 -16.81 23.57 51.14
C THR G 101 -17.55 22.50 51.93
N ILE G 102 -16.83 21.74 52.75
CA ILE G 102 -17.47 20.69 53.55
C ILE G 102 -18.49 21.31 54.51
N PHE G 103 -18.11 22.40 55.18
CA PHE G 103 -18.96 22.96 56.22
C PHE G 103 -20.27 23.49 55.66
N THR G 104 -20.29 23.96 54.42
CA THR G 104 -21.49 24.53 53.84
C THR G 104 -22.28 23.53 52.99
N GLU G 105 -21.66 22.47 52.49
CA GLU G 105 -22.30 21.62 51.51
C GLU G 105 -22.32 20.12 51.86
N GLN G 106 -21.45 19.65 52.76
CA GLN G 106 -21.49 18.25 53.14
C GLN G 106 -22.74 17.95 53.96
N ALA G 107 -23.15 16.67 53.94
CA ALA G 107 -24.35 16.27 54.67
C ALA G 107 -24.22 16.54 56.16
N LYS G 108 -23.00 16.49 56.69
CA LYS G 108 -22.73 16.83 58.07
C LYS G 108 -21.39 17.55 58.07
N PRO G 109 -21.26 18.67 58.77
CA PRO G 109 -19.95 19.32 58.87
C PRO G 109 -18.94 18.40 59.55
N TYR G 110 -17.67 18.59 59.19
CA TYR G 110 -16.60 17.79 59.77
C TYR G 110 -16.28 18.28 61.19
N GLU G 111 -16.30 17.36 62.14
CA GLU G 111 -15.96 17.66 63.53
C GLU G 111 -14.45 17.53 63.71
N VAL G 112 -13.71 18.45 63.09
CA VAL G 112 -12.26 18.42 63.06
C VAL G 112 -11.69 19.81 63.26
N GLU G 113 -10.46 19.85 63.77
CA GLU G 113 -9.62 21.04 63.74
C GLU G 113 -8.21 20.60 63.37
N LEU G 114 -7.61 21.28 62.40
CA LEU G 114 -6.36 20.84 61.80
C LEU G 114 -5.24 21.81 62.10
N CYS G 115 -4.03 21.27 62.18
CA CYS G 115 -2.81 22.08 62.22
C CYS G 115 -1.89 21.63 61.10
N VAL G 116 -1.34 22.60 60.36
CA VAL G 116 -0.30 22.36 59.37
C VAL G 116 0.95 23.10 59.82
N ALA G 117 2.07 22.39 59.85
CA ALA G 117 3.33 22.94 60.33
C ALA G 117 4.41 22.71 59.31
N GLU G 118 5.32 23.68 59.17
CA GLU G 118 6.46 23.54 58.27
C GLU G 118 7.71 24.02 58.96
N VAL G 119 8.77 23.22 58.88
CA VAL G 119 10.09 23.63 59.31
C VAL G 119 10.94 23.91 58.07
N ALA G 120 12.08 24.58 58.28
CA ALA G 120 12.93 24.97 57.18
C ALA G 120 13.56 23.75 56.52
N HIS G 121 14.03 23.94 55.29
CA HIS G 121 14.78 22.90 54.62
C HIS G 121 16.18 22.79 55.22
N TYR G 122 16.81 21.64 55.00
CA TYR G 122 18.09 21.34 55.63
C TYR G 122 19.13 22.40 55.31
N GLY G 123 19.87 22.83 56.33
CA GLY G 123 20.90 23.82 56.18
C GLY G 123 20.42 25.24 56.05
N GLU G 124 19.11 25.47 55.94
CA GLU G 124 18.55 26.81 55.84
C GLU G 124 18.09 27.30 57.20
N THR G 125 18.02 28.62 57.34
CA THR G 125 17.44 29.25 58.52
C THR G 125 16.10 29.86 58.13
N LYS G 126 15.09 29.63 58.96
CA LYS G 126 13.72 30.04 58.68
C LYS G 126 12.85 29.64 59.87
N ARG G 127 12.24 30.61 60.52
CA ARG G 127 11.43 30.32 61.69
C ARG G 127 10.26 29.42 61.29
N PRO G 128 9.96 28.40 62.09
CA PRO G 128 8.87 27.49 61.73
C PRO G 128 7.55 28.22 61.54
N GLU G 129 6.69 27.63 60.72
CA GLU G 129 5.36 28.16 60.47
C GLU G 129 4.32 27.19 61.01
N LEU G 130 3.30 27.74 61.66
CA LEU G 130 2.22 26.94 62.23
C LEU G 130 0.90 27.53 61.74
N TYR G 131 0.01 26.66 61.27
CA TYR G 131 -1.28 27.09 60.77
C TYR G 131 -2.37 26.28 61.45
N ARG G 132 -3.47 26.94 61.78
CA ARG G 132 -4.64 26.28 62.34
C ARG G 132 -5.81 26.49 61.38
N ILE G 133 -6.55 25.43 61.11
CA ILE G 133 -7.73 25.47 60.27
C ILE G 133 -8.88 24.86 61.06
N THR G 134 -10.01 25.55 61.10
CA THR G 134 -11.15 25.10 61.87
C THR G 134 -12.22 24.49 60.96
N TYR G 135 -13.28 24.00 61.58
CA TYR G 135 -14.31 23.24 60.89
C TYR G 135 -15.00 24.04 59.78
N ASP G 136 -14.95 25.37 59.83
CA ASP G 136 -15.66 26.18 58.86
C ASP G 136 -14.72 26.82 57.83
N GLY G 137 -13.45 26.45 57.83
CA GLY G 137 -12.51 27.02 56.90
C GLY G 137 -11.78 28.25 57.40
N SER G 138 -12.06 28.73 58.61
CA SER G 138 -11.27 29.81 59.17
C SER G 138 -9.84 29.34 59.36
N ILE G 139 -8.89 30.22 59.05
CA ILE G 139 -7.48 29.88 59.07
C ILE G 139 -6.74 30.96 59.83
N ALA G 140 -5.72 30.56 60.61
CA ALA G 140 -4.94 31.49 61.41
C ALA G 140 -3.49 31.06 61.39
N ASP G 141 -2.60 32.06 61.37
CA ASP G 141 -1.16 31.84 61.40
C ASP G 141 -0.67 32.12 62.81
N GLU G 142 -0.11 31.09 63.46
CA GLU G 142 0.38 31.26 64.83
C GLU G 142 1.90 31.19 64.87
N PRO G 143 2.54 32.02 65.71
CA PRO G 143 4.00 32.11 65.68
C PRO G 143 4.70 31.14 66.63
N HIS G 144 3.99 30.63 67.63
CA HIS G 144 4.66 29.87 68.69
C HIS G 144 4.02 28.51 68.95
N PHE G 145 2.69 28.46 69.06
CA PHE G 145 2.05 27.19 69.38
C PHE G 145 0.61 27.19 68.87
N VAL G 146 0.06 25.99 68.75
CA VAL G 146 -1.33 25.80 68.36
C VAL G 146 -1.92 24.70 69.25
N VAL G 147 -3.14 24.94 69.74
CA VAL G 147 -3.86 23.97 70.56
C VAL G 147 -5.18 23.67 69.86
N MET G 148 -5.56 22.39 69.85
CA MET G 148 -6.78 21.94 69.20
C MET G 148 -7.44 20.84 70.03
N GLY G 149 -8.76 20.83 70.02
CA GLY G 149 -9.51 19.74 70.61
C GLY G 149 -9.84 19.88 72.08
N GLY G 150 -11.08 19.55 72.44
CA GLY G 150 -11.47 19.56 73.84
C GLY G 150 -11.50 20.96 74.42
N THR G 151 -11.04 21.06 75.68
CA THR G 151 -11.00 22.34 76.39
C THR G 151 -9.66 22.99 76.11
N THR G 152 -9.65 24.01 75.26
CA THR G 152 -8.42 24.61 74.77
C THR G 152 -7.90 25.72 75.66
N GLU G 153 -8.79 26.53 76.25
CA GLU G 153 -8.37 27.68 77.05
C GLU G 153 -7.36 27.34 78.14
N PRO G 154 -7.55 26.31 78.97
CA PRO G 154 -6.51 26.00 79.97
C PRO G 154 -5.18 25.64 79.35
N ILE G 155 -5.20 24.87 78.26
CA ILE G 155 -3.95 24.45 77.62
C ILE G 155 -3.25 25.64 76.98
N ALA G 156 -4.01 26.52 76.33
CA ALA G 156 -3.41 27.70 75.72
C ALA G 156 -2.83 28.64 76.76
N ASN G 157 -3.52 28.79 77.90
CA ASN G 157 -3.02 29.65 78.97
C ASN G 157 -1.76 29.07 79.60
N ALA G 158 -1.73 27.76 79.82
CA ALA G 158 -0.54 27.11 80.36
C ALA G 158 0.67 27.35 79.46
N LEU G 159 0.51 27.16 78.15
CA LEU G 159 1.61 27.41 77.21
C LEU G 159 1.91 28.90 77.11
N LYS G 160 0.88 29.75 77.16
CA LYS G 160 1.09 31.19 77.11
C LYS G 160 2.02 31.64 78.24
N GLU G 161 1.88 31.05 79.41
CA GLU G 161 2.75 31.38 80.55
C GLU G 161 4.02 30.56 80.59
N SER G 162 4.09 29.44 79.85
CA SER G 162 5.21 28.52 79.96
C SER G 162 6.08 28.43 78.72
N TYR G 163 5.60 28.87 77.56
CA TYR G 163 6.38 28.70 76.33
C TYR G 163 7.60 29.60 76.34
N ALA G 164 8.70 29.06 75.82
CA ALA G 164 9.93 29.81 75.62
C ALA G 164 10.51 29.42 74.27
N GLU G 165 10.95 30.42 73.50
CA GLU G 165 11.50 30.16 72.17
C GLU G 165 12.80 29.36 72.29
N ASN G 166 13.02 28.50 71.29
CA ASN G 166 14.25 27.70 71.19
C ASN G 166 14.45 26.82 72.42
N ALA G 167 13.36 26.29 72.95
CA ALA G 167 13.45 25.30 74.02
C ALA G 167 14.00 23.99 73.46
N SER G 168 14.68 23.25 74.32
CA SER G 168 15.19 21.94 73.92
C SER G 168 14.03 20.99 73.65
N LEU G 169 14.36 19.82 73.10
CA LEU G 169 13.33 18.81 72.85
C LEU G 169 12.69 18.35 74.16
N THR G 170 13.52 18.08 75.17
CA THR G 170 13.00 17.67 76.46
C THR G 170 12.17 18.78 77.11
N ASP G 171 12.70 20.01 77.10
CA ASP G 171 11.99 21.12 77.72
C ASP G 171 10.66 21.39 77.03
N ALA G 172 10.67 21.45 75.69
CA ALA G 172 9.43 21.69 74.96
C ALA G 172 8.43 20.58 75.20
N LEU G 173 8.91 19.32 75.31
CA LEU G 173 8.01 18.21 75.58
C LEU G 173 7.41 18.30 76.98
N ARG G 174 8.23 18.70 77.97
CA ARG G 174 7.71 18.87 79.32
C ARG G 174 6.66 19.97 79.37
N ILE G 175 6.91 21.07 78.67
CA ILE G 175 5.95 22.18 78.64
C ILE G 175 4.64 21.73 78.01
N ALA G 176 4.72 20.94 76.93
CA ALA G 176 3.51 20.53 76.22
C ALA G 176 2.72 19.52 77.03
N VAL G 177 3.39 18.53 77.62
CA VAL G 177 2.70 17.56 78.45
C VAL G 177 2.08 18.24 79.66
N ALA G 178 2.76 19.25 80.21
CA ALA G 178 2.23 19.97 81.36
C ALA G 178 0.97 20.76 80.98
N ALA G 179 0.95 21.37 79.80
CA ALA G 179 -0.25 22.07 79.37
C ALA G 179 -1.40 21.12 79.10
N LEU G 180 -1.09 19.92 78.59
CA LEU G 180 -2.12 18.92 78.36
C LEU G 180 -2.68 18.39 79.68
N ARG G 181 -1.82 18.21 80.68
CA ARG G 181 -2.32 17.79 81.99
C ARG G 181 -3.14 18.90 82.64
N ALA G 182 -2.81 20.17 82.36
CA ALA G 182 -3.58 21.27 82.90
C ALA G 182 -4.94 21.40 82.24
N GLY G 183 -5.11 20.86 81.04
CA GLY G 183 -6.38 20.92 80.34
C GLY G 183 -7.33 19.81 80.75
N SER G 184 -7.44 19.59 82.05
CA SER G 184 -8.38 18.61 82.60
C SER G 184 -8.59 18.83 84.09
N PRO G 193 -2.71 14.22 85.13
CA PRO G 193 -1.44 13.88 85.78
C PRO G 193 -1.02 12.44 85.51
N THR G 194 -1.54 11.86 84.42
CA THR G 194 -1.31 10.45 84.10
C THR G 194 -0.93 10.27 82.65
N LEU G 195 -0.25 11.26 82.06
CA LEU G 195 0.05 11.26 80.64
C LEU G 195 1.43 10.65 80.40
N GLY G 196 1.46 9.43 79.88
CA GLY G 196 2.69 8.73 79.59
C GLY G 196 2.73 8.13 78.20
N VAL G 197 3.67 7.21 77.98
CA VAL G 197 3.89 6.65 76.64
C VAL G 197 2.66 5.90 76.14
N ALA G 198 1.85 5.36 77.05
CA ALA G 198 0.68 4.60 76.64
C ALA G 198 -0.49 5.49 76.27
N SER G 199 -0.47 6.77 76.66
CA SER G 199 -1.54 7.71 76.36
C SER G 199 -1.07 8.87 75.51
N LEU G 200 0.15 8.83 74.98
CA LEU G 200 0.73 9.94 74.25
C LEU G 200 1.17 9.50 72.86
N GLU G 201 0.88 10.34 71.87
CA GLU G 201 1.43 10.24 70.53
C GLU G 201 2.29 11.48 70.30
N VAL G 202 3.59 11.27 70.05
CA VAL G 202 4.54 12.36 69.95
C VAL G 202 5.33 12.21 68.66
N ALA G 203 5.42 13.30 67.89
CA ALA G 203 6.21 13.34 66.66
C ALA G 203 6.81 14.73 66.52
N VAL G 204 7.84 14.82 65.70
CA VAL G 204 8.56 16.07 65.48
C VAL G 204 8.74 16.31 63.99
N LEU G 205 8.69 17.56 63.58
CA LEU G 205 9.24 18.01 62.30
C LEU G 205 10.68 18.43 62.60
N ASP G 206 11.61 17.48 62.42
CA ASP G 206 13.01 17.71 62.75
C ASP G 206 13.67 18.46 61.59
N ALA G 207 13.99 19.74 61.81
CA ALA G 207 14.63 20.57 60.80
C ALA G 207 16.08 20.17 60.53
N ASN G 208 16.63 19.21 61.27
CA ASN G 208 17.98 18.72 61.05
C ASN G 208 18.04 17.50 60.14
N ARG G 209 16.89 16.94 59.75
CA ARG G 209 16.88 15.81 58.83
C ARG G 209 17.13 16.28 57.40
N PRO G 210 17.83 15.49 56.58
CA PRO G 210 18.20 15.98 55.25
C PRO G 210 17.03 16.22 54.30
N ARG G 211 15.98 15.39 54.35
CA ARG G 211 14.84 15.60 53.48
C ARG G 211 13.51 15.39 54.19
N ARG G 212 13.26 14.17 54.67
CA ARG G 212 12.03 13.88 55.41
C ARG G 212 12.21 14.36 56.85
N ALA G 213 11.50 15.42 57.22
CA ALA G 213 11.65 15.99 58.56
C ALA G 213 10.75 15.33 59.59
N PHE G 214 9.70 14.64 59.17
CA PHE G 214 8.81 14.00 60.13
C PHE G 214 9.48 12.80 60.79
N ARG G 215 9.26 12.66 62.10
CA ARG G 215 9.91 11.60 62.86
C ARG G 215 9.07 11.30 64.09
N ARG G 216 8.79 10.02 64.31
CA ARG G 216 8.08 9.60 65.51
C ARG G 216 9.06 9.40 66.67
N ILE G 217 8.59 9.69 67.87
CA ILE G 217 9.33 9.45 69.10
C ILE G 217 8.49 8.51 69.95
N THR G 218 8.91 7.25 70.02
CA THR G 218 8.10 6.20 70.65
C THR G 218 8.93 5.43 71.67
N GLY G 219 8.22 4.76 72.58
CA GLY G 219 8.85 3.76 73.43
C GLY G 219 9.86 4.35 74.39
N SER G 220 11.06 3.77 74.36
CA SER G 220 12.09 4.12 75.34
C SER G 220 12.60 5.54 75.13
N ALA G 221 12.71 5.98 73.88
CA ALA G 221 13.17 7.35 73.62
C ALA G 221 12.17 8.37 74.16
N LEU G 222 10.87 8.14 73.94
CA LEU G 222 9.86 9.03 74.49
C LEU G 222 9.90 9.01 76.01
N GLN G 223 10.05 7.83 76.61
CA GLN G 223 10.18 7.74 78.06
C GLN G 223 11.39 8.52 78.56
N ALA G 224 12.53 8.38 77.87
CA ALA G 224 13.75 9.07 78.29
C ALA G 224 13.57 10.58 78.28
N LEU G 225 12.84 11.10 77.29
CA LEU G 225 12.57 12.53 77.26
C LEU G 225 11.52 12.94 78.29
N LEU G 226 10.69 12.00 78.73
CA LEU G 226 9.70 12.26 79.77
C LEU G 226 10.26 12.02 81.17
N VAL G 227 10.93 10.88 81.38
CA VAL G 227 11.57 10.59 82.65
C VAL G 227 13.06 10.90 82.52
N ASP G 228 13.52 11.86 83.32
CA ASP G 228 14.91 12.34 83.19
C ASP G 228 15.78 11.82 84.32
N THR H 1 17.22 28.66 12.22
CA THR H 1 17.30 29.24 13.56
C THR H 1 18.53 28.75 14.30
N THR H 2 19.18 29.65 15.02
CA THR H 2 20.14 29.26 16.05
C THR H 2 19.92 30.15 17.26
N ILE H 3 19.69 29.51 18.41
CA ILE H 3 19.66 30.17 19.71
C ILE H 3 20.84 29.62 20.50
N VAL H 4 21.65 30.51 21.06
CA VAL H 4 22.78 30.09 21.89
C VAL H 4 22.56 30.60 23.30
N ALA H 5 23.17 29.90 24.25
CA ALA H 5 23.16 30.32 25.65
C ALA H 5 24.47 29.88 26.27
N LEU H 6 25.05 30.73 27.11
CA LEU H 6 26.28 30.37 27.81
C LEU H 6 26.36 31.10 29.14
N LYS H 7 27.06 30.47 30.09
CA LYS H 7 27.29 31.05 31.40
C LYS H 7 28.58 31.85 31.41
N TYR H 8 28.57 32.92 32.19
CA TYR H 8 29.76 33.71 32.49
C TYR H 8 29.78 33.91 34.00
N PRO H 9 30.92 34.38 34.58
CA PRO H 9 30.96 34.55 36.04
C PRO H 9 29.87 35.48 36.56
N GLY H 10 28.85 34.90 37.17
CA GLY H 10 27.79 35.64 37.80
C GLY H 10 26.52 35.79 36.98
N GLY H 11 26.40 35.14 35.83
CA GLY H 11 25.17 35.22 35.08
C GLY H 11 25.18 34.34 33.85
N VAL H 12 24.21 34.63 32.97
CA VAL H 12 24.00 33.89 31.74
C VAL H 12 23.63 34.88 30.64
N VAL H 13 23.93 34.51 29.40
CA VAL H 13 23.53 35.28 28.22
C VAL H 13 22.88 34.32 27.23
N MET H 14 21.80 34.77 26.61
CA MET H 14 21.15 34.04 25.53
C MET H 14 21.02 34.97 24.33
N ALA H 15 21.28 34.43 23.13
CA ALA H 15 21.22 35.23 21.91
C ALA H 15 20.65 34.36 20.79
N GLY H 16 19.94 35.01 19.87
CA GLY H 16 19.28 34.28 18.78
C GLY H 16 19.24 35.09 17.51
N ASP H 17 19.15 34.40 16.38
CA ASP H 17 19.14 35.04 15.08
C ASP H 17 17.74 35.59 14.76
N ARG H 18 17.61 36.18 13.57
CA ARG H 18 16.42 36.96 13.22
C ARG H 18 15.68 36.42 11.99
N ARG H 19 16.07 35.26 11.47
CA ARG H 19 15.58 34.77 10.19
C ARG H 19 14.42 33.81 10.36
N SER H 20 13.40 33.98 9.51
CA SER H 20 12.41 32.94 9.28
C SER H 20 12.43 32.58 7.80
N THR H 21 12.25 31.30 7.50
CA THR H 21 12.21 30.82 6.14
C THR H 21 10.88 30.13 5.87
N GLN H 22 10.61 29.92 4.59
CA GLN H 22 9.45 29.16 4.12
C GLN H 22 9.98 28.37 2.92
N GLY H 23 10.44 27.15 3.19
CA GLY H 23 11.19 26.42 2.18
C GLY H 23 12.57 27.05 2.01
N ASN H 24 12.96 27.28 0.76
CA ASN H 24 14.19 28.01 0.48
C ASN H 24 14.02 29.51 0.65
N MET H 25 12.79 30.01 0.57
CA MET H 25 12.54 31.45 0.55
C MET H 25 12.68 32.05 1.93
N ILE H 26 13.26 33.25 1.98
CA ILE H 26 13.38 34.00 3.21
C ILE H 26 12.06 34.75 3.45
N SER H 27 11.40 34.45 4.56
CA SER H 27 10.11 35.04 4.85
C SER H 27 10.15 36.06 5.97
N GLY H 28 11.26 36.20 6.67
CA GLY H 28 11.36 37.16 7.76
C GLY H 28 12.81 37.51 8.02
N ARG H 29 13.03 38.76 8.45
CA ARG H 29 14.37 39.25 8.70
C ARG H 29 14.57 39.88 10.07
N ASP H 30 13.51 40.10 10.84
CA ASP H 30 13.61 40.75 12.14
C ASP H 30 12.87 39.96 13.22
N VAL H 31 12.82 38.64 13.06
CA VAL H 31 12.14 37.81 14.04
C VAL H 31 12.91 37.87 15.35
N ARG H 32 12.19 38.06 16.45
CA ARG H 32 12.77 38.07 17.79
C ARG H 32 12.45 36.73 18.43
N LYS H 33 13.48 35.93 18.68
CA LYS H 33 13.31 34.55 19.12
C LYS H 33 13.71 34.32 20.57
N VAL H 34 14.25 35.33 21.25
CA VAL H 34 14.70 35.19 22.63
C VAL H 34 13.79 36.03 23.52
N TYR H 35 13.09 35.36 24.44
CA TYR H 35 12.05 35.99 25.25
C TYR H 35 12.50 36.10 26.70
N ILE H 36 12.28 37.26 27.31
CA ILE H 36 12.41 37.40 28.76
C ILE H 36 11.16 36.78 29.36
N THR H 37 11.29 35.56 29.88
CA THR H 37 10.12 34.84 30.37
C THR H 37 9.66 35.38 31.71
N ASP H 38 10.59 35.61 32.64
CA ASP H 38 10.31 36.36 33.86
C ASP H 38 11.58 37.10 34.26
N ASP H 39 11.61 37.62 35.50
CA ASP H 39 12.71 38.48 35.92
C ASP H 39 14.06 37.77 35.84
N TYR H 40 14.08 36.45 35.94
CA TYR H 40 15.34 35.72 35.98
C TYR H 40 15.40 34.58 34.97
N THR H 41 14.60 34.64 33.92
CA THR H 41 14.56 33.54 32.96
C THR H 41 14.36 34.06 31.54
N ALA H 42 15.09 33.46 30.61
CA ALA H 42 14.95 33.74 29.18
C ALA H 42 14.71 32.44 28.44
N THR H 43 13.81 32.47 27.45
CA THR H 43 13.51 31.29 26.65
C THR H 43 13.70 31.61 25.19
N GLY H 44 14.42 30.74 24.49
CA GLY H 44 14.61 30.86 23.05
C GLY H 44 14.14 29.57 22.39
N ILE H 45 13.42 29.71 21.28
CA ILE H 45 12.73 28.57 20.68
C ILE H 45 13.08 28.49 19.20
N ALA H 46 13.23 27.27 18.71
CA ALA H 46 13.39 26.98 17.30
C ALA H 46 12.23 26.12 16.85
N GLY H 47 12.02 26.05 15.53
CA GLY H 47 11.03 25.17 14.95
C GLY H 47 9.98 25.95 14.17
N THR H 48 8.77 25.39 14.12
CA THR H 48 7.67 26.04 13.43
C THR H 48 7.34 27.35 14.10
N ALA H 49 7.33 28.43 13.33
CA ALA H 49 7.21 29.77 13.87
C ALA H 49 5.95 29.93 14.72
N ALA H 50 4.81 29.46 14.21
CA ALA H 50 3.55 29.60 14.95
C ALA H 50 3.63 28.94 16.32
N VAL H 51 4.22 27.74 16.39
CA VAL H 51 4.25 27.01 17.65
C VAL H 51 5.30 27.59 18.58
N ALA H 52 6.44 28.00 18.04
CA ALA H 52 7.48 28.61 18.87
C ALA H 52 6.96 29.87 19.55
N VAL H 53 6.29 30.75 18.78
CA VAL H 53 5.77 31.99 19.34
C VAL H 53 4.71 31.70 20.39
N GLU H 54 3.80 30.76 20.11
CA GLU H 54 2.75 30.42 21.06
C GLU H 54 3.33 29.81 22.32
N PHE H 55 4.36 28.96 22.18
CA PHE H 55 5.05 28.39 23.34
C PHE H 55 5.61 29.48 24.23
N ALA H 56 6.35 30.43 23.63
CA ALA H 56 6.98 31.49 24.41
C ALA H 56 5.95 32.30 25.18
N ARG H 57 4.83 32.62 24.53
CA ARG H 57 3.82 33.45 25.18
C ARG H 57 3.10 32.68 26.27
N LEU H 58 2.69 31.44 25.97
CA LEU H 58 1.96 30.64 26.96
C LEU H 58 2.83 30.31 28.16
N TYR H 59 4.11 30.01 27.93
CA TYR H 59 5.00 29.65 29.03
C TYR H 59 5.15 30.82 30.02
N ALA H 60 5.40 32.02 29.51
CA ALA H 60 5.53 33.18 30.38
C ALA H 60 4.24 33.44 31.16
N VAL H 61 3.09 33.27 30.52
CA VAL H 61 1.82 33.40 31.22
C VAL H 61 1.72 32.38 32.34
N GLU H 62 2.10 31.12 32.06
CA GLU H 62 1.99 30.08 33.07
C GLU H 62 2.85 30.40 34.30
N LEU H 63 4.08 30.87 34.08
CA LEU H 63 4.96 31.16 35.21
C LEU H 63 4.42 32.30 36.06
N GLU H 64 3.97 33.38 35.41
CA GLU H 64 3.37 34.49 36.14
C GLU H 64 2.03 34.11 36.75
N HIS H 65 1.29 33.21 36.09
CA HIS H 65 0.05 32.70 36.67
C HIS H 65 0.31 32.03 38.01
N TYR H 66 1.36 31.21 38.10
CA TYR H 66 1.68 30.57 39.37
C TYR H 66 2.09 31.61 40.41
N GLU H 67 2.94 32.56 40.02
CA GLU H 67 3.41 33.57 40.97
C GLU H 67 2.25 34.33 41.58
N LYS H 68 1.27 34.73 40.76
CA LYS H 68 0.14 35.50 41.27
C LYS H 68 -0.80 34.63 42.10
N LEU H 69 -0.93 33.34 41.77
CA LEU H 69 -1.80 32.48 42.55
C LEU H 69 -1.18 32.13 43.89
N GLU H 70 0.14 31.97 43.95
CA GLU H 70 0.79 31.38 45.10
C GLU H 70 1.66 32.34 45.89
N GLY H 71 1.85 33.57 45.41
CA GLY H 71 2.64 34.55 46.13
C GLY H 71 4.13 34.38 46.00
N VAL H 72 4.60 33.31 45.38
CA VAL H 72 6.02 33.09 45.14
C VAL H 72 6.21 32.54 43.74
N PRO H 73 7.31 32.92 43.09
CA PRO H 73 7.63 32.31 41.79
C PRO H 73 7.97 30.85 41.97
N LEU H 74 7.77 30.08 40.89
CA LEU H 74 8.20 28.70 40.87
C LEU H 74 9.69 28.60 41.15
N THR H 75 10.09 27.51 41.80
CA THR H 75 11.50 27.17 41.81
C THR H 75 11.97 26.96 40.38
N PHE H 76 13.28 27.10 40.17
CA PHE H 76 13.81 26.91 38.83
C PHE H 76 13.50 25.50 38.32
N ALA H 77 13.52 24.51 39.22
CA ALA H 77 13.18 23.14 38.83
C ALA H 77 11.73 23.05 38.36
N GLY H 78 10.82 23.74 39.05
CA GLY H 78 9.44 23.77 38.61
C GLY H 78 9.27 24.42 37.26
N LYS H 79 10.06 25.46 36.99
CA LYS H 79 10.03 26.11 35.69
C LYS H 79 10.45 25.15 34.59
N ILE H 80 11.55 24.42 34.83
CA ILE H 80 12.00 23.38 33.90
C ILE H 80 10.88 22.41 33.62
N ASN H 81 10.21 21.95 34.67
CA ASN H 81 9.22 20.89 34.53
C ASN H 81 8.02 21.35 33.71
N ARG H 82 7.57 22.59 33.92
CA ARG H 82 6.42 23.08 33.17
C ARG H 82 6.75 23.24 31.69
N LEU H 83 7.96 23.67 31.37
CA LEU H 83 8.37 23.76 29.97
C LEU H 83 8.45 22.38 29.34
N ALA H 84 9.03 21.40 30.04
CA ALA H 84 9.12 20.05 29.51
C ALA H 84 7.74 19.47 29.25
N ILE H 85 6.82 19.66 30.20
CA ILE H 85 5.46 19.13 30.04
C ILE H 85 4.76 19.78 28.86
N MET H 86 4.99 21.08 28.66
CA MET H 86 4.44 21.77 27.49
C MET H 86 4.96 21.14 26.20
N VAL H 87 6.25 20.82 26.15
CA VAL H 87 6.83 20.22 24.96
C VAL H 87 6.31 18.80 24.75
N ARG H 88 6.27 18.00 25.83
CA ARG H 88 5.71 16.65 25.71
C ARG H 88 4.27 16.70 25.21
N GLY H 89 3.48 17.68 25.67
CA GLY H 89 2.12 17.80 25.22
C GLY H 89 1.98 18.12 23.74
N ASN H 90 3.04 18.62 23.12
CA ASN H 90 3.02 18.98 21.71
C ASN H 90 3.62 17.89 20.81
N LEU H 91 3.95 16.72 21.38
CA LEU H 91 4.72 15.72 20.63
C LEU H 91 3.97 15.22 19.41
N ALA H 92 2.66 15.02 19.53
CA ALA H 92 1.88 14.52 18.41
C ALA H 92 1.83 15.55 17.27
N ALA H 93 1.50 16.80 17.60
CA ALA H 93 1.56 17.86 16.60
C ALA H 93 2.96 18.01 16.04
N ALA H 94 3.98 17.85 16.89
CA ALA H 94 5.37 17.92 16.42
C ALA H 94 5.64 16.85 15.37
N MET H 95 5.19 15.62 15.62
CA MET H 95 5.33 14.56 14.62
C MET H 95 4.60 14.89 13.32
N GLN H 96 3.67 15.85 13.35
CA GLN H 96 2.97 16.31 12.17
C GLN H 96 3.53 17.62 11.61
N GLY H 97 4.70 18.05 12.08
CA GLY H 97 5.36 19.23 11.55
C GLY H 97 5.12 20.52 12.29
N LEU H 98 4.46 20.49 13.45
CA LEU H 98 4.27 21.67 14.28
C LEU H 98 5.20 21.58 15.49
N LEU H 99 6.48 21.75 15.23
CA LEU H 99 7.54 21.44 16.18
C LEU H 99 8.02 22.69 16.89
N ALA H 100 8.27 22.55 18.21
CA ALA H 100 8.83 23.63 19.02
C ALA H 100 9.91 23.06 19.91
N LEU H 101 11.14 23.52 19.72
CA LEU H 101 12.27 23.12 20.56
C LEU H 101 12.77 24.31 21.35
N PRO H 102 12.53 24.37 22.66
CA PRO H 102 13.00 25.50 23.46
C PRO H 102 14.42 25.30 23.97
N LEU H 103 14.99 26.40 24.46
CA LEU H 103 16.25 26.42 25.19
C LEU H 103 16.07 27.41 26.33
N LEU H 104 16.41 27.00 27.55
CA LEU H 104 16.12 27.78 28.75
C LEU H 104 17.41 28.26 29.40
N ALA H 105 17.50 29.57 29.60
CA ALA H 105 18.57 30.19 30.38
C ALA H 105 17.96 30.89 31.59
N GLY H 106 18.66 30.86 32.71
CA GLY H 106 18.11 31.45 33.91
C GLY H 106 19.17 31.74 34.94
N TYR H 107 18.76 32.51 35.95
CA TYR H 107 19.56 32.81 37.13
C TYR H 107 18.76 32.38 38.34
N ASP H 108 19.29 31.44 39.11
CA ASP H 108 18.59 30.88 40.26
C ASP H 108 18.94 31.70 41.50
N ILE H 109 17.97 32.51 41.97
CA ILE H 109 18.22 33.33 43.15
C ILE H 109 18.41 32.49 44.39
N HIS H 110 18.00 31.22 44.36
CA HIS H 110 18.14 30.31 45.50
C HIS H 110 19.37 29.41 45.37
N ALA H 111 20.20 29.61 44.35
CA ALA H 111 21.39 28.80 44.19
C ALA H 111 22.40 29.11 45.29
N SER H 112 23.27 28.13 45.57
CA SER H 112 24.27 28.27 46.61
C SER H 112 25.25 29.39 46.30
N ASP H 113 26.13 29.18 45.32
CA ASP H 113 27.15 30.16 44.98
C ASP H 113 26.59 31.16 43.98
N PRO H 114 26.54 32.46 44.30
CA PRO H 114 26.00 33.44 43.35
C PRO H 114 26.76 33.52 42.03
N GLN H 115 28.09 33.39 42.06
CA GLN H 115 28.83 33.38 40.80
C GLN H 115 28.52 32.15 39.96
N SER H 116 28.06 31.07 40.57
CA SER H 116 27.64 29.88 39.84
C SER H 116 26.15 29.62 40.04
N ALA H 117 25.32 30.65 39.79
CA ALA H 117 23.88 30.50 39.84
C ALA H 117 23.24 30.46 38.45
N GLY H 118 24.01 30.70 37.39
CA GLY H 118 23.46 30.62 36.06
C GLY H 118 23.12 29.19 35.68
N ARG H 119 22.00 29.04 34.97
CA ARG H 119 21.51 27.72 34.59
C ARG H 119 21.16 27.72 33.12
N ILE H 120 21.46 26.61 32.45
CA ILE H 120 21.15 26.40 31.04
C ILE H 120 20.55 25.01 30.90
N VAL H 121 19.33 24.95 30.39
CA VAL H 121 18.60 23.69 30.22
C VAL H 121 18.26 23.53 28.74
N SER H 122 18.56 22.36 28.19
CA SER H 122 18.15 22.03 26.83
C SER H 122 17.04 20.99 26.86
N PHE H 123 16.34 20.88 25.75
CA PHE H 123 15.15 20.04 25.65
C PHE H 123 15.16 19.29 24.34
N ASP H 124 14.38 18.21 24.27
CA ASP H 124 14.15 17.50 23.02
C ASP H 124 12.65 17.44 22.73
N ALA H 125 12.31 16.89 21.56
CA ALA H 125 10.93 16.88 21.10
C ALA H 125 10.03 15.99 21.94
N ALA H 126 10.61 15.06 22.71
CA ALA H 126 9.82 14.18 23.55
C ALA H 126 9.51 14.77 24.92
N GLY H 127 9.94 15.99 25.19
CA GLY H 127 9.79 16.58 26.50
C GLY H 127 10.95 16.30 27.45
N GLY H 128 12.04 15.76 26.97
CA GLY H 128 13.20 15.58 27.80
C GLY H 128 13.88 16.89 28.11
N TRP H 129 14.42 16.99 29.32
CA TRP H 129 15.18 18.15 29.74
C TRP H 129 16.49 17.69 30.36
N ASN H 130 17.54 18.48 30.16
CA ASN H 130 18.84 18.17 30.72
C ASN H 130 19.53 19.47 31.10
N ILE H 131 19.85 19.61 32.38
CA ILE H 131 20.57 20.78 32.85
C ILE H 131 22.01 20.68 32.34
N GLU H 132 22.44 21.68 31.59
CA GLU H 132 23.78 21.68 31.03
C GLU H 132 24.79 22.11 32.08
N GLU H 133 25.86 21.34 32.21
CA GLU H 133 26.89 21.61 33.21
C GLU H 133 28.22 22.01 32.59
N GLU H 134 28.32 22.05 31.26
CA GLU H 134 29.57 22.38 30.59
C GLU H 134 29.62 23.81 30.08
N GLY H 135 28.61 24.63 30.40
CA GLY H 135 28.74 26.07 30.29
C GLY H 135 28.06 26.71 29.09
N TYR H 136 27.68 25.95 28.08
CA TYR H 136 27.00 26.54 26.93
C TYR H 136 26.11 25.50 26.25
N GLN H 137 25.19 25.99 25.42
CA GLN H 137 24.27 25.14 24.69
C GLN H 137 23.74 25.92 23.50
N ALA H 138 23.09 25.20 22.57
CA ALA H 138 22.45 25.83 21.43
C ALA H 138 21.31 24.96 20.95
N VAL H 139 20.33 25.58 20.29
CA VAL H 139 19.23 24.87 19.68
C VAL H 139 18.98 25.44 18.29
N GLY H 140 18.47 24.59 17.40
CA GLY H 140 18.13 24.99 16.05
C GLY H 140 18.99 24.32 15.01
N SER H 141 18.71 24.65 13.75
CA SER H 141 19.40 24.03 12.64
C SER H 141 20.86 24.47 12.51
N GLY H 142 21.27 25.52 13.22
CA GLY H 142 22.67 25.89 13.27
C GLY H 142 23.36 25.54 14.59
N SER H 143 22.68 24.80 15.47
CA SER H 143 23.17 24.63 16.83
C SER H 143 24.50 23.87 16.88
N LEU H 144 24.70 22.92 15.97
CA LEU H 144 25.95 22.15 16.00
C LEU H 144 27.14 23.00 15.57
N PHE H 145 26.93 23.91 14.62
CA PHE H 145 27.99 24.84 14.26
C PHE H 145 28.27 25.80 15.40
N ALA H 146 27.23 26.31 16.06
CA ALA H 146 27.41 27.24 17.17
C ALA H 146 28.08 26.56 18.36
N LYS H 147 27.69 25.33 18.67
CA LYS H 147 28.27 24.62 19.81
C LYS H 147 29.74 24.33 19.58
N SER H 148 30.12 23.94 18.35
CA SER H 148 31.52 23.68 18.05
C SER H 148 32.33 24.97 18.00
N SER H 149 31.70 26.07 17.61
CA SER H 149 32.36 27.37 17.69
C SER H 149 32.60 27.76 19.15
N MET H 150 31.57 27.62 19.99
CA MET H 150 31.71 27.97 21.40
C MET H 150 32.69 27.06 22.12
N LYS H 151 32.86 25.83 21.62
CA LYS H 151 33.83 24.92 22.23
C LYS H 151 35.23 25.51 22.19
N LYS H 152 35.56 26.21 21.11
CA LYS H 152 36.88 26.79 20.92
C LYS H 152 36.99 28.20 21.51
N LEU H 153 35.87 28.91 21.64
CA LEU H 153 35.86 30.29 22.12
C LEU H 153 35.53 30.43 23.60
N TYR H 154 35.04 29.38 24.26
CA TYR H 154 34.52 29.54 25.61
C TYR H 154 35.60 29.97 26.59
N SER H 155 36.86 29.63 26.33
CA SER H 155 37.95 30.04 27.22
C SER H 155 38.02 31.56 27.36
N GLN H 156 37.55 32.30 26.37
CA GLN H 156 37.61 33.76 26.40
C GLN H 156 36.59 34.40 27.33
N VAL H 157 35.63 33.64 27.83
CA VAL H 157 34.53 34.21 28.61
C VAL H 157 35.02 34.48 30.02
N THR H 158 35.25 35.76 30.35
CA THR H 158 35.68 36.18 31.67
C THR H 158 34.66 37.07 32.38
N ASP H 159 33.71 37.66 31.66
CA ASP H 159 32.67 38.50 32.24
C ASP H 159 31.47 38.48 31.31
N GLY H 160 30.53 39.40 31.52
CA GLY H 160 29.33 39.44 30.72
C GLY H 160 29.56 39.91 29.30
N ASP H 161 30.50 40.84 29.10
CA ASP H 161 30.71 41.39 27.76
C ASP H 161 31.49 40.44 26.87
N SER H 162 32.48 39.73 27.44
CA SER H 162 33.15 38.68 26.68
C SER H 162 32.18 37.54 26.35
N GLY H 163 31.31 37.18 27.30
CA GLY H 163 30.31 36.17 27.02
C GLY H 163 29.33 36.58 25.95
N LEU H 164 28.94 37.85 25.94
CA LEU H 164 28.11 38.36 24.85
C LEU H 164 28.84 38.25 23.51
N ARG H 165 30.13 38.58 23.49
CA ARG H 165 30.90 38.52 22.25
C ARG H 165 30.99 37.09 21.73
N VAL H 166 31.18 36.12 22.63
CA VAL H 166 31.28 34.73 22.21
C VAL H 166 29.95 34.25 21.65
N ALA H 167 28.85 34.63 22.29
CA ALA H 167 27.52 34.24 21.80
C ALA H 167 27.26 34.80 20.41
N VAL H 168 27.62 36.07 20.18
CA VAL H 168 27.42 36.69 18.88
C VAL H 168 28.29 36.01 17.83
N GLU H 169 29.52 35.66 18.18
CA GLU H 169 30.40 35.02 17.23
C GLU H 169 29.94 33.60 16.90
N ALA H 170 29.38 32.89 17.88
CA ALA H 170 28.80 31.58 17.59
C ALA H 170 27.64 31.69 16.62
N LEU H 171 26.74 32.65 16.83
CA LEU H 171 25.64 32.87 15.89
C LEU H 171 26.17 33.22 14.51
N TYR H 172 27.28 33.97 14.44
CA TYR H 172 27.89 34.28 13.16
C TYR H 172 28.39 33.01 12.48
N ASP H 173 29.02 32.12 13.24
CA ASP H 173 29.51 30.87 12.67
C ASP H 173 28.36 29.98 12.22
N ALA H 174 27.28 29.93 12.99
CA ALA H 174 26.11 29.15 12.58
C ALA H 174 25.53 29.69 11.28
N ALA H 175 25.37 31.01 11.19
CA ALA H 175 24.83 31.60 9.97
C ALA H 175 25.76 31.39 8.79
N ASP H 176 27.06 31.30 9.06
CA ASP H 176 28.05 31.07 8.01
C ASP H 176 27.88 29.70 7.37
N ASP H 177 27.36 28.73 8.13
CA ASP H 177 27.22 27.36 7.63
C ASP H 177 25.79 26.88 7.49
N ASP H 178 24.83 27.55 8.13
CA ASP H 178 23.42 27.17 8.08
C ASP H 178 22.63 28.29 7.41
N SER H 179 22.11 28.02 6.21
CA SER H 179 21.34 29.04 5.50
C SER H 179 20.02 29.37 6.20
N ALA H 180 19.52 28.49 7.07
CA ALA H 180 18.31 28.79 7.83
C ALA H 180 18.58 29.68 9.04
N THR H 181 19.82 30.12 9.24
CA THR H 181 20.20 31.02 10.33
C THR H 181 20.75 32.30 9.73
N GLY H 182 20.18 33.44 10.12
CA GLY H 182 20.57 34.71 9.54
C GLY H 182 21.76 35.33 10.23
N GLY H 183 22.72 35.82 9.45
CA GLY H 183 23.80 36.61 9.98
C GLY H 183 23.41 38.07 10.13
N PRO H 184 24.38 38.87 10.58
CA PRO H 184 24.14 40.31 10.70
C PRO H 184 23.90 40.94 9.34
N ASP H 185 22.89 41.81 9.27
CA ASP H 185 22.54 42.53 8.05
C ASP H 185 23.05 43.95 8.20
N LEU H 186 24.23 44.23 7.64
CA LEU H 186 24.80 45.56 7.72
C LEU H 186 24.04 46.56 6.86
N VAL H 187 23.36 46.07 5.81
CA VAL H 187 22.59 46.97 4.95
C VAL H 187 21.35 47.46 5.68
N ARG H 188 20.60 46.55 6.30
CA ARG H 188 19.36 46.91 6.98
C ARG H 188 19.57 47.29 8.44
N GLY H 189 20.75 47.02 9.00
CA GLY H 189 20.96 47.26 10.41
C GLY H 189 20.15 46.34 11.29
N ILE H 190 20.14 45.05 10.95
CA ILE H 190 19.47 44.02 11.74
C ILE H 190 20.51 43.08 12.30
N PHE H 191 20.46 42.85 13.60
CA PHE H 191 21.45 42.04 14.31
C PHE H 191 20.73 41.07 15.23
N PRO H 192 21.41 39.99 15.62
CA PRO H 192 20.82 39.08 16.62
C PRO H 192 20.40 39.84 17.86
N THR H 193 19.37 39.33 18.53
CA THR H 193 18.97 39.84 19.83
C THR H 193 19.66 39.05 20.92
N ALA H 194 19.66 39.61 22.12
CA ALA H 194 20.32 38.97 23.23
C ALA H 194 19.71 39.42 24.54
N VAL H 195 19.61 38.48 25.48
CA VAL H 195 19.22 38.74 26.86
C VAL H 195 20.38 38.35 27.75
N ILE H 196 20.68 39.17 28.75
CA ILE H 196 21.67 38.85 29.77
C ILE H 196 20.97 38.86 31.12
N ILE H 197 21.31 37.88 31.96
CA ILE H 197 20.68 37.74 33.27
C ILE H 197 21.77 37.61 34.32
N ASP H 198 21.61 38.31 35.44
CA ASP H 198 22.48 38.14 36.61
C ASP H 198 21.62 38.28 37.85
N ALA H 199 22.26 38.59 38.99
CA ALA H 199 21.51 38.72 40.24
C ALA H 199 20.53 39.88 40.21
N ASP H 200 20.76 40.87 39.35
CA ASP H 200 19.83 41.99 39.21
C ASP H 200 18.67 41.68 38.25
N GLY H 201 18.63 40.49 37.68
CA GLY H 201 17.54 40.09 36.81
C GLY H 201 17.93 40.04 35.35
N ALA H 202 16.92 39.87 34.51
CA ALA H 202 17.10 39.71 33.07
C ALA H 202 16.84 41.03 32.37
N VAL H 203 17.69 41.35 31.39
CA VAL H 203 17.58 42.61 30.67
C VAL H 203 17.90 42.38 29.20
N ASP H 204 17.16 43.04 28.33
CA ASP H 204 17.47 43.04 26.91
C ASP H 204 18.82 43.71 26.68
N VAL H 205 19.60 43.16 25.77
CA VAL H 205 20.88 43.77 25.41
C VAL H 205 20.61 44.84 24.36
N PRO H 206 21.15 46.05 24.51
CA PRO H 206 20.90 47.09 23.51
C PRO H 206 21.42 46.65 22.15
N GLU H 207 20.67 47.03 21.11
CA GLU H 207 21.04 46.67 19.75
C GLU H 207 22.43 47.22 19.39
N SER H 208 22.76 48.40 19.90
CA SER H 208 24.00 49.06 19.48
C SER H 208 25.23 48.28 19.97
N ARG H 209 25.15 47.70 21.17
CA ARG H 209 26.26 46.89 21.66
C ARG H 209 26.44 45.64 20.79
N ILE H 210 25.33 45.03 20.38
CA ILE H 210 25.40 43.83 19.54
C ILE H 210 25.92 44.20 18.15
N ALA H 211 25.49 45.33 17.61
CA ALA H 211 26.02 45.80 16.34
C ALA H 211 27.52 46.03 16.41
N GLU H 212 28.00 46.63 17.50
CA GLU H 212 29.43 46.81 17.70
C GLU H 212 30.16 45.48 17.64
N LEU H 213 29.69 44.51 18.43
CA LEU H 213 30.36 43.21 18.46
C LEU H 213 30.28 42.50 17.12
N ALA H 214 29.15 42.64 16.42
CA ALA H 214 29.03 42.04 15.09
C ALA H 214 30.03 42.66 14.13
N ARG H 215 30.10 44.00 14.09
CA ARG H 215 31.01 44.65 13.15
C ARG H 215 32.47 44.31 13.45
N ALA H 216 32.81 44.19 14.73
CA ALA H 216 34.17 43.79 15.09
C ALA H 216 34.49 42.39 14.60
N ILE H 217 33.55 41.46 14.74
CA ILE H 217 33.78 40.09 14.28
C ILE H 217 33.96 40.05 12.78
N ILE H 218 33.16 40.83 12.05
CA ILE H 218 33.25 40.85 10.59
C ILE H 218 34.60 41.41 10.15
N GLU H 219 35.02 42.52 10.77
CA GLU H 219 36.32 43.08 10.43
C GLU H 219 37.44 42.10 10.75
N SER H 220 37.34 41.39 11.87
CA SER H 220 38.35 40.39 12.22
C SER H 220 38.39 39.27 11.19
N ARG H 221 37.23 38.84 10.69
CA ARG H 221 37.21 37.71 9.75
C ARG H 221 37.74 38.11 8.38
N SER H 222 37.60 39.38 7.99
CA SER H 222 38.00 39.82 6.66
C SER H 222 39.40 40.40 6.62
N GLY H 223 40.01 40.69 7.77
CA GLY H 223 41.29 41.35 7.82
C GLY H 223 41.27 42.57 8.72
N ALA H 224 42.07 42.54 9.79
CA ALA H 224 42.09 43.56 10.84
C ALA H 224 40.76 43.62 11.58
N THR I 1 -5.08 34.35 -6.69
CA THR I 1 -5.30 35.58 -5.91
C THR I 1 -4.01 36.32 -5.65
N THR I 2 -4.08 37.65 -5.64
CA THR I 2 -3.05 38.45 -5.01
C THR I 2 -3.72 39.54 -4.19
N ILE I 3 -3.29 39.69 -2.94
CA ILE I 3 -3.66 40.80 -2.08
C ILE I 3 -2.38 41.52 -1.69
N VAL I 4 -2.37 42.83 -1.84
CA VAL I 4 -1.22 43.63 -1.44
C VAL I 4 -1.65 44.59 -0.35
N ALA I 5 -0.71 44.90 0.54
CA ALA I 5 -0.88 45.95 1.53
C ALA I 5 0.45 46.69 1.66
N LEU I 6 0.38 48.00 1.83
CA LEU I 6 1.58 48.79 1.99
C LEU I 6 1.29 49.99 2.88
N LYS I 7 2.34 50.51 3.50
CA LYS I 7 2.24 51.68 4.36
C LYS I 7 2.61 52.94 3.58
N TYR I 8 1.92 54.02 3.87
CA TYR I 8 2.27 55.35 3.41
C TYR I 8 2.20 56.27 4.62
N PRO I 9 2.84 57.45 4.56
CA PRO I 9 2.82 58.35 5.72
C PRO I 9 1.40 58.66 6.21
N GLY I 10 1.05 58.13 7.37
CA GLY I 10 -0.23 58.40 7.97
C GLY I 10 -1.30 57.34 7.75
N GLY I 11 -0.98 56.24 7.08
CA GLY I 11 -1.97 55.18 6.93
C GLY I 11 -1.44 53.97 6.19
N VAL I 12 -2.39 53.15 5.73
CA VAL I 12 -2.11 51.96 4.94
C VAL I 12 -3.15 51.85 3.84
N VAL I 13 -2.81 51.08 2.81
CA VAL I 13 -3.73 50.73 1.73
C VAL I 13 -3.61 49.23 1.46
N MET I 14 -4.75 48.59 1.23
CA MET I 14 -4.81 47.20 0.83
C MET I 14 -5.63 47.10 -0.45
N ALA I 15 -5.15 46.28 -1.39
CA ALA I 15 -5.82 46.11 -2.67
C ALA I 15 -5.78 44.65 -3.08
N GLY I 16 -6.82 44.20 -3.78
CA GLY I 16 -6.93 42.80 -4.17
C GLY I 16 -7.56 42.65 -5.54
N ASP I 17 -7.22 41.55 -6.21
CA ASP I 17 -7.73 41.25 -7.54
C ASP I 17 -9.15 40.69 -7.45
N ARG I 18 -9.73 40.39 -8.62
CA ARG I 18 -11.16 40.07 -8.71
C ARG I 18 -11.44 38.64 -9.20
N ARG I 19 -10.43 37.80 -9.34
CA ARG I 19 -10.59 36.52 -10.03
C ARG I 19 -10.88 35.37 -9.08
N SER I 20 -11.76 34.47 -9.51
CA SER I 20 -11.87 33.13 -8.94
C SER I 20 -11.77 32.12 -10.06
N THR I 21 -11.17 30.96 -9.76
CA THR I 21 -10.97 29.90 -10.74
C THR I 21 -11.42 28.56 -10.17
N GLN I 22 -11.63 27.60 -11.08
CA GLN I 22 -11.78 26.18 -10.75
C GLN I 22 -10.81 25.45 -11.68
N GLY I 23 -9.62 25.15 -11.18
CA GLY I 23 -8.60 24.60 -12.06
C GLY I 23 -8.17 25.66 -13.05
N ASN I 24 -8.18 25.30 -14.34
CA ASN I 24 -7.86 26.25 -15.39
C ASN I 24 -8.99 27.21 -15.67
N MET I 25 -10.22 26.86 -15.30
CA MET I 25 -11.39 27.61 -15.73
C MET I 25 -11.64 28.81 -14.84
N ILE I 26 -11.95 29.94 -15.47
CA ILE I 26 -12.33 31.15 -14.75
C ILE I 26 -13.78 31.02 -14.33
N SER I 27 -14.02 31.14 -13.02
CA SER I 27 -15.36 31.00 -12.48
C SER I 27 -15.90 32.28 -11.87
N GLY I 28 -15.10 33.34 -11.82
CA GLY I 28 -15.54 34.61 -11.26
C GLY I 28 -14.67 35.74 -11.75
N ARG I 29 -15.30 36.90 -11.95
CA ARG I 29 -14.62 38.08 -12.48
C ARG I 29 -14.80 39.33 -11.64
N ASP I 30 -15.63 39.30 -10.60
CA ASP I 30 -15.94 40.48 -9.81
C ASP I 30 -15.85 40.17 -8.33
N VAL I 31 -15.03 39.18 -7.98
CA VAL I 31 -14.89 38.78 -6.59
C VAL I 31 -14.28 39.93 -5.78
N ARG I 32 -14.85 40.19 -4.62
CA ARG I 32 -14.36 41.21 -3.70
C ARG I 32 -13.66 40.50 -2.56
N LYS I 33 -12.34 40.67 -2.49
CA LYS I 33 -11.51 39.92 -1.56
C LYS I 33 -10.96 40.76 -0.42
N VAL I 34 -11.20 42.07 -0.43
CA VAL I 34 -10.68 42.99 0.57
C VAL I 34 -11.86 43.54 1.35
N TYR I 35 -11.94 43.20 2.64
CA TYR I 35 -13.09 43.55 3.47
C TYR I 35 -12.67 44.58 4.51
N ILE I 36 -13.48 45.62 4.68
CA ILE I 36 -13.35 46.49 5.84
C ILE I 36 -13.92 45.73 7.03
N THR I 37 -13.06 45.31 7.96
CA THR I 37 -13.52 44.46 9.05
C THR I 37 -13.96 45.26 10.28
N ASP I 38 -13.38 46.44 10.51
CA ASP I 38 -13.99 47.42 11.40
C ASP I 38 -13.51 48.80 10.95
N ASP I 39 -13.82 49.83 11.76
CA ASP I 39 -13.55 51.21 11.36
C ASP I 39 -12.08 51.48 11.07
N TYR I 40 -11.16 50.63 11.54
CA TYR I 40 -9.74 50.89 11.38
C TYR I 40 -8.96 49.67 10.90
N THR I 41 -9.64 48.69 10.29
CA THR I 41 -9.01 47.43 9.96
C THR I 41 -9.60 46.89 8.66
N ALA I 42 -8.73 46.39 7.79
CA ALA I 42 -9.16 45.70 6.58
C ALA I 42 -8.47 44.35 6.51
N THR I 43 -9.19 43.35 5.99
CA THR I 43 -8.63 42.02 5.80
C THR I 43 -8.79 41.61 4.33
N GLY I 44 -7.74 41.02 3.79
CA GLY I 44 -7.79 40.40 2.48
C GLY I 44 -7.41 38.94 2.63
N ILE I 45 -8.12 38.07 1.92
CA ILE I 45 -7.97 36.64 2.12
C ILE I 45 -7.80 35.96 0.77
N ALA I 46 -6.83 35.05 0.69
CA ALA I 46 -6.62 34.17 -0.44
C ALA I 46 -6.94 32.73 -0.02
N GLY I 47 -7.11 31.87 -1.02
CA GLY I 47 -7.32 30.45 -0.78
C GLY I 47 -8.67 29.98 -1.32
N THR I 48 -9.22 28.96 -0.66
CA THR I 48 -10.51 28.41 -1.06
C THR I 48 -11.61 29.44 -0.83
N ALA I 49 -12.37 29.72 -1.89
CA ALA I 49 -13.32 30.84 -1.85
C ALA I 49 -14.30 30.72 -0.69
N ALA I 50 -14.85 29.52 -0.49
CA ALA I 50 -15.83 29.33 0.59
C ALA I 50 -15.24 29.68 1.95
N VAL I 51 -14.05 29.17 2.23
CA VAL I 51 -13.42 29.39 3.53
C VAL I 51 -13.01 30.85 3.69
N ALA I 52 -12.45 31.43 2.63
CA ALA I 52 -12.00 32.82 2.68
C ALA I 52 -13.15 33.76 3.01
N VAL I 53 -14.30 33.58 2.33
CA VAL I 53 -15.45 34.44 2.58
C VAL I 53 -15.96 34.24 4.01
N GLU I 54 -16.06 32.99 4.45
CA GLU I 54 -16.54 32.71 5.81
C GLU I 54 -15.60 33.29 6.86
N PHE I 55 -14.29 33.21 6.62
CA PHE I 55 -13.31 33.80 7.53
C PHE I 55 -13.54 35.30 7.70
N ALA I 56 -13.67 36.01 6.57
CA ALA I 56 -13.85 37.46 6.62
C ALA I 56 -15.12 37.82 7.37
N ARG I 57 -16.22 37.12 7.08
CA ARG I 57 -17.49 37.41 7.72
C ARG I 57 -17.42 37.12 9.21
N LEU I 58 -16.92 35.95 9.58
CA LEU I 58 -16.88 35.56 10.99
C LEU I 58 -15.91 36.45 11.77
N TYR I 59 -14.80 36.85 11.15
CA TYR I 59 -13.82 37.69 11.82
C TYR I 59 -14.42 39.05 12.19
N ALA I 60 -15.07 39.71 11.21
CA ALA I 60 -15.69 40.99 11.49
C ALA I 60 -16.76 40.87 12.57
N VAL I 61 -17.55 39.79 12.53
CA VAL I 61 -18.55 39.56 13.57
C VAL I 61 -17.88 39.42 14.93
N GLU I 62 -16.77 38.69 14.99
CA GLU I 62 -16.09 38.47 16.27
C GLU I 62 -15.57 39.77 16.85
N LEU I 63 -14.99 40.64 16.00
CA LEU I 63 -14.46 41.90 16.50
C LEU I 63 -15.59 42.79 17.03
N GLU I 64 -16.68 42.92 16.27
CA GLU I 64 -17.80 43.73 16.73
C GLU I 64 -18.48 43.12 17.95
N HIS I 65 -18.47 41.78 18.05
CA HIS I 65 -19.04 41.10 19.20
C HIS I 65 -18.32 41.51 20.48
N TYR I 66 -16.99 41.43 20.48
CA TYR I 66 -16.21 41.86 21.64
C TYR I 66 -16.49 43.32 21.98
N GLU I 67 -16.48 44.20 20.96
CA GLU I 67 -16.68 45.62 21.22
C GLU I 67 -18.01 45.89 21.91
N LYS I 68 -19.08 45.23 21.45
CA LYS I 68 -20.39 45.45 22.08
C LYS I 68 -20.44 44.88 23.48
N LEU I 69 -19.79 43.73 23.70
CA LEU I 69 -19.82 43.12 25.03
C LEU I 69 -19.06 43.96 26.06
N GLU I 70 -17.98 44.63 25.64
CA GLU I 70 -17.07 45.24 26.59
C GLU I 70 -17.01 46.76 26.50
N GLY I 71 -17.69 47.38 25.53
CA GLY I 71 -17.71 48.81 25.40
C GLY I 71 -16.48 49.43 24.79
N VAL I 72 -15.45 48.63 24.47
CA VAL I 72 -14.28 49.12 23.76
C VAL I 72 -13.84 48.07 22.75
N PRO I 73 -13.29 48.52 21.62
CA PRO I 73 -12.75 47.56 20.65
C PRO I 73 -11.50 46.88 21.17
N LEU I 74 -11.25 45.69 20.64
CA LEU I 74 -10.00 45.00 20.91
C LEU I 74 -8.81 45.87 20.54
N THR I 75 -7.70 45.68 21.25
CA THR I 75 -6.44 46.25 20.79
C THR I 75 -6.04 45.59 19.47
N PHE I 76 -5.17 46.28 18.73
CA PHE I 76 -4.75 45.72 17.44
C PHE I 76 -4.08 44.36 17.65
N ALA I 77 -3.23 44.25 18.67
CA ALA I 77 -2.64 42.96 19.00
C ALA I 77 -3.71 41.91 19.27
N GLY I 78 -4.79 42.29 19.96
CA GLY I 78 -5.88 41.36 20.18
C GLY I 78 -6.55 40.93 18.89
N LYS I 79 -6.74 41.87 17.96
CA LYS I 79 -7.30 41.53 16.67
C LYS I 79 -6.41 40.55 15.92
N ILE I 80 -5.09 40.79 15.93
CA ILE I 80 -4.15 39.85 15.35
C ILE I 80 -4.34 38.46 15.95
N ASN I 81 -4.32 38.39 17.28
CA ASN I 81 -4.39 37.09 17.95
C ASN I 81 -5.64 36.32 17.55
N ARG I 82 -6.79 37.01 17.48
CA ARG I 82 -8.03 36.32 17.14
C ARG I 82 -8.01 35.81 15.71
N LEU I 83 -7.46 36.61 14.77
CA LEU I 83 -7.35 36.14 13.39
C LEU I 83 -6.42 34.92 13.30
N ALA I 84 -5.29 34.97 14.01
CA ALA I 84 -4.37 33.83 13.99
C ALA I 84 -5.01 32.58 14.59
N ILE I 85 -5.69 32.72 15.72
CA ILE I 85 -6.38 31.58 16.32
C ILE I 85 -7.40 31.00 15.35
N MET I 86 -8.12 31.86 14.64
CA MET I 86 -9.06 31.39 13.64
C MET I 86 -8.36 30.56 12.55
N VAL I 87 -7.24 31.06 12.03
CA VAL I 87 -6.49 30.33 11.01
C VAL I 87 -5.96 29.02 11.58
N ARG I 88 -5.44 29.05 12.81
CA ARG I 88 -4.91 27.85 13.44
C ARG I 88 -5.97 26.76 13.57
N GLY I 89 -7.20 27.15 13.93
CA GLY I 89 -8.27 26.18 14.06
C GLY I 89 -8.66 25.50 12.76
N ASN I 90 -8.36 26.12 11.63
CA ASN I 90 -8.71 25.57 10.32
C ASN I 90 -7.58 24.73 9.72
N LEU I 91 -6.54 24.41 10.48
CA LEU I 91 -5.35 23.78 9.90
C LEU I 91 -5.67 22.41 9.32
N ALA I 92 -6.46 21.60 10.02
CA ALA I 92 -6.78 20.28 9.50
C ALA I 92 -7.60 20.39 8.21
N ALA I 93 -8.64 21.23 8.22
CA ALA I 93 -9.39 21.48 7.00
C ALA I 93 -8.49 22.06 5.91
N ALA I 94 -7.54 22.92 6.30
CA ALA I 94 -6.62 23.48 5.31
C ALA I 94 -5.78 22.39 4.66
N MET I 95 -5.37 21.38 5.44
CA MET I 95 -4.59 20.28 4.88
C MET I 95 -5.43 19.41 3.96
N GLN I 96 -6.75 19.42 4.10
CA GLN I 96 -7.65 18.73 3.19
C GLN I 96 -8.08 19.59 2.01
N GLY I 97 -7.54 20.80 1.87
CA GLY I 97 -7.85 21.66 0.74
C GLY I 97 -8.79 22.82 1.01
N LEU I 98 -9.16 23.05 2.27
CA LEU I 98 -10.03 24.16 2.64
C LEU I 98 -9.19 25.24 3.31
N LEU I 99 -8.36 25.91 2.52
CA LEU I 99 -7.33 26.81 3.01
C LEU I 99 -7.80 28.26 2.96
N ALA I 100 -7.37 29.05 3.94
CA ALA I 100 -7.62 30.49 3.95
C ALA I 100 -6.37 31.18 4.50
N LEU I 101 -5.74 32.02 3.68
CA LEU I 101 -4.57 32.75 4.12
C LEU I 101 -4.91 34.24 4.15
N PRO I 102 -5.05 34.86 5.33
CA PRO I 102 -5.40 36.27 5.38
C PRO I 102 -4.18 37.18 5.41
N LEU I 103 -4.45 38.44 5.08
CA LEU I 103 -3.49 39.53 5.22
C LEU I 103 -4.24 40.67 5.89
N LEU I 104 -3.63 41.26 6.92
CA LEU I 104 -4.29 42.23 7.78
C LEU I 104 -3.60 43.58 7.65
N ALA I 105 -4.39 44.61 7.38
CA ALA I 105 -3.93 46.00 7.44
C ALA I 105 -4.82 46.78 8.39
N GLY I 106 -4.24 47.78 9.03
CA GLY I 106 -4.98 48.56 10.00
C GLY I 106 -4.26 49.83 10.38
N TYR I 107 -5.01 50.71 11.03
CA TYR I 107 -4.49 51.92 11.65
C TYR I 107 -4.72 51.82 13.14
N ASP I 108 -3.63 51.78 13.92
CA ASP I 108 -3.70 51.59 15.37
C ASP I 108 -3.86 52.95 16.03
N ILE I 109 -5.08 53.24 16.49
CA ILE I 109 -5.34 54.54 17.09
C ILE I 109 -4.62 54.71 18.42
N HIS I 110 -4.15 53.62 19.03
CA HIS I 110 -3.40 53.68 20.28
C HIS I 110 -1.89 53.61 20.07
N ALA I 111 -1.43 53.93 18.87
CA ALA I 111 0.00 53.96 18.61
C ALA I 111 0.60 55.27 19.10
N SER I 112 1.92 55.27 19.25
CA SER I 112 2.67 56.46 19.66
C SER I 112 2.56 57.57 18.62
N ASP I 113 3.16 57.35 17.44
CA ASP I 113 3.15 58.34 16.36
C ASP I 113 1.97 58.10 15.44
N PRO I 114 1.17 59.12 15.11
CA PRO I 114 0.07 58.90 14.17
C PRO I 114 0.52 58.58 12.76
N GLN I 115 1.69 59.06 12.33
CA GLN I 115 2.18 58.75 10.99
C GLN I 115 2.73 57.34 10.89
N SER I 116 3.16 56.73 12.01
CA SER I 116 3.61 55.35 12.04
C SER I 116 2.61 54.45 12.76
N ALA I 117 1.33 54.82 12.73
CA ALA I 117 0.27 53.98 13.28
C ALA I 117 -0.23 52.95 12.28
N GLY I 118 0.28 52.96 11.05
CA GLY I 118 -0.08 51.94 10.10
C GLY I 118 0.47 50.59 10.50
N ARG I 119 -0.29 49.55 10.20
CA ARG I 119 0.07 48.18 10.57
C ARG I 119 -0.22 47.25 9.41
N ILE I 120 0.70 46.33 9.15
CA ILE I 120 0.52 45.25 8.18
C ILE I 120 0.96 43.96 8.86
N VAL I 121 0.14 42.92 8.77
CA VAL I 121 0.39 41.66 9.45
C VAL I 121 0.12 40.52 8.49
N SER I 122 1.11 39.65 8.26
CA SER I 122 0.92 38.48 7.43
C SER I 122 0.77 37.24 8.31
N PHE I 123 0.22 36.18 7.71
CA PHE I 123 -0.14 34.96 8.41
C PHE I 123 0.27 33.76 7.56
N ASP I 124 0.45 32.62 8.20
CA ASP I 124 0.66 31.36 7.49
C ASP I 124 -0.40 30.34 7.90
N ALA I 125 -0.39 29.19 7.23
CA ALA I 125 -1.45 28.20 7.40
C ALA I 125 -1.47 27.60 8.81
N ALA I 126 -0.37 27.69 9.55
CA ALA I 126 -0.31 27.17 10.90
C ALA I 126 -0.77 28.16 11.95
N GLY I 127 -1.32 29.30 11.52
CA GLY I 127 -1.70 30.34 12.46
C GLY I 127 -0.58 31.26 12.85
N GLY I 128 0.60 31.12 12.28
CA GLY I 128 1.66 32.07 12.54
C GLY I 128 1.28 33.46 12.06
N TRP I 129 1.81 34.46 12.76
CA TRP I 129 1.58 35.85 12.41
C TRP I 129 2.89 36.62 12.57
N ASN I 130 3.10 37.60 11.70
CA ASN I 130 4.30 38.42 11.73
C ASN I 130 3.91 39.86 11.39
N ILE I 131 4.20 40.78 12.30
CA ILE I 131 3.97 42.20 12.03
C ILE I 131 5.07 42.66 11.06
N GLU I 132 4.66 43.11 9.89
CA GLU I 132 5.62 43.51 8.86
C GLU I 132 6.25 44.85 9.22
N GLU I 133 7.58 44.89 9.22
CA GLU I 133 8.30 46.10 9.56
C GLU I 133 8.90 46.81 8.35
N GLU I 134 8.88 46.20 7.17
CA GLU I 134 9.59 46.74 6.01
C GLU I 134 8.67 47.39 4.98
N GLY I 135 7.40 47.63 5.31
CA GLY I 135 6.57 48.58 4.63
C GLY I 135 5.49 47.99 3.75
N TYR I 136 5.63 46.75 3.32
CA TYR I 136 4.65 46.15 2.43
C TYR I 136 4.65 44.63 2.60
N GLN I 137 3.59 44.00 2.12
CA GLN I 137 3.41 42.57 2.19
C GLN I 137 2.34 42.18 1.19
N ALA I 138 2.27 40.88 0.90
CA ALA I 138 1.30 40.38 -0.05
C ALA I 138 1.01 38.92 0.26
N VAL I 139 -0.17 38.46 -0.17
CA VAL I 139 -0.58 37.07 0.03
C VAL I 139 -1.26 36.58 -1.24
N GLY I 140 -1.14 35.28 -1.48
CA GLY I 140 -1.77 34.64 -2.60
C GLY I 140 -0.74 34.12 -3.60
N SER I 141 -1.27 33.48 -4.65
CA SER I 141 -0.45 32.84 -5.66
C SER I 141 0.42 33.82 -6.45
N GLY I 142 0.05 35.10 -6.48
CA GLY I 142 0.87 36.07 -7.19
C GLY I 142 1.64 36.97 -6.24
N SER I 143 1.74 36.55 -4.97
CA SER I 143 2.29 37.43 -3.94
C SER I 143 3.77 37.66 -4.12
N LEU I 144 4.51 36.64 -4.56
CA LEU I 144 5.94 36.82 -4.78
C LEU I 144 6.20 37.82 -5.90
N PHE I 145 5.41 37.75 -6.98
CA PHE I 145 5.56 38.73 -8.06
C PHE I 145 5.21 40.13 -7.58
N ALA I 146 4.15 40.25 -6.78
CA ALA I 146 3.72 41.56 -6.31
C ALA I 146 4.74 42.15 -5.34
N LYS I 147 5.35 41.31 -4.49
CA LYS I 147 6.30 41.82 -3.53
C LYS I 147 7.60 42.25 -4.21
N SER I 148 8.05 41.49 -5.21
CA SER I 148 9.24 41.91 -5.94
C SER I 148 8.99 43.16 -6.77
N SER I 149 7.76 43.34 -7.26
CA SER I 149 7.38 44.60 -7.89
C SER I 149 7.41 45.75 -6.88
N MET I 150 6.83 45.53 -5.71
CA MET I 150 6.79 46.59 -4.70
C MET I 150 8.18 46.92 -4.18
N LYS I 151 9.09 45.94 -4.19
CA LYS I 151 10.45 46.19 -3.75
C LYS I 151 11.12 47.30 -4.57
N LYS I 152 10.83 47.34 -5.87
CA LYS I 152 11.43 48.37 -6.72
C LYS I 152 10.64 49.67 -6.71
N LEU I 153 9.33 49.59 -6.48
CA LEU I 153 8.47 50.76 -6.59
C LEU I 153 8.23 51.47 -5.27
N TYR I 154 8.52 50.84 -4.12
CA TYR I 154 8.11 51.40 -2.85
C TYR I 154 8.74 52.76 -2.57
N SER I 155 9.91 53.04 -3.18
CA SER I 155 10.59 54.31 -2.97
C SER I 155 9.76 55.51 -3.41
N GLN I 156 8.79 55.32 -4.30
CA GLN I 156 7.98 56.43 -4.77
C GLN I 156 6.67 56.58 -3.98
N VAL I 157 6.51 55.85 -2.88
CA VAL I 157 5.34 56.00 -2.02
C VAL I 157 5.59 57.16 -1.07
N THR I 158 4.93 58.30 -1.31
CA THR I 158 5.07 59.46 -0.45
C THR I 158 3.75 59.96 0.13
N ASP I 159 2.61 59.40 -0.29
CA ASP I 159 1.32 59.83 0.22
C ASP I 159 0.29 58.75 -0.12
N GLY I 160 -0.98 59.03 0.16
CA GLY I 160 -2.02 58.04 -0.06
C GLY I 160 -2.23 57.70 -1.52
N ASP I 161 -2.15 58.70 -2.40
CA ASP I 161 -2.40 58.45 -3.82
C ASP I 161 -1.27 57.66 -4.46
N SER I 162 -0.02 58.00 -4.14
CA SER I 162 1.09 57.22 -4.68
C SER I 162 1.17 55.84 -4.05
N GLY I 163 0.80 55.70 -2.78
CA GLY I 163 0.62 54.38 -2.21
C GLY I 163 -0.37 53.55 -2.99
N LEU I 164 -1.52 54.14 -3.32
CA LEU I 164 -2.52 53.42 -4.09
C LEU I 164 -1.99 53.03 -5.46
N ARG I 165 -1.30 53.95 -6.13
CA ARG I 165 -0.77 53.64 -7.46
C ARG I 165 0.17 52.45 -7.42
N VAL I 166 1.08 52.42 -6.44
CA VAL I 166 2.02 51.32 -6.33
C VAL I 166 1.30 50.00 -6.04
N ALA I 167 0.29 50.05 -5.17
CA ALA I 167 -0.51 48.85 -4.90
C ALA I 167 -1.17 48.32 -6.17
N VAL I 168 -1.76 49.21 -6.97
CA VAL I 168 -2.42 48.77 -8.20
C VAL I 168 -1.40 48.23 -9.18
N GLU I 169 -0.25 48.90 -9.29
CA GLU I 169 0.79 48.42 -10.20
C GLU I 169 1.30 47.05 -9.76
N ALA I 170 1.45 46.84 -8.45
CA ALA I 170 1.89 45.54 -7.96
C ALA I 170 0.90 44.45 -8.35
N LEU I 171 -0.40 44.74 -8.23
CA LEU I 171 -1.41 43.78 -8.65
C LEU I 171 -1.35 43.55 -10.16
N TYR I 172 -1.05 44.60 -10.91
CA TYR I 172 -0.89 44.44 -12.36
C TYR I 172 0.25 43.48 -12.66
N ASP I 173 1.38 43.64 -11.97
CA ASP I 173 2.52 42.76 -12.20
C ASP I 173 2.21 41.32 -11.78
N ALA I 174 1.43 41.14 -10.71
CA ALA I 174 1.06 39.80 -10.29
C ALA I 174 0.19 39.13 -11.34
N ALA I 175 -0.78 39.86 -11.88
CA ALA I 175 -1.63 39.31 -12.93
C ALA I 175 -0.83 39.05 -14.19
N ASP I 176 0.23 39.83 -14.42
CA ASP I 176 1.07 39.64 -15.60
C ASP I 176 1.74 38.27 -15.59
N ASP I 177 2.04 37.73 -14.41
CA ASP I 177 2.81 36.50 -14.29
C ASP I 177 2.02 35.34 -13.66
N ASP I 178 0.90 35.60 -12.99
CA ASP I 178 0.14 34.58 -12.31
C ASP I 178 -1.25 34.50 -12.93
N SER I 179 -1.53 33.39 -13.61
CA SER I 179 -2.81 33.21 -14.26
C SER I 179 -3.97 33.09 -13.27
N ALA I 180 -3.70 32.84 -11.98
CA ALA I 180 -4.74 32.80 -10.97
C ALA I 180 -5.04 34.18 -10.36
N THR I 181 -4.38 35.22 -10.84
CA THR I 181 -4.65 36.58 -10.42
C THR I 181 -5.19 37.35 -11.62
N GLY I 182 -6.29 38.07 -11.40
CA GLY I 182 -6.97 38.76 -12.49
C GLY I 182 -6.42 40.15 -12.75
N GLY I 183 -6.11 40.43 -14.00
CA GLY I 183 -5.71 41.75 -14.40
C GLY I 183 -6.90 42.67 -14.57
N PRO I 184 -6.62 43.94 -14.81
CA PRO I 184 -7.69 44.89 -15.12
C PRO I 184 -8.42 44.46 -16.37
N ASP I 185 -9.75 44.50 -16.32
CA ASP I 185 -10.62 44.12 -17.44
C ASP I 185 -11.19 45.40 -18.02
N LEU I 186 -10.53 45.94 -19.05
CA LEU I 186 -11.01 47.16 -19.68
C LEU I 186 -12.26 46.92 -20.54
N VAL I 187 -12.48 45.69 -20.98
CA VAL I 187 -13.68 45.37 -21.75
C VAL I 187 -14.91 45.42 -20.84
N ARG I 188 -14.85 44.73 -19.71
CA ARG I 188 -15.97 44.68 -18.77
C ARG I 188 -15.97 45.83 -17.79
N GLY I 189 -14.88 46.59 -17.68
CA GLY I 189 -14.81 47.66 -16.72
C GLY I 189 -14.69 47.20 -15.28
N ILE I 190 -13.89 46.17 -15.02
CA ILE I 190 -13.72 45.61 -13.69
C ILE I 190 -12.26 45.76 -13.29
N PHE I 191 -12.03 46.23 -12.08
CA PHE I 191 -10.70 46.60 -11.61
C PHE I 191 -10.49 46.10 -10.20
N PRO I 192 -9.24 46.00 -9.75
CA PRO I 192 -8.99 45.63 -8.35
C PRO I 192 -9.76 46.52 -7.40
N THR I 193 -10.09 45.98 -6.23
CA THR I 193 -10.65 46.77 -5.14
C THR I 193 -9.55 47.21 -4.20
N ALA I 194 -9.82 48.28 -3.46
CA ALA I 194 -8.83 48.82 -2.55
C ALA I 194 -9.52 49.50 -1.38
N VAL I 195 -8.89 49.41 -0.22
CA VAL I 195 -9.30 50.10 0.98
C VAL I 195 -8.10 50.93 1.46
N ILE I 196 -8.36 52.17 1.86
CA ILE I 196 -7.33 52.99 2.47
C ILE I 196 -7.78 53.32 3.88
N ILE I 197 -6.84 53.29 4.82
CA ILE I 197 -7.10 53.49 6.24
C ILE I 197 -6.13 54.53 6.77
N ASP I 198 -6.66 55.58 7.39
CA ASP I 198 -5.83 56.56 8.09
C ASP I 198 -6.51 56.86 9.42
N ALA I 199 -6.14 57.99 10.03
CA ALA I 199 -6.73 58.37 11.32
C ALA I 199 -8.22 58.62 11.22
N ASP I 200 -8.73 58.92 10.02
CA ASP I 200 -10.16 59.09 9.82
C ASP I 200 -10.89 57.77 9.58
N GLY I 201 -10.18 56.65 9.63
CA GLY I 201 -10.81 55.34 9.51
C GLY I 201 -10.58 54.69 8.15
N ALA I 202 -11.28 53.59 7.93
CA ALA I 202 -11.16 52.80 6.71
C ALA I 202 -12.28 53.16 5.75
N VAL I 203 -11.92 53.41 4.49
CA VAL I 203 -12.89 53.72 3.45
C VAL I 203 -12.54 52.94 2.19
N ASP I 204 -13.57 52.49 1.48
CA ASP I 204 -13.36 51.90 0.17
C ASP I 204 -12.88 52.96 -0.82
N VAL I 205 -11.92 52.58 -1.66
CA VAL I 205 -11.45 53.48 -2.71
C VAL I 205 -12.42 53.41 -3.89
N PRO I 206 -12.94 54.54 -4.36
CA PRO I 206 -13.85 54.51 -5.52
C PRO I 206 -13.21 53.84 -6.72
N GLU I 207 -14.01 53.08 -7.47
CA GLU I 207 -13.49 52.35 -8.62
C GLU I 207 -12.92 53.29 -9.68
N SER I 208 -13.51 54.48 -9.83
CA SER I 208 -13.06 55.40 -10.88
C SER I 208 -11.59 55.78 -10.68
N ARG I 209 -11.17 55.93 -9.42
CA ARG I 209 -9.76 56.24 -9.14
C ARG I 209 -8.86 55.07 -9.52
N ILE I 210 -9.26 53.85 -9.16
CA ILE I 210 -8.47 52.67 -9.50
C ILE I 210 -8.45 52.45 -11.01
N ALA I 211 -9.59 52.67 -11.66
CA ALA I 211 -9.66 52.55 -13.11
C ALA I 211 -8.70 53.51 -13.81
N GLU I 212 -8.62 54.75 -13.33
CA GLU I 212 -7.72 55.72 -13.96
C GLU I 212 -6.28 55.30 -13.79
N LEU I 213 -5.90 54.86 -12.58
CA LEU I 213 -4.52 54.42 -12.34
C LEU I 213 -4.19 53.19 -13.17
N ALA I 214 -5.13 52.27 -13.31
CA ALA I 214 -4.87 51.06 -14.09
C ALA I 214 -4.66 51.39 -15.56
N ARG I 215 -5.43 52.33 -16.10
CA ARG I 215 -5.25 52.67 -17.51
C ARG I 215 -3.94 53.41 -17.73
N ALA I 216 -3.55 54.26 -16.78
CA ALA I 216 -2.26 54.93 -16.87
C ALA I 216 -1.11 53.93 -16.80
N ILE I 217 -1.23 52.91 -15.94
CA ILE I 217 -0.22 51.86 -15.90
C ILE I 217 -0.16 51.13 -17.23
N ILE I 218 -1.33 50.78 -17.78
CA ILE I 218 -1.37 50.04 -19.03
C ILE I 218 -0.77 50.89 -20.17
N GLU I 219 -1.06 52.19 -20.17
CA GLU I 219 -0.50 53.07 -21.19
C GLU I 219 1.01 53.18 -21.07
N SER I 220 1.52 53.32 -19.84
CA SER I 220 2.96 53.38 -19.63
C SER I 220 3.66 52.10 -20.09
N ARG I 221 3.02 50.95 -19.94
CA ARG I 221 3.65 49.68 -20.32
C ARG I 221 3.70 49.48 -21.83
N SER I 222 2.80 50.12 -22.58
CA SER I 222 2.72 49.90 -24.02
C SER I 222 3.85 50.58 -24.78
N THR J 1 -26.91 16.35 -15.97
CA THR J 1 -27.83 17.42 -15.63
C THR J 1 -27.36 18.75 -16.20
N THR J 2 -28.29 19.57 -16.67
CA THR J 2 -28.05 20.99 -16.86
C THR J 2 -29.21 21.77 -16.27
N ILE J 3 -28.88 22.71 -15.39
CA ILE J 3 -29.82 23.71 -14.89
C ILE J 3 -29.32 25.06 -15.35
N VAL J 4 -30.19 25.84 -15.99
CA VAL J 4 -29.81 27.19 -16.38
C VAL J 4 -30.71 28.17 -15.65
N ALA J 5 -30.22 29.40 -15.53
CA ALA J 5 -30.97 30.49 -14.94
C ALA J 5 -30.48 31.79 -15.56
N LEU J 6 -31.40 32.72 -15.81
CA LEU J 6 -30.99 33.98 -16.39
C LEU J 6 -31.94 35.09 -15.94
N LYS J 7 -31.43 36.32 -16.00
CA LYS J 7 -32.19 37.50 -15.62
C LYS J 7 -32.78 38.16 -16.86
N TYR J 8 -33.99 38.68 -16.72
CA TYR J 8 -34.63 39.50 -17.73
C TYR J 8 -35.21 40.72 -17.03
N PRO J 9 -35.55 41.78 -17.78
CA PRO J 9 -36.12 42.96 -17.13
C PRO J 9 -37.35 42.63 -16.31
N GLY J 10 -37.22 42.69 -14.98
CA GLY J 10 -38.33 42.46 -14.08
C GLY J 10 -38.39 41.12 -13.40
N GLY J 11 -37.47 40.20 -13.71
CA GLY J 11 -37.52 38.90 -13.06
C GLY J 11 -36.39 37.99 -13.50
N VAL J 12 -36.58 36.69 -13.20
CA VAL J 12 -35.63 35.65 -13.56
C VAL J 12 -36.40 34.45 -14.09
N VAL J 13 -35.69 33.60 -14.82
CA VAL J 13 -36.21 32.31 -15.27
C VAL J 13 -35.16 31.25 -14.96
N MET J 14 -35.62 30.08 -14.53
CA MET J 14 -34.77 28.92 -14.33
C MET J 14 -35.39 27.73 -15.04
N ALA J 15 -34.54 26.92 -15.69
CA ALA J 15 -35.02 25.77 -16.44
C ALA J 15 -34.02 24.63 -16.27
N GLY J 16 -34.53 23.40 -16.30
CA GLY J 16 -33.70 22.23 -16.10
C GLY J 16 -34.18 21.06 -16.93
N ASP J 17 -33.26 20.14 -17.23
CA ASP J 17 -33.56 18.98 -18.06
C ASP J 17 -34.27 17.92 -17.22
N ARG J 18 -34.54 16.76 -17.83
CA ARG J 18 -35.40 15.75 -17.23
C ARG J 18 -34.72 14.39 -17.06
N ARG J 19 -33.42 14.28 -17.30
CA ARG J 19 -32.76 12.98 -17.41
C ARG J 19 -32.11 12.56 -16.08
N SER J 20 -32.16 11.26 -15.81
CA SER J 20 -31.36 10.66 -14.75
C SER J 20 -30.64 9.45 -15.33
N THR J 21 -29.41 9.21 -14.88
CA THR J 21 -28.59 8.14 -15.43
C THR J 21 -27.97 7.34 -14.29
N GLN J 22 -27.54 6.13 -14.65
CA GLN J 22 -26.68 5.28 -13.83
C GLN J 22 -25.52 4.87 -14.72
N GLY J 23 -24.49 5.71 -14.79
CA GLY J 23 -23.44 5.51 -15.76
C GLY J 23 -23.92 5.78 -17.16
N ASN J 24 -23.86 4.77 -18.03
CA ASN J 24 -24.34 4.91 -19.39
C ASN J 24 -25.85 4.74 -19.50
N MET J 25 -26.47 4.07 -18.54
CA MET J 25 -27.87 3.69 -18.65
C MET J 25 -28.80 4.83 -18.24
N ILE J 26 -29.82 5.06 -19.04
CA ILE J 26 -30.84 6.05 -18.72
C ILE J 26 -31.83 5.42 -17.74
N SER J 27 -31.95 6.00 -16.56
CA SER J 27 -32.83 5.49 -15.52
C SER J 27 -33.99 6.44 -15.23
N GLY J 28 -34.06 7.59 -15.90
CA GLY J 28 -35.14 8.53 -15.69
C GLY J 28 -35.29 9.49 -16.86
N ARG J 29 -36.53 9.75 -17.26
CA ARG J 29 -36.82 10.60 -18.40
C ARG J 29 -37.74 11.77 -18.07
N ASP J 30 -38.31 11.81 -16.88
CA ASP J 30 -39.28 12.83 -16.52
C ASP J 30 -38.93 13.49 -15.19
N VAL J 31 -37.67 13.42 -14.78
CA VAL J 31 -37.25 13.97 -13.50
C VAL J 31 -37.46 15.47 -13.48
N ARG J 32 -37.92 15.98 -12.34
CA ARG J 32 -38.11 17.40 -12.13
C ARG J 32 -37.01 17.91 -11.22
N LYS J 33 -36.17 18.79 -11.75
CA LYS J 33 -34.96 19.25 -11.07
C LYS J 33 -35.06 20.68 -10.58
N VAL J 34 -36.13 21.40 -10.94
CA VAL J 34 -36.29 22.81 -10.62
C VAL J 34 -37.49 22.94 -9.68
N TYR J 35 -37.22 23.34 -8.45
CA TYR J 35 -38.23 23.42 -7.41
C TYR J 35 -38.56 24.86 -7.10
N ILE J 36 -39.85 25.16 -6.94
CA ILE J 36 -40.26 26.43 -6.36
C ILE J 36 -40.10 26.29 -4.84
N THR J 37 -39.06 26.93 -4.29
CA THR J 37 -38.73 26.73 -2.88
C THR J 37 -39.48 27.69 -1.96
N ASP J 38 -39.85 28.86 -2.44
CA ASP J 38 -40.88 29.69 -1.80
C ASP J 38 -41.47 30.60 -2.87
N ASP J 39 -42.31 31.54 -2.47
CA ASP J 39 -43.06 32.33 -3.44
C ASP J 39 -42.19 33.22 -4.33
N TYR J 40 -40.92 33.44 -3.97
CA TYR J 40 -40.04 34.27 -4.79
C TYR J 40 -38.68 33.61 -5.02
N THR J 41 -38.61 32.27 -4.95
CA THR J 41 -37.33 31.59 -5.01
C THR J 41 -37.49 30.22 -5.65
N ALA J 42 -36.58 29.89 -6.56
CA ALA J 42 -36.52 28.59 -7.19
C ALA J 42 -35.12 28.02 -7.03
N THR J 43 -35.03 26.70 -6.81
CA THR J 43 -33.75 26.02 -6.66
C THR J 43 -33.67 24.89 -7.68
N GLY J 44 -32.60 24.88 -8.45
CA GLY J 44 -32.26 23.75 -9.32
C GLY J 44 -31.01 23.08 -8.80
N ILE J 45 -31.02 21.75 -8.76
CA ILE J 45 -29.94 21.00 -8.15
C ILE J 45 -29.44 19.93 -9.12
N ALA J 46 -28.12 19.82 -9.22
CA ALA J 46 -27.45 18.76 -9.96
C ALA J 46 -26.73 17.85 -8.97
N GLY J 47 -26.39 16.64 -9.43
CA GLY J 47 -25.61 15.72 -8.63
C GLY J 47 -26.35 14.42 -8.37
N THR J 48 -26.05 13.81 -7.22
CA THR J 48 -26.67 12.55 -6.85
C THR J 48 -28.16 12.75 -6.59
N ALA J 49 -28.98 11.94 -7.25
CA ALA J 49 -30.43 12.16 -7.26
C ALA J 49 -31.00 12.21 -5.84
N ALA J 50 -30.70 11.19 -5.03
CA ALA J 50 -31.21 11.14 -3.66
C ALA J 50 -30.91 12.43 -2.91
N VAL J 51 -29.67 12.92 -3.03
CA VAL J 51 -29.24 14.08 -2.27
C VAL J 51 -29.89 15.35 -2.80
N ALA J 52 -29.97 15.48 -4.13
CA ALA J 52 -30.58 16.66 -4.72
C ALA J 52 -32.03 16.80 -4.29
N VAL J 53 -32.79 15.70 -4.33
CA VAL J 53 -34.20 15.76 -3.94
C VAL J 53 -34.33 16.11 -2.47
N GLU J 54 -33.49 15.52 -1.63
CA GLU J 54 -33.51 15.81 -0.20
C GLU J 54 -33.21 17.28 0.07
N PHE J 55 -32.19 17.81 -0.60
CA PHE J 55 -31.80 19.21 -0.41
C PHE J 55 -32.95 20.15 -0.73
N ALA J 56 -33.65 19.90 -1.84
CA ALA J 56 -34.76 20.77 -2.23
C ALA J 56 -35.86 20.75 -1.19
N ARG J 57 -36.28 19.55 -0.76
CA ARG J 57 -37.40 19.45 0.18
C ARG J 57 -37.04 20.07 1.52
N LEU J 58 -35.85 19.77 2.03
CA LEU J 58 -35.45 20.29 3.33
C LEU J 58 -35.28 21.81 3.29
N TYR J 59 -34.67 22.32 2.21
CA TYR J 59 -34.46 23.76 2.08
C TYR J 59 -35.78 24.51 2.07
N ALA J 60 -36.75 24.03 1.29
CA ALA J 60 -38.06 24.66 1.26
C ALA J 60 -38.72 24.63 2.64
N VAL J 61 -38.59 23.51 3.34
CA VAL J 61 -39.16 23.42 4.69
C VAL J 61 -38.44 24.41 5.63
N GLU J 62 -37.12 24.55 5.47
CA GLU J 62 -36.38 25.45 6.35
C GLU J 62 -36.83 26.89 6.18
N LEU J 63 -37.00 27.35 4.94
CA LEU J 63 -37.42 28.73 4.72
C LEU J 63 -38.81 28.99 5.30
N GLU J 64 -39.76 28.11 5.01
CA GLU J 64 -41.10 28.28 5.57
C GLU J 64 -41.10 28.14 7.08
N HIS J 65 -40.27 27.25 7.62
CA HIS J 65 -40.12 27.12 9.07
C HIS J 65 -39.75 28.46 9.71
N TYR J 66 -38.73 29.13 9.16
CA TYR J 66 -38.36 30.44 9.69
C TYR J 66 -39.50 31.44 9.56
N GLU J 67 -40.15 31.45 8.39
CA GLU J 67 -41.21 32.43 8.15
C GLU J 67 -42.35 32.29 9.15
N LYS J 68 -42.77 31.05 9.43
CA LYS J 68 -43.85 30.85 10.39
C LYS J 68 -43.40 31.15 11.81
N LEU J 69 -42.15 30.83 12.13
CA LEU J 69 -41.65 31.09 13.49
C LEU J 69 -41.54 32.59 13.77
N GLU J 70 -41.03 33.35 12.81
CA GLU J 70 -40.70 34.75 13.05
C GLU J 70 -41.72 35.72 12.46
N GLY J 71 -42.68 35.23 11.67
CA GLY J 71 -43.69 36.08 11.10
C GLY J 71 -43.31 36.79 9.82
N VAL J 72 -42.03 36.75 9.43
CA VAL J 72 -41.59 37.37 8.18
C VAL J 72 -40.66 36.41 7.45
N PRO J 73 -40.59 36.47 6.13
CA PRO J 73 -39.64 35.62 5.42
C PRO J 73 -38.21 36.11 5.61
N LEU J 74 -37.27 35.20 5.41
CA LEU J 74 -35.86 35.57 5.43
C LEU J 74 -35.55 36.55 4.31
N THR J 75 -34.56 37.40 4.54
CA THR J 75 -33.99 38.19 3.46
C THR J 75 -33.36 37.24 2.44
N PHE J 76 -33.19 37.72 1.22
CA PHE J 76 -32.59 36.87 0.20
C PHE J 76 -31.18 36.46 0.62
N ALA J 77 -30.44 37.37 1.27
CA ALA J 77 -29.11 37.02 1.75
C ALA J 77 -29.15 35.89 2.76
N GLY J 78 -30.11 35.94 3.69
CA GLY J 78 -30.26 34.83 4.63
C GLY J 78 -30.60 33.53 3.94
N LYS J 79 -31.42 33.60 2.88
CA LYS J 79 -31.74 32.40 2.12
C LYS J 79 -30.49 31.80 1.49
N ILE J 80 -29.65 32.66 0.91
CA ILE J 80 -28.36 32.22 0.37
C ILE J 80 -27.56 31.50 1.43
N ASN J 81 -27.37 32.16 2.59
CA ASN J 81 -26.50 31.63 3.62
C ASN J 81 -26.98 30.26 4.09
N ARG J 82 -28.30 30.08 4.20
CA ARG J 82 -28.85 28.81 4.64
C ARG J 82 -28.55 27.69 3.65
N LEU J 83 -28.80 27.94 2.37
CA LEU J 83 -28.45 26.95 1.34
C LEU J 83 -26.96 26.67 1.36
N ALA J 84 -26.13 27.71 1.49
CA ALA J 84 -24.68 27.51 1.50
C ALA J 84 -24.25 26.66 2.67
N ILE J 85 -24.83 26.90 3.85
CA ILE J 85 -24.49 26.10 5.03
C ILE J 85 -24.91 24.66 4.84
N MET J 86 -26.08 24.44 4.23
CA MET J 86 -26.53 23.08 3.94
C MET J 86 -25.54 22.36 3.04
N VAL J 87 -25.08 23.01 1.97
CA VAL J 87 -24.10 22.41 1.08
C VAL J 87 -22.80 22.14 1.83
N ARG J 88 -22.30 23.13 2.57
CA ARG J 88 -21.07 22.94 3.34
C ARG J 88 -21.20 21.75 4.29
N GLY J 89 -22.34 21.61 4.96
CA GLY J 89 -22.52 20.48 5.86
C GLY J 89 -22.49 19.13 5.18
N ASN J 90 -22.71 19.09 3.88
CA ASN J 90 -22.72 17.84 3.12
C ASN J 90 -21.38 17.53 2.46
N LEU J 91 -20.33 18.31 2.77
CA LEU J 91 -19.08 18.21 2.01
C LEU J 91 -18.47 16.81 2.13
N ALA J 92 -18.55 16.23 3.32
CA ALA J 92 -17.95 14.91 3.53
C ALA J 92 -18.70 13.83 2.75
N ALA J 93 -20.04 13.87 2.79
CA ALA J 93 -20.82 12.94 1.98
C ALA J 93 -20.58 13.15 0.50
N ALA J 94 -20.47 14.40 0.07
CA ALA J 94 -20.23 14.69 -1.34
C ALA J 94 -18.89 14.12 -1.78
N MET J 95 -17.88 14.16 -0.91
CA MET J 95 -16.60 13.54 -1.22
C MET J 95 -16.72 12.03 -1.34
N GLN J 96 -17.75 11.43 -0.73
CA GLN J 96 -18.01 10.01 -0.86
C GLN J 96 -19.00 9.70 -1.99
N GLY J 97 -19.32 10.70 -2.83
CA GLY J 97 -20.19 10.48 -3.96
C GLY J 97 -21.63 10.91 -3.76
N LEU J 98 -21.99 11.47 -2.60
CA LEU J 98 -23.33 11.98 -2.37
C LEU J 98 -23.34 13.50 -2.57
N LEU J 99 -23.13 13.90 -3.82
CA LEU J 99 -22.95 15.30 -4.16
C LEU J 99 -24.29 15.95 -4.53
N ALA J 100 -24.51 17.15 -4.00
CA ALA J 100 -25.59 18.02 -4.42
C ALA J 100 -25.01 19.38 -4.75
N LEU J 101 -25.29 19.87 -5.95
CA LEU J 101 -24.78 21.17 -6.41
C LEU J 101 -25.94 22.07 -6.81
N PRO J 102 -26.35 23.00 -5.96
CA PRO J 102 -27.52 23.82 -6.25
C PRO J 102 -27.21 25.08 -7.05
N LEU J 103 -28.26 25.60 -7.67
CA LEU J 103 -28.28 26.91 -8.31
C LEU J 103 -29.55 27.61 -7.85
N LEU J 104 -29.43 28.87 -7.45
CA LEU J 104 -30.52 29.60 -6.82
C LEU J 104 -30.92 30.79 -7.69
N ALA J 105 -32.22 30.89 -7.98
CA ALA J 105 -32.79 32.03 -8.66
C ALA J 105 -33.90 32.61 -7.80
N GLY J 106 -34.00 33.92 -7.77
CA GLY J 106 -34.99 34.56 -6.93
C GLY J 106 -35.29 35.97 -7.38
N TYR J 107 -36.39 36.50 -6.85
CA TYR J 107 -36.77 37.89 -7.03
C TYR J 107 -36.75 38.55 -5.65
N ASP J 108 -35.94 39.58 -5.50
CA ASP J 108 -35.77 40.23 -4.19
C ASP J 108 -36.86 41.29 -4.05
N ILE J 109 -37.88 40.99 -3.24
CA ILE J 109 -38.96 41.93 -3.02
C ILE J 109 -38.51 43.18 -2.30
N HIS J 110 -37.38 43.13 -1.59
CA HIS J 110 -36.88 44.28 -0.85
C HIS J 110 -35.89 45.13 -1.64
N ALA J 111 -35.59 44.76 -2.89
CA ALA J 111 -34.72 45.59 -3.71
C ALA J 111 -35.42 46.90 -4.06
N SER J 112 -34.64 47.99 -4.05
CA SER J 112 -35.21 49.29 -4.35
C SER J 112 -35.57 49.43 -5.82
N ASP J 113 -34.89 48.67 -6.70
CA ASP J 113 -35.12 48.73 -8.13
C ASP J 113 -35.79 47.45 -8.60
N PRO J 114 -37.10 47.44 -8.83
CA PRO J 114 -37.78 46.20 -9.23
C PRO J 114 -37.35 45.68 -10.59
N GLN J 115 -36.83 46.53 -11.47
CA GLN J 115 -36.41 46.07 -12.79
C GLN J 115 -35.20 45.14 -12.69
N SER J 116 -34.32 45.37 -11.71
CA SER J 116 -33.12 44.56 -11.54
C SER J 116 -33.18 43.72 -10.26
N ALA J 117 -34.36 43.44 -9.73
CA ALA J 117 -34.50 42.68 -8.49
C ALA J 117 -34.26 41.19 -8.70
N GLY J 118 -34.07 40.75 -9.94
CA GLY J 118 -33.70 39.37 -10.18
C GLY J 118 -32.33 39.05 -9.62
N ARG J 119 -32.19 37.82 -9.10
CA ARG J 119 -30.96 37.38 -8.48
C ARG J 119 -30.65 35.96 -8.92
N ILE J 120 -29.37 35.72 -9.22
CA ILE J 120 -28.86 34.39 -9.52
C ILE J 120 -27.63 34.14 -8.68
N VAL J 121 -27.63 33.05 -7.92
CA VAL J 121 -26.53 32.67 -7.04
C VAL J 121 -26.08 31.27 -7.40
N SER J 122 -24.78 31.12 -7.64
CA SER J 122 -24.20 29.80 -7.84
C SER J 122 -23.43 29.37 -6.60
N PHE J 123 -23.24 28.06 -6.48
CA PHE J 123 -22.61 27.46 -5.31
C PHE J 123 -21.55 26.47 -5.78
N ASP J 124 -20.70 26.04 -4.86
CA ASP J 124 -19.77 24.94 -5.12
C ASP J 124 -19.88 23.92 -3.99
N ALA J 125 -19.12 22.82 -4.12
CA ALA J 125 -19.25 21.68 -3.22
C ALA J 125 -18.79 21.99 -1.80
N ALA J 126 -18.04 23.06 -1.59
CA ALA J 126 -17.57 23.42 -0.26
C ALA J 126 -18.48 24.43 0.42
N GLY J 127 -19.61 24.76 -0.20
CA GLY J 127 -20.52 25.74 0.37
C GLY J 127 -20.23 27.16 -0.02
N GLY J 128 -19.25 27.41 -0.88
CA GLY J 128 -19.06 28.74 -1.40
C GLY J 128 -20.23 29.18 -2.25
N TRP J 129 -20.53 30.48 -2.17
CA TRP J 129 -21.65 31.07 -2.90
C TRP J 129 -21.18 32.34 -3.57
N ASN J 130 -21.73 32.61 -4.75
CA ASN J 130 -21.37 33.81 -5.50
C ASN J 130 -22.62 34.34 -6.20
N ILE J 131 -22.97 35.58 -5.92
CA ILE J 131 -24.08 36.23 -6.60
C ILE J 131 -23.63 36.61 -8.00
N GLU J 132 -24.29 36.05 -9.01
CA GLU J 132 -23.90 36.26 -10.39
C GLU J 132 -24.35 37.64 -10.85
N GLU J 133 -23.44 38.40 -11.45
CA GLU J 133 -23.75 39.74 -11.91
C GLU J 133 -23.68 39.88 -13.42
N GLU J 134 -23.40 38.80 -14.16
CA GLU J 134 -23.37 38.83 -15.61
C GLU J 134 -24.66 38.33 -16.24
N GLY J 135 -25.68 38.03 -15.43
CA GLY J 135 -27.03 37.86 -15.94
C GLY J 135 -27.45 36.42 -16.22
N TYR J 136 -26.55 35.46 -16.19
CA TYR J 136 -26.94 34.07 -16.42
C TYR J 136 -25.93 33.15 -15.74
N GLN J 137 -26.33 31.90 -15.59
CA GLN J 137 -25.52 30.91 -14.89
C GLN J 137 -26.11 29.53 -15.15
N ALA J 138 -25.27 28.52 -14.94
CA ALA J 138 -25.70 27.15 -15.15
C ALA J 138 -24.99 26.25 -14.15
N VAL J 139 -25.50 25.03 -14.00
CA VAL J 139 -24.89 24.03 -13.13
C VAL J 139 -25.19 22.66 -13.72
N GLY J 140 -24.32 21.70 -13.45
CA GLY J 140 -24.45 20.36 -13.95
C GLY J 140 -23.41 20.04 -15.02
N SER J 141 -23.41 18.78 -15.44
CA SER J 141 -22.41 18.28 -16.37
C SER J 141 -22.50 18.94 -17.75
N GLY J 142 -23.60 19.62 -18.05
CA GLY J 142 -23.70 20.33 -19.32
C GLY J 142 -23.67 21.83 -19.17
N SER J 143 -23.25 22.33 -18.01
CA SER J 143 -23.38 23.76 -17.72
C SER J 143 -22.44 24.61 -18.57
N LEU J 144 -21.29 24.07 -18.97
CA LEU J 144 -20.36 24.87 -19.76
C LEU J 144 -20.86 25.05 -21.19
N PHE J 145 -21.44 24.00 -21.78
CA PHE J 145 -22.11 24.16 -23.08
C PHE J 145 -23.27 25.15 -22.97
N ALA J 146 -24.06 25.06 -21.91
CA ALA J 146 -25.18 25.97 -21.73
C ALA J 146 -24.71 27.42 -21.54
N LYS J 147 -23.69 27.63 -20.70
CA LYS J 147 -23.18 28.97 -20.46
C LYS J 147 -22.57 29.59 -21.72
N SER J 148 -21.83 28.79 -22.51
CA SER J 148 -21.28 29.29 -23.75
C SER J 148 -22.37 29.56 -24.78
N SER J 149 -23.51 28.86 -24.67
CA SER J 149 -24.66 29.16 -25.52
C SER J 149 -25.32 30.46 -25.08
N MET J 150 -25.58 30.62 -23.78
CA MET J 150 -26.21 31.84 -23.29
C MET J 150 -25.30 33.04 -23.50
N LYS J 151 -23.99 32.83 -23.58
CA LYS J 151 -23.07 33.92 -23.85
C LYS J 151 -23.37 34.57 -25.20
N LYS J 152 -23.70 33.75 -26.19
CA LYS J 152 -23.99 34.25 -27.54
C LYS J 152 -25.44 34.65 -27.74
N LEU J 153 -26.36 34.19 -26.87
CA LEU J 153 -27.79 34.44 -27.07
C LEU J 153 -28.35 35.49 -26.12
N TYR J 154 -27.60 35.87 -25.07
CA TYR J 154 -28.19 36.67 -24.00
C TYR J 154 -28.62 38.06 -24.46
N SER J 155 -27.99 38.59 -25.51
CA SER J 155 -28.36 39.93 -25.97
C SER J 155 -29.77 39.97 -26.53
N GLN J 156 -30.36 38.81 -26.84
CA GLN J 156 -31.73 38.73 -27.33
C GLN J 156 -32.77 38.76 -26.20
N VAL J 157 -32.36 38.78 -24.94
CA VAL J 157 -33.29 38.71 -23.82
C VAL J 157 -33.79 40.13 -23.52
N THR J 158 -35.06 40.39 -23.85
CA THR J 158 -35.70 41.66 -23.56
C THR J 158 -36.92 41.57 -22.66
N ASP J 159 -37.51 40.38 -22.51
CA ASP J 159 -38.65 40.18 -21.63
C ASP J 159 -38.61 38.73 -21.15
N GLY J 160 -39.68 38.32 -20.45
CA GLY J 160 -39.73 36.97 -19.92
C GLY J 160 -39.76 35.90 -20.97
N ASP J 161 -40.43 36.16 -22.10
CA ASP J 161 -40.55 35.13 -23.12
C ASP J 161 -39.26 34.95 -23.92
N SER J 162 -38.52 36.04 -24.15
CA SER J 162 -37.21 35.89 -24.78
C SER J 162 -36.23 35.21 -23.82
N GLY J 163 -36.29 35.56 -22.54
CA GLY J 163 -35.47 34.88 -21.56
C GLY J 163 -35.77 33.39 -21.50
N LEU J 164 -37.05 33.03 -21.54
CA LEU J 164 -37.42 31.62 -21.53
C LEU J 164 -36.93 30.92 -22.79
N ARG J 165 -36.97 31.60 -23.94
CA ARG J 165 -36.51 30.98 -25.18
C ARG J 165 -35.00 30.72 -25.13
N VAL J 166 -34.24 31.66 -24.59
CA VAL J 166 -32.80 31.47 -24.46
C VAL J 166 -32.49 30.35 -23.49
N ALA J 167 -33.23 30.27 -22.38
CA ALA J 167 -33.00 29.21 -21.41
C ALA J 167 -33.27 27.84 -22.00
N VAL J 168 -34.30 27.73 -22.84
CA VAL J 168 -34.60 26.44 -23.46
C VAL J 168 -33.56 26.11 -24.52
N GLU J 169 -33.11 27.11 -25.28
CA GLU J 169 -32.10 26.86 -26.30
C GLU J 169 -30.77 26.49 -25.66
N ALA J 170 -30.43 27.11 -24.52
CA ALA J 170 -29.22 26.73 -23.80
C ALA J 170 -29.29 25.27 -23.35
N LEU J 171 -30.43 24.87 -22.80
CA LEU J 171 -30.61 23.47 -22.42
C LEU J 171 -30.54 22.56 -23.65
N TYR J 172 -31.08 23.01 -24.78
CA TYR J 172 -30.95 22.23 -26.00
C TYR J 172 -29.47 22.05 -26.37
N ASP J 173 -28.69 23.14 -26.31
CA ASP J 173 -27.28 23.04 -26.65
C ASP J 173 -26.53 22.12 -25.70
N ALA J 174 -26.87 22.18 -24.40
CA ALA J 174 -26.22 21.30 -23.43
C ALA J 174 -26.49 19.83 -23.75
N ALA J 175 -27.76 19.49 -23.98
CA ALA J 175 -28.09 18.11 -24.32
C ALA J 175 -27.47 17.70 -25.64
N ASP J 176 -27.30 18.65 -26.56
CA ASP J 176 -26.65 18.35 -27.83
C ASP J 176 -25.24 17.80 -27.62
N ASP J 177 -24.56 18.25 -26.57
CA ASP J 177 -23.16 17.89 -26.33
C ASP J 177 -22.93 17.06 -25.08
N ASP J 178 -23.89 16.98 -24.16
CA ASP J 178 -23.73 16.26 -22.91
C ASP J 178 -24.74 15.12 -22.86
N SER J 179 -24.26 13.87 -22.87
CA SER J 179 -25.15 12.72 -22.87
C SER J 179 -25.85 12.51 -21.54
N ALA J 180 -25.41 13.16 -20.46
CA ALA J 180 -26.09 13.09 -19.18
C ALA J 180 -27.16 14.17 -19.03
N THR J 181 -27.37 14.98 -20.06
CA THR J 181 -28.41 15.99 -20.08
C THR J 181 -29.41 15.62 -21.16
N GLY J 182 -30.70 15.65 -20.83
CA GLY J 182 -31.73 15.17 -21.74
C GLY J 182 -32.24 16.27 -22.65
N GLY J 183 -32.26 15.97 -23.94
CA GLY J 183 -32.88 16.86 -24.89
C GLY J 183 -34.39 16.73 -24.89
N PRO J 184 -35.04 17.59 -25.65
CA PRO J 184 -36.50 17.45 -25.80
C PRO J 184 -36.84 16.12 -26.44
N ASP J 185 -37.82 15.43 -25.86
CA ASP J 185 -38.27 14.13 -26.36
C ASP J 185 -39.63 14.37 -27.03
N LEU J 186 -39.60 14.55 -28.35
CA LEU J 186 -40.83 14.74 -29.09
C LEU J 186 -41.68 13.48 -29.14
N VAL J 187 -41.05 12.31 -29.07
CA VAL J 187 -41.79 11.05 -29.14
C VAL J 187 -42.67 10.89 -27.91
N ARG J 188 -42.10 11.13 -26.71
CA ARG J 188 -42.83 11.00 -25.46
C ARG J 188 -43.50 12.30 -25.01
N GLY J 189 -43.23 13.42 -25.68
CA GLY J 189 -43.75 14.70 -25.23
C GLY J 189 -43.23 15.12 -23.87
N ILE J 190 -41.93 14.93 -23.62
CA ILE J 190 -41.31 15.29 -22.36
C ILE J 190 -40.29 16.39 -22.64
N PHE J 191 -40.45 17.52 -21.98
CA PHE J 191 -39.67 18.72 -22.24
C PHE J 191 -39.08 19.25 -20.95
N PRO J 192 -38.05 20.09 -21.03
CA PRO J 192 -37.51 20.72 -19.82
C PRO J 192 -38.59 21.46 -19.04
N THR J 193 -38.45 21.45 -17.73
CA THR J 193 -39.31 22.22 -16.86
C THR J 193 -38.69 23.60 -16.62
N ALA J 194 -39.53 24.57 -16.32
CA ALA J 194 -39.05 25.93 -16.10
C ALA J 194 -39.90 26.60 -15.03
N VAL J 195 -39.29 27.55 -14.34
CA VAL J 195 -39.98 28.43 -13.41
C VAL J 195 -39.60 29.86 -13.78
N ILE J 196 -40.58 30.74 -13.77
CA ILE J 196 -40.36 32.17 -13.99
C ILE J 196 -40.83 32.93 -12.76
N ILE J 197 -40.05 33.92 -12.34
CA ILE J 197 -40.30 34.65 -11.11
C ILE J 197 -40.24 36.14 -11.41
N ASP J 198 -41.29 36.87 -11.06
CA ASP J 198 -41.29 38.32 -11.15
C ASP J 198 -41.87 38.87 -9.85
N ALA J 199 -42.34 40.11 -9.88
CA ALA J 199 -42.91 40.73 -8.69
C ALA J 199 -44.15 39.99 -8.20
N ASP J 200 -44.89 39.35 -9.10
CA ASP J 200 -46.08 38.59 -8.74
C ASP J 200 -45.75 37.23 -8.14
N GLY J 201 -44.49 36.84 -8.08
CA GLY J 201 -44.08 35.59 -7.47
C GLY J 201 -43.52 34.61 -8.49
N ALA J 202 -43.35 33.38 -8.02
CA ALA J 202 -42.79 32.30 -8.82
C ALA J 202 -43.92 31.41 -9.32
N VAL J 203 -43.87 31.05 -10.60
CA VAL J 203 -44.92 30.25 -11.22
C VAL J 203 -44.28 29.26 -12.19
N ASP J 204 -44.80 28.03 -12.20
CA ASP J 204 -44.36 27.04 -13.16
C ASP J 204 -44.77 27.46 -14.56
N VAL J 205 -43.88 27.25 -15.52
CA VAL J 205 -44.19 27.53 -16.92
C VAL J 205 -44.94 26.33 -17.50
N PRO J 206 -46.10 26.53 -18.12
CA PRO J 206 -46.83 25.39 -18.69
C PRO J 206 -46.02 24.69 -19.77
N GLU J 207 -46.08 23.35 -19.74
CA GLU J 207 -45.31 22.53 -20.66
C GLU J 207 -45.58 22.88 -22.12
N SER J 208 -46.79 23.37 -22.42
CA SER J 208 -47.13 23.72 -23.79
C SER J 208 -46.22 24.83 -24.33
N ARG J 209 -45.93 25.83 -23.50
CA ARG J 209 -45.08 26.93 -23.96
C ARG J 209 -43.65 26.45 -24.21
N ILE J 210 -43.12 25.61 -23.32
CA ILE J 210 -41.77 25.09 -23.50
C ILE J 210 -41.71 24.17 -24.72
N ALA J 211 -42.77 23.40 -24.95
CA ALA J 211 -42.82 22.54 -26.13
C ALA J 211 -42.80 23.36 -27.42
N GLU J 212 -43.59 24.44 -27.47
CA GLU J 212 -43.60 25.30 -28.65
C GLU J 212 -42.22 25.89 -28.90
N LEU J 213 -41.53 26.31 -27.83
CA LEU J 213 -40.18 26.84 -27.99
C LEU J 213 -39.22 25.77 -28.46
N ALA J 214 -39.34 24.55 -27.91
CA ALA J 214 -38.47 23.46 -28.35
C ALA J 214 -38.69 23.14 -29.82
N ARG J 215 -39.95 23.07 -30.25
CA ARG J 215 -40.22 22.79 -31.66
C ARG J 215 -39.66 23.88 -32.55
N ALA J 216 -39.74 25.14 -32.11
CA ALA J 216 -39.16 26.23 -32.89
C ALA J 216 -37.65 26.11 -33.00
N ILE J 217 -36.99 25.76 -31.89
CA ILE J 217 -35.54 25.57 -31.91
C ILE J 217 -35.17 24.43 -32.85
N ILE J 218 -35.89 23.30 -32.73
CA ILE J 218 -35.58 22.12 -33.52
C ILE J 218 -35.78 22.39 -35.00
N GLU J 219 -36.88 23.05 -35.37
CA GLU J 219 -37.10 23.36 -36.78
C GLU J 219 -36.07 24.37 -37.28
N SER J 220 -35.64 25.31 -36.43
CA SER J 220 -34.61 26.26 -36.84
C SER J 220 -33.30 25.55 -37.16
N ARG J 221 -32.91 24.57 -36.34
CA ARG J 221 -31.66 23.86 -36.57
C ARG J 221 -31.71 22.96 -37.80
N SER J 222 -32.91 22.52 -38.19
CA SER J 222 -33.06 21.59 -39.31
C SER J 222 -32.83 22.26 -40.65
N THR K 1 -31.95 -12.38 -8.55
CA THR K 1 -33.32 -11.95 -8.27
C THR K 1 -33.87 -11.10 -9.39
N THR K 2 -35.17 -11.25 -9.67
CA THR K 2 -35.89 -10.26 -10.44
C THR K 2 -37.25 -10.05 -9.80
N ILE K 3 -37.57 -8.78 -9.53
CA ILE K 3 -38.90 -8.36 -9.11
C ILE K 3 -39.45 -7.48 -10.21
N VAL K 4 -40.68 -7.72 -10.62
CA VAL K 4 -41.34 -6.86 -11.60
C VAL K 4 -42.57 -6.25 -10.94
N ALA K 5 -42.90 -5.04 -11.38
CA ALA K 5 -44.11 -4.36 -10.95
C ALA K 5 -44.73 -3.70 -12.17
N LEU K 6 -46.05 -3.58 -12.15
CA LEU K 6 -46.78 -3.38 -13.39
C LEU K 6 -48.12 -2.73 -13.09
N LYS K 7 -48.37 -1.56 -13.66
CA LYS K 7 -49.67 -0.92 -13.52
C LYS K 7 -50.65 -1.44 -14.56
N TYR K 8 -51.89 -1.66 -14.15
CA TYR K 8 -52.99 -2.00 -15.03
C TYR K 8 -54.18 -1.15 -14.66
N PRO K 9 -55.21 -1.09 -15.52
CA PRO K 9 -56.39 -0.29 -15.18
C PRO K 9 -57.01 -0.66 -13.85
N GLY K 10 -56.83 0.20 -12.85
CA GLY K 10 -57.43 0.01 -11.55
C GLY K 10 -56.57 -0.67 -10.51
N GLY K 11 -55.28 -0.82 -10.76
CA GLY K 11 -54.43 -1.44 -9.75
C GLY K 11 -53.03 -1.68 -10.27
N VAL K 12 -52.31 -2.52 -9.54
CA VAL K 12 -50.94 -2.91 -9.88
C VAL K 12 -50.75 -4.37 -9.55
N VAL K 13 -49.79 -4.99 -10.23
CA VAL K 13 -49.34 -6.33 -9.93
C VAL K 13 -47.84 -6.28 -9.69
N MET K 14 -47.36 -7.06 -8.73
CA MET K 14 -45.95 -7.24 -8.48
C MET K 14 -45.66 -8.72 -8.40
N ALA K 15 -44.55 -9.15 -9.02
CA ALA K 15 -44.19 -10.56 -9.05
C ALA K 15 -42.69 -10.69 -8.83
N GLY K 16 -42.28 -11.81 -8.26
CA GLY K 16 -40.88 -12.04 -7.95
C GLY K 16 -40.54 -13.51 -8.06
N ASP K 17 -39.26 -13.77 -8.36
CA ASP K 17 -38.79 -15.13 -8.52
C ASP K 17 -38.52 -15.75 -7.15
N ARG K 18 -38.02 -16.99 -7.16
CA ARG K 18 -37.94 -17.80 -5.95
C ARG K 18 -36.53 -18.26 -5.62
N ARG K 19 -35.52 -17.83 -6.35
CA ARG K 19 -34.17 -18.37 -6.19
C ARG K 19 -33.35 -17.54 -5.21
N SER K 20 -32.47 -18.21 -4.49
CA SER K 20 -31.40 -17.57 -3.74
C SER K 20 -30.11 -18.32 -4.04
N THR K 21 -28.99 -17.62 -4.02
CA THR K 21 -27.71 -18.19 -4.43
C THR K 21 -26.62 -17.82 -3.43
N GLN K 22 -25.55 -18.62 -3.47
CA GLN K 22 -24.28 -18.32 -2.81
C GLN K 22 -23.21 -18.55 -3.87
N GLY K 23 -22.82 -17.50 -4.57
CA GLY K 23 -21.95 -17.68 -5.72
C GLY K 23 -22.72 -18.40 -6.81
N ASN K 24 -22.08 -19.41 -7.41
CA ASN K 24 -22.75 -20.21 -8.42
C ASN K 24 -23.74 -21.21 -7.82
N MET K 25 -23.64 -21.51 -6.52
CA MET K 25 -24.46 -22.55 -5.92
C MET K 25 -25.86 -22.03 -5.61
N ILE K 26 -26.86 -22.81 -6.00
CA ILE K 26 -28.24 -22.48 -5.68
C ILE K 26 -28.50 -22.86 -4.22
N SER K 27 -28.96 -21.88 -3.43
CA SER K 27 -29.18 -22.09 -2.01
C SER K 27 -30.64 -22.06 -1.61
N GLY K 28 -31.54 -21.69 -2.53
CA GLY K 28 -32.96 -21.64 -2.23
C GLY K 28 -33.80 -21.74 -3.48
N ARG K 29 -34.91 -22.49 -3.41
CA ARG K 29 -35.79 -22.66 -4.55
C ARG K 29 -37.20 -22.13 -4.31
N ASP K 30 -37.54 -21.73 -3.09
CA ASP K 30 -38.90 -21.29 -2.80
C ASP K 30 -38.91 -20.02 -1.96
N VAL K 31 -37.89 -19.19 -2.10
CA VAL K 31 -37.87 -17.89 -1.44
C VAL K 31 -39.05 -17.06 -1.92
N ARG K 32 -39.70 -16.37 -0.99
CA ARG K 32 -40.78 -15.44 -1.31
C ARG K 32 -40.25 -14.03 -1.09
N LYS K 33 -40.13 -13.28 -2.19
CA LYS K 33 -39.50 -11.98 -2.18
C LYS K 33 -40.48 -10.82 -2.28
N VAL K 34 -41.77 -11.11 -2.46
CA VAL K 34 -42.79 -10.08 -2.61
C VAL K 34 -43.67 -10.10 -1.36
N TYR K 35 -43.62 -9.01 -0.60
CA TYR K 35 -44.29 -8.90 0.69
C TYR K 35 -45.46 -7.94 0.61
N ILE K 36 -46.62 -8.37 1.08
CA ILE K 36 -47.71 -7.44 1.33
C ILE K 36 -47.35 -6.66 2.59
N THR K 37 -47.05 -5.38 2.45
CA THR K 37 -46.60 -4.60 3.59
C THR K 37 -47.73 -3.88 4.32
N ASP K 38 -48.86 -3.63 3.64
CA ASP K 38 -50.11 -3.29 4.30
C ASP K 38 -51.24 -3.54 3.31
N ASP K 39 -52.46 -3.10 3.67
CA ASP K 39 -53.64 -3.42 2.87
C ASP K 39 -53.55 -2.90 1.44
N TYR K 40 -52.72 -1.90 1.18
CA TYR K 40 -52.65 -1.28 -0.15
C TYR K 40 -51.22 -1.09 -0.61
N THR K 41 -50.31 -1.96 -0.18
CA THR K 41 -48.90 -1.79 -0.51
C THR K 41 -48.20 -3.13 -0.53
N ALA K 42 -47.36 -3.34 -1.56
CA ALA K 42 -46.47 -4.47 -1.64
C ALA K 42 -45.06 -3.97 -1.91
N THR K 43 -44.07 -4.70 -1.39
CA THR K 43 -42.67 -4.39 -1.64
C THR K 43 -41.93 -5.68 -1.99
N GLY K 44 -41.13 -5.62 -3.05
CA GLY K 44 -40.20 -6.69 -3.37
C GLY K 44 -38.78 -6.16 -3.24
N ILE K 45 -37.89 -6.99 -2.71
CA ILE K 45 -36.54 -6.56 -2.38
C ILE K 45 -35.54 -7.52 -2.99
N ALA K 46 -34.50 -6.97 -3.63
CA ALA K 46 -33.37 -7.71 -4.15
C ALA K 46 -32.13 -7.35 -3.35
N GLY K 47 -31.17 -8.29 -3.33
CA GLY K 47 -29.90 -8.06 -2.66
C GLY K 47 -29.60 -9.14 -1.64
N THR K 48 -28.87 -8.75 -0.59
CA THR K 48 -28.52 -9.67 0.47
C THR K 48 -29.78 -10.17 1.16
N ALA K 49 -29.91 -11.50 1.23
CA ALA K 49 -31.16 -12.10 1.71
C ALA K 49 -31.50 -11.62 3.12
N ALA K 50 -30.54 -11.72 4.05
CA ALA K 50 -30.76 -11.29 5.42
C ALA K 50 -31.27 -9.85 5.48
N VAL K 51 -30.67 -8.97 4.68
CA VAL K 51 -31.06 -7.57 4.72
C VAL K 51 -32.44 -7.37 4.11
N ALA K 52 -32.69 -8.03 2.98
CA ALA K 52 -33.99 -7.90 2.32
C ALA K 52 -35.12 -8.33 3.25
N VAL K 53 -34.95 -9.45 3.94
CA VAL K 53 -36.00 -9.93 4.84
C VAL K 53 -36.21 -8.94 5.98
N GLU K 54 -35.12 -8.54 6.64
CA GLU K 54 -35.18 -7.51 7.67
C GLU K 54 -35.95 -6.28 7.20
N PHE K 55 -35.62 -5.79 6.01
CA PHE K 55 -36.25 -4.59 5.47
C PHE K 55 -37.75 -4.74 5.37
N ALA K 56 -38.21 -5.87 4.82
CA ALA K 56 -39.64 -6.07 4.61
C ALA K 56 -40.38 -6.15 5.94
N ARG K 57 -39.83 -6.90 6.89
CA ARG K 57 -40.48 -7.03 8.19
C ARG K 57 -40.54 -5.70 8.93
N LEU K 58 -39.40 -5.01 9.01
CA LEU K 58 -39.36 -3.75 9.75
C LEU K 58 -40.22 -2.69 9.09
N TYR K 59 -40.20 -2.61 7.75
CA TYR K 59 -41.02 -1.63 7.06
C TYR K 59 -42.51 -1.87 7.33
N ALA K 60 -42.95 -3.13 7.28
CA ALA K 60 -44.35 -3.43 7.56
C ALA K 60 -44.71 -3.04 8.99
N VAL K 61 -43.83 -3.33 9.95
CA VAL K 61 -44.08 -2.95 11.34
C VAL K 61 -44.19 -1.43 11.46
N GLU K 62 -43.33 -0.69 10.75
CA GLU K 62 -43.35 0.77 10.86
C GLU K 62 -44.65 1.35 10.34
N LEU K 63 -45.10 0.91 9.16
CA LEU K 63 -46.35 1.44 8.60
C LEU K 63 -47.53 1.19 9.53
N GLU K 64 -47.62 -0.01 10.09
CA GLU K 64 -48.72 -0.31 11.01
C GLU K 64 -48.54 0.40 12.33
N HIS K 65 -47.29 0.63 12.75
CA HIS K 65 -47.01 1.37 13.98
C HIS K 65 -47.60 2.77 13.90
N TYR K 66 -47.39 3.46 12.77
CA TYR K 66 -47.97 4.78 12.60
C TYR K 66 -49.49 4.73 12.58
N GLU K 67 -50.05 3.73 11.89
CA GLU K 67 -51.50 3.65 11.76
C GLU K 67 -52.16 3.48 13.13
N LYS K 68 -51.57 2.66 14.01
CA LYS K 68 -52.15 2.46 15.33
C LYS K 68 -51.96 3.66 16.23
N LEU K 69 -50.83 4.37 16.11
CA LEU K 69 -50.59 5.53 16.96
C LEU K 69 -51.48 6.69 16.55
N GLU K 70 -51.71 6.88 15.26
CA GLU K 70 -52.38 8.08 14.76
C GLU K 70 -53.82 7.82 14.29
N GLY K 71 -54.26 6.58 14.23
CA GLY K 71 -55.62 6.28 13.83
C GLY K 71 -55.90 6.36 12.35
N VAL K 72 -54.90 6.71 11.54
CA VAL K 72 -55.03 6.69 10.09
C VAL K 72 -53.73 6.21 9.48
N PRO K 73 -53.80 5.56 8.32
CA PRO K 73 -52.56 5.15 7.65
C PRO K 73 -51.85 6.34 7.03
N LEU K 74 -50.55 6.17 6.83
CA LEU K 74 -49.76 7.19 6.16
C LEU K 74 -50.28 7.42 4.74
N THR K 75 -50.12 8.65 4.26
CA THR K 75 -50.24 8.90 2.84
C THR K 75 -49.22 8.06 2.07
N PHE K 76 -49.47 7.87 0.78
CA PHE K 76 -48.53 7.09 -0.01
C PHE K 76 -47.16 7.76 -0.07
N ALA K 77 -47.14 9.09 -0.15
CA ALA K 77 -45.86 9.80 -0.12
C ALA K 77 -45.11 9.51 1.18
N GLY K 78 -45.82 9.53 2.32
CA GLY K 78 -45.19 9.18 3.58
C GLY K 78 -44.59 7.79 3.58
N LYS K 79 -45.31 6.81 3.01
CA LYS K 79 -44.77 5.46 2.92
C LYS K 79 -43.50 5.42 2.07
N ILE K 80 -43.50 6.11 0.94
CA ILE K 80 -42.28 6.24 0.13
C ILE K 80 -41.15 6.79 0.98
N ASN K 81 -41.41 7.89 1.67
CA ASN K 81 -40.37 8.56 2.46
C ASN K 81 -39.73 7.61 3.46
N ARG K 82 -40.56 6.85 4.20
CA ARG K 82 -40.02 5.97 5.23
C ARG K 82 -39.16 4.87 4.64
N LEU K 83 -39.57 4.31 3.50
CA LEU K 83 -38.75 3.31 2.83
C LEU K 83 -37.43 3.92 2.36
N ALA K 84 -37.50 5.10 1.73
CA ALA K 84 -36.28 5.79 1.29
C ALA K 84 -35.31 6.00 2.44
N ILE K 85 -35.83 6.46 3.58
CA ILE K 85 -34.97 6.75 4.73
C ILE K 85 -34.35 5.45 5.26
N MET K 86 -35.10 4.35 5.24
CA MET K 86 -34.58 3.07 5.66
C MET K 86 -33.45 2.60 4.75
N VAL K 87 -33.61 2.78 3.44
CA VAL K 87 -32.54 2.41 2.51
C VAL K 87 -31.34 3.31 2.70
N ARG K 88 -31.57 4.62 2.83
CA ARG K 88 -30.44 5.55 3.00
C ARG K 88 -29.67 5.25 4.28
N GLY K 89 -30.38 4.91 5.36
CA GLY K 89 -29.72 4.55 6.61
C GLY K 89 -28.89 3.29 6.53
N ASN K 90 -29.11 2.47 5.50
CA ASN K 90 -28.34 1.24 5.32
C ASN K 90 -27.17 1.40 4.37
N LEU K 91 -26.97 2.61 3.82
CA LEU K 91 -26.00 2.82 2.74
C LEU K 91 -24.61 2.35 3.14
N ALA K 92 -24.21 2.63 4.39
CA ALA K 92 -22.88 2.23 4.84
C ALA K 92 -22.72 0.72 4.80
N ALA K 93 -23.66 -0.01 5.43
CA ALA K 93 -23.63 -1.46 5.39
C ALA K 93 -23.74 -1.98 3.96
N ALA K 94 -24.55 -1.31 3.13
CA ALA K 94 -24.67 -1.73 1.73
C ALA K 94 -23.34 -1.64 1.00
N MET K 95 -22.57 -0.59 1.25
CA MET K 95 -21.23 -0.50 0.68
C MET K 95 -20.33 -1.62 1.18
N GLN K 96 -20.63 -2.20 2.34
CA GLN K 96 -19.87 -3.34 2.87
C GLN K 96 -20.37 -4.68 2.34
N GLY K 97 -21.48 -4.70 1.62
CA GLY K 97 -22.02 -5.93 1.07
C GLY K 97 -23.39 -6.31 1.59
N LEU K 98 -23.97 -5.56 2.53
CA LEU K 98 -25.29 -5.87 3.07
C LEU K 98 -26.34 -5.04 2.34
N LEU K 99 -26.51 -5.34 1.06
CA LEU K 99 -27.30 -4.51 0.16
C LEU K 99 -28.75 -4.99 0.09
N ALA K 100 -29.66 -4.04 0.02
CA ALA K 100 -31.07 -4.30 -0.20
C ALA K 100 -31.64 -3.20 -1.07
N LEU K 101 -32.19 -3.56 -2.22
CA LEU K 101 -32.84 -2.61 -3.12
C LEU K 101 -34.32 -2.94 -3.19
N PRO K 102 -35.20 -2.09 -2.68
CA PRO K 102 -36.63 -2.38 -2.74
C PRO K 102 -37.28 -1.84 -4.01
N LEU K 103 -38.44 -2.42 -4.32
CA LEU K 103 -39.36 -1.89 -5.32
C LEU K 103 -40.73 -1.80 -4.66
N LEU K 104 -41.38 -0.65 -4.79
CA LEU K 104 -42.61 -0.37 -4.08
C LEU K 104 -43.77 -0.33 -5.06
N ALA K 105 -44.79 -1.15 -4.79
CA ALA K 105 -46.05 -1.12 -5.53
C ALA K 105 -47.18 -0.86 -4.54
N GLY K 106 -48.15 -0.06 -4.96
CA GLY K 106 -49.24 0.28 -4.08
C GLY K 106 -50.42 0.86 -4.84
N TYR K 107 -51.55 0.88 -4.16
CA TYR K 107 -52.77 1.51 -4.66
C TYR K 107 -53.08 2.70 -3.74
N ASP K 108 -53.13 3.89 -4.32
CA ASP K 108 -53.36 5.11 -3.55
C ASP K 108 -54.86 5.36 -3.47
N ILE K 109 -55.43 5.14 -2.28
CA ILE K 109 -56.85 5.36 -2.08
C ILE K 109 -57.25 6.83 -2.20
N HIS K 110 -56.29 7.75 -2.05
CA HIS K 110 -56.57 9.18 -2.12
C HIS K 110 -56.27 9.77 -3.49
N ALA K 111 -55.86 8.95 -4.46
CA ALA K 111 -55.58 9.48 -5.79
C ALA K 111 -56.85 10.02 -6.43
N SER K 112 -56.68 11.03 -7.27
CA SER K 112 -57.81 11.63 -7.97
C SER K 112 -58.52 10.58 -8.83
N ASP K 113 -57.79 10.00 -9.79
CA ASP K 113 -58.35 9.05 -10.73
C ASP K 113 -58.11 7.63 -10.23
N PRO K 114 -59.13 6.87 -9.85
CA PRO K 114 -58.89 5.50 -9.36
C PRO K 114 -58.33 4.57 -10.42
N GLN K 115 -58.59 4.82 -11.71
CA GLN K 115 -58.11 3.91 -12.74
C GLN K 115 -56.59 3.90 -12.82
N SER K 116 -55.95 5.06 -12.60
CA SER K 116 -54.50 5.18 -12.60
C SER K 116 -53.95 5.44 -11.21
N ALA K 117 -54.66 4.97 -10.18
CA ALA K 117 -54.22 5.09 -8.80
C ALA K 117 -53.10 4.12 -8.45
N GLY K 118 -52.73 3.22 -9.36
CA GLY K 118 -51.59 2.36 -9.12
C GLY K 118 -50.28 3.12 -9.13
N ARG K 119 -49.34 2.66 -8.32
CA ARG K 119 -48.09 3.38 -8.09
C ARG K 119 -46.93 2.40 -8.05
N ILE K 120 -45.93 2.63 -8.90
CA ILE K 120 -44.67 1.90 -8.84
C ILE K 120 -43.56 2.90 -8.51
N VAL K 121 -42.76 2.57 -7.50
CA VAL K 121 -41.68 3.45 -7.04
C VAL K 121 -40.40 2.63 -6.97
N SER K 122 -39.38 3.08 -7.69
CA SER K 122 -38.07 2.45 -7.64
C SER K 122 -37.15 3.21 -6.69
N PHE K 123 -36.13 2.52 -6.20
CA PHE K 123 -35.19 3.06 -5.23
C PHE K 123 -33.77 2.70 -5.64
N ASP K 124 -32.82 3.52 -5.21
CA ASP K 124 -31.40 3.17 -5.37
C ASP K 124 -30.76 3.02 -3.99
N ALA K 125 -29.49 2.64 -4.00
CA ALA K 125 -28.79 2.31 -2.74
C ALA K 125 -28.53 3.54 -1.88
N ALA K 126 -28.61 4.75 -2.44
CA ALA K 126 -28.42 5.98 -1.68
C ALA K 126 -29.72 6.50 -1.08
N GLY K 127 -30.79 5.73 -1.13
CA GLY K 127 -32.07 6.20 -0.65
C GLY K 127 -32.88 7.02 -1.64
N GLY K 128 -32.41 7.15 -2.88
CA GLY K 128 -33.18 7.84 -3.90
C GLY K 128 -34.44 7.08 -4.25
N TRP K 129 -35.49 7.83 -4.57
CA TRP K 129 -36.78 7.26 -4.92
C TRP K 129 -37.33 8.00 -6.13
N ASN K 130 -37.99 7.27 -7.01
CA ASN K 130 -38.56 7.84 -8.21
C ASN K 130 -39.87 7.13 -8.52
N ILE K 131 -40.95 7.89 -8.63
CA ILE K 131 -42.26 7.34 -8.96
C ILE K 131 -42.28 7.08 -10.46
N GLU K 132 -42.35 5.81 -10.83
CA GLU K 132 -42.34 5.45 -12.25
C GLU K 132 -43.64 5.87 -12.91
N GLU K 133 -43.53 6.64 -13.99
CA GLU K 133 -44.68 7.12 -14.74
C GLU K 133 -44.88 6.38 -16.06
N GLU K 134 -44.04 5.40 -16.37
CA GLU K 134 -44.15 4.66 -17.62
C GLU K 134 -44.85 3.32 -17.46
N GLY K 135 -45.27 2.96 -16.25
CA GLY K 135 -46.19 1.87 -16.04
C GLY K 135 -45.58 0.59 -15.50
N TYR K 136 -44.28 0.37 -15.68
CA TYR K 136 -43.65 -0.85 -15.20
C TYR K 136 -42.24 -0.54 -14.71
N GLN K 137 -41.72 -1.44 -13.88
CA GLN K 137 -40.39 -1.29 -13.32
C GLN K 137 -39.93 -2.68 -12.86
N ALA K 138 -38.62 -2.80 -12.63
CA ALA K 138 -38.05 -4.06 -12.20
C ALA K 138 -36.80 -3.77 -11.37
N VAL K 139 -36.42 -4.74 -10.54
CA VAL K 139 -35.24 -4.61 -9.69
C VAL K 139 -34.59 -5.98 -9.55
N GLY K 140 -33.27 -5.98 -9.43
CA GLY K 140 -32.51 -7.19 -9.28
C GLY K 140 -31.58 -7.43 -10.45
N SER K 141 -30.90 -8.58 -10.38
CA SER K 141 -29.89 -8.92 -11.39
C SER K 141 -30.48 -9.08 -12.78
N GLY K 142 -31.73 -9.53 -12.88
CA GLY K 142 -32.38 -9.72 -14.16
C GLY K 142 -33.31 -8.61 -14.57
N SER K 143 -33.27 -7.46 -13.90
CA SER K 143 -34.27 -6.42 -14.11
C SER K 143 -34.19 -5.82 -15.51
N LEU K 144 -33.00 -5.75 -16.09
CA LEU K 144 -32.88 -5.17 -17.43
C LEU K 144 -33.54 -6.05 -18.48
N PHE K 145 -33.32 -7.37 -18.40
CA PHE K 145 -34.03 -8.29 -19.29
C PHE K 145 -35.53 -8.21 -19.08
N ALA K 146 -35.97 -8.08 -17.82
CA ALA K 146 -37.39 -8.02 -17.54
C ALA K 146 -38.01 -6.73 -18.06
N LYS K 147 -37.30 -5.60 -17.89
CA LYS K 147 -37.83 -4.33 -18.38
C LYS K 147 -37.88 -4.31 -19.89
N SER K 148 -36.86 -4.86 -20.55
CA SER K 148 -36.88 -4.92 -22.01
C SER K 148 -38.00 -5.82 -22.51
N SER K 149 -38.28 -6.90 -21.78
CA SER K 149 -39.40 -7.77 -22.12
C SER K 149 -40.73 -7.03 -21.96
N MET K 150 -40.95 -6.40 -20.81
CA MET K 150 -42.19 -5.68 -20.58
C MET K 150 -42.35 -4.51 -21.54
N LYS K 151 -41.25 -3.93 -22.01
CA LYS K 151 -41.34 -2.85 -23.00
C LYS K 151 -42.08 -3.32 -24.25
N LYS K 152 -41.86 -4.57 -24.64
CA LYS K 152 -42.51 -5.12 -25.82
C LYS K 152 -43.88 -5.72 -25.52
N LEU K 153 -44.17 -6.08 -24.28
CA LEU K 153 -45.40 -6.76 -23.93
C LEU K 153 -46.44 -5.88 -23.25
N TYR K 154 -46.08 -4.64 -22.89
CA TYR K 154 -46.94 -3.86 -22.01
C TYR K 154 -48.25 -3.47 -22.67
N SER K 155 -48.28 -3.35 -23.99
CA SER K 155 -49.52 -2.98 -24.68
C SER K 155 -50.61 -4.03 -24.50
N GLN K 156 -50.25 -5.26 -24.11
CA GLN K 156 -51.24 -6.30 -23.84
C GLN K 156 -51.96 -6.11 -22.52
N VAL K 157 -51.52 -5.18 -21.68
CA VAL K 157 -52.06 -5.04 -20.33
C VAL K 157 -53.34 -4.21 -20.38
N THR K 158 -54.48 -4.86 -20.21
CA THR K 158 -55.77 -4.19 -20.15
C THR K 158 -56.51 -4.39 -18.84
N ASP K 159 -56.17 -5.41 -18.07
CA ASP K 159 -56.78 -5.63 -16.76
C ASP K 159 -55.78 -6.42 -15.92
N GLY K 160 -56.24 -6.85 -14.74
CA GLY K 160 -55.33 -7.49 -13.80
C GLY K 160 -54.77 -8.81 -14.27
N ASP K 161 -55.56 -9.58 -15.04
CA ASP K 161 -55.13 -10.90 -15.45
C ASP K 161 -54.11 -10.84 -16.59
N SER K 162 -54.29 -9.92 -17.54
CA SER K 162 -53.28 -9.73 -18.56
C SER K 162 -52.01 -9.12 -17.98
N GLY K 163 -52.15 -8.25 -16.99
CA GLY K 163 -50.98 -7.71 -16.32
C GLY K 163 -50.20 -8.79 -15.59
N LEU K 164 -50.90 -9.67 -14.88
CA LEU K 164 -50.23 -10.78 -14.22
C LEU K 164 -49.49 -11.65 -15.22
N ARG K 165 -50.08 -11.89 -16.38
CA ARG K 165 -49.41 -12.73 -17.38
C ARG K 165 -48.15 -12.07 -17.91
N VAL K 166 -48.23 -10.78 -18.23
CA VAL K 166 -47.03 -10.06 -18.67
C VAL K 166 -45.95 -10.13 -17.60
N ALA K 167 -46.32 -9.91 -16.34
CA ALA K 167 -45.36 -9.98 -15.25
C ALA K 167 -44.67 -11.34 -15.21
N VAL K 168 -45.46 -12.42 -15.33
CA VAL K 168 -44.88 -13.77 -15.29
C VAL K 168 -43.97 -13.99 -16.48
N GLU K 169 -44.34 -13.46 -17.65
CA GLU K 169 -43.50 -13.63 -18.82
C GLU K 169 -42.22 -12.82 -18.72
N ALA K 170 -42.27 -11.64 -18.10
CA ALA K 170 -41.06 -10.88 -17.85
C ALA K 170 -40.11 -11.64 -16.95
N LEU K 171 -40.63 -12.21 -15.86
CA LEU K 171 -39.82 -13.02 -14.97
C LEU K 171 -39.25 -14.23 -15.71
N TYR K 172 -40.03 -14.79 -16.64
CA TYR K 172 -39.54 -15.90 -17.45
C TYR K 172 -38.38 -15.45 -18.33
N ASP K 173 -38.49 -14.29 -18.96
CA ASP K 173 -37.40 -13.78 -19.78
C ASP K 173 -36.18 -13.47 -18.93
N ALA K 174 -36.38 -12.88 -17.75
CA ALA K 174 -35.25 -12.58 -16.87
C ALA K 174 -34.51 -13.87 -16.50
N ALA K 175 -35.25 -14.90 -16.08
CA ALA K 175 -34.63 -16.17 -15.75
C ALA K 175 -33.97 -16.80 -16.97
N ASP K 176 -34.55 -16.61 -18.15
CA ASP K 176 -33.96 -17.13 -19.37
C ASP K 176 -32.56 -16.57 -19.62
N ASP K 177 -32.30 -15.33 -19.17
CA ASP K 177 -31.05 -14.64 -19.46
C ASP K 177 -30.19 -14.39 -18.23
N ASP K 178 -30.68 -14.69 -17.03
CA ASP K 178 -29.99 -14.39 -15.78
C ASP K 178 -30.02 -15.62 -14.87
N SER K 179 -28.87 -16.27 -14.68
CA SER K 179 -28.81 -17.46 -13.85
C SER K 179 -29.12 -17.19 -12.38
N ALA K 180 -29.09 -15.93 -11.95
CA ALA K 180 -29.44 -15.57 -10.58
C ALA K 180 -30.94 -15.40 -10.39
N THR K 181 -31.73 -15.51 -11.44
CA THR K 181 -33.19 -15.45 -11.37
C THR K 181 -33.74 -16.82 -11.74
N GLY K 182 -34.49 -17.43 -10.82
CA GLY K 182 -35.01 -18.77 -11.05
C GLY K 182 -36.22 -18.77 -11.95
N GLY K 183 -36.25 -19.73 -12.87
CA GLY K 183 -37.40 -19.92 -13.74
C GLY K 183 -38.45 -20.79 -13.11
N PRO K 184 -39.57 -20.99 -13.80
CA PRO K 184 -40.60 -21.90 -13.31
C PRO K 184 -40.07 -23.33 -13.21
N ASP K 185 -40.24 -23.95 -12.05
CA ASP K 185 -39.77 -25.31 -11.80
C ASP K 185 -40.95 -26.25 -11.95
N LEU K 186 -41.08 -26.87 -13.13
CA LEU K 186 -42.18 -27.79 -13.36
C LEU K 186 -41.97 -29.11 -12.64
N VAL K 187 -40.71 -29.50 -12.39
CA VAL K 187 -40.45 -30.75 -11.70
C VAL K 187 -40.90 -30.67 -10.24
N ARG K 188 -40.67 -29.53 -9.58
CA ARG K 188 -41.05 -29.36 -8.20
C ARG K 188 -42.37 -28.63 -8.02
N GLY K 189 -42.95 -28.10 -9.10
CA GLY K 189 -44.18 -27.33 -8.98
C GLY K 189 -44.00 -26.01 -8.27
N ILE K 190 -42.89 -25.32 -8.52
CA ILE K 190 -42.57 -24.05 -7.87
C ILE K 190 -42.57 -22.96 -8.92
N PHE K 191 -43.31 -21.89 -8.65
CA PHE K 191 -43.55 -20.81 -9.59
C PHE K 191 -43.37 -19.47 -8.90
N PRO K 192 -43.16 -18.40 -9.66
CA PRO K 192 -43.06 -17.07 -9.06
C PRO K 192 -44.24 -16.78 -8.16
N THR K 193 -44.03 -15.90 -7.18
CA THR K 193 -45.10 -15.37 -6.36
C THR K 193 -45.53 -14.02 -6.92
N ALA K 194 -46.78 -13.65 -6.64
CA ALA K 194 -47.29 -12.39 -7.14
C ALA K 194 -48.32 -11.84 -6.17
N VAL K 195 -48.37 -10.51 -6.09
CA VAL K 195 -49.37 -9.79 -5.33
C VAL K 195 -50.09 -8.84 -6.27
N ILE K 196 -51.42 -8.81 -6.16
CA ILE K 196 -52.25 -7.93 -6.96
C ILE K 196 -52.95 -6.96 -6.00
N ILE K 197 -52.96 -5.68 -6.36
CA ILE K 197 -53.48 -4.64 -5.49
C ILE K 197 -54.46 -3.81 -6.30
N ASP K 198 -55.70 -3.68 -5.82
CA ASP K 198 -56.70 -2.82 -6.44
C ASP K 198 -57.42 -2.07 -5.32
N ALA K 199 -58.54 -1.43 -5.69
CA ALA K 199 -59.28 -0.62 -4.72
C ALA K 199 -59.75 -1.41 -3.51
N ASP K 200 -59.86 -2.73 -3.63
CA ASP K 200 -60.31 -3.58 -2.53
C ASP K 200 -59.16 -4.12 -1.69
N GLY K 201 -57.94 -3.68 -1.96
CA GLY K 201 -56.80 -4.06 -1.16
C GLY K 201 -55.82 -4.95 -1.91
N ALA K 202 -54.81 -5.41 -1.18
CA ALA K 202 -53.77 -6.29 -1.71
C ALA K 202 -54.10 -7.73 -1.36
N VAL K 203 -53.73 -8.65 -2.26
CA VAL K 203 -54.03 -10.06 -2.07
C VAL K 203 -53.00 -10.89 -2.83
N ASP K 204 -52.58 -11.99 -2.23
CA ASP K 204 -51.67 -12.93 -2.90
C ASP K 204 -52.36 -13.61 -4.07
N VAL K 205 -51.65 -13.75 -5.17
CA VAL K 205 -52.16 -14.49 -6.33
C VAL K 205 -51.94 -15.98 -6.08
N PRO K 206 -52.96 -16.82 -6.23
CA PRO K 206 -52.78 -18.26 -5.97
C PRO K 206 -51.77 -18.86 -6.93
N GLU K 207 -50.98 -19.80 -6.41
CA GLU K 207 -49.95 -20.47 -7.22
C GLU K 207 -50.55 -21.08 -8.49
N SER K 208 -51.79 -21.57 -8.42
CA SER K 208 -52.37 -22.28 -9.56
C SER K 208 -52.54 -21.36 -10.77
N ARG K 209 -52.96 -20.12 -10.54
CA ARG K 209 -53.11 -19.19 -11.66
C ARG K 209 -51.77 -18.87 -12.29
N ILE K 210 -50.73 -18.73 -11.47
CA ILE K 210 -49.39 -18.46 -11.98
C ILE K 210 -48.85 -19.67 -12.72
N ALA K 211 -49.09 -20.88 -12.18
CA ALA K 211 -48.69 -22.09 -12.88
C ALA K 211 -49.36 -22.20 -14.23
N GLU K 212 -50.64 -21.84 -14.31
CA GLU K 212 -51.37 -21.83 -15.57
C GLU K 212 -50.68 -20.93 -16.58
N LEU K 213 -50.38 -19.69 -16.17
CA LEU K 213 -49.77 -18.72 -17.07
C LEU K 213 -48.37 -19.14 -17.48
N ALA K 214 -47.59 -19.68 -16.55
CA ALA K 214 -46.25 -20.14 -16.88
C ALA K 214 -46.29 -21.27 -17.88
N ARG K 215 -47.18 -22.24 -17.68
CA ARG K 215 -47.29 -23.35 -18.62
C ARG K 215 -47.70 -22.87 -20.01
N ALA K 216 -48.65 -21.93 -20.08
CA ALA K 216 -49.03 -21.37 -21.37
C ALA K 216 -47.85 -20.70 -22.06
N ILE K 217 -47.04 -19.96 -21.30
CA ILE K 217 -45.87 -19.30 -21.86
C ILE K 217 -44.87 -20.35 -22.37
N ILE K 218 -44.58 -21.34 -21.55
CA ILE K 218 -43.63 -22.38 -21.95
C ILE K 218 -44.11 -23.10 -23.20
N GLU K 219 -45.41 -23.38 -23.28
CA GLU K 219 -45.95 -24.07 -24.45
C GLU K 219 -45.85 -23.20 -25.70
N SER K 220 -46.18 -21.91 -25.58
CA SER K 220 -46.13 -21.02 -26.74
C SER K 220 -44.71 -20.91 -27.29
N ARG K 221 -43.72 -20.90 -26.41
CA ARG K 221 -42.33 -20.77 -26.86
C ARG K 221 -41.73 -22.09 -27.33
N SER K 222 -42.34 -23.22 -26.95
CA SER K 222 -41.81 -24.51 -27.38
C SER K 222 -42.25 -24.88 -28.80
N GLY K 223 -43.24 -24.18 -29.34
CA GLY K 223 -43.71 -24.47 -30.68
C GLY K 223 -44.82 -25.52 -30.71
N THR L 1 -16.25 -30.07 9.84
CA THR L 1 -17.51 -30.24 10.54
C THR L 1 -18.66 -30.43 9.56
N THR L 2 -19.50 -31.42 9.82
CA THR L 2 -20.77 -31.53 9.13
C THR L 2 -21.86 -31.75 10.15
N ILE L 3 -22.93 -30.96 10.05
CA ILE L 3 -24.15 -31.16 10.81
C ILE L 3 -25.26 -31.36 9.80
N VAL L 4 -26.01 -32.45 9.95
CA VAL L 4 -27.15 -32.71 9.09
C VAL L 4 -28.43 -32.60 9.92
N ALA L 5 -29.54 -32.42 9.22
CA ALA L 5 -30.85 -32.41 9.86
C ALA L 5 -31.88 -32.86 8.82
N LEU L 6 -32.89 -33.61 9.27
CA LEU L 6 -33.89 -34.19 8.38
C LEU L 6 -35.26 -34.17 9.01
N LYS L 7 -36.28 -33.83 8.21
CA LYS L 7 -37.66 -34.06 8.59
C LYS L 7 -38.03 -35.52 8.32
N TYR L 8 -38.92 -36.05 9.16
CA TYR L 8 -39.57 -37.32 8.91
C TYR L 8 -41.01 -37.18 9.39
N PRO L 9 -41.92 -38.07 8.94
CA PRO L 9 -43.33 -37.92 9.32
C PRO L 9 -43.52 -37.90 10.83
N GLY L 10 -43.81 -36.72 11.37
CA GLY L 10 -44.05 -36.57 12.79
C GLY L 10 -42.84 -36.24 13.63
N GLY L 11 -41.73 -35.82 13.04
CA GLY L 11 -40.57 -35.51 13.85
C GLY L 11 -39.43 -34.94 13.02
N VAL L 12 -38.27 -34.86 13.68
CA VAL L 12 -37.08 -34.28 13.07
C VAL L 12 -35.85 -34.90 13.72
N VAL L 13 -34.79 -35.06 12.93
CA VAL L 13 -33.52 -35.60 13.38
C VAL L 13 -32.44 -34.56 13.10
N MET L 14 -31.38 -34.59 13.91
CA MET L 14 -30.20 -33.80 13.67
C MET L 14 -28.99 -34.57 14.17
N ALA L 15 -27.92 -34.59 13.38
CA ALA L 15 -26.71 -35.32 13.72
C ALA L 15 -25.50 -34.49 13.34
N GLY L 16 -24.39 -34.75 14.03
CA GLY L 16 -23.15 -34.04 13.76
C GLY L 16 -21.95 -34.92 14.07
N ASP L 17 -20.82 -34.55 13.49
CA ASP L 17 -19.59 -35.31 13.68
C ASP L 17 -18.88 -34.84 14.95
N ARG L 18 -17.71 -35.41 15.21
CA ARG L 18 -17.03 -35.23 16.49
C ARG L 18 -15.63 -34.63 16.37
N ARG L 19 -15.28 -34.09 15.20
CA ARG L 19 -13.92 -33.65 14.95
C ARG L 19 -13.78 -32.14 15.17
N SER L 20 -12.65 -31.76 15.76
CA SER L 20 -12.17 -30.38 15.74
C SER L 20 -10.73 -30.37 15.23
N THR L 21 -10.36 -29.31 14.53
CA THR L 21 -9.04 -29.22 13.92
C THR L 21 -8.43 -27.85 14.19
N GLN L 22 -7.10 -27.79 14.04
CA GLN L 22 -6.33 -26.54 13.95
C GLN L 22 -5.50 -26.65 12.68
N GLY L 23 -6.06 -26.22 11.55
CA GLY L 23 -5.38 -26.44 10.29
C GLY L 23 -5.46 -27.90 9.91
N ASN L 24 -4.33 -28.49 9.55
CA ASN L 24 -4.31 -29.92 9.24
C ASN L 24 -4.37 -30.79 10.49
N MET L 25 -3.95 -30.27 11.63
CA MET L 25 -3.83 -31.08 12.84
C MET L 25 -5.21 -31.32 13.46
N ILE L 26 -5.51 -32.59 13.74
CA ILE L 26 -6.69 -32.92 14.51
C ILE L 26 -6.46 -32.50 15.96
N SER L 27 -7.44 -31.80 16.53
CA SER L 27 -7.32 -31.31 17.89
C SER L 27 -8.39 -31.86 18.82
N GLY L 28 -9.44 -32.48 18.29
CA GLY L 28 -10.46 -33.10 19.11
C GLY L 28 -11.13 -34.25 18.40
N ARG L 29 -11.46 -35.31 19.13
CA ARG L 29 -12.09 -36.49 18.57
C ARG L 29 -13.47 -36.80 19.14
N ASP L 30 -13.90 -36.09 20.18
CA ASP L 30 -15.17 -36.38 20.84
C ASP L 30 -15.99 -35.12 21.04
N VAL L 31 -15.81 -34.13 20.18
CA VAL L 31 -16.55 -32.88 20.28
C VAL L 31 -18.03 -33.14 20.04
N ARG L 32 -18.88 -32.56 20.88
CA ARG L 32 -20.32 -32.67 20.74
C ARG L 32 -20.84 -31.34 20.19
N LYS L 33 -21.38 -31.40 18.97
CA LYS L 33 -21.75 -30.20 18.23
C LYS L 33 -23.25 -30.00 18.11
N VAL L 34 -24.04 -30.92 18.63
CA VAL L 34 -25.51 -30.86 18.54
C VAL L 34 -26.03 -30.76 19.96
N TYR L 35 -26.65 -29.61 20.27
CA TYR L 35 -27.12 -29.31 21.63
C TYR L 35 -28.63 -29.32 21.64
N ILE L 36 -29.21 -29.97 22.65
CA ILE L 36 -30.62 -29.77 22.95
C ILE L 36 -30.75 -28.41 23.61
N THR L 37 -31.12 -27.39 22.83
CA THR L 37 -31.21 -26.04 23.35
C THR L 37 -32.60 -25.72 23.90
N ASP L 38 -33.52 -26.67 23.84
CA ASP L 38 -34.91 -26.45 24.21
C ASP L 38 -35.60 -27.80 24.18
N ASP L 39 -36.71 -27.91 24.92
CA ASP L 39 -37.44 -29.17 25.00
C ASP L 39 -37.84 -29.68 23.62
N TYR L 40 -38.01 -28.78 22.64
CA TYR L 40 -38.45 -29.16 21.32
C TYR L 40 -37.54 -28.62 20.21
N THR L 41 -36.32 -28.19 20.55
CA THR L 41 -35.39 -27.66 19.55
C THR L 41 -33.98 -28.14 19.83
N ALA L 42 -33.23 -28.42 18.76
CA ALA L 42 -31.81 -28.67 18.84
C ALA L 42 -31.08 -27.71 17.91
N THR L 43 -29.82 -27.41 18.25
CA THR L 43 -29.00 -26.52 17.46
C THR L 43 -27.63 -27.17 17.24
N GLY L 44 -27.20 -27.21 15.99
CA GLY L 44 -25.86 -27.66 15.64
C GLY L 44 -25.10 -26.55 14.95
N ILE L 45 -23.87 -26.29 15.35
CA ILE L 45 -23.14 -25.11 14.92
C ILE L 45 -21.80 -25.52 14.35
N ALA L 46 -21.50 -25.06 13.14
CA ALA L 46 -20.17 -25.13 12.56
C ALA L 46 -19.44 -23.81 12.74
N GLY L 47 -18.11 -23.88 12.66
CA GLY L 47 -17.27 -22.70 12.66
C GLY L 47 -16.20 -22.77 13.74
N THR L 48 -15.81 -21.59 14.22
CA THR L 48 -14.82 -21.50 15.28
C THR L 48 -15.39 -22.10 16.56
N ALA L 49 -14.65 -23.05 17.14
CA ALA L 49 -15.19 -23.85 18.25
C ALA L 49 -15.67 -22.96 19.39
N ALA L 50 -14.81 -22.05 19.86
CA ALA L 50 -15.17 -21.16 20.96
C ALA L 50 -16.47 -20.43 20.69
N VAL L 51 -16.65 -19.90 19.48
CA VAL L 51 -17.85 -19.14 19.17
C VAL L 51 -19.06 -20.06 19.08
N ALA L 52 -18.88 -21.24 18.51
CA ALA L 52 -19.99 -22.19 18.39
C ALA L 52 -20.49 -22.62 19.77
N VAL L 53 -19.56 -22.97 20.67
CA VAL L 53 -19.93 -23.38 22.02
C VAL L 53 -20.65 -22.26 22.74
N GLU L 54 -20.06 -21.05 22.70
CA GLU L 54 -20.67 -19.90 23.35
C GLU L 54 -22.07 -19.63 22.79
N PHE L 55 -22.23 -19.72 21.47
CA PHE L 55 -23.54 -19.49 20.86
C PHE L 55 -24.59 -20.46 21.41
N ALA L 56 -24.22 -21.74 21.50
CA ALA L 56 -25.17 -22.75 21.99
C ALA L 56 -25.61 -22.43 23.41
N ARG L 57 -24.66 -22.22 24.31
CA ARG L 57 -24.99 -22.00 25.72
C ARG L 57 -25.82 -20.74 25.89
N LEU L 58 -25.45 -19.66 25.20
CA LEU L 58 -26.19 -18.41 25.35
C LEU L 58 -27.59 -18.51 24.76
N TYR L 59 -27.71 -19.10 23.57
CA TYR L 59 -29.02 -19.24 22.93
C TYR L 59 -29.97 -20.05 23.81
N ALA L 60 -29.49 -21.14 24.42
CA ALA L 60 -30.34 -21.94 25.29
C ALA L 60 -30.76 -21.14 26.52
N VAL L 61 -29.80 -20.45 27.15
CA VAL L 61 -30.12 -19.59 28.29
C VAL L 61 -31.17 -18.56 27.89
N GLU L 62 -31.01 -17.97 26.70
CA GLU L 62 -31.93 -16.91 26.28
C GLU L 62 -33.35 -17.43 26.14
N LEU L 63 -33.52 -18.60 25.53
CA LEU L 63 -34.87 -19.15 25.35
C LEU L 63 -35.50 -19.49 26.69
N GLU L 64 -34.73 -20.09 27.61
CA GLU L 64 -35.26 -20.41 28.93
C GLU L 64 -35.50 -19.15 29.75
N HIS L 65 -34.68 -18.12 29.53
CA HIS L 65 -34.88 -16.84 30.22
C HIS L 65 -36.25 -16.25 29.86
N TYR L 66 -36.58 -16.23 28.57
CA TYR L 66 -37.90 -15.73 28.17
C TYR L 66 -39.01 -16.59 28.75
N GLU L 67 -38.82 -17.91 28.77
CA GLU L 67 -39.88 -18.80 29.26
C GLU L 67 -40.19 -18.53 30.72
N LYS L 68 -39.16 -18.44 31.55
CA LYS L 68 -39.38 -18.16 32.98
C LYS L 68 -39.94 -16.76 33.19
N LEU L 69 -39.58 -15.79 32.33
CA LEU L 69 -40.08 -14.44 32.49
C LEU L 69 -41.57 -14.35 32.16
N GLU L 70 -41.97 -14.94 31.03
CA GLU L 70 -43.34 -14.79 30.54
C GLU L 70 -44.24 -15.98 30.87
N GLY L 71 -43.68 -17.09 31.35
CA GLY L 71 -44.47 -18.28 31.63
C GLY L 71 -44.79 -19.15 30.43
N VAL L 72 -44.60 -18.64 29.22
CA VAL L 72 -44.86 -19.38 27.98
C VAL L 72 -43.59 -19.35 27.13
N PRO L 73 -43.22 -20.46 26.50
CA PRO L 73 -42.04 -20.43 25.62
C PRO L 73 -42.29 -19.60 24.37
N LEU L 74 -41.19 -19.18 23.75
CA LEU L 74 -41.28 -18.44 22.49
C LEU L 74 -41.88 -19.31 21.41
N THR L 75 -42.70 -18.70 20.55
CA THR L 75 -43.11 -19.35 19.31
C THR L 75 -41.86 -19.78 18.54
N PHE L 76 -42.02 -20.79 17.68
CA PHE L 76 -40.85 -21.25 16.93
C PHE L 76 -40.27 -20.13 16.07
N ALA L 77 -41.13 -19.27 15.51
CA ALA L 77 -40.65 -18.13 14.75
C ALA L 77 -39.82 -17.19 15.62
N GLY L 78 -40.22 -17.03 16.88
CA GLY L 78 -39.45 -16.19 17.79
C GLY L 78 -38.10 -16.80 18.13
N LYS L 79 -38.05 -18.13 18.25
CA LYS L 79 -36.76 -18.80 18.44
C LYS L 79 -35.87 -18.64 17.22
N ILE L 80 -36.47 -18.64 16.02
CA ILE L 80 -35.70 -18.41 14.80
C ILE L 80 -35.07 -17.02 14.84
N ASN L 81 -35.91 -16.00 15.07
CA ASN L 81 -35.46 -14.62 15.01
C ASN L 81 -34.37 -14.32 16.04
N ARG L 82 -34.46 -14.95 17.21
CA ARG L 82 -33.46 -14.71 18.25
C ARG L 82 -32.11 -15.30 17.85
N LEU L 83 -32.11 -16.50 17.27
CA LEU L 83 -30.85 -17.08 16.79
C LEU L 83 -30.29 -16.29 15.60
N ALA L 84 -31.17 -15.72 14.78
CA ALA L 84 -30.71 -14.93 13.63
C ALA L 84 -30.05 -13.64 14.10
N ILE L 85 -30.68 -12.95 15.05
CA ILE L 85 -30.13 -11.71 15.59
C ILE L 85 -28.77 -11.96 16.22
N MET L 86 -28.62 -13.08 16.92
CA MET L 86 -27.34 -13.43 17.54
C MET L 86 -26.25 -13.64 16.50
N VAL L 87 -26.59 -14.25 15.36
CA VAL L 87 -25.60 -14.46 14.32
C VAL L 87 -25.22 -13.14 13.66
N ARG L 88 -26.23 -12.32 13.35
CA ARG L 88 -25.97 -11.00 12.78
C ARG L 88 -25.07 -10.18 13.68
N GLY L 89 -25.33 -10.19 15.00
CA GLY L 89 -24.50 -9.44 15.92
C GLY L 89 -23.05 -9.90 15.94
N ASN L 90 -22.78 -11.15 15.56
CA ASN L 90 -21.42 -11.64 15.52
C ASN L 90 -20.74 -11.38 14.18
N LEU L 91 -21.43 -10.73 13.24
CA LEU L 91 -20.94 -10.66 11.87
C LEU L 91 -19.56 -10.00 11.79
N ALA L 92 -19.34 -8.95 12.57
CA ALA L 92 -18.06 -8.26 12.53
C ALA L 92 -16.93 -9.18 12.96
N ALA L 93 -17.14 -9.93 14.06
CA ALA L 93 -16.14 -10.89 14.49
C ALA L 93 -16.02 -12.06 13.53
N ALA L 94 -17.13 -12.45 12.87
CA ALA L 94 -17.06 -13.52 11.89
C ALA L 94 -16.14 -13.16 10.74
N MET L 95 -16.16 -11.89 10.31
CA MET L 95 -15.24 -11.45 9.27
C MET L 95 -13.79 -11.47 9.73
N GLN L 96 -13.55 -11.39 11.04
CA GLN L 96 -12.22 -11.52 11.59
C GLN L 96 -11.85 -12.96 11.94
N GLY L 97 -12.71 -13.92 11.62
CA GLY L 97 -12.42 -15.32 11.85
C GLY L 97 -13.09 -15.95 13.05
N LEU L 98 -14.03 -15.26 13.70
CA LEU L 98 -14.79 -15.85 14.80
C LEU L 98 -16.19 -16.22 14.31
N LEU L 99 -16.24 -17.27 13.50
CA LEU L 99 -17.43 -17.62 12.75
C LEU L 99 -18.23 -18.70 13.47
N ALA L 100 -19.56 -18.54 13.47
CA ALA L 100 -20.49 -19.56 13.92
C ALA L 100 -21.64 -19.62 12.94
N LEU L 101 -21.88 -20.78 12.35
CA LEU L 101 -23.04 -20.99 11.48
C LEU L 101 -23.95 -22.03 12.11
N PRO L 102 -25.09 -21.64 12.66
CA PRO L 102 -25.97 -22.62 13.31
C PRO L 102 -26.90 -23.29 12.31
N LEU L 103 -27.47 -24.41 12.75
CA LEU L 103 -28.54 -25.09 12.06
C LEU L 103 -29.58 -25.47 13.10
N LEU L 104 -30.84 -25.14 12.83
CA LEU L 104 -31.91 -25.27 13.81
C LEU L 104 -32.89 -26.36 13.38
N ALA L 105 -33.08 -27.35 14.26
CA ALA L 105 -34.07 -28.40 14.06
C ALA L 105 -35.04 -28.37 15.24
N GLY L 106 -36.32 -28.14 14.95
CA GLY L 106 -37.32 -28.06 15.99
C GLY L 106 -38.52 -28.93 15.68
N TYR L 107 -39.38 -29.05 16.69
CA TYR L 107 -40.74 -29.58 16.55
C TYR L 107 -41.68 -28.48 17.02
N ASP L 108 -42.56 -28.02 16.15
CA ASP L 108 -43.44 -26.90 16.47
C ASP L 108 -44.72 -27.46 17.07
N ILE L 109 -44.85 -27.35 18.40
CA ILE L 109 -46.04 -27.82 19.10
C ILE L 109 -47.29 -27.08 18.65
N HIS L 110 -47.13 -25.89 18.09
CA HIS L 110 -48.26 -25.09 17.62
C HIS L 110 -48.54 -25.26 16.14
N ALA L 111 -47.81 -26.14 15.46
CA ALA L 111 -48.07 -26.41 14.05
C ALA L 111 -49.43 -27.09 13.89
N SER L 112 -49.89 -27.13 12.64
CA SER L 112 -51.19 -27.70 12.31
C SER L 112 -51.30 -29.14 12.79
N ASP L 113 -50.61 -30.06 12.12
CA ASP L 113 -50.66 -31.48 12.44
C ASP L 113 -49.29 -31.95 12.90
N PRO L 114 -49.24 -33.01 13.74
CA PRO L 114 -47.94 -33.53 14.18
C PRO L 114 -47.07 -34.04 13.05
N GLN L 115 -47.66 -34.43 11.91
CA GLN L 115 -46.86 -34.96 10.81
C GLN L 115 -46.07 -33.87 10.11
N SER L 116 -46.51 -32.62 10.18
CA SER L 116 -45.80 -31.48 9.58
C SER L 116 -45.44 -30.45 10.64
N ALA L 117 -45.01 -30.91 11.80
CA ALA L 117 -44.54 -30.03 12.86
C ALA L 117 -43.02 -29.89 12.89
N GLY L 118 -42.30 -30.87 12.33
CA GLY L 118 -40.86 -30.75 12.24
C GLY L 118 -40.44 -29.53 11.45
N ARG L 119 -39.33 -28.94 11.85
CA ARG L 119 -38.85 -27.69 11.27
C ARG L 119 -37.34 -27.76 11.09
N ILE L 120 -36.87 -27.35 9.92
CA ILE L 120 -35.45 -27.19 9.63
C ILE L 120 -35.22 -25.75 9.21
N VAL L 121 -34.29 -25.07 9.88
CA VAL L 121 -33.94 -23.69 9.56
C VAL L 121 -32.44 -23.59 9.37
N SER L 122 -32.01 -23.07 8.23
CA SER L 122 -30.61 -22.81 7.95
C SER L 122 -30.33 -21.32 8.06
N PHE L 123 -29.09 -21.00 8.42
CA PHE L 123 -28.67 -19.63 8.66
C PHE L 123 -27.40 -19.34 7.89
N ASP L 124 -27.15 -18.07 7.59
CA ASP L 124 -25.90 -17.64 6.99
C ASP L 124 -25.18 -16.64 7.89
N ALA L 125 -23.94 -16.33 7.52
CA ALA L 125 -23.08 -15.50 8.36
C ALA L 125 -23.64 -14.10 8.55
N ALA L 126 -24.49 -13.63 7.66
CA ALA L 126 -25.10 -12.31 7.78
C ALA L 126 -26.33 -12.30 8.70
N GLY L 127 -26.68 -13.44 9.28
CA GLY L 127 -27.89 -13.52 10.06
C GLY L 127 -29.12 -13.88 9.27
N GLY L 128 -28.98 -14.21 7.99
CA GLY L 128 -30.11 -14.68 7.23
C GLY L 128 -30.62 -16.02 7.73
N TRP L 129 -31.92 -16.22 7.59
CA TRP L 129 -32.56 -17.45 8.01
C TRP L 129 -33.54 -17.88 6.94
N ASN L 130 -33.67 -19.19 6.75
CA ASN L 130 -34.59 -19.74 5.78
C ASN L 130 -35.17 -21.04 6.31
N ILE L 131 -36.50 -21.11 6.40
CA ILE L 131 -37.17 -22.34 6.77
C ILE L 131 -37.06 -23.32 5.60
N GLU L 132 -36.38 -24.42 5.83
CA GLU L 132 -36.12 -25.39 4.77
C GLU L 132 -37.36 -26.24 4.51
N GLU L 133 -37.74 -26.35 3.23
CA GLU L 133 -38.95 -27.06 2.86
C GLU L 133 -38.69 -28.33 2.06
N GLU L 134 -37.44 -28.61 1.68
CA GLU L 134 -37.12 -29.81 0.92
C GLU L 134 -36.80 -31.02 1.81
N GLY L 135 -36.93 -30.88 3.13
CA GLY L 135 -36.88 -32.01 4.02
C GLY L 135 -35.55 -32.27 4.71
N TYR L 136 -34.46 -31.65 4.24
CA TYR L 136 -33.17 -31.88 4.86
C TYR L 136 -32.26 -30.68 4.59
N GLN L 137 -31.20 -30.59 5.39
CA GLN L 137 -30.25 -29.50 5.30
C GLN L 137 -28.99 -29.92 6.03
N ALA L 138 -27.90 -29.22 5.74
CA ALA L 138 -26.63 -29.49 6.39
C ALA L 138 -25.81 -28.20 6.47
N VAL L 139 -24.82 -28.21 7.36
CA VAL L 139 -23.97 -27.03 7.57
C VAL L 139 -22.57 -27.53 7.90
N GLY L 140 -21.58 -26.75 7.48
CA GLY L 140 -20.19 -27.07 7.72
C GLY L 140 -19.43 -27.36 6.43
N SER L 141 -18.15 -27.70 6.61
CA SER L 141 -17.25 -27.90 5.47
C SER L 141 -17.62 -29.12 4.63
N GLY L 142 -18.44 -30.02 5.15
CA GLY L 142 -18.81 -31.20 4.39
C GLY L 142 -20.28 -31.21 4.04
N SER L 143 -20.94 -30.05 4.17
CA SER L 143 -22.39 -30.00 4.01
C SER L 143 -22.82 -30.27 2.57
N LEU L 144 -21.97 -29.93 1.60
CA LEU L 144 -22.33 -30.19 0.21
C LEU L 144 -22.36 -31.69 -0.08
N PHE L 145 -21.38 -32.43 0.43
CA PHE L 145 -21.38 -33.87 0.26
C PHE L 145 -22.56 -34.52 0.97
N ALA L 146 -22.86 -34.07 2.19
CA ALA L 146 -23.98 -34.64 2.94
C ALA L 146 -25.31 -34.35 2.25
N LYS L 147 -25.50 -33.12 1.77
CA LYS L 147 -26.76 -32.78 1.10
C LYS L 147 -26.97 -33.61 -0.16
N SER L 148 -25.89 -33.90 -0.89
CA SER L 148 -26.05 -34.68 -2.12
C SER L 148 -26.33 -36.14 -1.79
N SER L 149 -25.67 -36.66 -0.76
CA SER L 149 -25.99 -38.00 -0.27
C SER L 149 -27.45 -38.09 0.17
N MET L 150 -27.92 -37.10 0.92
CA MET L 150 -29.31 -37.11 1.40
C MET L 150 -30.29 -36.95 0.25
N LYS L 151 -29.89 -36.26 -0.83
CA LYS L 151 -30.74 -36.15 -2.00
C LYS L 151 -31.06 -37.53 -2.57
N LYS L 152 -30.11 -38.45 -2.51
CA LYS L 152 -30.32 -39.78 -3.06
C LYS L 152 -31.00 -40.71 -2.07
N LEU L 153 -30.79 -40.49 -0.77
CA LEU L 153 -31.28 -41.39 0.27
C LEU L 153 -32.60 -40.96 0.90
N TYR L 154 -33.07 -39.74 0.62
CA TYR L 154 -34.21 -39.21 1.38
C TYR L 154 -35.51 -39.96 1.11
N SER L 155 -35.64 -40.59 -0.05
CA SER L 155 -36.84 -41.35 -0.34
C SER L 155 -37.07 -42.49 0.65
N GLN L 156 -36.01 -42.94 1.33
CA GLN L 156 -36.08 -44.02 2.30
C GLN L 156 -36.53 -43.56 3.69
N VAL L 157 -36.74 -42.26 3.89
CA VAL L 157 -37.05 -41.73 5.22
C VAL L 157 -38.57 -41.83 5.43
N THR L 158 -38.98 -42.75 6.29
CA THR L 158 -40.38 -42.94 6.62
C THR L 158 -40.69 -42.80 8.10
N ASP L 159 -39.66 -42.68 8.94
CA ASP L 159 -39.84 -42.60 10.39
C ASP L 159 -38.52 -42.13 10.98
N GLY L 160 -38.50 -42.00 12.31
CA GLY L 160 -37.32 -41.47 12.98
C GLY L 160 -36.10 -42.34 12.84
N ASP L 161 -36.29 -43.66 12.73
CA ASP L 161 -35.13 -44.55 12.68
C ASP L 161 -34.52 -44.61 11.29
N SER L 162 -35.35 -44.61 10.24
CA SER L 162 -34.80 -44.51 8.90
C SER L 162 -34.23 -43.12 8.65
N GLY L 163 -34.84 -42.09 9.24
CA GLY L 163 -34.23 -40.77 9.20
C GLY L 163 -32.86 -40.75 9.85
N LEU L 164 -32.72 -41.44 10.99
CA LEU L 164 -31.44 -41.49 11.68
C LEU L 164 -30.41 -42.26 10.87
N ARG L 165 -30.82 -43.34 10.21
CA ARG L 165 -29.90 -44.08 9.37
C ARG L 165 -29.39 -43.22 8.21
N VAL L 166 -30.31 -42.49 7.57
CA VAL L 166 -29.92 -41.60 6.48
C VAL L 166 -29.01 -40.48 7.00
N ALA L 167 -29.28 -40.01 8.22
CA ALA L 167 -28.45 -38.96 8.81
C ALA L 167 -27.03 -39.44 9.03
N VAL L 168 -26.87 -40.65 9.59
CA VAL L 168 -25.54 -41.17 9.84
C VAL L 168 -24.81 -41.46 8.54
N GLU L 169 -25.54 -41.87 7.50
CA GLU L 169 -24.89 -42.17 6.23
C GLU L 169 -24.46 -40.90 5.51
N ALA L 170 -25.29 -39.86 5.57
CA ALA L 170 -24.87 -38.56 5.05
C ALA L 170 -23.59 -38.07 5.72
N LEU L 171 -23.53 -38.18 7.05
CA LEU L 171 -22.32 -37.81 7.78
C LEU L 171 -21.16 -38.70 7.40
N TYR L 172 -21.43 -39.97 7.10
CA TYR L 172 -20.37 -40.87 6.66
C TYR L 172 -19.82 -40.44 5.31
N ASP L 173 -20.70 -40.02 4.39
CA ASP L 173 -20.24 -39.56 3.08
C ASP L 173 -19.48 -38.25 3.20
N ALA L 174 -19.92 -37.35 4.09
CA ALA L 174 -19.20 -36.11 4.31
C ALA L 174 -17.78 -36.37 4.79
N ALA L 175 -17.64 -37.23 5.80
CA ALA L 175 -16.31 -37.59 6.28
C ALA L 175 -15.51 -38.33 5.23
N ASP L 176 -16.18 -38.94 4.24
CA ASP L 176 -15.48 -39.68 3.21
C ASP L 176 -14.80 -38.74 2.21
N ASP L 177 -15.34 -37.54 2.02
CA ASP L 177 -14.80 -36.58 1.07
C ASP L 177 -14.27 -35.30 1.72
N ASP L 178 -14.45 -35.11 3.03
CA ASP L 178 -14.07 -33.89 3.73
C ASP L 178 -13.23 -34.25 4.95
N SER L 179 -11.95 -33.88 4.91
CA SER L 179 -11.02 -34.17 6.01
C SER L 179 -11.33 -33.38 7.28
N ALA L 180 -12.18 -32.36 7.20
CA ALA L 180 -12.58 -31.60 8.39
C ALA L 180 -13.80 -32.19 9.07
N THR L 181 -14.33 -33.29 8.55
CA THR L 181 -15.46 -33.99 9.15
C THR L 181 -14.99 -35.39 9.56
N GLY L 182 -15.20 -35.73 10.83
CA GLY L 182 -14.71 -37.00 11.33
C GLY L 182 -15.65 -38.16 11.00
N GLY L 183 -15.05 -39.28 10.62
CA GLY L 183 -15.82 -40.48 10.38
C GLY L 183 -15.97 -41.31 11.64
N PRO L 184 -16.78 -42.36 11.58
CA PRO L 184 -16.90 -43.27 12.73
C PRO L 184 -15.55 -43.85 13.10
N ASP L 185 -15.21 -43.77 14.38
CA ASP L 185 -13.94 -44.28 14.89
C ASP L 185 -14.21 -45.62 15.57
N LEU L 186 -13.94 -46.71 14.83
CA LEU L 186 -14.15 -48.04 15.37
C LEU L 186 -13.12 -48.39 16.43
N VAL L 187 -11.91 -47.85 16.31
CA VAL L 187 -10.87 -48.17 17.28
C VAL L 187 -11.19 -47.57 18.64
N ARG L 188 -11.58 -46.30 18.67
CA ARG L 188 -11.89 -45.62 19.92
C ARG L 188 -13.35 -45.74 20.33
N GLY L 189 -14.23 -46.15 19.41
CA GLY L 189 -15.64 -46.24 19.74
C GLY L 189 -16.36 -44.91 19.78
N ILE L 190 -15.90 -43.93 19.01
CA ILE L 190 -16.51 -42.61 18.94
C ILE L 190 -17.31 -42.51 17.65
N PHE L 191 -18.55 -42.03 17.74
CA PHE L 191 -19.47 -41.98 16.62
C PHE L 191 -20.18 -40.63 16.62
N PRO L 192 -20.80 -40.26 15.50
CA PRO L 192 -21.62 -39.04 15.50
C PRO L 192 -22.64 -39.03 16.62
N THR L 193 -22.96 -37.84 17.09
CA THR L 193 -24.04 -37.63 18.03
C THR L 193 -25.30 -37.26 17.26
N ALA L 194 -26.45 -37.51 17.88
CA ALA L 194 -27.72 -37.28 17.21
C ALA L 194 -28.79 -36.93 18.24
N VAL L 195 -29.72 -36.09 17.82
CA VAL L 195 -30.87 -35.71 18.61
C VAL L 195 -32.10 -35.96 17.76
N ILE L 196 -33.09 -36.64 18.33
CA ILE L 196 -34.37 -36.86 17.68
C ILE L 196 -35.42 -36.07 18.45
N ILE L 197 -36.33 -35.44 17.71
CA ILE L 197 -37.34 -34.56 18.30
C ILE L 197 -38.69 -34.95 17.71
N ASP L 198 -39.65 -35.24 18.58
CA ASP L 198 -41.02 -35.51 18.16
C ASP L 198 -41.96 -34.84 19.17
N ALA L 199 -43.21 -35.29 19.21
CA ALA L 199 -44.18 -34.69 20.12
C ALA L 199 -43.78 -34.88 21.58
N ASP L 200 -43.02 -35.92 21.88
CA ASP L 200 -42.52 -36.15 23.24
C ASP L 200 -41.34 -35.25 23.60
N GLY L 201 -40.87 -34.42 22.68
CA GLY L 201 -39.72 -33.57 22.94
C GLY L 201 -38.45 -34.06 22.26
N ALA L 202 -37.34 -33.47 22.69
CA ALA L 202 -36.03 -33.76 22.15
C ALA L 202 -35.30 -34.76 23.03
N VAL L 203 -34.68 -35.75 22.40
CA VAL L 203 -34.00 -36.84 23.12
C VAL L 203 -32.63 -37.05 22.49
N ASP L 204 -31.61 -37.18 23.33
CA ASP L 204 -30.30 -37.61 22.84
C ASP L 204 -30.37 -39.05 22.35
N VAL L 205 -29.95 -39.28 21.11
CA VAL L 205 -29.96 -40.63 20.55
C VAL L 205 -28.87 -41.45 21.22
N PRO L 206 -29.16 -42.67 21.68
CA PRO L 206 -28.12 -43.48 22.32
C PRO L 206 -26.96 -43.75 21.38
N GLU L 207 -25.75 -43.74 21.95
CA GLU L 207 -24.56 -44.02 21.15
C GLU L 207 -24.61 -45.40 20.52
N SER L 208 -25.16 -46.38 21.23
CA SER L 208 -25.17 -47.75 20.74
C SER L 208 -25.99 -47.87 19.45
N ARG L 209 -27.10 -47.14 19.36
CA ARG L 209 -27.89 -47.15 18.13
C ARG L 209 -27.10 -46.54 16.97
N ILE L 210 -26.35 -45.46 17.23
CA ILE L 210 -25.52 -44.85 16.19
C ILE L 210 -24.43 -45.81 15.76
N ALA L 211 -23.81 -46.51 16.72
CA ALA L 211 -22.72 -47.43 16.39
C ALA L 211 -23.21 -48.60 15.55
N GLU L 212 -24.41 -49.12 15.86
CA GLU L 212 -25.01 -50.14 15.00
C GLU L 212 -25.13 -49.66 13.57
N LEU L 213 -25.74 -48.48 13.38
CA LEU L 213 -25.97 -47.95 12.04
C LEU L 213 -24.66 -47.66 11.33
N ALA L 214 -23.64 -47.22 12.07
CA ALA L 214 -22.35 -46.96 11.44
C ALA L 214 -21.71 -48.26 10.96
N ARG L 215 -21.73 -49.30 11.80
CA ARG L 215 -21.14 -50.57 11.39
C ARG L 215 -21.90 -51.21 10.25
N ALA L 216 -23.23 -51.02 10.20
CA ALA L 216 -24.00 -51.53 9.06
C ALA L 216 -23.61 -50.83 7.78
N ILE L 217 -23.44 -49.51 7.82
CA ILE L 217 -22.98 -48.76 6.65
C ILE L 217 -21.59 -49.23 6.24
N ILE L 218 -20.69 -49.35 7.21
CA ILE L 218 -19.31 -49.74 6.92
C ILE L 218 -19.26 -51.15 6.31
N GLU L 219 -20.09 -52.05 6.81
CA GLU L 219 -20.14 -53.40 6.22
C GLU L 219 -20.80 -53.38 4.85
N SER L 220 -21.86 -52.58 4.69
CA SER L 220 -22.56 -52.53 3.41
C SER L 220 -21.65 -52.06 2.28
N ARG L 221 -20.62 -51.27 2.60
CA ARG L 221 -19.72 -50.73 1.59
C ARG L 221 -18.43 -51.51 1.46
N SER L 222 -18.25 -52.57 2.25
CA SER L 222 -17.01 -53.34 2.20
C SER L 222 -17.11 -54.54 1.26
N THR M 1 8.22 -23.04 25.71
CA THR M 1 7.50 -23.56 26.85
C THR M 1 6.80 -24.88 26.52
N THR M 2 6.78 -25.80 27.47
CA THR M 2 5.85 -26.92 27.43
C THR M 2 5.24 -27.11 28.81
N ILE M 3 3.92 -27.19 28.88
CA ILE M 3 3.19 -27.61 30.07
C ILE M 3 2.47 -28.91 29.74
N VAL M 4 2.59 -29.91 30.61
CA VAL M 4 1.87 -31.17 30.44
C VAL M 4 0.99 -31.42 31.65
N ALA M 5 -0.15 -32.06 31.40
CA ALA M 5 -1.03 -32.56 32.44
C ALA M 5 -1.49 -33.95 32.03
N LEU M 6 -1.68 -34.82 33.02
CA LEU M 6 -2.15 -36.17 32.75
C LEU M 6 -2.90 -36.72 33.96
N LYS M 7 -3.93 -37.52 33.69
CA LYS M 7 -4.67 -38.18 34.74
C LYS M 7 -3.97 -39.46 35.18
N TYR M 8 -4.13 -39.79 36.47
CA TYR M 8 -3.67 -41.06 37.01
C TYR M 8 -4.74 -41.56 37.97
N PRO M 9 -4.69 -42.84 38.41
CA PRO M 9 -5.71 -43.33 39.34
C PRO M 9 -5.83 -42.49 40.61
N GLY M 10 -6.92 -41.74 40.71
CA GLY M 10 -7.18 -40.95 41.89
C GLY M 10 -6.74 -39.50 41.85
N GLY M 11 -6.17 -39.03 40.76
CA GLY M 11 -5.74 -37.64 40.72
C GLY M 11 -5.20 -37.23 39.36
N VAL M 12 -4.51 -36.09 39.36
CA VAL M 12 -3.88 -35.52 38.18
C VAL M 12 -2.53 -34.93 38.57
N VAL M 13 -1.66 -34.81 37.57
CA VAL M 13 -0.37 -34.15 37.73
C VAL M 13 -0.18 -33.18 36.58
N MET M 14 0.43 -32.03 36.86
CA MET M 14 0.79 -31.04 35.85
C MET M 14 2.24 -30.66 36.08
N ALA M 15 3.04 -30.65 35.01
CA ALA M 15 4.45 -30.28 35.10
C ALA M 15 4.79 -29.31 33.98
N GLY M 16 5.78 -28.45 34.22
CA GLY M 16 6.17 -27.46 33.26
C GLY M 16 7.65 -27.15 33.32
N ASP M 17 8.18 -26.60 32.23
CA ASP M 17 9.60 -26.32 32.10
C ASP M 17 9.94 -24.96 32.71
N ARG M 18 11.23 -24.61 32.68
CA ARG M 18 11.75 -23.47 33.42
C ARG M 18 12.37 -22.39 32.54
N ARG M 19 12.20 -22.45 31.22
CA ARG M 19 12.90 -21.54 30.32
C ARG M 19 12.02 -20.37 29.91
N SER M 20 12.64 -19.19 29.82
CA SER M 20 12.06 -18.06 29.12
C SER M 20 13.04 -17.59 28.06
N THR M 21 12.52 -17.13 26.92
CA THR M 21 13.34 -16.70 25.80
C THR M 21 12.96 -15.28 25.39
N GLN M 22 13.95 -14.58 24.84
CA GLN M 22 13.76 -13.32 24.13
C GLN M 22 14.40 -13.52 22.76
N GLY M 23 13.59 -13.84 21.76
CA GLY M 23 14.15 -14.19 20.47
C GLY M 23 14.87 -15.53 20.56
N ASN M 24 16.10 -15.59 20.05
CA ASN M 24 16.94 -16.75 20.24
C ASN M 24 17.62 -16.76 21.60
N MET M 25 17.65 -15.63 22.30
CA MET M 25 18.39 -15.53 23.55
C MET M 25 17.58 -16.12 24.70
N ILE M 26 18.27 -16.89 25.55
CA ILE M 26 17.66 -17.41 26.77
C ILE M 26 17.68 -16.29 27.81
N SER M 27 16.48 -15.90 28.27
CA SER M 27 16.35 -14.81 29.22
C SER M 27 15.99 -15.26 30.62
N GLY M 28 15.66 -16.53 30.81
CA GLY M 28 15.33 -17.05 32.12
C GLY M 28 15.51 -18.56 32.22
N ARG M 29 15.95 -19.02 33.39
CA ARG M 29 16.16 -20.44 33.64
C ARG M 29 15.42 -20.97 34.85
N ASP M 30 14.77 -20.10 35.64
CA ASP M 30 14.11 -20.48 36.87
C ASP M 30 12.60 -20.30 36.81
N VAL M 31 12.05 -20.07 35.61
CA VAL M 31 10.66 -19.65 35.50
C VAL M 31 9.75 -20.76 36.00
N ARG M 32 8.85 -20.41 36.91
CA ARG M 32 7.85 -21.34 37.43
C ARG M 32 6.54 -21.04 36.70
N LYS M 33 6.08 -22.02 35.91
CA LYS M 33 4.93 -21.82 35.04
C LYS M 33 3.71 -22.60 35.50
N VAL M 34 3.81 -23.38 36.57
CA VAL M 34 2.72 -24.19 37.07
C VAL M 34 2.32 -23.66 38.44
N TYR M 35 1.09 -23.15 38.54
CA TYR M 35 0.60 -22.47 39.73
C TYR M 35 -0.48 -23.31 40.40
N ILE M 36 -0.44 -23.36 41.72
CA ILE M 36 -1.56 -23.90 42.50
C ILE M 36 -2.58 -22.77 42.62
N THR M 37 -3.62 -22.79 41.79
CA THR M 37 -4.55 -21.67 41.76
C THR M 37 -5.65 -21.78 42.82
N ASP M 38 -5.98 -22.98 43.28
CA ASP M 38 -6.72 -23.17 44.53
C ASP M 38 -6.45 -24.59 45.04
N ASP M 39 -7.11 -24.95 46.14
CA ASP M 39 -6.83 -26.22 46.81
C ASP M 39 -6.88 -27.41 45.86
N TYR M 40 -7.76 -27.37 44.86
CA TYR M 40 -7.97 -28.53 44.00
C TYR M 40 -7.75 -28.24 42.52
N THR M 41 -7.13 -27.12 42.15
CA THR M 41 -6.89 -26.81 40.74
C THR M 41 -5.50 -26.22 40.56
N ALA M 42 -4.85 -26.59 39.46
CA ALA M 42 -3.59 -26.01 39.06
C ALA M 42 -3.70 -25.50 37.62
N THR M 43 -3.02 -24.39 37.34
CA THR M 43 -3.02 -23.79 36.01
C THR M 43 -1.60 -23.66 35.51
N GLY M 44 -1.38 -24.03 34.26
CA GLY M 44 -0.10 -23.80 33.60
C GLY M 44 -0.31 -23.02 32.33
N ILE M 45 0.56 -22.04 32.10
CA ILE M 45 0.36 -21.08 31.01
C ILE M 45 1.62 -20.99 30.16
N ALA M 46 1.43 -20.97 28.85
CA ALA M 46 2.46 -20.63 27.87
C ALA M 46 2.10 -19.29 27.24
N GLY M 47 3.08 -18.68 26.57
CA GLY M 47 2.83 -17.43 25.89
C GLY M 47 3.77 -16.30 26.29
N THR M 48 3.29 -15.06 26.12
CA THR M 48 4.06 -13.90 26.56
C THR M 48 4.15 -13.90 28.09
N ALA M 49 5.38 -13.81 28.61
CA ALA M 49 5.61 -14.04 30.03
C ALA M 49 4.81 -13.07 30.88
N ALA M 50 4.76 -11.80 30.50
CA ALA M 50 4.01 -10.81 31.28
C ALA M 50 2.53 -11.19 31.36
N VAL M 51 1.95 -11.59 30.23
CA VAL M 51 0.54 -11.93 30.20
C VAL M 51 0.28 -13.23 30.97
N ALA M 52 1.18 -14.20 30.83
CA ALA M 52 1.01 -15.48 31.50
C ALA M 52 1.01 -15.30 33.02
N VAL M 53 1.96 -14.53 33.54
CA VAL M 53 2.09 -14.36 34.98
C VAL M 53 0.85 -13.67 35.55
N GLU M 54 0.43 -12.56 34.95
CA GLU M 54 -0.73 -11.86 35.47
C GLU M 54 -2.03 -12.65 35.24
N PHE M 55 -2.05 -13.54 34.24
CA PHE M 55 -3.19 -14.43 34.07
C PHE M 55 -3.33 -15.36 35.28
N ALA M 56 -2.26 -16.07 35.62
CA ALA M 56 -2.30 -16.96 36.78
C ALA M 56 -2.66 -16.20 38.04
N ARG M 57 -2.05 -15.03 38.25
CA ARG M 57 -2.31 -14.24 39.45
C ARG M 57 -3.76 -13.81 39.53
N LEU M 58 -4.29 -13.20 38.47
CA LEU M 58 -5.67 -12.73 38.49
C LEU M 58 -6.64 -13.88 38.64
N TYR M 59 -6.36 -15.02 38.01
CA TYR M 59 -7.27 -16.16 38.03
C TYR M 59 -7.44 -16.70 39.46
N ALA M 60 -6.32 -16.90 40.16
CA ALA M 60 -6.40 -17.39 41.53
C ALA M 60 -7.15 -16.40 42.42
N VAL M 61 -6.90 -15.11 42.24
CA VAL M 61 -7.61 -14.10 43.02
C VAL M 61 -9.10 -14.14 42.73
N GLU M 62 -9.47 -14.36 41.47
CA GLU M 62 -10.89 -14.35 41.11
C GLU M 62 -11.64 -15.52 41.74
N LEU M 63 -11.01 -16.72 41.78
CA LEU M 63 -11.68 -17.88 42.36
C LEU M 63 -11.83 -17.74 43.86
N GLU M 64 -10.77 -17.27 44.54
CA GLU M 64 -10.86 -17.06 45.98
C GLU M 64 -11.79 -15.90 46.33
N HIS M 65 -11.85 -14.88 45.46
CA HIS M 65 -12.81 -13.81 45.65
C HIS M 65 -14.24 -14.34 45.69
N TYR M 66 -14.58 -15.21 44.73
CA TYR M 66 -15.93 -15.79 44.71
C TYR M 66 -16.17 -16.67 45.93
N GLU M 67 -15.16 -17.45 46.33
CA GLU M 67 -15.33 -18.35 47.46
C GLU M 67 -15.62 -17.57 48.74
N LYS M 68 -14.85 -16.49 48.98
CA LYS M 68 -15.05 -15.69 50.18
C LYS M 68 -16.37 -14.94 50.13
N LEU M 69 -16.77 -14.48 48.94
CA LEU M 69 -18.03 -13.76 48.83
C LEU M 69 -19.23 -14.69 49.07
N GLU M 70 -19.15 -15.92 48.61
CA GLU M 70 -20.30 -16.81 48.55
C GLU M 70 -20.24 -17.98 49.51
N GLY M 71 -19.09 -18.24 50.14
CA GLY M 71 -18.98 -19.28 51.12
C GLY M 71 -18.63 -20.65 50.56
N VAL M 72 -18.81 -20.88 49.28
CA VAL M 72 -18.47 -22.14 48.64
C VAL M 72 -17.62 -21.86 47.40
N PRO M 73 -16.66 -22.71 47.07
CA PRO M 73 -15.90 -22.52 45.83
C PRO M 73 -16.79 -22.70 44.60
N LEU M 74 -16.32 -22.17 43.49
CA LEU M 74 -17.01 -22.39 42.23
C LEU M 74 -16.99 -23.86 41.86
N THR M 75 -18.05 -24.32 41.22
CA THR M 75 -18.00 -25.62 40.55
C THR M 75 -16.84 -25.62 39.56
N PHE M 76 -16.30 -26.80 39.29
CA PHE M 76 -15.18 -26.87 38.36
C PHE M 76 -15.57 -26.34 36.99
N ALA M 77 -16.83 -26.56 36.58
CA ALA M 77 -17.31 -25.99 35.33
C ALA M 77 -17.26 -24.46 35.36
N GLY M 78 -17.65 -23.86 36.49
CA GLY M 78 -17.56 -22.42 36.63
C GLY M 78 -16.12 -21.93 36.56
N LYS M 79 -15.19 -22.72 37.10
CA LYS M 79 -13.78 -22.35 37.01
C LYS M 79 -13.30 -22.39 35.57
N ILE M 80 -13.76 -23.36 34.79
CA ILE M 80 -13.41 -23.42 33.37
C ILE M 80 -13.91 -22.18 32.66
N ASN M 81 -15.17 -21.81 32.92
CA ASN M 81 -15.78 -20.71 32.19
C ASN M 81 -15.14 -19.37 32.51
N ARG M 82 -14.69 -19.18 33.76
CA ARG M 82 -14.02 -17.93 34.11
C ARG M 82 -12.65 -17.83 33.46
N LEU M 83 -11.93 -18.95 33.37
CA LEU M 83 -10.64 -18.94 32.68
C LEU M 83 -10.82 -18.71 31.19
N ALA M 84 -11.85 -19.31 30.58
CA ALA M 84 -12.07 -19.12 29.15
C ALA M 84 -12.51 -17.70 28.83
N ILE M 85 -13.32 -17.10 29.70
CA ILE M 85 -13.73 -15.70 29.51
C ILE M 85 -12.51 -14.78 29.60
N MET M 86 -11.61 -15.08 30.54
CA MET M 86 -10.38 -14.31 30.67
C MET M 86 -9.57 -14.35 29.37
N VAL M 87 -9.33 -15.56 28.85
CA VAL M 87 -8.60 -15.69 27.59
C VAL M 87 -9.34 -14.99 26.46
N ARG M 88 -10.67 -15.16 26.40
CA ARG M 88 -11.45 -14.51 25.36
C ARG M 88 -11.30 -12.99 25.41
N GLY M 89 -11.34 -12.42 26.61
CA GLY M 89 -11.17 -10.97 26.74
C GLY M 89 -9.81 -10.48 26.29
N ASN M 90 -8.81 -11.36 26.27
CA ASN M 90 -7.45 -11.00 25.88
C ASN M 90 -7.18 -11.22 24.40
N LEU M 91 -8.20 -11.58 23.62
CA LEU M 91 -7.97 -11.99 22.24
C LEU M 91 -7.36 -10.86 21.41
N ALA M 92 -7.88 -9.64 21.57
CA ALA M 92 -7.35 -8.51 20.82
C ALA M 92 -5.87 -8.30 21.10
N ALA M 93 -5.49 -8.30 22.37
CA ALA M 93 -4.07 -8.16 22.71
C ALA M 93 -3.27 -9.38 22.27
N ALA M 94 -3.89 -10.57 22.23
CA ALA M 94 -3.17 -11.76 21.77
C ALA M 94 -2.81 -11.66 20.29
N MET M 95 -3.70 -11.08 19.48
CA MET M 95 -3.39 -10.86 18.07
C MET M 95 -2.26 -9.84 17.87
N GLN M 96 -1.89 -9.10 18.91
CA GLN M 96 -0.80 -8.14 18.83
C GLN M 96 0.44 -8.60 19.61
N GLY M 97 0.49 -9.89 19.97
CA GLY M 97 1.66 -10.47 20.58
C GLY M 97 1.60 -10.65 22.09
N LEU M 98 0.50 -10.27 22.73
CA LEU M 98 0.35 -10.46 24.18
C LEU M 98 -0.54 -11.68 24.42
N LEU M 99 0.03 -12.85 24.21
CA LEU M 99 -0.70 -14.12 24.19
C LEU M 99 -0.49 -14.91 25.46
N ALA M 100 -1.57 -15.47 25.98
CA ALA M 100 -1.53 -16.40 27.10
C ALA M 100 -2.36 -17.62 26.75
N LEU M 101 -1.73 -18.79 26.75
CA LEU M 101 -2.42 -20.05 26.49
C LEU M 101 -2.38 -20.92 27.74
N PRO M 102 -3.48 -21.06 28.47
CA PRO M 102 -3.47 -21.84 29.70
C PRO M 102 -3.86 -23.30 29.50
N LEU M 103 -3.45 -24.12 30.46
CA LEU M 103 -3.89 -25.50 30.59
C LEU M 103 -4.30 -25.70 32.05
N LEU M 104 -5.45 -26.35 32.25
CA LEU M 104 -6.08 -26.46 33.58
C LEU M 104 -6.16 -27.92 34.00
N ALA M 105 -5.66 -28.22 35.20
CA ALA M 105 -5.79 -29.53 35.82
C ALA M 105 -6.46 -29.38 37.17
N GLY M 106 -7.19 -30.41 37.58
CA GLY M 106 -7.90 -30.31 38.84
C GLY M 106 -8.49 -31.62 39.29
N TYR M 107 -8.91 -31.63 40.55
CA TYR M 107 -9.66 -32.72 41.16
C TYR M 107 -11.05 -32.18 41.50
N ASP M 108 -12.07 -32.72 40.85
CA ASP M 108 -13.45 -32.29 41.11
C ASP M 108 -14.00 -33.10 42.26
N ILE M 109 -14.18 -32.45 43.42
CA ILE M 109 -14.67 -33.15 44.60
C ILE M 109 -16.16 -33.41 44.56
N HIS M 110 -16.90 -32.77 43.65
CA HIS M 110 -18.29 -33.09 43.41
C HIS M 110 -18.47 -34.07 42.26
N ALA M 111 -17.39 -34.72 41.81
CA ALA M 111 -17.46 -35.61 40.67
C ALA M 111 -18.39 -36.78 40.95
N SER M 112 -18.99 -37.31 39.88
CA SER M 112 -19.89 -38.46 40.00
C SER M 112 -19.20 -39.70 40.51
N ASP M 113 -17.86 -39.75 40.50
CA ASP M 113 -17.10 -40.91 40.94
C ASP M 113 -15.65 -40.50 41.22
N PRO M 114 -15.15 -40.71 42.44
CA PRO M 114 -13.79 -40.23 42.78
C PRO M 114 -12.67 -40.93 42.04
N GLN M 115 -12.94 -42.05 41.35
CA GLN M 115 -11.92 -42.65 40.50
C GLN M 115 -11.58 -41.71 39.33
N SER M 116 -12.60 -41.27 38.61
CA SER M 116 -12.46 -40.34 37.49
C SER M 116 -12.77 -38.91 37.91
N ALA M 117 -12.28 -38.49 39.08
CA ALA M 117 -12.50 -37.11 39.53
C ALA M 117 -11.48 -36.15 38.95
N GLY M 118 -10.36 -36.66 38.43
CA GLY M 118 -9.40 -35.80 37.79
C GLY M 118 -9.96 -35.16 36.54
N ARG M 119 -9.47 -33.95 36.25
CA ARG M 119 -9.93 -33.18 35.10
C ARG M 119 -8.75 -32.49 34.44
N ILE M 120 -8.77 -32.45 33.11
CA ILE M 120 -7.82 -31.70 32.32
C ILE M 120 -8.61 -30.92 31.28
N VAL M 121 -8.44 -29.61 31.26
CA VAL M 121 -9.10 -28.73 30.31
C VAL M 121 -8.03 -27.99 29.51
N SER M 122 -8.15 -28.00 28.20
CA SER M 122 -7.27 -27.25 27.32
C SER M 122 -8.04 -26.08 26.71
N PHE M 123 -7.28 -25.06 26.27
CA PHE M 123 -7.85 -23.82 25.79
C PHE M 123 -7.15 -23.38 24.51
N ASP M 124 -7.83 -22.56 23.71
CA ASP M 124 -7.18 -21.91 22.57
C ASP M 124 -7.24 -20.40 22.76
N ALA M 125 -6.67 -19.69 21.78
CA ALA M 125 -6.49 -18.24 21.89
C ALA M 125 -7.81 -17.47 21.83
N ALA M 126 -8.87 -18.09 21.34
CA ALA M 126 -10.17 -17.42 21.25
C ALA M 126 -11.07 -17.69 22.45
N GLY M 127 -10.53 -18.27 23.51
CA GLY M 127 -11.34 -18.61 24.67
C GLY M 127 -12.05 -19.95 24.58
N GLY M 128 -11.75 -20.75 23.56
CA GLY M 128 -12.31 -22.08 23.51
C GLY M 128 -11.77 -22.96 24.62
N TRP M 129 -12.60 -23.89 25.06
CA TRP M 129 -12.20 -24.82 26.11
C TRP M 129 -12.72 -26.20 25.73
N ASN M 130 -11.93 -27.22 26.07
CA ASN M 130 -12.31 -28.60 25.80
C ASN M 130 -11.84 -29.47 26.95
N ILE M 131 -12.78 -30.11 27.64
CA ILE M 131 -12.43 -31.06 28.68
C ILE M 131 -11.85 -32.30 28.01
N GLU M 132 -10.60 -32.63 28.37
CA GLU M 132 -9.91 -33.75 27.74
C GLU M 132 -10.35 -35.07 28.37
N GLU M 133 -10.76 -36.01 27.52
CA GLU M 133 -11.23 -37.31 27.98
C GLU M 133 -10.18 -38.40 27.86
N GLU M 134 -9.12 -38.18 27.08
CA GLU M 134 -8.15 -39.22 26.80
C GLU M 134 -6.97 -39.25 27.75
N GLY M 135 -7.02 -38.49 28.84
CA GLY M 135 -6.13 -38.70 29.96
C GLY M 135 -4.90 -37.81 30.02
N TYR M 136 -4.53 -37.14 28.93
CA TYR M 136 -3.38 -36.25 28.95
C TYR M 136 -3.57 -35.13 27.93
N GLN M 137 -2.73 -34.10 28.05
CA GLN M 137 -2.83 -32.90 27.23
C GLN M 137 -1.59 -32.06 27.49
N ALA M 138 -1.26 -31.20 26.53
CA ALA M 138 -0.11 -30.31 26.66
C ALA M 138 -0.43 -28.98 25.99
N VAL M 139 0.39 -27.97 26.30
CA VAL M 139 0.25 -26.64 25.71
C VAL M 139 1.63 -26.02 25.59
N GLY M 140 1.82 -25.20 24.57
CA GLY M 140 3.06 -24.49 24.34
C GLY M 140 3.76 -24.98 23.10
N SER M 141 4.95 -24.40 22.88
CA SER M 141 5.69 -24.66 21.65
C SER M 141 6.20 -26.08 21.54
N GLY M 142 6.29 -26.81 22.65
CA GLY M 142 6.68 -28.20 22.63
C GLY M 142 5.55 -29.18 22.88
N SER M 143 4.29 -28.71 22.81
CA SER M 143 3.16 -29.54 23.22
C SER M 143 2.98 -30.76 22.32
N LEU M 144 3.33 -30.64 21.04
CA LEU M 144 3.12 -31.78 20.14
C LEU M 144 4.16 -32.87 20.38
N PHE M 145 5.42 -32.49 20.63
CA PHE M 145 6.41 -33.48 21.03
C PHE M 145 6.02 -34.14 22.35
N ALA M 146 5.50 -33.35 23.29
CA ALA M 146 5.11 -33.90 24.58
C ALA M 146 3.91 -34.83 24.44
N LYS M 147 2.91 -34.44 23.63
CA LYS M 147 1.72 -35.27 23.49
C LYS M 147 2.02 -36.54 22.69
N SER M 148 2.93 -36.50 21.74
CA SER M 148 3.30 -37.71 21.03
C SER M 148 4.16 -38.61 21.90
N SER M 149 4.97 -38.02 22.78
CA SER M 149 5.70 -38.81 23.77
C SER M 149 4.72 -39.52 24.70
N MET M 150 3.76 -38.78 25.25
CA MET M 150 2.79 -39.36 26.16
C MET M 150 1.85 -40.34 25.47
N LYS M 151 1.67 -40.23 24.15
CA LYS M 151 0.85 -41.21 23.45
C LYS M 151 1.43 -42.60 23.60
N LYS M 152 2.76 -42.70 23.59
CA LYS M 152 3.44 -43.98 23.72
C LYS M 152 3.66 -44.40 25.17
N LEU M 153 3.85 -43.44 26.07
CA LEU M 153 4.24 -43.75 27.45
C LEU M 153 3.07 -43.82 28.42
N TYR M 154 1.87 -43.39 28.02
CA TYR M 154 0.79 -43.25 28.97
C TYR M 154 0.32 -44.58 29.57
N SER M 155 0.53 -45.69 28.86
CA SER M 155 0.09 -46.98 29.39
C SER M 155 0.82 -47.34 30.68
N GLN M 156 2.02 -46.78 30.90
CA GLN M 156 2.82 -47.01 32.10
C GLN M 156 2.27 -46.29 33.33
N VAL M 157 1.16 -45.56 33.22
CA VAL M 157 0.68 -44.74 34.32
C VAL M 157 -0.24 -45.60 35.17
N THR M 158 0.28 -46.10 36.29
CA THR M 158 -0.48 -46.92 37.22
C THR M 158 -0.77 -46.23 38.54
N ASP M 159 -0.03 -45.19 38.90
CA ASP M 159 -0.28 -44.47 40.15
C ASP M 159 0.23 -43.03 39.98
N GLY M 160 0.37 -42.32 41.09
CA GLY M 160 0.82 -40.94 41.02
C GLY M 160 2.27 -40.81 40.61
N ASP M 161 3.14 -41.69 41.12
CA ASP M 161 4.56 -41.54 40.86
C ASP M 161 4.91 -41.90 39.43
N SER M 162 4.23 -42.91 38.86
CA SER M 162 4.50 -43.26 37.47
C SER M 162 3.90 -42.23 36.52
N GLY M 163 2.79 -41.61 36.90
CA GLY M 163 2.29 -40.49 36.12
C GLY M 163 3.22 -39.30 36.17
N LEU M 164 3.82 -39.04 37.34
CA LEU M 164 4.79 -37.96 37.45
C LEU M 164 6.02 -38.24 36.59
N ARG M 165 6.42 -39.50 36.49
CA ARG M 165 7.59 -39.83 35.67
C ARG M 165 7.28 -39.68 34.19
N VAL M 166 6.07 -40.02 33.77
CA VAL M 166 5.69 -39.85 32.38
C VAL M 166 5.65 -38.37 32.02
N ALA M 167 5.16 -37.53 32.93
CA ALA M 167 5.13 -36.09 32.67
C ALA M 167 6.54 -35.53 32.56
N VAL M 168 7.45 -35.96 33.43
CA VAL M 168 8.84 -35.47 33.34
C VAL M 168 9.48 -35.95 32.05
N GLU M 169 9.18 -37.17 31.61
CA GLU M 169 9.78 -37.68 30.38
C GLU M 169 9.19 -36.99 29.16
N ALA M 170 7.90 -36.69 29.20
CA ALA M 170 7.27 -35.91 28.14
C ALA M 170 7.93 -34.53 28.01
N LEU M 171 8.15 -33.85 29.13
CA LEU M 171 8.86 -32.58 29.10
C LEU M 171 10.28 -32.74 28.61
N TYR M 172 10.90 -33.89 28.89
CA TYR M 172 12.25 -34.14 28.41
C TYR M 172 12.28 -34.27 26.89
N ASP M 173 11.27 -34.95 26.32
CA ASP M 173 11.21 -35.07 24.87
C ASP M 173 10.87 -33.73 24.23
N ALA M 174 9.98 -32.96 24.85
CA ALA M 174 9.66 -31.62 24.34
C ALA M 174 10.90 -30.75 24.27
N ALA M 175 11.72 -30.77 25.32
CA ALA M 175 12.96 -30.01 25.32
C ALA M 175 13.97 -30.59 24.33
N ASP M 176 13.89 -31.90 24.08
CA ASP M 176 14.83 -32.53 23.16
C ASP M 176 14.68 -31.98 21.74
N ASP M 177 13.44 -31.65 21.35
CA ASP M 177 13.14 -31.20 19.99
C ASP M 177 12.77 -29.72 19.89
N ASP M 178 12.53 -29.03 21.01
CA ASP M 178 12.12 -27.63 21.00
C ASP M 178 13.10 -26.82 21.83
N SER M 179 13.88 -25.97 21.16
CA SER M 179 14.85 -25.12 21.85
C SER M 179 14.19 -24.05 22.72
N ALA M 180 12.88 -23.88 22.63
CA ALA M 180 12.16 -22.94 23.49
C ALA M 180 11.62 -23.59 24.75
N THR M 181 11.84 -24.88 24.93
CA THR M 181 11.50 -25.58 26.17
C THR M 181 12.79 -26.03 26.84
N GLY M 182 12.96 -25.65 28.11
CA GLY M 182 14.21 -25.94 28.79
C GLY M 182 14.28 -27.39 29.25
N GLY M 183 15.45 -28.00 29.05
CA GLY M 183 15.70 -29.33 29.52
C GLY M 183 16.20 -29.31 30.96
N PRO M 184 16.27 -30.48 31.58
CA PRO M 184 16.83 -30.56 32.94
C PRO M 184 18.26 -30.02 32.96
N ASP M 185 18.52 -29.10 33.89
CA ASP M 185 19.82 -28.47 34.02
C ASP M 185 20.55 -29.12 35.19
N LEU M 186 21.58 -29.90 34.89
CA LEU M 186 22.31 -30.62 35.92
C LEU M 186 23.48 -29.83 36.49
N VAL M 187 24.05 -28.91 35.71
CA VAL M 187 25.12 -28.06 36.21
C VAL M 187 24.59 -27.12 37.28
N ARG M 188 23.40 -26.56 37.05
CA ARG M 188 22.78 -25.63 38.00
C ARG M 188 21.82 -26.31 38.94
N GLY M 189 21.38 -27.53 38.63
CA GLY M 189 20.40 -28.19 39.47
C GLY M 189 19.00 -27.62 39.34
N ILE M 190 18.59 -27.28 38.12
CA ILE M 190 17.25 -26.76 37.87
C ILE M 190 16.47 -27.80 37.09
N PHE M 191 15.23 -28.03 37.49
CA PHE M 191 14.40 -29.09 36.95
C PHE M 191 12.99 -28.57 36.76
N PRO M 192 12.21 -29.20 35.88
CA PRO M 192 10.80 -28.83 35.75
C PRO M 192 10.11 -28.84 37.11
N THR M 193 9.07 -28.01 37.24
CA THR M 193 8.23 -28.02 38.42
C THR M 193 7.00 -28.87 38.12
N ALA M 194 6.28 -29.23 39.19
CA ALA M 194 5.13 -30.10 39.03
C ALA M 194 4.20 -29.94 40.23
N VAL M 195 2.92 -30.16 39.99
CA VAL M 195 1.88 -30.13 41.01
C VAL M 195 1.04 -31.39 40.88
N ILE M 196 0.82 -32.07 42.00
CA ILE M 196 -0.04 -33.25 42.06
C ILE M 196 -1.29 -32.88 42.83
N ILE M 197 -2.44 -33.26 42.32
CA ILE M 197 -3.73 -32.95 42.93
C ILE M 197 -4.50 -34.26 43.10
N ASP M 198 -4.90 -34.56 44.34
CA ASP M 198 -5.77 -35.71 44.61
C ASP M 198 -6.81 -35.26 45.63
N ALA M 199 -7.40 -36.24 46.33
CA ALA M 199 -8.46 -35.91 47.29
C ALA M 199 -7.94 -35.05 48.44
N ASP M 200 -6.65 -35.13 48.75
CA ASP M 200 -6.02 -34.29 49.76
C ASP M 200 -5.59 -32.92 49.22
N GLY M 201 -6.14 -32.50 48.09
CA GLY M 201 -5.81 -31.19 47.55
C GLY M 201 -4.60 -31.21 46.64
N ALA M 202 -4.18 -30.01 46.27
CA ALA M 202 -3.05 -29.80 45.37
C ALA M 202 -1.79 -29.52 46.18
N VAL M 203 -0.68 -30.13 45.77
CA VAL M 203 0.58 -30.04 46.47
C VAL M 203 1.72 -29.90 45.46
N ASP M 204 2.66 -29.02 45.76
CA ASP M 204 3.87 -28.91 44.96
C ASP M 204 4.71 -30.18 45.11
N VAL M 205 5.24 -30.66 44.00
CA VAL M 205 6.11 -31.84 44.02
C VAL M 205 7.50 -31.42 44.49
N PRO M 206 8.11 -32.13 45.42
CA PRO M 206 9.46 -31.76 45.87
C PRO M 206 10.46 -31.82 44.74
N GLU M 207 11.37 -30.85 44.72
CA GLU M 207 12.39 -30.80 43.68
C GLU M 207 13.24 -32.07 43.66
N SER M 208 13.40 -32.72 44.82
CA SER M 208 14.26 -33.90 44.89
C SER M 208 13.69 -35.06 44.09
N ARG M 209 12.37 -35.26 44.14
CA ARG M 209 11.78 -36.37 43.40
C ARG M 209 11.86 -36.13 41.89
N ILE M 210 11.60 -34.89 41.45
CA ILE M 210 11.72 -34.57 40.03
C ILE M 210 13.16 -34.72 39.57
N ALA M 211 14.12 -34.27 40.41
CA ALA M 211 15.52 -34.36 40.04
C ALA M 211 15.96 -35.79 39.79
N GLU M 212 15.54 -36.72 40.65
CA GLU M 212 15.96 -38.11 40.48
C GLU M 212 15.22 -38.78 39.33
N LEU M 213 13.97 -38.38 39.06
CA LEU M 213 13.29 -38.85 37.86
C LEU M 213 14.02 -38.38 36.60
N ALA M 214 14.41 -37.10 36.58
CA ALA M 214 15.13 -36.57 35.43
C ALA M 214 16.48 -37.26 35.25
N ARG M 215 17.21 -37.48 36.35
CA ARG M 215 18.49 -38.16 36.25
C ARG M 215 18.33 -39.61 35.80
N ALA M 216 17.22 -40.25 36.14
CA ALA M 216 16.98 -41.60 35.65
C ALA M 216 16.77 -41.62 34.14
N ILE M 217 16.00 -40.66 33.62
CA ILE M 217 15.77 -40.57 32.18
C ILE M 217 17.09 -40.29 31.46
N ILE M 218 17.89 -39.37 32.01
CA ILE M 218 19.14 -38.99 31.38
C ILE M 218 20.10 -40.18 31.34
N GLU M 219 20.24 -40.87 32.47
CA GLU M 219 21.12 -42.04 32.51
C GLU M 219 20.59 -43.14 31.60
N SER M 220 19.28 -43.23 31.44
CA SER M 220 18.69 -44.27 30.59
C SER M 220 19.07 -44.08 29.12
N ARG M 221 18.97 -42.85 28.63
CA ARG M 221 19.16 -42.59 27.20
C ARG M 221 20.62 -42.51 26.78
N SER M 222 21.56 -42.71 27.69
CA SER M 222 22.98 -42.69 27.34
C SER M 222 23.41 -44.06 26.84
N THR N 1 23.05 3.01 26.71
CA THR N 1 22.91 2.86 28.14
C THR N 1 23.24 1.44 28.58
N THR N 2 23.97 1.34 29.70
CA THR N 2 24.09 0.09 30.44
C THR N 2 23.89 0.39 31.91
N ILE N 3 22.98 -0.35 32.54
CA ILE N 3 22.80 -0.31 33.99
C ILE N 3 22.95 -1.72 34.50
N VAL N 4 23.83 -1.91 35.48
CA VAL N 4 24.07 -3.21 36.09
C VAL N 4 23.54 -3.19 37.52
N ALA N 5 23.22 -4.38 38.02
CA ALA N 5 22.87 -4.57 39.42
C ALA N 5 23.33 -5.96 39.83
N LEU N 6 23.81 -6.11 41.05
CA LEU N 6 24.27 -7.42 41.50
C LEU N 6 24.14 -7.54 43.00
N LYS N 7 23.95 -8.78 43.46
CA LYS N 7 23.80 -9.10 44.87
C LYS N 7 25.14 -9.46 45.48
N TYR N 8 25.39 -8.92 46.68
CA TYR N 8 26.54 -9.32 47.48
C TYR N 8 26.03 -9.76 48.85
N PRO N 9 26.86 -10.43 49.68
CA PRO N 9 26.37 -10.82 51.01
C PRO N 9 25.88 -9.64 51.84
N GLY N 10 24.57 -9.55 52.02
CA GLY N 10 23.96 -8.52 52.84
C GLY N 10 23.46 -7.30 52.10
N GLY N 11 23.52 -7.28 50.77
CA GLY N 11 23.05 -6.10 50.05
C GLY N 11 23.15 -6.26 48.54
N VAL N 12 22.86 -5.15 47.87
CA VAL N 12 22.91 -5.06 46.41
C VAL N 12 23.61 -3.76 46.02
N VAL N 13 24.19 -3.76 44.82
CA VAL N 13 24.77 -2.56 44.23
C VAL N 13 24.24 -2.41 42.80
N MET N 14 23.90 -1.18 42.43
CA MET N 14 23.45 -0.85 41.09
C MET N 14 24.32 0.29 40.55
N ALA N 15 24.75 0.16 39.30
CA ALA N 15 25.63 1.14 38.68
C ALA N 15 25.16 1.44 37.26
N GLY N 16 25.46 2.64 36.78
CA GLY N 16 24.99 3.07 35.47
C GLY N 16 25.94 4.06 34.82
N ASP N 17 25.92 4.07 33.48
CA ASP N 17 26.78 4.93 32.69
C ASP N 17 26.20 6.34 32.60
N ARG N 18 26.93 7.24 31.93
CA ARG N 18 26.59 8.66 31.92
C ARG N 18 26.27 9.21 30.54
N ARG N 19 26.19 8.36 29.51
CA ARG N 19 26.05 8.82 28.14
C ARG N 19 24.59 8.98 27.74
N SER N 20 24.31 10.08 27.06
CA SER N 20 23.05 10.30 26.35
C SER N 20 23.36 10.45 24.87
N THR N 21 22.42 10.03 24.02
CA THR N 21 22.74 9.96 22.60
C THR N 21 21.53 10.38 21.77
N GLN N 22 21.82 11.08 20.65
CA GLN N 22 20.83 11.38 19.61
C GLN N 22 21.41 10.83 18.32
N GLY N 23 20.95 9.64 17.93
CA GLY N 23 21.58 8.96 16.81
C GLY N 23 23.01 8.63 17.15
N ASN N 24 23.92 8.93 16.23
CA ASN N 24 25.35 8.80 16.52
C ASN N 24 25.90 9.98 17.30
N MET N 25 25.11 11.05 17.46
CA MET N 25 25.61 12.25 18.12
C MET N 25 25.52 12.09 19.63
N ILE N 26 26.63 12.38 20.30
CA ILE N 26 26.67 12.36 21.77
C ILE N 26 25.97 13.62 22.26
N SER N 27 24.83 13.45 22.93
CA SER N 27 24.06 14.57 23.43
C SER N 27 24.19 14.78 24.93
N GLY N 28 24.88 13.88 25.64
CA GLY N 28 24.98 13.98 27.07
C GLY N 28 26.13 13.19 27.67
N ARG N 29 26.82 13.77 28.65
CA ARG N 29 28.00 13.18 29.25
C ARG N 29 27.92 12.99 30.76
N ASP N 30 26.88 13.52 31.42
CA ASP N 30 26.80 13.47 32.88
C ASP N 30 25.41 13.03 33.33
N VAL N 31 24.73 12.25 32.50
CA VAL N 31 23.40 11.78 32.84
C VAL N 31 23.49 10.86 34.05
N ARG N 32 22.52 11.00 34.96
CA ARG N 32 22.40 10.14 36.14
C ARG N 32 21.18 9.26 35.94
N LYS N 33 21.42 7.96 35.75
CA LYS N 33 20.37 7.01 35.40
C LYS N 33 19.99 6.08 36.55
N VAL N 34 20.71 6.12 37.66
CA VAL N 34 20.48 5.24 38.80
C VAL N 34 19.91 6.10 39.93
N TYR N 35 18.65 5.86 40.26
CA TYR N 35 17.92 6.67 41.23
C TYR N 35 17.70 5.90 42.52
N ILE N 36 17.93 6.57 43.65
CA ILE N 36 17.46 6.05 44.94
C ILE N 36 15.95 6.25 45.00
N THR N 37 15.20 5.16 44.85
CA THR N 37 13.74 5.28 44.81
C THR N 37 13.14 5.43 46.20
N ASP N 38 13.66 4.70 47.18
CA ASP N 38 13.37 4.97 48.59
C ASP N 38 14.53 4.44 49.43
N ASP N 39 14.33 4.39 50.75
CA ASP N 39 15.40 4.05 51.67
C ASP N 39 16.08 2.73 51.32
N TYR N 40 15.34 1.78 50.75
CA TYR N 40 15.87 0.45 50.51
C TYR N 40 15.77 -0.02 49.07
N THR N 41 15.43 0.87 48.12
CA THR N 41 15.31 0.46 46.73
C THR N 41 15.98 1.48 45.81
N ALA N 42 16.66 0.97 44.79
CA ALA N 42 17.22 1.79 43.73
C ALA N 42 16.66 1.32 42.39
N THR N 43 16.48 2.27 41.46
CA THR N 43 15.96 1.99 40.14
C THR N 43 16.87 2.61 39.09
N GLY N 44 17.22 1.82 38.08
CA GLY N 44 17.98 2.30 36.92
C GLY N 44 17.22 2.02 35.64
N ILE N 45 17.11 3.02 34.76
CA ILE N 45 16.24 2.94 33.60
C ILE N 45 17.04 3.23 32.34
N ALA N 46 16.77 2.45 31.29
CA ALA N 46 17.27 2.70 29.95
C ALA N 46 16.10 3.05 29.04
N GLY N 47 16.42 3.65 27.90
CA GLY N 47 15.41 3.96 26.91
C GLY N 47 15.40 5.41 26.49
N THR N 48 14.25 5.88 26.02
CA THR N 48 14.07 7.29 25.72
C THR N 48 14.28 8.13 26.97
N ALA N 49 15.21 9.08 26.91
CA ALA N 49 15.60 9.86 28.07
C ALA N 49 14.39 10.47 28.79
N ALA N 50 13.55 11.18 28.04
CA ALA N 50 12.38 11.83 28.63
C ALA N 50 11.53 10.85 29.41
N VAL N 51 11.27 9.67 28.83
CA VAL N 51 10.39 8.70 29.46
C VAL N 51 11.08 8.06 30.66
N ALA N 52 12.37 7.75 30.52
CA ALA N 52 13.11 7.16 31.63
C ALA N 52 13.11 8.07 32.85
N VAL N 53 13.38 9.36 32.64
CA VAL N 53 13.43 10.31 33.76
C VAL N 53 12.05 10.43 34.41
N GLU N 54 11.01 10.54 33.58
CA GLU N 54 9.64 10.62 34.09
C GLU N 54 9.26 9.37 34.88
N PHE N 55 9.69 8.19 34.42
CA PHE N 55 9.37 6.95 35.11
C PHE N 55 9.98 6.93 36.51
N ALA N 56 11.27 7.22 36.61
CA ALA N 56 11.95 7.18 37.90
C ALA N 56 11.33 8.18 38.87
N ARG N 57 11.00 9.36 38.37
CA ARG N 57 10.44 10.41 39.24
C ARG N 57 9.06 10.05 39.73
N LEU N 58 8.19 9.59 38.83
CA LEU N 58 6.85 9.19 39.23
C LEU N 58 6.87 7.94 40.12
N TYR N 59 7.80 7.02 39.86
CA TYR N 59 7.83 5.78 40.65
C TYR N 59 8.19 6.06 42.10
N ALA N 60 9.20 6.90 42.34
CA ALA N 60 9.55 7.25 43.71
C ALA N 60 8.42 8.01 44.40
N VAL N 61 7.71 8.86 43.65
CA VAL N 61 6.55 9.55 44.22
C VAL N 61 5.46 8.56 44.59
N GLU N 62 5.24 7.55 43.75
CA GLU N 62 4.15 6.61 44.02
C GLU N 62 4.45 5.76 45.26
N LEU N 63 5.72 5.36 45.44
CA LEU N 63 6.06 4.56 46.61
C LEU N 63 5.89 5.37 47.89
N GLU N 64 6.41 6.60 47.90
CA GLU N 64 6.27 7.46 49.08
C GLU N 64 4.83 7.88 49.30
N HIS N 65 4.04 7.98 48.22
CA HIS N 65 2.62 8.26 48.35
C HIS N 65 1.92 7.15 49.16
N TYR N 66 2.19 5.88 48.81
CA TYR N 66 1.60 4.79 49.56
C TYR N 66 2.05 4.80 51.01
N GLU N 67 3.35 4.94 51.24
CA GLU N 67 3.88 4.90 52.60
C GLU N 67 3.23 5.97 53.47
N LYS N 68 3.09 7.19 52.94
CA LYS N 68 2.50 8.25 53.73
C LYS N 68 1.01 8.04 53.96
N LEU N 69 0.33 7.37 53.02
CA LEU N 69 -1.11 7.13 53.19
C LEU N 69 -1.37 6.05 54.23
N GLU N 70 -0.55 5.00 54.23
CA GLU N 70 -0.81 3.80 55.03
C GLU N 70 0.09 3.68 56.25
N GLY N 71 1.04 4.58 56.44
CA GLY N 71 1.98 4.52 57.54
C GLY N 71 3.10 3.53 57.38
N VAL N 72 2.98 2.58 56.46
CA VAL N 72 3.96 1.51 56.27
C VAL N 72 4.35 1.50 54.80
N PRO N 73 5.62 1.30 54.46
CA PRO N 73 5.98 1.16 53.04
C PRO N 73 5.38 -0.09 52.43
N LEU N 74 5.36 -0.12 51.11
CA LEU N 74 4.94 -1.32 50.40
C LEU N 74 5.93 -2.45 50.66
N THR N 75 5.41 -3.68 50.61
CA THR N 75 6.28 -4.84 50.50
C THR N 75 7.10 -4.72 49.22
N PHE N 76 8.22 -5.46 49.17
CA PHE N 76 9.02 -5.43 47.96
C PHE N 76 8.24 -5.98 46.78
N ALA N 77 7.41 -7.00 47.00
CA ALA N 77 6.60 -7.54 45.91
C ALA N 77 5.61 -6.52 45.40
N GLY N 78 5.06 -5.68 46.29
CA GLY N 78 4.17 -4.62 45.84
C GLY N 78 4.91 -3.54 45.08
N LYS N 79 6.15 -3.25 45.48
CA LYS N 79 6.98 -2.32 44.73
C LYS N 79 7.20 -2.83 43.31
N ILE N 80 7.57 -4.11 43.19
CA ILE N 80 7.71 -4.75 41.87
C ILE N 80 6.44 -4.56 41.05
N ASN N 81 5.30 -4.85 41.67
CA ASN N 81 4.04 -4.87 40.92
C ASN N 81 3.69 -3.47 40.40
N ARG N 82 3.92 -2.43 41.21
CA ARG N 82 3.63 -1.07 40.76
C ARG N 82 4.55 -0.65 39.63
N LEU N 83 5.82 -1.05 39.70
CA LEU N 83 6.74 -0.74 38.62
C LEU N 83 6.33 -1.45 37.33
N ALA N 84 5.94 -2.73 37.44
CA ALA N 84 5.52 -3.47 36.26
C ALA N 84 4.25 -2.89 35.65
N ILE N 85 3.30 -2.48 36.49
CA ILE N 85 2.07 -1.88 35.97
C ILE N 85 2.38 -0.57 35.24
N MET N 86 3.34 0.20 35.76
CA MET N 86 3.74 1.44 35.11
C MET N 86 4.32 1.17 33.73
N VAL N 87 5.17 0.13 33.61
CA VAL N 87 5.75 -0.20 32.31
C VAL N 87 4.67 -0.70 31.35
N ARG N 88 3.79 -1.58 31.84
CA ARG N 88 2.75 -2.15 30.99
C ARG N 88 1.84 -1.06 30.43
N GLY N 89 1.54 -0.05 31.25
CA GLY N 89 0.74 1.06 30.77
C GLY N 89 1.43 1.89 29.71
N ASN N 90 2.76 1.87 29.68
CA ASN N 90 3.51 2.64 28.68
C ASN N 90 3.70 1.87 27.38
N LEU N 91 3.16 0.64 27.28
CA LEU N 91 3.52 -0.26 26.19
C LEU N 91 3.25 0.35 24.82
N ALA N 92 2.07 0.95 24.64
CA ALA N 92 1.71 1.48 23.32
C ALA N 92 2.62 2.65 22.93
N ALA N 93 2.80 3.62 23.83
CA ALA N 93 3.76 4.69 23.58
C ALA N 93 5.16 4.13 23.36
N ALA N 94 5.52 3.09 24.12
CA ALA N 94 6.82 2.45 23.94
C ALA N 94 6.98 1.90 22.53
N MET N 95 5.90 1.36 21.96
CA MET N 95 5.98 0.87 20.58
C MET N 95 6.13 2.02 19.60
N GLN N 96 5.70 3.22 19.99
CA GLN N 96 5.84 4.44 19.19
C GLN N 96 7.20 5.11 19.37
N GLY N 97 8.14 4.47 20.08
CA GLY N 97 9.45 5.03 20.28
C GLY N 97 9.71 5.63 21.65
N LEU N 98 8.72 5.63 22.53
CA LEU N 98 8.88 6.18 23.88
C LEU N 98 9.04 5.05 24.89
N LEU N 99 10.19 4.38 24.79
CA LEU N 99 10.47 3.19 25.59
C LEU N 99 11.22 3.55 26.87
N ALA N 100 10.86 2.87 27.95
CA ALA N 100 11.60 2.94 29.21
C ALA N 100 11.72 1.53 29.75
N LEU N 101 12.96 1.05 29.92
CA LEU N 101 13.20 -0.28 30.47
C LEU N 101 13.87 -0.15 31.83
N PRO N 102 13.17 -0.43 32.93
CA PRO N 102 13.79 -0.30 34.24
C PRO N 102 14.44 -1.60 34.72
N LEU N 103 15.41 -1.42 35.61
CA LEU N 103 15.98 -2.49 36.40
C LEU N 103 15.87 -2.08 37.86
N LEU N 104 15.47 -3.02 38.73
CA LEU N 104 15.17 -2.72 40.13
C LEU N 104 16.07 -3.53 41.05
N ALA N 105 16.75 -2.84 41.96
CA ALA N 105 17.55 -3.47 43.00
C ALA N 105 17.01 -3.03 44.35
N GLY N 106 17.05 -3.94 45.33
CA GLY N 106 16.47 -3.61 46.62
C GLY N 106 17.06 -4.44 47.73
N TYR N 107 16.71 -4.04 48.95
CA TYR N 107 17.01 -4.80 50.17
C TYR N 107 15.69 -4.95 50.94
N ASP N 108 15.13 -6.15 50.90
CA ASP N 108 13.86 -6.43 51.57
C ASP N 108 14.11 -6.54 53.07
N ILE N 109 13.66 -5.53 53.83
CA ILE N 109 13.81 -5.55 55.28
C ILE N 109 12.99 -6.64 55.93
N HIS N 110 11.98 -7.17 55.23
CA HIS N 110 11.15 -8.24 55.75
C HIS N 110 11.65 -9.62 55.37
N ALA N 111 12.80 -9.72 54.72
CA ALA N 111 13.31 -11.01 54.29
C ALA N 111 13.76 -11.82 55.50
N SER N 112 13.48 -13.13 55.46
CA SER N 112 13.82 -14.01 56.57
C SER N 112 15.34 -14.11 56.74
N ASP N 113 16.07 -14.28 55.65
CA ASP N 113 17.52 -14.45 55.72
C ASP N 113 18.20 -13.13 55.40
N PRO N 114 18.79 -12.45 56.38
CA PRO N 114 19.34 -11.10 56.11
C PRO N 114 20.62 -11.09 55.31
N GLN N 115 21.31 -12.22 55.16
CA GLN N 115 22.48 -12.27 54.28
C GLN N 115 22.09 -12.37 52.81
N SER N 116 20.88 -12.84 52.52
CA SER N 116 20.36 -12.92 51.17
C SER N 116 19.05 -12.15 51.05
N ALA N 117 18.99 -10.98 51.69
CA ALA N 117 17.84 -10.10 51.57
C ALA N 117 17.91 -9.20 50.34
N GLY N 118 19.03 -9.21 49.62
CA GLY N 118 19.12 -8.45 48.40
C GLY N 118 18.20 -8.98 47.32
N ARG N 119 17.70 -8.07 46.49
CA ARG N 119 16.75 -8.42 45.44
C ARG N 119 17.14 -7.71 44.15
N ILE N 120 17.08 -8.45 43.05
CA ILE N 120 17.30 -7.92 41.70
C ILE N 120 16.14 -8.36 40.83
N VAL N 121 15.40 -7.40 40.28
CA VAL N 121 14.23 -7.68 39.45
C VAL N 121 14.43 -7.01 38.11
N SER N 122 14.34 -7.79 37.04
CA SER N 122 14.43 -7.28 35.68
C SER N 122 13.04 -7.24 35.06
N PHE N 123 12.89 -6.37 34.05
CA PHE N 123 11.60 -6.12 33.42
C PHE N 123 11.75 -6.18 31.90
N ASP N 124 10.61 -6.28 31.21
CA ASP N 124 10.58 -6.18 29.76
C ASP N 124 9.53 -5.15 29.34
N ALA N 125 9.55 -4.83 28.05
CA ALA N 125 8.72 -3.74 27.54
C ALA N 125 7.23 -4.00 27.69
N ALA N 126 6.82 -5.26 27.91
CA ALA N 126 5.41 -5.59 28.07
C ALA N 126 4.94 -5.55 29.51
N GLY N 127 5.83 -5.22 30.45
CA GLY N 127 5.47 -5.19 31.85
C GLY N 127 5.83 -6.46 32.60
N GLY N 128 6.44 -7.43 31.94
CA GLY N 128 6.91 -8.61 32.63
C GLY N 128 7.98 -8.26 33.64
N TRP N 129 8.03 -9.02 34.72
CA TRP N 129 9.04 -8.86 35.76
C TRP N 129 9.53 -10.25 36.15
N ASN N 130 10.81 -10.33 36.49
CA ASN N 130 11.41 -11.59 36.90
C ASN N 130 12.44 -11.30 37.97
N ILE N 131 12.22 -11.85 39.17
CA ILE N 131 13.20 -11.75 40.24
C ILE N 131 14.41 -12.58 39.85
N GLU N 132 15.58 -11.95 39.81
CA GLU N 132 16.79 -12.63 39.39
C GLU N 132 17.37 -13.46 40.52
N GLU N 133 17.80 -14.68 40.20
CA GLU N 133 18.40 -15.57 41.16
C GLU N 133 19.85 -15.92 40.86
N GLU N 134 20.36 -15.57 39.67
CA GLU N 134 21.76 -15.79 39.34
C GLU N 134 22.71 -14.81 40.02
N GLY N 135 22.19 -13.74 40.62
CA GLY N 135 23.01 -12.81 41.36
C GLY N 135 23.27 -11.48 40.67
N TYR N 136 23.00 -11.36 39.37
CA TYR N 136 23.29 -10.13 38.66
C TYR N 136 22.38 -10.01 37.44
N GLN N 137 22.18 -8.76 37.02
CA GLN N 137 21.42 -8.46 35.81
C GLN N 137 21.91 -7.15 35.22
N ALA N 138 21.39 -6.83 34.04
CA ALA N 138 21.74 -5.60 33.35
C ALA N 138 20.62 -5.25 32.40
N VAL N 139 20.45 -3.97 32.13
CA VAL N 139 19.47 -3.49 31.17
C VAL N 139 20.14 -2.43 30.30
N GLY N 140 19.71 -2.35 29.04
CA GLY N 140 20.20 -1.36 28.12
C GLY N 140 20.93 -1.98 26.93
N SER N 141 21.39 -1.09 26.05
CA SER N 141 22.03 -1.51 24.80
C SER N 141 23.38 -2.17 25.02
N GLY N 142 23.96 -2.03 26.19
CA GLY N 142 25.16 -2.76 26.55
C GLY N 142 24.93 -3.90 27.52
N SER N 143 23.69 -4.29 27.77
CA SER N 143 23.40 -5.22 28.87
C SER N 143 23.95 -6.62 28.61
N LEU N 144 24.06 -7.03 27.34
CA LEU N 144 24.59 -8.37 27.07
C LEU N 144 26.09 -8.44 27.28
N PHE N 145 26.83 -7.41 26.87
CA PHE N 145 28.25 -7.36 27.17
C PHE N 145 28.48 -7.31 28.67
N ALA N 146 27.65 -6.55 29.39
CA ALA N 146 27.81 -6.44 30.84
C ALA N 146 27.49 -7.76 31.54
N LYS N 147 26.40 -8.42 31.13
CA LYS N 147 26.04 -9.69 31.75
C LYS N 147 27.12 -10.74 31.51
N SER N 148 27.64 -10.81 30.28
CA SER N 148 28.68 -11.79 29.98
C SER N 148 29.97 -11.48 30.70
N SER N 149 30.25 -10.19 30.96
CA SER N 149 31.41 -9.84 31.76
C SER N 149 31.23 -10.24 33.22
N MET N 150 30.04 -9.99 33.78
CA MET N 150 29.78 -10.36 35.16
C MET N 150 29.73 -11.87 35.34
N LYS N 151 29.38 -12.61 34.29
CA LYS N 151 29.39 -14.07 34.38
C LYS N 151 30.77 -14.58 34.75
N LYS N 152 31.82 -13.98 34.18
CA LYS N 152 33.18 -14.38 34.47
C LYS N 152 33.76 -13.68 35.70
N LEU N 153 33.09 -12.66 36.23
CA LEU N 153 33.63 -11.87 37.33
C LEU N 153 32.88 -12.05 38.65
N TYR N 154 31.68 -12.62 38.62
CA TYR N 154 30.85 -12.63 39.82
C TYR N 154 31.43 -13.47 40.95
N SER N 155 32.36 -14.38 40.65
CA SER N 155 32.99 -15.17 41.71
C SER N 155 33.83 -14.30 42.64
N GLN N 156 34.21 -13.10 42.21
CA GLN N 156 35.01 -12.20 43.03
C GLN N 156 34.20 -11.44 44.06
N VAL N 157 32.87 -11.42 43.95
CA VAL N 157 32.05 -10.56 44.80
C VAL N 157 31.88 -11.23 46.15
N THR N 158 32.46 -10.62 47.19
CA THR N 158 32.33 -11.11 48.56
C THR N 158 31.71 -10.09 49.51
N ASP N 159 31.64 -8.82 49.12
CA ASP N 159 31.07 -7.77 49.96
C ASP N 159 30.61 -6.63 49.06
N GLY N 160 30.35 -5.46 49.66
CA GLY N 160 29.90 -4.33 48.88
C GLY N 160 30.97 -3.73 48.00
N ASP N 161 32.23 -3.76 48.45
CA ASP N 161 33.29 -3.10 47.69
C ASP N 161 33.67 -3.89 46.45
N SER N 162 33.92 -5.20 46.59
CA SER N 162 34.24 -6.02 45.43
C SER N 162 33.06 -6.10 44.46
N GLY N 163 31.83 -6.08 44.99
CA GLY N 163 30.67 -6.00 44.10
C GLY N 163 30.61 -4.67 43.36
N LEU N 164 31.05 -3.59 44.01
CA LEU N 164 31.17 -2.31 43.33
C LEU N 164 32.22 -2.37 42.23
N ARG N 165 33.36 -3.00 42.52
CA ARG N 165 34.41 -3.11 41.50
C ARG N 165 33.91 -3.91 40.30
N VAL N 166 33.23 -5.03 40.55
CA VAL N 166 32.72 -5.85 39.46
C VAL N 166 31.70 -5.07 38.65
N ALA N 167 30.81 -4.33 39.32
CA ALA N 167 29.82 -3.54 38.60
C ALA N 167 30.47 -2.51 37.69
N VAL N 168 31.54 -1.86 38.17
CA VAL N 168 32.21 -0.84 37.36
C VAL N 168 32.97 -1.49 36.21
N GLU N 169 33.57 -2.67 36.44
CA GLU N 169 34.26 -3.35 35.36
C GLU N 169 33.28 -3.81 34.28
N ALA N 170 32.11 -4.31 34.69
CA ALA N 170 31.10 -4.72 33.72
C ALA N 170 30.63 -3.54 32.88
N LEU N 171 30.40 -2.39 33.53
CA LEU N 171 30.05 -1.18 32.78
C LEU N 171 31.18 -0.78 31.84
N TYR N 172 32.43 -1.02 32.25
CA TYR N 172 33.56 -0.70 31.39
C TYR N 172 33.58 -1.60 30.15
N ASP N 173 33.27 -2.89 30.33
CA ASP N 173 33.23 -3.81 29.20
C ASP N 173 32.09 -3.46 28.25
N ALA N 174 30.91 -3.16 28.80
CA ALA N 174 29.78 -2.76 27.97
C ALA N 174 30.11 -1.53 27.14
N ALA N 175 30.74 -0.53 27.76
CA ALA N 175 31.14 0.66 27.01
C ALA N 175 32.23 0.35 26.00
N ASP N 176 33.02 -0.69 26.25
CA ASP N 176 34.07 -1.07 25.30
C ASP N 176 33.47 -1.58 24.00
N ASP N 177 32.30 -2.22 24.05
CA ASP N 177 31.68 -2.85 22.89
C ASP N 177 30.43 -2.13 22.40
N ASP N 178 29.86 -1.21 23.16
CA ASP N 178 28.62 -0.53 22.79
C ASP N 178 28.87 0.97 22.79
N SER N 179 28.78 1.59 21.62
CA SER N 179 28.99 3.03 21.50
C SER N 179 27.92 3.83 22.22
N ALA N 180 26.77 3.24 22.50
CA ALA N 180 25.70 3.95 23.22
C ALA N 180 25.87 3.91 24.73
N THR N 181 26.97 3.36 25.23
CA THR N 181 27.28 3.32 26.66
C THR N 181 28.58 4.06 26.90
N GLY N 182 28.57 4.99 27.86
CA GLY N 182 29.73 5.84 28.08
C GLY N 182 30.75 5.19 28.98
N GLY N 183 32.01 5.23 28.55
CA GLY N 183 33.10 4.81 29.40
C GLY N 183 33.55 5.92 30.33
N PRO N 184 34.41 5.57 31.28
CA PRO N 184 34.95 6.57 32.19
C PRO N 184 35.70 7.65 31.42
N ASP N 185 35.35 8.90 31.69
CA ASP N 185 35.96 10.06 31.03
C ASP N 185 37.02 10.63 31.97
N LEU N 186 38.28 10.27 31.71
CA LEU N 186 39.38 10.78 32.54
C LEU N 186 39.71 12.22 32.24
N VAL N 187 39.37 12.73 31.05
CA VAL N 187 39.65 14.13 30.74
C VAL N 187 38.69 15.05 31.50
N ARG N 188 37.39 14.79 31.39
CA ARG N 188 36.41 15.60 32.10
C ARG N 188 36.21 15.14 33.54
N GLY N 189 36.75 14.00 33.92
CA GLY N 189 36.57 13.49 35.27
C GLY N 189 35.16 13.01 35.55
N ILE N 190 34.55 12.31 34.60
CA ILE N 190 33.18 11.82 34.72
C ILE N 190 33.23 10.30 34.74
N PHE N 191 32.50 9.71 35.67
CA PHE N 191 32.55 8.27 35.93
C PHE N 191 31.12 7.75 36.12
N PRO N 192 30.92 6.44 36.02
CA PRO N 192 29.60 5.88 36.31
C PRO N 192 29.14 6.24 37.71
N THR N 193 27.82 6.30 37.90
CA THR N 193 27.24 6.48 39.22
C THR N 193 26.81 5.12 39.78
N ALA N 194 26.71 5.07 41.11
CA ALA N 194 26.37 3.80 41.76
C ALA N 194 25.56 4.08 43.01
N VAL N 195 24.78 3.08 43.41
CA VAL N 195 24.02 3.07 44.64
C VAL N 195 24.26 1.73 45.31
N ILE N 196 24.56 1.74 46.61
CA ILE N 196 24.72 0.53 47.40
C ILE N 196 23.62 0.50 48.46
N ILE N 197 22.92 -0.63 48.55
CA ILE N 197 21.83 -0.82 49.49
C ILE N 197 22.19 -1.98 50.40
N ASP N 198 22.00 -1.80 51.70
CA ASP N 198 22.10 -2.90 52.66
C ASP N 198 21.09 -2.63 53.78
N ALA N 199 21.32 -3.25 54.94
CA ALA N 199 20.36 -3.12 56.04
C ALA N 199 20.26 -1.69 56.54
N ASP N 200 21.32 -0.90 56.37
CA ASP N 200 21.31 0.50 56.81
C ASP N 200 20.77 1.46 55.76
N GLY N 201 20.29 0.96 54.63
CA GLY N 201 19.63 1.78 53.64
C GLY N 201 20.45 1.94 52.37
N ALA N 202 19.89 2.69 51.44
CA ALA N 202 20.50 2.96 50.14
C ALA N 202 21.29 4.27 50.21
N VAL N 203 22.54 4.23 49.75
CA VAL N 203 23.42 5.39 49.75
C VAL N 203 24.07 5.53 48.38
N ASP N 204 24.24 6.78 47.94
CA ASP N 204 25.02 7.05 46.74
C ASP N 204 26.49 6.80 47.02
N VAL N 205 27.16 6.14 46.08
CA VAL N 205 28.59 5.88 46.24
C VAL N 205 29.37 7.14 45.86
N PRO N 206 30.35 7.55 46.66
CA PRO N 206 31.13 8.75 46.33
C PRO N 206 31.85 8.59 45.00
N GLU N 207 31.88 9.68 44.23
CA GLU N 207 32.58 9.69 42.95
C GLU N 207 34.04 9.28 43.09
N SER N 208 34.66 9.61 44.22
CA SER N 208 36.08 9.33 44.42
C SER N 208 36.35 7.83 44.42
N ARG N 209 35.49 7.04 45.05
CA ARG N 209 35.70 5.60 45.07
C ARG N 209 35.44 4.98 43.70
N ILE N 210 34.44 5.50 42.97
CA ILE N 210 34.19 5.01 41.61
C ILE N 210 35.38 5.33 40.71
N ALA N 211 35.96 6.52 40.88
CA ALA N 211 37.10 6.92 40.05
C ALA N 211 38.33 6.08 40.35
N GLU N 212 38.55 5.76 41.63
CA GLU N 212 39.66 4.88 41.99
C GLU N 212 39.52 3.50 41.33
N LEU N 213 38.31 2.94 41.35
CA LEU N 213 38.10 1.63 40.75
C LEU N 213 38.21 1.71 39.23
N ALA N 214 37.71 2.79 38.63
CA ALA N 214 37.81 2.94 37.19
C ALA N 214 39.26 3.07 36.75
N ARG N 215 40.06 3.86 37.47
CA ARG N 215 41.47 3.96 37.15
C ARG N 215 42.18 2.63 37.36
N ALA N 216 41.77 1.87 38.39
CA ALA N 216 42.38 0.56 38.61
C ALA N 216 42.13 -0.36 37.43
N ILE N 217 40.90 -0.38 36.91
CA ILE N 217 40.58 -1.23 35.76
C ILE N 217 41.36 -0.77 34.53
N ILE N 218 41.37 0.54 34.28
CA ILE N 218 42.06 1.07 33.11
C ILE N 218 43.54 0.71 33.14
N GLU N 219 44.17 0.85 34.31
CA GLU N 219 45.58 0.52 34.41
C GLU N 219 45.82 -0.98 34.31
N SER N 220 44.90 -1.80 34.82
CA SER N 220 45.07 -3.24 34.72
C SER N 220 44.91 -3.75 33.30
N ARG N 221 44.31 -2.96 32.40
CA ARG N 221 44.15 -3.36 31.02
C ARG N 221 45.19 -2.74 30.09
N SER N 222 45.83 -1.65 30.52
CA SER N 222 46.85 -1.01 29.71
C SER N 222 48.26 -1.35 30.21
N GLU O 2 27.95 -21.46 -62.92
CA GLU O 2 27.41 -22.33 -63.95
C GLU O 2 27.82 -23.77 -63.71
N GLN O 3 29.12 -23.98 -63.51
CA GLN O 3 29.63 -25.33 -63.25
C GLN O 3 29.17 -25.84 -61.89
N ALA O 4 29.03 -24.96 -60.91
CA ALA O 4 28.53 -25.36 -59.60
C ALA O 4 27.10 -25.89 -59.71
N MET O 5 26.22 -25.16 -60.40
CA MET O 5 24.84 -25.60 -60.53
C MET O 5 24.72 -26.84 -61.41
N ARG O 6 25.58 -26.98 -62.42
CA ARG O 6 25.56 -28.18 -63.24
C ARG O 6 25.99 -29.40 -62.42
N GLU O 7 27.00 -29.26 -61.57
CA GLU O 7 27.43 -30.36 -60.72
C GLU O 7 26.37 -30.71 -59.67
N ARG O 8 25.71 -29.69 -59.12
CA ARG O 8 24.65 -29.95 -58.14
C ARG O 8 23.50 -30.69 -58.79
N SER O 9 23.05 -30.21 -59.97
CA SER O 9 21.99 -30.90 -60.69
C SER O 9 22.40 -32.32 -61.05
N GLU O 10 23.67 -32.53 -61.38
CA GLU O 10 24.14 -33.87 -61.72
C GLU O 10 24.11 -34.78 -60.51
N LEU O 11 24.58 -34.29 -59.35
CA LEU O 11 24.55 -35.10 -58.13
C LEU O 11 23.13 -35.48 -57.75
N ALA O 12 22.20 -34.52 -57.84
CA ALA O 12 20.82 -34.80 -57.49
C ALA O 12 20.19 -35.77 -58.50
N ARG O 13 20.37 -35.51 -59.79
CA ARG O 13 19.77 -36.38 -60.81
C ARG O 13 20.29 -37.81 -60.69
N LYS O 14 21.60 -37.97 -60.50
CA LYS O 14 22.17 -39.31 -60.40
C LYS O 14 21.71 -40.03 -59.14
N GLY O 15 21.59 -39.29 -58.03
CA GLY O 15 21.11 -39.91 -56.80
C GLY O 15 19.68 -40.41 -56.92
N ILE O 16 18.83 -39.65 -57.61
CA ILE O 16 17.45 -40.06 -57.82
C ILE O 16 17.38 -41.21 -58.81
N ALA O 17 18.26 -41.21 -59.82
CA ALA O 17 18.25 -42.28 -60.82
C ALA O 17 18.59 -43.63 -60.21
N ARG O 18 19.36 -43.65 -59.11
CA ARG O 18 19.72 -44.89 -58.44
C ARG O 18 18.70 -45.36 -57.43
N ALA O 19 17.67 -44.56 -57.14
CA ALA O 19 16.69 -44.92 -56.13
C ALA O 19 15.59 -45.78 -56.73
N LYS O 20 14.87 -46.47 -55.85
CA LYS O 20 13.70 -47.23 -56.26
C LYS O 20 12.58 -46.29 -56.69
N SER O 21 11.61 -46.85 -57.42
CA SER O 21 10.59 -46.06 -58.07
C SER O 21 9.30 -46.01 -57.26
N VAL O 22 8.53 -44.95 -57.47
CA VAL O 22 7.26 -44.72 -56.80
C VAL O 22 6.26 -44.26 -57.84
N VAL O 23 5.02 -44.71 -57.68
CA VAL O 23 3.93 -44.30 -58.57
C VAL O 23 2.78 -43.81 -57.71
N ALA O 24 2.11 -42.76 -58.19
CA ALA O 24 0.84 -42.31 -57.64
C ALA O 24 -0.11 -42.08 -58.81
N LEU O 25 -1.34 -42.57 -58.67
CA LEU O 25 -2.31 -42.38 -59.74
C LEU O 25 -3.71 -42.22 -59.15
N ALA O 26 -4.55 -41.48 -59.86
CA ALA O 26 -5.93 -41.28 -59.47
C ALA O 26 -6.78 -42.44 -59.95
N TYR O 27 -7.69 -42.88 -59.09
CA TYR O 27 -8.63 -43.95 -59.44
C TYR O 27 -10.01 -43.55 -58.94
N ALA O 28 -10.97 -44.46 -59.06
CA ALA O 28 -12.35 -44.14 -58.72
C ALA O 28 -12.50 -43.80 -57.25
N GLY O 29 -11.70 -44.41 -56.39
CA GLY O 29 -11.78 -44.19 -54.95
C GLY O 29 -10.89 -43.09 -54.41
N GLY O 30 -10.20 -42.35 -55.27
CA GLY O 30 -9.31 -41.30 -54.84
C GLY O 30 -7.94 -41.36 -55.47
N VAL O 31 -6.91 -41.56 -54.66
CA VAL O 31 -5.52 -41.62 -55.12
C VAL O 31 -4.86 -42.87 -54.55
N LEU O 32 -4.06 -43.54 -55.36
CA LEU O 32 -3.36 -44.76 -54.97
C LEU O 32 -1.86 -44.53 -55.09
N PHE O 33 -1.13 -44.78 -54.01
CA PHE O 33 0.32 -44.72 -54.00
C PHE O 33 0.87 -46.14 -53.97
N VAL O 34 1.82 -46.44 -54.87
CA VAL O 34 2.50 -47.73 -54.89
C VAL O 34 3.99 -47.46 -55.07
N ALA O 35 4.79 -47.96 -54.14
CA ALA O 35 6.23 -47.77 -54.16
C ALA O 35 6.94 -49.08 -53.90
N GLU O 36 8.07 -49.30 -54.59
CA GLU O 36 8.91 -50.46 -54.31
C GLU O 36 9.69 -50.16 -53.04
N ASN O 37 9.41 -50.91 -51.98
CA ASN O 37 10.02 -50.68 -50.69
C ASN O 37 10.23 -52.01 -49.97
N PRO O 38 11.47 -52.46 -49.84
CA PRO O 38 11.73 -53.74 -49.16
C PRO O 38 11.63 -53.65 -47.65
N SER O 39 11.58 -52.44 -47.08
CA SER O 39 11.52 -52.28 -45.64
C SER O 39 10.11 -52.55 -45.12
N ARG O 40 10.04 -52.87 -43.83
CA ARG O 40 8.77 -53.06 -43.15
C ARG O 40 8.40 -51.89 -42.25
N SER O 41 9.36 -51.05 -41.88
CA SER O 41 9.14 -49.94 -40.97
C SER O 41 9.50 -48.57 -41.55
N LEU O 42 10.53 -48.48 -42.39
CA LEU O 42 10.92 -47.22 -42.99
C LEU O 42 10.07 -46.99 -44.24
N GLN O 43 9.38 -45.85 -44.29
CA GLN O 43 8.31 -45.62 -45.25
C GLN O 43 8.66 -44.47 -46.19
N LYS O 44 8.12 -44.55 -47.42
CA LYS O 44 8.26 -43.51 -48.42
C LYS O 44 6.94 -42.83 -48.75
N ILE O 45 5.82 -43.37 -48.26
CA ILE O 45 4.48 -42.80 -48.48
C ILE O 45 3.92 -42.41 -47.13
N SER O 46 3.23 -41.26 -47.08
CA SER O 46 2.82 -40.74 -45.79
C SER O 46 1.61 -39.83 -45.94
N GLU O 47 0.85 -39.73 -44.85
CA GLU O 47 -0.17 -38.71 -44.72
C GLU O 47 0.49 -37.36 -44.44
N LEU O 48 -0.07 -36.30 -45.02
CA LEU O 48 0.32 -34.94 -44.68
C LEU O 48 -0.77 -34.23 -43.90
N TYR O 49 -2.00 -34.27 -44.40
CA TYR O 49 -3.12 -33.66 -43.71
C TYR O 49 -4.36 -34.52 -44.00
N ASP O 50 -5.55 -33.98 -43.72
CA ASP O 50 -6.79 -34.74 -43.84
C ASP O 50 -6.88 -35.44 -45.20
N ARG O 51 -6.90 -34.65 -46.28
CA ARG O 51 -7.07 -35.17 -47.62
C ARG O 51 -5.81 -35.02 -48.47
N VAL O 52 -4.63 -34.94 -47.85
CA VAL O 52 -3.40 -34.66 -48.57
C VAL O 52 -2.37 -35.74 -48.23
N GLY O 53 -1.80 -36.35 -49.27
CA GLY O 53 -0.82 -37.39 -49.11
C GLY O 53 0.54 -37.03 -49.69
N PHE O 54 1.55 -37.81 -49.32
CA PHE O 54 2.94 -37.52 -49.64
C PHE O 54 3.61 -38.81 -50.09
N ALA O 55 4.41 -38.70 -51.15
CA ALA O 55 5.22 -39.83 -51.61
C ALA O 55 6.55 -39.28 -52.11
N ALA O 56 7.61 -40.05 -51.92
CA ALA O 56 8.94 -39.56 -52.23
C ALA O 56 9.83 -40.70 -52.72
N ALA O 57 10.80 -40.34 -53.56
CA ALA O 57 11.85 -41.23 -53.99
C ALA O 57 13.19 -40.55 -53.83
N GLY O 58 14.21 -41.33 -53.49
CA GLY O 58 15.54 -40.78 -53.31
C GLY O 58 16.19 -41.14 -52.00
N LYS O 59 16.98 -40.23 -51.44
CA LYS O 59 17.69 -40.48 -50.20
C LYS O 59 16.73 -40.34 -49.01
N PHE O 60 16.72 -41.36 -48.14
CA PHE O 60 15.67 -41.46 -47.13
C PHE O 60 15.73 -40.29 -46.15
N ASN O 61 16.88 -40.07 -45.52
CA ASN O 61 16.98 -39.04 -44.50
C ASN O 61 16.57 -37.68 -45.04
N GLU O 62 16.75 -37.45 -46.34
CA GLU O 62 16.45 -36.14 -46.92
C GLU O 62 14.96 -35.97 -47.20
N PHE O 63 14.34 -36.93 -47.88
CA PHE O 63 12.90 -36.77 -48.09
C PHE O 63 12.11 -36.99 -46.80
N ASP O 64 12.70 -37.65 -45.81
CA ASP O 64 12.04 -37.73 -44.51
C ASP O 64 12.08 -36.38 -43.79
N ASN O 65 13.20 -35.67 -43.88
CA ASN O 65 13.24 -34.29 -43.38
C ASN O 65 12.14 -33.46 -44.02
N LEU O 66 12.01 -33.56 -45.35
CA LEU O 66 10.97 -32.83 -46.06
C LEU O 66 9.57 -33.33 -45.72
N ARG O 67 9.42 -34.63 -45.45
CA ARG O 67 8.12 -35.14 -45.03
C ARG O 67 7.72 -34.53 -43.70
N ARG O 68 8.62 -34.54 -42.72
CA ARG O 68 8.32 -33.93 -41.42
C ARG O 68 8.11 -32.43 -41.57
N GLY O 69 8.87 -31.78 -42.47
CA GLY O 69 8.71 -30.36 -42.67
C GLY O 69 7.33 -30.00 -43.22
N GLY O 70 6.82 -30.83 -44.13
CA GLY O 70 5.49 -30.57 -44.67
C GLY O 70 4.41 -30.82 -43.65
N ILE O 71 4.61 -31.81 -42.78
CA ILE O 71 3.65 -32.07 -41.70
C ILE O 71 3.61 -30.89 -40.73
N GLN O 72 4.79 -30.39 -40.35
CA GLN O 72 4.85 -29.20 -39.50
C GLN O 72 4.15 -28.02 -40.15
N PHE O 73 4.37 -27.82 -41.45
CA PHE O 73 3.70 -26.74 -42.17
C PHE O 73 2.19 -26.91 -42.17
N ALA O 74 1.73 -28.13 -42.49
CA ALA O 74 0.29 -28.35 -42.63
C ALA O 74 -0.44 -28.21 -41.30
N ASP O 75 0.13 -28.76 -40.22
CA ASP O 75 -0.51 -28.63 -38.92
C ASP O 75 -0.49 -27.19 -38.43
N THR O 76 0.61 -26.47 -38.66
CA THR O 76 0.69 -25.07 -38.26
C THR O 76 -0.36 -24.23 -38.98
N ARG O 77 -0.47 -24.40 -40.30
CA ARG O 77 -1.44 -23.63 -41.08
C ARG O 77 -2.87 -23.99 -40.71
N GLY O 78 -3.14 -25.28 -40.49
CA GLY O 78 -4.48 -25.68 -40.10
C GLY O 78 -4.87 -25.15 -38.73
N TYR O 79 -3.91 -24.98 -37.83
CA TYR O 79 -4.21 -24.44 -36.51
C TYR O 79 -4.29 -22.92 -36.53
N ALA O 80 -3.38 -22.25 -37.24
CA ALA O 80 -3.42 -20.79 -37.33
C ALA O 80 -4.67 -20.31 -38.05
N TYR O 81 -5.20 -21.10 -38.98
CA TYR O 81 -6.43 -20.76 -39.66
C TYR O 81 -7.48 -21.83 -39.38
N ASP O 82 -7.82 -22.65 -40.37
CA ASP O 82 -8.72 -23.77 -40.17
C ASP O 82 -8.23 -24.93 -41.04
N ARG O 83 -8.69 -26.13 -40.68
CA ARG O 83 -8.22 -27.34 -41.37
C ARG O 83 -8.50 -27.27 -42.87
N ARG O 84 -9.67 -26.73 -43.24
CA ARG O 84 -10.07 -26.67 -44.65
C ARG O 84 -9.23 -25.71 -45.47
N ASP O 85 -8.45 -24.82 -44.84
CA ASP O 85 -7.59 -23.91 -45.58
C ASP O 85 -6.29 -24.57 -46.03
N VAL O 86 -5.96 -25.75 -45.51
CA VAL O 86 -4.81 -26.51 -45.97
C VAL O 86 -5.17 -27.21 -47.27
N THR O 87 -4.36 -27.01 -48.30
CA THR O 87 -4.61 -27.60 -49.62
C THR O 87 -3.36 -28.34 -50.08
N GLY O 88 -3.56 -29.24 -51.05
CA GLY O 88 -2.43 -29.88 -51.69
C GLY O 88 -1.60 -28.90 -52.51
N ARG O 89 -2.27 -27.94 -53.14
CA ARG O 89 -1.55 -26.96 -53.96
C ARG O 89 -0.54 -26.18 -53.12
N GLN O 90 -0.97 -25.66 -51.97
CA GLN O 90 -0.05 -24.84 -51.19
C GLN O 90 1.05 -25.68 -50.56
N LEU O 91 0.77 -26.95 -50.24
CA LEU O 91 1.83 -27.83 -49.77
C LEU O 91 2.88 -28.06 -50.86
N ALA O 92 2.43 -28.32 -52.09
CA ALA O 92 3.37 -28.45 -53.20
C ALA O 92 4.08 -27.13 -53.46
N ASN O 93 3.37 -26.00 -53.30
CA ASN O 93 4.00 -24.69 -53.47
C ASN O 93 5.15 -24.51 -52.49
N VAL O 94 4.93 -24.84 -51.21
CA VAL O 94 5.99 -24.63 -50.22
C VAL O 94 7.11 -25.64 -50.43
N TYR O 95 6.80 -26.83 -50.92
CA TYR O 95 7.85 -27.79 -51.25
C TYR O 95 8.72 -27.27 -52.40
N ALA O 96 8.11 -26.60 -53.38
CA ALA O 96 8.90 -26.02 -54.47
C ALA O 96 9.81 -24.91 -53.97
N GLN O 97 9.28 -24.03 -53.12
CA GLN O 97 10.11 -23.00 -52.50
C GLN O 97 11.22 -23.61 -51.66
N THR O 98 10.89 -24.64 -50.86
CA THR O 98 11.87 -25.24 -49.97
C THR O 98 12.97 -25.93 -50.75
N LEU O 99 12.60 -26.70 -51.78
CA LEU O 99 13.61 -27.43 -52.55
C LEU O 99 14.46 -26.47 -53.39
N GLY O 100 13.85 -25.40 -53.91
CA GLY O 100 14.63 -24.38 -54.60
C GLY O 100 15.72 -23.80 -53.73
N THR O 101 15.36 -23.44 -52.49
CA THR O 101 16.34 -22.95 -51.53
C THR O 101 17.41 -23.99 -51.22
N ILE O 102 17.00 -25.24 -51.00
CA ILE O 102 17.95 -26.30 -50.71
C ILE O 102 18.90 -26.50 -51.89
N PHE O 103 18.36 -26.53 -53.10
CA PHE O 103 19.18 -26.81 -54.27
C PHE O 103 20.27 -25.76 -54.45
N THR O 104 19.94 -24.49 -54.19
CA THR O 104 20.88 -23.41 -54.44
C THR O 104 21.80 -23.12 -53.26
N GLU O 105 21.40 -23.46 -52.03
CA GLU O 105 22.12 -22.98 -50.85
C GLU O 105 22.61 -24.07 -49.91
N GLN O 106 22.04 -25.27 -49.94
CA GLN O 106 22.47 -26.31 -49.01
C GLN O 106 23.88 -26.78 -49.36
N ALA O 107 24.57 -27.33 -48.35
CA ALA O 107 25.93 -27.84 -48.59
C ALA O 107 25.93 -28.91 -49.67
N LYS O 108 24.94 -29.79 -49.65
CA LYS O 108 24.72 -30.75 -50.73
C LYS O 108 23.25 -30.70 -51.12
N PRO O 109 22.93 -30.61 -52.41
CA PRO O 109 21.53 -30.65 -52.81
C PRO O 109 20.87 -31.94 -52.37
N TYR O 110 19.55 -31.88 -52.22
CA TYR O 110 18.79 -33.06 -51.84
C TYR O 110 18.56 -33.95 -53.06
N GLU O 111 18.80 -35.24 -52.90
CA GLU O 111 18.54 -36.22 -53.96
C GLU O 111 17.14 -36.81 -53.74
N VAL O 112 16.13 -35.97 -53.99
CA VAL O 112 14.75 -36.33 -53.68
C VAL O 112 13.85 -35.88 -54.82
N GLU O 113 12.73 -36.59 -54.96
CA GLU O 113 11.63 -36.20 -55.85
C GLU O 113 10.35 -36.50 -55.10
N LEU O 114 9.46 -35.50 -55.02
CA LEU O 114 8.30 -35.57 -54.13
C LEU O 114 7.00 -35.54 -54.91
N CYS O 115 5.98 -36.18 -54.35
CA CYS O 115 4.62 -36.11 -54.88
C CYS O 115 3.68 -35.69 -53.75
N VAL O 116 2.86 -34.67 -54.03
CA VAL O 116 1.79 -34.25 -53.14
C VAL O 116 0.47 -34.49 -53.85
N ALA O 117 -0.46 -35.17 -53.18
CA ALA O 117 -1.73 -35.54 -53.77
C ALA O 117 -2.87 -35.17 -52.83
N GLU O 118 -3.97 -34.69 -53.40
CA GLU O 118 -5.15 -34.32 -52.63
C GLU O 118 -6.40 -34.90 -53.26
N VAL O 119 -7.25 -35.49 -52.44
CA VAL O 119 -8.57 -35.95 -52.87
C VAL O 119 -9.61 -35.03 -52.25
N ALA O 120 -10.86 -35.19 -52.70
CA ALA O 120 -11.94 -34.37 -52.20
C ALA O 120 -12.28 -34.72 -50.75
N HIS O 121 -12.82 -33.75 -50.03
CA HIS O 121 -13.36 -34.05 -48.71
C HIS O 121 -14.63 -34.88 -48.87
N TYR O 122 -15.06 -35.50 -47.77
CA TYR O 122 -16.20 -36.40 -47.81
C TYR O 122 -17.45 -35.69 -48.34
N GLY O 123 -18.18 -36.38 -49.20
CA GLY O 123 -19.44 -35.88 -49.71
C GLY O 123 -19.35 -34.92 -50.86
N GLU O 124 -18.14 -34.54 -51.28
CA GLU O 124 -17.95 -33.61 -52.38
C GLU O 124 -17.33 -34.32 -53.58
N THR O 125 -17.70 -33.86 -54.77
CA THR O 125 -17.23 -34.45 -56.02
C THR O 125 -16.22 -33.48 -56.64
N LYS O 126 -14.95 -33.84 -56.55
CA LYS O 126 -13.85 -33.01 -57.02
C LYS O 126 -12.74 -33.91 -57.53
N ARG O 127 -12.20 -33.60 -58.70
CA ARG O 127 -11.18 -34.44 -59.29
C ARG O 127 -9.91 -34.38 -58.45
N PRO O 128 -9.23 -35.52 -58.24
CA PRO O 128 -8.00 -35.50 -57.45
C PRO O 128 -6.95 -34.62 -58.09
N GLU O 129 -6.01 -34.15 -57.26
CA GLU O 129 -4.89 -33.35 -57.71
C GLU O 129 -3.60 -34.07 -57.37
N LEU O 130 -2.66 -34.04 -58.30
CA LEU O 130 -1.34 -34.62 -58.09
C LEU O 130 -0.28 -33.62 -58.51
N TYR O 131 0.75 -33.48 -57.69
CA TYR O 131 1.84 -32.56 -57.95
C TYR O 131 3.15 -33.31 -57.84
N ARG O 132 4.05 -33.06 -58.80
CA ARG O 132 5.41 -33.56 -58.75
C ARG O 132 6.34 -32.38 -58.52
N ILE O 133 7.23 -32.50 -57.55
CA ILE O 133 8.20 -31.47 -57.21
C ILE O 133 9.58 -32.10 -57.28
N THR O 134 10.43 -31.57 -58.15
CA THR O 134 11.74 -32.17 -58.36
C THR O 134 12.78 -31.53 -57.44
N TYR O 135 14.02 -32.04 -57.53
CA TYR O 135 15.07 -31.65 -56.60
C TYR O 135 15.43 -30.18 -56.67
N ASP O 136 15.12 -29.50 -57.77
CA ASP O 136 15.48 -28.10 -57.93
C ASP O 136 14.30 -27.16 -57.71
N GLY O 137 13.17 -27.69 -57.24
CA GLY O 137 12.01 -26.87 -57.00
C GLY O 137 11.08 -26.70 -58.18
N SER O 138 11.36 -27.37 -59.30
CA SER O 138 10.40 -27.39 -60.40
C SER O 138 9.15 -28.12 -59.96
N ILE O 139 7.99 -27.60 -60.37
CA ILE O 139 6.71 -28.11 -59.91
C ILE O 139 5.84 -28.39 -61.12
N ALA O 140 5.23 -29.57 -61.15
CA ALA O 140 4.39 -29.99 -62.28
C ALA O 140 3.03 -30.42 -61.77
N ASP O 141 2.00 -30.03 -62.51
CA ASP O 141 0.62 -30.37 -62.22
C ASP O 141 0.22 -31.54 -63.12
N GLU O 142 -0.09 -32.68 -62.52
CA GLU O 142 -0.38 -33.89 -63.29
C GLU O 142 -1.82 -34.35 -63.07
N PRO O 143 -2.51 -34.77 -64.14
CA PRO O 143 -3.94 -35.07 -64.02
C PRO O 143 -4.27 -36.51 -63.66
N HIS O 144 -3.40 -37.45 -64.07
CA HIS O 144 -3.71 -38.87 -63.94
C HIS O 144 -2.72 -39.65 -63.08
N PHE O 145 -1.43 -39.39 -63.24
CA PHE O 145 -0.46 -40.17 -62.48
C PHE O 145 0.87 -39.42 -62.42
N VAL O 146 1.71 -39.85 -61.47
CA VAL O 146 3.04 -39.30 -61.26
C VAL O 146 4.00 -40.47 -61.04
N VAL O 147 5.19 -40.39 -61.64
CA VAL O 147 6.22 -41.40 -61.50
C VAL O 147 7.51 -40.72 -61.06
N MET O 148 8.20 -41.32 -60.10
CA MET O 148 9.40 -40.71 -59.52
C MET O 148 10.42 -41.78 -59.16
N GLY O 149 11.69 -41.44 -59.33
CA GLY O 149 12.78 -42.35 -58.95
C GLY O 149 13.11 -43.38 -60.00
N GLY O 150 14.39 -43.75 -60.07
CA GLY O 150 14.85 -44.76 -61.02
C GLY O 150 14.65 -44.31 -62.46
N THR O 151 14.46 -45.29 -63.33
CA THR O 151 14.20 -45.04 -64.75
C THR O 151 12.69 -44.85 -64.94
N THR O 152 12.27 -43.60 -65.13
CA THR O 152 10.85 -43.26 -65.11
C THR O 152 10.15 -43.50 -66.45
N GLU O 153 10.90 -43.51 -67.56
CA GLU O 153 10.27 -43.59 -68.88
C GLU O 153 9.48 -44.88 -69.11
N PRO O 154 10.01 -46.08 -68.84
CA PRO O 154 9.19 -47.29 -69.04
C PRO O 154 7.93 -47.29 -68.20
N ILE O 155 8.04 -46.92 -66.93
CA ILE O 155 6.88 -46.90 -66.05
C ILE O 155 5.85 -45.89 -66.54
N ALA O 156 6.30 -44.71 -66.95
CA ALA O 156 5.38 -43.66 -67.39
C ALA O 156 4.65 -44.07 -68.67
N ASN O 157 5.37 -44.63 -69.63
CA ASN O 157 4.72 -45.06 -70.87
C ASN O 157 3.74 -46.19 -70.62
N ALA O 158 4.13 -47.17 -69.80
CA ALA O 158 3.23 -48.27 -69.46
C ALA O 158 1.95 -47.75 -68.83
N LEU O 159 2.06 -46.74 -67.96
CA LEU O 159 0.88 -46.12 -67.38
C LEU O 159 0.11 -45.32 -68.43
N LYS O 160 0.82 -44.69 -69.37
CA LYS O 160 0.16 -43.79 -70.31
C LYS O 160 -0.83 -44.54 -71.20
N GLU O 161 -0.54 -45.80 -71.53
CA GLU O 161 -1.43 -46.58 -72.38
C GLU O 161 -2.37 -47.48 -71.60
N SER O 162 -2.04 -47.82 -70.36
CA SER O 162 -2.86 -48.73 -69.55
C SER O 162 -3.53 -48.03 -68.38
N TYR O 163 -3.75 -46.73 -68.47
CA TYR O 163 -4.45 -46.00 -67.42
C TYR O 163 -5.91 -45.84 -67.80
N ALA O 164 -6.80 -46.13 -66.84
CA ALA O 164 -8.23 -45.99 -67.02
C ALA O 164 -8.77 -45.04 -65.96
N GLU O 165 -9.48 -44.01 -66.41
CA GLU O 165 -10.14 -43.10 -65.47
C GLU O 165 -11.21 -43.84 -64.68
N ASN O 166 -11.35 -43.48 -63.41
CA ASN O 166 -12.35 -44.08 -62.51
C ASN O 166 -12.20 -45.59 -62.44
N ALA O 167 -10.98 -46.10 -62.63
CA ALA O 167 -10.74 -47.52 -62.50
C ALA O 167 -10.89 -47.96 -61.04
N SER O 168 -11.17 -49.25 -60.86
CA SER O 168 -11.33 -49.79 -59.52
C SER O 168 -9.98 -49.78 -58.79
N LEU O 169 -10.06 -50.00 -57.47
CA LEU O 169 -8.85 -50.10 -56.68
C LEU O 169 -8.00 -51.29 -57.10
N THR O 170 -8.64 -52.42 -57.39
CA THR O 170 -7.90 -53.60 -57.82
C THR O 170 -7.23 -53.35 -59.17
N ASP O 171 -7.97 -52.78 -60.12
CA ASP O 171 -7.40 -52.55 -61.45
C ASP O 171 -6.28 -51.50 -61.40
N ALA O 172 -6.50 -50.40 -60.67
CA ALA O 172 -5.46 -49.40 -60.52
C ALA O 172 -4.22 -49.99 -59.88
N LEU O 173 -4.40 -50.88 -58.90
CA LEU O 173 -3.25 -51.45 -58.20
C LEU O 173 -2.43 -52.36 -59.12
N ARG O 174 -3.09 -53.16 -59.96
CA ARG O 174 -2.36 -54.04 -60.85
C ARG O 174 -1.70 -53.26 -61.98
N ILE O 175 -2.35 -52.21 -62.47
CA ILE O 175 -1.73 -51.31 -63.44
C ILE O 175 -0.45 -50.71 -62.86
N ALA O 176 -0.50 -50.32 -61.58
CA ALA O 176 0.65 -49.68 -60.96
C ALA O 176 1.79 -50.67 -60.76
N VAL O 177 1.49 -51.86 -60.23
CA VAL O 177 2.53 -52.87 -60.02
C VAL O 177 3.13 -53.29 -61.36
N ALA O 178 2.29 -53.43 -62.39
CA ALA O 178 2.79 -53.79 -63.71
C ALA O 178 3.72 -52.72 -64.25
N ALA O 179 3.31 -51.45 -64.14
CA ALA O 179 4.17 -50.36 -64.60
C ALA O 179 5.47 -50.30 -63.82
N LEU O 180 5.44 -50.64 -62.52
CA LEU O 180 6.67 -50.67 -61.74
C LEU O 180 7.55 -51.84 -62.14
N ARG O 181 6.96 -52.99 -62.47
CA ARG O 181 7.74 -54.16 -62.87
C ARG O 181 8.65 -53.83 -64.04
N ALA O 182 8.16 -53.02 -64.99
CA ALA O 182 8.99 -52.54 -66.11
C ALA O 182 9.87 -51.39 -65.62
N GLY O 183 10.84 -51.74 -64.77
CA GLY O 183 11.76 -50.78 -64.21
C GLY O 183 13.10 -51.40 -63.81
N LEU O 195 7.42 -58.53 -57.70
CA LEU O 195 6.98 -57.51 -56.76
C LEU O 195 5.79 -58.00 -55.93
N GLY O 196 6.02 -58.27 -54.65
CA GLY O 196 4.98 -58.78 -53.79
C GLY O 196 4.73 -57.95 -52.55
N VAL O 197 3.97 -58.51 -51.60
CA VAL O 197 3.62 -57.80 -50.39
C VAL O 197 4.86 -57.38 -49.61
N ALA O 198 5.89 -58.24 -49.60
CA ALA O 198 7.09 -57.96 -48.84
C ALA O 198 7.96 -56.87 -49.48
N SER O 199 7.73 -56.54 -50.75
CA SER O 199 8.57 -55.58 -51.45
C SER O 199 7.77 -54.37 -51.95
N LEU O 200 6.60 -54.12 -51.41
CA LEU O 200 5.75 -53.02 -51.83
C LEU O 200 5.24 -52.25 -50.61
N GLU O 201 5.27 -50.93 -50.73
CA GLU O 201 4.57 -50.04 -49.80
C GLU O 201 3.39 -49.45 -50.56
N VAL O 202 2.18 -49.72 -50.07
CA VAL O 202 0.95 -49.31 -50.74
C VAL O 202 0.07 -48.57 -49.76
N ALA O 203 -0.52 -47.46 -50.21
CA ALA O 203 -1.43 -46.67 -49.41
C ALA O 203 -2.31 -45.87 -50.35
N VAL O 204 -3.48 -45.50 -49.87
CA VAL O 204 -4.43 -44.73 -50.68
C VAL O 204 -4.92 -43.52 -49.91
N LEU O 205 -5.25 -42.47 -50.65
CA LEU O 205 -6.10 -41.39 -50.16
C LEU O 205 -7.52 -41.75 -50.55
N ASP O 206 -8.30 -42.24 -49.58
CA ASP O 206 -9.63 -42.78 -49.85
C ASP O 206 -10.64 -41.66 -49.66
N ALA O 207 -11.18 -41.17 -50.77
CA ALA O 207 -12.13 -40.05 -50.76
C ALA O 207 -13.44 -40.40 -50.08
N ASN O 208 -13.64 -41.66 -49.68
CA ASN O 208 -14.85 -42.06 -48.99
C ASN O 208 -14.71 -41.99 -47.47
N ARG O 209 -13.50 -41.86 -46.95
CA ARG O 209 -13.30 -41.72 -45.50
C ARG O 209 -13.86 -40.36 -45.04
N PRO O 210 -14.36 -40.31 -43.79
CA PRO O 210 -15.03 -39.06 -43.37
C PRO O 210 -14.09 -37.88 -43.17
N ARG O 211 -12.90 -38.10 -42.61
CA ARG O 211 -11.97 -36.98 -42.43
C ARG O 211 -10.56 -37.31 -42.90
N ARG O 212 -9.90 -38.24 -42.22
CA ARG O 212 -8.56 -38.64 -42.60
C ARG O 212 -8.64 -39.65 -43.72
N ALA O 213 -8.31 -39.23 -44.95
CA ALA O 213 -8.44 -40.10 -46.10
C ALA O 213 -7.30 -41.10 -46.22
N PHE O 214 -6.16 -40.83 -45.62
CA PHE O 214 -4.99 -41.69 -45.78
C PHE O 214 -5.17 -43.00 -45.03
N ARG O 215 -4.88 -44.12 -45.70
CA ARG O 215 -4.94 -45.44 -45.10
C ARG O 215 -3.99 -46.37 -45.84
N ARG O 216 -3.20 -47.13 -45.08
CA ARG O 216 -2.26 -48.08 -45.65
C ARG O 216 -2.96 -49.41 -45.94
N ILE O 217 -2.67 -49.96 -47.11
CA ILE O 217 -3.12 -51.30 -47.48
C ILE O 217 -1.93 -52.23 -47.30
N THR O 218 -1.99 -53.11 -46.30
CA THR O 218 -0.83 -53.87 -45.87
C THR O 218 -1.18 -55.34 -45.72
N GLY O 219 -0.17 -56.20 -45.90
CA GLY O 219 -0.26 -57.63 -45.69
C GLY O 219 -1.35 -58.41 -46.39
N SER O 220 -2.25 -59.00 -45.59
CA SER O 220 -3.24 -59.91 -46.15
C SER O 220 -4.22 -59.17 -47.04
N ALA O 221 -4.64 -57.96 -46.65
CA ALA O 221 -5.54 -57.18 -47.49
C ALA O 221 -4.87 -56.79 -48.81
N LEU O 222 -3.58 -56.47 -48.75
CA LEU O 222 -2.85 -56.17 -49.97
C LEU O 222 -2.70 -57.40 -50.86
N GLN O 223 -2.43 -58.56 -50.25
CA GLN O 223 -2.35 -59.80 -51.02
C GLN O 223 -3.67 -60.10 -51.72
N ALA O 224 -4.79 -59.95 -51.00
CA ALA O 224 -6.09 -60.17 -51.61
C ALA O 224 -6.35 -59.20 -52.74
N LEU O 225 -5.84 -57.97 -52.63
CA LEU O 225 -6.03 -56.98 -53.68
C LEU O 225 -5.21 -57.32 -54.91
N LEU O 226 -4.05 -57.97 -54.74
CA LEU O 226 -3.23 -58.36 -55.87
C LEU O 226 -3.72 -59.64 -56.55
N VAL O 227 -4.29 -60.56 -55.78
CA VAL O 227 -4.77 -61.81 -56.34
C VAL O 227 -6.29 -61.85 -56.31
N MET P 1 35.12 -12.38 -61.90
CA MET P 1 34.43 -11.12 -61.64
C MET P 1 33.66 -10.66 -62.87
N GLU P 2 34.35 -10.57 -64.00
CA GLU P 2 33.70 -10.09 -65.22
C GLU P 2 33.01 -11.22 -66.00
N GLN P 3 33.62 -12.40 -66.06
CA GLN P 3 32.94 -13.54 -66.66
C GLN P 3 32.12 -14.33 -65.65
N ALA P 4 32.38 -14.14 -64.35
CA ALA P 4 31.48 -14.71 -63.34
C ALA P 4 30.11 -14.05 -63.41
N MET P 5 30.08 -12.72 -63.49
CA MET P 5 28.80 -12.03 -63.66
C MET P 5 28.19 -12.30 -65.03
N ARG P 6 29.01 -12.51 -66.05
CA ARG P 6 28.47 -12.87 -67.36
C ARG P 6 27.96 -14.30 -67.38
N GLU P 7 28.56 -15.18 -66.58
CA GLU P 7 28.01 -16.53 -66.44
C GLU P 7 26.67 -16.50 -65.72
N ARG P 8 26.57 -15.69 -64.66
CA ARG P 8 25.28 -15.50 -64.00
C ARG P 8 24.25 -14.95 -64.96
N SER P 9 24.64 -13.97 -65.78
CA SER P 9 23.74 -13.40 -66.77
C SER P 9 23.25 -14.47 -67.75
N GLU P 10 24.16 -15.34 -68.20
CA GLU P 10 23.78 -16.35 -69.18
C GLU P 10 22.91 -17.45 -68.55
N LEU P 11 23.23 -17.85 -67.31
CA LEU P 11 22.39 -18.82 -66.62
C LEU P 11 20.96 -18.30 -66.50
N ALA P 12 20.81 -17.02 -66.13
CA ALA P 12 19.47 -16.47 -65.97
C ALA P 12 18.78 -16.31 -67.32
N ARG P 13 19.50 -15.84 -68.34
CA ARG P 13 18.90 -15.67 -69.66
C ARG P 13 18.46 -17.00 -70.24
N LYS P 14 19.28 -18.04 -70.07
CA LYS P 14 18.90 -19.38 -70.54
C LYS P 14 17.64 -19.86 -69.84
N GLY P 15 17.58 -19.69 -68.52
CA GLY P 15 16.39 -20.12 -67.78
C GLY P 15 15.14 -19.41 -68.23
N ILE P 16 15.24 -18.12 -68.54
CA ILE P 16 14.06 -17.38 -69.01
C ILE P 16 13.69 -17.79 -70.42
N ALA P 17 14.67 -18.15 -71.25
CA ALA P 17 14.38 -18.54 -72.63
C ALA P 17 13.71 -19.91 -72.70
N ARG P 18 13.97 -20.78 -71.73
CA ARG P 18 13.41 -22.13 -71.76
C ARG P 18 11.98 -22.21 -71.25
N ALA P 19 11.44 -21.12 -70.70
CA ALA P 19 10.07 -21.10 -70.19
C ALA P 19 9.12 -20.52 -71.24
N LYS P 20 7.83 -20.79 -71.05
CA LYS P 20 6.81 -20.30 -71.95
C LYS P 20 6.66 -18.78 -71.83
N SER P 21 5.86 -18.21 -72.72
CA SER P 21 5.82 -16.77 -72.91
C SER P 21 4.60 -16.15 -72.26
N VAL P 22 4.71 -14.85 -71.97
CA VAL P 22 3.65 -14.06 -71.34
C VAL P 22 3.54 -12.73 -72.08
N VAL P 23 2.31 -12.24 -72.22
CA VAL P 23 2.05 -10.96 -72.87
C VAL P 23 1.16 -10.12 -71.97
N ALA P 24 1.49 -8.83 -71.84
CA ALA P 24 0.65 -7.85 -71.16
C ALA P 24 0.52 -6.64 -72.06
N LEU P 25 -0.72 -6.21 -72.32
CA LEU P 25 -0.96 -5.11 -73.24
C LEU P 25 -2.08 -4.22 -72.72
N ALA P 26 -2.05 -2.96 -73.12
CA ALA P 26 -3.07 -1.98 -72.76
C ALA P 26 -4.20 -2.02 -73.78
N TYR P 27 -5.40 -2.27 -73.31
CA TYR P 27 -6.59 -2.22 -74.13
C TYR P 27 -7.52 -1.12 -73.60
N ALA P 28 -8.71 -1.03 -74.20
CA ALA P 28 -9.59 0.09 -73.89
C ALA P 28 -10.09 0.06 -72.45
N GLY P 29 -10.23 -1.13 -71.85
CA GLY P 29 -10.75 -1.26 -70.52
C GLY P 29 -9.72 -1.37 -69.43
N GLY P 30 -8.44 -1.48 -69.80
CA GLY P 30 -7.36 -1.54 -68.83
C GLY P 30 -6.11 -2.20 -69.34
N VAL P 31 -5.71 -3.31 -68.72
CA VAL P 31 -4.57 -4.10 -69.15
C VAL P 31 -5.00 -5.56 -69.22
N LEU P 32 -4.58 -6.24 -70.29
CA LEU P 32 -4.86 -7.65 -70.50
C LEU P 32 -3.58 -8.44 -70.29
N PHE P 33 -3.65 -9.46 -69.44
CA PHE P 33 -2.57 -10.42 -69.27
C PHE P 33 -2.97 -11.73 -69.95
N VAL P 34 -2.11 -12.23 -70.83
CA VAL P 34 -2.31 -13.51 -71.48
C VAL P 34 -0.99 -14.27 -71.42
N ALA P 35 -1.00 -15.43 -70.77
CA ALA P 35 0.17 -16.27 -70.65
C ALA P 35 -0.17 -17.69 -71.08
N GLU P 36 0.80 -18.35 -71.71
CA GLU P 36 0.68 -19.76 -72.03
C GLU P 36 0.90 -20.56 -70.75
N ASN P 37 -0.14 -21.24 -70.29
CA ASN P 37 -0.06 -21.98 -69.03
C ASN P 37 -0.99 -23.19 -69.08
N PRO P 38 -0.44 -24.41 -69.18
CA PRO P 38 -1.29 -25.60 -69.21
C PRO P 38 -1.84 -26.01 -67.85
N SER P 39 -1.22 -25.54 -66.76
CA SER P 39 -1.65 -25.95 -65.43
C SER P 39 -2.99 -25.34 -65.07
N ARG P 40 -3.74 -26.06 -64.25
CA ARG P 40 -5.04 -25.61 -63.77
C ARG P 40 -4.95 -24.81 -62.47
N SER P 41 -3.93 -25.07 -61.66
CA SER P 41 -3.84 -24.48 -60.32
C SER P 41 -2.61 -23.60 -60.12
N LEU P 42 -1.55 -23.78 -60.88
CA LEU P 42 -0.34 -22.97 -60.74
C LEU P 42 -0.43 -21.77 -61.67
N GLN P 43 -0.33 -20.57 -61.09
CA GLN P 43 -0.62 -19.33 -61.80
C GLN P 43 0.65 -18.54 -62.05
N LYS P 44 0.68 -17.83 -63.18
CA LYS P 44 1.75 -16.92 -63.55
C LYS P 44 1.32 -15.46 -63.54
N ILE P 45 0.02 -15.20 -63.47
CA ILE P 45 -0.54 -13.86 -63.37
C ILE P 45 -1.15 -13.72 -61.98
N SER P 46 -1.14 -12.51 -61.44
CA SER P 46 -1.64 -12.36 -60.08
C SER P 46 -1.98 -10.90 -59.77
N GLU P 47 -2.92 -10.73 -58.86
CA GLU P 47 -3.18 -9.43 -58.25
C GLU P 47 -2.08 -9.08 -57.27
N LEU P 48 -1.63 -7.82 -57.32
CA LEU P 48 -0.73 -7.27 -56.31
C LEU P 48 -1.45 -6.32 -55.38
N TYR P 49 -2.23 -5.39 -55.93
CA TYR P 49 -2.97 -4.44 -55.12
C TYR P 49 -4.20 -4.01 -55.92
N ASP P 50 -4.89 -2.99 -55.40
CA ASP P 50 -6.20 -2.60 -55.94
C ASP P 50 -6.16 -2.46 -57.45
N ARG P 51 -5.20 -1.70 -57.97
CA ARG P 51 -5.12 -1.42 -59.40
C ARG P 51 -3.81 -1.90 -60.00
N VAL P 52 -3.11 -2.82 -59.33
CA VAL P 52 -1.77 -3.24 -59.74
C VAL P 52 -1.76 -4.74 -59.95
N GLY P 53 -1.32 -5.17 -61.14
CA GLY P 53 -1.24 -6.57 -61.50
C GLY P 53 0.20 -7.03 -61.68
N PHE P 54 0.34 -8.35 -61.74
CA PHE P 54 1.65 -8.99 -61.78
C PHE P 54 1.63 -10.10 -62.81
N ALA P 55 2.66 -10.14 -63.65
CA ALA P 55 2.87 -11.22 -64.60
C ALA P 55 4.35 -11.58 -64.61
N ALA P 56 4.64 -12.87 -64.72
CA ALA P 56 6.02 -13.34 -64.68
C ALA P 56 6.25 -14.47 -65.66
N ALA P 57 7.51 -14.62 -66.06
CA ALA P 57 7.98 -15.76 -66.83
C ALA P 57 9.27 -16.27 -66.21
N GLY P 58 9.50 -17.58 -66.33
CA GLY P 58 10.70 -18.19 -65.81
C GLY P 58 10.39 -19.31 -64.82
N LYS P 59 11.29 -19.48 -63.86
CA LYS P 59 11.15 -20.56 -62.89
C LYS P 59 10.07 -20.22 -61.86
N PHE P 60 9.14 -21.16 -61.64
CA PHE P 60 7.94 -20.84 -60.89
C PHE P 60 8.24 -20.42 -59.46
N ASN P 61 8.99 -21.25 -58.72
CA ASN P 61 9.21 -20.96 -57.31
C ASN P 61 9.91 -19.63 -57.11
N GLU P 62 10.69 -19.18 -58.10
CA GLU P 62 11.43 -17.93 -57.95
C GLU P 62 10.54 -16.72 -58.23
N PHE P 63 9.76 -16.74 -59.31
CA PHE P 63 8.87 -15.60 -59.51
C PHE P 63 7.66 -15.66 -58.58
N ASP P 64 7.36 -16.83 -58.01
CA ASP P 64 6.34 -16.90 -56.97
C ASP P 64 6.85 -16.30 -55.66
N ASN P 65 8.13 -16.52 -55.32
CA ASN P 65 8.73 -15.82 -54.20
C ASN P 65 8.62 -14.31 -54.37
N LEU P 66 8.93 -13.81 -55.57
CA LEU P 66 8.85 -12.38 -55.82
C LEU P 66 7.40 -11.90 -55.85
N ARG P 67 6.48 -12.73 -56.35
CA ARG P 67 5.07 -12.37 -56.28
C ARG P 67 4.62 -12.19 -54.83
N ARG P 68 5.00 -13.11 -53.95
CA ARG P 68 4.62 -13.01 -52.55
C ARG P 68 5.29 -11.82 -51.87
N GLY P 69 6.55 -11.56 -52.21
CA GLY P 69 7.22 -10.38 -51.67
C GLY P 69 6.56 -9.09 -52.10
N GLY P 70 6.08 -9.04 -53.35
CA GLY P 70 5.39 -7.85 -53.83
C GLY P 70 4.09 -7.61 -53.09
N ILE P 71 3.31 -8.66 -52.85
CA ILE P 71 2.06 -8.53 -52.11
C ILE P 71 2.34 -8.08 -50.68
N GLN P 72 3.36 -8.68 -50.06
CA GLN P 72 3.77 -8.24 -48.72
C GLN P 72 4.11 -6.76 -48.71
N PHE P 73 4.94 -6.31 -49.66
CA PHE P 73 5.32 -4.90 -49.73
C PHE P 73 4.10 -4.02 -49.94
N ALA P 74 3.24 -4.38 -50.89
CA ALA P 74 2.09 -3.54 -51.22
C ALA P 74 1.14 -3.44 -50.03
N ASP P 75 0.81 -4.57 -49.41
CA ASP P 75 -0.12 -4.55 -48.28
C ASP P 75 0.47 -3.78 -47.11
N THR P 76 1.76 -3.97 -46.83
CA THR P 76 2.42 -3.22 -45.76
C THR P 76 2.39 -1.72 -46.03
N ARG P 77 2.63 -1.32 -47.28
CA ARG P 77 2.64 0.10 -47.62
C ARG P 77 1.26 0.70 -47.50
N GLY P 78 0.23 0.00 -47.99
CA GLY P 78 -1.12 0.51 -47.89
C GLY P 78 -1.62 0.60 -46.47
N TYR P 79 -1.19 -0.33 -45.61
CA TYR P 79 -1.59 -0.27 -44.21
C TYR P 79 -0.82 0.81 -43.46
N ALA P 80 0.49 0.91 -43.68
CA ALA P 80 1.29 1.91 -42.98
C ALA P 80 0.96 3.32 -43.41
N TYR P 81 0.39 3.51 -44.61
CA TYR P 81 0.04 4.83 -45.10
C TYR P 81 -1.44 4.81 -45.46
N ASP P 82 -1.78 4.72 -46.74
CA ASP P 82 -3.16 4.55 -47.18
C ASP P 82 -3.12 3.79 -48.50
N ARG P 83 -4.22 3.10 -48.80
CA ARG P 83 -4.29 2.29 -50.01
C ARG P 83 -3.89 3.07 -51.26
N ARG P 84 -4.39 4.30 -51.39
CA ARG P 84 -4.11 5.13 -52.56
C ARG P 84 -2.64 5.49 -52.70
N ASP P 85 -1.82 5.30 -51.67
CA ASP P 85 -0.40 5.61 -51.78
C ASP P 85 0.40 4.50 -52.46
N VAL P 86 -0.20 3.33 -52.68
CA VAL P 86 0.47 2.24 -53.38
C VAL P 86 0.35 2.46 -54.88
N THR P 87 1.49 2.41 -55.58
CA THR P 87 1.53 2.63 -57.03
C THR P 87 2.29 1.50 -57.70
N GLY P 88 1.98 1.29 -58.98
CA GLY P 88 2.74 0.32 -59.76
C GLY P 88 4.20 0.71 -59.91
N ARG P 89 4.48 2.02 -59.96
CA ARG P 89 5.87 2.47 -60.12
C ARG P 89 6.74 2.03 -58.96
N GLN P 90 6.27 2.24 -57.72
CA GLN P 90 7.09 1.87 -56.57
C GLN P 90 7.17 0.36 -56.41
N LEU P 91 6.15 -0.39 -56.87
CA LEU P 91 6.25 -1.83 -56.88
C LEU P 91 7.31 -2.31 -57.88
N ALA P 92 7.35 -1.70 -59.06
CA ALA P 92 8.43 -2.00 -60.00
C ALA P 92 9.78 -1.55 -59.45
N ASN P 93 9.80 -0.40 -58.77
CA ASN P 93 11.04 0.11 -58.19
C ASN P 93 11.62 -0.88 -57.19
N VAL P 94 10.79 -1.41 -56.29
CA VAL P 94 11.32 -2.35 -55.30
C VAL P 94 11.63 -3.70 -55.93
N TYR P 95 10.92 -4.08 -56.99
CA TYR P 95 11.29 -5.29 -57.72
C TYR P 95 12.67 -5.14 -58.37
N ALA P 96 12.97 -3.95 -58.90
CA ALA P 96 14.28 -3.71 -59.49
C ALA P 96 15.38 -3.78 -58.45
N GLN P 97 15.17 -3.16 -57.28
CA GLN P 97 16.14 -3.24 -56.19
C GLN P 97 16.34 -4.69 -55.76
N THR P 98 15.25 -5.46 -55.62
CA THR P 98 15.35 -6.81 -55.11
C THR P 98 16.06 -7.73 -56.10
N LEU P 99 15.68 -7.66 -57.38
CA LEU P 99 16.34 -8.49 -58.38
C LEU P 99 17.80 -8.11 -58.56
N GLY P 100 18.12 -6.81 -58.47
CA GLY P 100 19.52 -6.40 -58.50
C GLY P 100 20.33 -7.02 -57.38
N THR P 101 19.77 -7.03 -56.16
CA THR P 101 20.47 -7.64 -55.04
C THR P 101 20.61 -9.15 -55.24
N ILE P 102 19.55 -9.81 -55.70
CA ILE P 102 19.58 -11.26 -55.91
C ILE P 102 20.62 -11.61 -56.97
N PHE P 103 20.65 -10.86 -58.07
CA PHE P 103 21.53 -11.18 -59.17
C PHE P 103 23.00 -11.09 -58.77
N THR P 104 23.35 -10.20 -57.84
CA THR P 104 24.74 -10.04 -57.44
C THR P 104 25.14 -10.85 -56.22
N GLU P 105 24.19 -11.19 -55.34
CA GLU P 105 24.56 -11.74 -54.03
C GLU P 105 24.09 -13.17 -53.79
N GLN P 106 22.98 -13.61 -54.36
CA GLN P 106 22.50 -14.95 -54.09
C GLN P 106 23.36 -15.99 -54.78
N ALA P 107 23.31 -17.23 -54.28
CA ALA P 107 24.12 -18.30 -54.84
C ALA P 107 23.84 -18.48 -56.32
N LYS P 108 22.56 -18.53 -56.70
CA LYS P 108 22.16 -18.60 -58.09
C LYS P 108 21.26 -17.43 -58.41
N PRO P 109 21.47 -16.74 -59.54
CA PRO P 109 20.55 -15.67 -59.92
C PRO P 109 19.16 -16.22 -60.22
N TYR P 110 18.16 -15.38 -60.05
CA TYR P 110 16.78 -15.78 -60.35
C TYR P 110 16.56 -15.80 -61.85
N GLU P 111 16.07 -16.93 -62.35
CA GLU P 111 15.72 -17.08 -63.77
C GLU P 111 14.28 -16.63 -63.98
N VAL P 112 14.07 -15.33 -63.80
CA VAL P 112 12.72 -14.75 -63.84
C VAL P 112 12.74 -13.44 -64.60
N GLU P 113 11.55 -13.05 -65.07
CA GLU P 113 11.31 -11.77 -65.72
C GLU P 113 9.91 -11.32 -65.34
N LEU P 114 9.78 -10.09 -64.85
CA LEU P 114 8.54 -9.62 -64.25
C LEU P 114 7.92 -8.48 -65.03
N CYS P 115 6.59 -8.45 -65.05
CA CYS P 115 5.83 -7.29 -65.51
C CYS P 115 4.92 -6.81 -64.38
N VAL P 116 4.98 -5.51 -64.09
CA VAL P 116 4.06 -4.85 -63.17
C VAL P 116 3.22 -3.87 -63.97
N ALA P 117 1.90 -3.97 -63.84
CA ALA P 117 0.96 -3.15 -64.58
C ALA P 117 0.01 -2.44 -63.63
N GLU P 118 -0.34 -1.19 -63.98
CA GLU P 118 -1.27 -0.42 -63.18
C GLU P 118 -2.26 0.30 -64.09
N VAL P 119 -3.52 0.26 -63.71
CA VAL P 119 -4.58 0.95 -64.43
C VAL P 119 -5.10 2.08 -63.55
N ALA P 120 -5.89 2.97 -64.14
CA ALA P 120 -6.40 4.11 -63.41
C ALA P 120 -7.37 3.67 -62.31
N HIS P 121 -7.51 4.52 -61.31
CA HIS P 121 -8.53 4.31 -60.30
C HIS P 121 -9.91 4.57 -60.90
N TYR P 122 -10.93 3.99 -60.27
CA TYR P 122 -12.29 4.08 -60.77
C TYR P 122 -12.72 5.53 -60.98
N GLY P 123 -13.31 5.80 -62.13
CA GLY P 123 -13.77 7.14 -62.46
C GLY P 123 -12.69 8.11 -62.89
N GLU P 124 -11.42 7.70 -62.87
CA GLU P 124 -10.32 8.56 -63.27
C GLU P 124 -9.75 8.08 -64.59
N THR P 125 -9.32 9.02 -65.42
CA THR P 125 -8.76 8.72 -66.74
C THR P 125 -7.25 8.90 -66.70
N LYS P 126 -6.53 7.81 -66.93
CA LYS P 126 -5.08 7.80 -66.89
C LYS P 126 -4.60 6.58 -67.66
N ARG P 127 -3.67 6.78 -68.57
CA ARG P 127 -3.24 5.68 -69.44
C ARG P 127 -2.59 4.59 -68.59
N PRO P 128 -2.81 3.32 -68.93
CA PRO P 128 -2.15 2.23 -68.19
C PRO P 128 -0.64 2.35 -68.23
N GLU P 129 0.00 1.97 -67.13
CA GLU P 129 1.44 1.94 -67.02
C GLU P 129 1.91 0.49 -67.00
N LEU P 130 2.95 0.20 -67.78
CA LEU P 130 3.52 -1.14 -67.86
C LEU P 130 5.00 -1.04 -67.54
N TYR P 131 5.48 -1.93 -66.66
CA TYR P 131 6.89 -1.96 -66.30
C TYR P 131 7.42 -3.36 -66.49
N ARG P 132 8.65 -3.45 -67.00
CA ARG P 132 9.36 -4.71 -67.13
C ARG P 132 10.60 -4.67 -66.23
N ILE P 133 10.80 -5.74 -65.46
CA ILE P 133 11.95 -5.87 -64.59
C ILE P 133 12.62 -7.20 -64.92
N THR P 134 13.86 -7.15 -65.39
CA THR P 134 14.57 -8.34 -65.81
C THR P 134 15.39 -8.92 -64.66
N TYR P 135 16.06 -10.04 -64.93
CA TYR P 135 16.71 -10.81 -63.87
C TYR P 135 17.80 -10.05 -63.16
N ASP P 136 18.40 -9.05 -63.80
CA ASP P 136 19.49 -8.29 -63.19
C ASP P 136 19.01 -7.04 -62.45
N GLY P 137 17.71 -6.75 -62.50
CA GLY P 137 17.19 -5.55 -61.89
C GLY P 137 16.98 -4.38 -62.83
N SER P 138 17.34 -4.53 -64.11
CA SER P 138 17.05 -3.49 -65.09
C SER P 138 15.54 -3.29 -65.18
N ILE P 139 15.13 -2.05 -65.36
CA ILE P 139 13.72 -1.69 -65.31
C ILE P 139 13.41 -0.83 -66.53
N ALA P 140 12.30 -1.15 -67.21
CA ALA P 140 11.91 -0.46 -68.42
C ALA P 140 10.43 -0.11 -68.35
N ASP P 141 10.10 1.12 -68.75
CA ASP P 141 8.73 1.62 -68.79
C ASP P 141 8.24 1.57 -70.22
N GLU P 142 7.27 0.68 -70.49
CA GLU P 142 6.69 0.50 -71.82
C GLU P 142 5.30 1.11 -71.90
N PRO P 143 4.89 1.59 -73.08
CA PRO P 143 3.60 2.29 -73.19
C PRO P 143 2.46 1.41 -73.68
N HIS P 144 2.76 0.33 -74.41
CA HIS P 144 1.71 -0.42 -75.08
C HIS P 144 1.68 -1.89 -74.72
N PHE P 145 2.82 -2.56 -74.66
CA PHE P 145 2.82 -3.99 -74.36
C PHE P 145 4.17 -4.39 -73.79
N VAL P 146 4.19 -5.58 -73.20
CA VAL P 146 5.40 -6.22 -72.68
C VAL P 146 5.32 -7.70 -72.99
N VAL P 147 6.39 -8.26 -73.54
CA VAL P 147 6.49 -9.69 -73.81
C VAL P 147 7.62 -10.23 -72.95
N MET P 148 7.43 -11.43 -72.40
CA MET P 148 8.40 -12.02 -71.48
C MET P 148 8.48 -13.52 -71.71
N GLY P 149 9.68 -14.06 -71.58
CA GLY P 149 9.89 -15.50 -71.61
C GLY P 149 9.95 -16.10 -72.99
N GLY P 150 10.72 -17.18 -73.13
CA GLY P 150 10.85 -17.91 -74.38
C GLY P 150 11.40 -17.04 -75.50
N THR P 151 11.04 -17.41 -76.73
CA THR P 151 11.44 -16.65 -77.91
C THR P 151 10.57 -15.40 -77.98
N THR P 152 11.10 -14.28 -77.51
CA THR P 152 10.29 -13.09 -77.32
C THR P 152 10.15 -12.26 -78.61
N GLU P 153 11.17 -12.24 -79.46
CA GLU P 153 11.18 -11.30 -80.58
C GLU P 153 10.06 -11.53 -81.58
N PRO P 154 9.76 -12.76 -82.03
CA PRO P 154 8.61 -12.91 -82.93
C PRO P 154 7.28 -12.46 -82.34
N ILE P 155 7.06 -12.73 -81.05
CA ILE P 155 5.83 -12.25 -80.40
C ILE P 155 5.84 -10.73 -80.34
N ALA P 156 7.00 -10.14 -80.02
CA ALA P 156 7.08 -8.68 -79.91
C ALA P 156 6.78 -8.01 -81.24
N ASN P 157 7.28 -8.57 -82.34
CA ASN P 157 7.05 -7.96 -83.64
C ASN P 157 5.63 -8.21 -84.15
N ALA P 158 5.03 -9.35 -83.79
CA ALA P 158 3.63 -9.57 -84.12
C ALA P 158 2.74 -8.53 -83.45
N LEU P 159 3.00 -8.23 -82.18
CA LEU P 159 2.31 -7.11 -81.53
C LEU P 159 2.72 -5.78 -82.14
N LYS P 160 3.98 -5.65 -82.57
CA LYS P 160 4.43 -4.41 -83.18
C LYS P 160 3.61 -4.09 -84.43
N GLU P 161 3.09 -5.10 -85.12
CA GLU P 161 2.31 -4.90 -86.33
C GLU P 161 0.82 -4.75 -86.04
N SER P 162 0.26 -5.63 -85.21
CA SER P 162 -1.18 -5.76 -85.08
C SER P 162 -1.76 -5.04 -83.87
N TYR P 163 -0.95 -4.45 -83.01
CA TYR P 163 -1.48 -3.76 -81.84
C TYR P 163 -2.14 -2.44 -82.24
N ALA P 164 -3.28 -2.16 -81.63
CA ALA P 164 -3.98 -0.89 -81.80
C ALA P 164 -4.45 -0.42 -80.44
N GLU P 165 -4.25 0.87 -80.16
CA GLU P 165 -4.66 1.43 -78.87
C GLU P 165 -6.18 1.38 -78.74
N ASN P 166 -6.64 1.23 -77.48
CA ASN P 166 -8.06 1.26 -77.14
C ASN P 166 -8.86 0.18 -77.87
N ALA P 167 -8.21 -0.92 -78.23
CA ALA P 167 -8.93 -2.04 -78.81
C ALA P 167 -9.89 -2.63 -77.78
N SER P 168 -10.91 -3.33 -78.29
CA SER P 168 -11.84 -3.99 -77.40
C SER P 168 -11.15 -5.15 -76.69
N LEU P 169 -11.84 -5.72 -75.70
CA LEU P 169 -11.27 -6.86 -74.98
C LEU P 169 -11.11 -8.06 -75.90
N THR P 170 -12.12 -8.35 -76.74
CA THR P 170 -12.03 -9.47 -77.67
C THR P 170 -10.95 -9.25 -78.71
N ASP P 171 -10.83 -8.02 -79.23
CA ASP P 171 -9.79 -7.72 -80.20
C ASP P 171 -8.41 -7.89 -79.57
N ALA P 172 -8.23 -7.38 -78.35
CA ALA P 172 -6.94 -7.50 -77.67
C ALA P 172 -6.62 -8.95 -77.36
N LEU P 173 -7.62 -9.74 -76.98
CA LEU P 173 -7.38 -11.16 -76.71
C LEU P 173 -6.98 -11.91 -77.97
N ARG P 174 -7.62 -11.59 -79.10
CA ARG P 174 -7.23 -12.22 -80.37
C ARG P 174 -5.79 -11.87 -80.73
N ILE P 175 -5.45 -10.58 -80.68
CA ILE P 175 -4.10 -10.15 -81.03
C ILE P 175 -3.07 -10.81 -80.14
N ALA P 176 -3.36 -10.93 -78.84
CA ALA P 176 -2.40 -11.52 -77.91
C ALA P 176 -2.22 -13.00 -78.18
N VAL P 177 -3.32 -13.75 -78.34
CA VAL P 177 -3.22 -15.18 -78.62
C VAL P 177 -2.49 -15.41 -79.92
N ALA P 178 -2.76 -14.59 -80.94
CA ALA P 178 -2.09 -14.74 -82.23
C ALA P 178 -0.60 -14.46 -82.10
N ALA P 179 -0.23 -13.38 -81.41
CA ALA P 179 1.18 -13.05 -81.25
C ALA P 179 1.91 -14.14 -80.48
N LEU P 180 1.23 -14.77 -79.51
CA LEU P 180 1.84 -15.87 -78.78
C LEU P 180 2.07 -17.08 -79.68
N ARG P 181 1.10 -17.40 -80.54
CA ARG P 181 1.28 -18.51 -81.48
C ARG P 181 2.40 -18.22 -82.46
N ALA P 182 2.67 -16.95 -82.76
CA ALA P 182 3.78 -16.61 -83.63
C ALA P 182 5.12 -17.04 -83.04
N GLY P 183 5.23 -17.02 -81.71
CA GLY P 183 6.44 -17.42 -81.03
C GLY P 183 6.62 -18.90 -80.79
N SER P 184 5.69 -19.73 -81.25
CA SER P 184 5.80 -21.17 -81.11
C SER P 184 4.91 -21.89 -82.12
N THR P 194 -1.80 -26.54 -80.01
CA THR P 194 -2.53 -25.31 -80.27
C THR P 194 -3.00 -24.67 -78.95
N LEU P 195 -3.23 -23.36 -78.97
CA LEU P 195 -3.50 -22.58 -77.77
C LEU P 195 -5.01 -22.37 -77.60
N GLY P 196 -5.58 -23.00 -76.59
CA GLY P 196 -6.97 -22.78 -76.22
C GLY P 196 -7.12 -22.55 -74.73
N VAL P 197 -8.36 -22.64 -74.23
CA VAL P 197 -8.61 -22.45 -72.80
C VAL P 197 -7.80 -23.45 -71.97
N ALA P 198 -7.47 -24.61 -72.55
CA ALA P 198 -6.74 -25.64 -71.82
C ALA P 198 -5.28 -25.30 -71.63
N SER P 199 -4.75 -24.31 -72.38
CA SER P 199 -3.34 -23.96 -72.30
C SER P 199 -3.12 -22.47 -72.10
N LEU P 200 -4.11 -21.76 -71.58
CA LEU P 200 -4.03 -20.32 -71.42
C LEU P 200 -4.40 -19.89 -70.01
N GLU P 201 -3.70 -18.88 -69.51
CA GLU P 201 -4.05 -18.18 -68.29
C GLU P 201 -4.27 -16.72 -68.65
N VAL P 202 -5.50 -16.25 -68.47
CA VAL P 202 -5.90 -14.92 -68.90
C VAL P 202 -6.55 -14.19 -67.73
N ALA P 203 -6.19 -12.92 -67.57
CA ALA P 203 -6.81 -12.05 -66.58
C ALA P 203 -6.67 -10.61 -67.05
N VAL P 204 -7.44 -9.72 -66.44
CA VAL P 204 -7.41 -8.32 -66.80
C VAL P 204 -7.29 -7.47 -65.54
N LEU P 205 -6.71 -6.28 -65.71
CA LEU P 205 -6.88 -5.19 -64.78
C LEU P 205 -7.99 -4.31 -65.35
N ASP P 206 -9.18 -4.42 -64.77
CA ASP P 206 -10.38 -3.79 -65.33
C ASP P 206 -10.57 -2.44 -64.66
N ALA P 207 -10.24 -1.37 -65.38
CA ALA P 207 -10.36 -0.02 -64.83
C ALA P 207 -11.80 0.37 -64.54
N ASN P 208 -12.79 -0.46 -64.87
CA ASN P 208 -14.18 -0.16 -64.55
C ASN P 208 -14.61 -0.80 -63.24
N ARG P 209 -13.76 -1.61 -62.61
CA ARG P 209 -14.06 -2.14 -61.30
C ARG P 209 -13.97 -1.04 -60.24
N PRO P 210 -14.82 -1.09 -59.22
CA PRO P 210 -14.81 -0.01 -58.22
C PRO P 210 -13.54 0.05 -57.38
N ARG P 211 -13.06 -1.09 -56.89
CA ARG P 211 -11.81 -1.07 -56.12
C ARG P 211 -10.77 -2.03 -56.67
N ARG P 212 -11.03 -3.33 -56.57
CA ARG P 212 -10.07 -4.34 -57.00
C ARG P 212 -10.28 -4.59 -58.48
N ALA P 213 -9.33 -4.15 -59.31
CA ALA P 213 -9.47 -4.24 -60.75
C ALA P 213 -9.17 -5.63 -61.30
N PHE P 214 -8.40 -6.43 -60.58
CA PHE P 214 -7.95 -7.71 -61.11
C PHE P 214 -9.09 -8.72 -61.14
N ARG P 215 -9.29 -9.37 -62.29
CA ARG P 215 -10.24 -10.46 -62.40
C ARG P 215 -9.78 -11.42 -63.49
N ARG P 216 -9.90 -12.71 -63.22
CA ARG P 216 -9.51 -13.75 -64.15
C ARG P 216 -10.65 -14.07 -65.10
N ILE P 217 -10.29 -14.58 -66.28
CA ILE P 217 -11.24 -14.97 -67.31
C ILE P 217 -10.96 -16.43 -67.62
N THR P 218 -11.81 -17.33 -67.11
CA THR P 218 -11.57 -18.76 -67.17
C THR P 218 -12.77 -19.49 -67.74
N GLY P 219 -12.51 -20.63 -68.38
CA GLY P 219 -13.57 -21.54 -68.74
C GLY P 219 -14.52 -20.98 -69.78
N SER P 220 -15.81 -21.01 -69.45
CA SER P 220 -16.85 -20.64 -70.42
C SER P 220 -16.68 -19.20 -70.90
N ALA P 221 -16.39 -18.28 -69.98
CA ALA P 221 -16.22 -16.88 -70.38
C ALA P 221 -15.06 -16.72 -71.33
N LEU P 222 -13.92 -17.37 -71.04
CA LEU P 222 -12.77 -17.25 -71.92
C LEU P 222 -13.04 -17.88 -73.28
N GLN P 223 -13.67 -19.05 -73.29
CA GLN P 223 -14.03 -19.70 -74.56
C GLN P 223 -14.95 -18.80 -75.38
N ALA P 224 -15.89 -18.11 -74.71
CA ALA P 224 -16.80 -17.22 -75.42
C ALA P 224 -16.06 -16.02 -76.02
N LEU P 225 -14.98 -15.57 -75.38
CA LEU P 225 -14.20 -14.46 -75.93
C LEU P 225 -13.16 -14.92 -76.95
N LEU P 226 -12.91 -16.21 -77.06
CA LEU P 226 -12.01 -16.75 -78.08
C LEU P 226 -12.72 -17.08 -79.38
N VAL P 227 -14.03 -16.81 -79.48
CA VAL P 227 -14.79 -17.06 -80.69
C VAL P 227 -15.51 -15.79 -81.12
N MET Q 1 44.70 -9.61 -55.78
CA MET Q 1 44.55 -8.33 -55.09
C MET Q 1 44.53 -7.17 -56.08
N GLU Q 2 45.68 -6.92 -56.73
CA GLU Q 2 45.74 -5.82 -57.69
C GLU Q 2 44.98 -6.17 -58.97
N GLN Q 3 44.91 -7.45 -59.34
CA GLN Q 3 44.09 -7.84 -60.48
C GLN Q 3 42.62 -7.85 -60.12
N ALA Q 4 42.29 -8.27 -58.89
CA ALA Q 4 40.90 -8.22 -58.44
C ALA Q 4 40.37 -6.79 -58.51
N MET Q 5 41.15 -5.82 -58.02
CA MET Q 5 40.70 -4.43 -58.04
C MET Q 5 40.73 -3.85 -59.46
N ARG Q 6 41.61 -4.34 -60.32
CA ARG Q 6 41.60 -3.90 -61.71
C ARG Q 6 40.36 -4.42 -62.44
N GLU Q 7 39.97 -5.67 -62.16
CA GLU Q 7 38.76 -6.22 -62.78
C GLU Q 7 37.51 -5.49 -62.30
N ARG Q 8 37.40 -5.25 -61.00
CA ARG Q 8 36.24 -4.54 -60.47
C ARG Q 8 36.19 -3.11 -61.01
N SER Q 9 37.33 -2.43 -61.06
CA SER Q 9 37.36 -1.09 -61.63
C SER Q 9 36.97 -1.11 -63.10
N GLU Q 10 37.38 -2.14 -63.83
CA GLU Q 10 37.06 -2.21 -65.25
C GLU Q 10 35.57 -2.50 -65.47
N LEU Q 11 35.00 -3.42 -64.69
CA LEU Q 11 33.57 -3.69 -64.79
C LEU Q 11 32.77 -2.41 -64.56
N ALA Q 12 33.13 -1.65 -63.53
CA ALA Q 12 32.39 -0.43 -63.22
C ALA Q 12 32.58 0.63 -64.31
N ARG Q 13 33.82 0.81 -64.77
CA ARG Q 13 34.08 1.81 -65.82
C ARG Q 13 33.31 1.49 -67.08
N LYS Q 14 33.30 0.22 -67.49
CA LYS Q 14 32.55 -0.18 -68.68
C LYS Q 14 31.07 0.03 -68.49
N GLY Q 15 30.53 -0.37 -67.33
CA GLY Q 15 29.11 -0.16 -67.06
C GLY Q 15 28.71 1.30 -67.15
N ILE Q 16 29.57 2.19 -66.66
CA ILE Q 16 29.29 3.62 -66.76
C ILE Q 16 29.45 4.09 -68.21
N ALA Q 17 30.45 3.56 -68.91
CA ALA Q 17 30.67 3.96 -70.29
C ALA Q 17 29.51 3.57 -71.20
N ARG Q 18 28.79 2.50 -70.86
CA ARG Q 18 27.65 2.06 -71.66
C ARG Q 18 26.35 2.75 -71.25
N ALA Q 19 26.43 3.81 -70.45
CA ALA Q 19 25.25 4.46 -69.90
C ALA Q 19 25.00 5.80 -70.56
N LYS Q 20 23.75 6.26 -70.47
CA LYS Q 20 23.38 7.56 -71.00
C LYS Q 20 24.00 8.68 -70.16
N SER Q 21 24.06 9.88 -70.74
CA SER Q 21 24.88 10.96 -70.22
C SER Q 21 24.05 11.99 -69.45
N VAL Q 22 24.68 12.56 -68.42
CA VAL Q 22 24.09 13.60 -67.58
C VAL Q 22 25.11 14.73 -67.45
N VAL Q 23 24.64 15.97 -67.45
CA VAL Q 23 25.50 17.09 -67.10
C VAL Q 23 24.77 17.97 -66.09
N ALA Q 24 25.56 18.63 -65.25
CA ALA Q 24 25.09 19.65 -64.33
C ALA Q 24 26.03 20.83 -64.41
N LEU Q 25 25.48 22.03 -64.43
CA LEU Q 25 26.31 23.22 -64.55
C LEU Q 25 25.71 24.37 -63.75
N ALA Q 26 26.57 25.24 -63.26
CA ALA Q 26 26.15 26.46 -62.59
C ALA Q 26 25.71 27.49 -63.62
N TYR Q 27 24.66 28.23 -63.28
CA TYR Q 27 24.19 29.35 -64.09
C TYR Q 27 23.73 30.45 -63.14
N ALA Q 28 23.27 31.56 -63.71
CA ALA Q 28 22.97 32.75 -62.92
C ALA Q 28 21.96 32.47 -61.82
N GLY Q 29 21.01 31.58 -62.06
CA GLY Q 29 19.97 31.31 -61.09
C GLY Q 29 20.19 30.11 -60.20
N GLY Q 30 21.35 29.46 -60.29
CA GLY Q 30 21.63 28.31 -59.45
C GLY Q 30 22.39 27.20 -60.16
N VAL Q 31 21.80 26.01 -60.19
CA VAL Q 31 22.38 24.85 -60.86
C VAL Q 31 21.31 24.24 -61.76
N LEU Q 32 21.72 23.76 -62.92
CA LEU Q 32 20.83 23.11 -63.88
C LEU Q 32 21.30 21.68 -64.11
N PHE Q 33 20.35 20.75 -64.10
CA PHE Q 33 20.59 19.35 -64.42
C PHE Q 33 19.85 19.01 -65.71
N VAL Q 34 20.55 18.41 -66.67
CA VAL Q 34 19.89 17.82 -67.84
C VAL Q 34 20.47 16.43 -68.06
N ALA Q 35 19.61 15.49 -68.44
CA ALA Q 35 20.03 14.12 -68.66
C ALA Q 35 19.21 13.52 -69.79
N GLU Q 36 19.84 12.61 -70.53
CA GLU Q 36 19.15 11.88 -71.60
C GLU Q 36 18.31 10.78 -70.96
N ASN Q 37 16.99 10.95 -70.97
CA ASN Q 37 16.11 9.98 -70.33
C ASN Q 37 14.79 9.89 -71.09
N PRO Q 38 14.52 8.76 -71.74
CA PRO Q 38 13.22 8.59 -72.43
C PRO Q 38 12.09 8.18 -71.52
N SER Q 39 12.37 7.77 -70.28
CA SER Q 39 11.32 7.32 -69.38
C SER Q 39 10.46 8.49 -68.93
N ARG Q 40 9.18 8.19 -68.70
CA ARG Q 40 8.24 9.18 -68.19
C ARG Q 40 7.90 8.98 -66.73
N SER Q 41 8.51 7.99 -66.07
CA SER Q 41 8.22 7.72 -64.66
C SER Q 41 9.50 7.56 -63.85
N LEU Q 42 10.56 7.05 -64.48
CA LEU Q 42 11.83 6.85 -63.81
C LEU Q 42 12.69 8.11 -63.91
N GLN Q 43 13.46 8.39 -62.86
CA GLN Q 43 14.18 9.65 -62.74
C GLN Q 43 15.62 9.42 -62.33
N LYS Q 44 16.52 10.22 -62.92
CA LYS Q 44 17.95 10.22 -62.60
C LYS Q 44 18.37 11.47 -61.85
N ILE Q 45 17.48 12.44 -61.70
CA ILE Q 45 17.75 13.70 -61.00
C ILE Q 45 16.72 13.82 -59.89
N SER Q 46 17.16 14.30 -58.71
CA SER Q 46 16.24 14.33 -57.59
C SER Q 46 16.69 15.35 -56.55
N GLU Q 47 15.71 15.83 -55.80
CA GLU Q 47 15.99 16.60 -54.60
C GLU Q 47 16.62 15.70 -53.54
N LEU Q 48 17.60 16.23 -52.83
CA LEU Q 48 18.14 15.59 -51.64
C LEU Q 48 17.76 16.34 -50.36
N TYR Q 49 17.95 17.66 -50.35
CA TYR Q 49 17.60 18.49 -49.23
C TYR Q 49 17.27 19.88 -49.77
N ASP Q 50 17.00 20.82 -48.87
CA ASP Q 50 16.52 22.15 -49.25
C ASP Q 50 17.31 22.77 -50.41
N ARG Q 51 18.63 22.84 -50.29
CA ARG Q 51 19.46 23.48 -51.30
C ARG Q 51 20.39 22.48 -51.99
N VAL Q 52 20.13 21.18 -51.85
CA VAL Q 52 21.03 20.14 -52.33
C VAL Q 52 20.28 19.24 -53.30
N GLY Q 53 20.87 19.07 -54.50
CA GLY Q 53 20.31 18.21 -55.52
C GLY Q 53 21.26 17.07 -55.87
N PHE Q 54 20.72 16.10 -56.61
CA PHE Q 54 21.36 14.83 -56.89
C PHE Q 54 21.15 14.48 -58.35
N ALA Q 55 22.21 13.99 -58.99
CA ALA Q 55 22.12 13.50 -60.37
C ALA Q 55 23.07 12.33 -60.51
N ALA Q 56 22.66 11.33 -61.27
CA ALA Q 56 23.42 10.10 -61.40
C ALA Q 56 23.35 9.57 -62.82
N ALA Q 57 24.37 8.79 -63.18
CA ALA Q 57 24.38 8.00 -64.40
C ALA Q 57 24.81 6.59 -64.07
N GLY Q 58 24.31 5.62 -64.83
CA GLY Q 58 24.64 4.22 -64.65
C GLY Q 58 23.41 3.36 -64.42
N LYS Q 59 23.60 2.30 -63.65
CA LYS Q 59 22.51 1.36 -63.37
C LYS Q 59 21.51 1.99 -62.42
N PHE Q 60 20.22 1.89 -62.76
CA PHE Q 60 19.20 2.63 -62.04
C PHE Q 60 19.06 2.16 -60.59
N ASN Q 61 18.84 0.86 -60.40
CA ASN Q 61 18.59 0.36 -59.05
C ASN Q 61 19.71 0.72 -58.09
N GLU Q 62 20.94 0.85 -58.60
CA GLU Q 62 22.07 1.12 -57.74
C GLU Q 62 22.13 2.60 -57.33
N PHE Q 63 21.98 3.52 -58.29
CA PHE Q 63 22.01 4.92 -57.87
C PHE Q 63 20.68 5.36 -57.26
N ASP Q 64 19.60 4.61 -57.46
CA ASP Q 64 18.39 4.87 -56.71
C ASP Q 64 18.56 4.45 -55.25
N ASN Q 65 19.27 3.33 -55.01
CA ASN Q 65 19.63 2.97 -53.64
C ASN Q 65 20.44 4.07 -52.98
N LEU Q 66 21.39 4.64 -53.71
CA LEU Q 66 22.25 5.69 -53.15
C LEU Q 66 21.48 7.00 -53.01
N ARG Q 67 20.59 7.30 -53.95
CA ARG Q 67 19.72 8.47 -53.80
C ARG Q 67 18.89 8.37 -52.52
N ARG Q 68 18.35 7.19 -52.24
CA ARG Q 68 17.53 7.00 -51.05
C ARG Q 68 18.37 7.09 -49.78
N GLY Q 69 19.55 6.47 -49.79
CA GLY Q 69 20.43 6.57 -48.64
C GLY Q 69 20.83 8.00 -48.33
N GLY Q 70 21.06 8.79 -49.39
CA GLY Q 70 21.39 10.19 -49.20
C GLY Q 70 20.25 11.00 -48.62
N ILE Q 71 19.02 10.70 -49.06
CA ILE Q 71 17.85 11.35 -48.46
C ILE Q 71 17.71 10.94 -47.01
N GLN Q 72 17.94 9.67 -46.71
CA GLN Q 72 17.92 9.21 -45.33
C GLN Q 72 18.97 9.93 -44.49
N PHE Q 73 20.18 10.09 -45.03
CA PHE Q 73 21.24 10.75 -44.27
C PHE Q 73 20.91 12.21 -44.01
N ALA Q 74 20.36 12.90 -45.01
CA ALA Q 74 20.11 14.33 -44.87
C ALA Q 74 18.95 14.59 -43.89
N ASP Q 75 17.85 13.87 -44.05
CA ASP Q 75 16.72 14.07 -43.15
C ASP Q 75 17.09 13.77 -41.71
N THR Q 76 17.86 12.70 -41.47
CA THR Q 76 18.31 12.39 -40.13
C THR Q 76 19.24 13.46 -39.58
N ARG Q 77 20.15 13.96 -40.42
CA ARG Q 77 21.09 15.00 -39.98
C ARG Q 77 20.34 16.28 -39.61
N GLY Q 78 19.45 16.73 -40.49
CA GLY Q 78 18.75 17.97 -40.23
C GLY Q 78 17.80 17.88 -39.05
N TYR Q 79 17.32 16.68 -38.74
CA TYR Q 79 16.45 16.52 -37.59
C TYR Q 79 17.24 16.46 -36.28
N ALA Q 80 18.36 15.74 -36.27
CA ALA Q 80 19.19 15.65 -35.08
C ALA Q 80 19.85 16.98 -34.75
N TYR Q 81 20.15 17.80 -35.76
CA TYR Q 81 20.76 19.10 -35.53
C TYR Q 81 19.78 20.16 -36.04
N ASP Q 82 20.02 20.76 -37.19
CA ASP Q 82 19.07 21.69 -37.78
C ASP Q 82 19.23 21.63 -39.29
N ARG Q 83 18.22 22.12 -40.01
CA ARG Q 83 18.21 22.01 -41.47
C ARG Q 83 19.44 22.65 -42.08
N ARG Q 84 19.82 23.84 -41.60
CA ARG Q 84 20.97 24.57 -42.12
C ARG Q 84 22.30 23.87 -41.88
N ASP Q 85 22.32 22.85 -41.01
CA ASP Q 85 23.55 22.10 -40.78
C ASP Q 85 23.82 21.07 -41.86
N VAL Q 86 22.83 20.74 -42.68
CA VAL Q 86 23.03 19.83 -43.80
C VAL Q 86 23.61 20.62 -44.97
N THR Q 87 24.65 20.09 -45.59
CA THR Q 87 25.31 20.76 -46.71
C THR Q 87 25.62 19.74 -47.79
N GLY Q 88 25.80 20.23 -49.02
CA GLY Q 88 26.15 19.36 -50.12
C GLY Q 88 27.48 18.69 -49.91
N ARG Q 89 28.43 19.39 -49.29
CA ARG Q 89 29.73 18.80 -49.01
C ARG Q 89 29.60 17.57 -48.13
N GLN Q 90 28.76 17.64 -47.08
CA GLN Q 90 28.55 16.48 -46.22
C GLN Q 90 28.04 15.30 -47.01
N LEU Q 91 27.02 15.51 -47.86
CA LEU Q 91 26.44 14.41 -48.60
C LEU Q 91 27.44 13.81 -49.58
N ALA Q 92 28.21 14.66 -50.28
CA ALA Q 92 29.27 14.15 -51.13
C ALA Q 92 30.27 13.32 -50.32
N ASN Q 93 30.64 13.82 -49.14
CA ASN Q 93 31.55 13.07 -48.28
C ASN Q 93 30.98 11.71 -47.92
N VAL Q 94 29.67 11.66 -47.63
CA VAL Q 94 29.01 10.40 -47.30
C VAL Q 94 29.00 9.46 -48.50
N TYR Q 95 28.69 9.99 -49.68
CA TYR Q 95 28.68 9.17 -50.88
C TYR Q 95 30.07 8.61 -51.18
N ALA Q 96 31.11 9.41 -50.92
CA ALA Q 96 32.47 8.94 -51.15
C ALA Q 96 32.81 7.77 -50.24
N GLN Q 97 32.47 7.90 -48.94
CA GLN Q 97 32.66 6.79 -48.01
C GLN Q 97 31.83 5.59 -48.43
N THR Q 98 30.59 5.83 -48.85
CA THR Q 98 29.68 4.73 -49.18
C THR Q 98 30.16 3.99 -50.42
N LEU Q 99 30.47 4.73 -51.49
CA LEU Q 99 30.90 4.09 -52.73
C LEU Q 99 32.25 3.39 -52.56
N GLY Q 100 33.15 3.95 -51.77
CA GLY Q 100 34.41 3.28 -51.51
C GLY Q 100 34.23 1.96 -50.80
N THR Q 101 33.35 1.92 -49.79
CA THR Q 101 33.05 0.66 -49.12
C THR Q 101 32.37 -0.32 -50.06
N ILE Q 102 31.45 0.16 -50.89
CA ILE Q 102 30.82 -0.69 -51.88
C ILE Q 102 31.86 -1.27 -52.84
N PHE Q 103 32.79 -0.43 -53.29
CA PHE Q 103 33.74 -0.85 -54.30
C PHE Q 103 34.67 -1.93 -53.79
N THR Q 104 35.04 -1.91 -52.51
CA THR Q 104 36.01 -2.86 -52.00
C THR Q 104 35.39 -4.09 -51.34
N GLU Q 105 34.11 -4.03 -50.97
CA GLU Q 105 33.51 -5.06 -50.13
C GLU Q 105 32.32 -5.79 -50.74
N GLN Q 106 31.55 -5.15 -51.62
CA GLN Q 106 30.37 -5.81 -52.15
C GLN Q 106 30.75 -6.84 -53.20
N ALA Q 107 29.81 -7.74 -53.49
CA ALA Q 107 30.07 -8.79 -54.47
C ALA Q 107 30.34 -8.21 -55.85
N LYS Q 108 29.63 -7.14 -56.22
CA LYS Q 108 29.86 -6.44 -57.46
C LYS Q 108 29.93 -4.95 -57.16
N PRO Q 109 30.89 -4.22 -57.72
CA PRO Q 109 30.92 -2.77 -57.53
C PRO Q 109 29.72 -2.10 -58.20
N TYR Q 110 29.37 -0.93 -57.68
CA TYR Q 110 28.28 -0.16 -58.25
C TYR Q 110 28.72 0.53 -59.54
N GLU Q 111 27.90 0.41 -60.58
CA GLU Q 111 28.18 1.05 -61.86
C GLU Q 111 27.44 2.39 -61.90
N VAL Q 112 27.92 3.32 -61.07
CA VAL Q 112 27.26 4.61 -60.90
C VAL Q 112 28.29 5.71 -60.88
N GLU Q 113 27.85 6.91 -61.24
CA GLU Q 113 28.64 8.13 -61.14
C GLU Q 113 27.71 9.24 -60.69
N LEU Q 114 28.02 9.85 -59.56
CA LEU Q 114 27.07 10.73 -58.88
C LEU Q 114 27.56 12.18 -58.90
N CYS Q 115 26.61 13.09 -59.05
CA CYS Q 115 26.83 14.52 -58.82
C CYS Q 115 25.95 15.00 -57.68
N VAL Q 116 26.54 15.71 -56.74
CA VAL Q 116 25.81 16.41 -55.69
C VAL Q 116 26.07 17.90 -55.86
N ALA Q 117 25.00 18.68 -55.97
CA ALA Q 117 25.08 20.11 -56.19
C ALA Q 117 24.40 20.84 -55.05
N GLU Q 118 24.98 21.97 -54.63
CA GLU Q 118 24.39 22.82 -53.61
C GLU Q 118 24.40 24.26 -54.08
N VAL Q 119 23.27 24.94 -53.89
CA VAL Q 119 23.17 26.37 -54.19
C VAL Q 119 23.00 27.13 -52.88
N ALA Q 120 23.05 28.46 -52.98
CA ALA Q 120 22.97 29.32 -51.81
C ALA Q 120 21.56 29.32 -51.23
N HIS Q 121 21.48 29.63 -49.94
CA HIS Q 121 20.19 29.82 -49.32
C HIS Q 121 19.56 31.12 -49.83
N TYR Q 122 18.30 31.33 -49.46
CA TYR Q 122 17.57 32.48 -49.98
C TYR Q 122 18.19 33.78 -49.49
N GLY Q 123 18.43 34.70 -50.42
CA GLY Q 123 19.01 36.00 -50.09
C GLY Q 123 20.50 36.00 -49.87
N GLU Q 124 21.15 34.86 -49.89
CA GLU Q 124 22.60 34.79 -49.71
C GLU Q 124 23.31 34.80 -51.05
N THR Q 125 24.54 35.28 -51.04
CA THR Q 125 25.40 35.28 -52.21
C THR Q 125 26.48 34.23 -51.98
N LYS Q 126 26.45 33.17 -52.77
CA LYS Q 126 27.41 32.08 -52.63
C LYS Q 126 27.49 31.32 -53.94
N ARG Q 127 28.71 31.00 -54.34
CA ARG Q 127 28.90 30.25 -55.58
C ARG Q 127 28.29 28.85 -55.43
N PRO Q 128 27.61 28.35 -56.46
CA PRO Q 128 27.20 26.95 -56.46
C PRO Q 128 28.41 26.03 -56.27
N GLU Q 129 28.17 24.90 -55.61
CA GLU Q 129 29.16 23.86 -55.45
C GLU Q 129 28.70 22.61 -56.18
N LEU Q 130 29.65 21.95 -56.84
CA LEU Q 130 29.38 20.74 -57.59
C LEU Q 130 30.40 19.68 -57.20
N TYR Q 131 29.92 18.50 -56.84
CA TYR Q 131 30.76 17.40 -56.42
C TYR Q 131 30.50 16.21 -57.33
N ARG Q 132 31.57 15.58 -57.78
CA ARG Q 132 31.48 14.34 -58.54
C ARG Q 132 32.08 13.22 -57.69
N ILE Q 133 31.33 12.14 -57.56
CA ILE Q 133 31.79 10.96 -56.84
C ILE Q 133 31.75 9.80 -57.82
N THR Q 134 32.86 9.09 -57.96
CA THR Q 134 32.96 8.00 -58.92
C THR Q 134 32.74 6.66 -58.21
N TYR Q 135 32.83 5.59 -58.99
CA TYR Q 135 32.44 4.26 -58.52
C TYR Q 135 33.35 3.73 -57.42
N ASP Q 136 34.53 4.31 -57.23
CA ASP Q 136 35.49 3.82 -56.26
C ASP Q 136 35.55 4.66 -55.00
N GLY Q 137 34.69 5.67 -54.88
CA GLY Q 137 34.72 6.57 -53.76
C GLY Q 137 35.54 7.83 -53.98
N SER Q 138 36.24 7.94 -55.10
CA SER Q 138 36.97 9.16 -55.40
C SER Q 138 35.99 10.32 -55.53
N ILE Q 139 36.41 11.49 -55.07
CA ILE Q 139 35.52 12.65 -55.00
C ILE Q 139 36.27 13.86 -55.53
N ALA Q 140 35.58 14.71 -56.28
CA ALA Q 140 36.18 15.87 -56.91
C ALA Q 140 35.28 17.08 -56.74
N ASP Q 141 35.90 18.22 -56.43
CA ASP Q 141 35.21 19.50 -56.31
C ASP Q 141 35.24 20.19 -57.67
N GLU Q 142 34.06 20.57 -58.19
CA GLU Q 142 33.98 21.18 -59.51
C GLU Q 142 33.33 22.55 -59.44
N PRO Q 143 33.88 23.55 -60.14
CA PRO Q 143 33.37 24.91 -60.00
C PRO Q 143 32.42 25.36 -61.10
N HIS Q 144 32.47 24.72 -62.27
CA HIS Q 144 31.69 25.16 -63.42
C HIS Q 144 30.67 24.12 -63.87
N PHE Q 145 31.09 22.89 -64.15
CA PHE Q 145 30.14 21.89 -64.62
C PHE Q 145 30.67 20.50 -64.31
N VAL Q 146 29.75 19.53 -64.36
CA VAL Q 146 30.04 18.12 -64.13
C VAL Q 146 29.34 17.33 -65.23
N VAL Q 147 30.06 16.37 -65.83
CA VAL Q 147 29.49 15.46 -66.81
C VAL Q 147 29.72 14.03 -66.35
N MET Q 148 28.71 13.18 -66.54
CA MET Q 148 28.76 11.80 -66.09
C MET Q 148 28.03 10.91 -67.08
N GLY Q 149 28.52 9.68 -67.21
CA GLY Q 149 27.85 8.65 -67.99
C GLY Q 149 28.24 8.57 -69.45
N GLY Q 150 28.83 7.45 -69.84
CA GLY Q 150 29.01 7.17 -71.25
C GLY Q 150 30.28 7.81 -71.77
N THR Q 151 30.18 8.43 -72.95
CA THR Q 151 31.32 9.05 -73.61
C THR Q 151 31.38 10.52 -73.18
N THR Q 152 32.25 10.81 -72.21
CA THR Q 152 32.27 12.09 -71.53
C THR Q 152 33.10 13.16 -72.23
N GLU Q 153 34.22 12.76 -72.83
CA GLU Q 153 35.15 13.75 -73.39
C GLU Q 153 34.54 14.64 -74.47
N PRO Q 154 33.74 14.16 -75.42
CA PRO Q 154 33.08 15.09 -76.35
C PRO Q 154 32.18 16.10 -75.65
N ILE Q 155 31.36 15.63 -74.70
CA ILE Q 155 30.47 16.52 -73.97
C ILE Q 155 31.28 17.49 -73.11
N ALA Q 156 32.32 16.98 -72.44
CA ALA Q 156 33.14 17.83 -71.58
C ALA Q 156 33.81 18.94 -72.37
N ASN Q 157 34.41 18.60 -73.51
CA ASN Q 157 35.09 19.62 -74.31
C ASN Q 157 34.09 20.59 -74.92
N ALA Q 158 32.94 20.09 -75.37
CA ALA Q 158 31.90 20.99 -75.88
C ALA Q 158 31.51 22.02 -74.83
N LEU Q 159 31.37 21.60 -73.57
CA LEU Q 159 31.06 22.55 -72.51
C LEU Q 159 32.24 23.48 -72.22
N LYS Q 160 33.47 22.96 -72.29
CA LYS Q 160 34.65 23.73 -71.95
C LYS Q 160 34.69 25.06 -72.71
N GLU Q 161 34.65 24.99 -74.03
CA GLU Q 161 34.73 26.21 -74.83
C GLU Q 161 33.40 26.97 -74.88
N SER Q 162 32.29 26.33 -74.51
CA SER Q 162 30.98 26.96 -74.62
C SER Q 162 30.42 27.43 -73.28
N TYR Q 163 31.04 27.08 -72.16
CA TYR Q 163 30.48 27.44 -70.86
C TYR Q 163 30.66 28.92 -70.58
N ALA Q 164 29.58 29.57 -70.15
CA ALA Q 164 29.60 30.98 -69.78
C ALA Q 164 29.06 31.11 -68.37
N GLU Q 165 29.87 31.67 -67.46
CA GLU Q 165 29.40 31.94 -66.11
C GLU Q 165 28.23 32.92 -66.14
N ASN Q 166 27.33 32.76 -65.17
CA ASN Q 166 26.16 33.62 -65.02
C ASN Q 166 25.29 33.63 -66.27
N ALA Q 167 25.27 32.52 -67.00
CA ALA Q 167 24.41 32.41 -68.17
C ALA Q 167 22.94 32.36 -67.77
N SER Q 168 22.08 32.71 -68.73
CA SER Q 168 20.66 32.56 -68.52
C SER Q 168 20.29 31.09 -68.42
N LEU Q 169 19.11 30.82 -67.84
CA LEU Q 169 18.62 29.45 -67.84
C LEU Q 169 18.42 28.95 -69.25
N THR Q 170 17.84 29.77 -70.12
CA THR Q 170 17.66 29.40 -71.52
C THR Q 170 19.00 29.14 -72.19
N ASP Q 171 19.95 30.07 -72.04
CA ASP Q 171 21.29 29.89 -72.63
C ASP Q 171 21.94 28.61 -72.12
N ALA Q 172 22.07 28.49 -70.80
CA ALA Q 172 22.75 27.34 -70.22
C ALA Q 172 22.07 26.03 -70.62
N LEU Q 173 20.74 26.03 -70.72
CA LEU Q 173 20.02 24.84 -71.15
C LEU Q 173 20.42 24.45 -72.56
N ARG Q 174 20.39 25.41 -73.50
CA ARG Q 174 20.80 25.12 -74.86
C ARG Q 174 22.25 24.64 -74.93
N ILE Q 175 23.12 25.28 -74.14
CA ILE Q 175 24.52 24.85 -74.10
C ILE Q 175 24.63 23.40 -73.65
N ALA Q 176 23.89 23.04 -72.60
CA ALA Q 176 23.97 21.68 -72.07
C ALA Q 176 23.39 20.67 -73.04
N VAL Q 177 22.23 20.98 -73.64
CA VAL Q 177 21.61 20.06 -74.59
C VAL Q 177 22.52 19.86 -75.80
N ALA Q 178 23.14 20.95 -76.27
CA ALA Q 178 24.06 20.84 -77.39
C ALA Q 178 25.29 20.00 -77.01
N ALA Q 179 25.80 20.17 -75.80
CA ALA Q 179 26.93 19.37 -75.35
C ALA Q 179 26.56 17.90 -75.26
N LEU Q 180 25.32 17.60 -74.84
CA LEU Q 180 24.86 16.22 -74.82
C LEU Q 180 24.77 15.66 -76.23
N ARG Q 181 24.38 16.49 -77.20
CA ARG Q 181 24.29 16.03 -78.58
C ARG Q 181 25.64 15.58 -79.12
N ALA Q 182 26.73 16.22 -78.69
CA ALA Q 182 28.06 15.82 -79.12
C ALA Q 182 28.33 14.33 -78.86
N GLY Q 183 27.74 13.79 -77.79
CA GLY Q 183 27.80 12.36 -77.54
C GLY Q 183 26.62 11.63 -78.17
N SER Q 184 25.89 10.88 -77.37
CA SER Q 184 24.71 10.18 -77.85
C SER Q 184 23.63 11.16 -78.32
N LEU Q 195 17.23 15.32 -79.37
CA LEU Q 195 17.05 15.47 -77.93
C LEU Q 195 15.94 16.48 -77.61
N GLY Q 196 14.72 15.98 -77.45
CA GLY Q 196 13.59 16.83 -77.14
C GLY Q 196 12.99 16.56 -75.78
N VAL Q 197 11.77 17.06 -75.53
CA VAL Q 197 11.12 16.86 -74.25
C VAL Q 197 10.96 15.38 -73.94
N ALA Q 198 10.69 14.57 -74.97
CA ALA Q 198 10.44 13.15 -74.76
C ALA Q 198 11.69 12.38 -74.37
N SER Q 199 12.88 12.93 -74.60
CA SER Q 199 14.13 12.22 -74.34
C SER Q 199 15.01 12.92 -73.31
N LEU Q 200 14.43 13.80 -72.49
CA LEU Q 200 15.21 14.59 -71.56
C LEU Q 200 14.54 14.63 -70.18
N GLU Q 201 15.36 14.52 -69.14
CA GLU Q 201 14.96 14.84 -67.78
C GLU Q 201 15.79 16.04 -67.33
N VAL Q 202 15.11 17.12 -66.95
CA VAL Q 202 15.78 18.37 -66.60
C VAL Q 202 15.14 18.93 -65.34
N ALA Q 203 15.99 19.47 -64.46
CA ALA Q 203 15.55 20.13 -63.24
C ALA Q 203 16.57 21.18 -62.86
N VAL Q 204 16.21 22.04 -61.93
CA VAL Q 204 17.11 23.08 -61.44
C VAL Q 204 17.09 23.13 -59.92
N LEU Q 205 18.24 23.49 -59.35
CA LEU Q 205 18.30 24.00 -57.99
C LEU Q 205 18.18 25.51 -58.08
N ASP Q 206 16.98 26.03 -57.88
CA ASP Q 206 16.71 27.45 -58.05
C ASP Q 206 17.11 28.20 -56.78
N ALA Q 207 18.17 29.01 -56.87
CA ALA Q 207 18.63 29.77 -55.72
C ALA Q 207 17.64 30.83 -55.26
N ASN Q 208 16.58 31.09 -56.03
CA ASN Q 208 15.60 32.11 -55.63
C ASN Q 208 14.40 31.53 -54.89
N ARG Q 209 14.22 30.21 -54.89
CA ARG Q 209 13.16 29.63 -54.08
C ARG Q 209 13.44 29.89 -52.60
N PRO Q 210 12.41 30.16 -51.80
CA PRO Q 210 12.68 30.50 -50.38
C PRO Q 210 13.31 29.37 -49.58
N ARG Q 211 12.93 28.11 -49.83
CA ARG Q 211 13.51 27.01 -49.06
C ARG Q 211 13.84 25.80 -49.92
N ARG Q 212 12.84 25.17 -50.51
CA ARG Q 212 13.07 24.01 -51.36
C ARG Q 212 13.45 24.52 -52.75
N ALA Q 213 14.75 24.53 -53.04
CA ALA Q 213 15.27 25.07 -54.29
C ALA Q 213 15.01 24.16 -55.48
N PHE Q 214 14.76 22.87 -55.26
CA PHE Q 214 14.63 21.92 -56.34
C PHE Q 214 13.29 22.05 -57.04
N ARG Q 215 13.32 22.02 -58.37
CA ARG Q 215 12.09 22.06 -59.16
C ARG Q 215 12.38 21.50 -60.54
N ARG Q 216 11.46 20.65 -61.01
CA ARG Q 216 11.59 20.03 -62.32
C ARG Q 216 11.00 20.93 -63.40
N ILE Q 217 11.52 20.79 -64.61
CA ILE Q 217 11.05 21.54 -65.77
C ILE Q 217 10.62 20.52 -66.81
N THR Q 218 9.30 20.33 -66.94
CA THR Q 218 8.74 19.32 -67.84
C THR Q 218 7.53 19.91 -68.58
N GLY Q 219 7.15 19.21 -69.64
CA GLY Q 219 5.96 19.55 -70.41
C GLY Q 219 6.07 20.79 -71.27
N SER Q 220 5.00 21.61 -71.26
CA SER Q 220 4.98 22.79 -72.12
C SER Q 220 6.04 23.79 -71.71
N ALA Q 221 6.34 23.89 -70.40
CA ALA Q 221 7.38 24.82 -69.96
C ALA Q 221 8.76 24.38 -70.46
N LEU Q 222 9.02 23.07 -70.45
CA LEU Q 222 10.28 22.58 -70.99
C LEU Q 222 10.35 22.80 -72.50
N GLN Q 223 9.23 22.62 -73.20
CA GLN Q 223 9.21 22.89 -74.64
C GLN Q 223 9.49 24.36 -74.92
N ALA Q 224 8.87 25.25 -74.15
CA ALA Q 224 9.08 26.68 -74.36
C ALA Q 224 10.54 27.06 -74.13
N LEU Q 225 11.19 26.46 -73.14
CA LEU Q 225 12.60 26.73 -72.91
C LEU Q 225 13.48 26.10 -73.97
N LEU Q 226 13.02 25.00 -74.59
CA LEU Q 226 13.80 24.34 -75.64
C LEU Q 226 13.70 25.07 -76.97
N VAL Q 227 12.57 25.71 -77.25
CA VAL Q 227 12.36 26.36 -78.55
C VAL Q 227 13.22 27.62 -78.66
N ASP Q 228 13.20 28.45 -77.63
CA ASP Q 228 13.98 29.69 -77.63
C ASP Q 228 14.89 29.78 -76.42
N MET R 1 51.05 -16.04 -48.50
CA MET R 1 51.36 -15.32 -47.27
C MET R 1 52.30 -14.14 -47.54
N GLU R 2 53.57 -14.43 -47.83
CA GLU R 2 54.53 -13.37 -48.09
C GLU R 2 54.21 -12.62 -49.37
N GLN R 3 53.77 -13.33 -50.40
CA GLN R 3 53.46 -12.67 -51.67
C GLN R 3 52.11 -11.96 -51.63
N ALA R 4 51.18 -12.42 -50.81
CA ALA R 4 49.93 -11.68 -50.62
C ALA R 4 50.20 -10.35 -49.93
N MET R 5 51.01 -10.35 -48.86
CA MET R 5 51.39 -9.12 -48.22
C MET R 5 52.22 -8.24 -49.14
N ARG R 6 53.03 -8.86 -50.00
CA ARG R 6 53.81 -8.09 -50.97
C ARG R 6 52.92 -7.38 -51.98
N GLU R 7 51.86 -8.07 -52.44
CA GLU R 7 50.94 -7.44 -53.39
C GLU R 7 50.11 -6.34 -52.73
N ARG R 8 49.66 -6.57 -51.49
CA ARG R 8 48.94 -5.51 -50.78
C ARG R 8 49.85 -4.32 -50.53
N SER R 9 51.10 -4.56 -50.16
CA SER R 9 52.04 -3.47 -49.94
C SER R 9 52.27 -2.67 -51.20
N GLU R 10 52.39 -3.35 -52.35
CA GLU R 10 52.60 -2.64 -53.61
C GLU R 10 51.35 -1.89 -54.05
N LEU R 11 50.18 -2.44 -53.79
CA LEU R 11 48.94 -1.75 -54.16
C LEU R 11 48.77 -0.45 -53.38
N ALA R 12 49.05 -0.50 -52.07
CA ALA R 12 48.97 0.72 -51.27
C ALA R 12 50.07 1.71 -51.65
N ARG R 13 51.30 1.20 -51.80
CA ARG R 13 52.41 2.06 -52.20
C ARG R 13 52.14 2.76 -53.52
N LYS R 14 51.55 2.04 -54.48
CA LYS R 14 51.22 2.64 -55.78
C LYS R 14 50.12 3.67 -55.64
N GLY R 15 49.08 3.36 -54.85
CA GLY R 15 47.99 4.31 -54.67
C GLY R 15 48.43 5.59 -54.00
N ILE R 16 49.37 5.49 -53.07
CA ILE R 16 49.90 6.69 -52.41
C ILE R 16 50.81 7.47 -53.35
N ALA R 17 51.65 6.76 -54.10
CA ALA R 17 52.61 7.42 -54.99
C ALA R 17 51.92 8.23 -56.09
N ARG R 18 50.67 7.93 -56.41
CA ARG R 18 49.94 8.68 -57.43
C ARG R 18 49.01 9.73 -56.85
N ALA R 19 48.99 9.90 -55.53
CA ALA R 19 48.24 10.98 -54.91
C ALA R 19 49.11 12.25 -54.81
N LYS R 20 48.47 13.37 -54.49
CA LYS R 20 49.21 14.59 -54.29
C LYS R 20 49.93 14.58 -52.95
N SER R 21 50.92 15.46 -52.82
CA SER R 21 51.87 15.41 -51.72
C SER R 21 51.51 16.38 -50.60
N VAL R 22 52.04 16.09 -49.41
CA VAL R 22 51.78 16.86 -48.19
C VAL R 22 53.09 16.98 -47.41
N VAL R 23 53.32 18.14 -46.80
CA VAL R 23 54.48 18.34 -45.93
C VAL R 23 54.01 18.91 -44.60
N ALA R 24 54.61 18.42 -43.53
CA ALA R 24 54.44 18.97 -42.19
C ALA R 24 55.83 19.23 -41.63
N LEU R 25 56.04 20.43 -41.08
CA LEU R 25 57.35 20.78 -40.55
C LEU R 25 57.21 21.63 -39.30
N ALA R 26 58.13 21.41 -38.35
CA ALA R 26 58.20 22.26 -37.18
C ALA R 26 58.79 23.61 -37.53
N TYR R 27 58.30 24.65 -36.86
CA TYR R 27 58.85 25.99 -37.01
C TYR R 27 58.75 26.69 -35.67
N ALA R 28 59.14 27.97 -35.65
CA ALA R 28 59.23 28.71 -34.40
C ALA R 28 57.87 28.77 -33.69
N GLY R 29 56.78 28.91 -34.45
CA GLY R 29 55.47 29.00 -33.85
C GLY R 29 54.77 27.68 -33.60
N GLY R 30 55.35 26.55 -34.01
CA GLY R 30 54.72 25.26 -33.79
C GLY R 30 54.94 24.29 -34.93
N VAL R 31 53.86 23.82 -35.55
CA VAL R 31 53.93 22.94 -36.71
C VAL R 31 53.14 23.55 -37.85
N LEU R 32 53.66 23.45 -39.05
CA LEU R 32 53.00 23.94 -40.26
C LEU R 32 52.65 22.77 -41.15
N PHE R 33 51.41 22.75 -41.63
CA PHE R 33 50.93 21.76 -42.60
C PHE R 33 50.67 22.45 -43.92
N VAL R 34 51.24 21.91 -45.00
CA VAL R 34 50.99 22.41 -46.35
C VAL R 34 50.74 21.22 -47.26
N ALA R 35 49.59 21.23 -47.95
CA ALA R 35 49.21 20.16 -48.85
C ALA R 35 48.75 20.75 -50.18
N GLU R 36 49.13 20.09 -51.27
CA GLU R 36 48.59 20.45 -52.58
C GLU R 36 47.16 19.97 -52.67
N ASN R 37 46.23 20.90 -52.89
CA ASN R 37 44.81 20.61 -52.80
C ASN R 37 44.04 21.64 -53.60
N PRO R 38 43.53 21.27 -54.78
CA PRO R 38 42.80 22.25 -55.60
C PRO R 38 41.42 22.55 -55.06
N SER R 39 40.91 21.74 -54.15
CA SER R 39 39.57 21.92 -53.61
C SER R 39 39.57 23.01 -52.55
N ARG R 40 38.49 23.79 -52.52
CA ARG R 40 38.27 24.73 -51.44
C ARG R 40 37.48 24.14 -50.29
N SER R 41 36.86 22.97 -50.48
CA SER R 41 35.97 22.36 -49.50
C SER R 41 36.48 21.06 -48.91
N LEU R 42 37.05 20.17 -49.74
CA LEU R 42 37.57 18.92 -49.25
C LEU R 42 38.95 19.13 -48.62
N GLN R 43 39.20 18.47 -47.50
CA GLN R 43 40.34 18.77 -46.66
C GLN R 43 41.14 17.52 -46.33
N LYS R 44 42.47 17.66 -46.35
CA LYS R 44 43.42 16.62 -45.99
C LYS R 44 44.16 16.94 -44.70
N ILE R 45 43.96 18.12 -44.14
CA ILE R 45 44.58 18.55 -42.89
C ILE R 45 43.47 18.89 -41.92
N SER R 46 43.66 18.56 -40.64
CA SER R 46 42.55 18.66 -39.72
C SER R 46 43.05 18.77 -38.30
N GLU R 47 42.26 19.46 -37.47
CA GLU R 47 42.43 19.38 -36.03
C GLU R 47 42.00 18.00 -35.54
N LEU R 48 42.77 17.45 -34.60
CA LEU R 48 42.34 16.28 -33.84
C LEU R 48 42.01 16.63 -32.40
N TYR R 49 42.89 17.35 -31.72
CA TYR R 49 42.67 17.75 -30.34
C TYR R 49 43.38 19.07 -30.10
N ASP R 50 43.39 19.51 -28.84
CA ASP R 50 43.84 20.86 -28.48
C ASP R 50 45.16 21.20 -29.14
N ARG R 51 46.16 20.33 -28.96
CA ARG R 51 47.50 20.58 -29.47
C ARG R 51 47.90 19.60 -30.56
N VAL R 52 46.97 18.79 -31.06
CA VAL R 52 47.27 17.66 -31.92
C VAL R 52 46.57 17.87 -33.25
N GLY R 53 47.34 17.78 -34.34
CA GLY R 53 46.83 17.97 -35.67
C GLY R 53 47.02 16.72 -36.53
N PHE R 54 46.43 16.76 -37.73
CA PHE R 54 46.32 15.61 -38.61
C PHE R 54 46.51 16.08 -40.04
N ALA R 55 47.37 15.38 -40.78
CA ALA R 55 47.52 15.57 -42.21
C ALA R 55 47.62 14.20 -42.86
N ALA R 56 47.13 14.10 -44.10
CA ALA R 56 47.05 12.80 -44.74
C ALA R 56 47.18 12.92 -46.25
N ALA R 57 47.75 11.90 -46.86
CA ALA R 57 47.81 11.77 -48.31
C ALA R 57 47.28 10.40 -48.69
N GLY R 58 46.76 10.30 -49.92
CA GLY R 58 46.25 9.04 -50.45
C GLY R 58 44.78 9.17 -50.84
N LYS R 59 44.02 8.11 -50.55
CA LYS R 59 42.62 8.07 -50.94
C LYS R 59 41.76 8.79 -49.91
N PHE R 60 40.96 9.75 -50.38
CA PHE R 60 40.28 10.68 -49.49
C PHE R 60 39.34 9.97 -48.53
N ASN R 61 38.43 9.14 -49.08
CA ASN R 61 37.44 8.49 -48.23
C ASN R 61 38.11 7.63 -47.15
N GLU R 62 39.31 7.12 -47.43
CA GLU R 62 39.98 6.26 -46.47
C GLU R 62 40.64 7.07 -45.36
N PHE R 63 41.38 8.13 -45.72
CA PHE R 63 41.99 8.91 -44.64
C PHE R 63 40.98 9.83 -43.97
N ASP R 64 39.86 10.15 -44.61
CA ASP R 64 38.80 10.85 -43.90
C ASP R 64 38.15 9.95 -42.86
N ASN R 65 38.00 8.65 -43.15
CA ASN R 65 37.51 7.71 -42.16
C ASN R 65 38.41 7.68 -40.94
N LEU R 66 39.73 7.55 -41.17
CA LEU R 66 40.69 7.54 -40.07
C LEU R 66 40.72 8.88 -39.35
N ARG R 67 40.56 9.98 -40.09
CA ARG R 67 40.50 11.30 -39.45
C ARG R 67 39.36 11.34 -38.44
N ARG R 68 38.17 10.88 -38.84
CA ARG R 68 37.02 10.88 -37.95
C ARG R 68 37.22 9.91 -36.79
N GLY R 69 37.80 8.73 -37.08
CA GLY R 69 38.08 7.79 -36.01
C GLY R 69 39.07 8.34 -35.00
N GLY R 70 40.04 9.13 -35.47
CA GLY R 70 40.97 9.75 -34.55
C GLY R 70 40.32 10.83 -33.70
N ILE R 71 39.46 11.64 -34.31
CA ILE R 71 38.72 12.64 -33.55
C ILE R 71 37.84 11.97 -32.50
N GLN R 72 37.19 10.86 -32.87
CA GLN R 72 36.36 10.14 -31.92
C GLN R 72 37.19 9.61 -30.75
N PHE R 73 38.35 9.01 -31.04
CA PHE R 73 39.22 8.52 -29.99
C PHE R 73 39.63 9.64 -29.04
N ALA R 74 40.06 10.79 -29.60
CA ALA R 74 40.61 11.85 -28.78
C ALA R 74 39.54 12.46 -27.87
N ASP R 75 38.39 12.79 -28.42
CA ASP R 75 37.32 13.37 -27.60
C ASP R 75 36.87 12.39 -26.52
N THR R 76 36.74 11.11 -26.87
CA THR R 76 36.38 10.09 -25.89
C THR R 76 37.44 9.98 -24.80
N ARG R 77 38.72 9.96 -25.19
CA ARG R 77 39.80 9.86 -24.21
C ARG R 77 39.84 11.08 -23.30
N GLY R 78 39.71 12.28 -23.88
CA GLY R 78 39.71 13.50 -23.09
C GLY R 78 38.50 13.67 -22.19
N TYR R 79 37.38 13.04 -22.54
CA TYR R 79 36.19 13.13 -21.71
C TYR R 79 36.23 12.11 -20.58
N ALA R 80 36.65 10.88 -20.89
CA ALA R 80 36.76 9.85 -19.85
C ALA R 80 37.78 10.21 -18.79
N TYR R 81 38.80 10.99 -19.17
CA TYR R 81 39.86 11.36 -18.25
C TYR R 81 39.87 12.89 -18.17
N ASP R 82 40.89 13.54 -18.73
CA ASP R 82 40.89 14.98 -18.85
C ASP R 82 41.54 15.35 -20.18
N ARG R 83 41.40 16.62 -20.57
CA ARG R 83 41.91 17.06 -21.87
C ARG R 83 43.41 16.86 -21.99
N ARG R 84 44.16 17.22 -20.95
CA ARG R 84 45.62 17.17 -21.01
C ARG R 84 46.16 15.74 -21.00
N ASP R 85 45.31 14.73 -20.83
CA ASP R 85 45.73 13.34 -20.91
C ASP R 85 45.76 12.81 -22.34
N VAL R 86 45.24 13.56 -23.31
CA VAL R 86 45.29 13.17 -24.71
C VAL R 86 46.60 13.68 -25.30
N THR R 87 47.40 12.78 -25.86
CA THR R 87 48.70 13.13 -26.42
C THR R 87 48.77 12.69 -27.87
N GLY R 88 49.63 13.37 -28.64
CA GLY R 88 49.85 12.98 -30.03
C GLY R 88 50.39 11.57 -30.15
N ARG R 89 51.21 11.13 -29.20
CA ARG R 89 51.72 9.76 -29.23
C ARG R 89 50.60 8.74 -29.15
N GLN R 90 49.61 8.97 -28.28
CA GLN R 90 48.48 8.07 -28.18
C GLN R 90 47.75 7.93 -29.51
N LEU R 91 47.54 9.06 -30.20
CA LEU R 91 46.82 9.02 -31.46
C LEU R 91 47.62 8.32 -32.55
N ALA R 92 48.93 8.60 -32.63
CA ALA R 92 49.77 7.88 -33.57
C ALA R 92 49.78 6.38 -33.26
N ASN R 93 49.74 6.02 -31.97
CA ASN R 93 49.71 4.62 -31.59
C ASN R 93 48.41 3.95 -32.03
N VAL R 94 47.29 4.63 -31.85
CA VAL R 94 46.01 4.08 -32.27
C VAL R 94 45.95 3.96 -33.79
N TYR R 95 46.49 4.95 -34.50
CA TYR R 95 46.55 4.87 -35.96
C TYR R 95 47.43 3.71 -36.41
N ALA R 96 48.55 3.48 -35.72
CA ALA R 96 49.41 2.36 -36.06
C ALA R 96 48.68 1.04 -35.91
N GLN R 97 47.97 0.86 -34.78
CA GLN R 97 47.22 -0.36 -34.56
C GLN R 97 46.09 -0.51 -35.58
N THR R 98 45.41 0.59 -35.90
CA THR R 98 44.28 0.52 -36.81
C THR R 98 44.71 0.21 -38.24
N LEU R 99 45.76 0.89 -38.71
CA LEU R 99 46.23 0.65 -40.08
C LEU R 99 46.86 -0.73 -40.21
N GLY R 100 47.50 -1.23 -39.15
CA GLY R 100 48.03 -2.59 -39.19
C GLY R 100 46.93 -3.63 -39.29
N THR R 101 45.84 -3.45 -38.53
CA THR R 101 44.70 -4.36 -38.64
C THR R 101 44.06 -4.27 -40.02
N ILE R 102 43.87 -3.05 -40.53
CA ILE R 102 43.33 -2.88 -41.87
C ILE R 102 44.22 -3.56 -42.90
N PHE R 103 45.54 -3.36 -42.79
CA PHE R 103 46.45 -3.86 -43.80
C PHE R 103 46.41 -5.39 -43.88
N THR R 104 46.29 -6.07 -42.75
CA THR R 104 46.41 -7.51 -42.72
C THR R 104 45.08 -8.25 -42.82
N GLU R 105 43.95 -7.56 -42.71
CA GLU R 105 42.70 -8.29 -42.53
C GLU R 105 41.57 -7.86 -43.46
N GLN R 106 41.54 -6.59 -43.87
CA GLN R 106 40.42 -6.16 -44.68
C GLN R 106 40.65 -6.46 -46.16
N ALA R 107 39.58 -6.32 -46.94
CA ALA R 107 39.59 -6.76 -48.33
C ALA R 107 40.67 -6.05 -49.14
N LYS R 108 40.77 -4.73 -48.98
CA LYS R 108 41.80 -3.95 -49.63
C LYS R 108 42.53 -3.11 -48.57
N PRO R 109 43.85 -3.03 -48.64
CA PRO R 109 44.57 -2.15 -47.72
C PRO R 109 44.27 -0.70 -48.02
N TYR R 110 44.28 0.11 -46.96
CA TYR R 110 44.07 1.54 -47.12
C TYR R 110 45.26 2.16 -47.86
N GLU R 111 44.96 2.97 -48.87
CA GLU R 111 45.99 3.71 -49.59
C GLU R 111 46.11 5.11 -48.96
N VAL R 112 46.73 5.14 -47.78
CA VAL R 112 46.89 6.38 -47.04
C VAL R 112 48.25 6.40 -46.35
N GLU R 113 48.74 7.62 -46.12
CA GLU R 113 49.85 7.91 -45.22
C GLU R 113 49.40 9.05 -44.31
N LEU R 114 49.67 8.91 -43.02
CA LEU R 114 49.17 9.85 -42.02
C LEU R 114 50.32 10.54 -41.30
N CYS R 115 50.10 11.80 -40.96
CA CYS R 115 50.96 12.52 -40.04
C CYS R 115 50.13 12.95 -38.84
N VAL R 116 50.62 12.64 -37.64
CA VAL R 116 50.07 13.16 -36.40
C VAL R 116 51.14 14.06 -35.78
N ALA R 117 50.78 15.32 -35.54
CA ALA R 117 51.69 16.30 -34.96
C ALA R 117 51.13 16.82 -33.65
N GLU R 118 52.03 17.12 -32.71
CA GLU R 118 51.65 17.72 -31.44
C GLU R 118 52.63 18.83 -31.11
N VAL R 119 52.09 19.95 -30.62
CA VAL R 119 52.90 21.05 -30.16
C VAL R 119 52.78 21.17 -28.64
N ALA R 120 53.63 22.00 -28.06
CA ALA R 120 53.64 22.18 -26.61
C ALA R 120 52.34 22.81 -26.14
N HIS R 121 51.96 22.46 -24.92
CA HIS R 121 50.86 23.18 -24.28
C HIS R 121 51.29 24.63 -24.01
N TYR R 122 50.29 25.48 -23.82
CA TYR R 122 50.50 26.92 -23.64
C TYR R 122 51.53 27.19 -22.57
N GLY R 123 52.50 28.04 -22.90
CA GLY R 123 53.54 28.42 -21.97
C GLY R 123 54.71 27.47 -21.85
N GLU R 124 54.70 26.35 -22.57
CA GLU R 124 55.78 25.37 -22.53
C GLU R 124 56.51 25.36 -23.87
N THR R 125 57.69 24.75 -23.88
CA THR R 125 58.56 24.85 -25.04
C THR R 125 59.10 23.49 -25.49
N LYS R 126 58.36 22.42 -25.26
CA LYS R 126 58.77 21.13 -25.79
C LYS R 126 58.77 21.15 -27.30
N ARG R 127 59.78 20.53 -27.89
CA ARG R 127 59.89 20.50 -29.34
C ARG R 127 58.69 19.74 -29.92
N PRO R 128 58.14 20.20 -31.05
CA PRO R 128 57.01 19.50 -31.67
C PRO R 128 57.35 18.06 -31.97
N GLU R 129 56.36 17.19 -31.80
CA GLU R 129 56.47 15.78 -32.15
C GLU R 129 55.76 15.53 -33.46
N LEU R 130 56.41 14.81 -34.36
CA LEU R 130 55.85 14.48 -35.67
C LEU R 130 55.93 12.98 -35.86
N TYR R 131 54.79 12.37 -36.19
CA TYR R 131 54.72 10.94 -36.42
C TYR R 131 54.22 10.68 -37.83
N ARG R 132 54.93 9.82 -38.56
CA ARG R 132 54.44 9.29 -39.82
C ARG R 132 53.92 7.88 -39.55
N ILE R 133 52.69 7.60 -39.99
CA ILE R 133 52.10 6.28 -39.90
C ILE R 133 51.77 5.84 -41.31
N THR R 134 52.40 4.75 -41.77
CA THR R 134 52.25 4.29 -43.14
C THR R 134 51.16 3.23 -43.23
N TYR R 135 50.92 2.75 -44.46
CA TYR R 135 49.74 1.96 -44.77
C TYR R 135 49.70 0.62 -44.03
N ASP R 136 50.82 0.17 -43.47
CA ASP R 136 50.88 -1.11 -42.76
C ASP R 136 51.00 -0.93 -41.25
N GLY R 137 50.71 0.28 -40.74
CA GLY R 137 50.83 0.53 -39.33
C GLY R 137 52.24 0.79 -38.83
N SER R 138 53.22 0.91 -39.72
CA SER R 138 54.56 1.28 -39.31
C SER R 138 54.58 2.74 -38.87
N ILE R 139 55.16 2.99 -37.70
CA ILE R 139 55.14 4.31 -37.08
C ILE R 139 56.58 4.83 -37.01
N ALA R 140 56.76 6.09 -37.39
CA ALA R 140 58.09 6.70 -37.48
C ALA R 140 58.08 8.05 -36.78
N ASP R 141 59.09 8.29 -35.95
CA ASP R 141 59.26 9.55 -35.22
C ASP R 141 60.23 10.44 -35.99
N GLU R 142 59.74 11.58 -36.48
CA GLU R 142 60.58 12.47 -37.27
C GLU R 142 60.91 13.74 -36.49
N PRO R 143 62.12 14.29 -36.66
CA PRO R 143 62.53 15.44 -35.83
C PRO R 143 62.20 16.80 -36.44
N HIS R 144 62.10 16.89 -37.76
CA HIS R 144 61.96 18.21 -38.35
C HIS R 144 60.80 18.34 -39.31
N PHE R 145 60.58 17.36 -40.19
CA PHE R 145 59.54 17.47 -41.18
C PHE R 145 59.08 16.08 -41.60
N VAL R 146 57.93 16.03 -42.26
CA VAL R 146 57.38 14.79 -42.78
C VAL R 146 56.85 15.07 -44.18
N VAL R 147 57.18 14.19 -45.13
CA VAL R 147 56.67 14.27 -46.49
C VAL R 147 55.87 13.01 -46.77
N MET R 148 54.69 13.19 -47.37
CA MET R 148 53.78 12.08 -47.65
C MET R 148 53.15 12.29 -49.01
N GLY R 149 52.93 11.18 -49.73
CA GLY R 149 52.22 11.22 -50.99
C GLY R 149 53.06 11.68 -52.17
N GLY R 150 52.70 11.24 -53.37
CA GLY R 150 53.42 11.64 -54.58
C GLY R 150 54.84 11.10 -54.60
N THR R 151 55.72 11.85 -55.25
CA THR R 151 57.13 11.50 -55.33
C THR R 151 57.85 12.25 -54.21
N THR R 152 58.15 11.53 -53.11
CA THR R 152 58.60 12.17 -51.89
C THR R 152 60.10 12.41 -51.84
N GLU R 153 60.90 11.72 -52.67
CA GLU R 153 62.35 11.87 -52.56
C GLU R 153 62.82 13.27 -52.95
N PRO R 154 62.41 13.86 -54.07
CA PRO R 154 62.82 15.26 -54.34
C PRO R 154 62.34 16.24 -53.30
N ILE R 155 61.16 16.02 -52.70
CA ILE R 155 60.66 16.94 -51.69
C ILE R 155 61.49 16.81 -50.41
N ALA R 156 61.78 15.58 -50.00
CA ALA R 156 62.57 15.39 -48.79
C ALA R 156 64.00 15.91 -48.95
N ASN R 157 64.58 15.73 -50.14
CA ASN R 157 65.93 16.26 -50.38
C ASN R 157 65.92 17.79 -50.31
N ALA R 158 64.93 18.42 -50.95
CA ALA R 158 64.84 19.87 -50.90
C ALA R 158 64.68 20.38 -49.47
N LEU R 159 63.90 19.66 -48.66
CA LEU R 159 63.73 20.06 -47.26
C LEU R 159 65.01 19.84 -46.47
N LYS R 160 65.71 18.73 -46.73
CA LYS R 160 66.98 18.50 -46.04
C LYS R 160 67.99 19.59 -46.34
N GLU R 161 67.88 20.23 -47.50
CA GLU R 161 68.81 21.26 -47.92
C GLU R 161 68.32 22.68 -47.58
N SER R 162 67.05 22.84 -47.19
CA SER R 162 66.51 24.16 -46.92
C SER R 162 65.81 24.32 -45.58
N TYR R 163 65.54 23.23 -44.86
CA TYR R 163 64.83 23.35 -43.59
C TYR R 163 65.68 24.13 -42.58
N ALA R 164 65.06 25.10 -41.92
CA ALA R 164 65.70 25.91 -40.90
C ALA R 164 64.94 25.72 -39.60
N GLU R 165 65.59 25.15 -38.60
CA GLU R 165 64.98 25.04 -37.28
C GLU R 165 64.69 26.43 -36.75
N ASN R 166 63.54 26.58 -36.08
CA ASN R 166 63.09 27.84 -35.52
C ASN R 166 62.86 28.90 -36.61
N ALA R 167 62.50 28.46 -37.81
CA ALA R 167 62.18 29.40 -38.86
C ALA R 167 60.82 30.04 -38.60
N SER R 168 60.65 31.24 -39.16
CA SER R 168 59.39 31.96 -39.01
C SER R 168 58.29 31.27 -39.82
N LEU R 169 57.05 31.73 -39.60
CA LEU R 169 55.92 31.19 -40.35
C LEU R 169 56.06 31.46 -41.85
N THR R 170 56.50 32.66 -42.21
CA THR R 170 56.64 32.99 -43.62
C THR R 170 57.74 32.16 -44.28
N ASP R 171 58.88 32.03 -43.60
CA ASP R 171 59.97 31.24 -44.17
C ASP R 171 59.60 29.76 -44.22
N ALA R 172 58.96 29.26 -43.16
CA ALA R 172 58.52 27.86 -43.16
C ALA R 172 57.57 27.58 -44.32
N LEU R 173 56.63 28.50 -44.59
CA LEU R 173 55.68 28.28 -45.66
C LEU R 173 56.36 28.28 -47.01
N ARG R 174 57.26 29.24 -47.24
CA ARG R 174 57.94 29.32 -48.52
C ARG R 174 58.89 28.13 -48.73
N ILE R 175 59.52 27.66 -47.65
CA ILE R 175 60.34 26.46 -47.74
C ILE R 175 59.47 25.25 -48.13
N ALA R 176 58.31 25.12 -47.49
CA ALA R 176 57.45 23.97 -47.76
C ALA R 176 56.87 24.04 -49.17
N VAL R 177 56.49 25.23 -49.63
CA VAL R 177 55.93 25.37 -50.97
C VAL R 177 57.00 25.08 -52.02
N ALA R 178 58.23 25.52 -51.76
CA ALA R 178 59.31 25.25 -52.71
C ALA R 178 59.61 23.76 -52.78
N ALA R 179 59.56 23.07 -51.65
CA ALA R 179 59.78 21.62 -51.64
C ALA R 179 58.67 20.89 -52.41
N LEU R 180 57.43 21.34 -52.25
CA LEU R 180 56.33 20.73 -52.99
C LEU R 180 56.51 20.94 -54.49
N ARG R 181 56.97 22.12 -54.90
CA ARG R 181 57.24 22.35 -56.31
C ARG R 181 58.34 21.43 -56.83
N ALA R 182 59.34 21.14 -55.98
CA ALA R 182 60.41 20.22 -56.37
C ALA R 182 59.91 18.79 -56.52
N GLY R 183 58.72 18.47 -56.00
CA GLY R 183 58.13 17.16 -56.13
C GLY R 183 57.16 17.00 -57.28
N SER R 184 57.11 17.96 -58.19
CA SER R 184 56.28 17.85 -59.37
C SER R 184 56.75 18.82 -60.46
N LEU R 195 52.44 27.25 -57.31
CA LEU R 195 51.35 26.88 -56.42
C LEU R 195 50.88 28.06 -55.59
N GLY R 196 49.61 28.43 -55.75
CA GLY R 196 49.06 29.56 -55.04
C GLY R 196 47.96 29.20 -54.07
N VAL R 197 47.16 30.20 -53.68
CA VAL R 197 46.07 29.98 -52.73
C VAL R 197 45.10 28.95 -53.27
N ALA R 198 44.86 28.96 -54.58
CA ALA R 198 43.88 28.06 -55.18
C ALA R 198 44.36 26.61 -55.27
N SER R 199 45.65 26.34 -55.01
CA SER R 199 46.19 25.00 -55.15
C SER R 199 46.70 24.42 -53.83
N LEU R 200 46.44 25.08 -52.70
CA LEU R 200 47.04 24.70 -51.44
C LEU R 200 46.02 24.67 -50.31
N GLU R 201 46.26 23.78 -49.36
CA GLU R 201 45.58 23.77 -48.08
C GLU R 201 46.66 23.96 -47.01
N VAL R 202 46.52 25.01 -46.21
CA VAL R 202 47.53 25.37 -45.22
C VAL R 202 46.87 25.47 -43.85
N ALA R 203 47.55 24.93 -42.85
CA ALA R 203 47.11 25.04 -41.47
C ALA R 203 48.33 24.97 -40.57
N VAL R 204 48.20 25.54 -39.37
CA VAL R 204 49.26 25.49 -38.38
C VAL R 204 48.71 24.94 -37.07
N LEU R 205 49.59 24.31 -36.30
CA LEU R 205 49.39 24.07 -34.88
C LEU R 205 50.16 25.19 -34.17
N ASP R 206 49.43 26.17 -33.66
CA ASP R 206 50.03 27.38 -33.11
C ASP R 206 50.20 27.21 -31.60
N ALA R 207 51.45 27.01 -31.17
CA ALA R 207 51.73 26.79 -29.75
C ALA R 207 51.44 28.01 -28.89
N ASN R 208 51.28 29.19 -29.48
CA ASN R 208 50.98 30.39 -28.71
C ASN R 208 49.48 30.62 -28.54
N ARG R 209 48.64 29.77 -29.12
CA ARG R 209 47.21 29.80 -28.80
C ARG R 209 46.99 29.23 -27.40
N PRO R 210 46.05 29.79 -26.64
CA PRO R 210 45.87 29.32 -25.25
C PRO R 210 45.42 27.88 -25.12
N ARG R 211 44.50 27.43 -25.98
CA ARG R 211 44.06 26.03 -25.89
C ARG R 211 44.08 25.34 -27.25
N ARG R 212 43.17 25.71 -28.14
CA ARG R 212 43.08 25.06 -29.45
C ARG R 212 44.15 25.67 -30.36
N ALA R 213 45.21 24.89 -30.61
CA ALA R 213 46.33 25.37 -31.41
C ALA R 213 46.05 25.37 -32.91
N PHE R 214 45.08 24.59 -33.38
CA PHE R 214 44.87 24.42 -34.81
C PHE R 214 44.17 25.63 -35.40
N ARG R 215 44.71 26.15 -36.51
CA ARG R 215 44.02 27.20 -37.23
C ARG R 215 44.45 27.17 -38.69
N ARG R 216 43.49 27.35 -39.59
CA ARG R 216 43.73 27.35 -41.02
C ARG R 216 44.16 28.72 -41.48
N ILE R 217 44.94 28.75 -42.55
CA ILE R 217 45.41 29.98 -43.17
C ILE R 217 44.90 29.98 -44.59
N THR R 218 43.99 30.90 -44.91
CA THR R 218 43.28 30.91 -46.17
C THR R 218 43.24 32.33 -46.73
N GLY R 219 42.99 32.41 -48.04
CA GLY R 219 42.70 33.69 -48.67
C GLY R 219 43.85 34.67 -48.56
N SER R 220 43.52 35.88 -48.07
CA SER R 220 44.48 36.98 -48.07
C SER R 220 45.63 36.73 -47.09
N ALA R 221 45.34 36.11 -45.95
CA ALA R 221 46.41 35.80 -45.00
C ALA R 221 47.41 34.82 -45.61
N LEU R 222 46.92 33.84 -46.36
CA LEU R 222 47.82 32.91 -47.04
C LEU R 222 48.58 33.61 -48.16
N GLN R 223 47.90 34.49 -48.90
CA GLN R 223 48.56 35.23 -49.96
C GLN R 223 49.69 36.10 -49.41
N ALA R 224 49.45 36.74 -48.26
CA ALA R 224 50.50 37.55 -47.65
C ALA R 224 51.71 36.70 -47.29
N LEU R 225 51.48 35.50 -46.75
CA LEU R 225 52.59 34.63 -46.38
C LEU R 225 53.33 34.10 -47.60
N LEU R 226 52.63 33.97 -48.73
CA LEU R 226 53.25 33.44 -49.94
C LEU R 226 54.30 34.41 -50.48
N VAL R 227 55.02 33.94 -51.50
CA VAL R 227 56.14 34.69 -52.09
C VAL R 227 55.71 36.08 -52.59
N MET S 1 49.52 -27.85 -45.90
CA MET S 1 49.51 -26.86 -44.82
C MET S 1 50.91 -26.65 -44.26
N GLU S 2 51.76 -27.68 -44.37
CA GLU S 2 53.14 -27.53 -43.93
C GLU S 2 53.85 -26.43 -44.71
N GLN S 3 53.48 -26.23 -45.97
CA GLN S 3 53.96 -25.08 -46.72
C GLN S 3 53.48 -23.78 -46.07
N ALA S 4 52.21 -23.74 -45.65
CA ALA S 4 51.65 -22.53 -45.07
C ALA S 4 52.32 -22.19 -43.74
N MET S 5 52.49 -23.19 -42.87
CA MET S 5 53.12 -22.93 -41.58
C MET S 5 54.60 -22.57 -41.74
N ARG S 6 55.28 -23.13 -42.74
CA ARG S 6 56.65 -22.74 -42.98
C ARG S 6 56.74 -21.31 -43.51
N GLU S 7 55.81 -20.93 -44.40
CA GLU S 7 55.78 -19.56 -44.89
C GLU S 7 55.52 -18.57 -43.76
N ARG S 8 54.60 -18.91 -42.85
CA ARG S 8 54.36 -18.07 -41.69
C ARG S 8 55.61 -17.94 -40.84
N SER S 9 56.29 -19.06 -40.59
CA SER S 9 57.48 -19.03 -39.75
C SER S 9 58.59 -18.19 -40.38
N GLU S 10 58.74 -18.26 -41.69
CA GLU S 10 59.81 -17.51 -42.35
C GLU S 10 59.46 -16.02 -42.43
N LEU S 11 58.20 -15.69 -42.67
CA LEU S 11 57.78 -14.30 -42.64
C LEU S 11 58.07 -13.68 -41.28
N ALA S 12 57.73 -14.39 -40.21
CA ALA S 12 57.98 -13.88 -38.86
C ALA S 12 59.48 -13.81 -38.59
N ARG S 13 60.24 -14.82 -39.02
CA ARG S 13 61.67 -14.83 -38.76
C ARG S 13 62.37 -13.71 -39.52
N LYS S 14 61.94 -13.43 -40.76
CA LYS S 14 62.52 -12.34 -41.52
C LYS S 14 62.18 -10.99 -40.90
N GLY S 15 60.95 -10.82 -40.45
CA GLY S 15 60.57 -9.57 -39.80
C GLY S 15 61.37 -9.31 -38.53
N ILE S 16 61.58 -10.36 -37.73
CA ILE S 16 62.38 -10.23 -36.52
C ILE S 16 63.84 -10.00 -36.86
N ALA S 17 64.31 -10.58 -37.97
CA ALA S 17 65.72 -10.46 -38.33
C ALA S 17 66.08 -9.04 -38.72
N ARG S 18 65.19 -8.36 -39.46
CA ARG S 18 65.45 -7.01 -39.92
C ARG S 18 65.18 -5.94 -38.85
N ALA S 19 64.96 -6.33 -37.61
CA ALA S 19 64.68 -5.41 -36.53
C ALA S 19 65.91 -5.26 -35.62
N LYS S 20 65.91 -4.19 -34.83
CA LYS S 20 67.02 -3.94 -33.92
C LYS S 20 66.91 -4.82 -32.69
N SER S 21 68.05 -5.13 -32.09
CA SER S 21 68.15 -6.19 -31.10
C SER S 21 68.03 -5.67 -29.67
N VAL S 22 67.67 -6.58 -28.77
CA VAL S 22 67.49 -6.28 -27.35
C VAL S 22 68.21 -7.33 -26.52
N VAL S 23 68.79 -6.91 -25.39
CA VAL S 23 69.48 -7.80 -24.47
C VAL S 23 68.90 -7.61 -23.08
N ALA S 24 68.70 -8.71 -22.37
CA ALA S 24 68.28 -8.68 -20.96
C ALA S 24 69.12 -9.68 -20.19
N LEU S 25 69.67 -9.24 -19.05
CA LEU S 25 70.57 -10.08 -18.27
C LEU S 25 70.35 -9.86 -16.79
N ALA S 26 70.54 -10.92 -16.02
CA ALA S 26 70.50 -10.84 -14.56
C ALA S 26 71.83 -10.33 -14.03
N TYR S 27 71.76 -9.60 -12.92
CA TYR S 27 72.96 -9.08 -12.27
C TYR S 27 72.70 -8.98 -10.77
N ALA S 28 73.68 -8.46 -10.04
CA ALA S 28 73.63 -8.47 -8.59
C ALA S 28 72.40 -7.75 -8.06
N GLY S 29 72.00 -6.67 -8.72
CA GLY S 29 70.88 -5.86 -8.27
C GLY S 29 69.54 -6.15 -8.93
N GLY S 30 69.44 -7.21 -9.74
CA GLY S 30 68.18 -7.55 -10.37
C GLY S 30 68.30 -7.98 -11.82
N VAL S 31 67.61 -7.25 -12.71
CA VAL S 31 67.61 -7.56 -14.14
C VAL S 31 67.80 -6.25 -14.90
N LEU S 32 68.58 -6.30 -15.98
CA LEU S 32 68.91 -5.13 -16.79
C LEU S 32 68.44 -5.35 -18.23
N PHE S 33 67.72 -4.37 -18.78
CA PHE S 33 67.29 -4.38 -20.17
C PHE S 33 68.05 -3.31 -20.93
N VAL S 34 68.69 -3.72 -22.03
CA VAL S 34 69.38 -2.80 -22.92
C VAL S 34 68.91 -3.08 -24.34
N ALA S 35 68.30 -2.09 -24.98
CA ALA S 35 67.78 -2.23 -26.33
C ALA S 35 68.35 -1.14 -27.22
N GLU S 36 68.79 -1.50 -28.41
CA GLU S 36 69.23 -0.52 -29.38
C GLU S 36 67.99 0.18 -29.93
N ASN S 37 67.74 1.40 -29.49
CA ASN S 37 66.50 2.10 -29.81
C ASN S 37 66.81 3.59 -29.96
N PRO S 38 66.86 4.09 -31.20
CA PRO S 38 67.06 5.54 -31.40
C PRO S 38 65.78 6.35 -31.29
N SER S 39 64.64 5.71 -31.05
CA SER S 39 63.38 6.43 -31.02
C SER S 39 63.34 7.43 -29.86
N ARG S 40 62.67 8.54 -30.11
CA ARG S 40 62.54 9.59 -29.11
C ARG S 40 61.49 9.26 -28.06
N SER S 41 60.42 8.55 -28.45
CA SER S 41 59.29 8.34 -27.55
C SER S 41 58.63 6.98 -27.66
N LEU S 42 59.14 6.07 -28.48
CA LEU S 42 58.53 4.75 -28.66
C LEU S 42 59.43 3.70 -28.02
N GLN S 43 58.85 2.94 -27.09
CA GLN S 43 59.61 2.12 -26.15
C GLN S 43 59.50 0.64 -26.50
N LYS S 44 60.59 -0.10 -26.30
CA LYS S 44 60.62 -1.54 -26.46
C LYS S 44 60.77 -2.29 -25.15
N ILE S 45 60.96 -1.58 -24.05
CA ILE S 45 61.06 -2.16 -22.72
C ILE S 45 59.99 -1.52 -21.85
N SER S 46 59.34 -2.32 -21.00
CA SER S 46 58.22 -1.77 -20.24
C SER S 46 57.99 -2.55 -18.96
N GLU S 47 57.36 -1.87 -18.00
CA GLU S 47 56.87 -2.50 -16.79
C GLU S 47 55.60 -3.28 -17.08
N LEU S 48 55.48 -4.46 -16.48
CA LEU S 48 54.24 -5.22 -16.49
C LEU S 48 53.55 -5.21 -15.13
N TYR S 49 54.27 -5.58 -14.08
CA TYR S 49 53.72 -5.62 -12.73
C TYR S 49 54.84 -5.30 -11.74
N ASP S 50 54.56 -5.48 -10.46
CA ASP S 50 55.44 -4.98 -9.40
C ASP S 50 56.88 -5.42 -9.63
N ARG S 51 57.10 -6.71 -9.80
CA ARG S 51 58.45 -7.25 -9.96
C ARG S 51 58.67 -7.86 -11.35
N VAL S 52 57.80 -7.58 -12.30
CA VAL S 52 57.81 -8.25 -13.60
C VAL S 52 57.97 -7.19 -14.69
N GLY S 53 58.95 -7.40 -15.58
CA GLY S 53 59.24 -6.48 -16.65
C GLY S 53 59.08 -7.14 -18.02
N PHE S 54 59.10 -6.31 -19.05
CA PHE S 54 58.79 -6.71 -20.41
C PHE S 54 59.77 -6.07 -21.38
N ALA S 55 60.20 -6.84 -22.38
CA ALA S 55 61.02 -6.32 -23.46
C ALA S 55 60.68 -7.10 -24.72
N ALA S 56 60.84 -6.44 -25.88
CA ALA S 56 60.40 -7.04 -27.13
C ALA S 56 61.25 -6.53 -28.29
N ALA S 57 61.25 -7.33 -29.36
CA ALA S 57 61.86 -6.96 -30.63
C ALA S 57 60.90 -7.31 -31.76
N GLY S 58 60.96 -6.53 -32.84
CA GLY S 58 60.15 -6.79 -34.01
C GLY S 58 59.27 -5.61 -34.39
N LYS S 59 58.09 -5.91 -34.89
CA LYS S 59 57.17 -4.88 -35.35
C LYS S 59 56.50 -4.19 -34.15
N PHE S 60 56.53 -2.86 -34.13
CA PHE S 60 56.17 -2.13 -32.92
C PHE S 60 54.69 -2.31 -32.57
N ASN S 61 53.81 -2.09 -33.54
CA ASN S 61 52.39 -2.12 -33.21
C ASN S 61 51.97 -3.49 -32.68
N GLU S 62 52.73 -4.53 -33.03
CA GLU S 62 52.36 -5.88 -32.64
C GLU S 62 52.85 -6.21 -31.24
N PHE S 63 54.11 -5.88 -30.93
CA PHE S 63 54.55 -6.15 -29.56
C PHE S 63 54.03 -5.12 -28.58
N ASP S 64 53.57 -3.96 -29.06
CA ASP S 64 52.90 -3.03 -28.17
C ASP S 64 51.51 -3.53 -27.80
N ASN S 65 50.80 -4.15 -28.75
CA ASN S 65 49.53 -4.80 -28.43
C ASN S 65 49.72 -5.87 -27.38
N LEU S 66 50.79 -6.67 -27.52
CA LEU S 66 51.07 -7.73 -26.55
C LEU S 66 51.45 -7.15 -25.19
N ARG S 67 52.15 -6.03 -25.20
CA ARG S 67 52.52 -5.36 -23.95
C ARG S 67 51.28 -4.89 -23.20
N ARG S 68 50.34 -4.26 -23.92
CA ARG S 68 49.11 -3.82 -23.29
C ARG S 68 48.27 -5.01 -22.82
N GLY S 69 48.22 -6.07 -23.62
CA GLY S 69 47.49 -7.26 -23.21
C GLY S 69 48.08 -7.90 -21.97
N GLY S 70 49.41 -7.86 -21.84
CA GLY S 70 50.04 -8.41 -20.66
C GLY S 70 49.74 -7.59 -19.42
N ILE S 71 49.78 -6.27 -19.55
CA ILE S 71 49.41 -5.39 -18.44
C ILE S 71 47.96 -5.63 -18.03
N GLN S 72 47.07 -5.75 -19.02
CA GLN S 72 45.67 -6.04 -18.72
C GLN S 72 45.53 -7.34 -17.94
N PHE S 73 46.24 -8.40 -18.37
CA PHE S 73 46.18 -9.66 -17.65
C PHE S 73 46.71 -9.52 -16.23
N ALA S 74 47.84 -8.84 -16.08
CA ALA S 74 48.49 -8.74 -14.77
C ALA S 74 47.60 -7.98 -13.79
N ASP S 75 47.06 -6.83 -14.21
CA ASP S 75 46.25 -6.03 -13.30
C ASP S 75 44.94 -6.72 -12.97
N THR S 76 44.27 -7.31 -13.96
CA THR S 76 43.06 -8.07 -13.68
C THR S 76 43.34 -9.24 -12.76
N ARG S 77 44.45 -9.94 -12.98
CA ARG S 77 44.78 -11.09 -12.14
C ARG S 77 45.10 -10.66 -10.72
N GLY S 78 45.90 -9.58 -10.57
CA GLY S 78 46.26 -9.11 -9.24
C GLY S 78 45.09 -8.50 -8.49
N TYR S 79 44.09 -8.02 -9.23
CA TYR S 79 42.92 -7.45 -8.58
C TYR S 79 41.92 -8.54 -8.20
N ALA S 80 41.82 -9.57 -9.03
CA ALA S 80 40.89 -10.67 -8.73
C ALA S 80 41.35 -11.51 -7.56
N TYR S 81 42.67 -11.59 -7.34
CA TYR S 81 43.23 -12.35 -6.24
C TYR S 81 44.05 -11.39 -5.41
N ASP S 82 45.37 -11.39 -5.52
CA ASP S 82 46.21 -10.41 -4.84
C ASP S 82 47.44 -10.15 -5.71
N ARG S 83 48.14 -9.06 -5.40
CA ARG S 83 49.31 -8.69 -6.20
C ARG S 83 50.37 -9.77 -6.18
N ARG S 84 50.58 -10.38 -5.01
CA ARG S 84 51.64 -11.40 -4.87
C ARG S 84 51.38 -12.63 -5.73
N ASP S 85 50.15 -12.83 -6.18
CA ASP S 85 49.82 -13.99 -7.02
C ASP S 85 50.23 -13.80 -8.47
N VAL S 86 50.64 -12.60 -8.86
CA VAL S 86 51.07 -12.33 -10.22
C VAL S 86 52.56 -12.60 -10.33
N THR S 87 52.94 -13.46 -11.28
CA THR S 87 54.32 -13.90 -11.43
C THR S 87 54.74 -13.78 -12.88
N GLY S 88 56.06 -13.72 -13.09
CA GLY S 88 56.56 -13.72 -14.46
C GLY S 88 56.25 -15.00 -15.19
N ARG S 89 56.15 -16.12 -14.47
CA ARG S 89 55.82 -17.40 -15.10
C ARG S 89 54.42 -17.35 -15.70
N GLN S 90 53.45 -16.83 -14.94
CA GLN S 90 52.08 -16.69 -15.45
C GLN S 90 52.05 -15.86 -16.72
N LEU S 91 52.77 -14.75 -16.74
CA LEU S 91 52.73 -13.87 -17.90
C LEU S 91 53.43 -14.47 -19.10
N ALA S 92 54.62 -15.07 -18.88
CA ALA S 92 55.28 -15.78 -19.97
C ALA S 92 54.40 -16.90 -20.50
N ASN S 93 53.70 -17.60 -19.60
CA ASN S 93 52.79 -18.66 -20.01
C ASN S 93 51.68 -18.10 -20.91
N VAL S 94 50.98 -17.07 -20.44
CA VAL S 94 49.86 -16.55 -21.22
C VAL S 94 50.36 -15.93 -22.52
N TYR S 95 51.58 -15.41 -22.55
CA TYR S 95 52.15 -14.92 -23.80
C TYR S 95 52.38 -16.06 -24.78
N ALA S 96 52.88 -17.20 -24.28
CA ALA S 96 53.06 -18.38 -25.13
C ALA S 96 51.74 -18.83 -25.73
N GLN S 97 50.69 -18.88 -24.90
CA GLN S 97 49.37 -19.24 -25.40
C GLN S 97 48.87 -18.24 -26.43
N THR S 98 49.03 -16.94 -26.15
CA THR S 98 48.55 -15.91 -27.06
C THR S 98 49.27 -15.97 -28.40
N LEU S 99 50.60 -15.98 -28.37
CA LEU S 99 51.37 -15.99 -29.62
C LEU S 99 51.16 -17.27 -30.41
N GLY S 100 50.94 -18.39 -29.73
CA GLY S 100 50.61 -19.61 -30.44
C GLY S 100 49.29 -19.50 -31.20
N THR S 101 48.27 -18.96 -30.54
CA THR S 101 47.00 -18.70 -31.22
C THR S 101 47.19 -17.73 -32.38
N ILE S 102 47.99 -16.69 -32.18
CA ILE S 102 48.20 -15.69 -33.22
C ILE S 102 48.93 -16.30 -34.41
N PHE S 103 49.95 -17.11 -34.14
CA PHE S 103 50.74 -17.73 -35.19
C PHE S 103 49.89 -18.62 -36.09
N THR S 104 48.86 -19.27 -35.53
CA THR S 104 48.05 -20.22 -36.28
C THR S 104 46.78 -19.63 -36.86
N GLU S 105 46.15 -18.66 -36.19
CA GLU S 105 44.80 -18.24 -36.54
C GLU S 105 44.69 -16.82 -37.10
N GLN S 106 45.72 -15.99 -36.96
CA GLN S 106 45.65 -14.64 -37.50
C GLN S 106 46.02 -14.63 -38.98
N ALA S 107 45.53 -13.61 -39.69
CA ALA S 107 45.81 -13.50 -41.12
C ALA S 107 47.30 -13.39 -41.37
N LYS S 108 48.02 -12.64 -40.55
CA LYS S 108 49.47 -12.58 -40.56
C LYS S 108 50.01 -12.82 -39.16
N PRO S 109 51.02 -13.68 -39.01
CA PRO S 109 51.62 -13.86 -37.69
C PRO S 109 52.25 -12.59 -37.17
N TYR S 110 52.48 -12.55 -35.87
CA TYR S 110 53.17 -11.43 -35.26
C TYR S 110 54.67 -11.61 -35.40
N GLU S 111 55.33 -10.61 -35.97
CA GLU S 111 56.77 -10.62 -36.14
C GLU S 111 57.43 -10.01 -34.90
N VAL S 112 57.32 -10.75 -33.79
CA VAL S 112 57.78 -10.28 -32.49
C VAL S 112 58.52 -11.38 -31.76
N GLU S 113 59.31 -10.97 -30.78
CA GLU S 113 60.00 -11.88 -29.86
C GLU S 113 60.01 -11.21 -28.49
N LEU S 114 59.51 -11.91 -27.48
CA LEU S 114 59.23 -11.30 -26.19
C LEU S 114 60.14 -11.85 -25.10
N CYS S 115 60.40 -11.01 -24.10
CA CYS S 115 61.11 -11.42 -22.89
C CYS S 115 60.33 -10.94 -21.68
N VAL S 116 60.00 -11.86 -20.78
CA VAL S 116 59.37 -11.56 -19.51
C VAL S 116 60.37 -11.86 -18.41
N ALA S 117 60.68 -10.86 -17.59
CA ALA S 117 61.63 -10.99 -16.51
C ALA S 117 60.94 -10.73 -15.17
N GLU S 118 61.41 -11.42 -14.14
CA GLU S 118 60.92 -11.20 -12.78
C GLU S 118 62.10 -11.18 -11.82
N VAL S 119 62.07 -10.24 -10.88
CA VAL S 119 63.05 -10.20 -9.81
C VAL S 119 62.34 -10.52 -8.50
N ALA S 120 63.13 -10.74 -7.45
CA ALA S 120 62.60 -11.09 -6.16
C ALA S 120 61.87 -9.90 -5.52
N HIS S 121 60.87 -10.20 -4.71
CA HIS S 121 60.22 -9.17 -3.92
C HIS S 121 61.20 -8.61 -2.90
N TYR S 122 60.94 -7.39 -2.45
CA TYR S 122 61.85 -6.71 -1.54
C TYR S 122 62.08 -7.54 -0.28
N GLY S 123 63.34 -7.69 0.10
CA GLY S 123 63.71 -8.51 1.23
C GLY S 123 63.88 -9.98 0.93
N GLU S 124 63.46 -10.44 -0.24
CA GLU S 124 63.60 -11.84 -0.62
C GLU S 124 64.91 -12.08 -1.34
N THR S 125 65.42 -13.31 -1.19
CA THR S 125 66.58 -13.79 -1.93
C THR S 125 66.06 -14.83 -2.91
N LYS S 126 66.00 -14.46 -4.19
CA LYS S 126 65.48 -15.34 -5.23
C LYS S 126 66.19 -15.02 -6.52
N ARG S 127 66.62 -16.04 -7.23
CA ARG S 127 67.36 -15.82 -8.47
C ARG S 127 66.43 -15.18 -9.51
N PRO S 128 66.85 -14.10 -10.17
CA PRO S 128 66.01 -13.48 -11.20
C PRO S 128 65.59 -14.45 -12.29
N GLU S 129 64.29 -14.58 -12.51
CA GLU S 129 63.77 -15.45 -13.55
C GLU S 129 63.70 -14.69 -14.87
N LEU S 130 63.99 -15.40 -15.95
CA LEU S 130 63.93 -14.85 -17.29
C LEU S 130 63.19 -15.83 -18.20
N TYR S 131 62.39 -15.29 -19.11
CA TYR S 131 61.65 -16.11 -20.05
C TYR S 131 61.71 -15.47 -21.42
N ARG S 132 61.81 -16.30 -22.45
CA ARG S 132 61.82 -15.85 -23.83
C ARG S 132 60.71 -16.57 -24.58
N ILE S 133 59.87 -15.81 -25.27
CA ILE S 133 58.74 -16.35 -26.02
C ILE S 133 58.92 -15.95 -27.48
N THR S 134 58.75 -16.91 -28.39
CA THR S 134 58.96 -16.68 -29.81
C THR S 134 57.63 -16.47 -30.51
N TYR S 135 57.71 -16.17 -31.80
CA TYR S 135 56.53 -15.81 -32.59
C TYR S 135 55.50 -16.92 -32.65
N ASP S 136 55.89 -18.18 -32.39
CA ASP S 136 54.98 -19.30 -32.51
C ASP S 136 54.51 -19.83 -31.17
N GLY S 137 54.82 -19.14 -30.07
CA GLY S 137 54.44 -19.58 -28.75
C GLY S 137 55.44 -20.48 -28.05
N SER S 138 56.61 -20.71 -28.65
CA SER S 138 57.65 -21.45 -27.96
C SER S 138 58.22 -20.61 -26.83
N ILE S 139 58.38 -21.23 -25.67
CA ILE S 139 58.79 -20.53 -24.45
C ILE S 139 60.06 -21.16 -23.92
N ALA S 140 61.03 -20.33 -23.54
CA ALA S 140 62.33 -20.78 -23.08
C ALA S 140 62.60 -20.22 -21.68
N ASP S 141 63.15 -21.07 -20.82
CA ASP S 141 63.56 -20.68 -19.47
C ASP S 141 65.07 -20.50 -19.47
N GLU S 142 65.52 -19.25 -19.29
CA GLU S 142 66.96 -18.97 -19.30
C GLU S 142 67.40 -18.35 -17.99
N PRO S 143 68.59 -18.72 -17.48
CA PRO S 143 68.98 -18.27 -16.14
C PRO S 143 69.98 -17.12 -16.13
N HIS S 144 70.54 -16.77 -17.28
CA HIS S 144 71.60 -15.77 -17.32
C HIS S 144 71.22 -14.55 -18.17
N PHE S 145 70.95 -14.74 -19.46
CA PHE S 145 70.63 -13.61 -20.32
C PHE S 145 69.66 -14.05 -21.41
N VAL S 146 69.13 -13.07 -22.12
CA VAL S 146 68.20 -13.27 -23.23
C VAL S 146 68.54 -12.25 -24.32
N VAL S 147 68.66 -12.71 -25.55
CA VAL S 147 68.91 -11.85 -26.70
C VAL S 147 67.79 -12.06 -27.72
N MET S 148 67.28 -10.96 -28.26
CA MET S 148 66.19 -11.00 -29.22
C MET S 148 66.45 -10.00 -30.33
N GLY S 149 65.93 -10.31 -31.53
CA GLY S 149 65.96 -9.39 -32.64
C GLY S 149 67.28 -9.33 -33.39
N GLY S 150 67.21 -9.01 -34.68
CA GLY S 150 68.41 -8.82 -35.48
C GLY S 150 69.22 -10.11 -35.64
N THR S 151 70.53 -9.92 -35.86
CA THR S 151 71.46 -11.04 -35.94
C THR S 151 71.91 -11.35 -34.52
N THR S 152 71.34 -12.41 -33.93
CA THR S 152 71.47 -12.63 -32.50
C THR S 152 72.75 -13.38 -32.15
N GLU S 153 73.12 -14.38 -32.97
CA GLU S 153 74.22 -15.27 -32.63
C GLU S 153 75.51 -14.55 -32.26
N PRO S 154 75.96 -13.49 -32.95
CA PRO S 154 77.13 -12.75 -32.45
C PRO S 154 76.95 -12.24 -31.03
N ILE S 155 75.81 -11.58 -30.76
CA ILE S 155 75.54 -11.05 -29.43
C ILE S 155 75.49 -12.17 -28.41
N ALA S 156 74.88 -13.30 -28.78
CA ALA S 156 74.71 -14.40 -27.83
C ALA S 156 76.05 -15.00 -27.44
N ASN S 157 76.92 -15.27 -28.42
CA ASN S 157 78.23 -15.82 -28.11
C ASN S 157 79.09 -14.84 -27.35
N ALA S 158 78.99 -13.54 -27.70
CA ALA S 158 79.74 -12.52 -26.97
C ALA S 158 79.40 -12.54 -25.49
N LEU S 159 78.11 -12.49 -25.16
CA LEU S 159 77.70 -12.59 -23.76
C LEU S 159 78.04 -13.95 -23.16
N LYS S 160 78.00 -15.01 -23.98
CA LYS S 160 78.31 -16.34 -23.49
C LYS S 160 79.71 -16.39 -22.89
N GLU S 161 80.63 -15.58 -23.40
CA GLU S 161 81.98 -15.49 -22.85
C GLU S 161 82.16 -14.30 -21.92
N SER S 162 81.32 -13.28 -22.03
CA SER S 162 81.48 -12.05 -21.27
C SER S 162 80.52 -11.94 -20.10
N TYR S 163 79.85 -13.03 -19.72
CA TYR S 163 78.86 -12.98 -18.65
C TYR S 163 79.51 -13.28 -17.31
N ALA S 164 79.36 -12.35 -16.36
CA ALA S 164 79.78 -12.55 -14.99
C ALA S 164 78.56 -12.39 -14.09
N GLU S 165 78.26 -13.43 -13.31
CA GLU S 165 77.16 -13.35 -12.36
C GLU S 165 77.45 -12.26 -11.32
N ASN S 166 76.39 -11.60 -10.87
CA ASN S 166 76.47 -10.56 -9.85
C ASN S 166 77.30 -9.37 -10.32
N ALA S 167 77.15 -9.00 -11.59
CA ALA S 167 77.89 -7.87 -12.13
C ALA S 167 77.33 -6.56 -11.59
N SER S 168 78.16 -5.53 -11.65
CA SER S 168 77.71 -4.19 -11.27
C SER S 168 76.70 -3.66 -12.29
N LEU S 169 75.94 -2.66 -11.87
CA LEU S 169 75.01 -2.01 -12.79
C LEU S 169 75.74 -1.44 -13.99
N THR S 170 76.76 -0.62 -13.74
CA THR S 170 77.52 -0.04 -14.84
C THR S 170 78.36 -1.09 -15.58
N ASP S 171 78.80 -2.13 -14.86
CA ASP S 171 79.56 -3.20 -15.51
C ASP S 171 78.65 -4.04 -16.41
N ALA S 172 77.46 -4.38 -15.93
CA ALA S 172 76.52 -5.13 -16.76
C ALA S 172 76.10 -4.31 -17.98
N LEU S 173 75.90 -3.01 -17.79
CA LEU S 173 75.61 -2.14 -18.92
C LEU S 173 76.76 -2.11 -19.91
N ARG S 174 78.00 -2.14 -19.41
CA ARG S 174 79.17 -2.19 -20.28
C ARG S 174 79.19 -3.49 -21.07
N ILE S 175 78.88 -4.62 -20.43
CA ILE S 175 78.91 -5.90 -21.13
C ILE S 175 77.82 -5.97 -22.20
N ALA S 176 76.61 -5.51 -21.84
CA ALA S 176 75.49 -5.60 -22.77
C ALA S 176 75.70 -4.69 -23.97
N VAL S 177 76.17 -3.46 -23.75
CA VAL S 177 76.44 -2.56 -24.87
C VAL S 177 77.55 -3.12 -25.75
N ALA S 178 78.54 -3.79 -25.15
CA ALA S 178 79.58 -4.44 -25.93
C ALA S 178 79.00 -5.52 -26.83
N ALA S 179 78.07 -6.32 -26.30
CA ALA S 179 77.48 -7.39 -27.09
C ALA S 179 76.60 -6.84 -28.20
N LEU S 180 75.90 -5.74 -27.94
CA LEU S 180 75.08 -5.11 -28.98
C LEU S 180 75.95 -4.51 -30.08
N ARG S 181 77.08 -3.90 -29.69
CA ARG S 181 78.02 -3.37 -30.67
C ARG S 181 78.51 -4.46 -31.63
N ALA S 182 78.58 -5.70 -31.16
CA ALA S 182 79.13 -6.78 -31.99
C ALA S 182 78.12 -7.23 -33.05
N GLY S 183 76.87 -7.47 -32.64
CA GLY S 183 75.92 -8.10 -33.53
C GLY S 183 75.56 -7.26 -34.75
N SER S 184 75.58 -5.94 -34.61
CA SER S 184 75.23 -5.02 -35.70
C SER S 184 73.83 -5.29 -36.24
N LEU S 195 77.61 3.35 -29.72
CA LEU S 195 76.25 3.40 -29.18
C LEU S 195 76.17 4.26 -27.93
N GLY S 196 75.86 5.54 -28.12
CA GLY S 196 75.74 6.49 -27.04
C GLY S 196 74.36 6.47 -26.41
N VAL S 197 74.09 7.49 -25.60
CA VAL S 197 72.79 7.61 -24.94
C VAL S 197 71.69 7.81 -25.98
N ALA S 198 72.00 8.53 -27.05
CA ALA S 198 71.00 8.84 -28.07
C ALA S 198 70.53 7.61 -28.84
N SER S 199 71.14 6.44 -28.62
CA SER S 199 70.81 5.23 -29.36
C SER S 199 70.41 4.06 -28.47
N LEU S 200 70.18 4.29 -27.18
CA LEU S 200 69.94 3.20 -26.23
C LEU S 200 68.68 3.46 -25.42
N GLU S 201 67.94 2.38 -25.16
CA GLU S 201 66.86 2.37 -24.18
C GLU S 201 67.25 1.38 -23.08
N VAL S 202 67.44 1.89 -21.87
CA VAL S 202 67.94 1.08 -20.76
C VAL S 202 66.97 1.19 -19.59
N ALA S 203 66.65 0.05 -18.98
CA ALA S 203 65.80 0.00 -17.80
C ALA S 203 66.23 -1.18 -16.95
N VAL S 204 65.79 -1.18 -15.69
CA VAL S 204 66.18 -2.21 -14.74
C VAL S 204 64.96 -2.63 -13.93
N LEU S 205 64.88 -3.92 -13.65
CA LEU S 205 64.04 -4.43 -12.56
C LEU S 205 64.92 -4.46 -11.32
N ASP S 206 64.80 -3.42 -10.49
CA ASP S 206 65.69 -3.22 -9.35
C ASP S 206 65.07 -3.90 -8.13
N ALA S 207 65.64 -5.04 -7.73
CA ALA S 207 65.12 -5.79 -6.59
C ALA S 207 65.26 -5.04 -5.28
N ASN S 208 65.99 -3.92 -5.25
CA ASN S 208 66.11 -3.14 -4.02
C ASN S 208 64.98 -2.15 -3.82
N ARG S 209 64.23 -1.82 -4.87
CA ARG S 209 63.09 -0.95 -4.71
C ARG S 209 61.95 -1.70 -4.01
N PRO S 210 61.20 -1.02 -3.13
CA PRO S 210 60.31 -1.76 -2.23
C PRO S 210 59.12 -2.42 -2.92
N ARG S 211 58.56 -1.81 -3.96
CA ARG S 211 57.39 -2.39 -4.60
C ARG S 211 57.56 -2.45 -6.12
N ARG S 212 57.38 -1.33 -6.81
CA ARG S 212 57.51 -1.28 -8.26
C ARG S 212 59.00 -1.24 -8.60
N ALA S 213 59.51 -2.38 -9.05
CA ALA S 213 60.95 -2.54 -9.29
C ALA S 213 61.42 -1.92 -10.60
N PHE S 214 60.51 -1.68 -11.54
CA PHE S 214 60.91 -1.16 -12.85
C PHE S 214 61.28 0.31 -12.76
N ARG S 215 62.39 0.68 -13.41
CA ARG S 215 62.77 2.08 -13.53
C ARG S 215 63.74 2.23 -14.69
N ARG S 216 63.57 3.31 -15.45
CA ARG S 216 64.44 3.62 -16.58
C ARG S 216 65.61 4.47 -16.13
N ILE S 217 66.66 4.48 -16.95
CA ILE S 217 67.87 5.23 -16.67
C ILE S 217 68.05 6.23 -17.82
N THR S 218 67.83 7.51 -17.52
CA THR S 218 67.72 8.55 -18.54
C THR S 218 69.06 9.23 -18.78
N GLY S 219 69.05 10.24 -19.66
CA GLY S 219 70.21 10.90 -20.22
C GLY S 219 71.43 11.10 -19.34
N SER S 220 71.31 11.97 -18.33
CA SER S 220 72.47 12.28 -17.48
C SER S 220 72.95 11.06 -16.71
N ALA S 221 72.02 10.32 -16.09
CA ALA S 221 72.39 9.12 -15.36
C ALA S 221 72.93 8.05 -16.30
N LEU S 222 72.35 7.95 -17.50
CA LEU S 222 72.82 6.95 -18.46
C LEU S 222 74.22 7.27 -18.96
N GLN S 223 74.45 8.51 -19.42
CA GLN S 223 75.77 8.88 -19.92
C GLN S 223 76.82 8.79 -18.81
N ALA S 224 76.40 8.91 -17.55
CA ALA S 224 77.32 8.66 -16.45
C ALA S 224 77.68 7.17 -16.38
N LEU S 225 76.66 6.30 -16.50
CA LEU S 225 76.92 4.86 -16.45
C LEU S 225 77.69 4.38 -17.67
N LEU S 226 77.27 4.83 -18.87
CA LEU S 226 77.85 4.36 -20.13
C LEU S 226 79.35 4.52 -20.16
N VAL S 227 79.83 5.74 -20.37
CA VAL S 227 81.25 6.03 -20.36
C VAL S 227 81.57 6.79 -19.08
N ASP S 228 81.94 6.06 -18.03
CA ASP S 228 82.31 6.58 -16.71
C ASP S 228 82.86 8.00 -16.68
N MET T 1 40.81 -33.14 -49.86
CA MET T 1 40.47 -33.32 -48.46
C MET T 1 41.29 -34.46 -47.84
N GLU T 2 41.71 -35.41 -48.68
CA GLU T 2 42.54 -36.50 -48.20
C GLU T 2 43.95 -36.02 -47.86
N GLN T 3 44.53 -35.19 -48.72
CA GLN T 3 45.87 -34.66 -48.46
C GLN T 3 45.86 -33.58 -47.38
N ALA T 4 44.71 -32.99 -47.09
CA ALA T 4 44.61 -32.10 -45.94
C ALA T 4 44.86 -32.87 -44.65
N MET T 5 44.11 -33.96 -44.43
CA MET T 5 44.32 -34.78 -43.25
C MET T 5 45.68 -35.48 -43.29
N ARG T 6 46.18 -35.80 -44.49
CA ARG T 6 47.51 -36.38 -44.61
C ARG T 6 48.58 -35.42 -44.11
N GLU T 7 48.52 -34.16 -44.55
CA GLU T 7 49.52 -33.18 -44.16
C GLU T 7 49.38 -32.80 -42.69
N ARG T 8 48.15 -32.77 -42.17
CA ARG T 8 47.97 -32.50 -40.75
C ARG T 8 48.60 -33.59 -39.89
N SER T 9 48.31 -34.86 -40.22
CA SER T 9 48.92 -35.96 -39.49
C SER T 9 50.44 -35.94 -39.62
N GLU T 10 50.95 -35.63 -40.81
CA GLU T 10 52.39 -35.51 -40.99
C GLU T 10 52.96 -34.41 -40.10
N LEU T 11 52.35 -33.22 -40.12
CA LEU T 11 52.85 -32.11 -39.32
C LEU T 11 52.84 -32.45 -37.84
N ALA T 12 51.76 -33.05 -37.35
CA ALA T 12 51.68 -33.41 -35.95
C ALA T 12 52.71 -34.49 -35.60
N ARG T 13 52.81 -35.53 -36.43
CA ARG T 13 53.80 -36.58 -36.19
C ARG T 13 55.21 -36.01 -36.14
N LYS T 14 55.54 -35.12 -37.09
CA LYS T 14 56.87 -34.53 -37.12
C LYS T 14 57.14 -33.67 -35.90
N GLY T 15 56.15 -32.87 -35.49
CA GLY T 15 56.33 -32.02 -34.33
C GLY T 15 56.52 -32.81 -33.05
N ILE T 16 55.74 -33.88 -32.86
CA ILE T 16 55.91 -34.72 -31.68
C ILE T 16 57.22 -35.47 -31.74
N ALA T 17 57.66 -35.86 -32.94
CA ALA T 17 58.91 -36.60 -33.08
C ALA T 17 60.12 -35.78 -32.66
N ARG T 18 60.01 -34.45 -32.67
CA ARG T 18 61.14 -33.60 -32.32
C ARG T 18 61.23 -33.26 -30.84
N ALA T 19 60.15 -33.48 -30.09
CA ALA T 19 60.11 -33.07 -28.70
C ALA T 19 60.71 -34.15 -27.80
N LYS T 20 61.17 -33.71 -26.62
CA LYS T 20 61.66 -34.64 -25.61
C LYS T 20 60.57 -35.63 -25.22
N SER T 21 60.99 -36.77 -24.67
CA SER T 21 60.11 -37.89 -24.44
C SER T 21 59.77 -38.04 -22.96
N VAL T 22 58.71 -38.79 -22.70
CA VAL T 22 58.18 -38.99 -21.35
C VAL T 22 57.55 -40.38 -21.28
N VAL T 23 57.73 -41.06 -20.15
CA VAL T 23 57.11 -42.36 -19.93
C VAL T 23 56.35 -42.36 -18.61
N ALA T 24 55.30 -43.17 -18.56
CA ALA T 24 54.51 -43.38 -17.36
C ALA T 24 54.43 -44.87 -17.08
N LEU T 25 54.67 -45.26 -15.83
CA LEU T 25 54.81 -46.67 -15.46
C LEU T 25 54.01 -46.98 -14.21
N ALA T 26 53.25 -48.06 -14.25
CA ALA T 26 52.63 -48.58 -13.03
C ALA T 26 53.69 -49.23 -12.15
N TYR T 27 53.61 -48.99 -10.84
CA TYR T 27 54.54 -49.62 -9.90
C TYR T 27 53.77 -49.94 -8.62
N ALA T 28 54.50 -50.40 -7.60
CA ALA T 28 53.85 -50.89 -6.39
C ALA T 28 53.12 -49.78 -5.63
N GLY T 29 53.71 -48.59 -5.60
CA GLY T 29 53.09 -47.48 -4.91
C GLY T 29 52.08 -46.69 -5.72
N GLY T 30 52.02 -46.91 -7.03
CA GLY T 30 51.08 -46.20 -7.88
C GLY T 30 51.56 -46.05 -9.31
N VAL T 31 51.71 -44.82 -9.78
CA VAL T 31 52.17 -44.53 -11.14
C VAL T 31 53.34 -43.56 -11.05
N LEU T 32 54.38 -43.84 -11.82
CA LEU T 32 55.57 -42.99 -11.90
C LEU T 32 55.57 -42.27 -13.24
N PHE T 33 55.77 -40.96 -13.20
CA PHE T 33 56.01 -40.16 -14.39
C PHE T 33 57.45 -39.70 -14.37
N VAL T 34 58.17 -39.91 -15.47
CA VAL T 34 59.49 -39.32 -15.66
C VAL T 34 59.52 -38.74 -17.08
N ALA T 35 60.01 -37.51 -17.18
CA ALA T 35 60.03 -36.80 -18.45
C ALA T 35 61.33 -36.03 -18.57
N GLU T 36 61.78 -35.87 -19.81
CA GLU T 36 62.96 -35.06 -20.10
C GLU T 36 62.56 -33.59 -20.09
N ASN T 37 63.08 -32.83 -19.12
CA ASN T 37 62.68 -31.44 -18.92
C ASN T 37 63.78 -30.67 -18.21
N PRO T 38 64.50 -29.78 -18.92
CA PRO T 38 65.56 -29.01 -18.27
C PRO T 38 65.05 -27.78 -17.53
N SER T 39 63.90 -27.26 -17.95
CA SER T 39 63.38 -26.03 -17.36
C SER T 39 63.07 -26.24 -15.88
N ARG T 40 63.14 -25.14 -15.13
CA ARG T 40 62.94 -25.17 -13.68
C ARG T 40 61.54 -24.77 -13.25
N SER T 41 60.72 -24.21 -14.15
CA SER T 41 59.35 -23.83 -13.83
C SER T 41 58.32 -24.28 -14.86
N LEU T 42 58.74 -24.66 -16.07
CA LEU T 42 57.82 -25.15 -17.09
C LEU T 42 57.69 -26.66 -16.94
N GLN T 43 56.46 -27.14 -16.77
CA GLN T 43 56.21 -28.50 -16.33
C GLN T 43 55.41 -29.28 -17.36
N LYS T 44 55.81 -30.54 -17.56
CA LYS T 44 55.11 -31.47 -18.45
C LYS T 44 54.29 -32.50 -17.71
N ILE T 45 54.48 -32.65 -16.40
CA ILE T 45 53.71 -33.56 -15.56
C ILE T 45 52.87 -32.73 -14.61
N SER T 46 51.63 -33.15 -14.37
CA SER T 46 50.74 -32.31 -13.58
C SER T 46 49.62 -33.13 -12.99
N GLU T 47 49.13 -32.65 -11.85
CA GLU T 47 47.92 -33.20 -11.24
C GLU T 47 46.69 -32.76 -12.02
N LEU T 48 45.74 -33.66 -12.18
CA LEU T 48 44.42 -33.34 -12.72
C LEU T 48 43.32 -33.39 -11.67
N TYR T 49 43.34 -34.39 -10.81
CA TYR T 49 42.33 -34.50 -9.75
C TYR T 49 42.95 -35.30 -8.61
N ASP T 50 42.09 -35.89 -7.76
CA ASP T 50 42.59 -36.56 -6.56
C ASP T 50 43.54 -37.70 -6.91
N ARG T 51 43.10 -38.60 -7.79
CA ARG T 51 43.86 -39.80 -8.12
C ARG T 51 44.26 -39.86 -9.59
N VAL T 52 44.07 -38.77 -10.33
CA VAL T 52 44.27 -38.76 -11.78
C VAL T 52 45.40 -37.79 -12.10
N GLY T 53 46.40 -38.29 -12.85
CA GLY T 53 47.55 -37.50 -13.23
C GLY T 53 47.62 -37.30 -14.74
N PHE T 54 48.51 -36.39 -15.14
CA PHE T 54 48.60 -35.92 -16.52
C PHE T 54 50.06 -35.84 -16.92
N ALA T 55 50.36 -36.34 -18.12
CA ALA T 55 51.69 -36.22 -18.72
C ALA T 55 51.53 -35.96 -20.20
N ALA T 56 52.47 -35.21 -20.77
CA ALA T 56 52.33 -34.78 -22.15
C ALA T 56 53.69 -34.58 -22.80
N ALA T 57 53.70 -34.71 -24.12
CA ALA T 57 54.87 -34.44 -24.93
C ALA T 57 54.45 -33.61 -26.14
N GLY T 58 55.35 -32.73 -26.58
CA GLY T 58 55.10 -31.90 -27.74
C GLY T 58 55.21 -30.42 -27.42
N LYS T 59 54.40 -29.63 -28.12
CA LYS T 59 54.44 -28.18 -27.99
C LYS T 59 53.87 -27.77 -26.63
N PHE T 60 54.63 -26.96 -25.88
CA PHE T 60 54.27 -26.68 -24.50
C PHE T 60 52.91 -25.98 -24.39
N ASN T 61 52.74 -24.88 -25.12
CA ASN T 61 51.51 -24.10 -24.99
C ASN T 61 50.28 -24.93 -25.32
N GLU T 62 50.43 -25.92 -26.21
CA GLU T 62 49.27 -26.69 -26.65
C GLU T 62 48.87 -27.73 -25.61
N PHE T 63 49.83 -28.48 -25.07
CA PHE T 63 49.43 -29.44 -24.05
C PHE T 63 49.17 -28.78 -22.71
N ASP T 64 49.68 -27.55 -22.50
CA ASP T 64 49.30 -26.81 -21.30
C ASP T 64 47.86 -26.30 -21.40
N ASN T 65 47.44 -25.91 -22.61
CA ASN T 65 46.03 -25.62 -22.83
C ASN T 65 45.17 -26.83 -22.51
N LEU T 66 45.62 -28.03 -22.91
CA LEU T 66 44.86 -29.24 -22.64
C LEU T 66 44.91 -29.60 -21.16
N ARG T 67 46.05 -29.38 -20.51
CA ARG T 67 46.14 -29.60 -19.08
C ARG T 67 45.13 -28.77 -18.32
N ARG T 68 45.09 -27.46 -18.60
CA ARG T 68 44.11 -26.58 -17.97
C ARG T 68 42.69 -26.99 -18.30
N GLY T 69 42.42 -27.32 -19.57
CA GLY T 69 41.08 -27.76 -19.95
C GLY T 69 40.64 -29.00 -19.19
N GLY T 70 41.58 -29.93 -18.95
CA GLY T 70 41.24 -31.12 -18.20
C GLY T 70 40.99 -30.82 -16.73
N ILE T 71 41.79 -29.91 -16.15
CA ILE T 71 41.57 -29.49 -14.77
C ILE T 71 40.19 -28.85 -14.63
N GLN T 72 39.82 -27.99 -15.59
CA GLN T 72 38.49 -27.39 -15.56
C GLN T 72 37.39 -28.46 -15.64
N PHE T 73 37.57 -29.44 -16.52
CA PHE T 73 36.56 -30.48 -16.67
C PHE T 73 36.43 -31.30 -15.39
N ALA T 74 37.55 -31.64 -14.76
CA ALA T 74 37.51 -32.49 -13.59
C ALA T 74 36.89 -31.76 -12.39
N ASP T 75 37.32 -30.52 -12.16
CA ASP T 75 36.77 -29.75 -11.05
C ASP T 75 35.27 -29.49 -11.25
N THR T 76 34.85 -29.23 -12.48
CA THR T 76 33.42 -28.98 -12.72
C THR T 76 32.60 -30.26 -12.55
N ARG T 77 33.13 -31.39 -13.04
CA ARG T 77 32.43 -32.66 -12.85
C ARG T 77 32.34 -33.03 -11.38
N GLY T 78 33.44 -32.85 -10.64
CA GLY T 78 33.42 -33.16 -9.23
C GLY T 78 32.51 -32.27 -8.41
N TYR T 79 32.34 -31.01 -8.82
CA TYR T 79 31.45 -30.12 -8.09
C TYR T 79 29.99 -30.41 -8.42
N ALA T 80 29.68 -30.59 -9.69
CA ALA T 80 28.29 -30.82 -10.10
C ALA T 80 27.78 -32.16 -9.57
N TYR T 81 28.67 -33.11 -9.30
CA TYR T 81 28.26 -34.40 -8.78
C TYR T 81 28.94 -34.69 -7.45
N ASP T 82 30.11 -35.32 -7.49
CA ASP T 82 30.91 -35.57 -6.30
C ASP T 82 32.31 -35.96 -6.76
N ARG T 83 33.30 -35.79 -5.87
CA ARG T 83 34.68 -36.01 -6.23
C ARG T 83 34.90 -37.43 -6.78
N ARG T 84 34.24 -38.43 -6.19
CA ARG T 84 34.47 -39.81 -6.59
C ARG T 84 33.89 -40.14 -7.96
N ASP T 85 33.05 -39.28 -8.52
CA ASP T 85 32.52 -39.52 -9.86
C ASP T 85 33.49 -39.10 -10.96
N VAL T 86 34.64 -38.55 -10.60
CA VAL T 86 35.68 -38.17 -11.56
C VAL T 86 36.65 -39.33 -11.71
N THR T 87 36.75 -39.87 -12.92
CA THR T 87 37.62 -41.00 -13.20
C THR T 87 38.62 -40.62 -14.28
N GLY T 88 39.75 -41.32 -14.29
CA GLY T 88 40.73 -41.12 -15.33
C GLY T 88 40.22 -41.51 -16.70
N ARG T 89 39.25 -42.44 -16.75
CA ARG T 89 38.66 -42.81 -18.03
C ARG T 89 37.82 -41.67 -18.59
N GLN T 90 37.06 -40.98 -17.73
CA GLN T 90 36.31 -39.81 -18.17
C GLN T 90 37.21 -38.77 -18.79
N LEU T 91 38.36 -38.50 -18.16
CA LEU T 91 39.25 -37.46 -18.66
C LEU T 91 39.99 -37.92 -19.91
N ALA T 92 40.33 -39.21 -20.01
CA ALA T 92 40.87 -39.72 -21.27
C ALA T 92 39.85 -39.61 -22.39
N ASN T 93 38.58 -39.92 -22.09
CA ASN T 93 37.53 -39.81 -23.09
C ASN T 93 37.35 -38.37 -23.56
N VAL T 94 37.35 -37.41 -22.63
CA VAL T 94 37.13 -36.02 -23.04
C VAL T 94 38.35 -35.47 -23.75
N TYR T 95 39.54 -35.94 -23.40
CA TYR T 95 40.74 -35.57 -24.15
C TYR T 95 40.68 -36.11 -25.58
N ALA T 96 40.18 -37.34 -25.74
CA ALA T 96 40.07 -37.92 -27.08
C ALA T 96 39.08 -37.14 -27.93
N GLN T 97 37.92 -36.82 -27.38
CA GLN T 97 36.94 -36.01 -28.11
C GLN T 97 37.48 -34.62 -28.42
N THR T 98 38.22 -34.03 -27.47
CA THR T 98 38.73 -32.68 -27.67
C THR T 98 39.83 -32.65 -28.73
N LEU T 99 40.75 -33.61 -28.68
CA LEU T 99 41.83 -33.65 -29.66
C LEU T 99 41.30 -34.01 -31.05
N GLY T 100 40.25 -34.82 -31.12
CA GLY T 100 39.61 -35.08 -32.40
C GLY T 100 39.02 -33.83 -33.01
N THR T 101 38.35 -33.01 -32.20
CA THR T 101 37.83 -31.73 -32.69
C THR T 101 38.97 -30.82 -33.12
N ILE T 102 40.03 -30.75 -32.33
CA ILE T 102 41.18 -29.91 -32.66
C ILE T 102 41.82 -30.38 -33.96
N PHE T 103 41.95 -31.69 -34.14
CA PHE T 103 42.66 -32.22 -35.30
C PHE T 103 41.92 -31.95 -36.61
N THR T 104 40.58 -31.92 -36.57
CA THR T 104 39.79 -31.79 -37.78
C THR T 104 39.30 -30.37 -38.04
N GLU T 105 39.35 -29.49 -37.05
CA GLU T 105 38.69 -28.20 -37.18
C GLU T 105 39.60 -26.99 -37.01
N GLN T 106 40.67 -27.07 -36.25
CA GLN T 106 41.48 -25.89 -35.97
C GLN T 106 42.52 -25.66 -37.06
N ALA T 107 43.02 -24.42 -37.10
CA ALA T 107 43.91 -23.99 -38.18
C ALA T 107 45.14 -24.88 -38.29
N LYS T 108 45.74 -25.24 -37.16
CA LYS T 108 46.81 -26.21 -37.12
C LYS T 108 46.49 -27.26 -36.06
N PRO T 109 46.67 -28.54 -36.38
CA PRO T 109 46.44 -29.58 -35.36
C PRO T 109 47.46 -29.46 -34.24
N TYR T 110 47.05 -29.88 -33.05
CA TYR T 110 47.93 -29.84 -31.90
C TYR T 110 49.02 -30.91 -32.05
N GLU T 111 50.27 -30.50 -31.86
CA GLU T 111 51.41 -31.41 -31.91
C GLU T 111 51.71 -31.93 -30.50
N VAL T 112 50.79 -32.76 -30.00
CA VAL T 112 50.84 -33.22 -28.62
C VAL T 112 50.49 -34.71 -28.54
N GLU T 113 50.98 -35.35 -27.48
CA GLU T 113 50.59 -36.70 -27.11
C GLU T 113 50.44 -36.74 -25.60
N LEU T 114 49.30 -37.22 -25.12
CA LEU T 114 48.88 -37.07 -23.74
C LEU T 114 48.73 -38.43 -23.06
N CYS T 115 49.06 -38.46 -21.77
CA CYS T 115 48.83 -39.64 -20.93
C CYS T 115 47.99 -39.24 -19.72
N VAL T 116 46.95 -40.03 -19.44
CA VAL T 116 46.10 -39.85 -18.27
C VAL T 116 46.20 -41.12 -17.44
N ALA T 117 46.77 -41.00 -16.24
CA ALA T 117 46.95 -42.12 -15.34
C ALA T 117 46.08 -41.97 -14.10
N GLU T 118 45.56 -43.08 -13.60
CA GLU T 118 44.76 -43.09 -12.38
C GLU T 118 45.23 -44.23 -11.49
N VAL T 119 45.43 -43.92 -10.21
CA VAL T 119 45.72 -44.92 -9.20
C VAL T 119 44.48 -45.07 -8.32
N ALA T 120 44.47 -46.12 -7.51
CA ALA T 120 43.33 -46.38 -6.66
C ALA T 120 43.22 -45.35 -5.54
N HIS T 121 42.00 -45.20 -5.02
CA HIS T 121 41.81 -44.38 -3.84
C HIS T 121 42.46 -45.03 -2.63
N TYR T 122 42.73 -44.21 -1.60
CA TYR T 122 43.42 -44.69 -0.41
C TYR T 122 42.63 -45.81 0.26
N GLY T 123 43.36 -46.79 0.80
CA GLY T 123 42.75 -47.93 1.45
C GLY T 123 42.12 -48.94 0.51
N GLU T 124 42.03 -48.64 -0.79
CA GLU T 124 41.45 -49.54 -1.76
C GLU T 124 42.56 -50.14 -2.62
N THR T 125 42.27 -51.32 -3.18
CA THR T 125 43.22 -52.06 -4.02
C THR T 125 42.66 -52.12 -5.43
N LYS T 126 43.47 -51.67 -6.39
CA LYS T 126 43.06 -51.60 -7.79
C LYS T 126 44.28 -51.30 -8.65
N ARG T 127 44.46 -52.06 -9.73
CA ARG T 127 45.65 -51.86 -10.54
C ARG T 127 45.55 -50.52 -11.26
N PRO T 128 46.64 -49.75 -11.32
CA PRO T 128 46.60 -48.45 -11.98
C PRO T 128 46.25 -48.57 -13.45
N GLU T 129 45.56 -47.55 -13.96
CA GLU T 129 45.19 -47.49 -15.36
C GLU T 129 46.00 -46.40 -16.06
N LEU T 130 46.41 -46.69 -17.30
CA LEU T 130 47.14 -45.73 -18.11
C LEU T 130 46.44 -45.58 -19.45
N TYR T 131 46.28 -44.32 -19.88
CA TYR T 131 45.62 -44.01 -21.14
C TYR T 131 46.54 -43.14 -21.99
N ARG T 132 46.68 -43.50 -23.26
CA ARG T 132 47.43 -42.72 -24.24
C ARG T 132 46.46 -42.11 -25.23
N ILE T 133 46.54 -40.80 -25.41
CA ILE T 133 45.73 -40.07 -26.38
C ILE T 133 46.66 -39.38 -27.35
N THR T 134 46.45 -39.59 -28.65
CA THR T 134 47.29 -39.03 -29.69
C THR T 134 46.62 -37.79 -30.28
N TYR T 135 47.31 -37.17 -31.25
CA TYR T 135 46.87 -35.88 -31.77
C TYR T 135 45.55 -35.95 -32.51
N ASP T 136 45.17 -37.11 -33.04
CA ASP T 136 43.98 -37.22 -33.85
C ASP T 136 42.75 -37.64 -33.05
N GLY T 137 42.86 -37.75 -31.74
CA GLY T 137 41.77 -38.23 -30.93
C GLY T 137 41.72 -39.74 -30.75
N SER T 138 42.73 -40.45 -31.23
CA SER T 138 42.81 -41.88 -30.97
C SER T 138 43.23 -42.13 -29.53
N ILE T 139 42.59 -43.12 -28.90
CA ILE T 139 42.80 -43.39 -27.49
C ILE T 139 43.13 -44.87 -27.32
N ALA T 140 44.12 -45.15 -26.46
CA ALA T 140 44.61 -46.50 -26.23
C ALA T 140 44.68 -46.78 -24.73
N ASP T 141 44.04 -47.88 -24.32
CA ASP T 141 44.14 -48.35 -22.94
C ASP T 141 45.44 -49.14 -22.78
N GLU T 142 46.19 -48.85 -21.72
CA GLU T 142 47.47 -49.50 -21.49
C GLU T 142 47.62 -49.90 -20.03
N PRO T 143 48.14 -51.11 -19.77
CA PRO T 143 48.18 -51.60 -18.39
C PRO T 143 49.52 -51.41 -17.69
N HIS T 144 50.61 -51.30 -18.45
CA HIS T 144 51.94 -51.34 -17.85
C HIS T 144 52.76 -50.08 -18.09
N PHE T 145 52.83 -49.60 -19.34
CA PHE T 145 53.76 -48.52 -19.64
C PHE T 145 53.27 -47.73 -20.83
N VAL T 146 53.40 -46.41 -20.76
CA VAL T 146 53.08 -45.49 -21.84
C VAL T 146 54.31 -44.66 -22.14
N VAL T 147 54.68 -44.58 -23.42
CA VAL T 147 55.82 -43.78 -23.86
C VAL T 147 55.33 -42.79 -24.91
N MET T 148 55.79 -41.55 -24.81
CA MET T 148 55.34 -40.48 -25.68
C MET T 148 56.51 -39.55 -26.00
N GLY T 149 56.54 -39.06 -27.24
CA GLY T 149 57.50 -38.04 -27.62
C GLY T 149 58.78 -38.56 -28.24
N GLY T 150 59.28 -37.85 -29.24
CA GLY T 150 60.53 -38.17 -29.90
C GLY T 150 60.49 -39.53 -30.56
N THR T 151 61.66 -40.12 -30.72
CA THR T 151 61.76 -41.51 -31.16
C THR T 151 61.29 -42.43 -30.04
N THR T 152 60.26 -43.23 -30.31
CA THR T 152 59.58 -43.97 -29.26
C THR T 152 59.93 -45.45 -29.21
N GLU T 153 60.22 -46.06 -30.36
CA GLU T 153 60.44 -47.51 -30.40
C GLU T 153 61.56 -47.99 -29.48
N PRO T 154 62.74 -47.36 -29.43
CA PRO T 154 63.77 -47.85 -28.50
C PRO T 154 63.34 -47.86 -27.05
N ILE T 155 62.56 -46.86 -26.61
CA ILE T 155 62.10 -46.82 -25.23
C ILE T 155 61.10 -47.93 -24.96
N ALA T 156 60.23 -48.22 -25.94
CA ALA T 156 59.28 -49.32 -25.79
C ALA T 156 60.00 -50.65 -25.67
N ASN T 157 61.11 -50.81 -26.40
CA ASN T 157 61.89 -52.04 -26.32
C ASN T 157 62.59 -52.16 -24.97
N ALA T 158 63.26 -51.08 -24.53
CA ALA T 158 63.96 -51.12 -23.26
C ALA T 158 63.02 -51.37 -22.09
N LEU T 159 61.78 -50.86 -22.18
CA LEU T 159 60.79 -51.14 -21.15
C LEU T 159 60.23 -52.54 -21.30
N LYS T 160 60.00 -53.00 -22.53
CA LYS T 160 59.54 -54.37 -22.76
C LYS T 160 60.45 -55.37 -22.06
N GLU T 161 61.76 -55.09 -22.02
CA GLU T 161 62.69 -55.97 -21.32
C GLU T 161 62.70 -55.68 -19.82
N SER T 162 63.06 -54.45 -19.43
CA SER T 162 63.41 -54.12 -18.06
C SER T 162 62.20 -53.86 -17.16
N TYR T 163 60.97 -54.05 -17.62
CA TYR T 163 59.80 -53.79 -16.79
C TYR T 163 59.41 -55.03 -16.01
N ALA T 164 59.03 -54.82 -14.75
CA ALA T 164 58.51 -55.87 -13.89
C ALA T 164 57.36 -55.30 -13.08
N GLU T 165 56.28 -56.07 -12.99
CA GLU T 165 55.08 -55.59 -12.31
C GLU T 165 55.34 -55.41 -10.81
N ASN T 166 54.84 -54.30 -10.27
CA ASN T 166 54.97 -53.98 -8.85
C ASN T 166 56.43 -53.85 -8.43
N ALA T 167 57.25 -53.28 -9.31
CA ALA T 167 58.63 -52.97 -8.96
C ALA T 167 58.67 -51.87 -7.90
N SER T 168 59.85 -51.67 -7.33
CA SER T 168 59.99 -50.67 -6.28
C SER T 168 60.03 -49.26 -6.87
N LEU T 169 60.02 -48.26 -5.99
CA LEU T 169 60.11 -46.88 -6.42
C LEU T 169 61.44 -46.60 -7.10
N THR T 170 62.54 -46.95 -6.42
CA THR T 170 63.86 -46.73 -7.00
C THR T 170 64.08 -47.59 -8.24
N ASP T 171 63.59 -48.83 -8.22
CA ASP T 171 63.74 -49.72 -9.37
C ASP T 171 63.00 -49.15 -10.59
N ALA T 172 61.73 -48.79 -10.41
CA ALA T 172 60.96 -48.25 -11.53
C ALA T 172 61.55 -46.94 -12.04
N LEU T 173 62.05 -46.09 -11.13
CA LEU T 173 62.66 -44.85 -11.54
C LEU T 173 63.90 -45.10 -12.42
N ARG T 174 64.79 -45.96 -11.96
CA ARG T 174 66.01 -46.22 -12.72
C ARG T 174 65.71 -46.99 -14.01
N ILE T 175 64.72 -47.90 -13.98
CA ILE T 175 64.29 -48.57 -15.19
C ILE T 175 63.82 -47.56 -16.22
N ALA T 176 63.02 -46.58 -15.79
CA ALA T 176 62.44 -45.61 -16.70
C ALA T 176 63.50 -44.68 -17.27
N VAL T 177 64.40 -44.18 -16.41
CA VAL T 177 65.46 -43.29 -16.88
C VAL T 177 66.35 -44.00 -17.89
N ALA T 178 66.71 -45.26 -17.61
CA ALA T 178 67.53 -46.01 -18.54
C ALA T 178 66.79 -46.32 -19.83
N ALA T 179 65.49 -46.59 -19.74
CA ALA T 179 64.71 -46.91 -20.93
C ALA T 179 64.63 -45.72 -21.88
N LEU T 180 64.44 -44.51 -21.34
CA LEU T 180 64.43 -43.33 -22.18
C LEU T 180 65.83 -42.91 -22.61
N ARG T 181 66.87 -43.33 -21.87
CA ARG T 181 68.23 -43.07 -22.31
C ARG T 181 68.54 -43.72 -23.65
N ALA T 182 67.78 -44.75 -24.03
CA ALA T 182 67.96 -45.40 -25.32
C ALA T 182 67.67 -44.44 -26.46
N THR T 194 74.06 -39.83 -18.66
CA THR T 194 73.79 -39.32 -17.31
C THR T 194 72.65 -38.30 -17.33
N LEU T 195 71.85 -38.30 -16.28
CA LEU T 195 70.64 -37.47 -16.23
C LEU T 195 70.44 -37.01 -14.78
N GLY T 196 70.81 -35.75 -14.51
CA GLY T 196 70.73 -35.22 -13.16
C GLY T 196 69.39 -34.56 -12.85
N VAL T 197 69.22 -34.18 -11.58
CA VAL T 197 67.94 -33.68 -11.10
C VAL T 197 67.54 -32.40 -11.84
N ALA T 198 68.51 -31.65 -12.35
CA ALA T 198 68.20 -30.46 -13.13
C ALA T 198 67.79 -30.77 -14.56
N SER T 199 67.86 -32.03 -14.97
CA SER T 199 67.56 -32.43 -16.33
C SER T 199 66.34 -33.34 -16.43
N LEU T 200 65.65 -33.61 -15.32
CA LEU T 200 64.45 -34.45 -15.34
C LEU T 200 63.30 -33.74 -14.64
N GLU T 201 62.09 -34.19 -14.98
CA GLU T 201 60.88 -33.86 -14.25
C GLU T 201 60.25 -35.19 -13.85
N VAL T 202 60.21 -35.46 -12.54
CA VAL T 202 59.69 -36.71 -12.03
C VAL T 202 58.53 -36.41 -11.09
N ALA T 203 57.55 -37.32 -11.07
CA ALA T 203 56.38 -37.19 -10.22
C ALA T 203 55.71 -38.55 -10.09
N VAL T 204 54.90 -38.69 -9.05
CA VAL T 204 54.21 -39.93 -8.77
C VAL T 204 52.75 -39.66 -8.46
N LEU T 205 51.90 -40.61 -8.84
CA LEU T 205 50.57 -40.74 -8.25
C LEU T 205 50.73 -41.74 -7.11
N ASP T 206 50.82 -41.24 -5.89
CA ASP T 206 51.13 -42.06 -4.72
C ASP T 206 49.83 -42.63 -4.17
N ALA T 207 49.54 -43.90 -4.50
CA ALA T 207 48.31 -44.53 -4.07
C ALA T 207 48.19 -44.66 -2.56
N ASN T 208 49.27 -44.38 -1.81
CA ASN T 208 49.22 -44.44 -0.36
C ASN T 208 48.81 -43.10 0.27
N ARG T 209 48.65 -42.06 -0.54
CA ARG T 209 48.20 -40.77 -0.03
C ARG T 209 46.70 -40.81 0.26
N PRO T 210 46.25 -40.06 1.28
CA PRO T 210 44.82 -40.14 1.65
C PRO T 210 43.88 -39.54 0.61
N ARG T 211 44.24 -38.43 -0.01
CA ARG T 211 43.34 -37.80 -0.97
C ARG T 211 44.04 -37.40 -2.25
N ARG T 212 44.92 -36.41 -2.18
CA ARG T 212 45.63 -35.90 -3.36
C ARG T 212 46.87 -36.76 -3.59
N ALA T 213 46.77 -37.66 -4.56
CA ALA T 213 47.83 -38.65 -4.79
C ALA T 213 49.02 -38.09 -5.55
N PHE T 214 48.86 -36.95 -6.23
CA PHE T 214 49.97 -36.40 -7.00
C PHE T 214 51.03 -35.83 -6.05
N ARG T 215 52.29 -36.00 -6.45
CA ARG T 215 53.42 -35.75 -5.56
C ARG T 215 54.69 -35.65 -6.40
N ARG T 216 55.30 -34.47 -6.43
CA ARG T 216 56.52 -34.27 -7.20
C ARG T 216 57.73 -34.71 -6.37
N ILE T 217 58.51 -35.64 -6.92
CA ILE T 217 59.70 -36.13 -6.23
C ILE T 217 60.92 -35.26 -6.50
N THR T 218 60.94 -34.53 -7.63
CA THR T 218 62.07 -33.71 -8.05
C THR T 218 62.65 -32.91 -6.89
N GLY T 219 63.98 -32.89 -6.81
CA GLY T 219 64.71 -32.15 -5.82
C GLY T 219 65.89 -32.96 -5.32
N SER T 220 66.37 -32.60 -4.12
CA SER T 220 67.42 -33.39 -3.49
C SER T 220 66.92 -34.78 -3.14
N ALA T 221 65.61 -34.92 -2.89
CA ALA T 221 65.03 -36.25 -2.70
C ALA T 221 65.12 -37.06 -3.98
N LEU T 222 64.93 -36.43 -5.14
CA LEU T 222 65.11 -37.11 -6.41
C LEU T 222 66.53 -37.62 -6.54
N GLN T 223 67.52 -36.77 -6.24
CA GLN T 223 68.92 -37.19 -6.28
C GLN T 223 69.19 -38.35 -5.35
N ALA T 224 68.53 -38.33 -4.18
CA ALA T 224 68.65 -39.47 -3.25
C ALA T 224 68.15 -40.75 -3.89
N LEU T 225 67.03 -40.67 -4.62
CA LEU T 225 66.52 -41.84 -5.34
C LEU T 225 67.37 -42.18 -6.55
N LEU T 226 68.20 -41.27 -7.03
CA LEU T 226 69.07 -41.53 -8.16
C LEU T 226 70.34 -42.25 -7.72
N MET U 1 31.85 -29.71 -56.48
CA MET U 1 30.76 -30.30 -55.70
C MET U 1 30.86 -31.81 -55.67
N GLU U 2 30.88 -32.41 -56.86
CA GLU U 2 31.06 -33.85 -56.97
C GLU U 2 32.38 -34.28 -56.32
N GLN U 3 33.43 -33.47 -56.49
CA GLN U 3 34.74 -33.82 -55.94
C GLN U 3 34.73 -33.82 -54.42
N ALA U 4 34.02 -32.86 -53.82
CA ALA U 4 33.95 -32.79 -52.36
C ALA U 4 33.33 -34.05 -51.78
N MET U 5 32.08 -34.34 -52.18
CA MET U 5 31.40 -35.51 -51.62
C MET U 5 32.07 -36.81 -52.02
N ARG U 6 32.70 -36.85 -53.19
CA ARG U 6 33.47 -38.03 -53.59
C ARG U 6 34.58 -38.31 -52.58
N GLU U 7 35.39 -37.29 -52.28
CA GLU U 7 36.49 -37.48 -51.34
C GLU U 7 35.99 -37.72 -49.93
N ARG U 8 34.83 -37.17 -49.56
CA ARG U 8 34.28 -37.41 -48.23
C ARG U 8 33.84 -38.87 -48.07
N SER U 9 33.12 -39.38 -49.07
CA SER U 9 32.76 -40.80 -49.06
C SER U 9 34.00 -41.68 -49.08
N GLU U 10 35.02 -41.27 -49.84
CA GLU U 10 36.27 -42.02 -49.87
C GLU U 10 36.94 -42.05 -48.50
N LEU U 11 37.04 -40.88 -47.86
CA LEU U 11 37.66 -40.80 -46.54
C LEU U 11 36.93 -41.68 -45.53
N ALA U 12 35.60 -41.68 -45.56
CA ALA U 12 34.83 -42.47 -44.61
C ALA U 12 34.92 -43.95 -44.92
N ARG U 13 34.96 -44.31 -46.21
CA ARG U 13 35.14 -45.71 -46.58
C ARG U 13 36.45 -46.27 -46.01
N LYS U 14 37.55 -45.56 -46.23
CA LYS U 14 38.85 -46.04 -45.76
C LYS U 14 38.90 -46.14 -44.24
N GLY U 15 38.37 -45.14 -43.54
CA GLY U 15 38.40 -45.18 -42.09
C GLY U 15 37.60 -46.33 -41.51
N ILE U 16 36.43 -46.60 -42.08
CA ILE U 16 35.61 -47.71 -41.59
C ILE U 16 36.25 -49.04 -41.96
N ALA U 17 36.79 -49.16 -43.18
CA ALA U 17 37.40 -50.41 -43.61
C ALA U 17 38.64 -50.76 -42.80
N ARG U 18 39.35 -49.76 -42.29
CA ARG U 18 40.54 -50.02 -41.49
C ARG U 18 40.16 -50.49 -40.09
N ALA U 19 39.02 -50.07 -39.57
CA ALA U 19 38.63 -50.41 -38.20
C ALA U 19 38.17 -51.86 -38.11
N LYS U 20 38.03 -52.34 -36.87
CA LYS U 20 37.66 -53.72 -36.62
C LYS U 20 36.14 -53.90 -36.73
N SER U 21 35.71 -55.16 -36.73
CA SER U 21 34.39 -55.53 -37.20
C SER U 21 33.43 -55.84 -36.05
N VAL U 22 32.14 -55.60 -36.30
CA VAL U 22 31.07 -55.77 -35.33
C VAL U 22 29.91 -56.46 -36.01
N VAL U 23 29.20 -57.31 -35.27
CA VAL U 23 28.06 -58.05 -35.81
C VAL U 23 26.92 -58.04 -34.78
N ALA U 24 25.70 -57.95 -35.29
CA ALA U 24 24.49 -58.04 -34.47
C ALA U 24 23.54 -59.04 -35.11
N LEU U 25 23.04 -59.98 -34.32
CA LEU U 25 22.19 -61.05 -34.82
C LEU U 25 20.92 -61.17 -33.99
N ALA U 26 19.80 -61.45 -34.65
CA ALA U 26 18.55 -61.75 -33.99
C ALA U 26 18.47 -63.24 -33.69
N TYR U 27 18.24 -63.58 -32.41
CA TYR U 27 18.14 -64.96 -31.98
C TYR U 27 16.91 -65.11 -31.08
N ALA U 28 16.74 -66.32 -30.52
CA ALA U 28 15.51 -66.65 -29.81
C ALA U 28 15.36 -65.84 -28.53
N GLY U 29 16.45 -65.39 -27.93
CA GLY U 29 16.39 -64.59 -26.73
C GLY U 29 16.37 -63.09 -26.94
N GLY U 30 16.51 -62.63 -28.18
CA GLY U 30 16.53 -61.21 -28.46
C GLY U 30 17.52 -60.83 -29.54
N VAL U 31 18.52 -60.04 -29.19
CA VAL U 31 19.56 -59.58 -30.11
C VAL U 31 20.91 -59.71 -29.42
N LEU U 32 21.92 -60.17 -30.15
CA LEU U 32 23.26 -60.37 -29.65
C LEU U 32 24.24 -59.53 -30.46
N PHE U 33 25.11 -58.80 -29.76
CA PHE U 33 26.15 -58.00 -30.39
C PHE U 33 27.51 -58.61 -30.05
N VAL U 34 28.33 -58.83 -31.08
CA VAL U 34 29.69 -59.33 -30.90
C VAL U 34 30.64 -58.43 -31.68
N ALA U 35 31.66 -57.91 -31.01
CA ALA U 35 32.63 -57.03 -31.63
C ALA U 35 34.02 -57.42 -31.16
N GLU U 36 35.02 -57.15 -32.01
CA GLU U 36 36.41 -57.39 -31.67
C GLU U 36 36.96 -56.14 -30.99
N ASN U 37 37.26 -56.26 -29.69
CA ASN U 37 37.76 -55.15 -28.90
C ASN U 37 38.80 -55.66 -27.90
N PRO U 38 40.08 -55.34 -28.09
CA PRO U 38 41.10 -55.75 -27.12
C PRO U 38 41.18 -54.87 -25.88
N SER U 39 40.54 -53.69 -25.89
CA SER U 39 40.59 -52.81 -24.74
C SER U 39 39.69 -53.32 -23.63
N ARG U 40 40.02 -52.93 -22.40
CA ARG U 40 39.25 -53.35 -21.23
C ARG U 40 38.22 -52.33 -20.78
N SER U 41 38.36 -51.07 -21.18
CA SER U 41 37.46 -50.02 -20.69
C SER U 41 36.78 -49.21 -21.80
N LEU U 42 37.20 -49.35 -23.05
CA LEU U 42 36.61 -48.60 -24.15
C LEU U 42 35.62 -49.49 -24.90
N GLN U 43 34.35 -49.10 -24.89
CA GLN U 43 33.25 -49.95 -25.29
C GLN U 43 32.65 -49.51 -26.62
N LYS U 44 32.39 -50.48 -27.50
CA LYS U 44 31.76 -50.22 -28.79
C LYS U 44 30.28 -50.53 -28.81
N ILE U 45 29.80 -51.41 -27.93
CA ILE U 45 28.40 -51.79 -27.82
C ILE U 45 27.85 -51.14 -26.56
N SER U 46 26.62 -50.65 -26.62
CA SER U 46 26.10 -49.87 -25.52
C SER U 46 24.58 -49.92 -25.47
N GLU U 47 24.05 -49.68 -24.26
CA GLU U 47 22.63 -49.46 -24.07
C GLU U 47 22.25 -48.08 -24.56
N LEU U 48 21.07 -47.98 -25.17
CA LEU U 48 20.47 -46.69 -25.50
C LEU U 48 19.24 -46.39 -24.66
N TYR U 49 18.35 -47.36 -24.51
CA TYR U 49 17.14 -47.15 -23.73
C TYR U 49 16.71 -48.49 -23.15
N ASP U 50 15.43 -48.60 -22.77
CA ASP U 50 14.94 -49.80 -22.12
C ASP U 50 15.19 -51.03 -22.97
N ARG U 51 14.66 -51.05 -24.19
CA ARG U 51 14.74 -52.23 -25.06
C ARG U 51 15.55 -51.95 -26.31
N VAL U 52 16.36 -50.88 -26.31
CA VAL U 52 17.08 -50.45 -27.51
C VAL U 52 18.57 -50.47 -27.22
N GLY U 53 19.34 -51.09 -28.11
CA GLY U 53 20.77 -51.21 -27.98
C GLY U 53 21.50 -50.56 -29.16
N PHE U 54 22.80 -50.35 -28.96
CA PHE U 54 23.63 -49.57 -29.87
C PHE U 54 24.96 -50.27 -30.07
N ALA U 55 25.39 -50.37 -31.32
CA ALA U 55 26.70 -50.92 -31.66
C ALA U 55 27.29 -50.11 -32.81
N ALA U 56 28.61 -49.95 -32.78
CA ALA U 56 29.25 -49.10 -33.78
C ALA U 56 30.63 -49.66 -34.12
N ALA U 57 31.10 -49.28 -35.31
CA ALA U 57 32.45 -49.58 -35.77
C ALA U 57 33.05 -48.32 -36.37
N GLY U 58 34.32 -48.09 -36.11
CA GLY U 58 35.01 -46.93 -36.66
C GLY U 58 35.84 -46.18 -35.65
N LYS U 59 35.95 -44.86 -35.84
CA LYS U 59 36.74 -44.03 -34.95
C LYS U 59 36.01 -43.84 -33.63
N PHE U 60 36.70 -44.08 -32.51
CA PHE U 60 36.03 -44.22 -31.22
C PHE U 60 35.32 -42.94 -30.83
N ASN U 61 36.05 -41.82 -30.74
CA ASN U 61 35.47 -40.59 -30.24
C ASN U 61 34.23 -40.18 -31.03
N GLU U 62 34.16 -40.55 -32.30
CA GLU U 62 33.06 -40.11 -33.14
C GLU U 62 31.80 -40.92 -32.88
N PHE U 63 31.89 -42.24 -32.79
CA PHE U 63 30.69 -42.98 -32.46
C PHE U 63 30.36 -42.91 -30.97
N ASP U 64 31.32 -42.51 -30.14
CA ASP U 64 31.00 -42.20 -28.74
C ASP U 64 30.17 -40.93 -28.65
N ASN U 65 30.49 -39.92 -29.46
CA ASN U 65 29.63 -38.74 -29.54
C ASN U 65 28.23 -39.11 -30.01
N LEU U 66 28.14 -39.98 -31.02
CA LEU U 66 26.84 -40.41 -31.52
C LEU U 66 26.10 -41.27 -30.50
N ARG U 67 26.81 -42.07 -29.73
CA ARG U 67 26.18 -42.85 -28.67
C ARG U 67 25.58 -41.93 -27.61
N ARG U 68 26.36 -40.96 -27.14
CA ARG U 68 25.85 -40.01 -26.15
C ARG U 68 24.66 -39.23 -26.69
N GLY U 69 24.76 -38.77 -27.95
CA GLY U 69 23.66 -38.00 -28.53
C GLY U 69 22.38 -38.80 -28.66
N GLY U 70 22.50 -40.11 -28.92
CA GLY U 70 21.33 -40.96 -28.93
C GLY U 70 20.75 -41.15 -27.55
N ILE U 71 21.59 -41.17 -26.52
CA ILE U 71 21.09 -41.27 -25.16
C ILE U 71 20.35 -39.99 -24.77
N GLN U 72 20.86 -38.83 -25.19
CA GLN U 72 20.15 -37.58 -24.94
C GLN U 72 18.80 -37.58 -25.64
N PHE U 73 18.77 -38.01 -26.89
CA PHE U 73 17.51 -38.02 -27.64
C PHE U 73 16.49 -38.94 -26.98
N ALA U 74 16.89 -40.18 -26.67
CA ALA U 74 15.94 -41.15 -26.12
C ALA U 74 15.46 -40.74 -24.74
N ASP U 75 16.37 -40.29 -23.87
CA ASP U 75 15.96 -39.87 -22.53
C ASP U 75 15.05 -38.65 -22.59
N THR U 76 15.38 -37.68 -23.45
CA THR U 76 14.53 -36.51 -23.62
C THR U 76 13.16 -36.90 -24.17
N ARG U 77 13.13 -37.80 -25.17
CA ARG U 77 11.87 -38.21 -25.77
C ARG U 77 11.01 -38.98 -24.78
N GLY U 78 11.61 -39.86 -23.99
CA GLY U 78 10.85 -40.63 -23.03
C GLY U 78 10.33 -39.81 -21.86
N TYR U 79 11.05 -38.74 -21.49
CA TYR U 79 10.55 -37.84 -20.46
C TYR U 79 9.46 -36.93 -21.00
N ALA U 80 9.64 -36.41 -22.21
CA ALA U 80 8.67 -35.47 -22.79
C ALA U 80 7.35 -36.16 -23.13
N TYR U 81 7.39 -37.45 -23.46
CA TYR U 81 6.17 -38.20 -23.76
C TYR U 81 6.08 -39.34 -22.76
N ASP U 82 6.45 -40.55 -23.14
CA ASP U 82 6.53 -41.66 -22.18
C ASP U 82 7.64 -42.59 -22.63
N ARG U 83 8.07 -43.46 -21.71
CA ARG U 83 9.13 -44.41 -22.02
C ARG U 83 8.77 -45.28 -23.22
N ARG U 84 7.53 -45.80 -23.24
CA ARG U 84 7.14 -46.72 -24.31
C ARG U 84 6.93 -46.03 -25.65
N ASP U 85 7.14 -44.71 -25.73
CA ASP U 85 7.11 -44.01 -27.01
C ASP U 85 8.48 -43.95 -27.67
N VAL U 86 9.53 -44.36 -26.97
CA VAL U 86 10.87 -44.45 -27.56
C VAL U 86 10.99 -45.80 -28.27
N THR U 87 11.34 -45.76 -29.56
CA THR U 87 11.48 -46.96 -30.36
C THR U 87 12.83 -46.97 -31.06
N GLY U 88 13.26 -48.17 -31.46
CA GLY U 88 14.47 -48.29 -32.24
C GLY U 88 14.36 -47.66 -33.61
N ARG U 89 13.18 -47.75 -34.22
CA ARG U 89 12.95 -47.06 -35.49
C ARG U 89 13.20 -45.56 -35.36
N GLN U 90 12.72 -44.96 -34.27
CA GLN U 90 12.92 -43.53 -34.04
C GLN U 90 14.40 -43.20 -33.94
N LEU U 91 15.13 -43.93 -33.09
CA LEU U 91 16.54 -43.64 -32.89
C LEU U 91 17.36 -43.87 -34.16
N ALA U 92 17.00 -44.90 -34.93
CA ALA U 92 17.67 -45.10 -36.21
C ALA U 92 17.39 -43.96 -37.17
N ASN U 93 16.13 -43.50 -37.22
CA ASN U 93 15.78 -42.35 -38.04
C ASN U 93 16.59 -41.11 -37.65
N VAL U 94 16.77 -40.89 -36.35
CA VAL U 94 17.52 -39.72 -35.90
C VAL U 94 18.99 -39.86 -36.25
N TYR U 95 19.52 -41.08 -36.17
CA TYR U 95 20.92 -41.29 -36.54
C TYR U 95 21.14 -41.08 -38.03
N ALA U 96 20.15 -41.42 -38.86
CA ALA U 96 20.27 -41.17 -40.29
C ALA U 96 20.30 -39.67 -40.58
N GLN U 97 19.37 -38.92 -39.97
CA GLN U 97 19.37 -37.48 -40.14
C GLN U 97 20.65 -36.85 -39.60
N THR U 98 21.16 -37.35 -38.46
CA THR U 98 22.34 -36.75 -37.85
C THR U 98 23.58 -37.00 -38.69
N LEU U 99 23.79 -38.25 -39.11
CA LEU U 99 24.96 -38.57 -39.92
C LEU U 99 24.88 -37.92 -41.29
N GLY U 100 23.67 -37.77 -41.84
CA GLY U 100 23.53 -37.02 -43.08
C GLY U 100 24.00 -35.58 -42.94
N THR U 101 23.63 -34.93 -41.84
CA THR U 101 24.09 -33.57 -41.59
C THR U 101 25.60 -33.53 -41.40
N ILE U 102 26.14 -34.47 -40.62
CA ILE U 102 27.58 -34.52 -40.38
C ILE U 102 28.33 -34.74 -41.70
N PHE U 103 27.83 -35.66 -42.53
CA PHE U 103 28.53 -36.02 -43.75
C PHE U 103 28.61 -34.84 -44.71
N THR U 104 27.55 -34.02 -44.77
CA THR U 104 27.50 -32.93 -45.74
C THR U 104 27.99 -31.59 -45.18
N GLU U 105 27.98 -31.41 -43.86
CA GLU U 105 28.20 -30.08 -43.29
C GLU U 105 29.44 -29.94 -42.42
N GLN U 106 29.94 -31.02 -41.81
CA GLN U 106 31.03 -30.82 -40.87
C GLN U 106 32.38 -30.79 -41.59
N ALA U 107 33.40 -30.34 -40.85
CA ALA U 107 34.74 -30.22 -41.42
C ALA U 107 35.24 -31.56 -41.93
N LYS U 108 34.92 -32.65 -41.23
CA LYS U 108 35.30 -33.99 -41.66
C LYS U 108 34.12 -34.91 -41.40
N PRO U 109 33.73 -35.74 -42.37
CA PRO U 109 32.66 -36.72 -42.11
C PRO U 109 33.09 -37.72 -41.06
N TYR U 110 32.10 -38.29 -40.37
CA TYR U 110 32.37 -39.29 -39.35
C TYR U 110 32.71 -40.63 -40.00
N GLU U 111 33.79 -41.25 -39.54
CA GLU U 111 34.17 -42.58 -40.02
C GLU U 111 33.56 -43.62 -39.07
N VAL U 112 32.26 -43.83 -39.21
CA VAL U 112 31.49 -44.69 -38.32
C VAL U 112 30.47 -45.48 -39.11
N GLU U 113 30.08 -46.62 -38.54
CA GLU U 113 28.96 -47.43 -39.00
C GLU U 113 28.15 -47.83 -37.79
N LEU U 114 26.85 -47.55 -37.83
CA LEU U 114 26.00 -47.68 -36.65
C LEU U 114 24.95 -48.77 -36.84
N CYS U 115 24.72 -49.52 -35.77
CA CYS U 115 23.60 -50.45 -35.68
C CYS U 115 22.75 -50.09 -34.47
N VAL U 116 21.46 -49.92 -34.71
CA VAL U 116 20.47 -49.73 -33.65
C VAL U 116 19.54 -50.93 -33.68
N ALA U 117 19.32 -51.54 -32.51
CA ALA U 117 18.49 -52.73 -32.40
C ALA U 117 17.49 -52.56 -31.27
N GLU U 118 16.31 -53.14 -31.45
CA GLU U 118 15.27 -53.15 -30.44
C GLU U 118 14.70 -54.57 -30.33
N VAL U 119 14.46 -55.00 -29.10
CA VAL U 119 13.78 -56.26 -28.83
C VAL U 119 12.45 -55.96 -28.16
N ALA U 120 11.60 -56.98 -28.10
CA ALA U 120 10.26 -56.79 -27.56
C ALA U 120 10.32 -56.41 -26.08
N HIS U 121 9.24 -55.79 -25.62
CA HIS U 121 9.11 -55.53 -24.19
C HIS U 121 8.74 -56.83 -23.46
N TYR U 122 8.95 -56.81 -22.14
CA TYR U 122 8.73 -58.01 -21.35
C TYR U 122 7.29 -58.51 -21.49
N GLY U 123 7.14 -59.82 -21.67
CA GLY U 123 5.84 -60.43 -21.80
C GLY U 123 5.20 -60.33 -23.17
N GLU U 124 5.86 -59.68 -24.13
CA GLU U 124 5.32 -59.51 -25.47
C GLU U 124 6.11 -60.37 -26.46
N THR U 125 5.47 -60.68 -27.57
CA THR U 125 6.07 -61.46 -28.66
C THR U 125 6.07 -60.58 -29.91
N LYS U 126 7.15 -59.84 -30.10
CA LYS U 126 7.34 -58.98 -31.25
C LYS U 126 8.69 -59.25 -31.87
N ARG U 127 8.72 -59.35 -33.19
CA ARG U 127 9.95 -59.71 -33.90
C ARG U 127 11.01 -58.63 -33.67
N PRO U 128 12.25 -59.01 -33.36
CA PRO U 128 13.30 -58.00 -33.17
C PRO U 128 13.53 -57.19 -34.43
N GLU U 129 14.05 -55.98 -34.23
CA GLU U 129 14.33 -55.07 -35.33
C GLU U 129 15.79 -54.65 -35.27
N LEU U 130 16.46 -54.67 -36.41
CA LEU U 130 17.83 -54.22 -36.54
C LEU U 130 17.90 -53.15 -37.62
N TYR U 131 18.70 -52.11 -37.37
CA TYR U 131 18.87 -51.01 -38.31
C TYR U 131 20.35 -50.73 -38.50
N ARG U 132 20.75 -50.51 -39.74
CA ARG U 132 22.13 -50.16 -40.09
C ARG U 132 22.12 -48.76 -40.68
N ILE U 133 23.00 -47.89 -40.17
CA ILE U 133 23.10 -46.52 -40.64
C ILE U 133 24.55 -46.25 -41.00
N THR U 134 24.79 -45.83 -42.24
CA THR U 134 26.14 -45.62 -42.72
C THR U 134 26.56 -44.15 -42.57
N TYR U 135 27.83 -43.89 -42.90
CA TYR U 135 28.44 -42.60 -42.64
C TYR U 135 27.75 -41.43 -43.33
N ASP U 136 26.92 -41.70 -44.34
CA ASP U 136 26.27 -40.63 -45.10
C ASP U 136 24.79 -40.51 -44.79
N GLY U 137 24.30 -41.25 -43.80
CA GLY U 137 22.89 -41.22 -43.45
C GLY U 137 22.03 -42.27 -44.12
N SER U 138 22.61 -43.12 -44.96
CA SER U 138 21.86 -44.22 -45.54
C SER U 138 21.46 -45.18 -44.43
N ILE U 139 20.21 -45.62 -44.46
CA ILE U 139 19.66 -46.47 -43.43
C ILE U 139 18.91 -47.61 -44.08
N ALA U 140 19.07 -48.81 -43.52
CA ALA U 140 18.33 -49.99 -43.95
C ALA U 140 18.05 -50.84 -42.73
N ASP U 141 16.86 -51.42 -42.67
CA ASP U 141 16.51 -52.33 -41.59
C ASP U 141 16.65 -53.77 -42.07
N GLU U 142 17.29 -54.60 -41.24
CA GLU U 142 17.57 -55.99 -41.56
C GLU U 142 16.69 -56.92 -40.76
N PRO U 143 16.46 -58.12 -41.25
CA PRO U 143 15.64 -59.08 -40.49
C PRO U 143 16.46 -59.95 -39.54
N HIS U 144 17.71 -60.24 -39.91
CA HIS U 144 18.47 -61.28 -39.22
C HIS U 144 19.80 -60.80 -38.67
N PHE U 145 20.62 -60.11 -39.46
CA PHE U 145 21.94 -59.75 -38.98
C PHE U 145 22.42 -58.46 -39.62
N VAL U 146 23.42 -57.85 -38.97
CA VAL U 146 24.02 -56.60 -39.40
C VAL U 146 25.53 -56.71 -39.18
N VAL U 147 26.31 -56.33 -40.19
CA VAL U 147 27.77 -56.36 -40.12
C VAL U 147 28.29 -54.95 -40.35
N MET U 148 29.33 -54.57 -39.60
CA MET U 148 29.88 -53.23 -39.68
C MET U 148 31.38 -53.27 -39.48
N GLY U 149 32.08 -52.37 -40.16
CA GLY U 149 33.50 -52.19 -39.98
C GLY U 149 34.32 -53.26 -40.68
N GLY U 150 35.57 -52.91 -40.95
CA GLY U 150 36.49 -53.87 -41.54
C GLY U 150 36.01 -54.35 -42.89
N THR U 151 36.30 -55.61 -43.20
CA THR U 151 35.87 -56.24 -44.45
C THR U 151 34.54 -56.96 -44.17
N THR U 152 33.45 -56.38 -44.66
CA THR U 152 32.12 -56.81 -44.27
C THR U 152 31.59 -57.98 -45.10
N GLU U 153 31.81 -57.96 -46.41
CA GLU U 153 31.19 -58.94 -47.30
C GLU U 153 31.53 -60.39 -46.98
N PRO U 154 32.78 -60.75 -46.61
CA PRO U 154 33.00 -62.14 -46.15
C PRO U 154 32.15 -62.52 -44.96
N ILE U 155 32.07 -61.64 -43.95
CA ILE U 155 31.29 -61.93 -42.75
C ILE U 155 29.81 -62.01 -43.09
N ALA U 156 29.32 -61.12 -43.97
CA ALA U 156 27.90 -61.11 -44.31
C ALA U 156 27.50 -62.40 -45.02
N ASN U 157 28.29 -62.84 -46.00
CA ASN U 157 27.98 -64.07 -46.69
C ASN U 157 28.15 -65.29 -45.79
N ALA U 158 29.14 -65.26 -44.90
CA ALA U 158 29.31 -66.35 -43.94
C ALA U 158 28.08 -66.50 -43.06
N LEU U 159 27.56 -65.39 -42.55
CA LEU U 159 26.33 -65.45 -41.76
C LEU U 159 25.14 -65.85 -42.61
N LYS U 160 25.09 -65.37 -43.86
CA LYS U 160 24.03 -65.78 -44.77
C LYS U 160 24.00 -67.29 -44.95
N GLU U 161 25.15 -67.95 -44.78
CA GLU U 161 25.19 -69.41 -44.79
C GLU U 161 24.74 -69.98 -43.45
N SER U 162 25.31 -69.46 -42.35
CA SER U 162 25.23 -70.11 -41.06
C SER U 162 24.27 -69.44 -40.08
N TYR U 163 23.27 -68.70 -40.58
CA TYR U 163 22.27 -68.11 -39.70
C TYR U 163 21.05 -69.00 -39.63
N ALA U 164 20.54 -69.19 -38.41
CA ALA U 164 19.30 -69.90 -38.15
C ALA U 164 18.41 -69.01 -37.31
N GLU U 165 17.18 -68.77 -37.79
CA GLU U 165 16.26 -67.90 -37.07
C GLU U 165 15.80 -68.58 -35.79
N ASN U 166 15.72 -67.80 -34.71
CA ASN U 166 15.34 -68.29 -33.38
C ASN U 166 16.31 -69.36 -32.89
N ALA U 167 17.60 -69.16 -33.16
CA ALA U 167 18.63 -70.08 -32.70
C ALA U 167 18.92 -69.86 -31.22
N SER U 168 19.76 -70.74 -30.67
CA SER U 168 20.13 -70.66 -29.26
C SER U 168 21.11 -69.51 -29.03
N LEU U 169 21.30 -69.18 -27.76
CA LEU U 169 22.24 -68.11 -27.39
C LEU U 169 23.67 -68.50 -27.73
N THR U 170 24.17 -69.58 -27.13
CA THR U 170 25.52 -70.02 -27.41
C THR U 170 25.70 -70.43 -28.87
N ASP U 171 24.64 -70.92 -29.50
CA ASP U 171 24.68 -71.21 -30.93
C ASP U 171 24.99 -69.95 -31.73
N ALA U 172 24.22 -68.88 -31.47
CA ALA U 172 24.42 -67.64 -32.21
C ALA U 172 25.77 -67.00 -31.91
N LEU U 173 26.26 -67.14 -30.68
CA LEU U 173 27.58 -66.58 -30.35
C LEU U 173 28.67 -67.26 -31.17
N ARG U 174 28.65 -68.60 -31.23
CA ARG U 174 29.66 -69.31 -32.00
C ARG U 174 29.49 -69.06 -33.49
N ILE U 175 28.25 -68.93 -33.97
CA ILE U 175 28.02 -68.54 -35.35
C ILE U 175 28.63 -67.18 -35.63
N ALA U 176 28.45 -66.23 -34.72
CA ALA U 176 28.99 -64.88 -34.92
C ALA U 176 30.51 -64.87 -34.91
N VAL U 177 31.12 -65.58 -33.95
CA VAL U 177 32.57 -65.61 -33.87
C VAL U 177 33.17 -66.31 -35.10
N ALA U 178 32.49 -67.36 -35.58
CA ALA U 178 32.95 -68.04 -36.78
C ALA U 178 32.89 -67.11 -38.00
N ALA U 179 31.83 -66.31 -38.10
CA ALA U 179 31.76 -65.34 -39.17
C ALA U 179 32.77 -64.22 -38.98
N LEU U 180 33.13 -63.93 -37.73
CA LEU U 180 34.06 -62.83 -37.46
C LEU U 180 35.48 -63.22 -37.84
N ARG U 181 35.86 -64.48 -37.64
CA ARG U 181 37.22 -64.90 -37.99
C ARG U 181 37.43 -65.00 -39.50
N ALA U 182 36.36 -64.92 -40.29
CA ALA U 182 36.49 -64.94 -41.76
C ALA U 182 36.75 -63.52 -42.28
N GLY U 183 37.89 -62.98 -41.87
CA GLY U 183 38.29 -61.65 -42.28
C GLY U 183 39.18 -60.95 -41.27
N PRO U 193 42.98 -65.71 -36.01
CA PRO U 193 42.65 -67.13 -36.09
C PRO U 193 41.97 -67.67 -34.83
N THR U 194 42.28 -67.08 -33.68
CA THR U 194 41.69 -67.46 -32.40
C THR U 194 41.20 -66.21 -31.69
N LEU U 195 39.91 -66.19 -31.35
CA LEU U 195 39.28 -65.02 -30.73
C LEU U 195 38.74 -65.41 -29.36
N GLY U 196 39.44 -64.98 -28.30
CA GLY U 196 39.04 -65.24 -26.94
C GLY U 196 38.45 -64.03 -26.26
N VAL U 197 38.33 -64.13 -24.94
CA VAL U 197 37.77 -63.04 -24.14
C VAL U 197 38.60 -61.77 -24.29
N ALA U 198 39.92 -61.91 -24.41
CA ALA U 198 40.79 -60.75 -24.56
C ALA U 198 40.59 -60.03 -25.89
N SER U 199 39.91 -60.63 -26.85
CA SER U 199 39.69 -60.04 -28.16
C SER U 199 38.24 -59.65 -28.43
N LEU U 200 37.36 -59.80 -27.46
CA LEU U 200 35.93 -59.72 -27.73
C LEU U 200 35.21 -58.78 -26.76
N GLU U 201 34.16 -58.16 -27.29
CA GLU U 201 33.19 -57.40 -26.50
C GLU U 201 31.81 -57.93 -26.88
N VAL U 202 31.09 -58.48 -25.89
CA VAL U 202 29.84 -59.18 -26.14
C VAL U 202 28.76 -58.65 -25.22
N ALA U 203 27.57 -58.43 -25.78
CA ALA U 203 26.40 -58.02 -25.00
C ALA U 203 25.15 -58.51 -25.72
N VAL U 204 24.01 -58.41 -25.03
CA VAL U 204 22.75 -58.85 -25.59
C VAL U 204 21.64 -57.89 -25.17
N LEU U 205 20.64 -57.77 -26.04
CA LEU U 205 19.33 -57.22 -25.66
C LEU U 205 18.45 -58.41 -25.32
N ASP U 206 18.30 -58.68 -24.03
CA ASP U 206 17.61 -59.87 -23.54
C ASP U 206 16.13 -59.56 -23.37
N ALA U 207 15.30 -60.08 -24.28
CA ALA U 207 13.86 -59.81 -24.23
C ALA U 207 13.19 -60.39 -22.99
N ASN U 208 13.91 -61.14 -22.16
CA ASN U 208 13.31 -61.72 -20.97
C ASN U 208 13.54 -60.87 -19.71
N ARG U 209 14.38 -59.84 -19.77
CA ARG U 209 14.56 -58.97 -18.63
C ARG U 209 13.36 -58.02 -18.51
N PRO U 210 13.02 -57.59 -17.29
CA PRO U 210 11.75 -56.87 -17.09
C PRO U 210 11.72 -55.46 -17.67
N ARG U 211 12.85 -54.76 -17.76
CA ARG U 211 12.84 -53.46 -18.41
C ARG U 211 14.14 -53.16 -19.16
N ARG U 212 15.27 -53.19 -18.47
CA ARG U 212 16.56 -52.86 -19.09
C ARG U 212 17.15 -54.14 -19.68
N ALA U 213 16.91 -54.34 -20.98
CA ALA U 213 17.28 -55.59 -21.63
C ALA U 213 18.78 -55.70 -21.84
N PHE U 214 19.48 -54.57 -21.97
CA PHE U 214 20.90 -54.60 -22.28
C PHE U 214 21.68 -55.19 -21.11
N ARG U 215 22.54 -56.17 -21.42
CA ARG U 215 23.40 -56.77 -20.41
C ARG U 215 24.67 -57.30 -21.09
N ARG U 216 25.80 -57.05 -20.44
CA ARG U 216 27.09 -57.45 -20.99
C ARG U 216 27.44 -58.87 -20.55
N ILE U 217 28.34 -59.49 -21.32
CA ILE U 217 28.82 -60.84 -21.05
C ILE U 217 30.34 -60.77 -21.01
N THR U 218 30.93 -60.99 -19.83
CA THR U 218 32.36 -60.78 -19.62
C THR U 218 32.99 -62.00 -18.97
N GLY U 219 34.31 -62.09 -19.15
CA GLY U 219 35.17 -63.02 -18.44
C GLY U 219 34.70 -64.46 -18.34
N SER U 220 34.40 -64.89 -17.11
CA SER U 220 34.07 -66.30 -16.87
C SER U 220 32.86 -66.73 -17.69
N ALA U 221 31.77 -65.95 -17.62
CA ALA U 221 30.55 -66.31 -18.34
C ALA U 221 30.81 -66.37 -19.84
N LEU U 222 31.41 -65.32 -20.41
CA LEU U 222 31.67 -65.30 -21.85
C LEU U 222 32.53 -66.48 -22.28
N GLN U 223 33.57 -66.79 -21.51
CA GLN U 223 34.41 -67.93 -21.85
C GLN U 223 33.62 -69.23 -21.78
N ALA U 224 32.71 -69.35 -20.80
CA ALA U 224 31.88 -70.54 -20.71
C ALA U 224 30.99 -70.70 -21.93
N LEU U 225 30.56 -69.59 -22.53
CA LEU U 225 29.74 -69.63 -23.74
C LEU U 225 30.55 -69.99 -24.98
N LEU U 226 31.87 -70.05 -24.89
CA LEU U 226 32.74 -70.37 -26.02
C LEU U 226 33.43 -71.72 -25.84
N VAL U 227 32.71 -72.70 -25.31
CA VAL U 227 33.26 -74.04 -25.15
C VAL U 227 32.32 -75.07 -25.76
N THR V 1 -19.83 -24.94 -15.48
CA THR V 1 -19.65 -26.15 -16.29
C THR V 1 -19.59 -27.40 -15.42
N THR V 2 -20.14 -28.50 -15.92
CA THR V 2 -19.85 -29.82 -15.38
C THR V 2 -19.55 -30.77 -16.54
N ILE V 3 -18.41 -31.45 -16.45
CA ILE V 3 -18.08 -32.56 -17.32
C ILE V 3 -17.96 -33.80 -16.46
N VAL V 4 -18.65 -34.87 -16.84
CA VAL V 4 -18.54 -36.14 -16.14
C VAL V 4 -17.90 -37.18 -17.05
N ALA V 5 -17.22 -38.14 -16.45
CA ALA V 5 -16.69 -39.31 -17.14
C ALA V 5 -16.82 -40.51 -16.21
N LEU V 6 -17.22 -41.65 -16.77
CA LEU V 6 -17.38 -42.86 -15.98
C LEU V 6 -17.06 -44.08 -16.84
N LYS V 7 -16.54 -45.12 -16.19
CA LYS V 7 -16.20 -46.36 -16.86
C LYS V 7 -17.34 -47.37 -16.77
N TYR V 8 -17.61 -48.06 -17.87
CA TYR V 8 -18.59 -49.14 -17.91
C TYR V 8 -17.89 -50.40 -18.41
N PRO V 9 -18.51 -51.61 -18.31
CA PRO V 9 -17.81 -52.82 -18.77
C PRO V 9 -17.35 -52.72 -20.20
N GLY V 10 -16.04 -52.60 -20.39
CA GLY V 10 -15.44 -52.55 -21.71
C GLY V 10 -15.35 -51.17 -22.35
N GLY V 11 -15.56 -50.09 -21.61
CA GLY V 11 -15.50 -48.79 -22.24
C GLY V 11 -15.61 -47.65 -21.25
N VAL V 12 -15.83 -46.46 -21.79
CA VAL V 12 -15.91 -45.24 -21.01
C VAL V 12 -16.89 -44.29 -21.69
N VAL V 13 -17.52 -43.44 -20.88
CA VAL V 13 -18.46 -42.41 -21.33
C VAL V 13 -18.00 -41.08 -20.77
N MET V 14 -18.13 -40.03 -21.57
CA MET V 14 -17.93 -38.65 -21.10
C MET V 14 -19.08 -37.79 -21.59
N ALA V 15 -19.65 -36.99 -20.68
CA ALA V 15 -20.75 -36.10 -21.02
C ALA V 15 -20.51 -34.73 -20.42
N GLY V 16 -21.01 -33.70 -21.10
CA GLY V 16 -20.82 -32.33 -20.66
C GLY V 16 -22.04 -31.48 -20.93
N ASP V 17 -22.17 -30.41 -20.16
CA ASP V 17 -23.31 -29.51 -20.28
C ASP V 17 -23.07 -28.50 -21.40
N ARG V 18 -24.06 -27.62 -21.63
CA ARG V 18 -24.09 -26.75 -22.80
C ARG V 18 -24.02 -25.26 -22.48
N ARG V 19 -23.75 -24.87 -21.23
CA ARG V 19 -23.91 -23.49 -20.80
C ARG V 19 -22.58 -22.73 -20.79
N SER V 20 -22.64 -21.46 -21.19
CA SER V 20 -21.57 -20.50 -20.92
C SER V 20 -22.19 -19.29 -20.24
N THR V 21 -21.44 -18.71 -19.29
CA THR V 21 -21.92 -17.55 -18.56
C THR V 21 -20.90 -16.42 -18.65
N GLN V 22 -21.39 -15.20 -18.43
CA GLN V 22 -20.58 -14.01 -18.23
C GLN V 22 -21.04 -13.40 -16.92
N GLY V 23 -20.44 -13.84 -15.81
CA GLY V 23 -20.95 -13.48 -14.50
C GLY V 23 -22.28 -14.14 -14.24
N ASN V 24 -23.31 -13.35 -13.95
CA ASN V 24 -24.64 -13.92 -13.76
C ASN V 24 -25.35 -14.18 -15.07
N MET V 25 -25.01 -13.44 -16.12
CA MET V 25 -25.72 -13.55 -17.38
C MET V 25 -25.39 -14.86 -18.08
N ILE V 26 -26.41 -15.46 -18.70
CA ILE V 26 -26.22 -16.62 -19.55
C ILE V 26 -25.82 -16.12 -20.93
N SER V 27 -24.65 -16.55 -21.41
CA SER V 27 -24.13 -16.07 -22.68
C SER V 27 -24.08 -17.14 -23.77
N GLY V 28 -24.33 -18.39 -23.42
CA GLY V 28 -24.38 -19.45 -24.40
C GLY V 28 -25.25 -20.59 -23.94
N ARG V 29 -25.97 -21.23 -24.87
CA ARG V 29 -26.85 -22.34 -24.54
C ARG V 29 -26.53 -23.64 -25.27
N ASP V 30 -25.61 -23.62 -26.24
CA ASP V 30 -25.32 -24.82 -27.02
C ASP V 30 -23.83 -25.06 -27.13
N VAL V 31 -23.07 -24.64 -26.12
CA VAL V 31 -21.64 -24.90 -26.10
C VAL V 31 -21.39 -26.40 -26.08
N ARG V 32 -20.45 -26.85 -26.92
CA ARG V 32 -20.02 -28.23 -26.94
C ARG V 32 -18.66 -28.31 -26.26
N LYS V 33 -18.62 -28.97 -25.10
CA LYS V 33 -17.43 -29.00 -24.26
C LYS V 33 -16.73 -30.35 -24.26
N VAL V 34 -17.30 -31.35 -24.93
CA VAL V 34 -16.73 -32.69 -24.99
C VAL V 34 -16.22 -32.90 -26.40
N TYR V 35 -14.92 -33.14 -26.53
CA TYR V 35 -14.25 -33.25 -27.82
C TYR V 35 -13.76 -34.67 -28.05
N ILE V 36 -13.94 -35.18 -29.26
CA ILE V 36 -13.25 -36.38 -29.67
C ILE V 36 -11.85 -35.95 -30.10
N THR V 37 -10.85 -36.29 -29.29
CA THR V 37 -9.49 -35.81 -29.51
C THR V 37 -8.75 -36.70 -30.50
N ASP V 38 -8.96 -38.02 -30.43
CA ASP V 38 -8.55 -38.93 -31.49
C ASP V 38 -9.49 -40.13 -31.46
N ASP V 39 -9.10 -41.19 -32.18
CA ASP V 39 -9.99 -42.34 -32.36
C ASP V 39 -10.38 -42.98 -31.03
N TYR V 40 -9.52 -42.88 -30.01
CA TYR V 40 -9.76 -43.56 -28.74
C TYR V 40 -9.69 -42.61 -27.54
N THR V 41 -9.86 -41.31 -27.75
CA THR V 41 -9.65 -40.35 -26.68
C THR V 41 -10.65 -39.19 -26.79
N ALA V 42 -11.22 -38.81 -25.65
CA ALA V 42 -12.08 -37.65 -25.55
C ALA V 42 -11.62 -36.77 -24.39
N THR V 43 -11.73 -35.46 -24.56
CA THR V 43 -11.40 -34.51 -23.50
C THR V 43 -12.57 -33.55 -23.30
N GLY V 44 -12.92 -33.33 -22.04
CA GLY V 44 -13.85 -32.28 -21.67
C GLY V 44 -13.12 -31.25 -20.82
N ILE V 45 -13.39 -29.97 -21.09
CA ILE V 45 -12.66 -28.89 -20.45
C ILE V 45 -13.65 -27.92 -19.81
N ALA V 46 -13.28 -27.40 -18.65
CA ALA V 46 -13.99 -26.33 -17.98
C ALA V 46 -13.05 -25.16 -17.77
N GLY V 47 -13.62 -23.98 -17.57
CA GLY V 47 -12.83 -22.80 -17.28
C GLY V 47 -13.18 -21.64 -18.18
N THR V 48 -12.21 -20.76 -18.39
CA THR V 48 -12.38 -19.65 -19.33
C THR V 48 -12.62 -20.21 -20.72
N ALA V 49 -13.73 -19.81 -21.34
CA ALA V 49 -14.17 -20.45 -22.58
C ALA V 49 -13.09 -20.40 -23.65
N ALA V 50 -12.48 -19.21 -23.84
CA ALA V 50 -11.45 -19.05 -24.86
C ALA V 50 -10.30 -20.03 -24.65
N VAL V 51 -9.86 -20.18 -23.40
CA VAL V 51 -8.72 -21.05 -23.12
C VAL V 51 -9.12 -22.51 -23.27
N ALA V 52 -10.32 -22.86 -22.81
CA ALA V 52 -10.79 -24.24 -22.93
C ALA V 52 -10.91 -24.65 -24.39
N VAL V 53 -11.54 -23.82 -25.22
CA VAL V 53 -11.65 -24.12 -26.65
C VAL V 53 -10.28 -24.31 -27.27
N GLU V 54 -9.39 -23.34 -27.05
CA GLU V 54 -8.04 -23.38 -27.61
C GLU V 54 -7.28 -24.62 -27.14
N PHE V 55 -7.50 -25.04 -25.89
CA PHE V 55 -6.84 -26.22 -25.34
C PHE V 55 -7.24 -27.47 -26.10
N ALA V 56 -8.55 -27.71 -26.24
CA ALA V 56 -9.02 -28.91 -26.93
C ALA V 56 -8.53 -28.95 -28.37
N ARG V 57 -8.59 -27.81 -29.06
CA ARG V 57 -8.15 -27.74 -30.44
C ARG V 57 -6.66 -28.09 -30.55
N LEU V 58 -5.82 -27.42 -29.75
CA LEU V 58 -4.38 -27.60 -29.87
C LEU V 58 -3.94 -28.98 -29.38
N TYR V 59 -4.59 -29.52 -28.35
CA TYR V 59 -4.26 -30.86 -27.88
C TYR V 59 -4.51 -31.89 -28.97
N ALA V 60 -5.65 -31.78 -29.66
CA ALA V 60 -5.95 -32.72 -30.74
C ALA V 60 -4.93 -32.62 -31.87
N VAL V 61 -4.54 -31.40 -32.25
CA VAL V 61 -3.56 -31.32 -33.34
C VAL V 61 -2.21 -31.85 -32.87
N GLU V 62 -1.87 -31.69 -31.58
CA GLU V 62 -0.58 -32.18 -31.12
C GLU V 62 -0.53 -33.70 -31.15
N LEU V 63 -1.62 -34.37 -30.75
CA LEU V 63 -1.65 -35.82 -30.78
C LEU V 63 -1.56 -36.35 -32.21
N GLU V 64 -2.33 -35.75 -33.12
CA GLU V 64 -2.27 -36.16 -34.53
C GLU V 64 -0.95 -35.77 -35.17
N HIS V 65 -0.36 -34.65 -34.73
CA HIS V 65 0.96 -34.26 -35.21
C HIS V 65 1.99 -35.34 -34.93
N TYR V 66 2.00 -35.85 -33.70
CA TYR V 66 2.93 -36.91 -33.35
C TYR V 66 2.66 -38.17 -34.17
N GLU V 67 1.39 -38.52 -34.32
CA GLU V 67 1.04 -39.73 -35.06
C GLU V 67 1.55 -39.66 -36.49
N LYS V 68 1.33 -38.54 -37.17
CA LYS V 68 1.77 -38.42 -38.56
C LYS V 68 3.29 -38.37 -38.66
N LEU V 69 3.96 -37.74 -37.69
CA LEU V 69 5.42 -37.67 -37.75
C LEU V 69 6.06 -39.04 -37.54
N GLU V 70 5.57 -39.79 -36.56
CA GLU V 70 6.24 -41.01 -36.13
C GLU V 70 5.57 -42.28 -36.63
N GLY V 71 4.40 -42.19 -37.26
CA GLY V 71 3.73 -43.35 -37.80
C GLY V 71 2.89 -44.13 -36.81
N VAL V 72 2.90 -43.76 -35.55
CA VAL V 72 2.17 -44.48 -34.51
C VAL V 72 1.62 -43.45 -33.53
N PRO V 73 0.42 -43.66 -32.98
CA PRO V 73 -0.07 -42.74 -31.95
C PRO V 73 0.74 -42.86 -30.66
N LEU V 74 0.67 -41.80 -29.86
CA LEU V 74 1.28 -41.81 -28.54
C LEU V 74 0.66 -42.91 -27.68
N THR V 75 1.48 -43.49 -26.80
CA THR V 75 0.93 -44.28 -25.71
C THR V 75 0.00 -43.41 -24.88
N PHE V 76 -0.95 -44.06 -24.19
CA PHE V 76 -1.90 -43.30 -23.40
C PHE V 76 -1.20 -42.45 -22.34
N ALA V 77 -0.12 -42.99 -21.76
CA ALA V 77 0.65 -42.20 -20.81
C ALA V 77 1.26 -40.96 -21.47
N GLY V 78 1.70 -41.09 -22.72
CA GLY V 78 2.22 -39.95 -23.43
C GLY V 78 1.17 -38.89 -23.68
N LYS V 79 -0.05 -39.32 -24.03
CA LYS V 79 -1.15 -38.38 -24.19
C LYS V 79 -1.44 -37.64 -22.89
N ILE V 80 -1.42 -38.36 -21.76
CA ILE V 80 -1.63 -37.73 -20.46
C ILE V 80 -0.55 -36.68 -20.19
N ASN V 81 0.71 -37.04 -20.43
CA ASN V 81 1.82 -36.15 -20.10
C ASN V 81 1.77 -34.87 -20.93
N ARG V 82 1.39 -34.97 -22.20
CA ARG V 82 1.33 -33.78 -23.05
C ARG V 82 0.19 -32.86 -22.62
N LEU V 83 -0.95 -33.43 -22.23
CA LEU V 83 -2.04 -32.60 -21.72
C LEU V 83 -1.66 -31.95 -20.40
N ALA V 84 -0.94 -32.67 -19.54
CA ALA V 84 -0.48 -32.10 -18.28
C ALA V 84 0.52 -30.97 -18.52
N ILE V 85 1.44 -31.18 -19.46
CA ILE V 85 2.43 -30.15 -19.79
C ILE V 85 1.75 -28.90 -20.32
N MET V 86 0.65 -29.07 -21.06
CA MET V 86 -0.07 -27.92 -21.58
C MET V 86 -0.73 -27.13 -20.46
N VAL V 87 -1.37 -27.82 -19.53
CA VAL V 87 -1.96 -27.13 -18.37
C VAL V 87 -0.87 -26.45 -17.56
N ARG V 88 0.25 -27.16 -17.32
CA ARG V 88 1.34 -26.58 -16.56
C ARG V 88 1.87 -25.31 -17.23
N GLY V 89 1.94 -25.29 -18.56
CA GLY V 89 2.40 -24.11 -19.26
C GLY V 89 1.45 -22.93 -19.17
N ASN V 90 0.18 -23.18 -18.87
CA ASN V 90 -0.82 -22.14 -18.76
C ASN V 90 -0.95 -21.59 -17.35
N LEU V 91 -0.11 -22.05 -16.41
CA LEU V 91 -0.36 -21.78 -14.99
C LEU V 91 -0.36 -20.29 -14.69
N ALA V 92 0.63 -19.56 -15.19
CA ALA V 92 0.71 -18.12 -14.92
C ALA V 92 -0.50 -17.39 -15.44
N ALA V 93 -0.91 -17.66 -16.68
CA ALA V 93 -2.13 -17.07 -17.20
C ALA V 93 -3.37 -17.55 -16.46
N ALA V 94 -3.35 -18.81 -16.00
CA ALA V 94 -4.49 -19.32 -15.24
C ALA V 94 -4.67 -18.57 -13.93
N MET V 95 -3.57 -18.16 -13.30
CA MET V 95 -3.64 -17.37 -12.08
C MET V 95 -4.18 -15.96 -12.34
N GLN V 96 -4.22 -15.52 -13.60
CA GLN V 96 -4.83 -14.24 -13.97
C GLN V 96 -6.24 -14.39 -14.52
N GLY V 97 -6.84 -15.58 -14.42
CA GLY V 97 -8.19 -15.80 -14.88
C GLY V 97 -8.33 -16.38 -16.27
N LEU V 98 -7.26 -16.89 -16.86
CA LEU V 98 -7.32 -17.63 -18.12
C LEU V 98 -7.09 -19.11 -17.82
N LEU V 99 -8.04 -19.69 -17.10
CA LEU V 99 -7.93 -21.04 -16.56
C LEU V 99 -8.60 -22.04 -17.49
N ALA V 100 -7.91 -23.17 -17.76
CA ALA V 100 -8.51 -24.32 -18.40
C ALA V 100 -8.24 -25.54 -17.53
N LEU V 101 -9.31 -26.26 -17.18
CA LEU V 101 -9.19 -27.52 -16.43
C LEU V 101 -9.77 -28.66 -17.26
N PRO V 102 -8.94 -29.57 -17.77
CA PRO V 102 -9.44 -30.67 -18.59
C PRO V 102 -9.70 -31.94 -17.80
N LEU V 103 -10.54 -32.80 -18.39
CA LEU V 103 -10.76 -34.16 -17.95
C LEU V 103 -10.58 -35.09 -19.15
N LEU V 104 -9.83 -36.18 -18.95
CA LEU V 104 -9.43 -37.08 -20.03
C LEU V 104 -10.08 -38.45 -19.84
N ALA V 105 -10.83 -38.90 -20.84
CA ALA V 105 -11.37 -40.26 -20.89
C ALA V 105 -10.90 -40.92 -22.17
N GLY V 106 -10.59 -42.22 -22.07
CA GLY V 106 -10.07 -42.92 -23.23
C GLY V 106 -10.16 -44.43 -23.09
N TYR V 107 -9.79 -45.10 -24.17
CA TYR V 107 -9.70 -46.57 -24.23
C TYR V 107 -8.29 -46.91 -24.70
N ASP V 108 -7.51 -47.55 -23.83
CA ASP V 108 -6.12 -47.89 -24.15
C ASP V 108 -6.09 -49.20 -24.93
N ILE V 109 -5.81 -49.11 -26.23
CA ILE V 109 -5.72 -50.30 -27.07
C ILE V 109 -4.52 -51.15 -26.72
N HIS V 110 -3.50 -50.58 -26.06
CA HIS V 110 -2.34 -51.31 -25.60
C HIS V 110 -2.46 -51.70 -24.14
N ALA V 111 -3.67 -51.68 -23.58
CA ALA V 111 -3.84 -52.00 -22.17
C ALA V 111 -3.41 -53.44 -21.88
N SER V 112 -2.92 -53.65 -20.67
CA SER V 112 -2.51 -54.99 -20.24
C SER V 112 -3.70 -55.94 -20.28
N ASP V 113 -4.77 -55.61 -19.56
CA ASP V 113 -5.98 -56.41 -19.54
C ASP V 113 -6.97 -55.81 -20.53
N PRO V 114 -7.29 -56.49 -21.63
CA PRO V 114 -8.26 -55.93 -22.59
C PRO V 114 -9.65 -55.69 -22.02
N GLN V 115 -10.01 -56.35 -20.91
CA GLN V 115 -11.33 -56.12 -20.33
C GLN V 115 -11.40 -54.82 -19.54
N SER V 116 -10.26 -54.35 -19.03
CA SER V 116 -10.22 -53.15 -18.20
C SER V 116 -9.37 -52.06 -18.84
N ALA V 117 -9.61 -51.78 -20.12
CA ALA V 117 -8.86 -50.78 -20.85
C ALA V 117 -9.41 -49.38 -20.70
N GLY V 118 -10.54 -49.23 -20.00
CA GLY V 118 -11.08 -47.89 -19.77
C GLY V 118 -10.13 -47.03 -18.96
N ARG V 119 -10.15 -45.73 -19.25
CA ARG V 119 -9.21 -44.80 -18.64
C ARG V 119 -9.89 -43.47 -18.35
N ILE V 120 -9.75 -43.02 -17.11
CA ILE V 120 -10.20 -41.69 -16.71
C ILE V 120 -9.05 -41.01 -15.99
N VAL V 121 -8.69 -39.80 -16.44
CA VAL V 121 -7.60 -39.02 -15.86
C VAL V 121 -8.11 -37.62 -15.57
N SER V 122 -7.90 -37.15 -14.34
CA SER V 122 -8.22 -35.79 -13.96
C SER V 122 -6.95 -34.99 -13.74
N PHE V 123 -7.08 -33.66 -13.82
CA PHE V 123 -5.95 -32.74 -13.79
C PHE V 123 -6.25 -31.59 -12.84
N ASP V 124 -5.20 -30.87 -12.44
CA ASP V 124 -5.36 -29.65 -11.66
C ASP V 124 -4.66 -28.47 -12.36
N ALA V 125 -4.94 -27.27 -11.85
CA ALA V 125 -4.46 -26.04 -12.46
C ALA V 125 -2.94 -25.98 -12.51
N ALA V 126 -2.25 -26.81 -11.74
CA ALA V 126 -0.79 -26.85 -11.74
C ALA V 126 -0.24 -27.87 -12.74
N GLY V 127 -1.11 -28.56 -13.48
CA GLY V 127 -0.66 -29.59 -14.39
C GLY V 127 -0.57 -30.97 -13.78
N GLY V 128 -1.00 -31.15 -12.54
CA GLY V 128 -1.00 -32.47 -11.94
C GLY V 128 -2.01 -33.38 -12.61
N TRP V 129 -1.67 -34.66 -12.68
CA TRP V 129 -2.53 -35.66 -13.30
C TRP V 129 -2.68 -36.86 -12.38
N ASN V 130 -3.88 -37.44 -12.39
CA ASN V 130 -4.16 -38.60 -11.55
C ASN V 130 -5.07 -39.55 -12.30
N ILE V 131 -4.59 -40.77 -12.54
CA ILE V 131 -5.42 -41.79 -13.17
C ILE V 131 -6.45 -42.26 -12.15
N GLU V 132 -7.73 -42.02 -12.44
CA GLU V 132 -8.80 -42.35 -11.53
C GLU V 132 -9.13 -43.84 -11.57
N GLU V 133 -9.23 -44.46 -10.40
CA GLU V 133 -9.45 -45.89 -10.30
C GLU V 133 -10.80 -46.27 -9.71
N GLU V 134 -11.58 -45.31 -9.23
CA GLU V 134 -12.87 -45.60 -8.62
C GLU V 134 -14.03 -45.53 -9.61
N GLY V 135 -13.74 -45.41 -10.91
CA GLY V 135 -14.72 -45.63 -11.95
C GLY V 135 -15.38 -44.39 -12.52
N TYR V 136 -15.31 -43.26 -11.83
CA TYR V 136 -15.92 -42.03 -12.33
C TYR V 136 -15.13 -40.83 -11.85
N GLN V 137 -15.40 -39.68 -12.49
CA GLN V 137 -14.74 -38.43 -12.14
C GLN V 137 -15.52 -37.30 -12.83
N ALA V 138 -15.29 -36.08 -12.36
CA ALA V 138 -15.95 -34.92 -12.93
C ALA V 138 -15.03 -33.71 -12.80
N VAL V 139 -15.36 -32.66 -13.56
CA VAL V 139 -14.61 -31.41 -13.50
C VAL V 139 -15.59 -30.26 -13.75
N GLY V 140 -15.28 -29.11 -13.16
CA GLY V 140 -16.07 -27.91 -13.33
C GLY V 140 -16.77 -27.51 -12.04
N SER V 141 -17.56 -26.43 -12.15
CA SER V 141 -18.20 -25.85 -10.97
C SER V 141 -19.29 -26.73 -10.39
N GLY V 142 -19.77 -27.72 -11.12
CA GLY V 142 -20.70 -28.70 -10.59
C GLY V 142 -20.10 -30.05 -10.32
N SER V 143 -18.77 -30.19 -10.38
CA SER V 143 -18.15 -31.51 -10.32
C SER V 143 -18.40 -32.20 -8.99
N LEU V 144 -18.58 -31.44 -7.91
CA LEU V 144 -18.83 -32.06 -6.62
C LEU V 144 -20.23 -32.63 -6.53
N PHE V 145 -21.24 -31.89 -7.01
CA PHE V 145 -22.59 -32.43 -7.05
C PHE V 145 -22.67 -33.63 -7.98
N ALA V 146 -21.94 -33.60 -9.09
CA ALA V 146 -21.97 -34.70 -10.05
C ALA V 146 -21.28 -35.93 -9.48
N LYS V 147 -20.15 -35.73 -8.79
CA LYS V 147 -19.43 -36.88 -8.25
C LYS V 147 -20.20 -37.51 -7.09
N SER V 148 -20.87 -36.70 -6.28
CA SER V 148 -21.67 -37.26 -5.19
C SER V 148 -22.92 -37.94 -5.73
N SER V 149 -23.50 -37.42 -6.81
CA SER V 149 -24.60 -38.11 -7.48
C SER V 149 -24.16 -39.46 -8.03
N MET V 150 -22.97 -39.50 -8.65
CA MET V 150 -22.48 -40.75 -9.22
C MET V 150 -22.06 -41.75 -8.16
N LYS V 151 -21.60 -41.27 -7.00
CA LYS V 151 -21.24 -42.19 -5.92
C LYS V 151 -22.42 -43.09 -5.55
N LYS V 152 -23.63 -42.55 -5.62
CA LYS V 152 -24.82 -43.32 -5.29
C LYS V 152 -25.33 -44.14 -6.47
N LEU V 153 -25.15 -43.65 -7.69
CA LEU V 153 -25.77 -44.25 -8.87
C LEU V 153 -24.85 -45.21 -9.62
N TYR V 154 -23.55 -45.24 -9.31
CA TYR V 154 -22.61 -46.01 -10.12
C TYR V 154 -22.85 -47.51 -10.05
N SER V 155 -23.48 -48.02 -8.98
CA SER V 155 -23.77 -49.44 -8.90
C SER V 155 -24.71 -49.89 -10.02
N GLN V 156 -25.48 -48.97 -10.58
CA GLN V 156 -26.41 -49.27 -11.67
C GLN V 156 -25.74 -49.39 -13.03
N VAL V 157 -24.43 -49.13 -13.12
CA VAL V 157 -23.74 -49.12 -14.41
C VAL V 157 -23.36 -50.56 -14.74
N THR V 158 -24.09 -51.17 -15.67
CA THR V 158 -23.85 -52.54 -16.10
C THR V 158 -23.47 -52.66 -17.57
N ASP V 159 -23.79 -51.67 -18.39
CA ASP V 159 -23.40 -51.65 -19.79
C ASP V 159 -23.28 -50.19 -20.23
N GLY V 160 -22.95 -50.00 -21.51
CA GLY V 160 -22.79 -48.65 -22.03
C GLY V 160 -24.03 -47.79 -21.90
N ASP V 161 -25.21 -48.41 -22.03
CA ASP V 161 -26.45 -47.63 -22.00
C ASP V 161 -26.77 -47.14 -20.60
N SER V 162 -26.60 -48.01 -19.59
CA SER V 162 -26.84 -47.57 -18.22
C SER V 162 -25.76 -46.60 -17.74
N GLY V 163 -24.53 -46.76 -18.23
CA GLY V 163 -23.50 -45.79 -17.90
C GLY V 163 -23.79 -44.42 -18.48
N LEU V 164 -24.34 -44.39 -19.70
CA LEU V 164 -24.76 -43.12 -20.29
C LEU V 164 -25.85 -42.46 -19.46
N ARG V 165 -26.85 -43.24 -19.05
CA ARG V 165 -27.96 -42.69 -18.28
C ARG V 165 -27.49 -42.13 -16.94
N VAL V 166 -26.52 -42.80 -16.32
CA VAL V 166 -25.99 -42.31 -15.04
C VAL V 166 -25.21 -41.01 -15.27
N ALA V 167 -24.37 -40.96 -16.31
CA ALA V 167 -23.64 -39.74 -16.63
C ALA V 167 -24.59 -38.58 -16.86
N VAL V 168 -25.68 -38.81 -17.59
CA VAL V 168 -26.65 -37.75 -17.86
C VAL V 168 -27.35 -37.34 -16.57
N GLU V 169 -27.64 -38.29 -15.69
CA GLU V 169 -28.30 -37.94 -14.43
C GLU V 169 -27.37 -37.17 -13.52
N ALA V 170 -26.08 -37.52 -13.52
CA ALA V 170 -25.10 -36.76 -12.76
C ALA V 170 -25.02 -35.31 -13.25
N LEU V 171 -25.05 -35.11 -14.56
CA LEU V 171 -25.11 -33.75 -15.10
C LEU V 171 -26.40 -33.06 -14.70
N TYR V 172 -27.50 -33.81 -14.64
CA TYR V 172 -28.76 -33.23 -14.21
C TYR V 172 -28.68 -32.76 -12.77
N ASP V 173 -28.07 -33.57 -11.89
CA ASP V 173 -27.91 -33.18 -10.49
C ASP V 173 -27.00 -31.97 -10.35
N ALA V 174 -25.94 -31.89 -11.17
CA ALA V 174 -25.04 -30.75 -11.10
C ALA V 174 -25.75 -29.46 -11.49
N ALA V 175 -26.49 -29.50 -12.60
CA ALA V 175 -27.28 -28.33 -13.00
C ALA V 175 -28.31 -27.99 -11.93
N ASP V 176 -28.81 -29.00 -11.22
CA ASP V 176 -29.81 -28.76 -10.18
C ASP V 176 -29.27 -27.84 -9.09
N ASP V 177 -28.01 -28.02 -8.70
CA ASP V 177 -27.42 -27.29 -7.60
C ASP V 177 -26.45 -26.18 -8.02
N ASP V 178 -26.04 -26.16 -9.30
CA ASP V 178 -25.03 -25.22 -9.78
C ASP V 178 -25.61 -24.41 -10.95
N SER V 179 -25.81 -23.11 -10.74
CA SER V 179 -26.38 -22.27 -11.79
C SER V 179 -25.42 -22.06 -12.96
N ALA V 180 -24.13 -22.36 -12.79
CA ALA V 180 -23.19 -22.26 -13.90
C ALA V 180 -23.16 -23.51 -14.78
N THR V 181 -23.89 -24.56 -14.41
CA THR V 181 -24.05 -25.75 -15.23
C THR V 181 -25.47 -25.77 -15.77
N GLY V 182 -25.60 -25.97 -17.09
CA GLY V 182 -26.90 -25.94 -17.73
C GLY V 182 -27.58 -27.30 -17.71
N GLY V 183 -28.87 -27.28 -17.40
CA GLY V 183 -29.68 -28.48 -17.44
C GLY V 183 -30.37 -28.64 -18.78
N PRO V 184 -31.03 -29.77 -18.98
CA PRO V 184 -31.77 -29.99 -20.23
C PRO V 184 -32.77 -28.88 -20.50
N ASP V 185 -32.81 -28.42 -21.74
CA ASP V 185 -33.70 -27.35 -22.17
C ASP V 185 -34.75 -28.00 -23.07
N LEU V 186 -35.93 -28.27 -22.50
CA LEU V 186 -37.00 -28.92 -23.26
C LEU V 186 -37.73 -27.96 -24.18
N VAL V 187 -37.66 -26.65 -23.92
CA VAL V 187 -38.28 -25.68 -24.83
C VAL V 187 -37.48 -25.60 -26.13
N ARG V 188 -36.18 -25.36 -26.03
CA ARG V 188 -35.34 -25.24 -27.22
C ARG V 188 -34.92 -26.60 -27.77
N GLY V 189 -35.02 -27.66 -26.98
CA GLY V 189 -34.55 -28.96 -27.42
C GLY V 189 -33.06 -29.12 -27.39
N ILE V 190 -32.41 -28.66 -26.32
CA ILE V 190 -30.96 -28.72 -26.18
C ILE V 190 -30.64 -29.58 -24.97
N PHE V 191 -29.71 -30.50 -25.13
CA PHE V 191 -29.36 -31.47 -24.12
C PHE V 191 -27.85 -31.59 -24.04
N PRO V 192 -27.32 -32.12 -22.94
CA PRO V 192 -25.88 -32.39 -22.86
C PRO V 192 -25.35 -33.16 -24.06
N THR V 193 -24.06 -33.02 -24.34
CA THR V 193 -23.39 -33.84 -25.35
C THR V 193 -22.67 -34.99 -24.65
N ALA V 194 -22.47 -36.07 -25.38
CA ALA V 194 -21.78 -37.22 -24.83
C ALA V 194 -20.95 -37.89 -25.90
N VAL V 195 -19.87 -38.53 -25.46
CA VAL V 195 -19.02 -39.37 -26.30
C VAL V 195 -18.83 -40.71 -25.59
N ILE V 196 -18.95 -41.80 -26.33
CA ILE V 196 -18.74 -43.14 -25.79
C ILE V 196 -17.55 -43.76 -26.52
N ILE V 197 -16.69 -44.45 -25.78
CA ILE V 197 -15.45 -45.01 -26.31
C ILE V 197 -15.35 -46.47 -25.88
N ASP V 198 -15.17 -47.36 -26.84
CA ASP V 198 -14.93 -48.77 -26.55
C ASP V 198 -13.84 -49.28 -27.48
N ALA V 199 -13.78 -50.60 -27.66
CA ALA V 199 -12.74 -51.19 -28.50
C ALA V 199 -12.89 -50.76 -29.96
N ASP V 200 -14.09 -50.43 -30.39
CA ASP V 200 -14.33 -49.93 -31.74
C ASP V 200 -14.11 -48.43 -31.88
N GLY V 201 -13.59 -47.77 -30.85
CA GLY V 201 -13.27 -46.36 -30.93
C GLY V 201 -14.27 -45.47 -30.22
N ALA V 202 -14.08 -44.17 -30.42
CA ALA V 202 -14.92 -43.15 -29.80
C ALA V 202 -15.92 -42.62 -30.82
N VAL V 203 -17.19 -42.50 -30.41
CA VAL V 203 -18.24 -41.99 -31.28
C VAL V 203 -19.10 -41.00 -30.52
N ASP V 204 -19.61 -40.00 -31.24
CA ASP V 204 -20.58 -39.08 -30.68
C ASP V 204 -21.89 -39.80 -30.41
N VAL V 205 -22.48 -39.51 -29.25
CA VAL V 205 -23.76 -40.12 -28.90
C VAL V 205 -24.88 -39.32 -29.57
N PRO V 206 -25.80 -39.98 -30.28
CA PRO V 206 -26.89 -39.24 -30.93
C PRO V 206 -27.71 -38.44 -29.92
N GLU V 207 -28.12 -37.25 -30.35
CA GLU V 207 -28.88 -36.37 -29.46
C GLU V 207 -30.22 -36.98 -29.07
N SER V 208 -30.82 -37.78 -29.95
CA SER V 208 -32.12 -38.37 -29.66
C SER V 208 -32.05 -39.28 -28.44
N ARG V 209 -30.95 -40.04 -28.30
CA ARG V 209 -30.82 -40.94 -27.17
C ARG V 209 -30.62 -40.17 -25.87
N ILE V 210 -29.78 -39.14 -25.90
CA ILE V 210 -29.59 -38.30 -24.70
C ILE V 210 -30.90 -37.64 -24.30
N ALA V 211 -31.63 -37.12 -25.29
CA ALA V 211 -32.93 -36.51 -25.00
C ALA V 211 -33.88 -37.51 -24.35
N GLU V 212 -33.87 -38.76 -24.82
CA GLU V 212 -34.72 -39.79 -24.22
C GLU V 212 -34.36 -40.02 -22.77
N LEU V 213 -33.06 -40.20 -22.48
CA LEU V 213 -32.64 -40.40 -21.10
C LEU V 213 -32.97 -39.19 -20.24
N ALA V 214 -32.79 -37.99 -20.77
CA ALA V 214 -33.09 -36.78 -20.01
C ALA V 214 -34.57 -36.68 -19.67
N ARG V 215 -35.44 -37.01 -20.64
CA ARG V 215 -36.88 -36.96 -20.37
C ARG V 215 -37.29 -37.99 -19.33
N ALA V 216 -36.71 -39.19 -19.40
CA ALA V 216 -37.01 -40.20 -18.39
C ALA V 216 -36.56 -39.76 -17.01
N ILE V 217 -35.38 -39.14 -16.91
CA ILE V 217 -34.90 -38.64 -15.63
C ILE V 217 -35.82 -37.54 -15.11
N ILE V 218 -36.28 -36.67 -16.01
CA ILE V 218 -37.18 -35.59 -15.59
C ILE V 218 -38.49 -36.16 -15.07
N GLU V 219 -39.02 -37.18 -15.74
CA GLU V 219 -40.28 -37.78 -15.31
C GLU V 219 -40.12 -38.53 -13.99
N SER V 220 -38.97 -39.17 -13.79
CA SER V 220 -38.73 -39.87 -12.53
C SER V 220 -38.54 -38.89 -11.37
N ARG V 221 -38.06 -37.67 -11.67
CA ARG V 221 -37.96 -36.65 -10.63
C ARG V 221 -39.31 -36.03 -10.30
N SER V 222 -40.20 -35.91 -11.29
CA SER V 222 -41.51 -35.33 -11.05
C SER V 222 -42.59 -36.40 -10.98
N THR W 1 -21.92 2.34 -27.62
CA THR W 1 -22.01 1.67 -28.92
C THR W 1 -22.97 0.49 -28.85
N THR W 2 -23.69 0.25 -29.95
CA THR W 2 -24.40 -1.01 -30.14
C THR W 2 -24.26 -1.41 -31.60
N ILE W 3 -23.71 -2.60 -31.85
CA ILE W 3 -23.74 -3.25 -33.15
C ILE W 3 -24.70 -4.42 -33.04
N VAL W 4 -25.57 -4.59 -34.04
CA VAL W 4 -26.46 -5.74 -34.09
C VAL W 4 -26.18 -6.52 -35.37
N ALA W 5 -26.50 -7.81 -35.33
CA ALA W 5 -26.41 -8.68 -36.48
C ALA W 5 -27.52 -9.73 -36.36
N LEU W 6 -28.17 -10.04 -37.48
CA LEU W 6 -29.20 -11.07 -37.46
C LEU W 6 -29.24 -11.80 -38.78
N LYS W 7 -29.65 -13.07 -38.72
CA LYS W 7 -29.84 -13.88 -39.92
C LYS W 7 -31.26 -13.69 -40.46
N TYR W 8 -31.37 -13.63 -41.77
CA TYR W 8 -32.64 -13.75 -42.46
C TYR W 8 -32.52 -14.86 -43.49
N PRO W 9 -33.64 -15.38 -44.00
CA PRO W 9 -33.55 -16.43 -45.02
C PRO W 9 -32.79 -15.99 -46.26
N GLY W 10 -31.58 -16.53 -46.42
CA GLY W 10 -30.73 -16.21 -47.55
C GLY W 10 -29.53 -15.36 -47.22
N GLY W 11 -29.46 -14.75 -46.05
CA GLY W 11 -28.33 -13.88 -45.77
C GLY W 11 -28.30 -13.37 -44.34
N VAL W 12 -27.57 -12.27 -44.16
CA VAL W 12 -27.34 -11.69 -42.84
C VAL W 12 -27.33 -10.17 -42.95
N VAL W 13 -27.71 -9.51 -41.85
CA VAL W 13 -27.72 -8.06 -41.74
C VAL W 13 -26.87 -7.66 -40.53
N MET W 14 -26.11 -6.58 -40.67
CA MET W 14 -25.41 -5.99 -39.54
C MET W 14 -25.60 -4.47 -39.58
N ALA W 15 -25.97 -3.89 -38.44
CA ALA W 15 -26.17 -2.46 -38.33
C ALA W 15 -25.52 -1.94 -37.04
N GLY W 16 -25.19 -0.65 -37.03
CA GLY W 16 -24.51 -0.07 -35.90
C GLY W 16 -24.78 1.42 -35.80
N ASP W 17 -24.67 1.95 -34.59
CA ASP W 17 -24.96 3.35 -34.32
C ASP W 17 -23.76 4.23 -34.71
N ARG W 18 -23.89 5.54 -34.51
CA ARG W 18 -22.99 6.53 -35.07
C ARG W 18 -22.29 7.40 -34.02
N ARG W 19 -22.41 7.07 -32.73
CA ARG W 19 -21.94 7.93 -31.66
C ARG W 19 -20.56 7.52 -31.15
N SER W 20 -19.74 8.51 -30.82
CA SER W 20 -18.58 8.33 -29.96
C SER W 20 -18.69 9.28 -28.78
N THR W 21 -18.07 8.91 -27.66
CA THR W 21 -18.11 9.73 -26.47
C THR W 21 -16.74 9.79 -25.81
N GLN W 22 -16.54 10.85 -25.01
CA GLN W 22 -15.44 10.97 -24.05
C GLN W 22 -16.09 11.28 -22.72
N GLY W 23 -16.21 10.28 -21.85
CA GLY W 23 -16.95 10.49 -20.62
C GLY W 23 -18.41 10.74 -20.92
N ASN W 24 -18.95 11.81 -20.34
CA ASN W 24 -20.33 12.21 -20.64
C ASN W 24 -20.45 12.96 -21.95
N MET W 25 -19.34 13.48 -22.47
CA MET W 25 -19.39 14.36 -23.63
C MET W 25 -19.52 13.56 -24.92
N ILE W 26 -20.40 14.03 -25.79
CA ILE W 26 -20.53 13.45 -27.12
C ILE W 26 -19.41 14.00 -27.98
N SER W 27 -18.60 13.10 -28.56
CA SER W 27 -17.43 13.51 -29.33
C SER W 27 -17.55 13.17 -30.82
N GLY W 28 -18.55 12.39 -31.21
CA GLY W 28 -18.76 12.10 -32.62
C GLY W 28 -20.22 11.78 -32.85
N ARG W 29 -20.70 12.12 -34.05
CA ARG W 29 -22.10 11.92 -34.40
C ARG W 29 -22.30 11.10 -35.67
N ASP W 30 -21.23 10.83 -36.43
CA ASP W 30 -21.35 10.11 -37.70
C ASP W 30 -20.29 9.02 -37.79
N VAL W 31 -19.92 8.44 -36.65
CA VAL W 31 -18.95 7.36 -36.64
C VAL W 31 -19.51 6.17 -37.39
N ARG W 32 -18.67 5.55 -38.22
CA ARG W 32 -19.04 4.36 -38.98
C ARG W 32 -18.34 3.17 -38.35
N LYS W 33 -19.13 2.28 -37.75
CA LYS W 33 -18.61 1.18 -36.95
C LYS W 33 -18.79 -0.17 -37.59
N VAL W 34 -19.45 -0.24 -38.75
CA VAL W 34 -19.74 -1.49 -39.43
C VAL W 34 -18.96 -1.48 -40.75
N TYR W 35 -17.98 -2.39 -40.86
CA TYR W 35 -17.06 -2.44 -41.99
C TYR W 35 -17.33 -3.65 -42.84
N ILE W 36 -17.35 -3.45 -44.17
CA ILE W 36 -17.31 -4.56 -45.11
C ILE W 36 -15.88 -5.06 -45.13
N THR W 37 -15.62 -6.21 -44.50
CA THR W 37 -14.25 -6.67 -44.37
C THR W 37 -13.80 -7.53 -45.56
N ASP W 38 -14.72 -8.21 -46.23
CA ASP W 38 -14.50 -8.71 -47.59
C ASP W 38 -15.86 -8.88 -48.25
N ASP W 39 -15.88 -9.56 -49.40
CA ASP W 39 -17.09 -9.60 -50.22
C ASP W 39 -18.24 -10.32 -49.54
N TYR W 40 -17.96 -11.16 -48.55
CA TYR W 40 -19.03 -11.88 -47.85
C TYR W 40 -18.94 -11.72 -46.35
N THR W 41 -18.26 -10.68 -45.86
CA THR W 41 -18.00 -10.56 -44.44
C THR W 41 -18.14 -9.10 -44.00
N ALA W 42 -18.83 -8.90 -42.87
CA ALA W 42 -18.95 -7.60 -42.24
C ALA W 42 -18.51 -7.70 -40.78
N THR W 43 -17.81 -6.69 -40.30
CA THR W 43 -17.33 -6.64 -38.93
C THR W 43 -17.77 -5.32 -38.30
N GLY W 44 -18.34 -5.42 -37.10
CA GLY W 44 -18.71 -4.26 -36.31
C GLY W 44 -18.01 -4.32 -34.97
N ILE W 45 -17.39 -3.22 -34.55
CA ILE W 45 -16.53 -3.23 -33.38
C ILE W 45 -16.98 -2.17 -32.40
N ALA W 46 -16.95 -2.52 -31.11
CA ALA W 46 -17.23 -1.62 -30.02
C ALA W 46 -16.02 -1.54 -29.10
N GLY W 47 -15.93 -0.45 -28.34
CA GLY W 47 -14.84 -0.24 -27.42
C GLY W 47 -14.09 1.05 -27.71
N THR W 48 -12.79 1.04 -27.41
CA THR W 48 -11.96 2.22 -27.60
C THR W 48 -11.87 2.54 -29.08
N ALA W 49 -12.24 3.76 -29.46
CA ALA W 49 -12.34 4.14 -30.87
C ALA W 49 -11.06 3.82 -31.62
N ALA W 50 -9.91 4.29 -31.13
CA ALA W 50 -8.64 4.08 -31.81
C ALA W 50 -8.39 2.59 -32.07
N VAL W 51 -8.59 1.76 -31.05
CA VAL W 51 -8.34 0.33 -31.21
C VAL W 51 -9.36 -0.28 -32.16
N ALA W 52 -10.63 0.11 -32.05
CA ALA W 52 -11.67 -0.45 -32.90
C ALA W 52 -11.40 -0.22 -34.37
N VAL W 53 -11.06 1.03 -34.74
CA VAL W 53 -10.82 1.33 -36.15
C VAL W 53 -9.57 0.62 -36.65
N GLU W 54 -8.55 0.52 -35.81
CA GLU W 54 -7.34 -0.19 -36.20
C GLU W 54 -7.59 -1.68 -36.41
N PHE W 55 -8.41 -2.28 -35.54
CA PHE W 55 -8.77 -3.70 -35.69
C PHE W 55 -9.45 -3.95 -37.03
N ALA W 56 -10.46 -3.13 -37.36
CA ALA W 56 -11.20 -3.33 -38.60
C ALA W 56 -10.29 -3.20 -39.81
N ARG W 57 -9.45 -2.16 -39.84
CA ARG W 57 -8.59 -1.95 -41.01
C ARG W 57 -7.56 -3.07 -41.14
N LEU W 58 -6.93 -3.46 -40.03
CA LEU W 58 -5.94 -4.53 -40.09
C LEU W 58 -6.59 -5.87 -40.45
N TYR W 59 -7.78 -6.14 -39.91
CA TYR W 59 -8.43 -7.41 -40.18
C TYR W 59 -8.79 -7.55 -41.65
N ALA W 60 -9.29 -6.47 -42.28
CA ALA W 60 -9.62 -6.52 -43.69
C ALA W 60 -8.38 -6.70 -44.54
N VAL W 61 -7.27 -6.05 -44.16
CA VAL W 61 -6.01 -6.25 -44.85
C VAL W 61 -5.55 -7.69 -44.72
N GLU W 62 -5.67 -8.27 -43.51
CA GLU W 62 -5.21 -9.64 -43.29
C GLU W 62 -5.95 -10.63 -44.19
N LEU W 63 -7.27 -10.48 -44.30
CA LEU W 63 -8.05 -11.42 -45.12
C LEU W 63 -7.68 -11.30 -46.60
N GLU W 64 -7.55 -10.06 -47.09
CA GLU W 64 -7.17 -9.86 -48.48
C GLU W 64 -5.73 -10.31 -48.73
N HIS W 65 -4.86 -10.09 -47.74
CA HIS W 65 -3.46 -10.54 -47.84
C HIS W 65 -3.39 -12.04 -48.07
N TYR W 66 -4.20 -12.81 -47.32
CA TYR W 66 -4.21 -14.26 -47.53
C TYR W 66 -4.79 -14.60 -48.90
N GLU W 67 -5.91 -13.98 -49.26
CA GLU W 67 -6.54 -14.28 -50.55
C GLU W 67 -5.57 -14.07 -51.70
N LYS W 68 -4.82 -12.97 -51.69
CA LYS W 68 -3.90 -12.69 -52.78
C LYS W 68 -2.70 -13.63 -52.75
N LEU W 69 -2.21 -13.97 -51.56
CA LEU W 69 -1.06 -14.87 -51.48
C LEU W 69 -1.41 -16.28 -51.91
N GLU W 70 -2.56 -16.80 -51.48
CA GLU W 70 -2.90 -18.20 -51.69
C GLU W 70 -3.85 -18.43 -52.86
N GLY W 71 -4.34 -17.37 -53.50
CA GLY W 71 -5.26 -17.51 -54.61
C GLY W 71 -6.69 -17.82 -54.23
N VAL W 72 -6.96 -18.11 -52.96
CA VAL W 72 -8.31 -18.44 -52.50
C VAL W 72 -8.56 -17.67 -51.21
N PRO W 73 -9.79 -17.26 -50.95
CA PRO W 73 -10.09 -16.64 -49.65
C PRO W 73 -10.01 -17.66 -48.53
N LEU W 74 -9.90 -17.15 -47.31
CA LEU W 74 -9.98 -18.01 -46.15
C LEU W 74 -11.38 -18.61 -46.04
N THR W 75 -11.44 -19.83 -45.54
CA THR W 75 -12.72 -20.37 -45.08
C THR W 75 -13.28 -19.46 -43.99
N PHE W 76 -14.59 -19.49 -43.81
CA PHE W 76 -15.19 -18.64 -42.78
C PHE W 76 -14.63 -18.95 -41.41
N ALA W 77 -14.37 -20.23 -41.13
CA ALA W 77 -13.76 -20.61 -39.85
C ALA W 77 -12.35 -20.03 -39.74
N GLY W 78 -11.62 -19.96 -40.84
CA GLY W 78 -10.32 -19.30 -40.80
C GLY W 78 -10.44 -17.82 -40.51
N LYS W 79 -11.48 -17.18 -41.04
CA LYS W 79 -11.70 -15.77 -40.75
C LYS W 79 -12.04 -15.55 -39.28
N ILE W 80 -12.86 -16.44 -38.71
CA ILE W 80 -13.17 -16.38 -37.28
C ILE W 80 -11.87 -16.42 -36.47
N ASN W 81 -11.02 -17.39 -36.78
CA ASN W 81 -9.84 -17.63 -35.96
C ASN W 81 -8.88 -16.46 -36.00
N ARG W 82 -8.69 -15.85 -37.18
CA ARG W 82 -7.79 -14.71 -37.26
C ARG W 82 -8.32 -13.52 -36.47
N LEU W 83 -9.64 -13.30 -36.52
CA LEU W 83 -10.23 -12.25 -35.70
C LEU W 83 -10.08 -12.54 -34.22
N ALA W 84 -10.29 -13.81 -33.82
CA ALA W 84 -10.16 -14.17 -32.41
C ALA W 84 -8.72 -14.00 -31.92
N ILE W 85 -7.75 -14.41 -32.75
CA ILE W 85 -6.35 -14.27 -32.38
C ILE W 85 -5.96 -12.80 -32.24
N MET W 86 -6.51 -11.95 -33.10
CA MET W 86 -6.28 -10.51 -32.98
C MET W 86 -6.79 -9.99 -31.64
N VAL W 87 -7.98 -10.40 -31.24
CA VAL W 87 -8.52 -9.96 -29.95
C VAL W 87 -7.66 -10.49 -28.81
N ARG W 88 -7.28 -11.76 -28.87
CA ARG W 88 -6.47 -12.36 -27.81
C ARG W 88 -5.15 -11.62 -27.65
N GLY W 89 -4.49 -11.27 -28.76
CA GLY W 89 -3.25 -10.52 -28.68
C GLY W 89 -3.38 -9.13 -28.10
N ASN W 90 -4.59 -8.60 -28.04
CA ASN W 90 -4.84 -7.28 -27.46
C ASN W 90 -5.28 -7.34 -26.01
N LEU W 91 -5.32 -8.53 -25.40
CA LEU W 91 -5.94 -8.67 -24.09
C LEU W 91 -5.24 -7.80 -23.04
N ALA W 92 -3.91 -7.73 -23.10
CA ALA W 92 -3.17 -6.95 -22.12
C ALA W 92 -3.46 -5.47 -22.26
N ALA W 93 -3.34 -4.93 -23.47
CA ALA W 93 -3.72 -3.55 -23.70
C ALA W 93 -5.19 -3.31 -23.37
N ALA W 94 -6.06 -4.30 -23.63
CA ALA W 94 -7.48 -4.15 -23.32
C ALA W 94 -7.70 -3.98 -21.83
N MET W 95 -6.93 -4.70 -21.00
CA MET W 95 -7.06 -4.53 -19.56
C MET W 95 -6.58 -3.16 -19.11
N GLN W 96 -5.78 -2.48 -19.92
CA GLN W 96 -5.33 -1.12 -19.64
C GLN W 96 -6.18 -0.06 -20.31
N GLY W 97 -7.36 -0.43 -20.83
CA GLY W 97 -8.30 0.53 -21.37
C GLY W 97 -8.36 0.61 -22.88
N LEU W 98 -7.58 -0.21 -23.59
CA LEU W 98 -7.58 -0.21 -25.05
C LEU W 98 -8.33 -1.44 -25.56
N LEU W 99 -9.63 -1.45 -25.28
CA LEU W 99 -10.46 -2.62 -25.56
C LEU W 99 -11.11 -2.52 -26.93
N ALA W 100 -11.16 -3.65 -27.63
CA ALA W 100 -11.89 -3.79 -28.89
C ALA W 100 -12.69 -5.08 -28.82
N LEU W 101 -14.01 -4.98 -28.94
CA LEU W 101 -14.89 -6.15 -28.95
C LEU W 101 -15.62 -6.20 -30.29
N PRO W 102 -15.21 -7.08 -31.20
CA PRO W 102 -15.86 -7.17 -32.51
C PRO W 102 -17.06 -8.11 -32.52
N LEU W 103 -17.86 -7.94 -33.58
CA LEU W 103 -18.95 -8.85 -33.92
C LEU W 103 -18.83 -9.17 -35.41
N LEU W 104 -19.02 -10.44 -35.76
CA LEU W 104 -18.77 -10.91 -37.12
C LEU W 104 -20.05 -11.46 -37.74
N ALA W 105 -20.37 -10.95 -38.92
CA ALA W 105 -21.46 -11.45 -39.74
C ALA W 105 -20.92 -11.81 -41.12
N GLY W 106 -21.40 -12.92 -41.67
CA GLY W 106 -20.87 -13.36 -42.94
C GLY W 106 -21.81 -14.27 -43.69
N TYR W 107 -21.47 -14.51 -44.95
CA TYR W 107 -22.16 -15.46 -45.82
C TYR W 107 -21.13 -16.50 -46.27
N ASP W 108 -21.30 -17.74 -45.81
CA ASP W 108 -20.36 -18.81 -46.12
C ASP W 108 -20.66 -19.37 -47.51
N ILE W 109 -19.79 -19.06 -48.48
CA ILE W 109 -19.96 -19.57 -49.83
C ILE W 109 -19.81 -21.08 -49.90
N HIS W 110 -19.19 -21.70 -48.89
CA HIS W 110 -18.98 -23.13 -48.86
C HIS W 110 -19.91 -23.84 -47.87
N ALA W 111 -21.00 -23.19 -47.49
CA ALA W 111 -21.92 -23.79 -46.54
C ALA W 111 -22.77 -24.86 -47.22
N SER W 112 -23.44 -25.67 -46.38
CA SER W 112 -24.29 -26.74 -46.91
C SER W 112 -25.58 -26.18 -47.51
N ASP W 113 -26.38 -25.52 -46.68
CA ASP W 113 -27.68 -25.02 -47.11
C ASP W 113 -27.59 -23.53 -47.41
N PRO W 114 -27.78 -23.10 -48.66
CA PRO W 114 -27.62 -21.68 -48.99
C PRO W 114 -28.59 -20.75 -48.26
N GLN W 115 -29.75 -21.23 -47.82
CA GLN W 115 -30.66 -20.37 -47.06
C GLN W 115 -30.33 -20.32 -45.58
N SER W 116 -29.46 -21.20 -45.09
CA SER W 116 -28.91 -21.11 -43.74
C SER W 116 -27.42 -20.79 -43.76
N ALA W 117 -26.91 -20.26 -44.87
CA ALA W 117 -25.50 -19.94 -45.01
C ALA W 117 -25.10 -18.67 -44.27
N GLY W 118 -26.06 -17.93 -43.72
CA GLY W 118 -25.71 -16.80 -42.88
C GLY W 118 -24.98 -17.22 -41.64
N ARG W 119 -24.04 -16.38 -41.21
CA ARG W 119 -23.23 -16.67 -40.04
C ARG W 119 -23.13 -15.43 -39.17
N ILE W 120 -23.16 -15.65 -37.86
CA ILE W 120 -22.99 -14.60 -36.86
C ILE W 120 -22.10 -15.14 -35.75
N VAL W 121 -21.00 -14.44 -35.47
CA VAL W 121 -20.02 -14.88 -34.48
C VAL W 121 -19.79 -13.74 -33.49
N SER W 122 -19.96 -14.04 -32.21
CA SER W 122 -19.66 -13.09 -31.14
C SER W 122 -18.34 -13.45 -30.48
N PHE W 123 -17.73 -12.46 -29.83
CA PHE W 123 -16.40 -12.61 -29.26
C PHE W 123 -16.38 -12.02 -27.85
N ASP W 124 -15.34 -12.36 -27.08
CA ASP W 124 -15.11 -11.75 -25.78
C ASP W 124 -13.68 -11.22 -25.74
N ALA W 125 -13.35 -10.53 -24.65
CA ALA W 125 -12.07 -9.82 -24.57
C ALA W 125 -10.87 -10.75 -24.47
N ALA W 126 -11.07 -12.03 -24.21
CA ALA W 126 -9.98 -13.00 -24.12
C ALA W 126 -9.70 -13.70 -25.44
N GLY W 127 -10.35 -13.30 -26.52
CA GLY W 127 -10.23 -14.01 -27.78
C GLY W 127 -11.19 -15.18 -27.93
N GLY W 128 -12.16 -15.33 -27.04
CA GLY W 128 -13.18 -16.33 -27.23
C GLY W 128 -14.08 -16.00 -28.41
N TRP W 129 -14.58 -17.06 -29.05
CA TRP W 129 -15.46 -16.91 -30.19
C TRP W 129 -16.56 -17.96 -30.09
N ASN W 130 -17.77 -17.59 -30.48
CA ASN W 130 -18.90 -18.50 -30.42
C ASN W 130 -19.79 -18.21 -31.61
N ILE W 131 -20.02 -19.21 -32.45
CA ILE W 131 -20.93 -19.08 -33.58
C ILE W 131 -22.35 -19.11 -33.04
N GLU W 132 -23.12 -18.04 -33.30
CA GLU W 132 -24.47 -17.96 -32.79
C GLU W 132 -25.41 -18.81 -33.62
N GLU W 133 -26.33 -19.51 -32.95
CA GLU W 133 -27.31 -20.34 -33.63
C GLU W 133 -28.75 -19.87 -33.46
N GLU W 134 -29.02 -18.88 -32.61
CA GLU W 134 -30.38 -18.43 -32.37
C GLU W 134 -30.79 -17.24 -33.23
N GLY W 135 -29.97 -16.85 -34.19
CA GLY W 135 -30.39 -15.97 -35.25
C GLY W 135 -29.98 -14.51 -35.12
N TYR W 136 -29.58 -14.06 -33.93
CA TYR W 136 -29.21 -12.66 -33.75
C TYR W 136 -28.18 -12.55 -32.63
N GLN W 137 -27.51 -11.40 -32.59
CA GLN W 137 -26.44 -11.13 -31.63
C GLN W 137 -26.17 -9.63 -31.64
N ALA W 138 -25.52 -9.15 -30.57
CA ALA W 138 -25.17 -7.74 -30.49
C ALA W 138 -23.90 -7.59 -29.66
N VAL W 139 -23.27 -6.42 -29.78
CA VAL W 139 -22.09 -6.11 -28.98
C VAL W 139 -22.12 -4.62 -28.66
N GLY W 140 -21.54 -4.26 -27.53
CA GLY W 140 -21.47 -2.88 -27.09
C GLY W 140 -22.28 -2.66 -25.83
N SER W 141 -22.24 -1.41 -25.37
CA SER W 141 -22.89 -1.03 -24.13
C SER W 141 -24.41 -1.13 -24.20
N GLY W 142 -24.98 -1.15 -25.40
CA GLY W 142 -26.42 -1.29 -25.51
C GLY W 142 -26.82 -2.66 -26.04
N SER W 143 -25.91 -3.62 -25.98
CA SER W 143 -26.15 -4.91 -26.62
C SER W 143 -27.21 -5.73 -25.89
N LEU W 144 -27.30 -5.59 -24.56
CA LEU W 144 -28.31 -6.33 -23.83
C LEU W 144 -29.71 -5.78 -24.11
N PHE W 145 -29.83 -4.46 -24.22
CA PHE W 145 -31.10 -3.88 -24.63
C PHE W 145 -31.46 -4.32 -26.05
N ALA W 146 -30.45 -4.38 -26.94
CA ALA W 146 -30.71 -4.76 -28.32
C ALA W 146 -31.11 -6.23 -28.44
N LYS W 147 -30.38 -7.13 -27.75
CA LYS W 147 -30.70 -8.55 -27.83
C LYS W 147 -32.07 -8.84 -27.25
N SER W 148 -32.43 -8.20 -26.14
CA SER W 148 -33.74 -8.43 -25.55
C SER W 148 -34.84 -7.83 -26.43
N SER W 149 -34.52 -6.80 -27.21
CA SER W 149 -35.48 -6.26 -28.17
C SER W 149 -35.63 -7.20 -29.37
N MET W 150 -34.51 -7.72 -29.89
CA MET W 150 -34.57 -8.65 -31.00
C MET W 150 -35.23 -9.97 -30.60
N LYS W 151 -35.15 -10.33 -29.32
CA LYS W 151 -35.83 -11.54 -28.85
C LYS W 151 -37.33 -11.46 -29.10
N LYS W 152 -37.91 -10.28 -28.92
CA LYS W 152 -39.34 -10.10 -29.13
C LYS W 152 -39.69 -9.75 -30.57
N LEU W 153 -38.73 -9.28 -31.36
CA LEU W 153 -38.98 -8.84 -32.71
C LEU W 153 -38.55 -9.83 -33.78
N TYR W 154 -37.80 -10.88 -33.40
CA TYR W 154 -37.15 -11.72 -34.42
C TYR W 154 -38.15 -12.45 -35.30
N SER W 155 -39.34 -12.77 -34.78
CA SER W 155 -40.28 -13.59 -35.54
C SER W 155 -40.71 -12.91 -36.84
N GLN W 156 -40.69 -11.57 -36.88
CA GLN W 156 -41.10 -10.86 -38.08
C GLN W 156 -40.00 -10.79 -39.14
N VAL W 157 -38.91 -11.52 -38.97
CA VAL W 157 -37.81 -11.52 -39.94
C VAL W 157 -38.07 -12.63 -40.96
N THR W 158 -38.49 -12.24 -42.17
CA THR W 158 -38.77 -13.18 -43.24
C THR W 158 -37.89 -12.98 -44.47
N ASP W 159 -37.22 -11.85 -44.60
CA ASP W 159 -36.37 -11.58 -45.75
C ASP W 159 -35.37 -10.50 -45.35
N GLY W 160 -34.72 -9.89 -46.34
CA GLY W 160 -33.67 -8.92 -46.04
C GLY W 160 -34.21 -7.61 -45.51
N ASP W 161 -35.35 -7.14 -46.05
CA ASP W 161 -35.86 -5.85 -45.64
C ASP W 161 -36.44 -5.91 -44.22
N SER W 162 -37.25 -6.92 -43.93
CA SER W 162 -37.77 -7.06 -42.58
C SER W 162 -36.66 -7.31 -41.58
N GLY W 163 -35.59 -7.99 -42.00
CA GLY W 163 -34.44 -8.15 -41.12
C GLY W 163 -33.75 -6.82 -40.84
N LEU W 164 -33.63 -5.98 -41.87
CA LEU W 164 -33.08 -4.64 -41.68
C LEU W 164 -33.94 -3.82 -40.72
N ARG W 165 -35.27 -3.91 -40.86
CA ARG W 165 -36.16 -3.15 -39.98
C ARG W 165 -35.98 -3.56 -38.53
N VAL W 166 -35.85 -4.85 -38.27
CA VAL W 166 -35.68 -5.32 -36.90
C VAL W 166 -34.34 -4.84 -36.34
N ALA W 167 -33.29 -4.87 -37.18
CA ALA W 167 -31.98 -4.40 -36.74
C ALA W 167 -32.03 -2.93 -36.34
N VAL W 168 -32.71 -2.11 -37.15
CA VAL W 168 -32.81 -0.68 -36.85
C VAL W 168 -33.62 -0.45 -35.58
N GLU W 169 -34.70 -1.21 -35.39
CA GLU W 169 -35.51 -1.03 -34.19
C GLU W 169 -34.77 -1.48 -32.94
N ALA W 170 -33.95 -2.52 -33.06
CA ALA W 170 -33.11 -2.92 -31.94
C ALA W 170 -32.14 -1.81 -31.55
N LEU W 171 -31.50 -1.19 -32.55
CA LEU W 171 -30.61 -0.06 -32.27
C LEU W 171 -31.38 1.09 -31.65
N TYR W 172 -32.63 1.29 -32.08
CA TYR W 172 -33.45 2.34 -31.50
C TYR W 172 -33.70 2.07 -30.02
N ASP W 173 -34.04 0.82 -29.68
CA ASP W 173 -34.23 0.46 -28.28
C ASP W 173 -32.94 0.58 -27.49
N ALA W 174 -31.82 0.19 -28.10
CA ALA W 174 -30.52 0.33 -27.44
C ALA W 174 -30.23 1.79 -27.09
N ALA W 175 -30.40 2.68 -28.07
CA ALA W 175 -30.19 4.10 -27.81
C ALA W 175 -31.24 4.67 -26.87
N ASP W 176 -32.42 4.05 -26.80
CA ASP W 176 -33.45 4.52 -25.89
C ASP W 176 -33.00 4.38 -24.43
N ASP W 177 -32.22 3.35 -24.12
CA ASP W 177 -31.84 3.04 -22.75
C ASP W 177 -30.36 3.24 -22.46
N ASP W 178 -29.51 3.40 -23.48
CA ASP W 178 -28.07 3.54 -23.32
C ASP W 178 -27.61 4.85 -23.95
N SER W 179 -27.12 5.77 -23.11
CA SER W 179 -26.68 7.07 -23.59
C SER W 179 -25.41 6.99 -24.43
N ALA W 180 -24.65 5.89 -24.34
CA ALA W 180 -23.46 5.72 -25.16
C ALA W 180 -23.76 5.20 -26.55
N THR W 181 -25.03 4.92 -26.85
CA THR W 181 -25.47 4.53 -28.17
C THR W 181 -26.31 5.66 -28.75
N GLY W 182 -26.05 6.02 -30.00
CA GLY W 182 -26.77 7.12 -30.64
C GLY W 182 -28.03 6.65 -31.33
N GLY W 183 -29.11 7.39 -31.12
CA GLY W 183 -30.33 7.16 -31.85
C GLY W 183 -30.35 7.95 -33.13
N PRO W 184 -31.40 7.76 -33.95
CA PRO W 184 -31.50 8.52 -35.19
C PRO W 184 -31.58 10.01 -34.91
N ASP W 185 -30.84 10.78 -35.70
CA ASP W 185 -30.76 12.24 -35.54
C ASP W 185 -31.56 12.86 -36.70
N LEU W 186 -32.81 13.19 -36.43
CA LEU W 186 -33.69 13.71 -37.49
C LEU W 186 -33.35 15.15 -37.86
N VAL W 187 -32.75 15.91 -36.95
CA VAL W 187 -32.38 17.28 -37.25
C VAL W 187 -31.17 17.33 -38.16
N ARG W 188 -30.18 16.47 -37.92
CA ARG W 188 -28.98 16.44 -38.73
C ARG W 188 -29.09 15.47 -39.91
N GLY W 189 -30.06 14.57 -39.90
CA GLY W 189 -30.17 13.58 -40.95
C GLY W 189 -29.13 12.49 -40.85
N ILE W 190 -28.82 12.03 -39.65
CA ILE W 190 -27.82 11.00 -39.41
C ILE W 190 -28.51 9.77 -38.85
N PHE W 191 -28.22 8.61 -39.41
CA PHE W 191 -28.90 7.38 -39.07
C PHE W 191 -27.87 6.27 -38.91
N PRO W 192 -28.24 5.16 -38.25
CA PRO W 192 -27.33 4.01 -38.19
C PRO W 192 -26.88 3.57 -39.58
N THR W 193 -25.74 2.90 -39.67
CA THR W 193 -25.29 2.28 -40.91
C THR W 193 -25.64 0.80 -40.90
N ALA W 194 -25.64 0.19 -42.08
CA ALA W 194 -25.99 -1.21 -42.17
C ALA W 194 -25.35 -1.83 -43.40
N VAL W 195 -25.07 -3.12 -43.30
CA VAL W 195 -24.56 -3.93 -44.40
C VAL W 195 -25.43 -5.19 -44.47
N ILE W 196 -25.81 -5.57 -45.69
CA ILE W 196 -26.51 -6.82 -45.95
C ILE W 196 -25.62 -7.71 -46.77
N ILE W 197 -25.57 -9.00 -46.43
CA ILE W 197 -24.75 -9.98 -47.11
C ILE W 197 -25.63 -11.15 -47.52
N ASP W 198 -25.60 -11.50 -48.81
CA ASP W 198 -26.29 -12.70 -49.29
C ASP W 198 -25.36 -13.41 -50.27
N ALA W 199 -25.93 -14.29 -51.10
CA ALA W 199 -25.12 -15.03 -52.06
C ALA W 199 -24.43 -14.12 -53.07
N ASP W 200 -24.97 -12.93 -53.31
CA ASP W 200 -24.37 -12.00 -54.26
C ASP W 200 -23.31 -11.10 -53.64
N GLY W 201 -23.11 -11.17 -52.33
CA GLY W 201 -22.04 -10.44 -51.66
C GLY W 201 -22.57 -9.46 -50.65
N ALA W 202 -21.63 -8.73 -50.05
CA ALA W 202 -21.92 -7.74 -49.03
C ALA W 202 -22.07 -6.37 -49.67
N VAL W 203 -23.11 -5.63 -49.28
CA VAL W 203 -23.36 -4.30 -49.82
C VAL W 203 -23.80 -3.38 -48.70
N ASP W 204 -23.35 -2.13 -48.76
CA ASP W 204 -23.84 -1.10 -47.86
C ASP W 204 -25.31 -0.82 -48.14
N VAL W 205 -26.08 -0.66 -47.09
CA VAL W 205 -27.48 -0.27 -47.24
C VAL W 205 -27.55 1.24 -47.46
N PRO W 206 -28.26 1.71 -48.49
CA PRO W 206 -28.37 3.15 -48.71
C PRO W 206 -28.99 3.86 -47.51
N GLU W 207 -28.49 5.07 -47.23
CA GLU W 207 -28.97 5.84 -46.10
C GLU W 207 -30.48 6.08 -46.18
N SER W 208 -31.02 6.14 -47.39
CA SER W 208 -32.44 6.48 -47.57
C SER W 208 -33.35 5.40 -46.99
N ARG W 209 -33.03 4.12 -47.24
CA ARG W 209 -33.89 3.05 -46.73
C ARG W 209 -33.83 2.96 -45.22
N ILE W 210 -32.65 3.19 -44.63
CA ILE W 210 -32.52 3.21 -43.18
C ILE W 210 -33.29 4.40 -42.60
N ALA W 211 -33.23 5.54 -43.28
CA ALA W 211 -33.96 6.71 -42.82
C ALA W 211 -35.48 6.47 -42.85
N GLU W 212 -35.97 5.83 -43.92
CA GLU W 212 -37.39 5.53 -44.00
C GLU W 212 -37.82 4.60 -42.88
N LEU W 213 -37.03 3.57 -42.60
CA LEU W 213 -37.39 2.62 -41.55
C LEU W 213 -37.32 3.28 -40.17
N ALA W 214 -36.34 4.16 -39.97
CA ALA W 214 -36.22 4.84 -38.68
C ALA W 214 -37.41 5.74 -38.43
N ARG W 215 -37.81 6.55 -39.43
CA ARG W 215 -39.00 7.37 -39.30
C ARG W 215 -40.23 6.52 -39.03
N ALA W 216 -40.35 5.37 -39.70
CA ALA W 216 -41.47 4.48 -39.46
C ALA W 216 -41.50 4.02 -38.01
N ILE W 217 -40.35 3.59 -37.48
CA ILE W 217 -40.27 3.19 -36.09
C ILE W 217 -40.62 4.37 -35.18
N ILE W 218 -40.13 5.56 -35.52
CA ILE W 218 -40.29 6.71 -34.64
C ILE W 218 -41.76 7.09 -34.51
N GLU W 219 -42.44 7.32 -35.63
CA GLU W 219 -43.84 7.72 -35.55
C GLU W 219 -44.74 6.57 -35.10
N SER W 220 -44.31 5.32 -35.29
CA SER W 220 -45.05 4.20 -34.72
C SER W 220 -45.02 4.24 -33.20
N ARG W 221 -43.92 4.75 -32.62
CA ARG W 221 -43.83 4.83 -31.16
C ARG W 221 -44.37 6.13 -30.61
N SER W 222 -44.46 7.18 -31.42
CA SER W 222 -45.00 8.44 -30.95
C SER W 222 -46.51 8.50 -31.02
N GLY W 223 -47.13 7.63 -31.83
CA GLY W 223 -48.57 7.63 -31.98
C GLY W 223 -49.04 8.39 -33.21
N THR X 1 -3.96 25.93 -23.64
CA THR X 1 -3.94 26.02 -25.09
C THR X 1 -5.33 25.90 -25.68
N THR X 2 -5.63 26.74 -26.68
CA THR X 2 -6.74 26.48 -27.59
C THR X 2 -6.23 26.65 -29.00
N ILE X 3 -6.48 25.63 -29.83
CA ILE X 3 -6.25 25.68 -31.26
C ILE X 3 -7.57 25.36 -31.94
N VAL X 4 -7.95 26.18 -32.91
CA VAL X 4 -9.20 25.99 -33.63
C VAL X 4 -8.89 25.74 -35.10
N ALA X 5 -9.81 25.08 -35.78
CA ALA X 5 -9.76 24.92 -37.22
C ALA X 5 -11.19 24.92 -37.73
N LEU X 6 -11.40 25.54 -38.89
CA LEU X 6 -12.73 25.55 -39.49
C LEU X 6 -12.62 25.58 -41.01
N LYS X 7 -13.61 24.96 -41.65
CA LYS X 7 -13.71 24.97 -43.10
C LYS X 7 -14.49 26.19 -43.57
N TYR X 8 -14.11 26.73 -44.72
CA TYR X 8 -14.85 27.76 -45.43
C TYR X 8 -14.86 27.38 -46.90
N PRO X 9 -15.76 27.97 -47.70
CA PRO X 9 -15.84 27.57 -49.12
C PRO X 9 -14.51 27.70 -49.83
N GLY X 10 -13.89 26.56 -50.11
CA GLY X 10 -12.66 26.50 -50.85
C GLY X 10 -11.39 26.51 -50.02
N GLY X 11 -11.48 26.32 -48.71
CA GLY X 11 -10.27 26.30 -47.92
C GLY X 11 -10.52 25.94 -46.47
N VAL X 12 -9.47 26.11 -45.68
CA VAL X 12 -9.51 25.79 -44.25
C VAL X 12 -8.64 26.81 -43.52
N VAL X 13 -8.99 27.07 -42.26
CA VAL X 13 -8.29 28.02 -41.41
C VAL X 13 -7.92 27.31 -40.12
N MET X 14 -6.70 27.55 -39.65
CA MET X 14 -6.29 27.08 -38.32
C MET X 14 -5.66 28.23 -37.57
N ALA X 15 -6.05 28.41 -36.30
CA ALA X 15 -5.54 29.47 -35.47
C ALA X 15 -5.28 28.93 -34.06
N GLY X 16 -4.27 29.49 -33.41
CA GLY X 16 -3.88 29.02 -32.09
C GLY X 16 -3.36 30.15 -31.22
N ASP X 17 -3.48 29.99 -29.91
CA ASP X 17 -3.07 30.99 -28.95
C ASP X 17 -1.56 30.91 -28.70
N ARG X 18 -1.05 31.81 -27.86
CA ARG X 18 0.39 32.05 -27.71
C ARG X 18 0.92 31.76 -26.31
N ARG X 19 0.12 31.17 -25.42
CA ARG X 19 0.49 31.08 -24.01
C ARG X 19 1.10 29.72 -23.68
N SER X 20 2.12 29.73 -22.83
CA SER X 20 2.57 28.53 -22.16
C SER X 20 2.58 28.79 -20.66
N THR X 21 2.27 27.76 -19.89
CA THR X 21 2.21 27.89 -18.45
C THR X 21 3.01 26.77 -17.79
N GLN X 22 3.38 27.02 -16.54
CA GLN X 22 4.04 26.04 -15.67
C GLN X 22 3.24 26.13 -14.37
N GLY X 23 2.15 25.37 -14.30
CA GLY X 23 1.27 25.51 -13.15
C GLY X 23 0.39 26.74 -13.34
N ASN X 24 0.24 27.52 -12.28
CA ASN X 24 -0.44 28.81 -12.36
C ASN X 24 0.44 29.88 -12.99
N MET X 25 1.74 29.65 -13.08
CA MET X 25 2.66 30.67 -13.55
C MET X 25 2.67 30.73 -15.07
N ILE X 26 2.64 31.94 -15.62
CA ILE X 26 2.79 32.14 -17.05
C ILE X 26 4.26 32.03 -17.39
N SER X 27 4.59 31.10 -18.29
CA SER X 27 5.97 30.85 -18.67
C SER X 27 6.27 31.22 -20.12
N GLY X 28 5.27 31.67 -20.87
CA GLY X 28 5.46 32.01 -22.27
C GLY X 28 4.33 32.86 -22.81
N ARG X 29 4.67 33.86 -23.61
CA ARG X 29 3.70 34.77 -24.21
C ARG X 29 3.75 34.77 -25.73
N ASP X 30 4.75 34.15 -26.33
CA ASP X 30 5.04 34.24 -27.75
C ASP X 30 5.00 32.89 -28.46
N VAL X 31 4.45 31.84 -27.82
CA VAL X 31 4.54 30.50 -28.37
C VAL X 31 3.78 30.41 -29.67
N ARG X 32 4.39 29.79 -30.67
CA ARG X 32 3.76 29.52 -31.96
C ARG X 32 3.39 28.05 -32.00
N LYS X 33 2.08 27.77 -32.00
CA LYS X 33 1.58 26.40 -31.85
C LYS X 33 1.00 25.84 -33.13
N VAL X 34 0.89 26.64 -34.20
CA VAL X 34 0.29 26.21 -35.46
C VAL X 34 1.39 26.16 -36.51
N TYR X 35 1.66 24.98 -37.04
CA TYR X 35 2.77 24.74 -37.95
C TYR X 35 2.26 24.44 -39.35
N ILE X 36 2.90 25.04 -40.35
CA ILE X 36 2.66 24.64 -41.74
C ILE X 36 3.46 23.36 -41.96
N THR X 37 2.77 22.22 -41.93
CA THR X 37 3.44 20.93 -41.99
C THR X 37 3.96 20.63 -43.39
N ASP X 38 3.20 21.01 -44.40
CA ASP X 38 3.66 20.99 -45.79
C ASP X 38 2.80 21.97 -46.56
N ASP X 39 2.92 21.94 -47.89
CA ASP X 39 2.29 22.96 -48.72
C ASP X 39 0.76 22.98 -48.57
N TYR X 40 0.15 21.86 -48.17
CA TYR X 40 -1.30 21.81 -48.09
C TYR X 40 -1.81 21.36 -46.73
N THR X 41 -0.98 21.40 -45.69
CA THR X 41 -1.36 20.88 -44.39
C THR X 41 -0.82 21.78 -43.27
N ALA X 42 -1.64 21.97 -42.24
CA ALA X 42 -1.25 22.67 -41.03
C ALA X 42 -1.58 21.81 -39.82
N THR X 43 -0.69 21.79 -38.84
CA THR X 43 -0.87 21.02 -37.61
C THR X 43 -0.82 21.96 -36.41
N GLY X 44 -1.78 21.82 -35.50
CA GLY X 44 -1.75 22.53 -34.24
C GLY X 44 -1.81 21.56 -33.07
N ILE X 45 -0.97 21.74 -32.06
CA ILE X 45 -0.80 20.75 -30.99
C ILE X 45 -0.97 21.42 -29.63
N ALA X 46 -1.75 20.78 -28.77
CA ALA X 46 -1.86 21.12 -27.36
C ALA X 46 -1.12 20.09 -26.53
N GLY X 47 -0.82 20.44 -25.28
CA GLY X 47 -0.24 19.51 -24.33
C GLY X 47 1.09 19.98 -23.80
N THR X 48 1.97 19.01 -23.51
CA THR X 48 3.28 19.29 -22.98
C THR X 48 4.16 19.92 -24.05
N ALA X 49 4.72 21.09 -23.74
CA ALA X 49 5.41 21.89 -24.76
C ALA X 49 6.50 21.10 -25.46
N ALA X 50 7.38 20.43 -24.70
CA ALA X 50 8.48 19.69 -25.30
C ALA X 50 7.98 18.68 -26.31
N VAL X 51 6.89 17.97 -26.00
CA VAL X 51 6.41 16.93 -26.88
C VAL X 51 5.71 17.52 -28.09
N ALA X 52 4.86 18.53 -27.88
CA ALA X 52 4.14 19.16 -28.96
C ALA X 52 5.09 19.69 -30.04
N VAL X 53 6.15 20.39 -29.61
CA VAL X 53 7.11 20.94 -30.57
C VAL X 53 7.82 19.82 -31.31
N GLU X 54 8.22 18.76 -30.58
CA GLU X 54 8.89 17.64 -31.24
C GLU X 54 7.97 16.93 -32.22
N PHE X 55 6.69 16.78 -31.86
CA PHE X 55 5.73 16.16 -32.77
C PHE X 55 5.62 16.92 -34.08
N ALA X 56 5.41 18.25 -33.99
CA ALA X 56 5.29 19.06 -35.19
C ALA X 56 6.53 18.97 -36.07
N ARG X 57 7.71 19.06 -35.45
CA ARG X 57 8.95 19.03 -36.21
C ARG X 57 9.16 17.67 -36.86
N LEU X 58 8.94 16.58 -36.12
CA LEU X 58 9.16 15.25 -36.66
C LEU X 58 8.14 14.93 -37.76
N TYR X 59 6.89 15.36 -37.57
CA TYR X 59 5.84 15.06 -38.55
C TYR X 59 6.13 15.71 -39.90
N ALA X 60 6.54 16.98 -39.88
CA ALA X 60 6.87 17.67 -41.12
C ALA X 60 8.02 16.99 -41.85
N VAL X 61 9.04 16.55 -41.09
CA VAL X 61 10.16 15.84 -41.69
C VAL X 61 9.69 14.52 -42.29
N GLU X 62 8.81 13.81 -41.59
CA GLU X 62 8.33 12.52 -42.10
C GLU X 62 7.57 12.70 -43.42
N LEU X 63 6.72 13.72 -43.50
CA LEU X 63 5.95 13.95 -44.72
C LEU X 63 6.86 14.27 -45.90
N GLU X 64 7.81 15.19 -45.68
CA GLU X 64 8.74 15.54 -46.75
C GLU X 64 9.67 14.38 -47.07
N HIS X 65 10.01 13.57 -46.07
CA HIS X 65 10.84 12.40 -46.31
C HIS X 65 10.17 11.46 -47.32
N TYR X 66 8.87 11.22 -47.14
CA TYR X 66 8.17 10.37 -48.09
C TYR X 66 8.14 11.00 -49.48
N GLU X 67 7.85 12.30 -49.56
CA GLU X 67 7.72 12.96 -50.85
C GLU X 67 9.02 12.88 -51.65
N LYS X 68 10.16 13.03 -50.99
CA LYS X 68 11.44 12.95 -51.68
C LYS X 68 11.81 11.52 -52.02
N LEU X 69 11.47 10.56 -51.16
CA LEU X 69 11.77 9.16 -51.46
C LEU X 69 10.93 8.66 -52.63
N GLU X 70 9.67 9.07 -52.70
CA GLU X 70 8.72 8.48 -53.63
C GLU X 70 8.34 9.40 -54.79
N GLY X 71 8.80 10.65 -54.80
CA GLY X 71 8.48 11.57 -55.87
C GLY X 71 7.07 12.13 -55.84
N VAL X 72 6.22 11.67 -54.94
CA VAL X 72 4.87 12.21 -54.81
C VAL X 72 4.54 12.35 -53.33
N PRO X 73 3.80 13.37 -52.93
CA PRO X 73 3.38 13.47 -51.53
C PRO X 73 2.40 12.39 -51.15
N LEU X 74 2.34 12.10 -49.86
CA LEU X 74 1.32 11.19 -49.35
C LEU X 74 -0.07 11.72 -49.66
N THR X 75 -1.00 10.79 -49.87
CA THR X 75 -2.41 11.15 -49.84
C THR X 75 -2.75 11.72 -48.46
N PHE X 76 -3.81 12.52 -48.41
CA PHE X 76 -4.19 13.11 -47.14
C PHE X 76 -4.52 12.04 -46.10
N ALA X 77 -5.13 10.94 -46.53
CA ALA X 77 -5.41 9.84 -45.62
C ALA X 77 -4.12 9.24 -45.07
N GLY X 78 -3.09 9.12 -45.91
CA GLY X 78 -1.80 8.67 -45.42
C GLY X 78 -1.20 9.62 -44.40
N LYS X 79 -1.39 10.93 -44.61
CA LYS X 79 -0.92 11.92 -43.65
C LYS X 79 -1.63 11.75 -42.31
N ILE X 80 -2.96 11.56 -42.35
CA ILE X 80 -3.73 11.26 -41.13
C ILE X 80 -3.13 10.07 -40.40
N ASN X 81 -2.88 8.99 -41.14
CA ASN X 81 -2.42 7.75 -40.52
C ASN X 81 -1.08 7.95 -39.83
N ARG X 82 -0.14 8.64 -40.49
CA ARG X 82 1.18 8.82 -39.91
C ARG X 82 1.13 9.65 -38.63
N LEU X 83 0.25 10.65 -38.59
CA LEU X 83 0.10 11.43 -37.36
C LEU X 83 -0.53 10.59 -36.26
N ALA X 84 -1.57 9.82 -36.59
CA ALA X 84 -2.19 8.93 -35.61
C ALA X 84 -1.17 7.94 -35.05
N ILE X 85 -0.33 7.37 -35.92
CA ILE X 85 0.66 6.40 -35.47
C ILE X 85 1.68 7.07 -34.56
N MET X 86 2.04 8.33 -34.86
CA MET X 86 2.95 9.05 -33.98
C MET X 86 2.34 9.24 -32.58
N VAL X 87 1.07 9.63 -32.52
CA VAL X 87 0.41 9.84 -31.24
C VAL X 87 0.27 8.51 -30.49
N ARG X 88 -0.13 7.45 -31.21
CA ARG X 88 -0.26 6.14 -30.58
C ARG X 88 1.04 5.69 -29.95
N GLY X 89 2.16 5.87 -30.66
CA GLY X 89 3.46 5.52 -30.13
C GLY X 89 3.89 6.30 -28.90
N ASN X 90 3.25 7.45 -28.65
CA ASN X 90 3.56 8.26 -27.49
C ASN X 90 2.66 7.96 -26.30
N LEU X 91 1.79 6.95 -26.40
CA LEU X 91 0.73 6.79 -25.40
C LEU X 91 1.30 6.55 -24.00
N ALA X 92 2.34 5.72 -23.90
CA ALA X 92 2.92 5.42 -22.59
C ALA X 92 3.49 6.68 -21.95
N ALA X 93 4.30 7.43 -22.71
CA ALA X 93 4.80 8.71 -22.21
C ALA X 93 3.66 9.66 -21.88
N ALA X 94 2.60 9.66 -22.69
CA ALA X 94 1.45 10.52 -22.41
C ALA X 94 0.82 10.19 -21.07
N MET X 95 0.78 8.90 -20.72
CA MET X 95 0.28 8.52 -19.40
C MET X 95 1.21 8.96 -18.28
N GLN X 96 2.47 9.28 -18.62
CA GLN X 96 3.46 9.78 -17.67
C GLN X 96 3.56 11.30 -17.68
N GLY X 97 2.69 11.99 -18.41
CA GLY X 97 2.67 13.44 -18.44
C GLY X 97 3.32 14.08 -19.65
N LEU X 98 3.78 13.29 -20.62
CA LEU X 98 4.37 13.83 -21.85
C LEU X 98 3.37 13.73 -22.99
N LEU X 99 2.35 14.58 -22.91
CA LEU X 99 1.19 14.48 -23.79
C LEU X 99 1.29 15.42 -24.97
N ALA X 100 0.96 14.92 -26.15
CA ALA X 100 0.77 15.72 -27.35
C ALA X 100 -0.60 15.37 -27.94
N LEU X 101 -1.45 16.38 -28.09
CA LEU X 101 -2.75 16.20 -28.74
C LEU X 101 -2.81 17.10 -29.97
N PRO X 102 -2.68 16.54 -31.17
CA PRO X 102 -2.71 17.36 -32.38
C PRO X 102 -4.13 17.57 -32.92
N LEU X 103 -4.24 18.58 -33.77
CA LEU X 103 -5.39 18.84 -34.61
C LEU X 103 -4.85 19.09 -36.02
N LEU X 104 -5.45 18.46 -37.02
CA LEU X 104 -4.94 18.52 -38.38
C LEU X 104 -5.92 19.26 -39.28
N ALA X 105 -5.41 20.24 -40.01
CA ALA X 105 -6.15 20.93 -41.06
C ALA X 105 -5.42 20.75 -42.38
N GLY X 106 -6.17 20.58 -43.46
CA GLY X 106 -5.55 20.36 -44.75
C GLY X 106 -6.48 20.73 -45.88
N TYR X 107 -5.90 20.76 -47.08
CA TYR X 107 -6.63 20.92 -48.33
C TYR X 107 -6.24 19.76 -49.22
N ASP X 108 -7.19 18.88 -49.53
CA ASP X 108 -6.88 17.70 -50.33
C ASP X 108 -6.92 18.09 -51.81
N ILE X 109 -5.74 18.09 -52.45
CA ILE X 109 -5.65 18.40 -53.87
C ILE X 109 -6.19 17.30 -54.76
N HIS X 110 -6.51 16.13 -54.20
CA HIS X 110 -7.07 15.03 -54.97
C HIS X 110 -8.55 14.82 -54.69
N ALA X 111 -9.17 15.67 -53.88
CA ALA X 111 -10.61 15.58 -53.69
C ALA X 111 -11.32 15.98 -54.97
N SER X 112 -12.55 15.48 -55.12
CA SER X 112 -13.32 15.76 -56.33
C SER X 112 -13.83 17.19 -56.35
N ASP X 113 -14.51 17.62 -55.30
CA ASP X 113 -15.10 18.95 -55.25
C ASP X 113 -14.15 19.89 -54.53
N PRO X 114 -13.45 20.79 -55.23
CA PRO X 114 -12.50 21.69 -54.54
C PRO X 114 -13.16 22.65 -53.59
N GLN X 115 -14.46 22.95 -53.76
CA GLN X 115 -15.13 23.87 -52.85
C GLN X 115 -15.19 23.31 -51.44
N SER X 116 -15.24 21.99 -51.31
CA SER X 116 -15.29 21.31 -50.02
C SER X 116 -14.03 20.48 -49.74
N ALA X 117 -12.95 20.74 -50.50
CA ALA X 117 -11.74 19.95 -50.35
C ALA X 117 -11.00 20.23 -49.04
N GLY X 118 -11.44 21.20 -48.25
CA GLY X 118 -10.85 21.40 -46.94
C GLY X 118 -11.11 20.22 -46.03
N ARG X 119 -10.17 19.97 -45.12
CA ARG X 119 -10.23 18.81 -44.24
C ARG X 119 -9.82 19.21 -42.82
N ILE X 120 -10.54 18.66 -41.85
CA ILE X 120 -10.24 18.85 -40.43
C ILE X 120 -10.32 17.50 -39.74
N VAL X 121 -9.25 17.13 -39.05
CA VAL X 121 -9.12 15.81 -38.43
C VAL X 121 -8.72 16.02 -36.98
N SER X 122 -9.52 15.54 -36.05
CA SER X 122 -9.17 15.58 -34.64
C SER X 122 -8.64 14.23 -34.19
N PHE X 123 -7.88 14.26 -33.10
CA PHE X 123 -7.19 13.08 -32.59
C PHE X 123 -7.43 12.96 -31.08
N ASP X 124 -7.14 11.78 -30.54
CA ASP X 124 -7.12 11.58 -29.10
C ASP X 124 -5.78 10.95 -28.69
N ALA X 125 -5.59 10.80 -27.38
CA ALA X 125 -4.30 10.37 -26.84
C ALA X 125 -3.99 8.91 -27.14
N ALA X 126 -4.97 8.11 -27.55
CA ALA X 126 -4.72 6.73 -27.94
C ALA X 126 -4.38 6.60 -29.42
N GLY X 127 -4.25 7.72 -30.13
CA GLY X 127 -4.03 7.66 -31.57
C GLY X 127 -5.28 7.55 -32.39
N GLY X 128 -6.46 7.71 -31.79
CA GLY X 128 -7.68 7.76 -32.57
C GLY X 128 -7.71 9.00 -33.46
N TRP X 129 -8.25 8.83 -34.66
CA TRP X 129 -8.42 9.93 -35.60
C TRP X 129 -9.86 9.94 -36.08
N ASN X 130 -10.43 11.14 -36.19
CA ASN X 130 -11.79 11.30 -36.69
C ASN X 130 -11.83 12.50 -37.63
N ILE X 131 -12.14 12.24 -38.90
CA ILE X 131 -12.32 13.33 -39.85
C ILE X 131 -13.62 14.06 -39.51
N GLU X 132 -13.49 15.33 -39.18
CA GLU X 132 -14.67 16.11 -38.80
C GLU X 132 -15.51 16.43 -40.04
N GLU X 133 -16.83 16.42 -39.85
CA GLU X 133 -17.76 16.64 -40.93
C GLU X 133 -18.72 17.80 -40.68
N GLU X 134 -18.62 18.47 -39.53
CA GLU X 134 -19.51 19.58 -39.20
C GLU X 134 -18.86 20.95 -39.41
N GLY X 135 -17.62 21.02 -39.90
CA GLY X 135 -17.06 22.27 -40.34
C GLY X 135 -16.04 22.91 -39.42
N TYR X 136 -15.95 22.50 -38.17
CA TYR X 136 -14.98 23.09 -37.25
C TYR X 136 -14.61 22.09 -36.17
N GLN X 137 -13.47 22.36 -35.52
CA GLN X 137 -12.99 21.57 -34.39
C GLN X 137 -12.00 22.40 -33.60
N ALA X 138 -11.71 21.94 -32.39
CA ALA X 138 -10.76 22.62 -31.52
C ALA X 138 -10.10 21.58 -30.61
N VAL X 139 -8.91 21.91 -30.13
CA VAL X 139 -8.18 21.04 -29.21
C VAL X 139 -7.49 21.91 -28.16
N GLY X 140 -7.35 21.36 -26.97
CA GLY X 140 -6.73 22.06 -25.87
C GLY X 140 -7.70 22.35 -24.74
N SER X 141 -7.15 22.86 -23.65
CA SER X 141 -7.92 23.13 -22.44
C SER X 141 -9.05 24.13 -22.66
N GLY X 142 -9.01 24.91 -23.73
CA GLY X 142 -10.08 25.82 -24.04
C GLY X 142 -10.96 25.39 -25.19
N SER X 143 -10.85 24.14 -25.64
CA SER X 143 -11.51 23.73 -26.87
C SER X 143 -13.02 23.67 -26.72
N LEU X 144 -13.53 23.33 -25.53
CA LEU X 144 -14.97 23.32 -25.33
C LEU X 144 -15.57 24.71 -25.54
N PHE X 145 -14.95 25.73 -24.93
CA PHE X 145 -15.46 27.10 -25.09
C PHE X 145 -15.37 27.54 -26.54
N ALA X 146 -14.31 27.13 -27.25
CA ALA X 146 -14.16 27.55 -28.64
C ALA X 146 -15.15 26.83 -29.54
N LYS X 147 -15.39 25.54 -29.31
CA LYS X 147 -16.35 24.82 -30.13
C LYS X 147 -17.77 25.35 -29.92
N SER X 148 -18.12 25.72 -28.68
CA SER X 148 -19.46 26.24 -28.43
C SER X 148 -19.61 27.66 -28.98
N SER X 149 -18.53 28.45 -28.97
CA SER X 149 -18.57 29.75 -29.62
C SER X 149 -18.75 29.59 -31.13
N MET X 150 -17.95 28.71 -31.75
CA MET X 150 -18.05 28.51 -33.19
C MET X 150 -19.41 27.95 -33.59
N LYS X 151 -20.05 27.17 -32.72
CA LYS X 151 -21.39 26.66 -33.01
C LYS X 151 -22.36 27.79 -33.31
N LYS X 152 -22.28 28.87 -32.53
CA LYS X 152 -23.15 30.02 -32.74
C LYS X 152 -22.65 30.95 -33.83
N LEU X 153 -21.36 30.90 -34.17
CA LEU X 153 -20.76 31.85 -35.10
C LEU X 153 -20.56 31.29 -36.50
N TYR X 154 -20.65 29.96 -36.67
CA TYR X 154 -20.23 29.36 -37.94
C TYR X 154 -21.11 29.78 -39.11
N SER X 155 -22.38 30.13 -38.84
CA SER X 155 -23.24 30.61 -39.91
C SER X 155 -22.70 31.86 -40.59
N GLN X 156 -21.87 32.63 -39.91
CA GLN X 156 -21.29 33.83 -40.50
C GLN X 156 -20.17 33.53 -41.48
N VAL X 157 -19.71 32.28 -41.56
CA VAL X 157 -18.53 31.96 -42.36
C VAL X 157 -18.96 31.79 -43.82
N THR X 158 -18.49 32.70 -44.68
CA THR X 158 -18.79 32.67 -46.11
C THR X 158 -17.56 32.65 -46.99
N ASP X 159 -16.39 32.99 -46.44
CA ASP X 159 -15.15 33.04 -47.21
C ASP X 159 -13.99 33.01 -46.21
N GLY X 160 -12.78 33.18 -46.73
CA GLY X 160 -11.59 33.08 -45.88
C GLY X 160 -11.55 34.14 -44.80
N ASP X 161 -11.87 35.39 -45.15
CA ASP X 161 -11.78 36.48 -44.18
C ASP X 161 -12.76 36.30 -43.03
N SER X 162 -14.00 35.92 -43.33
CA SER X 162 -14.97 35.70 -42.26
C SER X 162 -14.66 34.42 -41.49
N GLY X 163 -14.10 33.42 -42.16
CA GLY X 163 -13.62 32.25 -41.44
C GLY X 163 -12.50 32.59 -40.48
N LEU X 164 -11.59 33.46 -40.91
CA LEU X 164 -10.51 33.90 -40.03
C LEU X 164 -11.07 34.68 -38.84
N ARG X 165 -12.04 35.57 -39.09
CA ARG X 165 -12.62 36.36 -38.02
C ARG X 165 -13.32 35.48 -36.99
N VAL X 166 -14.06 34.47 -37.45
CA VAL X 166 -14.73 33.56 -36.52
C VAL X 166 -13.70 32.78 -35.70
N ALA X 167 -12.65 32.29 -36.38
CA ALA X 167 -11.59 31.56 -35.69
C ALA X 167 -10.98 32.42 -34.58
N VAL X 168 -10.68 33.69 -34.88
CA VAL X 168 -10.06 34.56 -33.88
C VAL X 168 -11.03 34.82 -32.73
N GLU X 169 -12.33 34.96 -33.04
CA GLU X 169 -13.30 35.20 -31.99
C GLU X 169 -13.45 33.98 -31.08
N ALA X 170 -13.40 32.78 -31.67
CA ALA X 170 -13.44 31.57 -30.85
C ALA X 170 -12.25 31.50 -29.90
N LEU X 171 -11.05 31.79 -30.41
CA LEU X 171 -9.88 31.86 -29.54
C LEU X 171 -10.05 32.92 -28.46
N TYR X 172 -10.74 34.03 -28.79
CA TYR X 172 -11.00 35.06 -27.79
C TYR X 172 -11.93 34.53 -26.70
N ASP X 173 -12.99 33.81 -27.08
CA ASP X 173 -13.91 33.27 -26.08
C ASP X 173 -13.23 32.21 -25.24
N ALA X 174 -12.34 31.42 -25.84
CA ALA X 174 -11.61 30.40 -25.08
C ALA X 174 -10.74 31.04 -24.01
N ALA X 175 -9.97 32.08 -24.39
CA ALA X 175 -9.14 32.77 -23.41
C ALA X 175 -9.99 33.50 -22.38
N ASP X 176 -11.18 33.94 -22.77
CA ASP X 176 -12.09 34.59 -21.83
C ASP X 176 -12.45 33.66 -20.67
N ASP X 177 -12.54 32.35 -20.94
CA ASP X 177 -13.01 31.39 -19.93
C ASP X 177 -11.95 30.43 -19.44
N ASP X 178 -10.81 30.32 -20.14
CA ASP X 178 -9.75 29.37 -19.80
C ASP X 178 -8.45 30.13 -19.57
N SER X 179 -7.99 30.15 -18.32
CA SER X 179 -6.78 30.90 -17.99
C SER X 179 -5.53 30.30 -18.62
N ALA X 180 -5.59 29.07 -19.11
CA ALA X 180 -4.45 28.45 -19.78
C ALA X 180 -4.42 28.74 -21.28
N THR X 181 -5.33 29.55 -21.78
CA THR X 181 -5.33 30.03 -23.15
C THR X 181 -5.11 31.54 -23.13
N GLY X 182 -4.16 32.02 -23.92
CA GLY X 182 -3.80 33.43 -23.88
C GLY X 182 -4.71 34.27 -24.78
N GLY X 183 -5.21 35.38 -24.23
CA GLY X 183 -5.94 36.34 -25.03
C GLY X 183 -5.01 37.23 -25.82
N PRO X 184 -5.59 38.09 -26.65
CA PRO X 184 -4.79 39.10 -27.33
C PRO X 184 -4.13 40.04 -26.33
N ASP X 185 -2.86 40.33 -26.55
CA ASP X 185 -2.06 41.17 -25.67
C ASP X 185 -1.83 42.50 -26.37
N LEU X 186 -2.62 43.51 -26.00
CA LEU X 186 -2.51 44.81 -26.66
C LEU X 186 -1.29 45.59 -26.17
N VAL X 187 -0.90 45.42 -24.91
CA VAL X 187 0.28 46.11 -24.40
C VAL X 187 1.52 45.70 -25.16
N ARG X 188 1.72 44.39 -25.32
CA ARG X 188 2.89 43.84 -26.01
C ARG X 188 2.69 43.67 -27.50
N GLY X 189 1.47 43.80 -28.00
CA GLY X 189 1.21 43.58 -29.40
C GLY X 189 1.45 42.14 -29.82
N ILE X 190 0.96 41.18 -29.03
CA ILE X 190 1.07 39.76 -29.33
C ILE X 190 -0.32 39.20 -29.55
N PHE X 191 -0.50 38.49 -30.65
CA PHE X 191 -1.81 38.01 -31.09
C PHE X 191 -1.72 36.56 -31.49
N PRO X 192 -2.85 35.84 -31.49
CA PRO X 192 -2.85 34.47 -31.99
C PRO X 192 -2.28 34.38 -33.40
N THR X 193 -1.71 33.23 -33.73
CA THR X 193 -1.22 32.97 -35.07
C THR X 193 -2.26 32.19 -35.87
N ALA X 194 -2.13 32.25 -37.18
CA ALA X 194 -3.12 31.58 -38.02
C ALA X 194 -2.50 31.18 -39.34
N VAL X 195 -3.00 30.06 -39.87
CA VAL X 195 -2.66 29.56 -41.18
C VAL X 195 -3.96 29.38 -41.95
N ILE X 196 -3.95 29.75 -43.22
CA ILE X 196 -5.10 29.55 -44.10
C ILE X 196 -4.60 28.76 -45.31
N ILE X 197 -5.35 27.73 -45.69
CA ILE X 197 -4.97 26.82 -46.77
C ILE X 197 -6.10 26.75 -47.78
N ASP X 198 -5.78 26.92 -49.05
CA ASP X 198 -6.73 26.73 -50.13
C ASP X 198 -6.04 25.97 -51.25
N ALA X 199 -6.58 26.03 -52.46
CA ALA X 199 -6.01 25.33 -53.60
C ALA X 199 -4.62 25.82 -53.95
N ASP X 200 -4.24 27.02 -53.51
CA ASP X 200 -2.91 27.58 -53.75
C ASP X 200 -1.92 27.23 -52.66
N GLY X 201 -2.34 26.50 -51.63
CA GLY X 201 -1.44 26.07 -50.58
C GLY X 201 -1.67 26.84 -49.29
N ALA X 202 -0.83 26.52 -48.30
CA ALA X 202 -0.93 27.10 -46.96
C ALA X 202 -0.05 28.33 -46.85
N VAL X 203 -0.56 29.34 -46.16
CA VAL X 203 0.18 30.57 -45.91
C VAL X 203 -0.06 31.02 -44.48
N ASP X 204 0.99 31.54 -43.85
CA ASP X 204 0.82 32.18 -42.55
C ASP X 204 0.01 33.47 -42.72
N VAL X 205 -0.90 33.70 -41.81
CA VAL X 205 -1.69 34.94 -41.84
C VAL X 205 -0.87 36.06 -41.21
N PRO X 206 -0.72 37.20 -41.88
CA PRO X 206 0.04 38.30 -41.28
C PRO X 206 -0.53 38.71 -39.93
N GLU X 207 0.38 39.02 -39.00
CA GLU X 207 -0.02 39.43 -37.66
C GLU X 207 -0.95 40.62 -37.68
N SER X 208 -0.75 41.55 -38.62
CA SER X 208 -1.56 42.77 -38.66
C SER X 208 -3.03 42.46 -38.85
N ARG X 209 -3.36 41.46 -39.68
CA ARG X 209 -4.76 41.10 -39.86
C ARG X 209 -5.36 40.56 -38.56
N ILE X 210 -4.63 39.70 -37.86
CA ILE X 210 -5.14 39.14 -36.61
C ILE X 210 -5.28 40.24 -35.57
N ALA X 211 -4.32 41.18 -35.55
CA ALA X 211 -4.43 42.34 -34.67
C ALA X 211 -5.72 43.12 -34.95
N GLU X 212 -5.99 43.39 -36.24
CA GLU X 212 -7.21 44.10 -36.61
C GLU X 212 -8.44 43.39 -36.07
N LEU X 213 -8.56 42.08 -36.32
CA LEU X 213 -9.73 41.34 -35.88
C LEU X 213 -9.82 41.30 -34.36
N ALA X 214 -8.68 41.11 -33.67
CA ALA X 214 -8.69 41.08 -32.22
C ALA X 214 -9.19 42.40 -31.63
N ARG X 215 -8.66 43.52 -32.15
CA ARG X 215 -9.11 44.82 -31.66
C ARG X 215 -10.59 45.05 -31.94
N ALA X 216 -11.09 44.54 -33.07
CA ALA X 216 -12.51 44.71 -33.39
C ALA X 216 -13.39 43.96 -32.39
N ILE X 217 -13.01 42.72 -32.07
CA ILE X 217 -13.75 41.95 -31.07
C ILE X 217 -13.77 42.69 -29.74
N ILE X 218 -12.59 43.15 -29.30
CA ILE X 218 -12.48 43.88 -28.03
C ILE X 218 -13.34 45.14 -28.06
N GLU X 219 -13.24 45.91 -29.15
CA GLU X 219 -14.08 47.10 -29.29
C GLU X 219 -15.56 46.75 -29.22
N SER X 220 -15.96 45.67 -29.90
CA SER X 220 -17.37 45.30 -29.93
C SER X 220 -17.90 44.98 -28.54
N ARG X 221 -17.14 44.21 -27.76
CA ARG X 221 -17.64 43.74 -26.48
C ARG X 221 -17.56 44.79 -25.37
N SER X 222 -16.92 45.92 -25.62
CA SER X 222 -16.81 46.98 -24.62
C SER X 222 -18.06 47.86 -24.59
N THR Y 1 20.13 28.16 -6.31
CA THR Y 1 20.85 28.70 -7.46
C THR Y 1 20.02 29.77 -8.14
N THR Y 2 20.70 30.81 -8.65
CA THR Y 2 20.10 31.68 -9.65
C THR Y 2 21.13 31.95 -10.74
N ILE Y 3 20.72 31.77 -11.98
CA ILE Y 3 21.48 32.19 -13.14
C ILE Y 3 20.60 33.11 -13.98
N VAL Y 4 21.11 34.29 -14.30
CA VAL Y 4 20.38 35.24 -15.12
C VAL Y 4 21.12 35.42 -16.45
N ALA Y 5 20.36 35.86 -17.45
CA ALA Y 5 20.90 36.18 -18.77
C ALA Y 5 20.05 37.30 -19.36
N LEU Y 6 20.69 38.24 -20.06
CA LEU Y 6 19.94 39.34 -20.63
C LEU Y 6 20.65 39.86 -21.87
N LYS Y 7 19.87 40.42 -22.79
CA LYS Y 7 20.39 40.97 -24.02
C LYS Y 7 20.64 42.47 -23.86
N TYR Y 8 21.73 42.94 -24.44
CA TYR Y 8 22.05 44.36 -24.53
C TYR Y 8 22.42 44.65 -25.99
N PRO Y 9 22.42 45.93 -26.39
CA PRO Y 9 22.72 46.25 -27.80
C PRO Y 9 24.04 45.65 -28.26
N GLY Y 10 23.97 44.61 -29.06
CA GLY Y 10 25.14 43.99 -29.64
C GLY Y 10 25.66 42.75 -28.92
N GLY Y 11 24.99 42.27 -27.87
CA GLY Y 11 25.49 41.09 -27.20
C GLY Y 11 24.53 40.55 -26.17
N VAL Y 12 25.04 39.62 -25.36
CA VAL Y 12 24.32 39.05 -24.23
C VAL Y 12 25.27 38.95 -23.04
N VAL Y 13 24.67 38.95 -21.84
CA VAL Y 13 25.38 38.76 -20.58
C VAL Y 13 24.72 37.62 -19.83
N MET Y 14 25.52 36.75 -19.22
CA MET Y 14 25.02 35.70 -18.34
C MET Y 14 25.83 35.71 -17.05
N ALA Y 15 25.14 35.60 -15.91
CA ALA Y 15 25.77 35.66 -14.59
C ALA Y 15 25.11 34.68 -13.64
N GLY Y 16 25.90 34.07 -12.76
CA GLY Y 16 25.39 33.09 -11.82
C GLY Y 16 26.03 33.26 -10.45
N ASP Y 17 25.32 32.80 -9.42
CA ASP Y 17 25.79 32.85 -8.06
C ASP Y 17 26.80 31.73 -7.79
N ARG Y 18 27.30 31.67 -6.54
CA ARG Y 18 28.43 30.81 -6.20
C ARG Y 18 28.10 29.75 -5.15
N ARG Y 19 26.84 29.57 -4.79
CA ARG Y 19 26.48 28.77 -3.63
C ARG Y 19 26.10 27.35 -4.03
N SER Y 20 26.55 26.38 -3.26
CA SER Y 20 25.98 25.04 -3.27
C SER Y 20 25.49 24.70 -1.87
N THR Y 21 24.41 23.94 -1.79
CA THR Y 21 23.82 23.56 -0.52
C THR Y 21 23.62 22.04 -0.47
N GLN Y 22 23.54 21.54 0.76
CA GLN Y 22 23.15 20.16 1.04
C GLN Y 22 22.07 20.26 2.11
N GLY Y 23 20.84 20.49 1.68
CA GLY Y 23 19.78 20.81 2.61
C GLY Y 23 19.88 22.25 3.04
N ASN Y 24 19.79 22.49 4.36
CA ASN Y 24 20.03 23.82 4.91
C ASN Y 24 21.50 24.17 4.91
N MET Y 25 22.38 23.18 4.88
CA MET Y 25 23.80 23.42 5.08
C MET Y 25 24.45 23.95 3.82
N ILE Y 26 25.28 24.97 3.98
CA ILE Y 26 26.08 25.49 2.87
C ILE Y 26 27.26 24.54 2.65
N SER Y 27 27.37 24.01 1.44
CA SER Y 27 28.45 23.10 1.11
C SER Y 27 29.47 23.69 0.15
N GLY Y 28 29.19 24.87 -0.44
CA GLY Y 28 30.12 25.51 -1.35
C GLY Y 28 29.93 27.01 -1.43
N ARG Y 29 31.02 27.76 -1.53
CA ARG Y 29 30.98 29.21 -1.56
C ARG Y 29 31.57 29.82 -2.82
N ASP Y 30 32.24 29.04 -3.66
CA ASP Y 30 32.88 29.55 -4.86
C ASP Y 30 32.56 28.69 -6.08
N VAL Y 31 31.35 28.14 -6.13
CA VAL Y 31 30.95 27.30 -7.27
C VAL Y 31 30.84 28.16 -8.52
N ARG Y 32 31.33 27.65 -9.64
CA ARG Y 32 31.26 28.32 -10.93
C ARG Y 32 30.17 27.62 -11.75
N LYS Y 33 29.09 28.35 -12.03
CA LYS Y 33 27.89 27.77 -12.65
C LYS Y 33 27.66 28.24 -14.07
N VAL Y 34 28.43 29.19 -14.58
CA VAL Y 34 28.29 29.71 -15.92
C VAL Y 34 29.52 29.31 -16.71
N TYR Y 35 29.32 28.46 -17.71
CA TYR Y 35 30.41 27.88 -18.50
C TYR Y 35 30.40 28.44 -19.90
N ILE Y 36 31.57 28.89 -20.37
CA ILE Y 36 31.75 29.20 -21.78
C ILE Y 36 31.77 27.88 -22.53
N THR Y 37 30.70 27.55 -23.25
CA THR Y 37 30.64 26.24 -23.88
C THR Y 37 31.18 26.22 -25.30
N ASP Y 38 31.28 27.37 -25.96
CA ASP Y 38 32.10 27.52 -27.17
C ASP Y 38 32.38 29.00 -27.37
N ASP Y 39 33.01 29.32 -28.51
CA ASP Y 39 33.44 30.70 -28.75
C ASP Y 39 32.30 31.70 -28.68
N TYR Y 40 31.04 31.27 -28.87
CA TYR Y 40 29.94 32.22 -28.93
C TYR Y 40 28.74 31.84 -28.06
N THR Y 41 28.86 30.84 -27.18
CA THR Y 41 27.75 30.45 -26.33
C THR Y 41 28.22 30.21 -24.91
N ALA Y 42 27.35 30.54 -23.96
CA ALA Y 42 27.55 30.21 -22.55
C ALA Y 42 26.33 29.45 -22.04
N THR Y 43 26.58 28.52 -21.12
CA THR Y 43 25.54 27.72 -20.49
C THR Y 43 25.63 27.88 -18.99
N GLY Y 44 24.52 28.30 -18.37
CA GLY Y 44 24.38 28.29 -16.92
C GLY Y 44 23.35 27.24 -16.53
N ILE Y 45 23.68 26.44 -15.52
CA ILE Y 45 22.87 25.29 -15.14
C ILE Y 45 22.53 25.36 -13.66
N ALA Y 46 21.28 25.08 -13.32
CA ALA Y 46 20.83 24.89 -11.96
C ALA Y 46 20.46 23.43 -11.76
N GLY Y 47 20.36 23.02 -10.49
CA GLY Y 47 19.92 21.69 -10.14
C GLY Y 47 20.97 20.92 -9.36
N THR Y 48 21.00 19.60 -9.57
CA THR Y 48 21.95 18.74 -8.88
C THR Y 48 23.35 19.01 -9.39
N ALA Y 49 24.28 19.30 -8.46
CA ALA Y 49 25.60 19.82 -8.84
C ALA Y 49 26.32 18.85 -9.77
N ALA Y 50 26.31 17.55 -9.43
CA ALA Y 50 27.00 16.56 -10.24
C ALA Y 50 26.46 16.53 -11.67
N VAL Y 51 25.14 16.61 -11.81
CA VAL Y 51 24.53 16.52 -13.13
C VAL Y 51 24.77 17.80 -13.92
N ALA Y 52 24.66 18.95 -13.25
CA ALA Y 52 24.91 20.23 -13.91
C ALA Y 52 26.33 20.30 -14.45
N VAL Y 53 27.32 19.85 -13.67
CA VAL Y 53 28.71 19.95 -14.11
C VAL Y 53 28.97 19.00 -15.27
N GLU Y 54 28.49 17.76 -15.16
CA GLU Y 54 28.64 16.80 -16.26
C GLU Y 54 27.95 17.29 -17.53
N PHE Y 55 26.77 17.89 -17.39
CA PHE Y 55 26.07 18.43 -18.55
C PHE Y 55 26.91 19.47 -19.28
N ALA Y 56 27.39 20.49 -18.56
CA ALA Y 56 28.17 21.55 -19.18
C ALA Y 56 29.40 20.99 -19.88
N ARG Y 57 30.09 20.04 -19.24
CA ARG Y 57 31.31 19.49 -19.80
C ARG Y 57 31.01 18.66 -21.05
N LEU Y 58 30.00 17.79 -20.98
CA LEU Y 58 29.66 16.96 -22.12
C LEU Y 58 29.15 17.80 -23.29
N TYR Y 59 28.31 18.79 -22.99
CA TYR Y 59 27.76 19.64 -24.04
C TYR Y 59 28.85 20.37 -24.81
N ALA Y 60 29.83 20.94 -24.10
CA ALA Y 60 30.93 21.62 -24.78
C ALA Y 60 31.75 20.64 -25.62
N VAL Y 61 31.93 19.42 -25.13
CA VAL Y 61 32.63 18.40 -25.91
C VAL Y 61 31.84 18.07 -27.18
N GLU Y 62 30.52 17.95 -27.05
CA GLU Y 62 29.70 17.60 -28.21
C GLU Y 62 29.78 18.67 -29.30
N LEU Y 63 29.74 19.95 -28.92
CA LEU Y 63 29.80 21.01 -29.92
C LEU Y 63 31.14 21.02 -30.64
N GLU Y 64 32.24 20.93 -29.87
CA GLU Y 64 33.56 20.88 -30.46
C GLU Y 64 33.77 19.61 -31.27
N HIS Y 65 33.15 18.50 -30.85
CA HIS Y 65 33.21 17.25 -31.60
C HIS Y 65 32.62 17.43 -33.00
N TYR Y 66 31.43 18.03 -33.08
CA TYR Y 66 30.83 18.28 -34.39
C TYR Y 66 31.71 19.18 -35.24
N GLU Y 67 32.24 20.26 -34.63
CA GLU Y 67 33.01 21.22 -35.40
C GLU Y 67 34.24 20.58 -36.03
N LYS Y 68 34.94 19.72 -35.29
CA LYS Y 68 36.12 19.07 -35.84
C LYS Y 68 35.76 18.02 -36.88
N LEU Y 69 34.67 17.27 -36.66
CA LEU Y 69 34.27 16.27 -37.62
C LEU Y 69 33.86 16.91 -38.94
N GLU Y 70 33.06 17.97 -38.89
CA GLU Y 70 32.42 18.52 -40.06
C GLU Y 70 33.09 19.78 -40.59
N GLY Y 71 34.10 20.30 -39.89
CA GLY Y 71 34.82 21.47 -40.37
C GLY Y 71 34.11 22.79 -40.18
N VAL Y 72 32.97 22.80 -39.49
CA VAL Y 72 32.18 24.00 -39.29
C VAL Y 72 31.41 23.84 -37.98
N PRO Y 73 31.18 24.90 -37.20
CA PRO Y 73 30.34 24.76 -36.01
C PRO Y 73 28.88 24.56 -36.37
N LEU Y 74 28.14 24.01 -35.41
CA LEU Y 74 26.71 23.88 -35.56
C LEU Y 74 26.06 25.26 -35.64
N THR Y 75 24.96 25.33 -36.37
CA THR Y 75 24.10 26.52 -36.30
C THR Y 75 23.60 26.69 -34.87
N PHE Y 76 23.20 27.91 -34.52
CA PHE Y 76 22.71 28.13 -33.18
C PHE Y 76 21.51 27.24 -32.88
N ALA Y 77 20.63 27.05 -33.87
CA ALA Y 77 19.48 26.17 -33.67
C ALA Y 77 19.92 24.73 -33.46
N GLY Y 78 20.97 24.30 -34.16
CA GLY Y 78 21.52 22.98 -33.91
C GLY Y 78 22.05 22.85 -32.48
N LYS Y 79 22.72 23.90 -31.99
CA LYS Y 79 23.20 23.88 -30.61
C LYS Y 79 22.05 23.78 -29.63
N ILE Y 80 20.96 24.52 -29.88
CA ILE Y 80 19.77 24.42 -29.03
C ILE Y 80 19.25 22.98 -29.00
N ASN Y 81 19.13 22.37 -30.18
CA ASN Y 81 18.54 21.04 -30.27
C ASN Y 81 19.35 20.01 -29.49
N ARG Y 82 20.69 20.08 -29.62
CA ARG Y 82 21.53 19.11 -28.92
C ARG Y 82 21.42 19.28 -27.41
N LEU Y 83 21.31 20.51 -26.93
CA LEU Y 83 21.10 20.72 -25.49
C LEU Y 83 19.76 20.17 -25.06
N ALA Y 84 18.70 20.44 -25.83
CA ALA Y 84 17.37 19.96 -25.46
C ALA Y 84 17.32 18.44 -25.44
N ILE Y 85 17.98 17.78 -26.39
CA ILE Y 85 18.00 16.33 -26.40
C ILE Y 85 18.76 15.79 -25.20
N MET Y 86 19.84 16.49 -24.81
CA MET Y 86 20.57 16.09 -23.61
C MET Y 86 19.68 16.16 -22.38
N VAL Y 87 18.94 17.26 -22.23
CA VAL Y 87 18.04 17.39 -21.08
C VAL Y 87 16.93 16.35 -21.15
N ARG Y 88 16.38 16.11 -22.34
CA ARG Y 88 15.30 15.13 -22.48
C ARG Y 88 15.77 13.74 -22.07
N GLY Y 89 16.97 13.35 -22.46
CA GLY Y 89 17.52 12.05 -22.12
C GLY Y 89 17.80 11.86 -20.65
N ASN Y 90 17.79 12.94 -19.85
CA ASN Y 90 18.01 12.85 -18.43
C ASN Y 90 16.70 12.87 -17.64
N LEU Y 91 15.56 12.72 -18.32
CA LEU Y 91 14.28 12.92 -17.65
C LEU Y 91 14.04 11.87 -16.57
N ALA Y 92 14.40 10.62 -16.82
CA ALA Y 92 14.15 9.57 -15.84
C ALA Y 92 14.98 9.80 -14.58
N ALA Y 93 16.28 10.08 -14.75
CA ALA Y 93 17.12 10.38 -13.59
C ALA Y 93 16.67 11.66 -12.90
N ALA Y 94 16.26 12.66 -13.67
CA ALA Y 94 15.80 13.91 -13.07
C ALA Y 94 14.57 13.67 -12.20
N MET Y 95 13.70 12.75 -12.60
CA MET Y 95 12.56 12.39 -11.77
C MET Y 95 12.99 11.66 -10.50
N GLN Y 96 14.19 11.08 -10.49
CA GLN Y 96 14.78 10.47 -9.30
C GLN Y 96 15.66 11.43 -8.52
N GLY Y 97 15.63 12.72 -8.84
CA GLY Y 97 16.39 13.73 -8.12
C GLY Y 97 17.68 14.19 -8.78
N LEU Y 98 18.05 13.63 -9.93
CA LEU Y 98 19.27 14.03 -10.64
C LEU Y 98 18.91 15.00 -11.77
N LEU Y 99 18.54 16.20 -11.37
CA LEU Y 99 17.97 17.20 -12.25
C LEU Y 99 19.02 18.22 -12.67
N ALA Y 100 19.07 18.52 -13.97
CA ALA Y 100 19.86 19.60 -14.52
C ALA Y 100 18.95 20.48 -15.36
N LEU Y 101 18.94 21.78 -15.07
CA LEU Y 101 18.13 22.74 -15.82
C LEU Y 101 19.04 23.82 -16.39
N PRO Y 102 19.38 23.75 -17.67
CA PRO Y 102 20.26 24.76 -18.26
C PRO Y 102 19.53 26.00 -18.71
N LEU Y 103 20.30 27.07 -18.86
CA LEU Y 103 19.90 28.29 -19.55
C LEU Y 103 21.01 28.63 -20.51
N LEU Y 104 20.66 28.92 -21.76
CA LEU Y 104 21.64 29.10 -22.83
C LEU Y 104 21.64 30.55 -23.30
N ALA Y 105 22.81 31.18 -23.32
CA ALA Y 105 23.00 32.48 -23.93
C ALA Y 105 24.00 32.36 -25.06
N GLY Y 106 23.80 33.14 -26.12
CA GLY Y 106 24.66 32.99 -27.27
C GLY Y 106 24.63 34.21 -28.15
N TYR Y 107 25.56 34.23 -29.10
CA TYR Y 107 25.64 35.25 -30.14
C TYR Y 107 25.69 34.52 -31.47
N ASP Y 108 24.67 34.72 -32.30
CA ASP Y 108 24.54 34.00 -33.57
C ASP Y 108 25.24 34.81 -34.65
N ILE Y 109 26.44 34.39 -35.04
CA ILE Y 109 27.21 35.09 -36.05
C ILE Y 109 26.51 35.07 -37.41
N HIS Y 110 25.56 34.16 -37.61
CA HIS Y 110 24.80 34.07 -38.84
C HIS Y 110 23.46 34.78 -38.75
N ALA Y 111 23.24 35.58 -37.71
CA ALA Y 111 21.97 36.27 -37.56
C ALA Y 111 21.82 37.36 -38.63
N SER Y 112 20.56 37.73 -38.86
CA SER Y 112 20.24 38.74 -39.88
C SER Y 112 20.86 40.09 -39.53
N ASP Y 113 20.45 40.66 -38.39
CA ASP Y 113 20.95 41.95 -37.95
C ASP Y 113 21.86 41.79 -36.75
N PRO Y 114 23.08 42.32 -36.81
CA PRO Y 114 24.06 42.08 -35.72
C PRO Y 114 23.69 42.74 -34.40
N GLN Y 115 22.77 43.69 -34.38
CA GLN Y 115 22.46 44.38 -33.13
C GLN Y 115 21.64 43.49 -32.21
N SER Y 116 20.75 42.68 -32.78
CA SER Y 116 19.93 41.74 -32.04
C SER Y 116 20.31 40.29 -32.38
N ALA Y 117 21.61 40.05 -32.59
CA ALA Y 117 22.12 38.70 -32.76
C ALA Y 117 22.22 37.96 -31.43
N GLY Y 118 21.97 38.63 -30.32
CA GLY Y 118 21.94 37.96 -29.04
C GLY Y 118 20.80 36.97 -28.94
N ARG Y 119 21.05 35.89 -28.22
CA ARG Y 119 20.08 34.81 -28.09
C ARG Y 119 20.04 34.33 -26.65
N ILE Y 120 18.84 34.19 -26.11
CA ILE Y 120 18.61 33.62 -24.79
C ILE Y 120 17.59 32.50 -24.95
N VAL Y 121 17.96 31.30 -24.54
CA VAL Y 121 17.11 30.12 -24.70
C VAL Y 121 16.94 29.47 -23.32
N SER Y 122 15.71 29.35 -22.88
CA SER Y 122 15.41 28.63 -21.65
C SER Y 122 14.88 27.23 -21.97
N PHE Y 123 15.05 26.34 -20.99
CA PHE Y 123 14.75 24.91 -21.13
C PHE Y 123 13.95 24.44 -19.92
N ASP Y 124 13.24 23.33 -20.08
CA ASP Y 124 12.56 22.70 -18.95
C ASP Y 124 13.01 21.25 -18.81
N ALA Y 125 12.53 20.59 -17.75
CA ALA Y 125 12.99 19.26 -17.40
C ALA Y 125 12.56 18.18 -18.40
N ALA Y 126 11.57 18.46 -19.24
CA ALA Y 126 11.21 17.54 -20.31
C ALA Y 126 12.02 17.77 -21.57
N GLY Y 127 13.00 18.68 -21.54
CA GLY Y 127 13.72 19.02 -22.73
C GLY Y 127 13.04 20.04 -23.62
N GLY Y 128 11.99 20.69 -23.12
CA GLY Y 128 11.42 21.79 -23.85
C GLY Y 128 12.40 22.94 -23.95
N TRP Y 129 12.32 23.67 -25.06
CA TRP Y 129 13.18 24.82 -25.28
C TRP Y 129 12.35 25.96 -25.85
N ASN Y 130 12.68 27.18 -25.45
CA ASN Y 130 11.94 28.35 -25.90
C ASN Y 130 12.92 29.50 -26.07
N ILE Y 131 13.05 29.99 -27.30
CA ILE Y 131 13.86 31.18 -27.55
C ILE Y 131 13.13 32.38 -26.96
N GLU Y 132 13.83 33.12 -26.11
CA GLU Y 132 13.23 34.24 -25.40
C GLU Y 132 13.32 35.51 -26.22
N GLU Y 133 12.23 36.27 -26.22
CA GLU Y 133 12.12 37.45 -27.06
C GLU Y 133 11.88 38.73 -26.27
N GLU Y 134 11.78 38.66 -24.94
CA GLU Y 134 11.52 39.83 -24.11
C GLU Y 134 12.77 40.38 -23.42
N GLY Y 135 13.94 39.82 -23.67
CA GLY Y 135 15.19 40.45 -23.32
C GLY Y 135 15.96 39.82 -22.19
N TYR Y 136 15.33 39.00 -21.36
CA TYR Y 136 16.02 38.45 -20.21
C TYR Y 136 15.34 37.16 -19.76
N GLN Y 137 16.09 36.35 -19.01
CA GLN Y 137 15.57 35.13 -18.41
C GLN Y 137 16.42 34.76 -17.21
N ALA Y 138 15.91 33.80 -16.44
CA ALA Y 138 16.63 33.27 -15.29
C ALA Y 138 16.21 31.82 -15.07
N VAL Y 139 17.04 31.09 -14.34
CA VAL Y 139 16.77 29.71 -13.99
C VAL Y 139 17.31 29.46 -12.59
N GLY Y 140 16.66 28.57 -11.86
CA GLY Y 140 17.04 28.23 -10.51
C GLY Y 140 15.99 28.67 -9.50
N SER Y 141 16.25 28.31 -8.23
CA SER Y 141 15.32 28.59 -7.14
C SER Y 141 15.08 30.08 -6.91
N GLY Y 142 16.00 30.94 -7.33
CA GLY Y 142 15.78 32.37 -7.21
C GLY Y 142 15.34 33.04 -8.48
N SER Y 143 14.99 32.28 -9.52
CA SER Y 143 14.75 32.86 -10.83
C SER Y 143 13.54 33.79 -10.84
N LEU Y 144 12.51 33.50 -10.04
CA LEU Y 144 11.36 34.40 -9.97
C LEU Y 144 11.77 35.76 -9.43
N PHE Y 145 12.53 35.78 -8.33
CA PHE Y 145 12.96 37.04 -7.76
C PHE Y 145 13.88 37.79 -8.73
N ALA Y 146 14.71 37.05 -9.48
CA ALA Y 146 15.62 37.70 -10.42
C ALA Y 146 14.86 38.29 -11.60
N LYS Y 147 13.91 37.54 -12.15
CA LYS Y 147 13.16 38.03 -13.32
C LYS Y 147 12.28 39.22 -12.95
N SER Y 148 11.65 39.18 -11.78
CA SER Y 148 10.84 40.31 -11.35
C SER Y 148 11.70 41.55 -11.11
N SER Y 149 12.93 41.36 -10.63
CA SER Y 149 13.86 42.49 -10.52
C SER Y 149 14.24 43.01 -11.90
N MET Y 150 14.58 42.11 -12.83
CA MET Y 150 14.97 42.55 -14.15
C MET Y 150 13.81 43.20 -14.89
N LYS Y 151 12.58 42.81 -14.59
CA LYS Y 151 11.41 43.46 -15.17
C LYS Y 151 11.44 44.96 -14.91
N LYS Y 152 11.91 45.37 -13.73
CA LYS Y 152 11.92 46.77 -13.38
C LYS Y 152 13.19 47.49 -13.80
N LEU Y 153 14.30 46.77 -13.93
CA LEU Y 153 15.59 47.37 -14.24
C LEU Y 153 15.97 47.31 -15.70
N TYR Y 154 15.26 46.53 -16.53
CA TYR Y 154 15.75 46.27 -17.87
C TYR Y 154 15.80 47.52 -18.74
N SER Y 155 14.95 48.52 -18.45
CA SER Y 155 14.98 49.75 -19.22
C SER Y 155 16.28 50.52 -19.04
N GLN Y 156 17.06 50.22 -18.01
CA GLN Y 156 18.35 50.86 -17.81
C GLN Y 156 19.46 50.25 -18.67
N VAL Y 157 19.19 49.15 -19.37
CA VAL Y 157 20.20 48.46 -20.16
C VAL Y 157 20.35 49.20 -21.49
N THR Y 158 21.49 49.89 -21.67
CA THR Y 158 21.83 50.53 -22.93
C THR Y 158 23.12 50.02 -23.55
N ASP Y 159 23.97 49.34 -22.79
CA ASP Y 159 25.24 48.85 -23.30
C ASP Y 159 25.68 47.66 -22.45
N GLY Y 160 26.87 47.14 -22.76
CA GLY Y 160 27.35 45.96 -22.06
C GLY Y 160 27.54 46.18 -20.57
N ASP Y 161 27.98 47.39 -20.20
CA ASP Y 161 28.29 47.68 -18.80
C ASP Y 161 27.01 47.76 -17.97
N SER Y 162 26.01 48.50 -18.45
CA SER Y 162 24.75 48.59 -17.72
C SER Y 162 24.01 47.26 -17.75
N GLY Y 163 24.19 46.46 -18.80
CA GLY Y 163 23.64 45.11 -18.81
C GLY Y 163 24.23 44.25 -17.72
N LEU Y 164 25.56 44.32 -17.54
CA LEU Y 164 26.21 43.59 -16.46
C LEU Y 164 25.72 44.07 -15.11
N ARG Y 165 25.53 45.38 -14.95
CA ARG Y 165 25.08 45.93 -13.68
C ARG Y 165 23.68 45.43 -13.33
N VAL Y 166 22.79 45.35 -14.33
CA VAL Y 166 21.44 44.86 -14.09
C VAL Y 166 21.46 43.37 -13.74
N ALA Y 167 22.32 42.60 -14.42
CA ALA Y 167 22.42 41.19 -14.11
C ALA Y 167 22.94 40.97 -12.70
N VAL Y 168 23.92 41.77 -12.27
CA VAL Y 168 24.47 41.63 -10.93
C VAL Y 168 23.42 42.00 -9.89
N GLU Y 169 22.64 43.05 -10.16
CA GLU Y 169 21.60 43.44 -9.22
C GLU Y 169 20.50 42.39 -9.14
N ALA Y 170 20.13 41.81 -10.28
CA ALA Y 170 19.15 40.74 -10.27
C ALA Y 170 19.59 39.57 -9.40
N LEU Y 171 20.87 39.20 -9.49
CA LEU Y 171 21.40 38.16 -8.62
C LEU Y 171 21.36 38.58 -7.16
N TYR Y 172 21.63 39.86 -6.89
CA TYR Y 172 21.56 40.37 -5.53
C TYR Y 172 20.15 40.22 -4.96
N ASP Y 173 19.14 40.61 -5.75
CA ASP Y 173 17.75 40.48 -5.30
C ASP Y 173 17.37 39.01 -5.11
N ALA Y 174 17.88 38.12 -5.96
CA ALA Y 174 17.58 36.70 -5.82
C ALA Y 174 18.11 36.15 -4.50
N ALA Y 175 19.37 36.47 -4.18
CA ALA Y 175 19.94 36.03 -2.91
C ALA Y 175 19.27 36.71 -1.72
N ASP Y 176 18.71 37.90 -1.93
CA ASP Y 176 18.01 38.61 -0.86
C ASP Y 176 16.77 37.84 -0.40
N ASP Y 177 16.12 37.11 -1.31
CA ASP Y 177 14.90 36.39 -0.98
C ASP Y 177 15.04 34.88 -1.01
N ASP Y 178 16.09 34.34 -1.62
CA ASP Y 178 16.28 32.90 -1.78
C ASP Y 178 17.58 32.48 -1.09
N SER Y 179 17.45 31.79 0.04
CA SER Y 179 18.61 31.34 0.80
C SER Y 179 19.44 30.28 0.09
N ALA Y 180 18.93 29.67 -0.98
CA ALA Y 180 19.73 28.75 -1.78
C ALA Y 180 20.51 29.46 -2.88
N THR Y 181 20.41 30.79 -2.97
CA THR Y 181 21.21 31.59 -3.88
C THR Y 181 22.18 32.45 -3.07
N GLY Y 182 23.47 32.35 -3.38
CA GLY Y 182 24.47 33.08 -2.63
C GLY Y 182 24.59 34.54 -3.07
N GLY Y 183 24.66 35.43 -2.09
CA GLY Y 183 24.91 36.82 -2.35
C GLY Y 183 26.40 37.13 -2.33
N PRO Y 184 26.76 38.40 -2.57
CA PRO Y 184 28.17 38.78 -2.53
C PRO Y 184 28.74 38.60 -1.13
N ASP Y 185 29.91 37.97 -1.06
CA ASP Y 185 30.61 37.73 0.20
C ASP Y 185 31.77 38.73 0.29
N LEU Y 186 31.48 39.90 0.87
CA LEU Y 186 32.51 40.92 1.06
C LEU Y 186 33.59 40.50 2.04
N VAL Y 187 33.30 39.55 2.94
CA VAL Y 187 34.32 39.10 3.88
C VAL Y 187 35.35 38.24 3.17
N ARG Y 188 34.90 37.29 2.36
CA ARG Y 188 35.81 36.43 1.61
C ARG Y 188 36.16 36.99 0.24
N GLY Y 189 35.52 38.07 -0.18
CA GLY Y 189 35.75 38.60 -1.52
C GLY Y 189 35.34 37.64 -2.61
N ILE Y 190 34.16 37.04 -2.49
CA ILE Y 190 33.63 36.12 -3.50
C ILE Y 190 32.35 36.72 -4.06
N PHE Y 191 32.27 36.79 -5.38
CA PHE Y 191 31.18 37.45 -6.08
C PHE Y 191 30.66 36.55 -7.18
N PRO Y 192 29.44 36.80 -7.66
CA PRO Y 192 28.93 36.04 -8.81
C PRO Y 192 29.91 36.11 -9.98
N THR Y 193 29.88 35.06 -10.81
CA THR Y 193 30.63 35.03 -12.05
C THR Y 193 29.75 35.51 -13.20
N ALA Y 194 30.38 35.89 -14.31
CA ALA Y 194 29.62 36.36 -15.44
C ALA Y 194 30.39 36.11 -16.72
N VAL Y 195 29.65 35.93 -17.80
CA VAL Y 195 30.20 35.79 -19.15
C VAL Y 195 29.46 36.76 -20.06
N ILE Y 196 30.21 37.48 -20.88
CA ILE Y 196 29.68 38.41 -21.87
C ILE Y 196 30.05 37.91 -23.26
N ILE Y 197 29.10 37.95 -24.18
CA ILE Y 197 29.31 37.50 -25.54
C ILE Y 197 28.86 38.61 -26.50
N ASP Y 198 29.71 38.96 -27.45
CA ASP Y 198 29.35 39.88 -28.52
C ASP Y 198 29.96 39.35 -29.81
N ALA Y 199 30.10 40.22 -30.81
CA ALA Y 199 30.64 39.79 -32.11
C ALA Y 199 32.06 39.23 -31.97
N ASP Y 200 32.80 39.63 -30.95
CA ASP Y 200 34.15 39.16 -30.72
C ASP Y 200 34.21 37.85 -29.94
N GLY Y 201 33.07 37.34 -29.48
CA GLY Y 201 33.03 36.05 -28.82
C GLY Y 201 32.70 36.15 -27.35
N ALA Y 202 32.78 35.00 -26.68
CA ALA Y 202 32.43 34.88 -25.28
C ALA Y 202 33.67 35.00 -24.41
N VAL Y 203 33.63 35.90 -23.42
CA VAL Y 203 34.73 36.11 -22.50
C VAL Y 203 34.20 36.13 -21.07
N ASP Y 204 35.04 35.67 -20.14
CA ASP Y 204 34.72 35.78 -18.73
C ASP Y 204 34.87 37.23 -18.29
N VAL Y 205 33.98 37.66 -17.40
CA VAL Y 205 34.05 39.01 -16.88
C VAL Y 205 34.97 38.97 -15.67
N PRO Y 206 35.96 39.86 -15.58
CA PRO Y 206 36.83 39.87 -14.40
C PRO Y 206 36.04 40.08 -13.12
N GLU Y 207 36.38 39.29 -12.10
CA GLU Y 207 35.68 39.37 -10.81
C GLU Y 207 35.77 40.77 -10.21
N SER Y 208 36.82 41.52 -10.54
CA SER Y 208 36.99 42.85 -9.96
C SER Y 208 35.92 43.82 -10.45
N ARG Y 209 35.50 43.68 -11.72
CA ARG Y 209 34.39 44.50 -12.19
C ARG Y 209 33.08 44.08 -11.52
N ILE Y 210 32.86 42.77 -11.37
CA ILE Y 210 31.69 42.30 -10.65
C ILE Y 210 31.68 42.85 -9.23
N ALA Y 211 32.84 42.80 -8.57
CA ALA Y 211 32.94 43.27 -7.19
C ALA Y 211 32.56 44.74 -7.09
N GLU Y 212 33.10 45.56 -8.00
CA GLU Y 212 32.79 46.99 -7.97
C GLU Y 212 31.29 47.22 -8.09
N LEU Y 213 30.64 46.53 -9.03
CA LEU Y 213 29.19 46.69 -9.20
C LEU Y 213 28.43 46.23 -7.98
N ALA Y 214 28.81 45.09 -7.40
CA ALA Y 214 28.13 44.58 -6.22
C ALA Y 214 28.25 45.58 -5.06
N ARG Y 215 29.47 46.07 -4.82
CA ARG Y 215 29.67 47.05 -3.74
C ARG Y 215 28.81 48.30 -3.96
N ALA Y 216 28.73 48.77 -5.20
CA ALA Y 216 27.90 49.94 -5.48
C ALA Y 216 26.43 49.64 -5.21
N ILE Y 217 25.97 48.44 -5.59
CA ILE Y 217 24.59 48.05 -5.29
C ILE Y 217 24.36 48.00 -3.79
N ILE Y 218 25.31 47.41 -3.05
CA ILE Y 218 25.18 47.33 -1.59
C ILE Y 218 25.15 48.72 -0.97
N GLU Y 219 25.99 49.63 -1.48
CA GLU Y 219 26.01 50.99 -0.95
C GLU Y 219 24.67 51.68 -1.17
N SER Y 220 24.08 51.53 -2.35
CA SER Y 220 22.81 52.20 -2.63
C SER Y 220 21.68 51.63 -1.76
N ARG Y 221 21.67 50.32 -1.54
CA ARG Y 221 20.66 49.75 -0.65
C ARG Y 221 20.85 50.20 0.79
N SER Y 222 22.09 50.53 1.17
CA SER Y 222 22.36 50.91 2.55
C SER Y 222 21.83 52.31 2.90
N GLY Y 223 21.64 53.17 1.89
CA GLY Y 223 21.13 54.51 2.13
C GLY Y 223 21.86 55.60 1.37
N THR Z 1 32.60 7.46 11.08
CA THR Z 1 33.86 7.80 10.45
C THR Z 1 34.08 9.30 10.43
N THR Z 2 35.34 9.71 10.60
CA THR Z 2 35.75 11.05 10.19
C THR Z 2 37.09 10.94 9.48
N ILE Z 3 37.17 11.55 8.31
CA ILE Z 3 38.42 11.73 7.59
C ILE Z 3 38.58 13.21 7.33
N VAL Z 4 39.77 13.73 7.63
CA VAL Z 4 40.06 15.15 7.42
C VAL Z 4 41.23 15.26 6.47
N ALA Z 5 41.29 16.40 5.77
CA ALA Z 5 42.42 16.74 4.92
C ALA Z 5 42.60 18.25 5.00
N LEU Z 6 43.85 18.70 4.99
CA LEU Z 6 44.10 20.13 5.03
C LEU Z 6 45.40 20.45 4.31
N LYS Z 7 45.48 21.67 3.79
CA LYS Z 7 46.65 22.15 3.07
C LYS Z 7 47.57 22.89 4.04
N TYR Z 8 48.87 22.73 3.81
CA TYR Z 8 49.88 23.50 4.53
C TYR Z 8 50.91 23.97 3.50
N PRO Z 9 51.81 24.90 3.84
CA PRO Z 9 52.77 25.37 2.83
C PRO Z 9 53.59 24.24 2.24
N GLY Z 10 53.30 23.91 0.98
CA GLY Z 10 54.06 22.92 0.26
C GLY Z 10 53.53 21.50 0.29
N GLY Z 11 52.35 21.27 0.83
CA GLY Z 11 51.83 19.92 0.83
C GLY Z 11 50.45 19.83 1.45
N VAL Z 12 49.99 18.59 1.63
CA VAL Z 12 48.71 18.30 2.28
C VAL Z 12 48.92 17.18 3.28
N VAL Z 13 47.97 17.07 4.21
CA VAL Z 13 47.90 15.97 5.15
C VAL Z 13 46.45 15.50 5.19
N MET Z 14 46.27 14.18 5.33
CA MET Z 14 44.96 13.57 5.48
C MET Z 14 45.04 12.54 6.60
N ALA Z 15 44.02 12.54 7.47
CA ALA Z 15 44.01 11.65 8.62
C ALA Z 15 42.61 11.08 8.80
N GLY Z 16 42.54 9.87 9.36
CA GLY Z 16 41.26 9.22 9.58
C GLY Z 16 41.27 8.41 10.85
N ASP Z 17 40.07 8.19 11.38
CA ASP Z 17 39.90 7.42 12.61
C ASP Z 17 39.91 5.93 12.32
N ARG Z 18 39.73 5.12 13.36
CA ARG Z 18 40.00 3.69 13.30
C ARG Z 18 38.78 2.82 13.59
N ARG Z 19 37.60 3.41 13.72
CA ARG Z 19 36.43 2.69 14.23
C ARG Z 19 35.56 2.17 13.09
N SER Z 20 35.02 0.97 13.28
CA SER Z 20 33.90 0.48 12.48
C SER Z 20 32.79 0.05 13.43
N THR Z 21 31.55 0.20 12.99
CA THR Z 21 30.39 -0.12 13.81
C THR Z 21 29.38 -0.93 13.01
N GLN Z 22 28.49 -1.60 13.74
CA GLN Z 22 27.32 -2.28 13.21
C GLN Z 22 26.15 -1.85 14.10
N GLY Z 23 25.51 -0.75 13.74
CA GLY Z 23 24.54 -0.17 14.65
C GLY Z 23 25.27 0.48 15.80
N ASN Z 24 24.82 0.21 17.02
CA ASN Z 24 25.48 0.74 18.21
C ASN Z 24 26.76 -0.02 18.55
N MET Z 25 26.94 -1.21 18.00
CA MET Z 25 28.03 -2.08 18.43
C MET Z 25 29.32 -1.74 17.69
N ILE Z 26 30.41 -1.71 18.44
CA ILE Z 26 31.74 -1.49 17.87
C ILE Z 26 32.22 -2.81 17.27
N SER Z 27 32.42 -2.82 15.95
CA SER Z 27 32.82 -4.03 15.24
C SER Z 27 34.29 -4.01 14.84
N GLY Z 28 34.97 -2.89 15.00
CA GLY Z 28 36.39 -2.81 14.68
C GLY Z 28 37.00 -1.63 15.39
N ARG Z 29 38.28 -1.78 15.74
CA ARG Z 29 38.99 -0.77 16.50
C ARG Z 29 40.27 -0.27 15.83
N ASP Z 30 40.72 -0.92 14.74
CA ASP Z 30 41.98 -0.54 14.12
C ASP Z 30 41.83 -0.39 12.62
N VAL Z 31 40.63 -0.06 12.14
CA VAL Z 31 40.40 0.05 10.72
C VAL Z 31 41.26 1.16 10.14
N ARG Z 32 41.89 0.89 9.00
CA ARG Z 32 42.67 1.88 8.28
C ARG Z 32 41.80 2.41 7.14
N LYS Z 33 41.57 3.72 7.13
CA LYS Z 33 40.61 4.34 6.23
C LYS Z 33 41.25 5.30 5.24
N VAL Z 34 42.57 5.48 5.30
CA VAL Z 34 43.29 6.44 4.47
C VAL Z 34 44.32 5.65 3.68
N TYR Z 35 44.21 5.69 2.36
CA TYR Z 35 45.03 4.88 1.46
C TYR Z 35 45.93 5.79 0.64
N ILE Z 36 47.21 5.42 0.52
CA ILE Z 36 48.08 6.02 -0.47
C ILE Z 36 47.70 5.41 -1.81
N THR Z 37 46.97 6.15 -2.63
CA THR Z 37 46.45 5.61 -3.88
C THR Z 37 47.44 5.70 -5.03
N ASP Z 38 48.38 6.64 -4.97
CA ASP Z 38 49.60 6.59 -5.77
C ASP Z 38 50.64 7.47 -5.09
N ASP Z 39 51.78 7.67 -5.76
CA ASP Z 39 52.90 8.40 -5.15
C ASP Z 39 52.51 9.80 -4.69
N TYR Z 40 51.47 10.40 -5.26
CA TYR Z 40 51.15 11.78 -4.93
C TYR Z 40 49.68 12.00 -4.55
N THR Z 41 48.90 10.94 -4.31
CA THR Z 41 47.51 11.11 -3.92
C THR Z 41 47.13 10.12 -2.82
N ALA Z 42 46.38 10.63 -1.85
CA ALA Z 42 45.79 9.81 -0.80
C ALA Z 42 44.27 9.88 -0.91
N THR Z 43 43.60 8.78 -0.56
CA THR Z 43 42.15 8.74 -0.57
C THR Z 43 41.66 8.23 0.77
N GLY Z 44 40.67 8.91 1.33
CA GLY Z 44 40.03 8.47 2.56
C GLY Z 44 38.54 8.32 2.32
N ILE Z 45 37.96 7.19 2.74
CA ILE Z 45 36.58 6.87 2.35
C ILE Z 45 35.75 6.59 3.61
N ALA Z 46 34.53 7.10 3.61
CA ALA Z 46 33.55 6.83 4.64
C ALA Z 46 32.36 6.09 4.04
N GLY Z 47 31.60 5.42 4.89
CA GLY Z 47 30.40 4.73 4.48
C GLY Z 47 30.51 3.23 4.73
N THR Z 48 29.77 2.46 3.94
CA THR Z 48 29.79 1.01 4.06
C THR Z 48 31.20 0.47 3.89
N ALA Z 49 31.66 -0.32 4.88
CA ALA Z 49 33.06 -0.72 4.93
C ALA Z 49 33.46 -1.48 3.68
N ALA Z 50 32.66 -2.47 3.27
CA ALA Z 50 33.01 -3.26 2.10
C ALA Z 50 33.19 -2.39 0.86
N VAL Z 51 32.26 -1.45 0.65
CA VAL Z 51 32.33 -0.60 -0.54
C VAL Z 51 33.54 0.33 -0.46
N ALA Z 52 33.79 0.90 0.71
CA ALA Z 52 34.93 1.80 0.88
C ALA Z 52 36.25 1.09 0.57
N VAL Z 53 36.44 -0.12 1.10
CA VAL Z 53 37.66 -0.86 0.86
C VAL Z 53 37.81 -1.19 -0.62
N GLU Z 54 36.73 -1.65 -1.25
CA GLU Z 54 36.76 -1.99 -2.67
C GLU Z 54 37.09 -0.77 -3.52
N PHE Z 55 36.49 0.38 -3.19
CA PHE Z 55 36.77 1.62 -3.92
C PHE Z 55 38.24 1.97 -3.88
N ALA Z 56 38.83 2.00 -2.68
CA ALA Z 56 40.24 2.37 -2.55
C ALA Z 56 41.13 1.43 -3.35
N ARG Z 57 40.86 0.13 -3.25
CA ARG Z 57 41.68 -0.86 -3.94
C ARG Z 57 41.56 -0.71 -5.46
N LEU Z 58 40.32 -0.64 -5.97
CA LEU Z 58 40.11 -0.53 -7.40
C LEU Z 58 40.67 0.77 -7.94
N TYR Z 59 40.47 1.88 -7.22
CA TYR Z 59 40.95 3.18 -7.67
C TYR Z 59 42.46 3.18 -7.86
N ALA Z 60 43.19 2.64 -6.88
CA ALA Z 60 44.65 2.57 -6.98
C ALA Z 60 45.08 1.73 -8.17
N VAL Z 61 44.36 0.63 -8.43
CA VAL Z 61 44.67 -0.20 -9.59
C VAL Z 61 44.42 0.57 -10.88
N GLU Z 62 43.27 1.26 -10.96
CA GLU Z 62 42.94 1.98 -12.20
C GLU Z 62 44.01 3.01 -12.53
N LEU Z 63 44.46 3.79 -11.53
CA LEU Z 63 45.48 4.80 -11.77
C LEU Z 63 46.77 4.17 -12.27
N GLU Z 64 47.25 3.12 -11.60
CA GLU Z 64 48.49 2.49 -12.04
C GLU Z 64 48.31 1.76 -13.37
N HIS Z 65 47.11 1.24 -13.62
CA HIS Z 65 46.82 0.63 -14.92
C HIS Z 65 47.01 1.64 -16.04
N TYR Z 66 46.46 2.85 -15.87
CA TYR Z 66 46.67 3.88 -16.88
C TYR Z 66 48.14 4.24 -17.01
N GLU Z 67 48.82 4.43 -15.88
CA GLU Z 67 50.22 4.84 -15.90
C GLU Z 67 51.08 3.85 -16.67
N LYS Z 68 50.82 2.54 -16.50
CA LYS Z 68 51.61 1.54 -17.20
C LYS Z 68 51.23 1.43 -18.67
N LEU Z 69 49.95 1.62 -18.99
CA LEU Z 69 49.54 1.53 -20.39
C LEU Z 69 50.10 2.68 -21.22
N GLU Z 70 50.04 3.90 -20.70
CA GLU Z 70 50.35 5.08 -21.47
C GLU Z 70 51.70 5.70 -21.14
N GLY Z 71 52.43 5.15 -20.16
CA GLY Z 71 53.76 5.63 -19.84
C GLY Z 71 53.82 6.86 -18.98
N VAL Z 72 52.68 7.50 -18.69
CA VAL Z 72 52.64 8.64 -17.78
C VAL Z 72 51.42 8.51 -16.90
N PRO Z 73 51.49 9.02 -15.67
CA PRO Z 73 50.32 9.01 -14.79
C PRO Z 73 49.28 10.02 -15.27
N LEU Z 74 48.04 9.77 -14.87
CA LEU Z 74 46.96 10.68 -15.19
C LEU Z 74 47.24 12.06 -14.60
N THR Z 75 46.78 13.09 -15.31
CA THR Z 75 46.69 14.41 -14.71
C THR Z 75 45.82 14.34 -13.45
N PHE Z 76 46.01 15.31 -12.56
CA PHE Z 76 45.20 15.32 -11.35
C PHE Z 76 43.72 15.44 -11.71
N ALA Z 77 43.39 16.26 -12.72
CA ALA Z 77 42.00 16.36 -13.16
C ALA Z 77 41.48 15.01 -13.65
N GLY Z 78 42.31 14.26 -14.38
CA GLY Z 78 41.91 12.91 -14.77
C GLY Z 78 41.67 12.01 -13.57
N LYS Z 79 42.54 12.10 -12.57
CA LYS Z 79 42.36 11.33 -11.34
C LYS Z 79 41.02 11.65 -10.68
N ILE Z 80 40.71 12.95 -10.57
CA ILE Z 80 39.43 13.35 -9.99
C ILE Z 80 38.28 12.71 -10.74
N ASN Z 81 38.34 12.76 -12.07
CA ASN Z 81 37.22 12.33 -12.90
C ASN Z 81 36.99 10.82 -12.77
N ARG Z 82 38.08 10.04 -12.68
CA ARG Z 82 37.91 8.59 -12.55
C ARG Z 82 37.29 8.23 -11.20
N LEU Z 83 37.67 8.92 -10.13
CA LEU Z 83 37.03 8.68 -8.84
C LEU Z 83 35.56 9.11 -8.87
N ALA Z 84 35.27 10.25 -9.51
CA ALA Z 84 33.88 10.70 -9.61
C ALA Z 84 33.03 9.68 -10.34
N ILE Z 85 33.54 9.15 -11.46
CA ILE Z 85 32.79 8.17 -12.24
C ILE Z 85 32.57 6.90 -11.44
N MET Z 86 33.56 6.49 -10.65
CA MET Z 86 33.38 5.35 -9.75
C MET Z 86 32.21 5.60 -8.80
N VAL Z 87 32.21 6.75 -8.13
CA VAL Z 87 31.14 7.06 -7.19
C VAL Z 87 29.79 7.07 -7.91
N ARG Z 88 29.72 7.76 -9.05
CA ARG Z 88 28.47 7.87 -9.79
C ARG Z 88 27.95 6.49 -10.20
N GLY Z 89 28.84 5.60 -10.62
CA GLY Z 89 28.43 4.25 -10.98
C GLY Z 89 27.88 3.46 -9.80
N ASN Z 90 28.25 3.83 -8.58
CA ASN Z 90 27.79 3.13 -7.39
C ASN Z 90 26.46 3.66 -6.86
N LEU Z 91 25.89 4.67 -7.50
CA LEU Z 91 24.78 5.42 -6.89
C LEU Z 91 23.59 4.53 -6.60
N ALA Z 92 23.29 3.59 -7.50
CA ALA Z 92 22.13 2.72 -7.28
C ALA Z 92 22.34 1.82 -6.07
N ALA Z 93 23.52 1.19 -5.97
CA ALA Z 93 23.83 0.39 -4.80
C ALA Z 93 23.87 1.26 -3.55
N ALA Z 94 24.36 2.50 -3.68
CA ALA Z 94 24.45 3.38 -2.52
C ALA Z 94 23.07 3.74 -1.97
N MET Z 95 22.10 3.95 -2.86
CA MET Z 95 20.73 4.17 -2.41
C MET Z 95 20.16 2.94 -1.72
N GLN Z 96 20.72 1.77 -1.98
CA GLN Z 96 20.33 0.54 -1.29
C GLN Z 96 21.15 0.28 -0.03
N GLY Z 97 22.07 1.19 0.32
CA GLY Z 97 22.84 1.07 1.54
C GLY Z 97 24.29 0.71 1.35
N LEU Z 98 24.78 0.61 0.13
CA LEU Z 98 26.19 0.32 -0.13
C LEU Z 98 26.93 1.60 -0.53
N LEU Z 99 26.98 2.53 0.41
CA LEU Z 99 27.49 3.88 0.17
C LEU Z 99 28.99 3.95 0.34
N ALA Z 100 29.65 4.70 -0.55
CA ALA Z 100 31.06 5.05 -0.43
C ALA Z 100 31.20 6.55 -0.68
N LEU Z 101 31.71 7.27 0.30
CA LEU Z 101 31.93 8.71 0.18
C LEU Z 101 33.41 9.03 0.33
N PRO Z 102 34.12 9.26 -0.77
CA PRO Z 102 35.56 9.51 -0.69
C PRO Z 102 35.92 10.98 -0.52
N LEU Z 103 37.13 11.19 -0.02
CA LEU Z 103 37.77 12.50 0.06
C LEU Z 103 39.17 12.33 -0.49
N LEU Z 104 39.56 13.18 -1.43
CA LEU Z 104 40.81 13.06 -2.15
C LEU Z 104 41.75 14.18 -1.76
N ALA Z 105 42.99 13.81 -1.42
CA ALA Z 105 44.07 14.77 -1.19
C ALA Z 105 45.25 14.36 -2.05
N GLY Z 106 45.87 15.36 -2.68
CA GLY Z 106 47.00 15.08 -3.54
C GLY Z 106 47.96 16.25 -3.53
N TYR Z 107 49.09 16.02 -4.17
CA TYR Z 107 50.06 17.06 -4.50
C TYR Z 107 50.25 17.01 -6.01
N ASP Z 108 49.86 18.08 -6.70
CA ASP Z 108 49.90 18.12 -8.15
C ASP Z 108 51.28 18.62 -8.57
N ILE Z 109 52.13 17.71 -9.02
CA ILE Z 109 53.47 18.08 -9.47
C ILE Z 109 53.46 18.93 -10.73
N HIS Z 110 52.32 19.05 -11.40
CA HIS Z 110 52.21 19.85 -12.61
C HIS Z 110 51.51 21.19 -12.38
N ALA Z 111 51.52 21.67 -11.14
CA ALA Z 111 51.08 23.04 -10.88
C ALA Z 111 52.24 24.00 -11.11
N SER Z 112 51.90 25.24 -11.49
CA SER Z 112 52.93 26.25 -11.70
C SER Z 112 53.56 26.71 -10.39
N ASP Z 113 52.86 26.56 -9.27
CA ASP Z 113 53.32 27.07 -7.97
C ASP Z 113 53.44 25.91 -7.00
N PRO Z 114 54.66 25.49 -6.64
CA PRO Z 114 54.79 24.34 -5.72
C PRO Z 114 54.25 24.61 -4.33
N GLN Z 115 54.23 25.86 -3.88
CA GLN Z 115 53.73 26.18 -2.56
C GLN Z 115 52.23 25.98 -2.44
N SER Z 116 51.50 26.04 -3.56
CA SER Z 116 50.05 25.89 -3.59
C SER Z 116 49.62 24.69 -4.43
N ALA Z 117 50.48 23.66 -4.52
CA ALA Z 117 50.20 22.48 -5.31
C ALA Z 117 49.39 21.44 -4.56
N GLY Z 118 49.16 21.63 -3.26
CA GLY Z 118 48.28 20.73 -2.54
C GLY Z 118 46.85 20.86 -3.01
N ARG Z 119 46.16 19.72 -3.08
CA ARG Z 119 44.79 19.67 -3.57
C ARG Z 119 43.94 18.87 -2.59
N ILE Z 120 42.73 19.37 -2.35
CA ILE Z 120 41.71 18.66 -1.60
C ILE Z 120 40.43 18.66 -2.42
N VAL Z 121 39.87 17.47 -2.63
CA VAL Z 121 38.69 17.30 -3.48
C VAL Z 121 37.66 16.51 -2.69
N SER Z 122 36.48 17.09 -2.50
CA SER Z 122 35.39 16.40 -1.84
C SER Z 122 34.37 15.92 -2.87
N PHE Z 123 33.63 14.88 -2.49
CA PHE Z 123 32.70 14.21 -3.39
C PHE Z 123 31.35 14.08 -2.69
N ASP Z 124 30.32 13.76 -3.48
CA ASP Z 124 29.02 13.42 -2.94
C ASP Z 124 28.54 12.11 -3.56
N ALA Z 125 27.42 11.60 -3.09
CA ALA Z 125 26.94 10.28 -3.48
C ALA Z 125 26.49 10.20 -4.94
N ALA Z 126 26.27 11.33 -5.60
CA ALA Z 126 25.86 11.35 -7.00
C ALA Z 126 27.03 11.47 -7.96
N GLY Z 127 28.26 11.41 -7.46
CA GLY Z 127 29.42 11.59 -8.28
C GLY Z 127 29.92 13.01 -8.38
N GLY Z 128 29.31 13.94 -7.65
CA GLY Z 128 29.79 15.31 -7.66
C GLY Z 128 31.16 15.41 -7.05
N TRP Z 129 31.95 16.35 -7.57
CA TRP Z 129 33.29 16.61 -7.07
C TRP Z 129 33.50 18.10 -6.97
N ASN Z 130 34.27 18.53 -5.96
CA ASN Z 130 34.52 19.94 -5.76
C ASN Z 130 35.93 20.12 -5.20
N ILE Z 131 36.76 20.85 -5.92
CA ILE Z 131 38.10 21.20 -5.44
C ILE Z 131 37.95 22.29 -4.38
N GLU Z 132 38.32 21.97 -3.14
CA GLU Z 132 38.18 22.91 -2.04
C GLU Z 132 39.26 23.98 -2.10
N GLU Z 133 38.86 25.23 -1.87
CA GLU Z 133 39.80 26.35 -1.90
C GLU Z 133 40.07 26.94 -0.53
N GLU Z 134 39.32 26.56 0.51
CA GLU Z 134 39.46 27.19 1.81
C GLU Z 134 40.40 26.45 2.76
N GLY Z 135 41.11 25.42 2.29
CA GLY Z 135 42.24 24.87 3.01
C GLY Z 135 42.00 23.58 3.74
N TYR Z 136 40.74 23.22 4.04
CA TYR Z 136 40.47 21.98 4.74
C TYR Z 136 39.10 21.45 4.34
N GLN Z 137 38.88 20.18 4.65
CA GLN Z 137 37.64 19.50 4.32
C GLN Z 137 37.58 18.22 5.15
N ALA Z 138 36.39 17.65 5.27
CA ALA Z 138 36.22 16.41 6.01
C ALA Z 138 35.04 15.65 5.42
N VAL Z 139 34.99 14.35 5.74
CA VAL Z 139 33.92 13.48 5.27
C VAL Z 139 33.64 12.44 6.35
N GLY Z 140 32.41 11.98 6.41
CA GLY Z 140 31.99 11.00 7.40
C GLY Z 140 31.02 11.59 8.41
N SER Z 141 30.64 10.73 9.37
CA SER Z 141 29.61 11.12 10.33
C SER Z 141 30.08 12.20 11.30
N GLY Z 142 31.38 12.42 11.42
CA GLY Z 142 31.85 13.48 12.29
C GLY Z 142 32.47 14.65 11.55
N SER Z 143 32.18 14.75 10.25
CA SER Z 143 32.84 15.77 9.43
C SER Z 143 32.45 17.18 9.85
N LEU Z 144 31.21 17.38 10.33
CA LEU Z 144 30.78 18.71 10.74
C LEU Z 144 31.57 19.19 11.95
N PHE Z 145 31.67 18.36 12.99
CA PHE Z 145 32.45 18.73 14.16
C PHE Z 145 33.91 18.95 13.80
N ALA Z 146 34.44 18.17 12.86
CA ALA Z 146 35.84 18.31 12.46
C ALA Z 146 36.06 19.59 11.68
N LYS Z 147 35.14 19.93 10.76
CA LYS Z 147 35.28 21.15 9.98
C LYS Z 147 35.15 22.39 10.86
N SER Z 148 34.20 22.38 11.81
CA SER Z 148 34.06 23.51 12.72
C SER Z 148 35.27 23.64 13.64
N SER Z 149 35.87 22.51 14.04
CA SER Z 149 37.11 22.56 14.81
C SER Z 149 38.25 23.13 13.98
N MET Z 150 38.40 22.66 12.73
CA MET Z 150 39.46 23.18 11.87
C MET Z 150 39.23 24.64 11.52
N LYS Z 151 37.98 25.10 11.47
CA LYS Z 151 37.70 26.51 11.23
C LYS Z 151 38.43 27.40 12.23
N LYS Z 152 38.42 27.01 13.52
CA LYS Z 152 39.07 27.81 14.54
C LYS Z 152 40.57 27.55 14.60
N LEU Z 153 41.03 26.37 14.20
CA LEU Z 153 42.42 25.97 14.41
C LEU Z 153 43.29 26.17 13.18
N TYR Z 154 42.71 26.37 12.00
CA TYR Z 154 43.51 26.37 10.78
C TYR Z 154 44.53 27.51 10.74
N SER Z 155 44.28 28.60 11.45
CA SER Z 155 45.17 29.76 11.39
C SER Z 155 46.59 29.43 11.86
N GLN Z 156 46.73 28.44 12.74
CA GLN Z 156 48.03 28.06 13.26
C GLN Z 156 48.71 26.96 12.44
N VAL Z 157 48.25 26.72 11.22
CA VAL Z 157 48.90 25.79 10.32
C VAL Z 157 49.95 26.56 9.54
N THR Z 158 51.22 26.37 9.90
CA THR Z 158 52.34 27.02 9.24
C THR Z 158 53.31 26.06 8.59
N ASP Z 159 53.22 24.76 8.89
CA ASP Z 159 54.10 23.76 8.29
C ASP Z 159 53.41 22.41 8.40
N GLY Z 160 54.11 21.36 7.98
CA GLY Z 160 53.54 20.04 7.99
C GLY Z 160 53.23 19.53 9.39
N ASP Z 161 54.04 19.91 10.37
CA ASP Z 161 53.84 19.39 11.71
C ASP Z 161 52.67 20.05 12.41
N SER Z 162 52.53 21.38 12.28
CA SER Z 162 51.36 22.04 12.82
C SER Z 162 50.08 21.62 12.09
N GLY Z 163 50.18 21.36 10.78
CA GLY Z 163 49.04 20.84 10.06
C GLY Z 163 48.62 19.46 10.52
N LEU Z 164 49.59 18.57 10.75
CA LEU Z 164 49.28 17.25 11.29
C LEU Z 164 48.64 17.37 12.67
N ARG Z 165 49.12 18.29 13.51
CA ARG Z 165 48.54 18.45 14.84
C ARG Z 165 47.10 18.92 14.75
N VAL Z 166 46.81 19.88 13.86
CA VAL Z 166 45.45 20.37 13.69
C VAL Z 166 44.54 19.25 13.16
N ALA Z 167 45.08 18.43 12.24
CA ALA Z 167 44.30 17.30 11.74
C ALA Z 167 43.96 16.31 12.84
N VAL Z 168 44.92 16.04 13.74
CA VAL Z 168 44.65 15.12 14.83
C VAL Z 168 43.65 15.72 15.80
N GLU Z 169 43.71 17.02 16.03
CA GLU Z 169 42.79 17.65 16.98
C GLU Z 169 41.38 17.70 16.41
N ALA Z 170 41.27 17.92 15.09
CA ALA Z 170 39.96 17.84 14.44
C ALA Z 170 39.33 16.48 14.64
N LEU Z 171 40.11 15.41 14.44
CA LEU Z 171 39.60 14.06 14.64
C LEU Z 171 39.25 13.81 16.09
N TYR Z 172 40.03 14.39 17.01
CA TYR Z 172 39.68 14.29 18.42
C TYR Z 172 38.35 14.96 18.70
N ASP Z 173 38.14 16.15 18.15
CA ASP Z 173 36.86 16.83 18.33
C ASP Z 173 35.72 16.06 17.67
N ALA Z 174 35.99 15.44 16.52
CA ALA Z 174 34.96 14.64 15.87
C ALA Z 174 34.54 13.47 16.74
N ALA Z 175 35.53 12.75 17.30
CA ALA Z 175 35.21 11.62 18.17
C ALA Z 175 34.61 12.07 19.49
N ASP Z 176 34.94 13.28 19.94
CA ASP Z 176 34.34 13.82 21.15
C ASP Z 176 32.82 13.89 21.03
N ASP Z 177 32.32 14.17 19.83
CA ASP Z 177 30.90 14.43 19.63
C ASP Z 177 30.19 13.40 18.77
N ASP Z 178 30.93 12.57 18.02
CA ASP Z 178 30.33 11.57 17.13
C ASP Z 178 30.75 10.19 17.61
N SER Z 179 29.77 9.40 18.06
CA SER Z 179 30.07 8.06 18.57
C SER Z 179 30.52 7.09 17.49
N ALA Z 180 30.21 7.37 16.23
CA ALA Z 180 30.68 6.52 15.13
C ALA Z 180 32.12 6.83 14.72
N THR Z 181 32.75 7.81 15.35
CA THR Z 181 34.15 8.12 15.14
C THR Z 181 34.93 7.72 16.39
N GLY Z 182 36.04 7.01 16.20
CA GLY Z 182 36.83 6.52 17.31
C GLY Z 182 37.91 7.52 17.70
N GLY Z 183 37.94 7.86 19.00
CA GLY Z 183 39.00 8.68 19.53
C GLY Z 183 40.26 7.86 19.77
N PRO Z 184 41.33 8.55 20.17
CA PRO Z 184 42.58 7.85 20.49
C PRO Z 184 42.36 6.86 21.63
N ASP Z 185 42.94 5.67 21.47
CA ASP Z 185 42.77 4.60 22.45
C ASP Z 185 44.08 4.44 23.19
N LEU Z 186 44.18 5.07 24.36
CA LEU Z 186 45.40 5.00 25.16
C LEU Z 186 45.63 3.60 25.71
N VAL Z 187 44.57 2.88 26.07
CA VAL Z 187 44.73 1.55 26.64
C VAL Z 187 45.34 0.60 25.61
N ARG Z 188 44.77 0.57 24.41
CA ARG Z 188 45.25 -0.34 23.36
C ARG Z 188 46.37 0.26 22.52
N GLY Z 189 46.65 1.56 22.67
CA GLY Z 189 47.67 2.19 21.84
C GLY Z 189 47.29 2.35 20.39
N ILE Z 190 46.00 2.56 20.10
CA ILE Z 190 45.50 2.69 18.74
C ILE Z 190 45.17 4.15 18.51
N PHE Z 191 45.70 4.71 17.43
CA PHE Z 191 45.57 6.13 17.12
C PHE Z 191 45.15 6.30 15.66
N PRO Z 192 44.65 7.48 15.29
CA PRO Z 192 44.33 7.73 13.88
C PRO Z 192 45.54 7.48 12.99
N THR Z 193 45.26 7.11 11.74
CA THR Z 193 46.29 7.04 10.72
C THR Z 193 46.34 8.37 9.96
N ALA Z 194 47.48 8.61 9.33
CA ALA Z 194 47.67 9.88 8.63
C ALA Z 194 48.65 9.69 7.49
N VAL Z 195 48.41 10.41 6.41
CA VAL Z 195 49.33 10.49 5.29
C VAL Z 195 49.67 11.95 5.07
N ILE Z 196 50.93 12.22 4.74
CA ILE Z 196 51.38 13.55 4.39
C ILE Z 196 51.98 13.46 3.00
N ILE Z 197 51.67 14.45 2.15
CA ILE Z 197 52.12 14.46 0.77
C ILE Z 197 52.75 15.81 0.48
N ASP Z 198 53.94 15.80 -0.12
CA ASP Z 198 54.60 17.01 -0.57
C ASP Z 198 55.26 16.70 -1.91
N ALA Z 199 56.19 17.57 -2.33
CA ALA Z 199 56.88 17.36 -3.60
C ALA Z 199 57.67 16.06 -3.64
N ASP Z 200 58.07 15.54 -2.49
CA ASP Z 200 58.78 14.28 -2.42
C ASP Z 200 57.86 13.07 -2.46
N GLY Z 201 56.55 13.26 -2.49
CA GLY Z 201 55.60 12.17 -2.59
C GLY Z 201 54.76 12.01 -1.35
N ALA Z 202 54.02 10.91 -1.32
CA ALA Z 202 53.11 10.59 -0.22
C ALA Z 202 53.77 9.63 0.74
N VAL Z 203 53.60 9.88 2.04
CA VAL Z 203 54.25 9.10 3.09
C VAL Z 203 53.26 8.84 4.20
N ASP Z 204 53.23 7.59 4.68
CA ASP Z 204 52.49 7.27 5.89
C ASP Z 204 53.15 7.91 7.10
N VAL Z 205 52.35 8.47 7.99
CA VAL Z 205 52.86 9.14 9.18
C VAL Z 205 53.05 8.09 10.27
N PRO Z 206 54.19 8.08 10.95
CA PRO Z 206 54.44 7.06 11.99
C PRO Z 206 53.45 7.22 13.13
N GLU Z 207 53.05 6.09 13.70
CA GLU Z 207 52.08 6.13 14.79
C GLU Z 207 52.64 6.83 16.02
N SER Z 208 53.97 6.84 16.18
CA SER Z 208 54.57 7.50 17.34
C SER Z 208 54.31 9.00 17.32
N ARG Z 209 54.51 9.64 16.16
CA ARG Z 209 54.25 11.07 16.06
C ARG Z 209 52.78 11.38 16.32
N ILE Z 210 51.87 10.58 15.78
CA ILE Z 210 50.45 10.80 16.02
C ILE Z 210 50.12 10.59 17.49
N ALA Z 211 50.74 9.58 18.11
CA ALA Z 211 50.44 9.26 19.50
C ALA Z 211 50.82 10.42 20.42
N GLU Z 212 52.03 10.96 20.26
CA GLU Z 212 52.44 12.05 21.13
C GLU Z 212 51.61 13.31 20.88
N LEU Z 213 51.19 13.53 19.64
CA LEU Z 213 50.28 14.65 19.36
C LEU Z 213 48.94 14.44 20.04
N ALA Z 214 48.45 13.19 20.06
CA ALA Z 214 47.18 12.90 20.71
C ALA Z 214 47.30 13.04 22.22
N ARG Z 215 48.40 12.54 22.81
CA ARG Z 215 48.61 12.71 24.24
C ARG Z 215 48.68 14.19 24.61
N ALA Z 216 49.36 14.99 23.79
CA ALA Z 216 49.48 16.42 24.06
C ALA Z 216 48.12 17.11 24.06
N ILE Z 217 47.27 16.75 23.10
CA ILE Z 217 45.92 17.32 23.05
C ILE Z 217 45.14 16.93 24.29
N ILE Z 218 45.18 15.64 24.67
CA ILE Z 218 44.48 15.18 25.85
C ILE Z 218 45.00 15.86 27.10
N GLU Z 219 46.32 16.05 27.19
CA GLU Z 219 46.89 16.74 28.35
C GLU Z 219 46.35 18.16 28.47
N SER Z 220 46.35 18.91 27.36
CA SER Z 220 45.93 20.30 27.43
C SER Z 220 44.44 20.45 27.72
N ARG Z 221 43.65 19.40 27.51
CA ARG Z 221 42.22 19.49 27.77
C ARG Z 221 41.84 19.03 29.17
N SER Z 222 42.78 18.46 29.93
CA SER Z 222 42.53 18.09 31.31
C SER Z 222 42.54 19.31 32.23
N THR AA 1 23.84 -20.80 15.60
CA THR AA 1 25.22 -21.17 15.34
C THR AA 1 26.17 -20.27 16.11
N THR AA 2 27.28 -20.84 16.57
CA THR AA 2 28.45 -20.07 16.94
C THR AA 2 29.68 -20.75 16.35
N ILE AA 3 30.48 -19.98 15.64
CA ILE AA 3 31.80 -20.40 15.19
C ILE AA 3 32.80 -19.50 15.88
N VAL AA 4 33.82 -20.10 16.47
CA VAL AA 4 34.85 -19.33 17.14
C VAL AA 4 36.18 -19.66 16.49
N ALA AA 5 37.08 -18.68 16.52
CA ALA AA 5 38.43 -18.85 16.03
C ALA AA 5 39.34 -18.00 16.90
N LEU AA 6 40.53 -18.51 17.20
CA LEU AA 6 41.47 -17.78 18.03
C LEU AA 6 42.88 -18.20 17.68
N LYS AA 7 43.80 -17.24 17.76
CA LYS AA 7 45.20 -17.54 17.51
C LYS AA 7 45.88 -17.98 18.80
N TYR AA 8 46.89 -18.83 18.65
CA TYR AA 8 47.79 -19.21 19.72
C TYR AA 8 49.20 -19.15 19.14
N PRO AA 9 50.23 -19.12 20.00
CA PRO AA 9 51.60 -19.07 19.49
C PRO AA 9 51.89 -20.14 18.45
N GLY AA 10 52.14 -19.71 17.21
CA GLY AA 10 52.49 -20.60 16.13
C GLY AA 10 51.34 -21.24 15.38
N GLY AA 11 50.10 -20.88 15.70
CA GLY AA 11 48.99 -21.54 15.02
C GLY AA 11 47.67 -20.83 15.28
N VAL AA 12 46.60 -21.52 14.89
CA VAL AA 12 45.23 -21.03 15.04
C VAL AA 12 44.33 -22.24 15.24
N VAL AA 13 43.18 -22.00 15.87
CA VAL AA 13 42.18 -23.03 16.11
C VAL AA 13 40.81 -22.45 15.81
N MET AA 14 39.94 -23.26 15.21
CA MET AA 14 38.55 -22.90 14.95
C MET AA 14 37.64 -24.02 15.42
N ALA AA 15 36.55 -23.65 16.09
CA ALA AA 15 35.58 -24.63 16.58
C ALA AA 15 34.18 -24.13 16.31
N GLY AA 16 33.25 -25.05 16.12
CA GLY AA 16 31.88 -24.70 15.84
C GLY AA 16 30.92 -25.72 16.42
N ASP AA 17 29.69 -25.28 16.66
CA ASP AA 17 28.68 -26.11 17.30
C ASP AA 17 28.07 -27.07 16.29
N ARG AA 18 27.05 -27.81 16.73
CA ARG AA 18 26.50 -28.93 15.98
C ARG AA 18 25.01 -28.80 15.71
N ARG AA 19 24.40 -27.67 16.07
CA ARG AA 19 22.95 -27.54 16.03
C ARG AA 19 22.48 -26.95 14.71
N SER AA 20 21.34 -27.44 14.23
CA SER AA 20 20.58 -26.81 13.18
C SER AA 20 19.14 -26.70 13.64
N THR AA 21 18.54 -25.53 13.41
CA THR AA 21 17.17 -25.28 13.82
C THR AA 21 16.34 -24.92 12.60
N GLN AA 22 15.02 -25.08 12.77
CA GLN AA 22 14.03 -24.67 11.77
C GLN AA 22 12.96 -23.93 12.56
N GLY AA 23 13.27 -22.70 12.94
CA GLY AA 23 12.42 -21.99 13.89
C GLY AA 23 12.82 -22.36 15.30
N ASN AA 24 11.84 -22.64 16.14
CA ASN AA 24 12.16 -23.17 17.47
C ASN AA 24 12.55 -24.65 17.39
N MET AA 25 12.02 -25.38 16.40
CA MET AA 25 12.27 -26.81 16.32
C MET AA 25 13.73 -27.10 16.01
N ILE AA 26 14.30 -28.04 16.75
CA ILE AA 26 15.67 -28.51 16.51
C ILE AA 26 15.61 -29.53 15.38
N SER AA 27 16.39 -29.29 14.33
CA SER AA 27 16.37 -30.14 13.15
C SER AA 27 17.68 -30.90 12.94
N GLY AA 28 18.70 -30.66 13.78
CA GLY AA 28 19.97 -31.32 13.60
C GLY AA 28 20.88 -31.22 14.81
N ARG AA 29 21.57 -32.32 15.13
CA ARG AA 29 22.44 -32.39 16.29
C ARG AA 29 23.88 -32.74 15.96
N ASP AA 30 24.17 -33.12 14.71
CA ASP AA 30 25.50 -33.59 14.31
C ASP AA 30 26.07 -32.73 13.18
N VAL AA 31 25.52 -31.53 12.98
CA VAL AA 31 25.94 -30.68 11.87
C VAL AA 31 27.41 -30.32 12.04
N ARG AA 32 28.17 -30.47 10.96
CA ARG AA 32 29.58 -30.11 10.92
C ARG AA 32 29.71 -28.79 10.17
N LYS AA 33 30.08 -27.73 10.88
CA LYS AA 33 30.10 -26.39 10.33
C LYS AA 33 31.50 -25.84 10.10
N VAL AA 34 32.54 -26.60 10.43
CA VAL AA 34 33.92 -26.17 10.25
C VAL AA 34 34.56 -27.08 9.21
N TYR AA 35 35.03 -26.49 8.12
CA TYR AA 35 35.62 -27.24 7.01
C TYR AA 35 37.10 -26.91 6.89
N ILE AA 36 37.89 -27.94 6.62
CA ILE AA 36 39.29 -27.73 6.24
C ILE AA 36 39.28 -27.37 4.75
N THR AA 37 39.37 -26.09 4.43
CA THR AA 37 39.22 -25.67 3.04
C THR AA 37 40.49 -25.91 2.22
N ASP AA 38 41.66 -25.93 2.85
CA ASP AA 38 42.86 -26.44 2.22
C ASP AA 38 43.87 -26.79 3.33
N ASP AA 39 45.10 -27.08 2.93
CA ASP AA 39 46.12 -27.57 3.86
C ASP AA 39 46.41 -26.59 5.00
N TYR AA 40 46.10 -25.30 4.83
CA TYR AA 40 46.40 -24.32 5.86
C TYR AA 40 45.23 -23.39 6.15
N THR AA 41 44.01 -23.79 5.85
CA THR AA 41 42.88 -22.88 5.96
C THR AA 41 41.64 -23.64 6.38
N ALA AA 42 40.92 -23.09 7.35
CA ALA AA 42 39.62 -23.59 7.75
C ALA AA 42 38.60 -22.47 7.65
N THR AA 43 37.36 -22.84 7.29
CA THR AA 43 36.28 -21.88 7.17
C THR AA 43 35.08 -22.39 7.97
N GLY AA 44 34.55 -21.53 8.84
CA GLY AA 44 33.31 -21.82 9.51
C GLY AA 44 32.24 -20.85 9.07
N ILE AA 45 31.05 -21.33 8.78
CA ILE AA 45 29.98 -20.50 8.22
C ILE AA 45 28.73 -20.65 9.08
N ALA AA 46 28.06 -19.53 9.32
CA ALA AA 46 26.73 -19.50 9.90
C ALA AA 46 25.74 -19.00 8.85
N GLY AA 47 24.46 -19.26 9.11
CA GLY AA 47 23.40 -18.77 8.25
C GLY AA 47 22.50 -19.90 7.77
N THR AA 48 21.92 -19.69 6.60
CA THR AA 48 21.04 -20.70 6.01
C THR AA 48 21.86 -21.93 5.64
N ALA AA 49 21.37 -23.10 6.07
CA ALA AA 49 22.16 -24.33 5.97
C ALA AA 49 22.59 -24.61 4.54
N ALA AA 50 21.64 -24.61 3.61
CA ALA AA 50 21.95 -24.87 2.20
C ALA AA 50 23.05 -23.96 1.69
N VAL AA 51 22.93 -22.65 1.97
CA VAL AA 51 23.89 -21.69 1.44
C VAL AA 51 25.27 -21.92 2.06
N ALA AA 52 25.33 -22.07 3.39
CA ALA AA 52 26.60 -22.27 4.08
C ALA AA 52 27.32 -23.52 3.57
N VAL AA 53 26.59 -24.63 3.40
CA VAL AA 53 27.20 -25.85 2.89
C VAL AA 53 27.74 -25.63 1.48
N GLU AA 54 26.90 -25.06 0.60
CA GLU AA 54 27.33 -24.80 -0.76
C GLU AA 54 28.54 -23.88 -0.80
N PHE AA 55 28.58 -22.87 0.08
CA PHE AA 55 29.71 -21.95 0.12
C PHE AA 55 31.00 -22.67 0.44
N ALA AA 56 31.01 -23.50 1.49
CA ALA AA 56 32.24 -24.18 1.90
C ALA AA 56 32.73 -25.12 0.81
N ARG AA 57 31.82 -25.87 0.19
CA ARG AA 57 32.21 -26.79 -0.88
C ARG AA 57 32.77 -26.04 -2.07
N LEU AA 58 32.06 -25.00 -2.52
CA LEU AA 58 32.52 -24.23 -3.68
C LEU AA 58 33.86 -23.55 -3.40
N TYR AA 59 33.99 -22.93 -2.22
CA TYR AA 59 35.21 -22.19 -1.90
C TYR AA 59 36.43 -23.11 -1.89
N ALA AA 60 36.29 -24.30 -1.31
CA ALA AA 60 37.40 -25.25 -1.31
C ALA AA 60 37.77 -25.68 -2.73
N VAL AA 61 36.75 -25.89 -3.57
CA VAL AA 61 37.01 -26.23 -4.96
C VAL AA 61 37.74 -25.10 -5.67
N GLU AA 62 37.34 -23.85 -5.41
CA GLU AA 62 37.98 -22.72 -6.08
C GLU AA 62 39.45 -22.59 -5.70
N LEU AA 63 39.78 -22.75 -4.42
CA LEU AA 63 41.16 -22.64 -3.99
C LEU AA 63 42.03 -23.73 -4.63
N GLU AA 64 41.52 -24.97 -4.68
CA GLU AA 64 42.30 -26.04 -5.28
C GLU AA 64 42.34 -25.91 -6.80
N HIS AA 65 41.26 -25.41 -7.40
CA HIS AA 65 41.26 -25.14 -8.84
C HIS AA 65 42.40 -24.21 -9.22
N TYR AA 66 42.58 -23.13 -8.46
CA TYR AA 66 43.68 -22.21 -8.74
C TYR AA 66 45.03 -22.89 -8.53
N GLU AA 67 45.16 -23.69 -7.46
CA GLU AA 67 46.43 -24.33 -7.17
C GLU AA 67 46.85 -25.27 -8.30
N LYS AA 68 45.92 -26.07 -8.80
CA LYS AA 68 46.25 -27.01 -9.86
C LYS AA 68 46.55 -26.29 -11.17
N LEU AA 69 45.77 -25.25 -11.51
CA LEU AA 69 46.02 -24.51 -12.75
C LEU AA 69 47.38 -23.84 -12.74
N GLU AA 70 47.75 -23.22 -11.61
CA GLU AA 70 48.91 -22.34 -11.55
C GLU AA 70 50.13 -22.95 -10.87
N GLY AA 71 50.03 -24.16 -10.34
CA GLY AA 71 51.16 -24.79 -9.69
C GLY AA 71 51.60 -24.15 -8.39
N VAL AA 72 50.80 -23.27 -7.81
CA VAL AA 72 51.11 -22.62 -6.54
C VAL AA 72 49.80 -22.24 -5.87
N PRO AA 73 49.65 -22.44 -4.55
CA PRO AA 73 48.42 -21.99 -3.88
C PRO AA 73 48.35 -20.47 -3.85
N LEU AA 74 47.13 -19.96 -3.77
CA LEU AA 74 46.92 -18.54 -3.60
C LEU AA 74 47.61 -18.05 -2.33
N THR AA 75 48.10 -16.81 -2.37
CA THR AA 75 48.45 -16.13 -1.13
C THR AA 75 47.22 -16.04 -0.24
N PHE AA 76 47.45 -15.78 1.04
CA PHE AA 76 46.32 -15.71 1.95
C PHE AA 76 45.42 -14.52 1.64
N ALA AA 77 46.01 -13.41 1.15
CA ALA AA 77 45.19 -12.28 0.73
C ALA AA 77 44.27 -12.66 -0.40
N GLY AA 78 44.76 -13.47 -1.35
CA GLY AA 78 43.90 -13.92 -2.44
C GLY AA 78 42.77 -14.81 -1.95
N LYS AA 79 43.06 -15.70 -1.01
CA LYS AA 79 42.01 -16.53 -0.44
C LYS AA 79 40.95 -15.67 0.24
N ILE AA 80 41.37 -14.66 0.99
CA ILE AA 80 40.45 -13.70 1.59
C ILE AA 80 39.57 -13.08 0.51
N ASN AA 81 40.19 -12.60 -0.55
CA ASN AA 81 39.46 -11.87 -1.59
C ASN AA 81 38.45 -12.76 -2.30
N ARG AA 82 38.83 -14.01 -2.59
CA ARG AA 82 37.89 -14.91 -3.25
C ARG AA 82 36.68 -15.20 -2.37
N LEU AA 83 36.90 -15.34 -1.06
CA LEU AA 83 35.77 -15.56 -0.15
C LEU AA 83 34.90 -14.33 -0.05
N ALA AA 84 35.51 -13.15 0.06
CA ALA AA 84 34.73 -11.90 0.12
C ALA AA 84 33.89 -11.72 -1.14
N ILE AA 85 34.47 -12.02 -2.30
CA ILE AA 85 33.74 -11.88 -3.57
C ILE AA 85 32.56 -12.84 -3.62
N MET AA 86 32.77 -14.08 -3.13
CA MET AA 86 31.67 -15.04 -3.06
C MET AA 86 30.53 -14.52 -2.19
N VAL AA 87 30.85 -13.93 -1.03
CA VAL AA 87 29.82 -13.41 -0.15
C VAL AA 87 29.12 -12.21 -0.78
N ARG AA 88 29.89 -11.30 -1.39
CA ARG AA 88 29.30 -10.14 -2.06
C ARG AA 88 28.34 -10.57 -3.15
N GLY AA 89 28.73 -11.57 -3.94
CA GLY AA 89 27.87 -12.10 -4.98
C GLY AA 89 26.56 -12.66 -4.48
N ASN AA 90 26.50 -13.07 -3.21
CA ASN AA 90 25.29 -13.66 -2.62
C ASN AA 90 24.41 -12.63 -1.93
N LEU AA 91 24.76 -11.34 -1.99
CA LEU AA 91 24.10 -10.34 -1.15
C LEU AA 91 22.61 -10.28 -1.43
N ALA AA 92 22.22 -10.29 -2.71
CA ALA AA 92 20.81 -10.19 -3.04
C ALA AA 92 20.02 -11.38 -2.52
N ALA AA 93 20.55 -12.59 -2.73
CA ALA AA 93 19.90 -13.78 -2.19
C ALA AA 93 19.86 -13.74 -0.66
N ALA AA 94 20.94 -13.27 -0.03
CA ALA AA 94 20.95 -13.16 1.42
C ALA AA 94 19.87 -12.21 1.91
N MET AA 95 19.60 -11.14 1.16
CA MET AA 95 18.52 -10.24 1.53
C MET AA 95 17.16 -10.92 1.43
N GLN AA 96 17.07 -11.98 0.62
CA GLN AA 96 15.85 -12.76 0.50
C GLN AA 96 15.80 -13.93 1.48
N GLY AA 97 16.79 -14.04 2.36
CA GLY AA 97 16.81 -15.07 3.39
C GLY AA 97 17.78 -16.21 3.17
N LEU AA 98 18.63 -16.14 2.16
CA LEU AA 98 19.62 -17.17 1.87
C LEU AA 98 21.00 -16.67 2.26
N LEU AA 99 21.19 -16.53 3.57
CA LEU AA 99 22.37 -15.87 4.12
C LEU AA 99 23.51 -16.86 4.37
N ALA AA 100 24.74 -16.37 4.19
CA ALA AA 100 25.94 -17.11 4.52
C ALA AA 100 26.95 -16.14 5.11
N LEU AA 101 27.33 -16.36 6.36
CA LEU AA 101 28.33 -15.54 7.03
C LEU AA 101 29.53 -16.39 7.40
N PRO AA 102 30.65 -16.27 6.69
CA PRO AA 102 31.82 -17.10 6.98
C PRO AA 102 32.79 -16.43 7.94
N LEU AA 103 33.60 -17.28 8.57
CA LEU AA 103 34.75 -16.85 9.37
C LEU AA 103 35.95 -17.65 8.88
N LEU AA 104 37.06 -16.98 8.64
CA LEU AA 104 38.23 -17.59 8.02
C LEU AA 104 39.36 -17.66 9.03
N ALA AA 105 39.88 -18.86 9.27
CA ALA AA 105 41.09 -19.09 10.04
C ALA AA 105 42.11 -19.77 9.16
N GLY AA 106 43.38 -19.47 9.38
CA GLY AA 106 44.43 -20.03 8.55
C GLY AA 106 45.81 -19.77 9.12
N TYR AA 107 46.76 -20.56 8.63
CA TYR AA 107 48.18 -20.37 8.90
C TYR AA 107 48.84 -19.89 7.62
N ASP AA 108 49.43 -18.70 7.68
CA ASP AA 108 50.10 -18.11 6.52
C ASP AA 108 51.53 -18.59 6.48
N ILE AA 109 51.83 -19.48 5.53
CA ILE AA 109 53.17 -20.04 5.39
C ILE AA 109 54.21 -19.02 4.96
N HIS AA 110 53.79 -17.82 4.55
CA HIS AA 110 54.70 -16.77 4.12
C HIS AA 110 54.80 -15.63 5.14
N ALA AA 111 54.21 -15.79 6.32
CA ALA AA 111 54.29 -14.75 7.33
C ALA AA 111 55.73 -14.57 7.80
N SER AA 112 56.10 -13.31 8.08
CA SER AA 112 57.47 -13.02 8.47
C SER AA 112 57.80 -13.58 9.85
N ASP AA 113 56.79 -13.75 10.70
CA ASP AA 113 56.98 -14.28 12.06
C ASP AA 113 56.18 -15.55 12.21
N PRO AA 114 56.81 -16.73 12.17
CA PRO AA 114 56.05 -17.98 12.25
C PRO AA 114 55.29 -18.15 13.55
N GLN AA 115 55.73 -17.48 14.63
CA GLN AA 115 55.02 -17.63 15.89
C GLN AA 115 53.66 -16.95 15.86
N SER AA 116 53.53 -15.87 15.11
CA SER AA 116 52.26 -15.16 14.95
C SER AA 116 51.74 -15.29 13.52
N ALA AA 117 51.95 -16.45 12.90
CA ALA AA 117 51.50 -16.68 11.53
C ALA AA 117 50.02 -17.03 11.44
N GLY AA 118 49.35 -17.21 12.57
CA GLY AA 118 47.92 -17.42 12.54
C GLY AA 118 47.19 -16.21 11.96
N ARG AA 119 46.05 -16.48 11.33
CA ARG AA 119 45.25 -15.44 10.72
C ARG AA 119 43.79 -15.71 10.98
N ILE AA 120 43.04 -14.67 11.37
CA ILE AA 120 41.60 -14.74 11.50
C ILE AA 120 41.01 -13.57 10.72
N VAL AA 121 39.97 -13.86 9.94
CA VAL AA 121 39.34 -12.87 9.06
C VAL AA 121 37.82 -13.00 9.24
N SER AA 122 37.19 -11.91 9.66
CA SER AA 122 35.74 -11.90 9.76
C SER AA 122 35.14 -11.24 8.52
N PHE AA 123 33.85 -11.52 8.30
CA PHE AA 123 33.14 -11.07 7.12
C PHE AA 123 31.78 -10.52 7.51
N ASP AA 124 31.18 -9.74 6.60
CA ASP AA 124 29.80 -9.34 6.75
C ASP AA 124 29.05 -9.67 5.47
N ALA AA 125 27.73 -9.47 5.51
CA ALA AA 125 26.87 -9.89 4.40
C ALA AA 125 27.13 -9.12 3.10
N ALA AA 126 27.79 -7.97 3.18
CA ALA AA 126 28.08 -7.16 2.01
C ALA AA 126 29.42 -7.52 1.36
N GLY AA 127 30.07 -8.57 1.83
CA GLY AA 127 31.38 -8.92 1.31
C GLY AA 127 32.54 -8.23 1.98
N GLY AA 128 32.29 -7.45 3.04
CA GLY AA 128 33.38 -6.85 3.77
C GLY AA 128 34.21 -7.90 4.50
N TRP AA 129 35.50 -7.62 4.60
CA TRP AA 129 36.44 -8.50 5.28
C TRP AA 129 37.36 -7.66 6.16
N ASN AA 130 37.74 -8.23 7.30
CA ASN AA 130 38.60 -7.55 8.25
C ASN AA 130 39.52 -8.56 8.91
N ILE AA 131 40.82 -8.39 8.72
CA ILE AA 131 41.80 -9.26 9.36
C ILE AA 131 41.84 -8.90 10.84
N GLU AA 132 41.32 -9.79 11.68
CA GLU AA 132 41.26 -9.54 13.11
C GLU AA 132 42.67 -9.49 13.71
N GLU AA 133 42.87 -8.57 14.66
CA GLU AA 133 44.17 -8.44 15.29
C GLU AA 133 44.16 -8.77 16.78
N GLU AA 134 42.99 -8.72 17.43
CA GLU AA 134 42.92 -8.91 18.87
C GLU AA 134 43.16 -10.35 19.30
N GLY AA 135 43.13 -11.32 18.38
CA GLY AA 135 43.48 -12.69 18.69
C GLY AA 135 42.35 -13.69 18.60
N TYR AA 136 41.10 -13.24 18.50
CA TYR AA 136 39.98 -14.17 18.47
C TYR AA 136 38.80 -13.48 17.79
N GLN AA 137 37.85 -14.29 17.34
CA GLN AA 137 36.68 -13.79 16.64
C GLN AA 137 35.59 -14.85 16.67
N ALA AA 138 34.36 -14.43 16.38
CA ALA AA 138 33.24 -15.35 16.36
C ALA AA 138 32.21 -14.86 15.35
N VAL AA 139 31.35 -15.78 14.91
CA VAL AA 139 30.27 -15.46 14.00
C VAL AA 139 29.09 -16.36 14.31
N GLY AA 140 27.88 -15.81 14.21
CA GLY AA 140 26.66 -16.55 14.48
C GLY AA 140 25.83 -15.89 15.55
N SER AA 141 24.68 -16.51 15.84
CA SER AA 141 23.74 -15.97 16.82
C SER AA 141 24.30 -15.96 18.24
N GLY AA 142 25.35 -16.74 18.51
CA GLY AA 142 25.98 -16.72 19.81
C GLY AA 142 27.34 -16.04 19.82
N SER AA 143 27.71 -15.33 18.75
CA SER AA 143 29.05 -14.79 18.65
C SER AA 143 29.33 -13.73 19.71
N LEU AA 144 28.31 -12.99 20.13
CA LEU AA 144 28.52 -11.98 21.16
C LEU AA 144 28.83 -12.64 22.51
N PHE AA 145 28.07 -13.67 22.86
CA PHE AA 145 28.36 -14.41 24.09
C PHE AA 145 29.74 -15.06 24.03
N ALA AA 146 30.11 -15.61 22.87
CA ALA AA 146 31.40 -16.28 22.75
C ALA AA 146 32.55 -15.28 22.81
N LYS AA 147 32.38 -14.10 22.20
CA LYS AA 147 33.46 -13.11 22.19
C LYS AA 147 33.67 -12.50 23.57
N SER AA 148 32.58 -12.27 24.31
CA SER AA 148 32.73 -11.74 25.66
C SER AA 148 33.35 -12.77 26.58
N SER AA 149 32.99 -14.04 26.43
CA SER AA 149 33.65 -15.12 27.16
C SER AA 149 35.15 -15.16 26.83
N MET AA 150 35.48 -15.16 25.53
CA MET AA 150 36.89 -15.18 25.14
C MET AA 150 37.63 -13.94 25.60
N LYS AA 151 36.95 -12.79 25.63
CA LYS AA 151 37.59 -11.58 26.15
C LYS AA 151 38.12 -11.79 27.56
N LYS AA 152 37.37 -12.52 28.39
CA LYS AA 152 37.82 -12.80 29.74
C LYS AA 152 38.81 -13.96 29.81
N LEU AA 153 38.68 -14.92 28.90
CA LEU AA 153 39.44 -16.17 28.98
C LEU AA 153 40.70 -16.21 28.11
N TYR AA 154 40.93 -15.21 27.25
CA TYR AA 154 41.97 -15.36 26.24
C TYR AA 154 43.38 -15.32 26.82
N SER AA 155 43.59 -14.69 27.98
CA SER AA 155 44.93 -14.55 28.53
C SER AA 155 45.55 -15.90 28.91
N GLN AA 156 44.74 -16.95 29.05
CA GLN AA 156 45.25 -18.28 29.38
C GLN AA 156 45.53 -19.13 28.15
N VAL AA 157 45.55 -18.52 26.96
CA VAL AA 157 45.91 -19.24 25.73
C VAL AA 157 47.42 -19.09 25.54
N THR AA 158 48.15 -20.20 25.73
CA THR AA 158 49.59 -20.20 25.55
C THR AA 158 50.08 -21.23 24.54
N ASP AA 159 49.26 -22.23 24.19
CA ASP AA 159 49.63 -23.23 23.20
C ASP AA 159 48.35 -23.74 22.54
N GLY AA 160 48.48 -24.80 21.74
CA GLY AA 160 47.33 -25.31 21.02
C GLY AA 160 46.26 -25.88 21.93
N ASP AA 161 46.67 -26.57 23.00
CA ASP AA 161 45.69 -27.21 23.88
C ASP AA 161 44.96 -26.18 24.73
N SER AA 162 45.66 -25.16 25.22
CA SER AA 162 44.99 -24.09 25.95
C SER AA 162 44.04 -23.32 25.05
N GLY AA 163 44.48 -23.01 23.82
CA GLY AA 163 43.59 -22.33 22.88
C GLY AA 163 42.37 -23.16 22.54
N LEU AA 164 42.54 -24.47 22.39
CA LEU AA 164 41.40 -25.33 22.13
C LEU AA 164 40.43 -25.34 23.30
N ARG AA 165 40.95 -25.36 24.53
CA ARG AA 165 40.08 -25.37 25.70
C ARG AA 165 39.26 -24.09 25.78
N VAL AA 166 39.91 -22.93 25.57
CA VAL AA 166 39.19 -21.66 25.56
C VAL AA 166 38.11 -21.67 24.48
N ALA AA 167 38.42 -22.23 23.30
CA ALA AA 167 37.46 -22.27 22.22
C ALA AA 167 36.22 -23.09 22.60
N VAL AA 168 36.44 -24.27 23.19
CA VAL AA 168 35.31 -25.09 23.62
C VAL AA 168 34.51 -24.39 24.70
N GLU AA 169 35.18 -23.63 25.57
CA GLU AA 169 34.46 -22.95 26.65
C GLU AA 169 33.70 -21.74 26.12
N ALA AA 170 34.22 -21.08 25.09
CA ALA AA 170 33.47 -19.99 24.45
C ALA AA 170 32.21 -20.52 23.81
N LEU AA 171 32.31 -21.63 23.07
CA LEU AA 171 31.12 -22.27 22.53
C LEU AA 171 30.17 -22.70 23.63
N TYR AA 172 30.71 -23.11 24.78
CA TYR AA 172 29.85 -23.49 25.90
C TYR AA 172 29.06 -22.28 26.39
N ASP AA 173 29.72 -21.14 26.55
CA ASP AA 173 29.02 -19.94 26.99
C ASP AA 173 28.00 -19.47 25.96
N ALA AA 174 28.35 -19.59 24.68
CA ALA AA 174 27.41 -19.21 23.62
C ALA AA 174 26.15 -20.08 23.68
N ALA AA 175 26.32 -21.39 23.77
CA ALA AA 175 25.16 -22.28 23.88
C ALA AA 175 24.41 -22.05 25.18
N ASP AA 176 25.10 -21.62 26.22
CA ASP AA 176 24.44 -21.35 27.51
C ASP AA 176 23.43 -20.21 27.38
N ASP AA 177 23.69 -19.24 26.50
CA ASP AA 177 22.83 -18.08 26.38
C ASP AA 177 22.07 -18.00 25.07
N ASP AA 178 22.46 -18.77 24.05
CA ASP AA 178 21.83 -18.75 22.73
C ASP AA 178 21.22 -20.12 22.45
N SER AA 179 19.89 -20.17 22.38
CA SER AA 179 19.18 -21.42 22.11
C SER AA 179 19.42 -21.94 20.70
N ALA AA 180 19.96 -21.12 19.78
CA ALA AA 180 20.25 -21.56 18.42
C ALA AA 180 21.66 -22.13 18.28
N THR AA 181 22.43 -22.16 19.36
CA THR AA 181 23.73 -22.81 19.40
C THR AA 181 23.64 -24.03 20.31
N GLY AA 182 24.13 -25.16 19.84
CA GLY AA 182 24.01 -26.41 20.57
C GLY AA 182 25.14 -26.60 21.55
N GLY AA 183 24.79 -26.99 22.78
CA GLY AA 183 25.79 -27.32 23.77
C GLY AA 183 26.24 -28.76 23.63
N PRO AA 184 27.32 -29.09 24.35
CA PRO AA 184 27.77 -30.48 24.41
C PRO AA 184 26.64 -31.38 24.88
N ASP AA 185 26.38 -32.43 24.11
CA ASP AA 185 25.30 -33.38 24.39
C ASP AA 185 25.94 -34.64 24.97
N LEU AA 186 25.87 -34.79 26.29
CA LEU AA 186 26.49 -35.94 26.93
C LEU AA 186 25.68 -37.22 26.73
N VAL AA 187 24.36 -37.09 26.58
CA VAL AA 187 23.53 -38.27 26.36
C VAL AA 187 23.92 -38.99 25.06
N ARG AA 188 24.22 -38.22 24.01
CA ARG AA 188 24.56 -38.78 22.71
C ARG AA 188 26.06 -38.71 22.41
N GLY AA 189 26.86 -38.12 23.29
CA GLY AA 189 28.29 -38.02 23.03
C GLY AA 189 28.65 -37.17 21.83
N ILE AA 190 27.83 -36.17 21.52
CA ILE AA 190 28.09 -35.27 20.40
C ILE AA 190 28.66 -33.96 20.96
N PHE AA 191 29.78 -33.55 20.41
CA PHE AA 191 30.52 -32.39 20.89
C PHE AA 191 30.86 -31.48 19.73
N PRO AA 192 31.17 -30.21 19.99
CA PRO AA 192 31.60 -29.32 18.91
C PRO AA 192 32.76 -29.91 18.12
N THR AA 193 32.82 -29.57 16.84
CA THR AA 193 33.97 -29.92 16.02
C THR AA 193 35.00 -28.82 16.07
N ALA AA 194 36.24 -29.18 15.77
CA ALA AA 194 37.31 -28.20 15.79
C ALA AA 194 38.41 -28.60 14.82
N VAL AA 195 39.08 -27.60 14.28
CA VAL AA 195 40.25 -27.77 13.42
C VAL AA 195 41.36 -26.92 14.00
N ILE AA 196 42.58 -27.46 14.00
CA ILE AA 196 43.76 -26.74 14.47
C ILE AA 196 44.78 -26.72 13.33
N ILE AA 197 45.40 -25.55 13.14
CA ILE AA 197 46.28 -25.32 11.99
C ILE AA 197 47.58 -24.73 12.50
N ASP AA 198 48.70 -25.31 12.10
CA ASP AA 198 50.02 -24.75 12.37
C ASP AA 198 50.89 -24.99 11.15
N ALA AA 199 52.21 -24.95 11.35
CA ALA AA 199 53.14 -25.12 10.23
C ALA AA 199 53.01 -26.49 9.57
N ASP AA 200 52.54 -27.50 10.30
CA ASP AA 200 52.34 -28.83 9.74
C ASP AA 200 51.02 -28.97 9.00
N GLY AA 201 50.21 -27.93 8.94
CA GLY AA 201 48.96 -27.96 8.20
C GLY AA 201 47.76 -27.96 9.12
N ALA AA 202 46.60 -28.21 8.52
CA ALA AA 202 45.32 -28.21 9.21
C ALA AA 202 44.88 -29.65 9.47
N VAL AA 203 44.40 -29.92 10.68
CA VAL AA 203 43.99 -31.25 11.07
C VAL AA 203 42.70 -31.17 11.87
N ASP AA 204 41.82 -32.15 11.68
CA ASP AA 204 40.65 -32.29 12.54
C ASP AA 204 41.08 -32.67 13.95
N VAL AA 205 40.39 -32.12 14.94
CA VAL AA 205 40.66 -32.45 16.33
C VAL AA 205 39.84 -33.68 16.70
N PRO AA 206 40.45 -34.71 17.27
CA PRO AA 206 39.68 -35.91 17.63
C PRO AA 206 38.56 -35.56 18.60
N GLU AA 207 37.38 -36.14 18.35
CA GLU AA 207 36.23 -35.89 19.20
C GLU AA 207 36.51 -36.25 20.66
N SER AA 208 37.38 -37.25 20.89
CA SER AA 208 37.73 -37.63 22.26
C SER AA 208 38.34 -36.46 23.02
N ARG AA 209 39.23 -35.71 22.37
CA ARG AA 209 39.90 -34.60 23.04
C ARG AA 209 38.91 -33.49 23.40
N ILE AA 210 38.00 -33.16 22.50
CA ILE AA 210 37.02 -32.13 22.78
C ILE AA 210 36.05 -32.59 23.87
N ALA AA 211 35.68 -33.87 23.84
CA ALA AA 211 34.85 -34.42 24.90
C ALA AA 211 35.52 -34.29 26.26
N GLU AA 212 36.83 -34.54 26.31
CA GLU AA 212 37.58 -34.38 27.55
C GLU AA 212 37.49 -32.95 28.07
N LEU AA 213 37.73 -31.98 27.20
CA LEU AA 213 37.70 -30.58 27.61
C LEU AA 213 36.29 -30.15 28.00
N ALA AA 214 35.27 -30.62 27.28
CA ALA AA 214 33.89 -30.28 27.61
C ALA AA 214 33.51 -30.83 28.97
N ARG AA 215 33.96 -32.05 29.30
CA ARG AA 215 33.68 -32.61 30.62
C ARG AA 215 34.36 -31.81 31.72
N ALA AA 216 35.63 -31.44 31.51
CA ALA AA 216 36.32 -30.61 32.48
C ALA AA 216 35.58 -29.30 32.71
N ILE AA 217 35.07 -28.69 31.64
CA ILE AA 217 34.31 -27.45 31.77
C ILE AA 217 33.02 -27.69 32.54
N ILE AA 218 32.26 -28.73 32.15
CA ILE AA 218 30.99 -29.01 32.81
C ILE AA 218 31.20 -29.32 34.29
N GLU AA 219 32.33 -29.93 34.64
CA GLU AA 219 32.58 -30.26 36.03
C GLU AA 219 33.02 -29.04 36.83
N SER AA 220 33.79 -28.14 36.22
CA SER AA 220 34.21 -26.93 36.93
C SER AA 220 33.01 -26.02 37.21
N ARG AA 221 32.07 -25.95 36.27
CA ARG AA 221 30.86 -25.14 36.47
C ARG AA 221 29.90 -25.76 37.49
N SER AA 222 30.08 -27.04 37.82
CA SER AA 222 29.19 -27.70 38.76
C SER AA 222 29.86 -27.89 40.12
N THR BA 1 0.39 -35.33 3.82
CA THR BA 1 1.37 -36.34 3.43
C THR BA 1 2.30 -36.67 4.57
N THR BA 2 2.62 -37.95 4.72
CA THR BA 2 3.74 -38.36 5.55
C THR BA 2 4.53 -39.43 4.82
N ILE BA 3 5.82 -39.19 4.69
CA ILE BA 3 6.77 -40.20 4.22
C ILE BA 3 7.68 -40.53 5.38
N VAL BA 4 7.93 -41.81 5.60
CA VAL BA 4 8.89 -42.21 6.61
C VAL BA 4 9.99 -43.04 5.96
N ALA BA 5 11.17 -42.98 6.54
CA ALA BA 5 12.28 -43.85 6.15
C ALA BA 5 13.07 -44.18 7.40
N LEU BA 6 13.46 -45.44 7.53
CA LEU BA 6 14.25 -45.84 8.69
C LEU BA 6 15.25 -46.90 8.28
N LYS BA 7 16.39 -46.90 8.96
CA LYS BA 7 17.43 -47.90 8.76
C LYS BA 7 17.16 -49.12 9.62
N TYR BA 8 17.41 -50.29 9.06
CA TYR BA 8 17.39 -51.55 9.78
C TYR BA 8 18.67 -52.30 9.41
N PRO BA 9 19.13 -53.23 10.26
CA PRO BA 9 20.38 -53.95 9.96
C PRO BA 9 20.36 -54.57 8.57
N GLY BA 10 21.16 -54.02 7.67
CA GLY BA 10 21.26 -54.53 6.32
C GLY BA 10 20.45 -53.80 5.27
N GLY BA 11 19.95 -52.60 5.55
CA GLY BA 11 19.27 -51.85 4.52
C GLY BA 11 18.40 -50.75 5.11
N VAL BA 12 17.46 -50.29 4.29
CA VAL BA 12 16.53 -49.22 4.64
C VAL BA 12 15.14 -49.59 4.17
N VAL BA 13 14.15 -48.93 4.76
CA VAL BA 13 12.76 -49.04 4.32
C VAL BA 13 12.19 -47.64 4.26
N MET BA 14 11.35 -47.39 3.26
CA MET BA 14 10.61 -46.14 3.12
C MET BA 14 9.14 -46.48 2.89
N ALA BA 15 8.25 -45.71 3.50
CA ALA BA 15 6.82 -45.91 3.33
C ALA BA 15 6.13 -44.55 3.30
N GLY BA 16 4.99 -44.50 2.64
CA GLY BA 16 4.23 -43.26 2.53
C GLY BA 16 2.74 -43.51 2.38
N ASP BA 17 1.96 -42.50 2.74
CA ASP BA 17 0.50 -42.61 2.72
C ASP BA 17 -0.02 -42.47 1.29
N ARG BA 18 -1.35 -42.47 1.16
CA ARG BA 18 -2.01 -42.54 -0.14
C ARG BA 18 -2.93 -41.36 -0.41
N ARG BA 19 -2.83 -40.28 0.36
CA ARG BA 19 -3.83 -39.22 0.34
C ARG BA 19 -3.36 -38.03 -0.48
N SER BA 20 -4.30 -37.41 -1.19
CA SER BA 20 -4.12 -36.08 -1.75
C SER BA 20 -5.35 -35.24 -1.40
N THR BA 21 -5.13 -33.95 -1.17
CA THR BA 21 -6.19 -33.03 -0.77
C THR BA 21 -6.18 -31.78 -1.64
N GLN BA 22 -7.31 -31.06 -1.60
CA GLN BA 22 -7.42 -29.71 -2.12
C GLN BA 22 -8.03 -28.87 -1.01
N GLY BA 23 -7.17 -28.32 -0.15
CA GLY BA 23 -7.66 -27.67 1.06
C GLY BA 23 -8.14 -28.71 2.05
N ASN BA 24 -9.44 -28.70 2.36
CA ASN BA 24 -10.01 -29.70 3.24
C ASN BA 24 -10.56 -30.90 2.47
N MET BA 25 -10.85 -30.76 1.18
CA MET BA 25 -11.47 -31.84 0.43
C MET BA 25 -10.46 -32.93 0.10
N ILE BA 26 -10.91 -34.18 0.20
CA ILE BA 26 -10.11 -35.32 -0.23
C ILE BA 26 -10.19 -35.44 -1.74
N SER BA 27 -9.03 -35.46 -2.40
CA SER BA 27 -8.97 -35.53 -3.85
C SER BA 27 -8.32 -36.81 -4.38
N GLY BA 28 -7.74 -37.63 -3.51
CA GLY BA 28 -7.13 -38.88 -3.93
C GLY BA 28 -6.92 -39.84 -2.76
N ARG BA 29 -7.18 -41.12 -2.98
CA ARG BA 29 -7.04 -42.13 -1.95
C ARG BA 29 -6.01 -43.20 -2.26
N ASP BA 30 -5.43 -43.21 -3.47
CA ASP BA 30 -4.53 -44.27 -3.89
C ASP BA 30 -3.21 -43.71 -4.40
N VAL BA 31 -2.84 -42.52 -3.93
CA VAL BA 31 -1.63 -41.87 -4.41
C VAL BA 31 -0.41 -42.66 -3.96
N ARG BA 32 0.52 -42.88 -4.88
CA ARG BA 32 1.78 -43.57 -4.58
C ARG BA 32 2.88 -42.52 -4.56
N LYS BA 33 3.46 -42.31 -3.37
CA LYS BA 33 4.42 -41.24 -3.15
C LYS BA 33 5.84 -41.75 -2.94
N VAL BA 34 6.04 -43.06 -2.91
CA VAL BA 34 7.37 -43.65 -2.76
C VAL BA 34 7.75 -44.25 -4.11
N TYR BA 35 8.87 -43.80 -4.65
CA TYR BA 35 9.33 -44.18 -5.98
C TYR BA 35 10.66 -44.92 -5.87
N ILE BA 36 10.80 -45.97 -6.67
CA ILE BA 36 12.08 -46.64 -6.85
C ILE BA 36 12.83 -45.85 -7.93
N THR BA 37 13.79 -45.02 -7.52
CA THR BA 37 14.42 -44.11 -8.47
C THR BA 37 15.65 -44.72 -9.14
N ASP BA 38 16.23 -45.76 -8.56
CA ASP BA 38 17.10 -46.68 -9.30
C ASP BA 38 17.21 -47.97 -8.46
N ASP BA 39 18.15 -48.84 -8.84
CA ASP BA 39 18.21 -50.17 -8.25
C ASP BA 39 18.43 -50.14 -6.73
N TYR BA 40 19.02 -49.06 -6.20
CA TYR BA 40 19.40 -49.02 -4.80
C TYR BA 40 18.93 -47.76 -4.08
N THR BA 41 18.04 -46.96 -4.67
CA THR BA 41 17.57 -45.74 -4.02
C THR BA 41 16.06 -45.61 -4.20
N ALA BA 42 15.41 -45.07 -3.17
CA ALA BA 42 14.01 -44.72 -3.24
C ALA BA 42 13.84 -43.26 -2.86
N THR BA 43 12.71 -42.68 -3.26
CA THR BA 43 12.46 -41.25 -3.06
C THR BA 43 11.00 -41.05 -2.74
N GLY BA 44 10.72 -40.45 -1.59
CA GLY BA 44 9.37 -40.04 -1.22
C GLY BA 44 9.32 -38.53 -1.17
N ILE BA 45 8.23 -37.96 -1.70
CA ILE BA 45 8.12 -36.52 -1.88
C ILE BA 45 6.79 -36.05 -1.31
N ALA BA 46 6.82 -34.94 -0.60
CA ALA BA 46 5.63 -34.25 -0.13
C ALA BA 46 5.55 -32.89 -0.81
N GLY BA 47 4.33 -32.33 -0.82
CA GLY BA 47 4.14 -31.02 -1.38
C GLY BA 47 3.06 -30.96 -2.44
N THR BA 48 3.19 -30.00 -3.36
CA THR BA 48 2.24 -29.90 -4.46
C THR BA 48 2.37 -31.13 -5.35
N ALA BA 49 1.24 -31.78 -5.61
CA ALA BA 49 1.26 -33.09 -6.27
C ALA BA 49 1.95 -33.01 -7.63
N ALA BA 50 1.60 -32.01 -8.44
CA ALA BA 50 2.21 -31.87 -9.76
C ALA BA 50 3.73 -31.81 -9.68
N VAL BA 51 4.26 -31.07 -8.71
CA VAL BA 51 5.70 -30.89 -8.60
C VAL BA 51 6.36 -32.14 -8.05
N ALA BA 52 5.71 -32.81 -7.10
CA ALA BA 52 6.26 -34.03 -6.50
C ALA BA 52 6.44 -35.12 -7.56
N VAL BA 53 5.41 -35.34 -8.38
CA VAL BA 53 5.48 -36.37 -9.40
C VAL BA 53 6.54 -36.02 -10.45
N GLU BA 54 6.62 -34.75 -10.83
CA GLU BA 54 7.65 -34.31 -11.78
C GLU BA 54 9.04 -34.60 -11.24
N PHE BA 55 9.29 -34.22 -9.98
CA PHE BA 55 10.60 -34.41 -9.37
C PHE BA 55 11.00 -35.87 -9.38
N ALA BA 56 10.11 -36.76 -8.94
CA ALA BA 56 10.42 -38.18 -8.90
C ALA BA 56 10.78 -38.69 -10.29
N ARG BA 57 9.93 -38.39 -11.28
CA ARG BA 57 10.14 -38.89 -12.63
C ARG BA 57 11.42 -38.34 -13.23
N LEU BA 58 11.67 -37.04 -13.06
CA LEU BA 58 12.86 -36.43 -13.67
C LEU BA 58 14.14 -36.86 -12.97
N TYR BA 59 14.09 -37.00 -11.64
CA TYR BA 59 15.27 -37.45 -10.91
C TYR BA 59 15.70 -38.84 -11.34
N ALA BA 60 14.73 -39.76 -11.48
CA ALA BA 60 15.04 -41.10 -11.95
C ALA BA 60 15.64 -41.10 -13.34
N VAL BA 61 15.13 -40.23 -14.22
CA VAL BA 61 15.71 -40.11 -15.56
C VAL BA 61 17.14 -39.60 -15.46
N GLU BA 62 17.39 -38.63 -14.58
CA GLU BA 62 18.72 -38.07 -14.48
C GLU BA 62 19.73 -39.11 -14.02
N LEU BA 63 19.37 -39.92 -13.01
CA LEU BA 63 20.30 -40.93 -12.51
C LEU BA 63 20.62 -41.96 -13.58
N GLU BA 64 19.59 -42.44 -14.29
CA GLU BA 64 19.85 -43.40 -15.36
C GLU BA 64 20.56 -42.74 -16.54
N HIS BA 65 20.33 -41.45 -16.76
CA HIS BA 65 21.02 -40.74 -17.83
C HIS BA 65 22.53 -40.73 -17.58
N TYR BA 66 22.95 -40.40 -16.36
CA TYR BA 66 24.38 -40.43 -16.06
C TYR BA 66 24.93 -41.84 -16.19
N GLU BA 67 24.18 -42.83 -15.72
CA GLU BA 67 24.66 -44.22 -15.78
C GLU BA 67 24.92 -44.65 -17.22
N LYS BA 68 23.98 -44.35 -18.12
CA LYS BA 68 24.15 -44.78 -19.51
C LYS BA 68 25.24 -43.98 -20.21
N LEU BA 69 25.36 -42.68 -19.91
CA LEU BA 69 26.40 -41.88 -20.55
C LEU BA 69 27.79 -42.31 -20.10
N GLU BA 70 27.96 -42.63 -18.82
CA GLU BA 70 29.27 -42.85 -18.24
C GLU BA 70 29.59 -44.31 -17.96
N GLY BA 71 28.61 -45.22 -18.05
CA GLY BA 71 28.83 -46.63 -17.81
C GLY BA 71 28.85 -47.04 -16.35
N VAL BA 72 28.79 -46.09 -15.43
CA VAL BA 72 28.84 -46.37 -14.00
C VAL BA 72 27.79 -45.49 -13.33
N PRO BA 73 27.00 -46.01 -12.38
CA PRO BA 73 26.06 -45.14 -11.66
C PRO BA 73 26.80 -44.08 -10.86
N LEU BA 74 26.07 -43.03 -10.52
CA LEU BA 74 26.62 -42.01 -9.63
C LEU BA 74 26.87 -42.60 -8.26
N THR BA 75 27.94 -42.13 -7.61
CA THR BA 75 28.10 -42.37 -6.20
C THR BA 75 26.87 -41.84 -5.45
N PHE BA 76 26.64 -42.36 -4.24
CA PHE BA 76 25.47 -41.92 -3.50
C PHE BA 76 25.55 -40.44 -3.14
N ALA BA 77 26.76 -39.92 -2.90
CA ALA BA 77 26.92 -38.50 -2.65
C ALA BA 77 26.51 -37.67 -3.86
N GLY BA 78 26.89 -38.12 -5.06
CA GLY BA 78 26.44 -37.46 -6.27
C GLY BA 78 24.95 -37.51 -6.48
N LYS BA 79 24.31 -38.62 -6.06
CA LYS BA 79 22.85 -38.67 -6.13
C LYS BA 79 22.21 -37.64 -5.21
N ILE BA 80 22.78 -37.44 -4.02
CA ILE BA 80 22.27 -36.42 -3.11
C ILE BA 80 22.41 -35.05 -3.75
N ASN BA 81 23.59 -34.74 -4.27
CA ASN BA 81 23.84 -33.43 -4.84
C ASN BA 81 22.86 -33.11 -5.95
N ARG BA 82 22.63 -34.06 -6.86
CA ARG BA 82 21.71 -33.82 -7.97
C ARG BA 82 20.29 -33.55 -7.48
N LEU BA 83 19.84 -34.29 -6.47
CA LEU BA 83 18.51 -34.03 -5.90
C LEU BA 83 18.47 -32.67 -5.20
N ALA BA 84 19.54 -32.33 -4.47
CA ALA BA 84 19.61 -31.04 -3.79
C ALA BA 84 19.54 -29.90 -4.80
N ILE BA 85 20.33 -29.99 -5.87
CA ILE BA 85 20.35 -28.97 -6.91
C ILE BA 85 18.98 -28.81 -7.55
N MET BA 86 18.27 -29.93 -7.74
CA MET BA 86 16.93 -29.85 -8.32
C MET BA 86 15.98 -29.11 -7.41
N VAL BA 87 16.03 -29.39 -6.10
CA VAL BA 87 15.16 -28.68 -5.16
C VAL BA 87 15.51 -27.21 -5.12
N ARG BA 88 16.82 -26.90 -5.10
CA ARG BA 88 17.23 -25.50 -5.06
C ARG BA 88 16.76 -24.75 -6.30
N GLY BA 89 16.82 -25.39 -7.47
CA GLY BA 89 16.32 -24.79 -8.68
C GLY BA 89 14.84 -24.48 -8.66
N ASN BA 90 14.07 -25.18 -7.84
CA ASN BA 90 12.62 -24.99 -7.73
C ASN BA 90 12.24 -23.96 -6.67
N LEU BA 91 13.23 -23.34 -6.01
CA LEU BA 91 12.95 -22.54 -4.82
C LEU BA 91 11.98 -21.41 -5.12
N ALA BA 92 12.11 -20.79 -6.30
CA ALA BA 92 11.25 -19.66 -6.64
C ALA BA 92 9.81 -20.09 -6.83
N ALA BA 93 9.59 -21.17 -7.59
CA ALA BA 93 8.24 -21.71 -7.73
C ALA BA 93 7.70 -22.18 -6.39
N ALA BA 94 8.56 -22.77 -5.55
CA ALA BA 94 8.12 -23.22 -4.23
C ALA BA 94 7.63 -22.06 -3.39
N MET BA 95 8.28 -20.89 -3.51
CA MET BA 95 7.80 -19.70 -2.81
C MET BA 95 6.47 -19.22 -3.36
N GLN BA 96 6.11 -19.61 -4.59
CA GLN BA 96 4.82 -19.29 -5.17
C GLN BA 96 3.78 -20.38 -4.98
N GLY BA 97 4.13 -21.47 -4.29
CA GLY BA 97 3.19 -22.54 -3.99
C GLY BA 97 3.39 -23.83 -4.74
N LEU BA 98 4.47 -23.99 -5.48
CA LEU BA 98 4.77 -25.24 -6.18
C LEU BA 98 5.93 -25.93 -5.48
N LEU BA 99 5.63 -26.51 -4.32
CA LEU BA 99 6.66 -27.03 -3.43
C LEU BA 99 6.78 -28.54 -3.56
N ALA BA 100 8.03 -29.03 -3.53
CA ALA BA 100 8.31 -30.45 -3.47
C ALA BA 100 9.42 -30.65 -2.44
N LEU BA 101 9.12 -31.39 -1.37
CA LEU BA 101 10.12 -31.73 -0.36
C LEU BA 101 10.39 -33.23 -0.44
N PRO BA 102 11.55 -33.65 -0.92
CA PRO BA 102 11.84 -35.08 -1.03
C PRO BA 102 12.53 -35.63 0.21
N LEU BA 103 12.36 -36.94 0.41
CA LEU BA 103 13.12 -37.72 1.36
C LEU BA 103 13.79 -38.86 0.61
N LEU BA 104 15.08 -39.07 0.86
CA LEU BA 104 15.88 -40.03 0.10
C LEU BA 104 16.29 -41.19 0.99
N ALA BA 105 15.98 -42.40 0.55
CA ALA BA 105 16.48 -43.63 1.17
C ALA BA 105 17.29 -44.40 0.14
N GLY BA 106 18.42 -44.94 0.58
CA GLY BA 106 19.25 -45.69 -0.35
C GLY BA 106 20.10 -46.71 0.36
N TYR BA 107 20.73 -47.56 -0.46
CA TYR BA 107 21.74 -48.52 -0.01
C TYR BA 107 23.00 -48.25 -0.81
N ASP BA 108 24.04 -47.79 -0.13
CA ASP BA 108 25.29 -47.42 -0.79
C ASP BA 108 26.11 -48.68 -1.01
N ILE BA 109 26.12 -49.17 -2.26
CA ILE BA 109 26.86 -50.39 -2.59
C ILE BA 109 28.35 -50.24 -2.35
N HIS BA 110 28.84 -49.01 -2.19
CA HIS BA 110 30.26 -48.75 -1.95
C HIS BA 110 30.56 -48.43 -0.49
N ALA BA 111 29.64 -48.72 0.43
CA ALA BA 111 29.87 -48.42 1.83
C ALA BA 111 30.92 -49.34 2.43
N SER BA 112 31.50 -48.90 3.55
CA SER BA 112 32.52 -49.69 4.22
C SER BA 112 31.92 -50.95 4.86
N ASP BA 113 30.83 -50.78 5.59
CA ASP BA 113 30.14 -51.89 6.27
C ASP BA 113 28.82 -52.16 5.55
N PRO BA 114 28.59 -53.38 5.06
CA PRO BA 114 27.32 -53.64 4.36
C PRO BA 114 26.09 -53.55 5.26
N GLN BA 115 26.24 -53.79 6.57
CA GLN BA 115 25.07 -53.73 7.45
C GLN BA 115 24.68 -52.30 7.79
N SER BA 116 25.64 -51.37 7.77
CA SER BA 116 25.36 -49.95 7.94
C SER BA 116 25.43 -49.19 6.62
N ALA BA 117 25.19 -49.87 5.50
CA ALA BA 117 25.20 -49.26 4.18
C ALA BA 117 23.91 -48.51 3.88
N GLY BA 118 22.92 -48.58 4.76
CA GLY BA 118 21.71 -47.80 4.56
C GLY BA 118 21.94 -46.32 4.72
N ARG BA 119 21.14 -45.53 4.01
CA ARG BA 119 21.28 -44.08 3.99
C ARG BA 119 19.90 -43.44 4.02
N ILE BA 120 19.77 -42.41 4.83
CA ILE BA 120 18.58 -41.55 4.84
C ILE BA 120 19.07 -40.11 4.73
N VAL BA 121 18.48 -39.36 3.79
CA VAL BA 121 18.87 -37.98 3.54
C VAL BA 121 17.61 -37.13 3.52
N SER BA 122 17.58 -36.10 4.36
CA SER BA 122 16.47 -35.16 4.40
C SER BA 122 16.84 -33.87 3.67
N PHE BA 123 15.82 -33.17 3.18
CA PHE BA 123 16.01 -31.99 2.35
C PHE BA 123 15.05 -30.89 2.80
N ASP BA 124 15.46 -29.64 2.59
CA ASP BA 124 14.59 -28.50 2.83
C ASP BA 124 14.33 -27.75 1.53
N ALA BA 125 13.41 -26.79 1.60
CA ALA BA 125 12.95 -26.07 0.41
C ALA BA 125 14.07 -25.27 -0.26
N ALA BA 126 15.14 -24.94 0.46
CA ALA BA 126 16.26 -24.22 -0.13
C ALA BA 126 17.26 -25.14 -0.80
N GLY BA 127 16.96 -26.44 -0.88
CA GLY BA 127 17.92 -27.38 -1.42
C GLY BA 127 18.97 -27.84 -0.43
N GLY BA 128 18.82 -27.51 0.85
CA GLY BA 128 19.69 -28.07 1.85
C GLY BA 128 19.46 -29.56 2.01
N TRP BA 129 20.54 -30.29 2.30
CA TRP BA 129 20.49 -31.73 2.49
C TRP BA 129 21.22 -32.12 3.76
N ASN BA 130 20.74 -33.17 4.42
CA ASN BA 130 21.34 -33.65 5.65
C ASN BA 130 21.29 -35.17 5.67
N ILE BA 131 22.45 -35.80 5.71
CA ILE BA 131 22.51 -37.25 5.87
C ILE BA 131 22.13 -37.57 7.32
N GLU BA 132 20.96 -38.15 7.51
CA GLU BA 132 20.49 -38.45 8.86
C GLU BA 132 21.29 -39.62 9.44
N GLU BA 133 21.70 -39.47 10.69
CA GLU BA 133 22.53 -40.47 11.34
C GLU BA 133 21.87 -41.15 12.53
N GLU BA 134 20.66 -40.74 12.93
CA GLU BA 134 19.97 -41.37 14.04
C GLU BA 134 18.95 -42.40 13.57
N GLY BA 135 18.98 -42.79 12.30
CA GLY BA 135 18.32 -44.01 11.85
C GLY BA 135 16.94 -43.84 11.26
N TYR BA 136 16.28 -42.70 11.42
CA TYR BA 136 14.94 -42.53 10.87
C TYR BA 136 14.68 -41.07 10.57
N GLN BA 137 13.76 -40.83 9.64
CA GLN BA 137 13.34 -39.48 9.28
C GLN BA 137 11.95 -39.55 8.68
N ALA BA 138 11.35 -38.37 8.51
CA ALA BA 138 10.04 -38.24 7.89
C ALA BA 138 9.96 -36.90 7.17
N VAL BA 139 8.93 -36.76 6.34
CA VAL BA 139 8.68 -35.52 5.62
C VAL BA 139 7.18 -35.41 5.38
N GLY BA 140 6.69 -34.18 5.29
CA GLY BA 140 5.28 -33.92 5.07
C GLY BA 140 4.61 -33.35 6.31
N SER BA 141 3.30 -33.15 6.18
CA SER BA 141 2.53 -32.47 7.23
C SER BA 141 2.48 -33.29 8.52
N GLY BA 142 2.50 -34.62 8.42
CA GLY BA 142 2.44 -35.44 9.60
C GLY BA 142 3.80 -35.93 10.05
N SER BA 143 4.86 -35.27 9.58
CA SER BA 143 6.20 -35.82 9.79
C SER BA 143 6.65 -35.71 11.24
N LEU BA 144 6.13 -34.73 11.99
CA LEU BA 144 6.56 -34.60 13.39
C LEU BA 144 5.88 -35.65 14.27
N PHE BA 145 4.61 -35.95 14.02
CA PHE BA 145 3.98 -37.07 14.71
C PHE BA 145 4.67 -38.39 14.38
N ALA BA 146 5.01 -38.58 13.10
CA ALA BA 146 5.67 -39.83 12.69
C ALA BA 146 7.05 -39.96 13.32
N LYS BA 147 7.82 -38.88 13.37
CA LYS BA 147 9.16 -38.96 13.95
C LYS BA 147 9.12 -39.16 15.46
N SER BA 148 8.09 -38.64 16.12
CA SER BA 148 7.99 -38.82 17.58
C SER BA 148 7.48 -40.20 17.93
N SER BA 149 6.65 -40.79 17.05
CA SER BA 149 6.28 -42.20 17.21
C SER BA 149 7.48 -43.10 17.00
N MET BA 150 8.26 -42.84 15.94
CA MET BA 150 9.45 -43.65 15.67
C MET BA 150 10.51 -43.47 16.74
N LYS BA 151 10.53 -42.32 17.42
CA LYS BA 151 11.47 -42.13 18.52
C LYS BA 151 11.28 -43.19 19.60
N LYS BA 152 10.02 -43.55 19.87
CA LYS BA 152 9.69 -44.55 20.87
C LYS BA 152 9.72 -45.97 20.32
N LEU BA 153 9.43 -46.17 19.03
CA LEU BA 153 9.30 -47.49 18.45
C LEU BA 153 10.58 -48.02 17.81
N TYR BA 154 11.60 -47.17 17.62
CA TYR BA 154 12.76 -47.61 16.85
C TYR BA 154 13.58 -48.68 17.56
N SER BA 155 13.48 -48.78 18.89
CA SER BA 155 14.24 -49.81 19.60
C SER BA 155 13.90 -51.21 19.09
N GLN BA 156 12.64 -51.43 18.71
CA GLN BA 156 12.12 -52.73 18.30
C GLN BA 156 12.53 -53.12 16.88
N VAL BA 157 13.30 -52.30 16.18
CA VAL BA 157 13.68 -52.59 14.79
C VAL BA 157 14.92 -53.46 14.81
N THR BA 158 14.75 -54.75 14.54
CA THR BA 158 15.88 -55.68 14.48
C THR BA 158 16.10 -56.29 13.11
N ASP BA 159 15.09 -56.33 12.25
CA ASP BA 159 15.24 -56.89 10.91
C ASP BA 159 14.35 -56.10 9.96
N GLY BA 160 14.28 -56.56 8.71
CA GLY BA 160 13.52 -55.84 7.70
C GLY BA 160 12.03 -55.80 7.98
N ASP BA 161 11.48 -56.89 8.54
CA ASP BA 161 10.04 -56.93 8.77
C ASP BA 161 9.66 -56.07 9.98
N SER BA 162 10.50 -56.04 11.00
CA SER BA 162 10.21 -55.18 12.14
C SER BA 162 10.39 -53.71 11.76
N GLY BA 163 11.41 -53.39 10.96
CA GLY BA 163 11.52 -52.05 10.42
C GLY BA 163 10.29 -51.64 9.64
N LEU BA 164 9.76 -52.56 8.82
CA LEU BA 164 8.54 -52.26 8.08
C LEU BA 164 7.36 -52.02 9.02
N ARG BA 165 7.23 -52.86 10.06
CA ARG BA 165 6.12 -52.70 11.00
C ARG BA 165 6.17 -51.32 11.65
N VAL BA 166 7.35 -50.91 12.10
CA VAL BA 166 7.48 -49.62 12.78
C VAL BA 166 7.17 -48.48 11.81
N ALA BA 167 7.64 -48.58 10.55
CA ALA BA 167 7.34 -47.56 9.56
C ALA BA 167 5.84 -47.46 9.30
N VAL BA 168 5.14 -48.58 9.25
CA VAL BA 168 3.69 -48.55 9.04
C VAL BA 168 2.98 -47.98 10.26
N GLU BA 169 3.51 -48.25 11.46
CA GLU BA 169 2.88 -47.72 12.67
C GLU BA 169 3.14 -46.22 12.81
N ALA BA 170 4.33 -45.77 12.43
CA ALA BA 170 4.60 -44.34 12.36
C ALA BA 170 3.63 -43.65 11.41
N LEU BA 171 3.36 -44.25 10.26
CA LEU BA 171 2.36 -43.70 9.35
C LEU BA 171 0.97 -43.76 9.95
N TYR BA 172 0.70 -44.77 10.77
CA TYR BA 172 -0.58 -44.83 11.46
C TYR BA 172 -0.73 -43.68 12.45
N ASP BA 173 0.35 -43.37 13.18
CA ASP BA 173 0.29 -42.27 14.13
C ASP BA 173 0.18 -40.93 13.42
N ALA BA 174 0.92 -40.74 12.32
CA ALA BA 174 0.80 -39.51 11.54
C ALA BA 174 -0.64 -39.29 11.08
N ALA BA 175 -1.26 -40.33 10.52
CA ALA BA 175 -2.65 -40.21 10.08
C ALA BA 175 -3.58 -39.97 11.25
N ASP BA 176 -3.19 -40.44 12.44
CA ASP BA 176 -4.02 -40.25 13.63
C ASP BA 176 -4.13 -38.78 14.00
N ASP BA 177 -3.05 -38.02 13.85
CA ASP BA 177 -2.99 -36.63 14.28
C ASP BA 177 -3.04 -35.63 13.12
N ASP BA 178 -2.90 -36.08 11.88
CA ASP BA 178 -2.80 -35.21 10.72
C ASP BA 178 -3.87 -35.60 9.71
N SER BA 179 -4.82 -34.70 9.46
CA SER BA 179 -5.86 -34.95 8.48
C SER BA 179 -5.35 -34.93 7.04
N ALA BA 180 -4.13 -34.46 6.80
CA ALA BA 180 -3.54 -34.47 5.47
C ALA BA 180 -2.78 -35.76 5.18
N THR BA 181 -2.71 -36.68 6.15
CA THR BA 181 -2.13 -38.00 5.96
C THR BA 181 -3.21 -39.04 6.13
N GLY BA 182 -3.35 -39.93 5.15
CA GLY BA 182 -4.38 -40.95 5.17
C GLY BA 182 -3.94 -42.20 5.90
N GLY BA 183 -4.85 -42.74 6.72
CA GLY BA 183 -4.63 -44.00 7.38
C GLY BA 183 -5.09 -45.16 6.52
N PRO BA 184 -4.94 -46.38 7.03
CA PRO BA 184 -5.43 -47.54 6.28
C PRO BA 184 -6.94 -47.47 6.07
N ASP BA 185 -7.35 -47.76 4.84
CA ASP BA 185 -8.77 -47.78 4.47
C ASP BA 185 -9.16 -49.24 4.35
N LEU BA 186 -9.75 -49.79 5.41
CA LEU BA 186 -10.17 -51.19 5.41
C LEU BA 186 -11.41 -51.42 4.57
N VAL BA 187 -12.23 -50.40 4.35
CA VAL BA 187 -13.42 -50.56 3.52
C VAL BA 187 -13.03 -50.72 2.06
N ARG BA 188 -12.06 -49.94 1.59
CA ARG BA 188 -11.60 -50.04 0.21
C ARG BA 188 -10.40 -50.96 0.05
N GLY BA 189 -9.69 -51.26 1.14
CA GLY BA 189 -8.51 -52.09 1.03
C GLY BA 189 -7.27 -51.37 0.55
N ILE BA 190 -7.19 -50.06 0.81
CA ILE BA 190 -6.05 -49.25 0.39
C ILE BA 190 -5.16 -49.01 1.60
N PHE BA 191 -3.87 -49.30 1.45
CA PHE BA 191 -2.90 -49.22 2.52
C PHE BA 191 -1.68 -48.45 2.06
N PRO BA 192 -0.84 -48.01 3.00
CA PRO BA 192 0.41 -47.34 2.61
C PRO BA 192 1.25 -48.22 1.67
N THR BA 193 2.08 -47.56 0.87
CA THR BA 193 3.06 -48.23 0.04
C THR BA 193 4.41 -48.19 0.73
N ALA BA 194 5.29 -49.09 0.31
CA ALA BA 194 6.59 -49.18 0.96
C ALA BA 194 7.61 -49.79 0.01
N VAL BA 195 8.87 -49.40 0.20
CA VAL BA 195 10.00 -49.94 -0.55
C VAL BA 195 11.04 -50.40 0.46
N ILE BA 196 11.54 -51.63 0.28
CA ILE BA 196 12.69 -52.14 1.03
C ILE BA 196 13.90 -52.10 0.11
N ILE BA 197 15.07 -51.80 0.67
CA ILE BA 197 16.31 -51.77 -0.09
C ILE BA 197 17.40 -52.43 0.73
N ASP BA 198 17.95 -53.54 0.23
CA ASP BA 198 19.15 -54.14 0.81
C ASP BA 198 20.16 -54.29 -0.32
N ALA BA 199 21.18 -55.11 -0.09
CA ALA BA 199 22.23 -55.28 -1.09
C ALA BA 199 21.73 -56.00 -2.35
N ASP BA 200 20.56 -56.63 -2.28
CA ASP BA 200 19.92 -57.23 -3.44
C ASP BA 200 19.07 -56.23 -4.23
N GLY BA 201 19.10 -54.97 -3.85
CA GLY BA 201 18.39 -53.92 -4.58
C GLY BA 201 17.16 -53.44 -3.84
N ALA BA 202 16.34 -52.69 -4.56
CA ALA BA 202 15.12 -52.08 -4.04
C ALA BA 202 13.91 -52.82 -4.59
N VAL BA 203 12.98 -53.20 -3.70
CA VAL BA 203 11.80 -53.96 -4.09
C VAL BA 203 10.57 -53.34 -3.44
N ASP BA 204 9.47 -53.29 -4.19
CA ASP BA 204 8.19 -52.89 -3.62
C ASP BA 204 7.70 -53.94 -2.63
N VAL BA 205 7.12 -53.47 -1.52
CA VAL BA 205 6.56 -54.38 -0.53
C VAL BA 205 5.16 -54.80 -0.99
N PRO BA 206 4.87 -56.10 -1.01
CA PRO BA 206 3.51 -56.53 -1.40
C PRO BA 206 2.45 -55.88 -0.53
N GLU BA 207 1.32 -55.54 -1.15
CA GLU BA 207 0.23 -54.90 -0.43
C GLU BA 207 -0.32 -55.80 0.66
N SER BA 208 -0.33 -57.12 0.44
CA SER BA 208 -0.88 -58.02 1.44
C SER BA 208 -0.11 -57.95 2.75
N ARG BA 209 1.21 -57.85 2.67
CA ARG BA 209 2.05 -57.75 3.86
C ARG BA 209 1.75 -56.45 4.62
N ILE BA 210 1.59 -55.33 3.90
CA ILE BA 210 1.24 -54.07 4.54
C ILE BA 210 -0.12 -54.18 5.21
N ALA BA 211 -1.07 -54.86 4.56
CA ALA BA 211 -2.40 -54.99 5.13
C ALA BA 211 -2.39 -55.81 6.41
N GLU BA 212 -1.54 -56.85 6.47
CA GLU BA 212 -1.43 -57.64 7.70
C GLU BA 212 -0.93 -56.79 8.85
N LEU BA 213 0.14 -56.01 8.60
CA LEU BA 213 0.67 -55.13 9.63
C LEU BA 213 -0.34 -54.07 10.03
N ALA BA 214 -1.08 -53.53 9.05
CA ALA BA 214 -2.09 -52.54 9.36
C ALA BA 214 -3.18 -53.13 10.26
N ARG BA 215 -3.67 -54.33 9.91
CA ARG BA 215 -4.68 -54.97 10.73
C ARG BA 215 -4.17 -55.24 12.15
N ALA BA 216 -2.92 -55.68 12.26
CA ALA BA 216 -2.34 -55.95 13.58
C ALA BA 216 -2.32 -54.69 14.43
N ILE BA 217 -1.80 -53.59 13.86
CA ILE BA 217 -1.74 -52.33 14.60
C ILE BA 217 -3.14 -51.89 15.01
N ILE BA 218 -4.11 -52.00 14.11
CA ILE BA 218 -5.46 -51.53 14.41
C ILE BA 218 -6.06 -52.31 15.58
N GLU BA 219 -5.91 -53.64 15.55
CA GLU BA 219 -6.46 -54.44 16.65
C GLU BA 219 -5.67 -54.22 17.93
N SER BA 220 -4.35 -54.04 17.82
CA SER BA 220 -3.54 -53.76 19.00
C SER BA 220 -3.94 -52.44 19.65
N ARG BA 221 -4.30 -51.45 18.85
CA ARG BA 221 -4.78 -50.18 19.39
C ARG BA 221 -6.22 -50.26 19.87
N SER BA 222 -7.01 -51.19 19.34
CA SER BA 222 -8.41 -51.31 19.70
C SER BA 222 -8.61 -52.31 20.84
N GLY BA 223 -8.05 -53.50 20.72
CA GLY BA 223 -8.21 -54.53 21.73
C GLY BA 223 -8.80 -55.82 21.17
N ALA BA 224 -8.08 -56.91 21.33
CA ALA BA 224 -8.55 -58.22 20.85
C ALA BA 224 -9.36 -58.92 21.94
#